data_8WUX
#
_entry.id   8WUX
#
_cell.length_a   1.00
_cell.length_b   1.00
_cell.length_c   1.00
_cell.angle_alpha   90.00
_cell.angle_beta   90.00
_cell.angle_gamma   90.00
#
_symmetry.space_group_name_H-M   'P 1'
#
loop_
_entity.id
_entity.type
_entity.pdbx_description
1 polymer 'Chaperonin GroEL'
2 polymer 'Co-chaperonin GroES'
3 non-polymer 'MAGNESIUM ION'
4 non-polymer 'PHOSPHOAMINOPHOSPHONIC ACID-ADENYLATE ESTER'
5 non-polymer 'POTASSIUM ION'
#
loop_
_entity_poly.entity_id
_entity_poly.type
_entity_poly.pdbx_seq_one_letter_code
_entity_poly.pdbx_strand_id
1 'polypeptide(L)'
;AAKKVIYGEDARARLKAGVDKLANAVKVTLGPRGREVIIEKKWGTPVVTKDGVTVAKEIEFKDPYENMGAQLVKEVASKT
SDVAGDGTTTATVLAQAIFNEGLRAIASGANPMDIKRGIDKAVETVVNEIKKLSIPVSGRKEIEQVATISANNDATIGKI
IADAMEAVGKDGVITVEESKSAETTLETVQGMQFDRGYLSPYFVTNPDKMEAVLEDPFILIYEKKISNVKDLLPVLENVV
RAGKPLLIIAEDVEAEALATLVVNHIKGVIRACAVKAPGFGQRRKDYLQDIAILTGGTAITEELGIKLESVTLDMLGRAD
KVIVDKDNTTIVGGKGSKEAIQARIEQIKRQILETTSDYDREKLQERLAKLSGGVAIIRVGAATEAELKEKKARVEDAVH
ATKAAVEEGIVPGGGVALVRASEALDNLKVDNADQQLGIDIIKKACRTPIRQIAANSGFEGYVVLEKVLQLGKEKGKNWG
FDAGVGDYKDMVEAGIIDPTKVVRVAIQNAASVAGTMLTAEALVAEIPE
;
A,H,B,I,C,J,D,K,E,L,F,M,G,N
2 'polypeptide(L)'
;RLRPLYDKIVVKRMEEQEQKTPSGIIIPDTAKEKPQIGEVIAVGDGKLLSNGQIVSPKVKKGDKVVFNKYAGTEVELDGE
KYLIMSEDEVLAVI
;
a,b,c,d,e,f,g
#
loop_
_chem_comp.id
_chem_comp.type
_chem_comp.name
_chem_comp.formula
ANP non-polymer 'PHOSPHOAMINOPHOSPHONIC ACID-ADENYLATE ESTER' 'C10 H17 N6 O12 P3'
K non-polymer 'POTASSIUM ION' 'K 1'
MG non-polymer 'MAGNESIUM ION' 'Mg 2'
#
# COMPACT_ATOMS: atom_id res chain seq x y z
N ALA A 2 24.58 -0.61 -1.11
CA ALA A 2 24.93 -1.43 0.04
C ALA A 2 25.36 -2.82 -0.41
N LYS A 3 26.54 -3.23 0.05
CA LYS A 3 27.10 -4.53 -0.28
C LYS A 3 27.03 -5.46 0.92
N LYS A 4 27.05 -6.76 0.63
CA LYS A 4 27.21 -7.78 1.66
C LYS A 4 28.29 -8.76 1.21
N VAL A 5 29.15 -9.15 2.14
CA VAL A 5 30.26 -10.06 1.87
C VAL A 5 30.05 -11.35 2.66
N ILE A 6 30.15 -12.48 1.97
CA ILE A 6 30.05 -13.79 2.60
C ILE A 6 31.37 -14.52 2.39
N TYR A 7 31.71 -15.38 3.34
CA TYR A 7 33.04 -15.95 3.42
C TYR A 7 32.99 -17.47 3.52
N GLY A 8 34.10 -18.10 3.12
CA GLY A 8 34.34 -19.50 3.46
C GLY A 8 33.29 -20.45 2.88
N GLU A 9 32.86 -21.39 3.72
CA GLU A 9 31.96 -22.44 3.25
C GLU A 9 30.63 -21.88 2.78
N ASP A 10 30.16 -20.79 3.40
CA ASP A 10 28.93 -20.16 2.95
C ASP A 10 29.08 -19.64 1.52
N ALA A 11 30.22 -19.05 1.21
CA ALA A 11 30.46 -18.53 -0.14
C ALA A 11 30.50 -19.67 -1.15
N ARG A 12 31.21 -20.75 -0.83
CA ARG A 12 31.34 -21.85 -1.77
C ARG A 12 30.02 -22.59 -1.94
N ALA A 13 29.19 -22.62 -0.90
CA ALA A 13 27.88 -23.23 -1.01
C ALA A 13 27.01 -22.50 -2.02
N ARG A 14 27.06 -21.16 -2.02
CA ARG A 14 26.31 -20.38 -3.00
C ARG A 14 26.83 -20.65 -4.41
N LEU A 15 28.15 -20.66 -4.58
CA LEU A 15 28.72 -20.88 -5.90
C LEU A 15 28.38 -22.26 -6.43
N LYS A 16 28.45 -23.28 -5.56
CA LYS A 16 28.16 -24.64 -6.00
C LYS A 16 26.71 -24.77 -6.44
N ALA A 17 25.80 -24.13 -5.70
CA ALA A 17 24.38 -24.18 -6.07
C ALA A 17 24.14 -23.50 -7.41
N GLY A 18 24.80 -22.37 -7.66
CA GLY A 18 24.62 -21.70 -8.94
C GLY A 18 25.19 -22.50 -10.09
N VAL A 19 26.37 -23.09 -9.90
CA VAL A 19 26.99 -23.90 -10.95
C VAL A 19 26.14 -25.14 -11.24
N ASP A 20 25.65 -25.80 -10.20
CA ASP A 20 24.89 -27.03 -10.38
C ASP A 20 23.59 -26.77 -11.13
N LYS A 21 22.89 -25.69 -10.77
CA LYS A 21 21.60 -25.43 -11.41
C LYS A 21 21.77 -25.07 -12.88
N LEU A 22 22.86 -24.39 -13.25
CA LEU A 22 23.14 -24.15 -14.66
C LEU A 22 23.55 -25.42 -15.37
N ALA A 23 24.43 -26.21 -14.76
CA ALA A 23 24.93 -27.42 -15.41
C ALA A 23 23.86 -28.47 -15.55
N ASN A 24 22.94 -28.58 -14.58
CA ASN A 24 21.89 -29.59 -14.66
C ASN A 24 20.98 -29.35 -15.87
N ALA A 25 20.77 -28.10 -16.25
CA ALA A 25 19.92 -27.82 -17.41
C ALA A 25 20.65 -28.16 -18.71
N VAL A 26 21.95 -27.84 -18.79
CA VAL A 26 22.70 -28.08 -20.02
C VAL A 26 22.93 -29.57 -20.24
N LYS A 27 23.24 -30.30 -19.16
CA LYS A 27 23.72 -31.67 -19.30
C LYS A 27 22.67 -32.63 -19.83
N VAL A 28 21.39 -32.24 -19.85
CA VAL A 28 20.36 -33.11 -20.38
C VAL A 28 20.44 -33.22 -21.89
N THR A 29 21.22 -32.35 -22.53
CA THR A 29 21.34 -32.36 -23.98
C THR A 29 22.56 -33.12 -24.48
N LEU A 30 23.28 -33.80 -23.58
CA LEU A 30 24.54 -34.44 -23.96
C LEU A 30 24.30 -35.84 -24.50
N GLY A 31 25.01 -36.18 -25.58
CA GLY A 31 25.00 -37.51 -26.12
C GLY A 31 24.04 -37.67 -27.29
N PRO A 32 24.03 -38.86 -27.89
CA PRO A 32 23.12 -39.13 -29.01
C PRO A 32 21.68 -39.28 -28.55
N ARG A 33 21.51 -39.65 -27.28
CA ARG A 33 20.19 -39.77 -26.67
C ARG A 33 19.85 -38.59 -25.77
N GLY A 34 20.63 -37.51 -25.83
CA GLY A 34 20.28 -36.33 -25.09
C GLY A 34 19.01 -35.71 -25.61
N ARG A 35 18.30 -35.02 -24.73
CA ARG A 35 17.01 -34.43 -25.04
C ARG A 35 17.13 -32.91 -25.12
N GLU A 36 16.11 -32.30 -25.70
CA GLU A 36 16.17 -30.87 -26.00
C GLU A 36 15.53 -30.05 -24.90
N VAL A 37 15.77 -28.74 -24.96
CA VAL A 37 15.28 -27.79 -23.98
C VAL A 37 14.50 -26.71 -24.71
N ILE A 38 13.30 -26.41 -24.21
CA ILE A 38 12.48 -25.33 -24.75
C ILE A 38 12.74 -24.07 -23.93
N ILE A 39 13.12 -23.00 -24.62
CA ILE A 39 13.48 -21.73 -23.98
C ILE A 39 12.39 -20.73 -24.29
N GLU A 40 11.85 -20.10 -23.25
CA GLU A 40 10.81 -19.10 -23.43
C GLU A 40 11.38 -17.85 -24.09
N LYS A 41 10.70 -17.39 -25.13
CA LYS A 41 10.99 -16.11 -25.76
C LYS A 41 9.83 -15.16 -25.48
N LYS A 42 10.16 -13.93 -25.09
CA LYS A 42 9.12 -13.00 -24.69
C LYS A 42 8.15 -12.71 -25.83
N TRP A 43 8.66 -12.52 -27.04
CA TRP A 43 7.83 -12.27 -28.21
C TRP A 43 7.99 -13.43 -29.19
N GLY A 44 6.86 -14.03 -29.56
CA GLY A 44 6.89 -15.07 -30.57
C GLY A 44 6.98 -16.48 -30.00
N THR A 45 7.30 -17.41 -30.89
CA THR A 45 7.35 -18.83 -30.59
C THR A 45 8.54 -19.15 -29.69
N PRO A 46 8.38 -20.10 -28.77
CA PRO A 46 9.53 -20.55 -27.96
C PRO A 46 10.57 -21.25 -28.81
N VAL A 47 11.81 -21.30 -28.33
CA VAL A 47 12.91 -21.91 -29.06
C VAL A 47 13.18 -23.29 -28.48
N VAL A 48 13.14 -24.32 -29.33
CA VAL A 48 13.51 -25.68 -28.96
C VAL A 48 14.91 -25.94 -29.48
N THR A 49 15.83 -26.31 -28.59
CA THR A 49 17.22 -26.45 -28.98
C THR A 49 17.89 -27.57 -28.19
N LYS A 50 18.90 -28.17 -28.81
CA LYS A 50 19.82 -29.09 -28.16
C LYS A 50 21.19 -28.47 -27.99
N ASP A 51 21.36 -27.21 -28.36
CA ASP A 51 22.67 -26.56 -28.34
C ASP A 51 23.01 -26.12 -26.92
N GLY A 52 24.19 -26.51 -26.45
CA GLY A 52 24.53 -26.28 -25.05
C GLY A 52 24.69 -24.81 -24.70
N VAL A 53 25.38 -24.06 -25.56
CA VAL A 53 25.65 -22.66 -25.23
C VAL A 53 24.37 -21.83 -25.30
N THR A 54 23.42 -22.23 -26.15
CA THR A 54 22.15 -21.51 -26.23
C THR A 54 21.38 -21.61 -24.92
N VAL A 55 21.37 -22.80 -24.31
CA VAL A 55 20.68 -22.98 -23.04
C VAL A 55 21.39 -22.20 -21.94
N ALA A 56 22.73 -22.24 -21.93
CA ALA A 56 23.50 -21.58 -20.88
C ALA A 56 23.32 -20.07 -20.93
N LYS A 57 23.24 -19.50 -22.14
CA LYS A 57 23.19 -18.05 -22.27
C LYS A 57 21.93 -17.46 -21.64
N GLU A 58 20.88 -18.27 -21.46
CA GLU A 58 19.62 -17.74 -20.96
C GLU A 58 19.52 -17.83 -19.44
N ILE A 59 20.36 -18.64 -18.80
CA ILE A 59 20.20 -18.94 -17.39
C ILE A 59 20.60 -17.73 -16.55
N GLU A 60 19.76 -17.40 -15.57
CA GLU A 60 20.02 -16.31 -14.63
C GLU A 60 19.16 -16.55 -13.39
N PHE A 61 19.72 -16.26 -12.23
CA PHE A 61 19.07 -16.62 -10.97
C PHE A 61 18.85 -15.39 -10.09
N LYS A 62 17.89 -15.52 -9.18
CA LYS A 62 17.52 -14.40 -8.31
C LYS A 62 18.56 -14.18 -7.22
N ASP A 63 19.10 -15.24 -6.64
CA ASP A 63 20.08 -15.10 -5.58
C ASP A 63 21.34 -14.44 -6.15
N PRO A 64 21.80 -13.32 -5.60
CA PRO A 64 22.96 -12.65 -6.19
C PRO A 64 24.22 -13.50 -6.16
N TYR A 65 24.40 -14.34 -5.14
CA TYR A 65 25.61 -15.13 -5.06
C TYR A 65 25.55 -16.40 -5.90
N GLU A 66 24.37 -17.03 -5.99
CA GLU A 66 24.22 -18.16 -6.88
C GLU A 66 24.34 -17.72 -8.34
N ASN A 67 23.90 -16.51 -8.65
CA ASN A 67 24.03 -16.00 -10.01
C ASN A 67 25.49 -15.82 -10.40
N MET A 68 26.33 -15.41 -9.44
CA MET A 68 27.75 -15.22 -9.73
C MET A 68 28.40 -16.52 -10.16
N GLY A 69 28.03 -17.63 -9.51
CA GLY A 69 28.53 -18.92 -9.93
C GLY A 69 28.04 -19.30 -11.31
N ALA A 70 26.77 -19.02 -11.61
CA ALA A 70 26.21 -19.36 -12.91
C ALA A 70 26.85 -18.54 -14.03
N GLN A 71 27.10 -17.25 -13.77
CA GLN A 71 27.63 -16.39 -14.82
C GLN A 71 29.08 -16.73 -15.14
N LEU A 72 29.83 -17.25 -14.18
CA LEU A 72 31.22 -17.62 -14.44
C LEU A 72 31.30 -18.85 -15.33
N VAL A 73 30.45 -19.86 -15.06
CA VAL A 73 30.43 -21.06 -15.87
C VAL A 73 29.86 -20.80 -17.26
N LYS A 74 28.97 -19.81 -17.39
CA LYS A 74 28.47 -19.44 -18.71
C LYS A 74 29.61 -19.02 -19.64
N GLU A 75 30.70 -18.50 -19.07
CA GLU A 75 31.84 -18.11 -19.89
C GLU A 75 32.51 -19.32 -20.51
N VAL A 76 32.44 -20.48 -19.85
CA VAL A 76 33.03 -21.69 -20.41
C VAL A 76 32.33 -22.08 -21.71
N ALA A 77 31.00 -22.07 -21.70
CA ALA A 77 30.24 -22.40 -22.90
C ALA A 77 30.39 -21.32 -23.96
N SER A 78 30.42 -20.06 -23.54
CA SER A 78 30.54 -18.97 -24.51
C SER A 78 31.89 -18.99 -25.22
N LYS A 79 32.97 -19.17 -24.46
CA LYS A 79 34.30 -19.18 -25.07
C LYS A 79 34.48 -20.38 -25.99
N THR A 80 33.96 -21.54 -25.61
CA THR A 80 34.08 -22.73 -26.46
C THR A 80 33.35 -22.53 -27.78
N SER A 81 32.18 -21.90 -27.74
CA SER A 81 31.43 -21.66 -28.97
C SER A 81 32.18 -20.70 -29.90
N ASP A 82 32.78 -19.65 -29.34
CA ASP A 82 33.53 -18.70 -30.16
C ASP A 82 34.75 -19.35 -30.80
N VAL A 83 35.45 -20.20 -30.05
CA VAL A 83 36.70 -20.78 -30.54
C VAL A 83 36.50 -22.02 -31.41
N ALA A 84 35.63 -22.95 -30.99
CA ALA A 84 35.49 -24.20 -31.71
C ALA A 84 34.12 -24.33 -32.36
N GLY A 85 33.10 -23.73 -31.76
CA GLY A 85 31.75 -23.85 -32.28
C GLY A 85 31.05 -25.14 -31.92
N ASP A 86 31.69 -26.01 -31.13
CA ASP A 86 31.10 -27.27 -30.72
C ASP A 86 31.75 -27.68 -29.41
N GLY A 87 31.13 -28.64 -28.73
CA GLY A 87 31.62 -29.06 -27.45
C GLY A 87 31.24 -28.19 -26.27
N THR A 88 30.25 -27.31 -26.44
CA THR A 88 29.85 -26.42 -25.35
C THR A 88 29.25 -27.20 -24.18
N THR A 89 28.47 -28.25 -24.46
CA THR A 89 27.90 -29.04 -23.38
C THR A 89 28.99 -29.83 -22.66
N THR A 90 29.95 -30.37 -23.40
CA THR A 90 31.06 -31.08 -22.78
C THR A 90 31.87 -30.15 -21.89
N ALA A 91 32.12 -28.93 -22.36
CA ALA A 91 32.87 -27.96 -21.56
C ALA A 91 32.14 -27.62 -20.27
N THR A 92 30.82 -27.46 -20.33
CA THR A 92 30.05 -27.16 -19.13
C THR A 92 30.08 -28.33 -18.16
N VAL A 93 29.99 -29.56 -18.67
CA VAL A 93 30.05 -30.74 -17.80
C VAL A 93 31.41 -30.83 -17.14
N LEU A 94 32.48 -30.57 -17.89
CA LEU A 94 33.82 -30.61 -17.33
C LEU A 94 34.00 -29.55 -16.25
N ALA A 95 33.48 -28.35 -16.48
CA ALA A 95 33.64 -27.27 -15.52
C ALA A 95 32.99 -27.59 -14.19
N GLN A 96 31.79 -28.18 -14.22
CA GLN A 96 31.14 -28.58 -12.98
C GLN A 96 31.94 -29.65 -12.24
N ALA A 97 32.49 -30.60 -12.98
CA ALA A 97 33.25 -31.69 -12.34
C ALA A 97 34.50 -31.16 -11.65
N ILE A 98 35.22 -30.24 -12.30
CA ILE A 98 36.42 -29.69 -11.70
C ILE A 98 36.07 -28.87 -10.46
N PHE A 99 35.02 -28.05 -10.56
CA PHE A 99 34.65 -27.21 -9.42
C PHE A 99 34.15 -28.03 -8.25
N ASN A 100 33.31 -29.04 -8.51
CA ASN A 100 32.78 -29.86 -7.44
C ASN A 100 33.88 -30.63 -6.72
N GLU A 101 34.82 -31.22 -7.47
CA GLU A 101 35.91 -31.94 -6.82
C GLU A 101 36.88 -30.99 -6.14
N GLY A 102 37.08 -29.80 -6.67
CA GLY A 102 37.96 -28.84 -6.03
C GLY A 102 37.44 -28.40 -4.67
N LEU A 103 36.12 -28.25 -4.55
CA LEU A 103 35.54 -27.87 -3.26
C LEU A 103 35.78 -28.94 -2.21
N ARG A 104 35.70 -30.21 -2.60
CA ARG A 104 35.96 -31.30 -1.67
C ARG A 104 37.41 -31.27 -1.17
N ALA A 105 38.35 -31.01 -2.07
CA ALA A 105 39.76 -30.91 -1.66
C ALA A 105 39.98 -29.72 -0.74
N ILE A 106 39.37 -28.58 -1.06
CA ILE A 106 39.53 -27.39 -0.23
C ILE A 106 38.91 -27.61 1.14
N ALA A 107 37.77 -28.29 1.19
CA ALA A 107 37.12 -28.56 2.47
C ALA A 107 37.99 -29.43 3.37
N SER A 108 38.92 -30.19 2.78
CA SER A 108 39.83 -31.01 3.57
C SER A 108 41.06 -30.23 4.05
N GLY A 109 41.18 -28.96 3.69
CA GLY A 109 42.28 -28.13 4.15
C GLY A 109 43.34 -27.83 3.13
N ALA A 110 43.14 -28.23 1.87
CA ALA A 110 44.15 -27.98 0.84
C ALA A 110 44.22 -26.50 0.51
N ASN A 111 45.39 -26.06 0.04
CA ASN A 111 45.59 -24.67 -0.33
C ASN A 111 44.93 -24.40 -1.69
N PRO A 112 43.99 -23.46 -1.78
CA PRO A 112 43.30 -23.22 -3.06
C PRO A 112 44.24 -22.84 -4.19
N MET A 113 45.30 -22.08 -3.92
CA MET A 113 46.17 -21.64 -4.99
C MET A 113 47.04 -22.78 -5.51
N ASP A 114 47.44 -23.70 -4.63
CA ASP A 114 48.24 -24.84 -5.07
C ASP A 114 47.40 -25.81 -5.90
N ILE A 115 46.11 -25.93 -5.60
CA ILE A 115 45.23 -26.77 -6.40
C ILE A 115 45.17 -26.26 -7.83
N LYS A 116 45.05 -24.94 -7.99
CA LYS A 116 45.02 -24.35 -9.33
C LYS A 116 46.32 -24.63 -10.07
N ARG A 117 47.45 -24.53 -9.37
CA ARG A 117 48.74 -24.82 -9.99
C ARG A 117 48.83 -26.28 -10.40
N GLY A 118 48.31 -27.19 -9.56
CA GLY A 118 48.27 -28.58 -9.95
C GLY A 118 47.33 -28.85 -11.10
N ILE A 119 46.21 -28.14 -11.14
CA ILE A 119 45.25 -28.30 -12.24
C ILE A 119 45.88 -27.87 -13.56
N ASP A 120 46.62 -26.77 -13.54
CA ASP A 120 47.24 -26.27 -14.76
C ASP A 120 48.25 -27.27 -15.31
N LYS A 121 49.03 -27.89 -14.44
CA LYS A 121 50.00 -28.89 -14.89
C LYS A 121 49.31 -30.09 -15.52
N ALA A 122 48.20 -30.54 -14.92
CA ALA A 122 47.48 -31.69 -15.46
C ALA A 122 46.91 -31.41 -16.84
N VAL A 123 46.36 -30.20 -17.04
CA VAL A 123 45.77 -29.86 -18.33
C VAL A 123 46.83 -29.81 -19.41
N GLU A 124 48.03 -29.33 -19.07
CA GLU A 124 49.12 -29.34 -20.04
C GLU A 124 49.45 -30.75 -20.50
N THR A 125 49.48 -31.71 -19.56
CA THR A 125 49.71 -33.10 -19.92
C THR A 125 48.56 -33.66 -20.73
N VAL A 126 47.32 -33.36 -20.34
CA VAL A 126 46.15 -33.92 -21.02
C VAL A 126 46.08 -33.43 -22.45
N VAL A 127 46.35 -32.14 -22.68
CA VAL A 127 46.31 -31.60 -24.03
C VAL A 127 47.39 -32.26 -24.90
N ASN A 128 48.56 -32.50 -24.33
CA ASN A 128 49.62 -33.18 -25.07
C ASN A 128 49.19 -34.59 -25.46
N GLU A 129 48.54 -35.31 -24.55
CA GLU A 129 48.09 -36.65 -24.84
C GLU A 129 47.04 -36.68 -25.95
N ILE A 130 46.13 -35.70 -25.94
CA ILE A 130 45.08 -35.65 -26.94
C ILE A 130 45.68 -35.48 -28.34
N LYS A 131 46.69 -34.60 -28.45
CA LYS A 131 47.33 -34.39 -29.74
C LYS A 131 48.03 -35.65 -30.23
N LYS A 132 48.47 -36.51 -29.31
CA LYS A 132 49.07 -37.77 -29.72
C LYS A 132 48.03 -38.72 -30.30
N LEU A 133 46.82 -38.73 -29.73
CA LEU A 133 45.76 -39.56 -30.27
C LEU A 133 45.17 -39.00 -31.56
N SER A 134 45.46 -37.73 -31.87
CA SER A 134 44.87 -37.10 -33.04
C SER A 134 45.32 -37.79 -34.33
N ILE A 135 44.38 -37.96 -35.24
CA ILE A 135 44.63 -38.56 -36.55
C ILE A 135 44.23 -37.54 -37.62
N PRO A 136 45.11 -37.21 -38.55
CA PRO A 136 44.74 -36.24 -39.60
C PRO A 136 43.61 -36.77 -40.46
N VAL A 137 42.79 -35.84 -40.96
CA VAL A 137 41.64 -36.20 -41.77
C VAL A 137 42.14 -36.73 -43.11
N SER A 138 41.79 -37.97 -43.43
CA SER A 138 42.25 -38.59 -44.67
C SER A 138 41.54 -38.02 -45.89
N GLY A 139 40.27 -37.71 -45.77
CA GLY A 139 39.50 -37.21 -46.89
C GLY A 139 38.03 -37.17 -46.56
N ARG A 140 37.22 -37.58 -47.55
CA ARG A 140 35.77 -37.47 -47.43
C ARG A 140 35.20 -38.36 -46.35
N LYS A 141 35.82 -39.53 -46.11
CA LYS A 141 35.26 -40.48 -45.15
C LYS A 141 35.20 -39.88 -43.75
N GLU A 142 36.28 -39.22 -43.32
CA GLU A 142 36.27 -38.59 -42.01
C GLU A 142 35.38 -37.36 -41.99
N ILE A 143 35.32 -36.61 -43.09
CA ILE A 143 34.50 -35.40 -43.13
C ILE A 143 33.04 -35.75 -42.97
N GLU A 144 32.57 -36.79 -43.68
CA GLU A 144 31.17 -37.17 -43.58
C GLU A 144 30.84 -37.77 -42.23
N GLN A 145 31.82 -38.43 -41.60
CA GLN A 145 31.59 -39.01 -40.28
C GLN A 145 31.50 -37.93 -39.21
N VAL A 146 32.38 -36.92 -39.29
CA VAL A 146 32.35 -35.83 -38.31
C VAL A 146 31.06 -35.04 -38.43
N ALA A 147 30.64 -34.76 -39.67
CA ALA A 147 29.41 -33.99 -39.87
C ALA A 147 28.19 -34.74 -39.36
N THR A 148 28.15 -36.06 -39.58
CA THR A 148 27.02 -36.86 -39.13
C THR A 148 26.91 -36.86 -37.60
N ILE A 149 28.05 -37.02 -36.91
CA ILE A 149 28.02 -37.10 -35.46
C ILE A 149 27.63 -35.75 -34.86
N SER A 150 28.21 -34.67 -35.38
CA SER A 150 27.92 -33.35 -34.82
C SER A 150 26.49 -32.91 -35.11
N ALA A 151 25.87 -33.47 -36.14
CA ALA A 151 24.47 -33.20 -36.44
C ALA A 151 23.53 -34.15 -35.73
N ASN A 152 23.96 -34.73 -34.61
CA ASN A 152 23.14 -35.65 -33.81
C ASN A 152 22.77 -36.89 -34.63
N ASN A 153 23.78 -37.52 -35.23
CA ASN A 153 23.61 -38.76 -35.99
C ASN A 153 22.56 -38.61 -37.09
N ASP A 154 22.80 -37.65 -37.98
CA ASP A 154 21.91 -37.37 -39.11
C ASP A 154 22.71 -37.52 -40.39
N ALA A 155 22.54 -38.64 -41.08
CA ALA A 155 23.31 -38.91 -42.29
C ALA A 155 22.96 -37.98 -43.43
N THR A 156 21.73 -37.48 -43.47
CA THR A 156 21.34 -36.55 -44.54
C THR A 156 22.13 -35.26 -44.46
N ILE A 157 22.31 -34.73 -43.24
CA ILE A 157 23.10 -33.51 -43.07
C ILE A 157 24.57 -33.79 -43.35
N GLY A 158 25.07 -34.96 -42.95
CA GLY A 158 26.46 -35.29 -43.18
C GLY A 158 26.80 -35.36 -44.66
N LYS A 159 25.90 -35.90 -45.47
CA LYS A 159 26.14 -36.00 -46.90
C LYS A 159 26.22 -34.62 -47.54
N ILE A 160 25.35 -33.71 -47.12
CA ILE A 160 25.32 -32.38 -47.72
C ILE A 160 26.61 -31.61 -47.41
N ILE A 161 27.06 -31.67 -46.15
CA ILE A 161 28.24 -30.92 -45.75
C ILE A 161 29.49 -31.50 -46.41
N ALA A 162 29.54 -32.83 -46.54
CA ALA A 162 30.67 -33.45 -47.24
C ALA A 162 30.74 -32.98 -48.68
N ASP A 163 29.60 -32.85 -49.35
CA ASP A 163 29.58 -32.31 -50.70
C ASP A 163 30.03 -30.86 -50.72
N ALA A 164 29.59 -30.08 -49.72
CA ALA A 164 29.95 -28.66 -49.68
C ALA A 164 31.45 -28.47 -49.52
N MET A 165 32.09 -29.29 -48.68
CA MET A 165 33.53 -29.18 -48.50
C MET A 165 34.27 -29.45 -49.81
N GLU A 166 33.83 -30.45 -50.57
CA GLU A 166 34.49 -30.76 -51.83
C GLU A 166 34.29 -29.64 -52.85
N ALA A 167 33.10 -29.05 -52.88
CA ALA A 167 32.79 -28.03 -53.89
C ALA A 167 33.64 -26.78 -53.70
N VAL A 168 33.77 -26.30 -52.48
CA VAL A 168 34.51 -25.06 -52.21
C VAL A 168 35.99 -25.32 -51.92
N GLY A 169 36.39 -26.55 -51.66
CA GLY A 169 37.79 -26.86 -51.47
C GLY A 169 38.32 -26.46 -50.10
N LYS A 170 39.65 -26.47 -50.02
CA LYS A 170 40.33 -26.18 -48.75
C LYS A 170 40.10 -24.75 -48.28
N ASP A 171 40.11 -23.79 -49.21
CA ASP A 171 40.03 -22.38 -48.87
C ASP A 171 38.64 -21.77 -49.06
N GLY A 172 37.62 -22.59 -49.28
CA GLY A 172 36.27 -22.08 -49.43
C GLY A 172 35.59 -21.82 -48.10
N VAL A 173 34.37 -21.29 -48.19
CA VAL A 173 33.56 -20.97 -47.03
C VAL A 173 32.16 -21.52 -47.24
N ILE A 174 31.53 -21.97 -46.15
CA ILE A 174 30.19 -22.52 -46.20
C ILE A 174 29.28 -21.67 -45.33
N THR A 175 28.11 -21.31 -45.86
CA THR A 175 27.15 -20.48 -45.16
C THR A 175 25.83 -21.22 -45.04
N VAL A 176 25.20 -21.12 -43.86
CA VAL A 176 23.94 -21.79 -43.57
C VAL A 176 22.84 -20.75 -43.51
N GLU A 177 21.77 -20.96 -44.25
CA GLU A 177 20.64 -20.04 -44.31
C GLU A 177 19.34 -20.80 -44.19
N GLU A 178 18.26 -20.07 -43.96
CA GLU A 178 16.93 -20.66 -43.89
C GLU A 178 16.31 -20.72 -45.28
N SER A 179 15.90 -21.91 -45.69
CA SER A 179 15.22 -22.06 -46.98
C SER A 179 13.78 -21.60 -46.87
N LYS A 180 13.25 -21.10 -47.96
CA LYS A 180 11.87 -20.64 -48.00
C LYS A 180 10.87 -21.76 -48.20
N SER A 181 11.35 -22.98 -48.47
CA SER A 181 10.48 -24.13 -48.67
C SER A 181 10.83 -25.20 -47.64
N ALA A 182 10.17 -26.35 -47.77
CA ALA A 182 10.40 -27.44 -46.82
C ALA A 182 11.63 -28.25 -47.14
N GLU A 183 12.21 -28.10 -48.33
CA GLU A 183 13.37 -28.89 -48.71
C GLU A 183 14.66 -28.23 -48.28
N THR A 184 15.66 -29.04 -48.01
CA THR A 184 17.01 -28.58 -47.71
C THR A 184 17.89 -28.78 -48.94
N THR A 185 18.51 -27.70 -49.42
CA THR A 185 19.26 -27.73 -50.66
C THR A 185 20.65 -27.16 -50.45
N LEU A 186 21.57 -27.57 -51.31
CA LEU A 186 22.93 -27.05 -51.34
C LEU A 186 23.13 -26.27 -52.63
N GLU A 187 23.61 -25.04 -52.51
CA GLU A 187 23.83 -24.16 -53.66
C GLU A 187 25.29 -23.72 -53.67
N THR A 188 25.98 -23.99 -54.77
CA THR A 188 27.40 -23.69 -54.90
C THR A 188 27.62 -22.77 -56.10
N VAL A 189 28.40 -21.71 -55.87
CA VAL A 189 28.80 -20.78 -56.92
C VAL A 189 30.32 -20.65 -56.86
N GLN A 190 30.97 -20.74 -58.02
CA GLN A 190 32.42 -20.70 -58.13
C GLN A 190 32.83 -19.41 -58.83
N GLY A 191 33.82 -18.73 -58.27
CA GLY A 191 34.30 -17.50 -58.85
C GLY A 191 33.78 -16.27 -58.13
N MET A 192 34.00 -15.13 -58.77
CA MET A 192 33.67 -13.84 -58.17
C MET A 192 32.19 -13.51 -58.39
N GLN A 193 31.55 -12.98 -57.36
CA GLN A 193 30.18 -12.50 -57.47
C GLN A 193 29.91 -11.48 -56.37
N PHE A 194 28.90 -10.64 -56.59
CA PHE A 194 28.50 -9.66 -55.59
C PHE A 194 27.05 -9.27 -55.82
N ASP A 195 26.47 -8.62 -54.81
CA ASP A 195 25.04 -8.31 -54.77
C ASP A 195 24.68 -7.01 -55.48
N ARG A 196 25.06 -6.86 -56.75
CA ARG A 196 24.69 -5.70 -57.55
C ARG A 196 24.36 -6.16 -58.96
N GLY A 197 23.87 -5.23 -59.77
CA GLY A 197 23.73 -5.50 -61.19
C GLY A 197 22.42 -4.98 -61.73
N TYR A 198 22.28 -5.11 -63.05
CA TYR A 198 21.05 -4.82 -63.78
C TYR A 198 20.61 -3.37 -63.58
N LEU A 199 21.42 -2.47 -64.12
CA LEU A 199 21.05 -1.05 -64.11
C LEU A 199 19.85 -0.75 -65.00
N SER A 200 19.52 -1.63 -65.94
CA SER A 200 18.36 -1.45 -66.81
C SER A 200 17.91 -2.78 -67.36
N PRO A 201 16.60 -3.02 -67.49
CA PRO A 201 16.12 -4.29 -68.06
C PRO A 201 16.49 -4.48 -69.52
N TYR A 202 16.86 -3.41 -70.23
CA TYR A 202 17.08 -3.52 -71.67
C TYR A 202 18.35 -4.26 -72.04
N PHE A 203 19.18 -4.65 -71.06
CA PHE A 203 20.38 -5.43 -71.37
C PHE A 203 20.11 -6.91 -71.45
N VAL A 204 18.86 -7.32 -71.71
CA VAL A 204 18.50 -8.74 -71.73
C VAL A 204 19.25 -9.46 -72.85
N THR A 205 19.89 -10.58 -72.49
CA THR A 205 20.41 -11.52 -73.46
C THR A 205 19.73 -12.89 -73.37
N ASN A 206 19.15 -13.23 -72.23
CA ASN A 206 18.38 -14.46 -72.05
C ASN A 206 17.02 -14.06 -71.47
N PRO A 207 16.05 -13.71 -72.31
CA PRO A 207 14.74 -13.32 -71.78
C PRO A 207 14.04 -14.41 -70.99
N ASP A 208 14.37 -15.68 -71.25
CA ASP A 208 13.72 -16.76 -70.52
C ASP A 208 14.20 -16.84 -69.07
N LYS A 209 15.25 -16.11 -68.69
CA LYS A 209 15.82 -16.25 -67.35
C LYS A 209 16.21 -14.93 -66.70
N MET A 210 15.85 -13.77 -67.26
CA MET A 210 16.24 -12.47 -66.69
C MET A 210 17.75 -12.37 -66.49
N GLU A 211 18.49 -12.79 -67.51
CA GLU A 211 19.94 -12.89 -67.43
C GLU A 211 20.60 -12.05 -68.52
N ALA A 212 21.60 -11.27 -68.12
CA ALA A 212 22.45 -10.56 -69.08
C ALA A 212 23.77 -11.30 -69.19
N VAL A 213 24.05 -11.85 -70.37
CA VAL A 213 25.17 -12.77 -70.56
C VAL A 213 26.11 -12.19 -71.59
N LEU A 214 27.39 -12.13 -71.25
CA LEU A 214 28.44 -11.65 -72.15
C LEU A 214 29.57 -12.68 -72.18
N GLU A 215 30.08 -12.96 -73.38
CA GLU A 215 31.13 -13.95 -73.57
C GLU A 215 32.44 -13.24 -73.89
N ASP A 216 33.48 -13.55 -73.12
CA ASP A 216 34.77 -12.87 -73.19
C ASP A 216 34.60 -11.35 -73.11
N PRO A 217 34.03 -10.84 -72.01
CA PRO A 217 33.72 -9.41 -71.97
C PRO A 217 34.91 -8.57 -71.51
N PHE A 218 34.85 -7.29 -71.88
CA PHE A 218 35.77 -6.31 -71.30
C PHE A 218 35.14 -5.71 -70.05
N ILE A 219 35.92 -5.64 -68.97
CA ILE A 219 35.43 -5.18 -67.68
C ILE A 219 36.01 -3.81 -67.41
N LEU A 220 35.15 -2.83 -67.16
CA LEU A 220 35.57 -1.47 -66.88
C LEU A 220 35.40 -1.20 -65.39
N ILE A 221 36.51 -1.05 -64.68
CA ILE A 221 36.52 -0.79 -63.25
C ILE A 221 36.90 0.67 -63.06
N TYR A 222 35.92 1.50 -62.71
CA TYR A 222 36.15 2.92 -62.48
C TYR A 222 35.28 3.39 -61.33
N GLU A 223 35.88 4.20 -60.44
CA GLU A 223 35.28 4.47 -59.14
C GLU A 223 34.03 5.34 -59.22
N LYS A 224 34.18 6.55 -59.76
CA LYS A 224 33.16 7.58 -59.61
C LYS A 224 31.97 7.31 -60.54
N LYS A 225 31.10 8.29 -60.64
CA LYS A 225 29.93 8.19 -61.50
C LYS A 225 30.30 8.37 -62.96
N ILE A 226 29.45 7.83 -63.84
CA ILE A 226 29.48 8.15 -65.25
C ILE A 226 28.23 8.98 -65.54
N SER A 227 28.43 10.26 -65.89
CA SER A 227 27.32 11.19 -65.94
C SER A 227 27.26 12.03 -67.21
N ASN A 228 27.99 11.67 -68.26
CA ASN A 228 27.98 12.44 -69.50
C ASN A 228 28.49 11.57 -70.64
N VAL A 229 28.29 12.06 -71.86
CA VAL A 229 28.65 11.29 -73.05
C VAL A 229 30.10 11.56 -73.44
N LYS A 230 30.60 12.76 -73.11
CA LYS A 230 31.92 13.17 -73.56
C LYS A 230 33.00 12.21 -73.07
N ASP A 231 32.95 11.82 -71.79
CA ASP A 231 33.92 10.88 -71.25
C ASP A 231 33.58 9.43 -71.55
N LEU A 232 32.30 9.10 -71.69
CA LEU A 232 31.92 7.71 -71.96
C LEU A 232 32.22 7.31 -73.40
N LEU A 233 32.22 8.28 -74.32
CA LEU A 233 32.44 7.96 -75.73
C LEU A 233 33.82 7.36 -76.01
N PRO A 234 34.95 7.91 -75.50
CA PRO A 234 36.25 7.33 -75.84
C PRO A 234 36.39 5.87 -75.47
N VAL A 235 35.82 5.46 -74.34
CA VAL A 235 35.83 4.05 -73.98
C VAL A 235 34.96 3.25 -74.92
N LEU A 236 33.86 3.85 -75.39
CA LEU A 236 33.00 3.19 -76.36
C LEU A 236 33.59 3.25 -77.76
N GLU A 237 34.34 4.32 -78.05
CA GLU A 237 34.89 4.52 -79.38
C GLU A 237 35.93 3.47 -79.76
N ASN A 238 36.51 2.77 -78.79
CA ASN A 238 37.54 1.78 -79.10
C ASN A 238 37.14 0.34 -78.81
N VAL A 239 36.17 0.09 -77.92
CA VAL A 239 35.71 -1.28 -77.72
C VAL A 239 34.94 -1.77 -78.93
N VAL A 240 34.35 -0.86 -79.70
CA VAL A 240 33.66 -1.23 -80.93
C VAL A 240 34.64 -1.84 -81.92
N ARG A 241 35.88 -1.34 -81.95
CA ARG A 241 36.88 -1.88 -82.86
C ARG A 241 37.18 -3.33 -82.56
N ALA A 242 37.35 -3.66 -81.28
CA ALA A 242 37.56 -5.06 -80.89
C ALA A 242 36.32 -5.90 -81.14
N GLY A 243 35.13 -5.36 -80.86
CA GLY A 243 33.89 -6.09 -81.03
C GLY A 243 33.49 -6.97 -79.87
N LYS A 244 34.31 -7.07 -78.83
CA LYS A 244 34.00 -7.89 -77.67
C LYS A 244 33.03 -7.15 -76.74
N PRO A 245 32.26 -7.88 -75.94
CA PRO A 245 31.31 -7.22 -75.03
C PRO A 245 32.04 -6.44 -73.93
N LEU A 246 31.31 -5.46 -73.38
CA LEU A 246 31.87 -4.52 -72.42
C LEU A 246 31.02 -4.52 -71.16
N LEU A 247 31.67 -4.47 -70.01
CA LEU A 247 31.00 -4.46 -68.71
C LEU A 247 31.52 -3.26 -67.91
N ILE A 248 30.60 -2.51 -67.31
CA ILE A 248 30.92 -1.29 -66.58
C ILE A 248 30.63 -1.51 -65.10
N ILE A 249 31.62 -1.20 -64.26
CA ILE A 249 31.44 -1.20 -62.81
C ILE A 249 31.79 0.19 -62.29
N ALA A 250 30.83 0.83 -61.63
CA ALA A 250 31.01 2.15 -61.04
C ALA A 250 29.99 2.29 -59.92
N GLU A 251 30.04 3.42 -59.21
CA GLU A 251 29.04 3.64 -58.18
C GLU A 251 27.66 3.79 -58.79
N ASP A 252 27.55 4.48 -59.92
CA ASP A 252 26.29 4.57 -60.64
C ASP A 252 26.54 5.12 -62.04
N VAL A 253 25.56 4.90 -62.91
CA VAL A 253 25.50 5.46 -64.25
C VAL A 253 24.15 6.15 -64.37
N GLU A 254 24.15 7.45 -64.62
CA GLU A 254 22.91 8.20 -64.63
C GLU A 254 22.31 8.25 -66.04
N ALA A 255 21.15 8.89 -66.15
CA ALA A 255 20.29 8.73 -67.32
C ALA A 255 20.97 9.15 -68.61
N GLU A 256 21.64 10.30 -68.60
CA GLU A 256 22.31 10.74 -69.81
C GLU A 256 23.37 9.75 -70.25
N ALA A 257 24.12 9.20 -69.29
CA ALA A 257 25.18 8.26 -69.64
C ALA A 257 24.63 6.91 -70.08
N LEU A 258 23.66 6.37 -69.32
CA LEU A 258 23.20 5.01 -69.60
C LEU A 258 22.43 4.95 -70.91
N ALA A 259 21.67 5.99 -71.23
CA ALA A 259 20.87 5.99 -72.45
C ALA A 259 21.75 5.80 -73.69
N THR A 260 23.04 6.14 -73.57
CA THR A 260 23.95 5.97 -74.70
C THR A 260 24.14 4.49 -75.02
N LEU A 261 24.46 3.68 -74.01
CA LEU A 261 24.71 2.26 -74.24
C LEU A 261 23.43 1.54 -74.65
N VAL A 262 22.33 1.81 -73.94
CA VAL A 262 21.10 1.07 -74.20
C VAL A 262 20.57 1.35 -75.60
N VAL A 263 20.61 2.60 -76.04
CA VAL A 263 20.21 2.90 -77.42
C VAL A 263 21.21 2.29 -78.40
N ASN A 264 22.47 2.17 -77.98
CA ASN A 264 23.45 1.45 -78.78
C ASN A 264 23.28 -0.05 -78.68
N HIS A 265 22.91 -0.55 -77.49
CA HIS A 265 22.73 -1.99 -77.31
C HIS A 265 21.51 -2.50 -78.06
N ILE A 266 20.44 -1.70 -78.10
CA ILE A 266 19.23 -2.10 -78.83
C ILE A 266 19.54 -2.27 -80.31
N LYS A 267 20.28 -1.32 -80.89
CA LYS A 267 20.71 -1.43 -82.28
C LYS A 267 21.82 -2.44 -82.48
N GLY A 268 22.40 -2.97 -81.40
CA GLY A 268 23.36 -4.04 -81.52
C GLY A 268 24.75 -3.64 -81.96
N VAL A 269 25.06 -2.34 -82.00
CA VAL A 269 26.42 -1.94 -82.32
C VAL A 269 27.40 -2.39 -81.23
N ILE A 270 26.95 -2.48 -79.99
CA ILE A 270 27.71 -3.13 -78.92
C ILE A 270 26.75 -4.00 -78.11
N ARG A 271 27.33 -5.00 -77.45
CA ARG A 271 26.62 -5.84 -76.50
C ARG A 271 27.25 -5.62 -75.13
N ALA A 272 26.58 -4.86 -74.28
CA ALA A 272 27.21 -4.41 -73.04
C ALA A 272 26.18 -4.42 -71.92
N CYS A 273 26.67 -4.17 -70.70
CA CYS A 273 25.84 -4.03 -69.52
C CYS A 273 26.59 -3.21 -68.49
N ALA A 274 25.83 -2.51 -67.66
CA ALA A 274 26.38 -1.66 -66.61
C ALA A 274 25.83 -2.09 -65.26
N VAL A 275 26.71 -2.19 -64.27
CA VAL A 275 26.35 -2.64 -62.93
C VAL A 275 26.95 -1.67 -61.92
N LYS A 276 26.28 -1.55 -60.77
CA LYS A 276 26.78 -0.71 -59.69
C LYS A 276 27.92 -1.43 -58.95
N ALA A 277 28.89 -0.65 -58.49
CA ALA A 277 30.00 -1.22 -57.74
C ALA A 277 29.53 -1.63 -56.35
N PRO A 278 29.95 -2.78 -55.85
CA PRO A 278 29.46 -3.25 -54.55
C PRO A 278 30.14 -2.54 -53.40
N GLY A 279 29.50 -2.59 -52.24
CA GLY A 279 30.09 -2.07 -51.01
C GLY A 279 29.82 -0.60 -50.76
N PHE A 280 30.36 -0.12 -49.65
CA PHE A 280 30.19 1.27 -49.23
C PHE A 280 31.46 1.76 -48.55
N GLY A 281 31.69 3.06 -48.68
CA GLY A 281 32.77 3.72 -47.93
C GLY A 281 34.14 3.17 -48.23
N GLN A 282 34.88 2.87 -47.14
CA GLN A 282 36.23 2.33 -47.27
C GLN A 282 36.24 1.01 -48.02
N ARG A 283 35.21 0.21 -47.82
CA ARG A 283 35.08 -1.14 -48.35
C ARG A 283 34.92 -1.15 -49.88
N ARG A 284 35.01 -0.03 -50.60
CA ARG A 284 34.98 -0.09 -52.06
C ARG A 284 36.28 -0.70 -52.61
N LYS A 285 37.40 -0.01 -52.41
CA LYS A 285 38.58 -0.24 -53.24
C LYS A 285 39.03 -1.70 -53.23
N ASP A 286 38.94 -2.36 -52.07
CA ASP A 286 39.46 -3.72 -51.95
C ASP A 286 38.73 -4.67 -52.90
N TYR A 287 37.41 -4.57 -53.00
CA TYR A 287 36.67 -5.44 -53.91
C TYR A 287 37.04 -5.18 -55.36
N LEU A 288 37.01 -3.93 -55.80
CA LEU A 288 37.39 -3.63 -57.18
C LEU A 288 38.84 -4.02 -57.45
N GLN A 289 39.71 -3.83 -56.46
CA GLN A 289 41.08 -4.33 -56.59
C GLN A 289 41.09 -5.84 -56.74
N ASP A 290 40.26 -6.55 -55.97
CA ASP A 290 40.12 -7.99 -56.16
C ASP A 290 39.54 -8.31 -57.53
N ILE A 291 38.53 -7.55 -57.96
CA ILE A 291 37.95 -7.77 -59.28
C ILE A 291 38.96 -7.44 -60.37
N ALA A 292 39.69 -6.33 -60.22
CA ALA A 292 40.66 -5.95 -61.24
C ALA A 292 41.80 -6.95 -61.33
N ILE A 293 42.31 -7.41 -60.19
CA ILE A 293 43.44 -8.35 -60.21
C ILE A 293 43.00 -9.70 -60.77
N LEU A 294 41.73 -10.05 -60.59
CA LEU A 294 41.22 -11.30 -61.14
C LEU A 294 41.03 -11.22 -62.65
N THR A 295 40.77 -10.03 -63.18
CA THR A 295 40.50 -9.84 -64.60
C THR A 295 41.75 -9.56 -65.42
N GLY A 296 42.91 -9.44 -64.79
CA GLY A 296 44.14 -9.21 -65.52
C GLY A 296 44.37 -7.78 -65.96
N GLY A 297 43.46 -6.87 -65.66
CA GLY A 297 43.62 -5.45 -65.96
C GLY A 297 43.99 -4.66 -64.72
N THR A 298 43.52 -3.42 -64.66
CA THR A 298 43.73 -2.59 -63.49
C THR A 298 42.47 -1.79 -63.21
N ALA A 299 42.34 -1.34 -61.97
CA ALA A 299 41.19 -0.54 -61.56
C ALA A 299 41.49 0.93 -61.77
N ILE A 300 40.61 1.64 -62.48
CA ILE A 300 40.76 3.08 -62.65
C ILE A 300 40.45 3.69 -61.29
N THR A 301 41.49 4.19 -60.62
CA THR A 301 41.36 4.65 -59.24
C THR A 301 41.40 6.17 -59.19
N GLU A 302 40.67 6.73 -58.22
CA GLU A 302 40.71 8.18 -58.03
C GLU A 302 42.11 8.66 -57.72
N GLU A 303 42.84 7.92 -56.88
CA GLU A 303 44.22 8.26 -56.58
C GLU A 303 45.10 8.09 -57.81
N LEU A 304 44.80 7.11 -58.67
CA LEU A 304 45.58 6.86 -59.86
C LEU A 304 45.58 8.05 -60.81
N GLY A 305 44.48 8.79 -60.89
CA GLY A 305 44.42 10.01 -61.66
C GLY A 305 44.18 9.84 -63.14
N ILE A 306 44.00 8.62 -63.64
CA ILE A 306 43.72 8.41 -65.06
C ILE A 306 42.34 8.92 -65.37
N LYS A 307 42.26 9.92 -66.25
CA LYS A 307 40.97 10.45 -66.67
C LYS A 307 40.23 9.40 -67.51
N LEU A 308 38.90 9.37 -67.36
CA LEU A 308 38.10 8.38 -68.07
C LEU A 308 38.25 8.49 -69.57
N GLU A 309 38.46 9.71 -70.08
CA GLU A 309 38.64 9.91 -71.51
C GLU A 309 39.91 9.24 -72.02
N SER A 310 41.00 9.30 -71.24
CA SER A 310 42.31 8.87 -71.69
C SER A 310 42.52 7.36 -71.57
N VAL A 311 41.55 6.61 -71.07
CA VAL A 311 41.75 5.17 -70.92
C VAL A 311 41.79 4.50 -72.29
N THR A 312 42.25 3.25 -72.29
CA THR A 312 42.40 2.48 -73.53
C THR A 312 42.22 1.00 -73.21
N LEU A 313 42.48 0.18 -74.23
CA LEU A 313 42.34 -1.26 -74.07
C LEU A 313 43.51 -1.88 -73.32
N ASP A 314 44.59 -1.13 -73.11
CA ASP A 314 45.77 -1.69 -72.46
C ASP A 314 45.48 -2.11 -71.02
N MET A 315 44.87 -1.22 -70.24
CA MET A 315 44.54 -1.52 -68.85
C MET A 315 43.09 -1.94 -68.64
N LEU A 316 42.30 -2.04 -69.71
CA LEU A 316 40.93 -2.52 -69.58
C LEU A 316 40.92 -4.00 -69.22
N GLY A 317 40.15 -4.34 -68.19
CA GLY A 317 40.11 -5.71 -67.72
C GLY A 317 39.39 -6.64 -68.68
N ARG A 318 39.66 -7.93 -68.51
CA ARG A 318 39.07 -8.96 -69.36
C ARG A 318 38.63 -10.15 -68.52
N ALA A 319 37.54 -10.77 -68.95
CA ALA A 319 37.02 -11.98 -68.32
C ALA A 319 36.58 -12.94 -69.41
N ASP A 320 36.16 -14.14 -69.00
CA ASP A 320 35.71 -15.14 -69.96
C ASP A 320 34.19 -15.16 -70.09
N LYS A 321 33.48 -14.98 -68.97
CA LYS A 321 32.03 -15.06 -68.98
C LYS A 321 31.49 -14.33 -67.76
N VAL A 322 30.49 -13.47 -67.96
CA VAL A 322 29.83 -12.76 -66.89
C VAL A 322 28.33 -12.92 -67.03
N ILE A 323 27.65 -13.12 -65.89
CA ILE A 323 26.20 -13.32 -65.85
C ILE A 323 25.62 -12.26 -64.92
N VAL A 324 24.59 -11.55 -65.40
CA VAL A 324 23.97 -10.46 -64.65
C VAL A 324 22.48 -10.74 -64.52
N ASP A 325 21.95 -10.58 -63.31
CA ASP A 325 20.53 -10.79 -63.04
C ASP A 325 20.00 -9.57 -62.29
N LYS A 326 18.78 -9.71 -61.74
CA LYS A 326 18.13 -8.62 -61.01
C LYS A 326 19.01 -8.03 -59.91
N ASP A 327 19.73 -8.86 -59.18
CA ASP A 327 20.48 -8.37 -58.02
C ASP A 327 21.86 -8.96 -57.88
N ASN A 328 22.37 -9.71 -58.85
CA ASN A 328 23.63 -10.41 -58.68
C ASN A 328 24.35 -10.50 -60.01
N THR A 329 25.67 -10.34 -59.96
CA THR A 329 26.54 -10.54 -61.12
C THR A 329 27.68 -11.46 -60.73
N THR A 330 28.01 -12.41 -61.61
CA THR A 330 29.08 -13.36 -61.37
C THR A 330 30.11 -13.27 -62.50
N ILE A 331 31.38 -13.37 -62.12
CA ILE A 331 32.50 -13.42 -63.05
C ILE A 331 33.19 -14.76 -62.89
N VAL A 332 33.32 -15.50 -63.99
CA VAL A 332 33.88 -16.85 -63.91
C VAL A 332 35.35 -16.79 -63.51
N GLY A 333 36.13 -15.93 -64.16
CA GLY A 333 37.53 -15.79 -63.79
C GLY A 333 38.46 -15.51 -64.95
N GLY A 334 39.42 -14.60 -64.73
CA GLY A 334 40.44 -14.30 -65.72
C GLY A 334 41.68 -15.16 -65.64
N LYS A 335 41.73 -16.11 -64.70
CA LYS A 335 42.83 -17.04 -64.47
C LYS A 335 44.21 -16.38 -64.62
N GLY A 336 44.35 -15.14 -64.18
CA GLY A 336 45.62 -14.46 -64.21
C GLY A 336 46.10 -14.05 -62.84
N SER A 337 47.35 -13.59 -62.79
CA SER A 337 48.00 -13.08 -61.59
C SER A 337 47.95 -14.07 -60.43
N LYS A 338 48.41 -15.30 -60.65
CA LYS A 338 48.34 -16.33 -59.60
C LYS A 338 49.20 -15.95 -58.40
N GLU A 339 50.41 -15.45 -58.64
CA GLU A 339 51.28 -15.06 -57.53
C GLU A 339 50.77 -13.80 -56.85
N ALA A 340 50.28 -12.84 -57.63
CA ALA A 340 49.81 -11.58 -57.05
C ALA A 340 48.65 -11.80 -56.09
N ILE A 341 47.67 -12.63 -56.48
CA ILE A 341 46.55 -12.92 -55.59
C ILE A 341 47.02 -13.73 -54.39
N GLN A 342 48.03 -14.58 -54.58
CA GLN A 342 48.56 -15.37 -53.48
C GLN A 342 49.08 -14.49 -52.36
N ALA A 343 49.68 -13.35 -52.72
CA ALA A 343 50.14 -12.40 -51.71
C ALA A 343 48.97 -11.86 -50.90
N ARG A 344 47.86 -11.53 -51.58
CA ARG A 344 46.67 -11.08 -50.88
C ARG A 344 46.08 -12.20 -50.03
N ILE A 345 46.10 -13.43 -50.55
CA ILE A 345 45.64 -14.58 -49.76
C ILE A 345 46.50 -14.73 -48.51
N GLU A 346 47.82 -14.62 -48.66
CA GLU A 346 48.70 -14.69 -47.51
C GLU A 346 48.48 -13.52 -46.57
N GLN A 347 48.26 -12.32 -47.12
CA GLN A 347 48.10 -11.13 -46.29
C GLN A 347 46.75 -11.11 -45.59
N ILE A 348 45.68 -11.50 -46.29
CA ILE A 348 44.34 -11.39 -45.72
C ILE A 348 44.21 -12.31 -44.51
N LYS A 349 44.70 -13.55 -44.63
CA LYS A 349 44.67 -14.45 -43.48
C LYS A 349 45.55 -13.93 -42.36
N ARG A 350 46.63 -13.23 -42.68
CA ARG A 350 47.42 -12.57 -41.66
C ARG A 350 46.66 -11.40 -41.03
N GLN A 351 45.86 -10.71 -41.83
CA GLN A 351 45.00 -9.66 -41.29
C GLN A 351 43.81 -10.25 -40.54
N ILE A 352 43.34 -11.43 -40.95
CA ILE A 352 42.16 -12.02 -40.34
C ILE A 352 42.41 -12.31 -38.86
N LEU A 353 43.57 -12.87 -38.54
CA LEU A 353 43.86 -13.24 -37.16
C LEU A 353 43.87 -12.04 -36.23
N GLU A 354 43.99 -10.82 -36.76
CA GLU A 354 43.92 -9.60 -35.96
C GLU A 354 42.59 -8.87 -36.17
N THR A 355 42.12 -8.80 -37.41
CA THR A 355 40.88 -8.08 -37.70
C THR A 355 39.63 -8.82 -37.25
N THR A 356 39.73 -10.09 -36.87
CA THR A 356 38.56 -10.81 -36.39
C THR A 356 38.05 -10.25 -35.06
N SER A 357 38.88 -9.49 -34.34
CA SER A 357 38.45 -8.85 -33.11
C SER A 357 37.87 -7.46 -33.34
N ASP A 358 37.86 -6.97 -34.59
CA ASP A 358 37.43 -5.62 -34.88
C ASP A 358 36.42 -5.50 -36.01
N TYR A 359 36.37 -6.47 -36.93
CA TYR A 359 35.52 -6.32 -38.10
C TYR A 359 34.04 -6.38 -37.72
N ASP A 360 33.21 -5.72 -38.54
CA ASP A 360 31.78 -5.70 -38.29
C ASP A 360 31.12 -7.03 -38.67
N ARG A 361 31.67 -7.74 -39.65
CA ARG A 361 31.07 -8.99 -40.10
C ARG A 361 32.19 -9.92 -40.54
N GLU A 362 31.90 -11.22 -40.51
CA GLU A 362 32.85 -12.25 -40.91
C GLU A 362 33.05 -12.33 -42.42
N LYS A 363 32.50 -11.39 -43.18
CA LYS A 363 32.63 -11.40 -44.63
C LYS A 363 34.06 -11.17 -45.10
N LEU A 364 34.97 -10.78 -44.20
CA LEU A 364 36.38 -10.69 -44.57
C LEU A 364 36.92 -12.06 -44.99
N GLN A 365 36.43 -13.13 -44.37
CA GLN A 365 36.77 -14.47 -44.84
C GLN A 365 36.24 -14.72 -46.23
N GLU A 366 35.03 -14.23 -46.52
CA GLU A 366 34.45 -14.39 -47.86
C GLU A 366 35.32 -13.73 -48.92
N ARG A 367 35.97 -12.62 -48.57
CA ARG A 367 36.85 -11.94 -49.52
C ARG A 367 38.00 -12.86 -49.92
N LEU A 368 38.52 -13.63 -48.96
CA LEU A 368 39.52 -14.65 -49.28
C LEU A 368 38.95 -15.69 -50.24
N ALA A 369 37.74 -16.17 -49.96
CA ALA A 369 37.17 -17.26 -50.75
C ALA A 369 36.74 -16.80 -52.14
N LYS A 370 36.41 -15.51 -52.28
CA LYS A 370 35.88 -15.02 -53.54
C LYS A 370 36.89 -15.12 -54.68
N LEU A 371 38.16 -14.79 -54.44
CA LEU A 371 39.17 -14.78 -55.49
C LEU A 371 40.06 -16.03 -55.46
N SER A 372 39.90 -16.88 -54.45
CA SER A 372 40.75 -18.07 -54.32
C SER A 372 39.97 -19.38 -54.32
N GLY A 373 38.70 -19.37 -53.94
CA GLY A 373 37.90 -20.58 -53.97
C GLY A 373 36.46 -20.31 -54.35
N GLY A 374 35.52 -20.84 -53.57
CA GLY A 374 34.11 -20.58 -53.82
C GLY A 374 33.36 -20.61 -52.50
N VAL A 375 32.07 -20.28 -52.59
CA VAL A 375 31.19 -20.29 -51.43
C VAL A 375 30.05 -21.27 -51.69
N ALA A 376 29.60 -21.91 -50.63
CA ALA A 376 28.47 -22.84 -50.68
C ALA A 376 27.43 -22.39 -49.67
N ILE A 377 26.17 -22.33 -50.09
CA ILE A 377 25.07 -21.92 -49.24
C ILE A 377 24.18 -23.12 -49.00
N ILE A 378 24.08 -23.55 -47.75
CA ILE A 378 23.20 -24.65 -47.37
C ILE A 378 21.91 -24.03 -46.84
N ARG A 379 20.82 -24.21 -47.57
CA ARG A 379 19.53 -23.63 -47.19
C ARG A 379 18.72 -24.70 -46.49
N VAL A 380 18.63 -24.60 -45.17
CA VAL A 380 17.90 -25.58 -44.37
C VAL A 380 16.42 -25.31 -44.49
N GLY A 381 15.64 -26.36 -44.67
CA GLY A 381 14.20 -26.23 -44.81
C GLY A 381 13.47 -27.24 -43.96
N ALA A 382 12.30 -26.84 -43.49
CA ALA A 382 11.46 -27.70 -42.67
C ALA A 382 10.01 -27.27 -42.82
N ALA A 383 9.10 -28.15 -42.38
CA ALA A 383 7.68 -27.87 -42.52
C ALA A 383 7.23 -26.67 -41.70
N THR A 384 7.84 -26.46 -40.53
CA THR A 384 7.43 -25.37 -39.65
C THR A 384 8.66 -24.59 -39.20
N GLU A 385 8.42 -23.38 -38.70
CA GLU A 385 9.52 -22.55 -38.21
C GLU A 385 10.18 -23.17 -36.99
N ALA A 386 9.39 -23.77 -36.11
CA ALA A 386 9.94 -24.36 -34.88
C ALA A 386 10.92 -25.49 -35.21
N GLU A 387 10.56 -26.36 -36.14
CA GLU A 387 11.47 -27.42 -36.56
C GLU A 387 12.66 -26.88 -37.34
N LEU A 388 12.45 -25.84 -38.14
CA LEU A 388 13.53 -25.27 -38.93
C LEU A 388 14.63 -24.68 -38.05
N LYS A 389 14.23 -24.01 -36.97
CA LYS A 389 15.23 -23.40 -36.08
C LYS A 389 16.15 -24.45 -35.47
N GLU A 390 15.59 -25.57 -35.01
CA GLU A 390 16.42 -26.61 -34.43
C GLU A 390 17.29 -27.29 -35.48
N LYS A 391 16.71 -27.57 -36.66
CA LYS A 391 17.48 -28.21 -37.72
C LYS A 391 18.65 -27.34 -38.17
N LYS A 392 18.41 -26.03 -38.31
CA LYS A 392 19.46 -25.13 -38.75
C LYS A 392 20.60 -25.08 -37.75
N ALA A 393 20.29 -25.13 -36.46
CA ALA A 393 21.32 -25.08 -35.43
C ALA A 393 22.24 -26.30 -35.53
N ARG A 394 21.66 -27.48 -35.77
CA ARG A 394 22.47 -28.68 -35.90
C ARG A 394 23.39 -28.60 -37.11
N VAL A 395 22.89 -28.05 -38.22
CA VAL A 395 23.72 -27.90 -39.41
C VAL A 395 24.90 -26.97 -39.14
N GLU A 396 24.66 -25.89 -38.40
CA GLU A 396 25.74 -24.96 -38.08
C GLU A 396 26.80 -25.63 -37.21
N ASP A 397 26.37 -26.44 -36.24
CA ASP A 397 27.33 -27.14 -35.38
C ASP A 397 28.18 -28.11 -36.20
N ALA A 398 27.56 -28.84 -37.12
CA ALA A 398 28.31 -29.80 -37.93
C ALA A 398 29.24 -29.10 -38.91
N VAL A 399 28.86 -27.93 -39.41
CA VAL A 399 29.75 -27.16 -40.27
C VAL A 399 30.98 -26.70 -39.50
N HIS A 400 30.76 -26.19 -38.28
CA HIS A 400 31.89 -25.74 -37.46
C HIS A 400 32.79 -26.91 -37.08
N ALA A 401 32.18 -28.04 -36.71
CA ALA A 401 32.98 -29.21 -36.33
C ALA A 401 33.76 -29.75 -37.52
N THR A 402 33.15 -29.75 -38.71
CA THR A 402 33.87 -30.21 -39.90
C THR A 402 35.06 -29.32 -40.20
N LYS A 403 34.91 -28.01 -40.05
CA LYS A 403 36.04 -27.11 -40.25
C LYS A 403 37.12 -27.34 -39.20
N ALA A 404 36.73 -27.56 -37.95
CA ALA A 404 37.71 -27.78 -36.90
C ALA A 404 38.44 -29.10 -37.09
N ALA A 405 37.78 -30.11 -37.66
CA ALA A 405 38.43 -31.39 -37.89
C ALA A 405 39.58 -31.27 -38.88
N VAL A 406 39.40 -30.45 -39.92
CA VAL A 406 40.45 -30.30 -40.93
C VAL A 406 41.69 -29.65 -40.33
N GLU A 407 41.51 -28.71 -39.39
CA GLU A 407 42.64 -27.98 -38.84
C GLU A 407 43.53 -28.87 -37.98
N GLU A 408 42.95 -29.64 -37.07
CA GLU A 408 43.72 -30.37 -36.06
C GLU A 408 43.45 -31.86 -36.04
N GLY A 409 42.82 -32.42 -37.06
CA GLY A 409 42.57 -33.85 -37.09
C GLY A 409 41.36 -34.26 -36.28
N ILE A 410 41.19 -35.56 -36.16
CA ILE A 410 40.04 -36.14 -35.47
C ILE A 410 40.53 -37.06 -34.36
N VAL A 411 39.65 -37.33 -33.41
CA VAL A 411 39.97 -38.11 -32.22
C VAL A 411 38.79 -39.01 -31.90
N PRO A 412 39.04 -40.14 -31.23
CA PRO A 412 37.92 -41.01 -30.85
C PRO A 412 36.85 -40.28 -30.05
N GLY A 413 35.60 -40.51 -30.41
CA GLY A 413 34.49 -39.80 -29.84
C GLY A 413 33.89 -40.52 -28.64
N GLY A 414 32.75 -39.99 -28.19
CA GLY A 414 32.05 -40.57 -27.06
C GLY A 414 32.73 -40.35 -25.73
N GLY A 415 33.60 -39.36 -25.63
CA GLY A 415 34.35 -39.12 -24.42
C GLY A 415 35.54 -40.03 -24.21
N VAL A 416 35.87 -40.86 -25.20
CA VAL A 416 36.98 -41.80 -25.06
C VAL A 416 38.31 -41.06 -25.00
N ALA A 417 38.43 -39.99 -25.79
CA ALA A 417 39.70 -39.27 -25.88
C ALA A 417 40.13 -38.72 -24.53
N LEU A 418 39.19 -38.15 -23.77
CA LEU A 418 39.52 -37.65 -22.44
C LEU A 418 39.86 -38.79 -21.49
N VAL A 419 39.19 -39.93 -21.62
CA VAL A 419 39.51 -41.08 -20.79
C VAL A 419 40.91 -41.59 -21.10
N ARG A 420 41.25 -41.70 -22.38
CA ARG A 420 42.59 -42.14 -22.76
C ARG A 420 43.64 -41.13 -22.31
N ALA A 421 43.35 -39.84 -22.46
CA ALA A 421 44.31 -38.82 -22.06
C ALA A 421 44.50 -38.79 -20.55
N SER A 422 43.44 -39.10 -19.79
CA SER A 422 43.55 -39.07 -18.33
C SER A 422 44.43 -40.18 -17.78
N GLU A 423 44.75 -41.19 -18.59
CA GLU A 423 45.59 -42.27 -18.12
C GLU A 423 47.02 -41.80 -17.84
N ALA A 424 47.51 -40.85 -18.62
CA ALA A 424 48.87 -40.36 -18.43
C ALA A 424 49.04 -39.59 -17.13
N LEU A 425 47.96 -39.11 -16.53
CA LEU A 425 48.05 -38.40 -15.26
C LEU A 425 48.48 -39.30 -14.12
N ASP A 426 48.42 -40.63 -14.29
CA ASP A 426 48.92 -41.53 -13.26
C ASP A 426 50.42 -41.41 -13.09
N ASN A 427 51.14 -41.16 -14.18
CA ASN A 427 52.60 -41.04 -14.12
C ASN A 427 53.07 -39.65 -13.73
N LEU A 428 52.19 -38.67 -13.68
CA LEU A 428 52.56 -37.28 -13.37
C LEU A 428 52.56 -37.10 -11.86
N LYS A 429 53.77 -37.06 -11.30
CA LYS A 429 53.93 -36.79 -9.87
C LYS A 429 54.53 -35.41 -9.67
N VAL A 430 54.09 -34.75 -8.60
CA VAL A 430 54.61 -33.44 -8.22
C VAL A 430 55.00 -33.50 -6.74
N ASP A 431 55.91 -32.60 -6.37
CA ASP A 431 56.45 -32.61 -5.02
C ASP A 431 55.48 -32.05 -3.98
N ASN A 432 54.57 -31.17 -4.38
CA ASN A 432 53.64 -30.52 -3.46
C ASN A 432 52.41 -31.41 -3.33
N ALA A 433 52.01 -31.67 -2.08
CA ALA A 433 50.85 -32.53 -1.85
C ALA A 433 49.56 -31.92 -2.37
N ASP A 434 49.37 -30.61 -2.17
CA ASP A 434 48.15 -29.96 -2.63
C ASP A 434 48.08 -29.91 -4.16
N GLN A 435 49.22 -29.74 -4.83
CA GLN A 435 49.22 -29.77 -6.28
C GLN A 435 48.88 -31.15 -6.81
N GLN A 436 49.17 -32.20 -6.04
CA GLN A 436 48.78 -33.55 -6.45
C GLN A 436 47.27 -33.70 -6.45
N LEU A 437 46.58 -33.05 -5.51
CA LEU A 437 45.12 -33.09 -5.49
C LEU A 437 44.54 -32.44 -6.74
N GLY A 438 45.16 -31.37 -7.22
CA GLY A 438 44.70 -30.75 -8.46
C GLY A 438 44.83 -31.69 -9.65
N ILE A 439 45.90 -32.47 -9.71
CA ILE A 439 46.04 -33.47 -10.77
C ILE A 439 44.95 -34.51 -10.66
N ASP A 440 44.67 -34.97 -9.44
CA ASP A 440 43.64 -35.98 -9.24
C ASP A 440 42.26 -35.45 -9.62
N ILE A 441 42.04 -34.15 -9.44
CA ILE A 441 40.76 -33.55 -9.81
C ILE A 441 40.54 -33.64 -11.32
N ILE A 442 41.59 -33.36 -12.09
CA ILE A 442 41.47 -33.40 -13.55
C ILE A 442 41.24 -34.84 -14.03
N LYS A 443 41.86 -35.81 -13.36
CA LYS A 443 41.68 -37.21 -13.75
C LYS A 443 40.22 -37.63 -13.62
N LYS A 444 39.59 -37.26 -12.50
CA LYS A 444 38.17 -37.58 -12.33
C LYS A 444 37.31 -36.78 -13.30
N ALA A 445 37.66 -35.51 -13.52
CA ALA A 445 36.86 -34.66 -14.40
C ALA A 445 36.88 -35.16 -15.83
N CYS A 446 38.06 -35.59 -16.32
CA CYS A 446 38.17 -36.04 -17.70
C CYS A 446 37.30 -37.27 -17.96
N ARG A 447 36.99 -38.04 -16.92
CA ARG A 447 36.18 -39.25 -17.07
C ARG A 447 34.71 -39.01 -16.79
N THR A 448 34.30 -37.76 -16.59
CA THR A 448 32.90 -37.43 -16.32
C THR A 448 32.05 -37.39 -17.59
N PRO A 449 32.51 -36.80 -18.70
CA PRO A 449 31.66 -36.76 -19.90
C PRO A 449 31.20 -38.12 -20.39
N ILE A 450 32.05 -39.14 -20.31
CA ILE A 450 31.64 -40.47 -20.77
C ILE A 450 30.56 -41.04 -19.84
N ARG A 451 30.63 -40.73 -18.56
CA ARG A 451 29.61 -41.22 -17.63
C ARG A 451 28.28 -40.51 -17.85
N GLN A 452 28.31 -39.23 -18.22
CA GLN A 452 27.07 -38.51 -18.48
C GLN A 452 26.41 -38.99 -19.75
N ILE A 453 27.21 -39.32 -20.77
CA ILE A 453 26.65 -39.86 -22.01
C ILE A 453 25.97 -41.21 -21.74
N ALA A 454 26.61 -42.06 -20.94
CA ALA A 454 25.99 -43.32 -20.56
C ALA A 454 24.73 -43.09 -19.75
N ALA A 455 24.76 -42.13 -18.82
CA ALA A 455 23.60 -41.87 -17.99
C ALA A 455 22.41 -41.37 -18.80
N ASN A 456 22.67 -40.52 -19.80
CA ASN A 456 21.59 -40.03 -20.65
C ASN A 456 20.98 -41.15 -21.49
N SER A 457 21.76 -42.20 -21.77
CA SER A 457 21.29 -43.31 -22.59
C SER A 457 20.66 -44.42 -21.77
N GLY A 458 20.59 -44.27 -20.45
CA GLY A 458 19.95 -45.28 -19.61
C GLY A 458 20.88 -46.32 -19.04
N PHE A 459 22.19 -46.11 -19.09
CA PHE A 459 23.16 -47.04 -18.55
C PHE A 459 23.86 -46.42 -17.34
N GLU A 460 24.46 -47.28 -16.52
CA GLU A 460 25.22 -46.79 -15.38
C GLU A 460 26.58 -46.27 -15.84
N GLY A 461 26.92 -45.05 -15.43
CA GLY A 461 28.15 -44.45 -15.89
C GLY A 461 29.40 -45.18 -15.40
N TYR A 462 29.39 -45.58 -14.12
CA TYR A 462 30.57 -46.21 -13.56
C TYR A 462 30.81 -47.59 -14.16
N VAL A 463 29.74 -48.34 -14.46
CA VAL A 463 29.90 -49.63 -15.11
C VAL A 463 30.49 -49.46 -16.51
N VAL A 464 29.98 -48.47 -17.25
CA VAL A 464 30.48 -48.23 -18.60
C VAL A 464 31.94 -47.77 -18.56
N LEU A 465 32.27 -46.89 -17.60
CA LEU A 465 33.63 -46.36 -17.52
C LEU A 465 34.63 -47.46 -17.24
N GLU A 466 34.30 -48.38 -16.33
CA GLU A 466 35.22 -49.46 -16.00
C GLU A 466 35.51 -50.34 -17.20
N LYS A 467 34.47 -50.68 -17.97
CA LYS A 467 34.67 -51.49 -19.16
C LYS A 467 35.52 -50.76 -20.19
N VAL A 468 35.27 -49.46 -20.39
CA VAL A 468 36.04 -48.69 -21.36
C VAL A 468 37.50 -48.59 -20.93
N LEU A 469 37.76 -48.47 -19.63
CA LEU A 469 39.13 -48.39 -19.14
C LEU A 469 39.88 -49.68 -19.42
N GLN A 470 39.24 -50.83 -19.19
CA GLN A 470 39.91 -52.10 -19.40
C GLN A 470 39.99 -52.47 -20.87
N LEU A 471 39.02 -52.03 -21.68
CA LEU A 471 39.08 -52.29 -23.12
C LEU A 471 40.24 -51.57 -23.79
N GLY A 472 40.78 -50.53 -23.16
CA GLY A 472 41.95 -49.88 -23.73
C GLY A 472 43.17 -50.77 -23.77
N LYS A 473 43.30 -51.66 -22.79
CA LYS A 473 44.41 -52.61 -22.74
C LYS A 473 44.14 -53.84 -23.61
N GLU A 474 42.92 -54.39 -23.53
CA GLU A 474 42.61 -55.63 -24.22
C GLU A 474 42.48 -55.43 -25.73
N LYS A 475 41.78 -54.39 -26.15
CA LYS A 475 41.47 -54.19 -27.57
C LYS A 475 42.29 -53.09 -28.20
N GLY A 476 42.31 -51.91 -27.61
CA GLY A 476 43.03 -50.78 -28.15
C GLY A 476 42.52 -49.48 -27.58
N LYS A 477 43.23 -48.39 -27.90
CA LYS A 477 42.88 -47.09 -27.37
C LYS A 477 41.61 -46.53 -27.99
N ASN A 478 41.27 -46.93 -29.21
CA ASN A 478 40.11 -46.39 -29.90
C ASN A 478 38.80 -47.03 -29.49
N TRP A 479 38.84 -48.06 -28.64
CA TRP A 479 37.61 -48.76 -28.25
C TRP A 479 36.86 -47.97 -27.18
N GLY A 480 35.55 -47.90 -27.33
CA GLY A 480 34.73 -47.17 -26.40
C GLY A 480 33.32 -47.73 -26.37
N PHE A 481 32.40 -46.91 -25.87
CA PHE A 481 31.01 -47.30 -25.72
C PHE A 481 30.14 -46.53 -26.71
N ASP A 482 29.38 -47.25 -27.52
CA ASP A 482 28.46 -46.65 -28.48
C ASP A 482 27.11 -46.51 -27.79
N ALA A 483 26.85 -45.32 -27.25
CA ALA A 483 25.62 -45.07 -26.53
C ALA A 483 24.39 -45.06 -27.43
N GLY A 484 24.57 -44.97 -28.74
CA GLY A 484 23.42 -44.98 -29.64
C GLY A 484 22.70 -46.31 -29.64
N VAL A 485 23.44 -47.41 -29.65
CA VAL A 485 22.84 -48.74 -29.70
C VAL A 485 23.15 -49.50 -28.41
N GLY A 486 24.12 -49.00 -27.65
CA GLY A 486 24.39 -49.56 -26.34
C GLY A 486 25.31 -50.76 -26.30
N ASP A 487 26.42 -50.70 -27.05
CA ASP A 487 27.41 -51.75 -27.01
C ASP A 487 28.79 -51.15 -27.24
N TYR A 488 29.82 -51.93 -26.90
CA TYR A 488 31.20 -51.46 -27.00
C TYR A 488 31.79 -51.88 -28.35
N LYS A 489 32.54 -50.97 -28.96
CA LYS A 489 33.14 -51.22 -30.25
C LYS A 489 34.27 -50.22 -30.48
N ASP A 490 34.93 -50.36 -31.62
CA ASP A 490 35.97 -49.40 -32.02
C ASP A 490 35.30 -48.12 -32.50
N MET A 491 35.55 -47.01 -31.81
CA MET A 491 34.89 -45.76 -32.14
C MET A 491 35.35 -45.20 -33.47
N VAL A 492 36.64 -45.29 -33.77
CA VAL A 492 37.14 -44.73 -35.03
C VAL A 492 36.62 -45.51 -36.22
N GLU A 493 36.55 -46.84 -36.11
CA GLU A 493 36.02 -47.64 -37.21
C GLU A 493 34.52 -47.41 -37.38
N ALA A 494 33.79 -47.29 -36.26
CA ALA A 494 32.36 -47.05 -36.31
C ALA A 494 32.00 -45.65 -36.79
N GLY A 495 32.97 -44.74 -36.87
CA GLY A 495 32.69 -43.38 -37.28
C GLY A 495 32.26 -42.46 -36.17
N ILE A 496 32.33 -42.90 -34.91
CA ILE A 496 31.95 -42.04 -33.77
C ILE A 496 33.21 -41.28 -33.39
N ILE A 497 33.44 -40.16 -34.08
CA ILE A 497 34.63 -39.35 -33.88
C ILE A 497 34.22 -37.89 -33.75
N ASP A 498 35.06 -37.11 -33.09
CA ASP A 498 34.89 -35.68 -32.96
C ASP A 498 36.25 -35.01 -33.12
N PRO A 499 36.27 -33.75 -33.53
CA PRO A 499 37.56 -33.10 -33.83
C PRO A 499 38.45 -32.97 -32.60
N THR A 500 39.75 -32.99 -32.83
CA THR A 500 40.71 -32.79 -31.76
C THR A 500 40.60 -31.38 -31.17
N LYS A 501 40.33 -30.39 -32.03
CA LYS A 501 40.23 -29.01 -31.56
C LYS A 501 39.11 -28.84 -30.54
N VAL A 502 37.97 -29.50 -30.78
CA VAL A 502 36.84 -29.38 -29.87
C VAL A 502 37.19 -29.94 -28.50
N VAL A 503 37.83 -31.11 -28.47
CA VAL A 503 38.19 -31.73 -27.20
C VAL A 503 39.24 -30.90 -26.48
N ARG A 504 40.23 -30.39 -27.22
CA ARG A 504 41.28 -29.60 -26.62
C ARG A 504 40.73 -28.31 -26.02
N VAL A 505 39.87 -27.62 -26.76
CA VAL A 505 39.35 -26.34 -26.29
C VAL A 505 38.43 -26.52 -25.09
N ALA A 506 37.65 -27.60 -25.09
CA ALA A 506 36.68 -27.80 -24.02
C ALA A 506 37.37 -27.97 -22.66
N ILE A 507 38.42 -28.78 -22.62
CA ILE A 507 39.10 -29.02 -21.35
C ILE A 507 39.88 -27.78 -20.92
N GLN A 508 40.44 -27.04 -21.88
CA GLN A 508 41.22 -25.85 -21.53
C GLN A 508 40.32 -24.75 -20.97
N ASN A 509 39.18 -24.51 -21.62
CA ASN A 509 38.26 -23.48 -21.14
C ASN A 509 37.66 -23.87 -19.79
N ALA A 510 37.30 -25.14 -19.62
CA ALA A 510 36.69 -25.57 -18.37
C ALA A 510 37.65 -25.43 -17.21
N ALA A 511 38.91 -25.79 -17.41
CA ALA A 511 39.89 -25.73 -16.33
C ALA A 511 40.24 -24.30 -15.96
N SER A 512 40.29 -23.40 -16.94
CA SER A 512 40.68 -22.03 -16.68
C SER A 512 39.67 -21.34 -15.77
N VAL A 513 38.38 -21.57 -16.01
CA VAL A 513 37.35 -20.91 -15.21
C VAL A 513 37.19 -21.62 -13.86
N ALA A 514 37.08 -22.95 -13.88
CA ALA A 514 36.88 -23.70 -12.64
C ALA A 514 38.08 -23.54 -11.72
N GLY A 515 39.29 -23.54 -12.27
CA GLY A 515 40.46 -23.31 -11.45
C GLY A 515 40.49 -21.93 -10.82
N THR A 516 40.10 -20.91 -11.58
CA THR A 516 40.06 -19.55 -11.05
C THR A 516 39.03 -19.43 -9.94
N MET A 517 37.87 -20.07 -10.11
CA MET A 517 36.80 -19.97 -9.12
C MET A 517 37.20 -20.61 -7.79
N LEU A 518 38.01 -21.67 -7.85
CA LEU A 518 38.35 -22.40 -6.63
C LEU A 518 39.21 -21.56 -5.69
N THR A 519 39.92 -20.56 -6.22
CA THR A 519 40.78 -19.73 -5.38
C THR A 519 39.99 -18.69 -4.60
N ALA A 520 38.69 -18.58 -4.83
CA ALA A 520 37.89 -17.56 -4.17
C ALA A 520 37.69 -17.89 -2.69
N GLU A 521 37.58 -16.84 -1.89
CA GLU A 521 37.29 -16.97 -0.46
C GLU A 521 36.11 -16.10 -0.02
N ALA A 522 35.88 -14.96 -0.65
CA ALA A 522 34.79 -14.08 -0.30
C ALA A 522 34.06 -13.64 -1.56
N LEU A 523 32.76 -13.37 -1.41
CA LEU A 523 31.92 -12.90 -2.50
C LEU A 523 31.30 -11.57 -2.10
N VAL A 524 31.44 -10.56 -2.96
CA VAL A 524 30.89 -9.23 -2.72
C VAL A 524 29.78 -8.99 -3.73
N ALA A 525 28.57 -8.78 -3.23
CA ALA A 525 27.43 -8.55 -4.09
C ALA A 525 26.51 -7.51 -3.46
N GLU A 526 25.77 -6.81 -4.31
CA GLU A 526 24.85 -5.79 -3.84
C GLU A 526 23.65 -6.43 -3.13
N ILE A 527 23.17 -5.77 -2.08
CA ILE A 527 21.96 -6.24 -1.42
C ILE A 527 20.75 -5.89 -2.28
N PRO A 528 19.91 -6.86 -2.65
CA PRO A 528 18.73 -6.64 -3.49
C PRO A 528 17.77 -5.60 -2.94
N ALA B 1 -21.49 -38.25 13.54
CA ALA B 1 -20.99 -36.88 13.50
C ALA B 1 -20.77 -36.42 12.08
N ALA B 2 -20.55 -35.12 11.90
CA ALA B 2 -20.30 -34.56 10.59
C ALA B 2 -18.99 -35.11 10.03
N LYS B 3 -19.00 -35.40 8.73
CA LYS B 3 -17.86 -36.02 8.07
C LYS B 3 -17.53 -35.27 6.80
N LYS B 4 -16.24 -35.28 6.45
CA LYS B 4 -15.73 -34.68 5.22
C LYS B 4 -15.30 -35.79 4.28
N VAL B 5 -15.72 -35.70 3.03
CA VAL B 5 -15.45 -36.74 2.03
C VAL B 5 -14.55 -36.14 0.95
N ILE B 6 -13.53 -36.91 0.55
CA ILE B 6 -12.57 -36.50 -0.46
C ILE B 6 -12.68 -37.49 -1.62
N TYR B 7 -12.73 -36.96 -2.84
CA TYR B 7 -13.05 -37.76 -4.02
C TYR B 7 -11.89 -37.78 -5.01
N GLY B 8 -11.78 -38.90 -5.73
CA GLY B 8 -10.97 -38.95 -6.93
C GLY B 8 -9.49 -38.75 -6.68
N GLU B 9 -8.86 -37.94 -7.55
CA GLU B 9 -7.41 -37.76 -7.49
C GLU B 9 -6.97 -37.16 -6.17
N ASP B 10 -7.80 -36.30 -5.57
CA ASP B 10 -7.46 -35.73 -4.28
C ASP B 10 -7.36 -36.81 -3.20
N ALA B 11 -8.25 -37.80 -3.25
CA ALA B 11 -8.24 -38.86 -2.26
C ALA B 11 -6.95 -39.66 -2.32
N ARG B 12 -6.52 -40.03 -3.53
CA ARG B 12 -5.29 -40.79 -3.67
C ARG B 12 -4.07 -39.93 -3.38
N ALA B 13 -4.17 -38.62 -3.57
CA ALA B 13 -3.07 -37.73 -3.20
C ALA B 13 -2.83 -37.75 -1.69
N ARG B 14 -3.92 -37.78 -0.90
CA ARG B 14 -3.78 -37.89 0.54
C ARG B 14 -3.11 -39.21 0.93
N LEU B 15 -3.54 -40.30 0.30
CA LEU B 15 -2.99 -41.61 0.63
C LEU B 15 -1.51 -41.69 0.30
N LYS B 16 -1.11 -41.13 -0.85
CA LYS B 16 0.29 -41.18 -1.26
C LYS B 16 1.18 -40.46 -0.26
N ALA B 17 0.73 -39.31 0.23
CA ALA B 17 1.51 -38.57 1.21
C ALA B 17 1.65 -39.35 2.51
N GLY B 18 0.57 -40.00 2.95
CA GLY B 18 0.64 -40.78 4.18
C GLY B 18 1.53 -42.00 4.05
N VAL B 19 1.45 -42.70 2.92
CA VAL B 19 2.27 -43.89 2.72
C VAL B 19 3.74 -43.51 2.61
N ASP B 20 4.04 -42.41 1.90
CA ASP B 20 5.42 -41.97 1.76
C ASP B 20 6.04 -41.62 3.10
N LYS B 21 5.28 -40.91 3.95
CA LYS B 21 5.80 -40.53 5.26
C LYS B 21 6.07 -41.75 6.13
N LEU B 22 5.24 -42.77 6.02
CA LEU B 22 5.48 -44.02 6.74
C LEU B 22 6.69 -44.75 6.17
N ALA B 23 6.73 -44.90 4.84
CA ALA B 23 7.77 -45.71 4.22
C ALA B 23 9.14 -45.05 4.34
N ASN B 24 9.21 -43.72 4.19
CA ASN B 24 10.50 -43.04 4.26
C ASN B 24 11.14 -43.18 5.63
N ALA B 25 10.33 -43.28 6.69
CA ALA B 25 10.88 -43.46 8.02
C ALA B 25 11.35 -44.89 8.24
N VAL B 26 10.68 -45.87 7.62
CA VAL B 26 10.95 -47.26 7.91
C VAL B 26 12.00 -47.83 6.95
N LYS B 27 11.99 -47.40 5.69
CA LYS B 27 12.86 -48.01 4.69
C LYS B 27 14.33 -47.73 4.96
N VAL B 28 14.64 -46.72 5.77
CA VAL B 28 16.03 -46.40 6.06
C VAL B 28 16.65 -47.42 7.00
N THR B 29 15.82 -48.25 7.64
CA THR B 29 16.31 -49.28 8.54
C THR B 29 16.41 -50.65 7.88
N LEU B 30 16.11 -50.75 6.60
CA LEU B 30 16.13 -52.04 5.92
C LEU B 30 17.56 -52.54 5.75
N GLY B 31 17.75 -53.85 5.96
CA GLY B 31 19.03 -54.47 5.77
C GLY B 31 19.79 -54.65 7.06
N PRO B 32 20.99 -55.23 6.97
CA PRO B 32 21.81 -55.42 8.18
C PRO B 32 22.49 -54.15 8.67
N ARG B 33 22.60 -53.14 7.82
CA ARG B 33 23.25 -51.88 8.17
C ARG B 33 22.29 -50.70 8.02
N GLY B 34 21.06 -50.87 8.51
CA GLY B 34 20.09 -49.80 8.41
C GLY B 34 20.50 -48.61 9.26
N ARG B 35 20.05 -47.43 8.83
CA ARG B 35 20.38 -46.20 9.54
C ARG B 35 19.58 -46.11 10.83
N GLU B 36 19.98 -45.17 11.69
CA GLU B 36 19.34 -45.02 12.99
C GLU B 36 18.06 -44.18 12.88
N VAL B 37 17.06 -44.55 13.67
CA VAL B 37 15.85 -43.76 13.86
C VAL B 37 15.71 -43.48 15.34
N ILE B 38 15.50 -42.22 15.69
CA ILE B 38 15.45 -41.78 17.08
C ILE B 38 14.00 -41.47 17.44
N ILE B 39 13.50 -42.11 18.50
CA ILE B 39 12.11 -42.02 18.90
C ILE B 39 12.05 -41.35 20.28
N GLU B 40 11.20 -40.34 20.39
CA GLU B 40 11.06 -39.63 21.65
C GLU B 40 10.42 -40.52 22.71
N LYS B 41 10.93 -40.45 23.93
CA LYS B 41 10.30 -41.05 25.10
C LYS B 41 10.12 -39.96 26.13
N LYS B 42 8.87 -39.57 26.38
CA LYS B 42 8.60 -38.45 27.26
C LYS B 42 9.08 -38.74 28.67
N TRP B 43 9.75 -37.75 29.27
CA TRP B 43 10.39 -37.87 30.58
C TRP B 43 11.44 -38.97 30.60
N GLY B 44 12.05 -39.25 29.46
CA GLY B 44 13.10 -40.25 29.36
C GLY B 44 14.07 -39.95 28.24
N THR B 45 15.10 -40.78 28.10
CA THR B 45 16.07 -40.61 27.03
C THR B 45 15.52 -41.19 25.72
N PRO B 46 15.70 -40.50 24.60
CA PRO B 46 15.21 -41.01 23.32
C PRO B 46 15.80 -42.38 22.99
N VAL B 47 14.99 -43.20 22.32
CA VAL B 47 15.37 -44.56 21.95
C VAL B 47 15.90 -44.55 20.52
N VAL B 48 17.04 -45.19 20.32
CA VAL B 48 17.66 -45.30 19.00
C VAL B 48 17.48 -46.73 18.49
N THR B 49 16.82 -46.87 17.35
CA THR B 49 16.49 -48.18 16.81
C THR B 49 16.90 -48.28 15.35
N LYS B 50 17.24 -49.50 14.94
CA LYS B 50 17.41 -49.87 13.54
C LYS B 50 16.45 -51.00 13.17
N ASP B 51 15.34 -51.11 13.90
CA ASP B 51 14.49 -52.28 13.83
C ASP B 51 13.45 -52.23 12.73
N GLY B 52 12.83 -51.08 12.48
CA GLY B 52 11.79 -51.00 11.48
C GLY B 52 10.41 -51.35 12.04
N VAL B 53 10.29 -52.53 12.65
CA VAL B 53 9.04 -52.88 13.32
C VAL B 53 8.77 -51.92 14.47
N THR B 54 9.81 -51.61 15.24
CA THR B 54 9.66 -50.63 16.32
C THR B 54 9.28 -49.26 15.78
N VAL B 55 9.89 -48.84 14.67
CA VAL B 55 9.58 -47.54 14.09
C VAL B 55 8.13 -47.51 13.60
N ALA B 56 7.68 -48.58 12.95
CA ALA B 56 6.32 -48.60 12.40
C ALA B 56 5.29 -48.58 13.51
N LYS B 57 5.64 -49.09 14.69
CA LYS B 57 4.67 -49.14 15.78
C LYS B 57 4.31 -47.75 16.27
N GLU B 58 5.25 -46.82 16.24
CA GLU B 58 5.03 -45.48 16.79
C GLU B 58 4.45 -44.50 15.78
N ILE B 59 4.39 -44.86 14.50
CA ILE B 59 4.05 -43.90 13.46
C ILE B 59 2.53 -43.72 13.43
N GLU B 60 2.09 -42.49 13.64
CA GLU B 60 0.69 -42.10 13.54
C GLU B 60 0.64 -40.61 13.23
N PHE B 61 -0.27 -40.22 12.36
CA PHE B 61 -0.28 -38.86 11.82
C PHE B 61 -1.54 -38.12 12.21
N LYS B 62 -1.44 -36.79 12.27
CA LYS B 62 -2.57 -35.97 12.68
C LYS B 62 -3.64 -35.93 11.59
N ASP B 63 -3.25 -35.83 10.33
CA ASP B 63 -4.21 -35.74 9.25
C ASP B 63 -4.94 -37.06 9.11
N PRO B 64 -6.28 -37.08 9.22
CA PRO B 64 -6.99 -38.36 9.16
C PRO B 64 -6.85 -39.07 7.83
N TYR B 65 -6.75 -38.33 6.72
CA TYR B 65 -6.65 -38.96 5.41
C TYR B 65 -5.25 -39.49 5.13
N GLU B 66 -4.21 -38.75 5.56
CA GLU B 66 -2.86 -39.29 5.47
C GLU B 66 -2.69 -40.47 6.41
N ASN B 67 -3.33 -40.42 7.58
CA ASN B 67 -3.28 -41.54 8.50
C ASN B 67 -3.96 -42.77 7.91
N MET B 68 -4.91 -42.57 7.00
CA MET B 68 -5.58 -43.69 6.35
C MET B 68 -4.58 -44.54 5.57
N GLY B 69 -3.71 -43.88 4.80
CA GLY B 69 -2.72 -44.63 4.03
C GLY B 69 -1.70 -45.34 4.90
N ALA B 70 -1.25 -44.66 5.95
CA ALA B 70 -0.23 -45.25 6.82
C ALA B 70 -0.76 -46.49 7.53
N GLN B 71 -1.98 -46.42 8.05
CA GLN B 71 -2.52 -47.56 8.80
C GLN B 71 -2.83 -48.74 7.89
N LEU B 72 -3.29 -48.46 6.66
CA LEU B 72 -3.59 -49.55 5.73
C LEU B 72 -2.32 -50.32 5.38
N VAL B 73 -1.23 -49.61 5.10
CA VAL B 73 0.03 -50.28 4.80
C VAL B 73 0.58 -50.97 6.04
N LYS B 74 0.42 -50.35 7.20
CA LYS B 74 0.93 -50.94 8.44
C LYS B 74 0.28 -52.28 8.73
N GLU B 75 -1.05 -52.35 8.58
CA GLU B 75 -1.76 -53.60 8.86
C GLU B 75 -1.32 -54.70 7.91
N VAL B 76 -1.25 -54.38 6.61
CA VAL B 76 -0.88 -55.39 5.61
C VAL B 76 0.55 -55.84 5.84
N ALA B 77 1.45 -54.91 6.13
CA ALA B 77 2.84 -55.28 6.44
C ALA B 77 2.92 -56.06 7.74
N SER B 78 2.07 -55.75 8.72
CA SER B 78 2.09 -56.48 9.98
C SER B 78 1.60 -57.91 9.79
N LYS B 79 0.66 -58.12 8.85
CA LYS B 79 0.18 -59.47 8.60
C LYS B 79 1.28 -60.36 8.02
N THR B 80 2.26 -59.77 7.34
CA THR B 80 3.38 -60.56 6.83
C THR B 80 4.16 -61.21 7.96
N SER B 81 4.41 -60.45 9.03
CA SER B 81 5.12 -61.01 10.17
C SER B 81 4.24 -62.00 10.93
N ASP B 82 2.93 -61.76 10.97
CA ASP B 82 2.03 -62.66 11.67
C ASP B 82 1.93 -64.03 11.01
N VAL B 83 2.34 -64.14 9.74
CA VAL B 83 2.24 -65.41 9.02
C VAL B 83 3.64 -65.99 8.83
N ALA B 84 4.62 -65.13 8.59
CA ALA B 84 5.95 -65.60 8.26
C ALA B 84 7.03 -65.19 9.27
N GLY B 85 6.74 -64.30 10.20
CA GLY B 85 7.70 -63.95 11.23
C GLY B 85 8.72 -62.91 10.80
N ASP B 86 8.67 -62.49 9.54
CA ASP B 86 9.63 -61.54 9.01
C ASP B 86 9.03 -60.86 7.79
N GLY B 87 9.68 -59.77 7.37
CA GLY B 87 9.29 -59.11 6.13
C GLY B 87 8.42 -57.89 6.31
N THR B 88 8.27 -57.41 7.54
CA THR B 88 7.43 -56.24 7.80
C THR B 88 7.97 -55.01 7.06
N THR B 89 9.28 -54.77 7.14
CA THR B 89 9.87 -53.62 6.46
C THR B 89 9.90 -53.84 4.95
N THR B 90 10.18 -55.06 4.51
CA THR B 90 10.23 -55.35 3.08
C THR B 90 8.86 -55.15 2.43
N ALA B 91 7.80 -55.59 3.11
CA ALA B 91 6.46 -55.38 2.58
C ALA B 91 6.11 -53.91 2.45
N THR B 92 6.52 -53.10 3.43
CA THR B 92 6.27 -51.66 3.36
C THR B 92 7.04 -51.03 2.21
N VAL B 93 8.29 -51.44 2.00
CA VAL B 93 9.07 -50.90 0.89
C VAL B 93 8.44 -51.27 -0.45
N LEU B 94 8.00 -52.52 -0.58
CA LEU B 94 7.35 -52.94 -1.82
C LEU B 94 6.04 -52.21 -2.03
N ALA B 95 5.27 -51.98 -0.97
CA ALA B 95 3.98 -51.32 -1.10
C ALA B 95 4.15 -49.89 -1.62
N GLN B 96 5.14 -49.16 -1.11
CA GLN B 96 5.38 -47.80 -1.59
C GLN B 96 5.79 -47.80 -3.06
N ALA B 97 6.64 -48.75 -3.45
CA ALA B 97 7.13 -48.79 -4.83
C ALA B 97 5.99 -49.05 -5.81
N ILE B 98 5.12 -50.00 -5.49
CA ILE B 98 4.02 -50.32 -6.39
C ILE B 98 3.03 -49.16 -6.45
N PHE B 99 2.70 -48.59 -5.29
CA PHE B 99 1.71 -47.52 -5.24
C PHE B 99 2.21 -46.28 -5.97
N ASN B 100 3.47 -45.91 -5.76
CA ASN B 100 4.00 -44.70 -6.40
C ASN B 100 4.08 -44.86 -7.90
N GLU B 101 4.55 -46.02 -8.39
CA GLU B 101 4.61 -46.23 -9.82
C GLU B 101 3.24 -46.42 -10.44
N GLY B 102 2.31 -47.02 -9.68
CA GLY B 102 0.95 -47.15 -10.18
C GLY B 102 0.28 -45.81 -10.38
N LEU B 103 0.49 -44.88 -9.46
CA LEU B 103 -0.09 -43.55 -9.61
C LEU B 103 0.52 -42.81 -10.80
N ARG B 104 1.81 -43.04 -11.07
CA ARG B 104 2.44 -42.41 -12.23
C ARG B 104 1.79 -42.88 -13.53
N ALA B 105 1.51 -44.18 -13.65
CA ALA B 105 0.89 -44.69 -14.86
C ALA B 105 -0.52 -44.14 -15.04
N ILE B 106 -1.27 -44.03 -13.95
CA ILE B 106 -2.62 -43.49 -14.03
C ILE B 106 -2.60 -42.02 -14.40
N ALA B 107 -1.61 -41.28 -13.89
CA ALA B 107 -1.49 -39.88 -14.24
C ALA B 107 -1.19 -39.68 -15.72
N SER B 108 -0.60 -40.69 -16.37
CA SER B 108 -0.31 -40.61 -17.79
C SER B 108 -1.50 -40.99 -18.65
N GLY B 109 -2.61 -41.39 -18.06
CA GLY B 109 -3.81 -41.73 -18.81
C GLY B 109 -4.12 -43.21 -18.90
N ALA B 110 -3.35 -44.06 -18.24
CA ALA B 110 -3.60 -45.49 -18.30
C ALA B 110 -4.84 -45.86 -17.51
N ASN B 111 -5.47 -46.96 -17.91
CA ASN B 111 -6.69 -47.43 -17.24
C ASN B 111 -6.31 -48.06 -15.91
N PRO B 112 -6.84 -47.56 -14.79
CA PRO B 112 -6.50 -48.17 -13.50
C PRO B 112 -6.91 -49.62 -13.37
N MET B 113 -8.02 -50.03 -13.98
CA MET B 113 -8.45 -51.42 -13.88
C MET B 113 -7.51 -52.35 -14.65
N ASP B 114 -7.01 -51.91 -15.80
CA ASP B 114 -6.08 -52.73 -16.56
C ASP B 114 -4.72 -52.81 -15.88
N ILE B 115 -4.33 -51.77 -15.15
CA ILE B 115 -3.07 -51.81 -14.41
C ILE B 115 -3.13 -52.88 -13.33
N LYS B 116 -4.26 -52.98 -12.63
CA LYS B 116 -4.40 -54.00 -11.59
C LYS B 116 -4.34 -55.40 -12.19
N ARG B 117 -4.94 -55.59 -13.38
CA ARG B 117 -4.86 -56.89 -14.04
C ARG B 117 -3.41 -57.24 -14.38
N GLY B 118 -2.65 -56.25 -14.86
CA GLY B 118 -1.23 -56.48 -15.11
C GLY B 118 -0.46 -56.78 -13.84
N ILE B 119 -0.78 -56.07 -12.76
CA ILE B 119 -0.13 -56.32 -11.47
C ILE B 119 -0.46 -57.72 -10.98
N ASP B 120 -1.72 -58.13 -11.10
CA ASP B 120 -2.12 -59.46 -10.63
C ASP B 120 -1.41 -60.56 -11.40
N LYS B 121 -1.33 -60.41 -12.73
CA LYS B 121 -0.62 -61.40 -13.53
C LYS B 121 0.86 -61.43 -13.21
N ALA B 122 1.48 -60.26 -13.05
CA ALA B 122 2.90 -60.19 -12.76
C ALA B 122 3.24 -60.82 -11.41
N VAL B 123 2.40 -60.58 -10.41
CA VAL B 123 2.64 -61.16 -9.08
C VAL B 123 2.56 -62.68 -9.15
N GLU B 124 1.60 -63.21 -9.92
CA GLU B 124 1.48 -64.66 -10.06
C GLU B 124 2.74 -65.27 -10.66
N THR B 125 3.30 -64.63 -11.68
CA THR B 125 4.54 -65.12 -12.27
C THR B 125 5.69 -65.04 -11.29
N VAL B 126 5.77 -63.95 -10.53
CA VAL B 126 6.86 -63.78 -9.57
C VAL B 126 6.77 -64.85 -8.48
N VAL B 127 5.56 -65.13 -8.00
CA VAL B 127 5.40 -66.14 -6.95
C VAL B 127 5.82 -67.52 -7.46
N ASN B 128 5.45 -67.84 -8.70
CA ASN B 128 5.84 -69.13 -9.26
C ASN B 128 7.35 -69.25 -9.39
N GLU B 129 8.02 -68.18 -9.80
CA GLU B 129 9.47 -68.21 -9.91
C GLU B 129 10.12 -68.40 -8.55
N ILE B 130 9.53 -67.82 -7.50
CA ILE B 130 10.06 -68.01 -6.15
C ILE B 130 9.93 -69.47 -5.73
N LYS B 131 8.82 -70.12 -6.12
CA LYS B 131 8.64 -71.53 -5.80
C LYS B 131 9.71 -72.39 -6.44
N LYS B 132 10.03 -72.10 -7.71
CA LYS B 132 11.08 -72.86 -8.40
C LYS B 132 12.44 -72.61 -7.78
N LEU B 133 12.71 -71.38 -7.35
CA LEU B 133 14.04 -71.02 -6.87
C LEU B 133 14.31 -71.58 -5.49
N SER B 134 13.28 -71.70 -4.66
CA SER B 134 13.48 -72.13 -3.28
C SER B 134 13.96 -73.58 -3.23
N ILE B 135 14.72 -73.89 -2.18
CA ILE B 135 15.20 -75.25 -1.95
C ILE B 135 14.76 -75.68 -0.54
N PRO B 136 14.46 -76.95 -0.32
CA PRO B 136 14.04 -77.38 1.02
C PRO B 136 15.17 -77.26 2.03
N VAL B 137 14.82 -77.00 3.28
CA VAL B 137 15.79 -77.02 4.36
C VAL B 137 16.24 -78.46 4.59
N SER B 138 17.54 -78.65 4.82
CA SER B 138 18.09 -79.99 4.91
C SER B 138 18.48 -80.39 6.33
N GLY B 139 18.99 -79.47 7.13
CA GLY B 139 19.44 -79.84 8.46
C GLY B 139 19.77 -78.62 9.30
N ARG B 140 20.61 -78.86 10.31
CA ARG B 140 20.91 -77.83 11.31
C ARG B 140 21.65 -76.64 10.69
N LYS B 141 22.38 -76.88 9.59
CA LYS B 141 23.16 -75.80 8.98
C LYS B 141 22.26 -74.67 8.51
N GLU B 142 21.23 -74.98 7.72
CA GLU B 142 20.34 -73.94 7.21
C GLU B 142 19.43 -73.39 8.30
N ILE B 143 18.99 -74.25 9.22
CA ILE B 143 18.10 -73.78 10.28
C ILE B 143 18.80 -72.75 11.16
N GLU B 144 20.08 -73.00 11.49
CA GLU B 144 20.85 -72.01 12.23
C GLU B 144 21.02 -70.73 11.42
N GLN B 145 21.29 -70.86 10.13
CA GLN B 145 21.49 -69.68 9.29
C GLN B 145 20.23 -68.85 9.18
N VAL B 146 19.08 -69.51 9.02
CA VAL B 146 17.81 -68.79 8.93
C VAL B 146 17.52 -68.05 10.23
N ALA B 147 17.72 -68.73 11.36
CA ALA B 147 17.46 -68.11 12.65
C ALA B 147 18.40 -66.94 12.90
N THR B 148 19.66 -67.06 12.48
CA THR B 148 20.60 -65.96 12.65
C THR B 148 20.20 -64.74 11.81
N ILE B 149 19.87 -64.97 10.54
CA ILE B 149 19.45 -63.88 9.67
C ILE B 149 18.09 -63.33 10.07
N SER B 150 17.17 -64.18 10.54
CA SER B 150 15.89 -63.69 11.03
C SER B 150 16.05 -62.74 12.21
N ALA B 151 16.96 -63.07 13.12
CA ALA B 151 17.37 -62.13 14.16
C ALA B 151 18.34 -61.11 13.54
N ASN B 152 18.77 -60.12 14.32
CA ASN B 152 19.65 -59.10 13.78
C ASN B 152 21.08 -59.61 13.67
N ASN B 153 21.26 -60.69 12.90
CA ASN B 153 22.58 -61.28 12.65
C ASN B 153 23.32 -61.59 13.95
N ASP B 154 22.59 -62.16 14.91
CA ASP B 154 23.17 -62.56 16.20
C ASP B 154 23.18 -64.09 16.23
N ALA B 155 24.39 -64.66 16.27
CA ALA B 155 24.53 -66.11 16.21
C ALA B 155 24.15 -66.79 17.52
N THR B 156 24.05 -66.04 18.62
CA THR B 156 23.70 -66.66 19.90
C THR B 156 22.27 -67.18 19.88
N ILE B 157 21.32 -66.35 19.43
CA ILE B 157 19.94 -66.81 19.32
C ILE B 157 19.81 -67.87 18.23
N GLY B 158 20.58 -67.74 17.16
CA GLY B 158 20.57 -68.73 16.10
C GLY B 158 20.99 -70.11 16.58
N LYS B 159 22.04 -70.16 17.39
CA LYS B 159 22.49 -71.43 17.95
C LYS B 159 21.44 -72.03 18.89
N ILE B 160 20.84 -71.19 19.74
CA ILE B 160 19.87 -71.69 20.70
C ILE B 160 18.65 -72.25 19.99
N ILE B 161 18.15 -71.53 18.99
CA ILE B 161 16.98 -72.01 18.23
C ILE B 161 17.32 -73.30 17.51
N ALA B 162 18.50 -73.36 16.89
CA ALA B 162 18.91 -74.58 16.19
C ALA B 162 19.00 -75.76 17.16
N ASP B 163 19.59 -75.54 18.34
CA ASP B 163 19.64 -76.59 19.35
C ASP B 163 18.24 -76.95 19.82
N ALA B 164 17.39 -75.95 20.03
CA ALA B 164 16.02 -76.22 20.45
C ALA B 164 15.24 -76.98 19.37
N MET B 165 15.45 -76.62 18.11
CA MET B 165 14.74 -77.29 17.03
C MET B 165 15.15 -78.76 16.92
N GLU B 166 16.46 -79.03 16.93
CA GLU B 166 16.91 -80.42 16.82
C GLU B 166 16.57 -81.23 18.06
N ALA B 167 16.25 -80.60 19.18
CA ALA B 167 15.89 -81.33 20.39
C ALA B 167 14.46 -81.84 20.30
N VAL B 168 13.49 -80.94 20.14
CA VAL B 168 12.09 -81.34 20.06
C VAL B 168 11.72 -81.94 18.71
N GLY B 169 12.61 -81.83 17.72
CA GLY B 169 12.32 -82.37 16.41
C GLY B 169 12.13 -81.27 15.38
N LYS B 170 12.27 -81.66 14.11
CA LYS B 170 12.20 -80.68 13.02
C LYS B 170 10.84 -79.98 12.97
N ASP B 171 9.76 -80.70 13.30
CA ASP B 171 8.42 -80.12 13.33
C ASP B 171 7.77 -80.31 14.69
N GLY B 172 8.53 -80.08 15.77
CA GLY B 172 8.00 -80.19 17.10
C GLY B 172 7.29 -78.92 17.56
N VAL B 173 7.52 -78.52 18.80
CA VAL B 173 6.92 -77.32 19.36
C VAL B 173 7.98 -76.57 20.16
N ILE B 174 8.05 -75.25 19.96
CA ILE B 174 9.01 -74.40 20.64
C ILE B 174 8.23 -73.29 21.35
N THR B 175 8.65 -72.98 22.57
CA THR B 175 8.04 -71.92 23.35
C THR B 175 9.14 -71.06 23.94
N VAL B 176 8.79 -69.81 24.27
CA VAL B 176 9.75 -68.82 24.75
C VAL B 176 9.35 -68.36 26.14
N GLU B 177 10.31 -68.33 27.05
CA GLU B 177 10.08 -67.89 28.41
C GLU B 177 11.23 -66.96 28.82
N GLU B 178 11.16 -66.43 30.03
CA GLU B 178 12.13 -65.45 30.51
C GLU B 178 12.49 -65.73 31.95
N SER B 179 13.58 -65.12 32.41
CA SER B 179 14.01 -65.20 33.79
C SER B 179 14.85 -63.97 34.12
N LYS B 180 15.02 -63.71 35.41
CA LYS B 180 15.83 -62.59 35.86
C LYS B 180 17.31 -62.79 35.61
N SER B 181 17.75 -64.03 35.38
CA SER B 181 19.15 -64.29 35.12
C SER B 181 19.60 -63.60 33.83
N ALA B 182 20.80 -63.03 33.86
CA ALA B 182 21.32 -62.33 32.68
C ALA B 182 21.50 -63.30 31.51
N GLU B 183 22.02 -64.50 31.79
CA GLU B 183 22.24 -65.48 30.73
C GLU B 183 20.91 -66.08 30.27
N THR B 184 20.90 -66.53 29.02
CA THR B 184 19.76 -67.21 28.44
C THR B 184 20.12 -68.67 28.17
N THR B 185 19.15 -69.56 28.41
CA THR B 185 19.41 -70.98 28.32
C THR B 185 18.20 -71.69 27.73
N LEU B 186 18.43 -72.92 27.26
CA LEU B 186 17.40 -73.77 26.69
C LEU B 186 17.19 -74.96 27.63
N GLU B 187 15.94 -75.14 28.05
CA GLU B 187 15.57 -76.27 28.90
C GLU B 187 14.53 -77.12 28.18
N THR B 188 14.78 -78.42 28.12
CA THR B 188 13.90 -79.35 27.41
C THR B 188 12.89 -79.97 28.36
N VAL B 189 12.05 -79.10 28.94
CA VAL B 189 11.01 -79.54 29.86
C VAL B 189 9.98 -80.39 29.13
N GLN B 190 9.59 -81.50 29.74
CA GLN B 190 8.66 -82.41 29.09
C GLN B 190 7.28 -81.76 28.93
N GLY B 191 6.59 -82.12 27.85
CA GLY B 191 5.29 -81.56 27.60
C GLY B 191 4.67 -82.20 26.38
N MET B 192 3.63 -81.57 25.85
CA MET B 192 3.06 -82.03 24.58
C MET B 192 2.35 -80.85 23.92
N GLN B 193 1.96 -81.06 22.66
CA GLN B 193 1.32 -79.99 21.86
C GLN B 193 0.48 -80.66 20.79
N PHE B 194 -0.84 -80.52 20.91
CA PHE B 194 -1.76 -81.14 19.97
C PHE B 194 -2.81 -80.11 19.55
N ASP B 195 -3.43 -80.38 18.40
CA ASP B 195 -4.41 -79.49 17.78
C ASP B 195 -5.78 -79.61 18.43
N ARG B 196 -5.96 -79.02 19.59
CA ARG B 196 -7.22 -79.06 20.32
C ARG B 196 -7.71 -77.63 20.55
N GLY B 197 -9.00 -77.40 20.31
CA GLY B 197 -9.60 -76.12 20.62
C GLY B 197 -10.14 -76.07 22.04
N TYR B 198 -10.43 -74.85 22.49
CA TYR B 198 -11.01 -74.68 23.81
C TYR B 198 -12.51 -74.46 23.72
N LEU B 199 -13.19 -74.71 24.84
CA LEU B 199 -14.64 -74.87 24.83
C LEU B 199 -15.41 -73.56 24.72
N SER B 200 -14.85 -72.43 25.15
CA SER B 200 -15.58 -71.17 25.11
C SER B 200 -14.57 -70.03 24.99
N PRO B 201 -14.86 -69.05 24.14
CA PRO B 201 -13.93 -67.91 23.97
C PRO B 201 -13.82 -67.02 25.21
N TYR B 202 -14.49 -67.36 26.31
CA TYR B 202 -14.49 -66.52 27.50
C TYR B 202 -13.29 -66.77 28.41
N PHE B 203 -12.39 -67.69 28.05
CA PHE B 203 -11.22 -67.99 28.86
C PHE B 203 -10.05 -67.05 28.60
N VAL B 204 -10.29 -65.86 28.05
CA VAL B 204 -9.21 -64.92 27.78
C VAL B 204 -8.59 -64.47 29.09
N THR B 205 -7.27 -64.62 29.20
CA THR B 205 -6.57 -64.27 30.44
C THR B 205 -5.69 -63.04 30.30
N ASN B 206 -4.92 -62.95 29.21
CA ASN B 206 -4.01 -61.84 29.04
C ASN B 206 -3.76 -61.49 27.57
N PRO B 207 -3.46 -62.46 26.69
CA PRO B 207 -3.23 -62.12 25.29
C PRO B 207 -4.47 -61.50 24.65
N ASP B 208 -4.24 -60.53 23.76
CA ASP B 208 -5.32 -59.95 22.97
C ASP B 208 -5.76 -60.87 21.84
N LYS B 209 -5.04 -61.97 21.62
CA LYS B 209 -5.36 -62.92 20.57
C LYS B 209 -6.48 -63.88 20.95
N MET B 210 -7.27 -63.54 21.97
CA MET B 210 -8.39 -64.36 22.45
C MET B 210 -7.96 -65.80 22.75
N GLU B 211 -6.67 -65.95 23.09
CA GLU B 211 -6.09 -67.22 23.49
C GLU B 211 -5.81 -67.18 24.98
N ALA B 212 -5.39 -68.34 25.52
CA ALA B 212 -5.18 -68.46 26.96
C ALA B 212 -3.81 -69.05 27.24
N VAL B 213 -3.16 -68.52 28.28
CA VAL B 213 -1.87 -69.00 28.77
C VAL B 213 -1.96 -69.13 30.29
N LEU B 214 -1.42 -70.23 30.81
CA LEU B 214 -1.50 -70.51 32.24
C LEU B 214 -0.12 -70.77 32.82
N GLU B 215 0.05 -70.43 34.10
CA GLU B 215 1.28 -70.67 34.83
C GLU B 215 0.97 -71.40 36.12
N ASP B 216 1.66 -72.52 36.34
CA ASP B 216 1.44 -73.43 37.46
C ASP B 216 -0.04 -73.77 37.62
N PRO B 217 -0.69 -74.37 36.62
CA PRO B 217 -2.11 -74.66 36.73
C PRO B 217 -2.37 -76.08 37.22
N PHE B 218 -3.61 -76.32 37.61
CA PHE B 218 -4.09 -77.66 37.94
C PHE B 218 -5.06 -78.14 36.87
N ILE B 219 -4.89 -79.39 36.45
CA ILE B 219 -5.56 -79.92 35.27
C ILE B 219 -6.65 -80.89 35.71
N LEU B 220 -7.88 -80.64 35.27
CA LEU B 220 -8.97 -81.61 35.38
C LEU B 220 -9.16 -82.32 34.05
N ILE B 221 -9.20 -83.65 34.10
CA ILE B 221 -9.32 -84.46 32.89
C ILE B 221 -10.52 -85.39 33.05
N TYR B 222 -11.36 -85.45 32.03
CA TYR B 222 -12.55 -86.28 32.03
C TYR B 222 -12.59 -87.12 30.76
N GLU B 223 -13.05 -88.37 30.90
CA GLU B 223 -13.21 -89.24 29.75
C GLU B 223 -14.53 -89.02 29.03
N LYS B 224 -15.41 -88.18 29.56
CA LYS B 224 -16.70 -87.90 28.94
C LYS B 224 -17.04 -86.42 29.04
N LYS B 225 -18.29 -86.07 28.79
CA LYS B 225 -18.69 -84.67 28.77
C LYS B 225 -18.66 -84.07 30.17
N ILE B 226 -18.66 -82.73 30.22
CA ILE B 226 -18.61 -82.01 31.49
C ILE B 226 -19.91 -82.25 32.25
N SER B 227 -19.78 -82.46 33.56
CA SER B 227 -20.93 -82.71 34.42
C SER B 227 -21.54 -81.36 34.85
N ASN B 228 -22.43 -81.39 35.83
CA ASN B 228 -23.10 -80.17 36.26
C ASN B 228 -22.12 -79.24 36.98
N VAL B 229 -22.50 -77.97 37.09
CA VAL B 229 -21.64 -76.97 37.72
C VAL B 229 -21.49 -77.25 39.21
N LYS B 230 -22.56 -77.72 39.85
CA LYS B 230 -22.49 -78.02 41.28
C LYS B 230 -21.47 -79.10 41.61
N ASP B 231 -21.18 -79.98 40.66
CA ASP B 231 -20.13 -80.99 40.88
C ASP B 231 -18.74 -80.38 40.82
N LEU B 232 -18.59 -79.22 40.17
CA LEU B 232 -17.30 -78.58 40.04
C LEU B 232 -17.07 -77.48 41.08
N LEU B 233 -18.14 -76.95 41.66
CA LEU B 233 -18.01 -75.89 42.65
C LEU B 233 -17.12 -76.25 43.83
N PRO B 234 -17.17 -77.45 44.42
CA PRO B 234 -16.17 -77.80 45.44
C PRO B 234 -14.75 -77.72 44.93
N VAL B 235 -14.52 -77.96 43.64
CA VAL B 235 -13.21 -77.76 43.04
C VAL B 235 -13.03 -76.31 42.58
N LEU B 236 -14.08 -75.71 42.04
CA LEU B 236 -14.00 -74.32 41.59
C LEU B 236 -13.73 -73.38 42.75
N GLU B 237 -14.37 -73.60 43.90
CA GLU B 237 -14.24 -72.67 45.01
C GLU B 237 -12.96 -72.93 45.81
N ASN B 238 -12.72 -74.20 46.17
CA ASN B 238 -11.61 -74.52 47.05
C ASN B 238 -10.25 -74.23 46.41
N VAL B 239 -10.08 -74.53 45.12
CA VAL B 239 -8.82 -74.24 44.46
C VAL B 239 -8.60 -72.73 44.33
N VAL B 240 -9.66 -71.98 44.06
CA VAL B 240 -9.55 -70.52 44.11
C VAL B 240 -9.22 -70.05 45.51
N ARG B 241 -9.81 -70.68 46.53
CA ARG B 241 -9.38 -70.44 47.90
C ARG B 241 -7.92 -70.80 48.09
N ALA B 242 -7.45 -71.86 47.44
CA ALA B 242 -6.05 -72.25 47.48
C ALA B 242 -5.14 -71.34 46.67
N GLY B 243 -5.71 -70.52 45.79
CA GLY B 243 -4.91 -69.55 45.05
C GLY B 243 -4.22 -70.08 43.81
N LYS B 244 -4.83 -71.02 43.08
CA LYS B 244 -4.25 -71.55 41.87
C LYS B 244 -5.31 -71.65 40.78
N PRO B 245 -4.93 -71.55 39.52
CA PRO B 245 -5.90 -71.64 38.42
C PRO B 245 -6.31 -73.08 38.15
N LEU B 246 -7.23 -73.23 37.20
CA LEU B 246 -7.82 -74.52 36.88
C LEU B 246 -8.08 -74.62 35.39
N LEU B 247 -8.16 -75.85 34.91
CA LEU B 247 -8.61 -76.13 33.55
C LEU B 247 -9.19 -77.54 33.50
N ILE B 248 -10.24 -77.69 32.69
CA ILE B 248 -11.02 -78.92 32.61
C ILE B 248 -10.87 -79.52 31.23
N ILE B 249 -10.51 -80.80 31.16
CA ILE B 249 -10.39 -81.53 29.91
C ILE B 249 -11.59 -82.47 29.80
N ALA B 250 -12.39 -82.29 28.77
CA ALA B 250 -13.58 -83.12 28.56
C ALA B 250 -14.01 -83.02 27.10
N GLU B 251 -14.95 -83.89 26.73
CA GLU B 251 -15.36 -83.98 25.33
C GLU B 251 -16.21 -82.80 24.91
N ASP B 252 -17.18 -82.41 25.73
CA ASP B 252 -18.12 -81.36 25.33
C ASP B 252 -18.70 -80.71 26.58
N VAL B 253 -19.25 -79.51 26.38
CA VAL B 253 -19.94 -78.78 27.44
C VAL B 253 -21.15 -78.09 26.83
N GLU B 254 -22.25 -78.07 27.57
CA GLU B 254 -23.48 -77.43 27.10
C GLU B 254 -23.35 -75.92 27.19
N ALA B 255 -23.72 -75.21 26.11
CA ALA B 255 -23.52 -73.78 26.04
C ALA B 255 -24.70 -72.98 26.56
N GLU B 256 -25.84 -73.63 26.86
CA GLU B 256 -27.00 -72.88 27.34
C GLU B 256 -26.77 -72.27 28.71
N ALA B 257 -26.34 -73.06 29.69
CA ALA B 257 -26.10 -72.53 31.03
C ALA B 257 -24.72 -72.92 31.55
N LEU B 258 -24.26 -74.13 31.23
CA LEU B 258 -23.02 -74.62 31.80
C LEU B 258 -21.82 -73.78 31.36
N ALA B 259 -21.76 -73.45 30.06
CA ALA B 259 -20.64 -72.67 29.56
C ALA B 259 -20.63 -71.27 30.15
N THR B 260 -21.80 -70.63 30.20
CA THR B 260 -21.88 -69.26 30.68
C THR B 260 -21.67 -69.15 32.18
N LEU B 261 -22.32 -70.02 32.96
CA LEU B 261 -22.26 -69.91 34.41
C LEU B 261 -20.85 -70.17 34.93
N VAL B 262 -20.14 -71.13 34.32
CA VAL B 262 -18.81 -71.49 34.79
C VAL B 262 -17.87 -70.30 34.71
N VAL B 263 -17.90 -69.55 33.60
CA VAL B 263 -16.99 -68.42 33.46
C VAL B 263 -17.53 -67.19 34.17
N ASN B 264 -18.85 -67.01 34.20
CA ASN B 264 -19.43 -65.81 34.81
C ASN B 264 -19.14 -65.73 36.29
N HIS B 265 -19.20 -66.85 37.01
CA HIS B 265 -18.91 -66.86 38.43
C HIS B 265 -17.45 -66.55 38.74
N ILE B 266 -16.56 -66.65 37.75
CA ILE B 266 -15.13 -66.51 37.98
C ILE B 266 -14.59 -65.35 37.16
N LYS B 267 -15.47 -64.61 36.48
CA LYS B 267 -15.03 -63.54 35.60
C LYS B 267 -14.30 -62.43 36.34
N GLY B 268 -14.71 -62.14 37.58
CA GLY B 268 -14.10 -61.08 38.35
C GLY B 268 -12.79 -61.42 39.00
N VAL B 269 -12.30 -62.64 38.83
CA VAL B 269 -11.07 -63.10 39.46
C VAL B 269 -10.26 -63.85 38.40
N ILE B 270 -9.17 -64.51 38.83
CA ILE B 270 -8.16 -65.10 37.95
C ILE B 270 -8.74 -65.86 36.75
N ARG B 271 -9.96 -66.41 36.88
CA ARG B 271 -10.63 -67.17 35.83
C ARG B 271 -9.95 -68.52 35.57
N ALA B 272 -10.61 -69.37 34.80
CA ALA B 272 -10.10 -70.70 34.49
C ALA B 272 -10.34 -70.99 33.00
N CYS B 273 -9.86 -72.15 32.56
CA CYS B 273 -9.96 -72.55 31.17
C CYS B 273 -10.61 -73.92 31.04
N ALA B 274 -10.84 -74.34 29.80
CA ALA B 274 -11.38 -75.65 29.48
C ALA B 274 -11.07 -75.96 28.02
N VAL B 275 -10.65 -77.19 27.74
CA VAL B 275 -10.16 -77.57 26.42
C VAL B 275 -10.84 -78.85 25.96
N LYS B 276 -10.70 -79.13 24.67
CA LYS B 276 -11.31 -80.30 24.05
C LYS B 276 -10.33 -81.47 24.01
N ALA B 277 -10.79 -82.58 23.41
CA ALA B 277 -9.99 -83.78 23.24
C ALA B 277 -9.39 -83.83 21.82
N PRO B 278 -8.23 -84.46 21.67
CA PRO B 278 -7.60 -84.53 20.35
C PRO B 278 -8.09 -85.72 19.53
N GLY B 279 -8.13 -85.51 18.22
CA GLY B 279 -8.47 -86.57 17.30
C GLY B 279 -9.88 -87.09 17.50
N PHE B 280 -10.06 -88.40 17.25
CA PHE B 280 -11.36 -89.03 17.36
C PHE B 280 -11.17 -90.46 17.87
N GLY B 281 -12.27 -91.05 18.32
CA GLY B 281 -12.27 -92.45 18.72
C GLY B 281 -11.96 -92.66 20.19
N GLN B 282 -12.05 -93.92 20.60
CA GLN B 282 -11.76 -94.29 21.97
C GLN B 282 -10.29 -94.12 22.32
N ARG B 283 -9.41 -94.06 21.33
CA ARG B 283 -7.98 -93.86 21.59
C ARG B 283 -7.68 -92.46 22.09
N ARG B 284 -8.69 -91.60 22.21
CA ARG B 284 -8.52 -90.33 22.92
C ARG B 284 -8.03 -90.62 24.32
N LYS B 285 -8.57 -91.68 24.93
CA LYS B 285 -8.15 -92.09 26.26
C LYS B 285 -6.66 -92.40 26.31
N ASP B 286 -6.09 -92.91 25.21
CA ASP B 286 -4.66 -93.15 25.17
C ASP B 286 -3.89 -91.85 25.38
N TYR B 287 -4.33 -90.76 24.75
CA TYR B 287 -3.77 -89.46 25.04
C TYR B 287 -4.25 -88.95 26.40
N LEU B 288 -5.56 -89.09 26.68
CA LEU B 288 -6.13 -88.51 27.89
C LEU B 288 -5.58 -89.18 29.15
N GLN B 289 -5.62 -90.52 29.20
CA GLN B 289 -5.17 -91.22 30.39
C GLN B 289 -3.67 -91.05 30.60
N ASP B 290 -2.89 -91.03 29.52
CA ASP B 290 -1.46 -90.77 29.64
C ASP B 290 -1.22 -89.37 30.21
N ILE B 291 -1.84 -88.36 29.62
CA ILE B 291 -1.68 -87.00 30.11
C ILE B 291 -2.14 -86.92 31.57
N ALA B 292 -3.16 -87.68 31.93
CA ALA B 292 -3.59 -87.75 33.33
C ALA B 292 -2.49 -88.31 34.21
N ILE B 293 -1.81 -89.37 33.75
CA ILE B 293 -0.79 -90.00 34.58
C ILE B 293 0.57 -89.35 34.39
N LEU B 294 0.81 -88.73 33.22
CA LEU B 294 2.06 -88.01 33.01
C LEU B 294 2.09 -86.69 33.76
N THR B 295 0.92 -86.10 34.04
CA THR B 295 0.83 -84.88 34.82
C THR B 295 0.44 -85.13 36.27
N GLY B 296 0.38 -86.39 36.70
CA GLY B 296 0.05 -86.70 38.08
C GLY B 296 -1.40 -86.53 38.46
N GLY B 297 -2.31 -86.66 37.50
CA GLY B 297 -3.73 -86.54 37.78
C GLY B 297 -4.52 -87.79 37.45
N THR B 298 -5.85 -87.66 37.40
CA THR B 298 -6.72 -88.78 37.11
C THR B 298 -7.79 -88.33 36.12
N ALA B 299 -8.33 -89.31 35.39
CA ALA B 299 -9.49 -89.09 34.53
C ALA B 299 -10.75 -89.49 35.29
N ILE B 300 -11.68 -88.55 35.40
CA ILE B 300 -12.81 -88.68 36.31
C ILE B 300 -14.07 -89.02 35.52
N THR B 301 -14.75 -90.08 35.94
CA THR B 301 -16.09 -90.38 35.46
C THR B 301 -16.78 -91.26 36.49
N GLU B 302 -18.11 -91.16 36.55
CA GLU B 302 -18.85 -91.90 37.56
C GLU B 302 -18.82 -93.40 37.35
N GLU B 303 -18.45 -93.86 36.15
CA GLU B 303 -18.33 -95.29 35.91
C GLU B 303 -17.07 -95.88 36.53
N LEU B 304 -16.09 -95.05 36.90
CA LEU B 304 -14.89 -95.51 37.57
C LEU B 304 -14.99 -95.42 39.09
N GLY B 305 -16.14 -95.02 39.63
CA GLY B 305 -16.32 -94.93 41.06
C GLY B 305 -15.91 -93.61 41.69
N ILE B 306 -15.42 -92.65 40.90
CA ILE B 306 -15.05 -91.35 41.42
C ILE B 306 -16.29 -90.47 41.51
N LYS B 307 -16.95 -90.50 42.67
CA LYS B 307 -18.18 -89.73 42.85
C LYS B 307 -17.88 -88.24 42.83
N LEU B 308 -18.76 -87.49 42.15
CA LEU B 308 -18.59 -86.04 42.06
C LEU B 308 -18.94 -85.34 43.36
N GLU B 309 -19.66 -86.01 44.26
CA GLU B 309 -20.03 -85.40 45.54
C GLU B 309 -18.87 -85.38 46.52
N SER B 310 -17.82 -86.16 46.28
CA SER B 310 -16.69 -86.24 47.19
C SER B 310 -15.40 -85.89 46.44
N VAL B 311 -15.43 -84.85 45.62
CA VAL B 311 -14.25 -84.43 44.89
C VAL B 311 -13.24 -83.79 45.86
N THR B 312 -11.98 -84.18 45.72
CA THR B 312 -10.90 -83.65 46.54
C THR B 312 -9.81 -83.10 45.63
N LEU B 313 -9.23 -81.97 46.03
CA LEU B 313 -8.32 -81.21 45.17
C LEU B 313 -7.08 -82.00 44.78
N ASP B 314 -6.94 -83.25 45.22
CA ASP B 314 -5.73 -84.02 44.99
C ASP B 314 -5.81 -84.96 43.78
N MET B 315 -6.94 -85.03 43.09
CA MET B 315 -6.96 -85.83 41.87
C MET B 315 -6.52 -85.01 40.66
N LEU B 316 -6.27 -83.71 40.86
CA LEU B 316 -5.97 -82.82 39.76
C LEU B 316 -4.64 -83.17 39.09
N GLY B 317 -4.60 -83.02 37.77
CA GLY B 317 -3.33 -83.06 37.07
C GLY B 317 -2.56 -81.78 37.28
N ARG B 318 -1.24 -81.90 37.34
CA ARG B 318 -0.39 -80.77 37.67
C ARG B 318 0.76 -80.67 36.68
N ALA B 319 1.00 -79.45 36.20
CA ALA B 319 2.04 -79.20 35.21
C ALA B 319 2.63 -77.82 35.45
N ASP B 320 3.68 -77.50 34.69
CA ASP B 320 4.37 -76.22 34.85
C ASP B 320 3.61 -75.09 34.19
N LYS B 321 3.38 -75.18 32.87
CA LYS B 321 2.67 -74.14 32.16
C LYS B 321 1.73 -74.75 31.13
N VAL B 322 0.65 -74.04 30.85
CA VAL B 322 -0.33 -74.44 29.84
C VAL B 322 -0.63 -73.23 28.96
N ILE B 323 -0.59 -73.45 27.65
CA ILE B 323 -0.95 -72.43 26.66
C ILE B 323 -2.01 -73.01 25.75
N VAL B 324 -3.09 -72.25 25.54
CA VAL B 324 -4.23 -72.69 24.76
C VAL B 324 -4.36 -71.73 23.57
N ASP B 325 -4.34 -72.28 22.36
CA ASP B 325 -4.55 -71.49 21.16
C ASP B 325 -5.99 -71.64 20.68
N LYS B 326 -6.30 -70.96 19.57
CA LYS B 326 -7.63 -71.08 18.98
C LYS B 326 -7.91 -72.51 18.54
N ASP B 327 -6.92 -73.18 17.93
CA ASP B 327 -7.08 -74.54 17.46
C ASP B 327 -6.07 -75.52 18.06
N ASN B 328 -5.19 -75.06 18.96
CA ASN B 328 -4.14 -75.90 19.51
C ASN B 328 -4.05 -75.70 21.01
N THR B 329 -3.56 -76.73 21.71
CA THR B 329 -3.31 -76.66 23.14
C THR B 329 -1.96 -77.30 23.43
N THR B 330 -1.13 -76.61 24.21
CA THR B 330 0.14 -77.16 24.65
C THR B 330 0.27 -76.99 26.16
N ILE B 331 0.75 -78.04 26.82
CA ILE B 331 0.95 -78.09 28.26
C ILE B 331 2.42 -78.40 28.52
N VAL B 332 3.07 -77.59 29.35
CA VAL B 332 4.50 -77.70 29.62
C VAL B 332 4.69 -78.18 31.05
N GLY B 333 5.59 -79.16 31.23
CA GLY B 333 6.02 -79.60 32.54
C GLY B 333 5.06 -80.54 33.24
N GLY B 334 5.40 -80.85 34.48
CA GLY B 334 4.61 -81.73 35.32
C GLY B 334 5.17 -81.80 36.73
N LYS B 335 4.31 -81.69 37.74
CA LYS B 335 4.77 -81.64 39.11
C LYS B 335 5.02 -83.02 39.72
N GLY B 336 4.70 -84.09 38.99
CA GLY B 336 4.98 -85.42 39.49
C GLY B 336 6.43 -85.82 39.32
N SER B 337 6.74 -87.01 39.82
CA SER B 337 8.10 -87.52 39.72
C SER B 337 8.41 -87.92 38.29
N LYS B 338 9.53 -87.42 37.76
CA LYS B 338 9.87 -87.66 36.36
C LYS B 338 10.17 -89.13 36.09
N GLU B 339 10.74 -89.84 37.07
CA GLU B 339 11.03 -91.26 36.87
C GLU B 339 9.76 -92.06 36.66
N ALA B 340 8.74 -91.82 37.49
CA ALA B 340 7.45 -92.47 37.28
C ALA B 340 6.77 -91.98 36.01
N ILE B 341 6.92 -90.69 35.71
CA ILE B 341 6.38 -90.14 34.47
C ILE B 341 7.05 -90.83 33.27
N GLN B 342 8.37 -90.96 33.30
CA GLN B 342 9.08 -91.69 32.25
C GLN B 342 8.77 -93.17 32.32
N ALA B 343 8.48 -93.70 33.51
CA ALA B 343 7.99 -95.08 33.60
C ALA B 343 6.63 -95.22 32.94
N ARG B 344 5.76 -94.23 33.14
CA ARG B 344 4.46 -94.23 32.47
C ARG B 344 4.60 -93.93 30.99
N ILE B 345 5.72 -93.33 30.57
CA ILE B 345 6.03 -93.18 29.15
C ILE B 345 6.23 -94.53 28.49
N GLU B 346 6.74 -95.51 29.23
CA GLU B 346 6.96 -96.85 28.67
C GLU B 346 5.68 -97.45 28.12
N GLN B 347 4.52 -97.05 28.66
CA GLN B 347 3.26 -97.45 28.06
C GLN B 347 3.13 -96.93 26.64
N ILE B 348 3.51 -95.66 26.42
CA ILE B 348 3.52 -95.11 25.07
C ILE B 348 4.57 -95.80 24.22
N LYS B 349 5.72 -96.15 24.82
CA LYS B 349 6.73 -96.92 24.10
C LYS B 349 6.18 -98.28 23.68
N ARG B 350 5.45 -98.94 24.57
CA ARG B 350 4.82 -100.22 24.22
C ARG B 350 3.62 -100.01 23.30
N GLN B 351 2.96 -98.85 23.40
CA GLN B 351 1.86 -98.54 22.50
C GLN B 351 2.33 -98.40 21.06
N ILE B 352 3.64 -98.19 20.85
CA ILE B 352 4.18 -98.16 19.50
C ILE B 352 3.97 -99.50 18.81
N LEU B 353 4.21 -100.60 19.52
CA LEU B 353 4.09 -101.94 18.95
C LEU B 353 2.74 -102.57 19.21
N GLU B 354 1.98 -102.08 20.18
CA GLU B 354 0.75 -102.75 20.58
C GLU B 354 -0.51 -102.12 19.99
N THR B 355 -0.49 -100.82 19.71
CA THR B 355 -1.67 -100.16 19.15
C THR B 355 -1.92 -100.63 17.71
N THR B 356 -3.20 -100.63 17.33
CA THR B 356 -3.62 -101.14 16.03
C THR B 356 -4.35 -100.10 15.19
N SER B 357 -4.23 -98.81 15.52
CA SER B 357 -4.89 -97.75 14.78
C SER B 357 -3.83 -96.86 14.14
N ASP B 358 -3.97 -96.63 12.83
CA ASP B 358 -3.00 -95.80 12.12
C ASP B 358 -3.14 -94.34 12.52
N TYR B 359 -4.37 -93.89 12.80
CA TYR B 359 -4.59 -92.49 13.18
C TYR B 359 -3.83 -92.12 14.44
N ASP B 360 -3.56 -93.08 15.32
CA ASP B 360 -2.75 -92.83 16.50
C ASP B 360 -1.27 -93.08 16.27
N ARG B 361 -0.92 -94.08 15.46
CA ARG B 361 0.48 -94.29 15.09
C ARG B 361 1.05 -93.06 14.37
N GLU B 362 0.20 -92.33 13.65
CA GLU B 362 0.64 -91.07 13.06
C GLU B 362 1.03 -90.05 14.12
N LYS B 363 0.27 -89.97 15.21
CA LYS B 363 0.63 -89.11 16.33
C LYS B 363 1.51 -89.80 17.36
N LEU B 364 1.73 -91.11 17.26
CA LEU B 364 2.75 -91.75 18.07
C LEU B 364 4.13 -91.35 17.55
N GLN B 365 5.12 -91.48 18.45
CA GLN B 365 6.50 -91.02 18.25
C GLN B 365 6.54 -89.50 18.28
N GLU B 366 5.37 -88.86 18.35
CA GLU B 366 5.31 -87.45 18.67
C GLU B 366 4.93 -87.24 20.12
N ARG B 367 4.13 -88.16 20.67
CA ARG B 367 3.87 -88.16 22.11
C ARG B 367 5.14 -88.40 22.90
N LEU B 368 6.13 -89.05 22.29
CA LEU B 368 7.41 -89.27 22.96
C LEU B 368 8.33 -88.07 22.77
N ALA B 369 8.41 -87.54 21.55
CA ALA B 369 9.36 -86.48 21.25
C ALA B 369 9.09 -85.23 22.08
N LYS B 370 7.81 -84.87 22.24
CA LYS B 370 7.49 -83.70 23.05
C LYS B 370 7.75 -83.95 24.52
N LEU B 371 7.83 -85.22 24.93
CA LEU B 371 8.12 -85.53 26.33
C LEU B 371 9.59 -85.94 26.51
N SER B 372 10.03 -86.98 25.79
CA SER B 372 11.40 -87.45 25.92
C SER B 372 12.39 -86.38 25.48
N GLY B 373 12.15 -85.75 24.32
CA GLY B 373 12.92 -84.60 23.94
C GLY B 373 12.50 -83.33 24.63
N GLY B 374 11.31 -83.30 25.22
CA GLY B 374 10.82 -82.15 25.95
C GLY B 374 10.37 -81.03 25.06
N VAL B 375 9.30 -80.33 25.44
CA VAL B 375 8.91 -79.15 24.68
C VAL B 375 9.95 -78.05 24.91
N ALA B 376 10.49 -77.53 23.83
CA ALA B 376 11.63 -76.61 23.92
C ALA B 376 11.16 -75.26 24.44
N ILE B 377 11.59 -74.93 25.65
CA ILE B 377 11.30 -73.63 26.26
C ILE B 377 12.60 -72.84 26.26
N ILE B 378 12.63 -71.73 25.55
CA ILE B 378 13.79 -70.84 25.55
C ILE B 378 13.61 -69.83 26.68
N ARG B 379 14.58 -69.78 27.58
CA ARG B 379 14.53 -68.89 28.74
C ARG B 379 15.37 -67.66 28.42
N VAL B 380 14.71 -66.63 27.88
CA VAL B 380 15.41 -65.41 27.48
C VAL B 380 15.85 -64.65 28.72
N GLY B 381 17.10 -64.20 28.71
CA GLY B 381 17.63 -63.43 29.81
C GLY B 381 18.29 -62.13 29.38
N ALA B 382 18.13 -61.08 30.19
CA ALA B 382 18.72 -59.79 29.88
C ALA B 382 18.98 -59.06 31.18
N ALA B 383 19.86 -58.06 31.11
CA ALA B 383 20.23 -57.27 32.27
C ALA B 383 19.29 -56.11 32.54
N THR B 384 18.30 -55.89 31.69
CA THR B 384 17.38 -54.77 31.85
C THR B 384 16.02 -55.19 31.29
N GLU B 385 14.96 -54.66 31.90
CA GLU B 385 13.60 -54.98 31.45
C GLU B 385 13.40 -54.56 30.00
N ALA B 386 13.93 -53.39 29.63
CA ALA B 386 13.81 -52.93 28.24
C ALA B 386 14.48 -53.89 27.27
N GLU B 387 15.68 -54.37 27.60
CA GLU B 387 16.33 -55.38 26.74
C GLU B 387 15.57 -56.69 26.78
N LEU B 388 15.02 -57.04 27.94
CA LEU B 388 14.25 -58.28 28.06
C LEU B 388 13.02 -58.23 27.16
N LYS B 389 12.33 -57.09 27.15
CA LYS B 389 11.16 -56.94 26.27
C LYS B 389 11.56 -57.01 24.80
N GLU B 390 12.66 -56.37 24.44
CA GLU B 390 13.11 -56.38 23.05
C GLU B 390 13.50 -57.78 22.61
N LYS B 391 14.30 -58.48 23.42
CA LYS B 391 14.77 -59.81 23.04
C LYS B 391 13.64 -60.83 23.09
N LYS B 392 12.61 -60.58 23.91
CA LYS B 392 11.54 -61.55 24.05
C LYS B 392 10.77 -61.72 22.74
N ALA B 393 10.31 -60.62 22.15
CA ALA B 393 9.63 -60.71 20.86
C ALA B 393 10.61 -61.01 19.75
N ARG B 394 11.88 -60.68 19.96
CA ARG B 394 12.92 -60.96 18.97
C ARG B 394 13.09 -62.46 18.76
N VAL B 395 13.06 -63.24 19.86
CA VAL B 395 13.26 -64.68 19.75
C VAL B 395 12.06 -65.34 19.08
N GLU B 396 10.84 -64.98 19.49
CA GLU B 396 9.66 -65.64 18.95
C GLU B 396 9.53 -65.41 17.45
N ASP B 397 9.82 -64.19 16.99
CA ASP B 397 9.78 -63.92 15.56
C ASP B 397 10.81 -64.76 14.81
N ALA B 398 12.02 -64.89 15.38
CA ALA B 398 13.02 -65.75 14.78
C ALA B 398 12.58 -67.22 14.81
N VAL B 399 11.97 -67.64 15.91
CA VAL B 399 11.45 -69.01 15.98
C VAL B 399 10.34 -69.22 14.95
N HIS B 400 9.43 -68.25 14.85
CA HIS B 400 8.33 -68.37 13.90
C HIS B 400 8.85 -68.35 12.46
N ALA B 401 9.83 -67.50 12.17
CA ALA B 401 10.40 -67.45 10.83
C ALA B 401 11.12 -68.76 10.50
N THR B 402 11.83 -69.33 11.47
CA THR B 402 12.51 -70.60 11.24
C THR B 402 11.53 -71.72 10.91
N LYS B 403 10.41 -71.76 11.61
CA LYS B 403 9.37 -72.75 11.30
C LYS B 403 8.81 -72.54 9.90
N ALA B 404 8.70 -71.28 9.48
CA ALA B 404 8.22 -70.99 8.13
C ALA B 404 9.20 -71.51 7.08
N ALA B 405 10.50 -71.44 7.36
CA ALA B 405 11.50 -71.94 6.41
C ALA B 405 11.35 -73.43 6.21
N VAL B 406 11.09 -74.17 7.29
CA VAL B 406 10.92 -75.62 7.17
C VAL B 406 9.69 -75.95 6.36
N GLU B 407 8.60 -75.20 6.56
CA GLU B 407 7.34 -75.52 5.89
C GLU B 407 7.41 -75.32 4.39
N GLU B 408 8.14 -74.31 3.93
CA GLU B 408 8.12 -73.98 2.50
C GLU B 408 9.47 -73.90 1.83
N GLY B 409 10.58 -73.82 2.56
CA GLY B 409 11.89 -73.77 1.96
C GLY B 409 12.62 -72.48 2.32
N ILE B 410 13.80 -72.35 1.72
CA ILE B 410 14.64 -71.17 1.91
C ILE B 410 15.05 -70.63 0.55
N VAL B 411 15.40 -69.34 0.53
CA VAL B 411 15.73 -68.65 -0.70
C VAL B 411 16.90 -67.71 -0.39
N PRO B 412 17.76 -67.37 -1.35
CA PRO B 412 18.83 -66.40 -1.05
C PRO B 412 18.25 -65.06 -0.63
N GLY B 413 18.87 -64.47 0.39
CA GLY B 413 18.39 -63.23 0.97
C GLY B 413 18.99 -62.01 0.31
N GLY B 414 18.82 -60.88 0.98
CA GLY B 414 19.33 -59.62 0.45
C GLY B 414 18.58 -59.09 -0.73
N GLY B 415 17.36 -59.56 -0.97
CA GLY B 415 16.59 -59.15 -2.12
C GLY B 415 16.96 -59.84 -3.42
N VAL B 416 17.87 -60.81 -3.38
CA VAL B 416 18.28 -61.50 -4.60
C VAL B 416 17.13 -62.31 -5.17
N ALA B 417 16.30 -62.88 -4.29
CA ALA B 417 15.21 -63.73 -4.75
C ALA B 417 14.23 -62.96 -5.63
N LEU B 418 13.88 -61.74 -5.22
CA LEU B 418 12.97 -60.94 -6.03
C LEU B 418 13.63 -60.47 -7.32
N VAL B 419 14.93 -60.21 -7.30
CA VAL B 419 15.64 -59.83 -8.52
C VAL B 419 15.60 -60.97 -9.52
N ARG B 420 15.89 -62.19 -9.07
CA ARG B 420 15.86 -63.34 -9.97
C ARG B 420 14.46 -63.60 -10.48
N ALA B 421 13.46 -63.50 -9.60
CA ALA B 421 12.08 -63.74 -10.00
C ALA B 421 11.59 -62.68 -10.98
N SER B 422 12.05 -61.45 -10.84
CA SER B 422 11.62 -60.38 -11.74
C SER B 422 12.16 -60.57 -13.16
N GLU B 423 13.18 -61.40 -13.34
CA GLU B 423 13.72 -61.65 -14.67
C GLU B 423 12.73 -62.39 -15.56
N ALA B 424 11.81 -63.16 -14.97
CA ALA B 424 10.80 -63.83 -15.77
C ALA B 424 9.81 -62.84 -16.38
N LEU B 425 9.62 -61.69 -15.74
CA LEU B 425 8.73 -60.67 -16.29
C LEU B 425 9.29 -60.06 -17.57
N ASP B 426 10.60 -60.23 -17.83
CA ASP B 426 11.20 -59.74 -19.06
C ASP B 426 10.63 -60.40 -20.30
N ASN B 427 10.12 -61.63 -20.20
CA ASN B 427 9.53 -62.31 -21.32
C ASN B 427 8.02 -62.51 -21.22
N LEU B 428 7.42 -62.27 -20.05
CA LEU B 428 5.97 -62.30 -19.94
C LEU B 428 5.36 -61.18 -20.77
N LYS B 429 4.37 -61.53 -21.59
CA LYS B 429 3.81 -60.58 -22.54
C LYS B 429 2.29 -60.67 -22.52
N VAL B 430 1.65 -59.52 -22.70
CA VAL B 430 0.20 -59.42 -22.75
C VAL B 430 -0.18 -58.56 -23.94
N ASP B 431 -1.44 -58.70 -24.38
CA ASP B 431 -1.91 -58.01 -25.57
C ASP B 431 -2.38 -56.58 -25.29
N ASN B 432 -2.51 -56.20 -24.03
CA ASN B 432 -3.01 -54.89 -23.65
C ASN B 432 -1.84 -54.01 -23.22
N ALA B 433 -1.78 -52.79 -23.75
CA ALA B 433 -0.69 -51.89 -23.42
C ALA B 433 -0.69 -51.49 -21.95
N ASP B 434 -1.86 -51.18 -21.39
CA ASP B 434 -1.94 -50.81 -19.98
C ASP B 434 -1.57 -51.97 -19.05
N GLN B 435 -1.99 -53.19 -19.39
CA GLN B 435 -1.59 -54.35 -18.60
C GLN B 435 -0.08 -54.57 -18.66
N GLN B 436 0.54 -54.21 -19.78
CA GLN B 436 2.01 -54.27 -19.85
C GLN B 436 2.63 -53.27 -18.87
N LEU B 437 2.01 -52.11 -18.70
CA LEU B 437 2.49 -51.15 -17.70
C LEU B 437 2.43 -51.75 -16.30
N GLY B 438 1.35 -52.46 -15.99
CA GLY B 438 1.26 -53.11 -14.69
C GLY B 438 2.33 -54.14 -14.46
N ILE B 439 2.72 -54.87 -15.52
CA ILE B 439 3.80 -55.84 -15.40
C ILE B 439 5.12 -55.15 -15.12
N ASP B 440 5.38 -54.03 -15.81
CA ASP B 440 6.63 -53.32 -15.61
C ASP B 440 6.69 -52.65 -14.25
N ILE B 441 5.53 -52.34 -13.65
CA ILE B 441 5.50 -51.79 -12.31
C ILE B 441 6.03 -52.80 -11.31
N ILE B 442 5.60 -54.05 -11.43
CA ILE B 442 6.03 -55.09 -10.50
C ILE B 442 7.51 -55.39 -10.68
N LYS B 443 7.99 -55.38 -11.92
CA LYS B 443 9.41 -55.64 -12.16
C LYS B 443 10.27 -54.57 -11.50
N LYS B 444 9.87 -53.32 -11.60
CA LYS B 444 10.60 -52.25 -10.92
C LYS B 444 10.50 -52.40 -9.40
N ALA B 445 9.32 -52.81 -8.90
CA ALA B 445 9.14 -52.95 -7.46
C ALA B 445 9.99 -54.07 -6.89
N CYS B 446 10.09 -55.19 -7.62
CA CYS B 446 10.84 -56.33 -7.10
C CYS B 446 12.32 -56.00 -6.93
N ARG B 447 12.82 -55.04 -7.70
CA ARG B 447 14.23 -54.69 -7.64
C ARG B 447 14.51 -53.51 -6.70
N THR B 448 13.51 -53.05 -5.96
CA THR B 448 13.69 -51.95 -5.02
C THR B 448 14.32 -52.39 -3.70
N PRO B 449 13.86 -53.49 -3.07
CA PRO B 449 14.45 -53.85 -1.77
C PRO B 449 15.96 -54.06 -1.81
N ILE B 450 16.50 -54.62 -2.89
CA ILE B 450 17.94 -54.81 -2.97
C ILE B 450 18.65 -53.47 -3.08
N ARG B 451 18.06 -52.52 -3.79
CA ARG B 451 18.66 -51.19 -3.90
C ARG B 451 18.65 -50.46 -2.57
N GLN B 452 17.56 -50.59 -1.81
CA GLN B 452 17.48 -49.94 -0.51
C GLN B 452 18.50 -50.51 0.46
N ILE B 453 18.71 -51.83 0.44
CA ILE B 453 19.70 -52.45 1.31
C ILE B 453 21.09 -51.95 0.98
N ALA B 454 21.42 -51.86 -0.31
CA ALA B 454 22.72 -51.35 -0.73
C ALA B 454 22.87 -49.89 -0.35
N ALA B 455 21.81 -49.10 -0.52
CA ALA B 455 21.89 -47.67 -0.20
C ALA B 455 22.11 -47.45 1.29
N ASN B 456 21.44 -48.24 2.13
CA ASN B 456 21.59 -48.08 3.58
C ASN B 456 23.01 -48.38 4.02
N SER B 457 23.69 -49.28 3.32
CA SER B 457 25.05 -49.65 3.67
C SER B 457 26.10 -48.66 3.17
N GLY B 458 25.73 -47.76 2.27
CA GLY B 458 26.65 -46.79 1.75
C GLY B 458 27.10 -47.01 0.32
N PHE B 459 26.37 -47.81 -0.46
CA PHE B 459 26.72 -48.08 -1.84
C PHE B 459 25.60 -47.58 -2.75
N GLU B 460 25.94 -47.33 -4.01
CA GLU B 460 24.95 -46.92 -4.99
C GLU B 460 24.05 -48.10 -5.33
N GLY B 461 22.73 -47.89 -5.22
CA GLY B 461 21.81 -48.99 -5.42
C GLY B 461 21.79 -49.52 -6.84
N TYR B 462 21.82 -48.62 -7.82
CA TYR B 462 21.72 -49.06 -9.21
C TYR B 462 22.99 -49.74 -9.68
N VAL B 463 24.15 -49.34 -9.15
CA VAL B 463 25.39 -50.03 -9.48
C VAL B 463 25.37 -51.45 -8.92
N VAL B 464 24.90 -51.61 -7.70
CA VAL B 464 24.83 -52.93 -7.08
C VAL B 464 23.84 -53.80 -7.84
N LEU B 465 22.68 -53.24 -8.21
CA LEU B 465 21.67 -54.00 -8.91
C LEU B 465 22.18 -54.51 -10.26
N GLU B 466 22.90 -53.66 -10.99
CA GLU B 466 23.42 -54.06 -12.29
C GLU B 466 24.40 -55.22 -12.17
N LYS B 467 25.29 -55.16 -11.19
CA LYS B 467 26.28 -56.23 -11.01
C LYS B 467 25.62 -57.51 -10.53
N VAL B 468 24.58 -57.40 -9.71
CA VAL B 468 23.86 -58.60 -9.29
C VAL B 468 23.16 -59.25 -10.47
N LEU B 469 22.61 -58.46 -11.39
CA LEU B 469 22.03 -59.02 -12.60
C LEU B 469 23.08 -59.71 -13.47
N GLN B 470 24.26 -59.11 -13.59
CA GLN B 470 25.33 -59.73 -14.38
C GLN B 470 25.80 -61.03 -13.75
N LEU B 471 25.94 -61.06 -12.43
CA LEU B 471 26.38 -62.27 -11.75
C LEU B 471 25.36 -63.40 -11.84
N GLY B 472 24.10 -63.08 -12.17
CA GLY B 472 23.11 -64.11 -12.37
C GLY B 472 23.42 -65.04 -13.52
N LYS B 473 24.11 -64.54 -14.54
CA LYS B 473 24.53 -65.34 -15.69
C LYS B 473 25.98 -65.79 -15.60
N GLU B 474 26.86 -64.93 -15.08
CA GLU B 474 28.28 -65.28 -15.02
C GLU B 474 28.55 -66.36 -13.98
N LYS B 475 27.96 -66.24 -12.79
CA LYS B 475 28.25 -67.13 -11.69
C LYS B 475 27.08 -68.06 -11.37
N GLY B 476 25.90 -67.53 -11.11
CA GLY B 476 24.76 -68.35 -10.78
C GLY B 476 23.62 -67.52 -10.26
N LYS B 477 22.48 -68.19 -10.05
CA LYS B 477 21.29 -67.50 -9.59
C LYS B 477 21.43 -67.01 -8.16
N ASN B 478 22.18 -67.74 -7.33
CA ASN B 478 22.26 -67.42 -5.91
C ASN B 478 23.28 -66.33 -5.60
N TRP B 479 23.99 -65.81 -6.59
CA TRP B 479 24.98 -64.77 -6.34
C TRP B 479 24.30 -63.42 -6.17
N GLY B 480 24.74 -62.68 -5.14
CA GLY B 480 24.18 -61.38 -4.84
C GLY B 480 25.18 -60.47 -4.16
N PHE B 481 24.68 -59.52 -3.37
CA PHE B 481 25.51 -58.54 -2.69
C PHE B 481 25.43 -58.75 -1.19
N ASP B 482 26.58 -58.85 -0.54
CA ASP B 482 26.65 -58.99 0.92
C ASP B 482 26.85 -57.61 1.51
N ALA B 483 25.74 -57.02 1.98
CA ALA B 483 25.79 -55.67 2.53
C ALA B 483 26.54 -55.61 3.86
N GLY B 484 26.70 -56.73 4.54
CA GLY B 484 27.41 -56.74 5.80
C GLY B 484 28.88 -56.38 5.66
N VAL B 485 29.53 -56.86 4.60
CA VAL B 485 30.93 -56.58 4.36
C VAL B 485 31.18 -55.78 3.10
N GLY B 486 30.28 -55.79 2.11
CA GLY B 486 30.44 -54.94 0.95
C GLY B 486 31.05 -55.58 -0.27
N ASP B 487 30.84 -56.88 -0.48
CA ASP B 487 31.34 -57.54 -1.68
C ASP B 487 30.30 -58.55 -2.17
N TYR B 488 30.45 -58.95 -3.42
CA TYR B 488 29.53 -59.86 -4.06
C TYR B 488 29.98 -61.30 -3.84
N LYS B 489 29.04 -62.15 -3.45
CA LYS B 489 29.36 -63.55 -3.16
C LYS B 489 28.09 -64.38 -3.32
N ASP B 490 28.25 -65.69 -3.20
CA ASP B 490 27.11 -66.59 -3.23
C ASP B 490 26.35 -66.47 -1.91
N MET B 491 25.09 -66.03 -1.99
CA MET B 491 24.33 -65.74 -0.78
C MET B 491 23.97 -67.01 -0.02
N VAL B 492 23.63 -68.09 -0.74
CA VAL B 492 23.26 -69.32 -0.07
C VAL B 492 24.45 -69.92 0.69
N GLU B 493 25.63 -69.92 0.06
CA GLU B 493 26.81 -70.45 0.73
C GLU B 493 27.18 -69.60 1.94
N ALA B 494 27.06 -68.27 1.81
CA ALA B 494 27.40 -67.39 2.93
C ALA B 494 26.40 -67.49 4.07
N GLY B 495 25.27 -68.16 3.87
CA GLY B 495 24.27 -68.25 4.90
C GLY B 495 23.30 -67.09 4.95
N ILE B 496 23.37 -66.18 3.98
CA ILE B 496 22.45 -65.04 3.93
C ILE B 496 21.25 -65.53 3.12
N ILE B 497 20.32 -66.17 3.81
CA ILE B 497 19.14 -66.76 3.20
C ILE B 497 17.91 -66.32 3.97
N ASP B 498 16.75 -66.35 3.29
CA ASP B 498 15.49 -65.97 3.88
C ASP B 498 14.47 -67.09 3.70
N PRO B 499 13.51 -67.24 4.60
CA PRO B 499 12.41 -68.18 4.35
C PRO B 499 11.66 -67.79 3.09
N THR B 500 11.30 -68.78 2.29
CA THR B 500 10.66 -68.48 1.02
C THR B 500 9.22 -68.04 1.21
N LYS B 501 8.63 -68.32 2.36
CA LYS B 501 7.30 -67.78 2.66
C LYS B 501 7.36 -66.27 2.88
N VAL B 502 8.45 -65.79 3.49
CA VAL B 502 8.59 -64.35 3.75
C VAL B 502 8.57 -63.58 2.44
N VAL B 503 9.35 -64.03 1.46
CA VAL B 503 9.40 -63.34 0.17
C VAL B 503 8.06 -63.47 -0.55
N ARG B 504 7.46 -64.65 -0.48
CA ARG B 504 6.19 -64.88 -1.17
C ARG B 504 5.07 -64.03 -0.59
N VAL B 505 4.94 -64.02 0.74
CA VAL B 505 3.84 -63.30 1.37
C VAL B 505 4.02 -61.79 1.22
N ALA B 506 5.27 -61.31 1.35
CA ALA B 506 5.51 -59.88 1.32
C ALA B 506 5.08 -59.26 -0.01
N ILE B 507 5.46 -59.89 -1.12
CA ILE B 507 5.10 -59.35 -2.43
C ILE B 507 3.60 -59.49 -2.67
N GLN B 508 3.00 -60.59 -2.22
CA GLN B 508 1.56 -60.76 -2.39
C GLN B 508 0.79 -59.75 -1.56
N ASN B 509 1.20 -59.54 -0.30
CA ASN B 509 0.51 -58.60 0.56
C ASN B 509 0.68 -57.17 0.06
N ALA B 510 1.89 -56.81 -0.35
CA ALA B 510 2.15 -55.44 -0.79
C ALA B 510 1.34 -55.11 -2.04
N ALA B 511 1.24 -56.04 -2.98
CA ALA B 511 0.48 -55.79 -4.20
C ALA B 511 -1.01 -55.68 -3.92
N SER B 512 -1.51 -56.37 -2.89
CA SER B 512 -2.93 -56.30 -2.58
C SER B 512 -3.32 -54.93 -2.04
N VAL B 513 -2.56 -54.40 -1.07
CA VAL B 513 -2.88 -53.10 -0.51
C VAL B 513 -2.63 -51.99 -1.52
N ALA B 514 -1.57 -52.12 -2.32
CA ALA B 514 -1.29 -51.10 -3.34
C ALA B 514 -2.40 -51.05 -4.38
N GLY B 515 -2.87 -52.22 -4.83
CA GLY B 515 -3.97 -52.26 -5.77
C GLY B 515 -5.25 -51.71 -5.20
N THR B 516 -5.50 -51.94 -3.91
CA THR B 516 -6.68 -51.38 -3.26
C THR B 516 -6.65 -49.86 -3.27
N MET B 517 -5.49 -49.28 -2.94
CA MET B 517 -5.39 -47.83 -2.86
C MET B 517 -5.32 -47.18 -4.24
N LEU B 518 -4.95 -47.95 -5.27
CA LEU B 518 -4.88 -47.38 -6.61
C LEU B 518 -6.26 -47.12 -7.18
N THR B 519 -7.27 -47.86 -6.71
CA THR B 519 -8.65 -47.68 -7.19
C THR B 519 -9.56 -47.10 -6.12
N ALA B 520 -9.02 -46.59 -5.03
CA ALA B 520 -9.84 -45.92 -4.03
C ALA B 520 -10.38 -44.62 -4.60
N GLU B 521 -11.69 -44.42 -4.49
CA GLU B 521 -12.33 -43.25 -5.08
C GLU B 521 -12.85 -42.26 -4.05
N ALA B 522 -12.97 -42.65 -2.78
CA ALA B 522 -13.50 -41.76 -1.76
C ALA B 522 -12.90 -42.10 -0.41
N LEU B 523 -12.67 -41.06 0.39
CA LEU B 523 -12.23 -41.21 1.77
C LEU B 523 -13.24 -40.50 2.68
N VAL B 524 -13.76 -41.22 3.65
CA VAL B 524 -14.76 -40.70 4.57
C VAL B 524 -14.18 -40.69 5.97
N ALA B 525 -14.08 -39.50 6.56
CA ALA B 525 -13.54 -39.34 7.89
C ALA B 525 -14.24 -38.19 8.60
N GLU B 526 -14.26 -38.27 9.93
CA GLU B 526 -14.92 -37.24 10.71
C GLU B 526 -14.11 -35.95 10.70
N ILE B 527 -14.81 -34.84 10.86
CA ILE B 527 -14.14 -33.53 10.96
C ILE B 527 -13.52 -33.41 12.36
N PRO B 528 -12.23 -33.12 12.47
CA PRO B 528 -11.60 -33.06 13.79
C PRO B 528 -12.21 -31.96 14.65
N GLU B 529 -12.25 -32.23 15.95
CA GLU B 529 -12.86 -31.33 16.94
C GLU B 529 -14.31 -31.04 16.59
N ARG C 1 10.93 36.57 -99.84
CA ARG C 1 9.88 36.54 -98.83
C ARG C 1 10.26 37.37 -97.60
N LEU C 2 11.18 36.84 -96.80
CA LEU C 2 11.62 37.49 -95.57
C LEU C 2 12.89 38.28 -95.88
N ARG C 3 12.84 39.59 -95.67
CA ARG C 3 13.94 40.49 -96.01
C ARG C 3 14.64 40.99 -94.76
N PRO C 4 15.90 40.66 -94.54
CA PRO C 4 16.64 41.24 -93.42
C PRO C 4 16.98 42.70 -93.70
N LEU C 5 17.27 43.43 -92.64
CA LEU C 5 17.57 44.85 -92.72
C LEU C 5 19.02 45.09 -92.32
N TYR C 6 19.69 45.95 -93.10
CA TYR C 6 21.10 46.28 -92.91
C TYR C 6 21.98 45.04 -92.79
N ASP C 7 22.59 44.84 -91.62
CA ASP C 7 23.57 43.79 -91.42
C ASP C 7 22.96 42.47 -90.96
N LYS C 8 21.63 42.38 -90.86
CA LYS C 8 21.00 41.14 -90.45
C LYS C 8 21.08 40.11 -91.58
N ILE C 9 21.12 38.84 -91.18
CA ILE C 9 21.16 37.71 -92.09
C ILE C 9 20.06 36.73 -91.69
N VAL C 10 19.57 35.98 -92.68
CA VAL C 10 18.55 34.96 -92.45
C VAL C 10 19.22 33.59 -92.65
N VAL C 11 19.21 32.78 -91.60
CA VAL C 11 19.95 31.52 -91.57
C VAL C 11 19.02 30.41 -91.13
N LYS C 12 19.17 29.23 -91.75
CA LYS C 12 18.50 28.02 -91.33
C LYS C 12 19.52 27.02 -90.80
N ARG C 13 19.30 26.55 -89.57
CA ARG C 13 20.20 25.58 -88.96
C ARG C 13 20.07 24.23 -89.66
N MET C 14 21.03 23.35 -89.40
CA MET C 14 21.10 22.07 -90.09
C MET C 14 19.98 21.12 -89.68
N GLU C 15 19.44 21.28 -88.47
CA GLU C 15 18.37 20.43 -87.94
C GLU C 15 18.86 18.99 -87.70
N GLU C 16 18.27 18.31 -86.73
CA GLU C 16 18.69 16.96 -86.38
C GLU C 16 18.53 16.04 -87.58
N GLN C 17 19.55 15.21 -87.84
CA GLN C 17 19.59 14.34 -89.00
C GLN C 17 20.01 12.92 -88.62
N GLU C 18 19.51 12.43 -87.48
CA GLU C 18 19.90 11.13 -86.93
C GLU C 18 21.42 11.09 -86.71
N GLN C 19 21.86 11.93 -85.77
CA GLN C 19 23.28 12.09 -85.49
C GLN C 19 23.87 10.78 -84.97
N LYS C 20 25.05 10.44 -85.49
CA LYS C 20 25.80 9.27 -85.03
C LYS C 20 27.26 9.46 -85.38
N THR C 21 28.12 8.89 -84.55
CA THR C 21 29.56 9.00 -84.77
C THR C 21 29.96 8.21 -86.01
N PRO C 22 31.08 8.58 -86.65
CA PRO C 22 31.55 7.81 -87.80
C PRO C 22 31.86 6.36 -87.48
N SER C 23 32.20 6.07 -86.22
CA SER C 23 32.45 4.69 -85.80
C SER C 23 31.16 3.86 -85.71
N GLY C 24 29.99 4.48 -85.83
CA GLY C 24 28.74 3.77 -85.76
C GLY C 24 28.02 3.84 -84.43
N ILE C 25 28.51 4.64 -83.49
CA ILE C 25 27.87 4.76 -82.19
C ILE C 25 26.74 5.77 -82.29
N ILE C 26 25.51 5.32 -82.02
CA ILE C 26 24.34 6.20 -82.09
C ILE C 26 24.19 6.94 -80.78
N ILE C 27 24.10 8.26 -80.86
CA ILE C 27 23.88 9.13 -79.72
C ILE C 27 22.40 9.46 -79.65
N PRO C 28 21.73 9.26 -78.52
CA PRO C 28 20.31 9.58 -78.42
C PRO C 28 20.06 11.08 -78.56
N ASP C 29 18.87 11.41 -79.07
CA ASP C 29 18.51 12.80 -79.29
C ASP C 29 18.43 13.61 -78.01
N THR C 30 18.30 12.97 -76.86
CA THR C 30 18.27 13.69 -75.59
C THR C 30 19.66 14.10 -75.12
N ALA C 31 20.71 13.68 -75.81
CA ALA C 31 22.09 14.01 -75.44
C ALA C 31 22.84 14.70 -76.57
N LYS C 32 22.13 15.38 -77.47
CA LYS C 32 22.74 16.13 -78.54
C LYS C 32 22.21 17.56 -78.55
N GLU C 33 23.12 18.50 -78.76
CA GLU C 33 22.83 19.93 -78.75
C GLU C 33 22.51 20.37 -80.18
N LYS C 34 21.72 21.44 -80.30
CA LYS C 34 21.25 21.86 -81.62
C LYS C 34 22.44 22.18 -82.51
N PRO C 35 22.38 21.85 -83.81
CA PRO C 35 23.54 22.05 -84.68
C PRO C 35 23.95 23.51 -84.76
N GLN C 36 25.26 23.73 -84.77
CA GLN C 36 25.82 25.07 -84.97
C GLN C 36 25.94 25.45 -86.44
N ILE C 37 25.69 24.52 -87.35
CA ILE C 37 25.85 24.76 -88.78
C ILE C 37 24.54 25.28 -89.35
N GLY C 38 24.60 26.40 -90.06
CA GLY C 38 23.42 27.00 -90.63
C GLY C 38 23.62 27.35 -92.08
N GLU C 39 22.50 27.45 -92.79
CA GLU C 39 22.48 27.77 -94.21
C GLU C 39 21.93 29.17 -94.40
N VAL C 40 22.64 30.00 -95.16
CA VAL C 40 22.21 31.37 -95.40
C VAL C 40 21.01 31.36 -96.33
N ILE C 41 19.96 32.05 -95.92
CA ILE C 41 18.73 32.15 -96.71
C ILE C 41 18.62 33.49 -97.41
N ALA C 42 18.70 34.58 -96.65
CA ALA C 42 18.64 35.92 -97.23
C ALA C 42 19.72 36.79 -96.59
N VAL C 43 20.22 37.75 -97.36
CA VAL C 43 21.29 38.63 -96.93
C VAL C 43 20.83 40.07 -97.03
N GLY C 44 21.08 40.85 -95.97
CA GLY C 44 20.69 42.24 -95.94
C GLY C 44 21.65 43.12 -96.71
N ASP C 45 21.36 44.42 -96.67
CA ASP C 45 22.17 45.40 -97.39
C ASP C 45 23.60 45.48 -96.86
N GLY C 46 23.77 45.44 -95.55
CA GLY C 46 25.08 45.46 -94.94
C GLY C 46 25.14 46.38 -93.73
N LYS C 47 26.28 46.32 -93.05
CA LYS C 47 26.48 47.10 -91.83
C LYS C 47 26.53 48.59 -92.15
N LEU C 48 25.95 49.39 -91.28
CA LEU C 48 25.96 50.85 -91.43
C LEU C 48 27.18 51.42 -90.72
N LEU C 49 28.13 51.92 -91.50
CA LEU C 49 29.31 52.56 -90.91
C LEU C 49 28.90 53.87 -90.24
N SER C 50 29.75 54.32 -89.31
CA SER C 50 29.47 55.54 -88.56
C SER C 50 29.36 56.76 -89.46
N ASN C 51 30.10 56.80 -90.57
CA ASN C 51 29.99 57.91 -91.50
C ASN C 51 28.75 57.81 -92.38
N GLY C 52 28.09 56.66 -92.41
CA GLY C 52 26.91 56.46 -93.22
C GLY C 52 27.11 55.53 -94.42
N GLN C 53 28.33 55.08 -94.68
CA GLN C 53 28.57 54.20 -95.82
C GLN C 53 28.04 52.80 -95.53
N ILE C 54 27.89 52.02 -96.60
CA ILE C 54 27.35 50.67 -96.52
C ILE C 54 28.40 49.70 -97.03
N VAL C 55 28.66 48.65 -96.25
CA VAL C 55 29.63 47.62 -96.61
C VAL C 55 28.87 46.37 -97.03
N SER C 56 29.23 45.82 -98.18
CA SER C 56 28.56 44.63 -98.67
C SER C 56 28.86 43.43 -97.77
N PRO C 57 27.86 42.69 -97.31
CA PRO C 57 28.12 41.51 -96.48
C PRO C 57 28.98 40.50 -97.23
N LYS C 58 29.86 39.83 -96.50
CA LYS C 58 30.81 38.91 -97.11
C LYS C 58 30.25 37.51 -97.31
N VAL C 59 29.07 37.23 -96.78
CA VAL C 59 28.38 35.99 -97.10
C VAL C 59 27.42 36.25 -98.26
N LYS C 60 27.40 35.34 -99.23
CA LYS C 60 26.67 35.62 -100.46
C LYS C 60 25.30 34.95 -100.47
N LYS C 61 25.28 33.61 -100.46
CA LYS C 61 24.02 32.88 -100.54
C LYS C 61 24.24 31.39 -100.32
N GLY C 62 23.37 30.77 -99.53
CA GLY C 62 23.39 29.33 -99.33
C GLY C 62 24.69 28.74 -98.79
N ASP C 63 25.66 29.57 -98.43
CA ASP C 63 26.87 29.05 -97.81
C ASP C 63 26.59 28.60 -96.37
N LYS C 64 27.30 27.55 -95.95
CA LYS C 64 27.08 27.01 -94.61
C LYS C 64 27.78 27.96 -93.64
N VAL C 65 27.05 28.38 -92.61
CA VAL C 65 27.57 29.32 -91.63
C VAL C 65 27.44 28.71 -90.24
N VAL C 66 28.50 28.82 -89.44
CA VAL C 66 28.51 28.32 -88.07
C VAL C 66 28.34 29.52 -87.14
N PHE C 67 27.56 29.33 -86.07
CA PHE C 67 27.19 30.40 -85.17
C PHE C 67 27.45 29.97 -83.72
N ASN C 68 27.64 30.98 -82.85
CA ASN C 68 27.94 30.74 -81.44
C ASN C 68 26.66 30.50 -80.63
N LYS C 69 26.02 29.37 -80.94
CA LYS C 69 24.90 28.86 -80.16
C LYS C 69 23.74 29.84 -80.13
N TYR C 70 23.69 30.66 -79.08
CA TYR C 70 22.60 31.62 -78.91
C TYR C 70 22.80 32.84 -79.80
N ALA C 71 22.79 32.63 -81.11
CA ALA C 71 23.05 33.71 -82.05
C ALA C 71 21.84 34.09 -82.89
N GLY C 72 20.64 33.68 -82.50
CA GLY C 72 19.46 34.02 -83.28
C GLY C 72 18.23 34.04 -82.41
N THR C 73 17.18 34.66 -82.94
CA THR C 73 15.91 34.75 -82.23
C THR C 73 14.95 33.60 -82.56
N GLU C 74 15.32 32.73 -83.51
CA GLU C 74 14.46 31.64 -83.95
C GLU C 74 13.13 32.27 -84.39
N VAL C 75 13.17 33.05 -85.47
CA VAL C 75 11.99 33.76 -85.93
C VAL C 75 10.92 32.75 -86.36
N GLU C 76 9.67 33.07 -86.07
CA GLU C 76 8.57 32.18 -86.38
C GLU C 76 8.00 32.51 -87.76
N LEU C 77 7.94 31.49 -88.63
CA LEU C 77 7.39 31.65 -89.95
C LEU C 77 6.72 30.34 -90.35
N ASP C 78 5.80 30.43 -91.31
CA ASP C 78 5.05 29.26 -91.74
C ASP C 78 5.99 28.20 -92.33
N GLY C 79 5.80 26.96 -91.92
CA GLY C 79 6.60 25.88 -92.44
C GLY C 79 8.04 25.95 -91.95
N GLU C 80 8.96 26.07 -92.91
CA GLU C 80 10.38 26.04 -92.60
C GLU C 80 10.79 27.25 -91.74
N LYS C 81 11.54 26.97 -90.69
CA LYS C 81 11.90 27.97 -89.69
C LYS C 81 13.24 28.62 -90.00
N TYR C 82 13.48 29.76 -89.36
CA TYR C 82 14.71 30.52 -89.51
C TYR C 82 15.10 31.15 -88.18
N LEU C 83 16.38 31.46 -88.03
CA LEU C 83 16.86 32.34 -86.98
C LEU C 83 17.64 33.48 -87.63
N ILE C 84 17.21 34.71 -87.38
CA ILE C 84 17.90 35.87 -87.95
C ILE C 84 19.23 36.05 -87.23
N MET C 85 20.17 36.73 -87.89
CA MET C 85 21.55 36.67 -87.44
C MET C 85 22.30 37.87 -88.01
N SER C 86 23.19 38.43 -87.18
CA SER C 86 23.99 39.56 -87.61
C SER C 86 25.38 39.09 -88.06
N GLU C 87 26.10 40.00 -88.72
CA GLU C 87 27.40 39.65 -89.30
C GLU C 87 28.51 39.57 -88.26
N ASP C 88 28.44 40.37 -87.19
CA ASP C 88 29.55 40.48 -86.25
C ASP C 88 29.69 39.28 -85.32
N GLU C 89 28.66 38.47 -85.14
CA GLU C 89 28.78 37.23 -84.39
C GLU C 89 28.86 36.00 -85.29
N VAL C 90 28.95 36.19 -86.60
CA VAL C 90 29.22 35.07 -87.49
C VAL C 90 30.60 34.51 -87.19
N LEU C 91 30.66 33.19 -87.00
CA LEU C 91 31.89 32.54 -86.59
C LEU C 91 32.83 32.30 -87.76
N ALA C 92 32.40 31.52 -88.74
CA ALA C 92 33.20 31.20 -89.92
C ALA C 92 32.27 30.71 -91.02
N VAL C 93 32.82 30.62 -92.22
CA VAL C 93 32.05 30.20 -93.38
C VAL C 93 32.83 29.12 -94.12
N ILE C 94 32.09 28.28 -94.86
CA ILE C 94 32.61 27.20 -95.70
C ILE C 94 33.82 26.49 -95.10
N ALA D 2 15.66 -13.41 -13.98
CA ALA D 2 15.65 -14.61 -13.16
C ALA D 2 14.82 -15.70 -13.81
N LYS D 3 15.47 -16.79 -14.17
CA LYS D 3 14.80 -17.92 -14.82
C LYS D 3 14.53 -19.03 -13.81
N LYS D 4 13.58 -19.88 -14.16
CA LYS D 4 13.35 -21.13 -13.44
C LYS D 4 13.23 -22.26 -14.44
N VAL D 5 13.87 -23.38 -14.13
CA VAL D 5 13.90 -24.55 -15.02
C VAL D 5 13.16 -25.69 -14.35
N ILE D 6 12.24 -26.30 -15.08
CA ILE D 6 11.49 -27.46 -14.61
C ILE D 6 11.79 -28.63 -15.55
N TYR D 7 11.74 -29.84 -15.00
CA TYR D 7 12.25 -31.02 -15.67
C TYR D 7 11.23 -32.15 -15.70
N GLY D 8 11.41 -33.05 -16.64
CA GLY D 8 10.74 -34.35 -16.62
C GLY D 8 9.24 -34.25 -16.68
N GLU D 9 8.58 -35.02 -15.81
CA GLU D 9 7.12 -35.11 -15.83
C GLU D 9 6.46 -33.77 -15.54
N ASP D 10 7.06 -32.98 -14.65
CA ASP D 10 6.52 -31.65 -14.37
C ASP D 10 6.52 -30.79 -15.62
N ALA D 11 7.61 -30.85 -16.40
CA ALA D 11 7.68 -30.08 -17.64
C ALA D 11 6.63 -30.52 -18.64
N ARG D 12 6.45 -31.83 -18.79
CA ARG D 12 5.48 -32.34 -19.76
C ARG D 12 4.05 -32.09 -19.29
N ALA D 13 3.83 -32.09 -17.98
CA ALA D 13 2.51 -31.78 -17.46
C ALA D 13 2.09 -30.36 -17.81
N ARG D 14 3.01 -29.40 -17.71
CA ARG D 14 2.71 -28.02 -18.09
C ARG D 14 2.42 -27.91 -19.57
N LEU D 15 3.22 -28.57 -20.41
CA LEU D 15 3.03 -28.50 -21.84
C LEU D 15 1.69 -29.12 -22.24
N LYS D 16 1.35 -30.26 -21.64
CA LYS D 16 0.09 -30.92 -21.97
C LYS D 16 -1.10 -30.04 -21.59
N ALA D 17 -1.02 -29.38 -20.44
CA ALA D 17 -2.10 -28.50 -20.01
C ALA D 17 -2.26 -27.32 -20.97
N GLY D 18 -1.15 -26.75 -21.43
CA GLY D 18 -1.24 -25.64 -22.36
C GLY D 18 -1.78 -26.07 -23.71
N VAL D 19 -1.33 -27.22 -24.21
CA VAL D 19 -1.80 -27.71 -25.51
C VAL D 19 -3.28 -28.05 -25.43
N ASP D 20 -3.71 -28.70 -24.35
CA ASP D 20 -5.09 -29.12 -24.22
C ASP D 20 -6.04 -27.92 -24.16
N LYS D 21 -5.67 -26.90 -23.41
CA LYS D 21 -6.56 -25.74 -23.26
C LYS D 21 -6.71 -24.99 -24.57
N LEU D 22 -5.65 -24.92 -25.37
CA LEU D 22 -5.77 -24.31 -26.69
C LEU D 22 -6.59 -25.18 -27.64
N ALA D 23 -6.34 -26.49 -27.63
CA ALA D 23 -7.02 -27.38 -28.56
C ALA D 23 -8.51 -27.51 -28.23
N ASN D 24 -8.86 -27.45 -26.94
CA ASN D 24 -10.26 -27.59 -26.57
C ASN D 24 -11.10 -26.44 -27.12
N ALA D 25 -10.53 -25.23 -27.14
CA ALA D 25 -11.26 -24.08 -27.68
C ALA D 25 -11.45 -24.21 -29.18
N VAL D 26 -10.43 -24.68 -29.90
CA VAL D 26 -10.50 -24.74 -31.35
C VAL D 26 -11.41 -25.89 -31.80
N LYS D 27 -11.35 -27.03 -31.13
CA LYS D 27 -12.00 -28.24 -31.63
C LYS D 27 -13.52 -28.15 -31.63
N VAL D 28 -14.11 -27.17 -30.93
CA VAL D 28 -15.55 -27.03 -30.94
C VAL D 28 -16.06 -26.54 -32.29
N THR D 29 -15.17 -26.05 -33.15
CA THR D 29 -15.57 -25.53 -34.44
C THR D 29 -15.44 -26.56 -35.56
N LEU D 30 -15.11 -27.80 -35.24
CA LEU D 30 -14.83 -28.78 -36.27
C LEU D 30 -16.11 -29.46 -36.75
N GLY D 31 -16.22 -29.66 -38.06
CA GLY D 31 -17.30 -30.42 -38.64
C GLY D 31 -18.44 -29.55 -39.12
N PRO D 32 -19.43 -30.17 -39.77
CA PRO D 32 -20.60 -29.40 -40.23
C PRO D 32 -21.51 -28.96 -39.09
N ARG D 33 -21.49 -29.66 -37.97
CA ARG D 33 -22.24 -29.27 -36.79
C ARG D 33 -21.38 -28.60 -35.74
N GLY D 34 -20.15 -28.23 -36.09
CA GLY D 34 -19.33 -27.49 -35.16
C GLY D 34 -19.91 -26.11 -34.91
N ARG D 35 -19.65 -25.59 -33.72
CA ARG D 35 -20.21 -24.31 -33.29
C ARG D 35 -19.13 -23.24 -33.31
N GLU D 36 -19.55 -22.00 -33.12
CA GLU D 36 -18.66 -20.87 -33.30
C GLU D 36 -18.15 -20.36 -31.96
N VAL D 37 -17.11 -19.52 -32.05
CA VAL D 37 -16.47 -18.94 -30.88
C VAL D 37 -16.50 -17.43 -31.02
N ILE D 38 -16.93 -16.74 -29.97
CA ILE D 38 -16.94 -15.28 -29.95
C ILE D 38 -15.68 -14.81 -29.25
N ILE D 39 -14.90 -13.99 -29.93
CA ILE D 39 -13.62 -13.51 -29.43
C ILE D 39 -13.78 -12.04 -29.04
N GLU D 40 -13.40 -11.71 -27.81
CA GLU D 40 -13.48 -10.33 -27.36
C GLU D 40 -12.45 -9.48 -28.08
N LYS D 41 -12.90 -8.34 -28.61
CA LYS D 41 -12.02 -7.34 -29.17
C LYS D 41 -12.02 -6.14 -28.23
N LYS D 42 -10.83 -5.61 -27.95
CA LYS D 42 -10.71 -4.57 -26.93
C LYS D 42 -11.58 -3.36 -27.26
N TRP D 43 -11.52 -2.85 -28.48
CA TRP D 43 -12.32 -1.72 -28.93
C TRP D 43 -13.23 -2.18 -30.05
N GLY D 44 -14.54 -2.07 -29.83
CA GLY D 44 -15.50 -2.41 -30.85
C GLY D 44 -16.27 -3.69 -30.56
N THR D 45 -16.96 -4.16 -31.60
CA THR D 45 -17.83 -5.32 -31.54
C THR D 45 -17.00 -6.60 -31.42
N PRO D 46 -17.45 -7.56 -30.60
CA PRO D 46 -16.76 -8.87 -30.57
C PRO D 46 -16.86 -9.60 -31.90
N VAL D 47 -15.89 -10.47 -32.17
CA VAL D 47 -15.83 -11.21 -33.43
C VAL D 47 -16.37 -12.61 -33.22
N VAL D 48 -17.37 -12.98 -34.01
CA VAL D 48 -17.93 -14.33 -34.01
C VAL D 48 -17.33 -15.06 -35.21
N THR D 49 -16.70 -16.20 -34.96
CA THR D 49 -15.99 -16.89 -36.02
C THR D 49 -16.01 -18.39 -35.81
N LYS D 50 -15.88 -19.11 -36.92
CA LYS D 50 -15.66 -20.56 -36.91
C LYS D 50 -14.26 -20.93 -37.39
N ASP D 51 -13.42 -19.93 -37.64
CA ASP D 51 -12.10 -20.18 -38.20
C ASP D 51 -11.16 -20.71 -37.11
N GLY D 52 -10.47 -21.81 -37.42
CA GLY D 52 -9.62 -22.43 -36.41
C GLY D 52 -8.41 -21.58 -36.06
N VAL D 53 -7.76 -20.99 -37.06
CA VAL D 53 -6.54 -20.22 -36.79
C VAL D 53 -6.89 -18.91 -36.10
N THR D 54 -8.05 -18.33 -36.40
CA THR D 54 -8.45 -17.09 -35.75
C THR D 54 -8.62 -17.27 -34.24
N VAL D 55 -9.23 -18.39 -33.83
CA VAL D 55 -9.38 -18.68 -32.41
C VAL D 55 -8.02 -18.95 -31.78
N ALA D 56 -7.16 -19.69 -32.49
CA ALA D 56 -5.87 -20.06 -31.94
C ALA D 56 -4.98 -18.85 -31.73
N LYS D 57 -5.02 -17.89 -32.66
CA LYS D 57 -4.12 -16.74 -32.59
C LYS D 57 -4.36 -15.89 -31.35
N GLU D 58 -5.57 -15.95 -30.79
CA GLU D 58 -5.90 -15.10 -29.66
C GLU D 58 -5.58 -15.73 -28.31
N ILE D 59 -5.22 -17.01 -28.28
CA ILE D 59 -5.09 -17.73 -27.03
C ILE D 59 -3.74 -17.42 -26.39
N GLU D 60 -3.76 -17.10 -25.10
CA GLU D 60 -2.56 -16.84 -24.32
C GLU D 60 -2.88 -17.10 -22.86
N PHE D 61 -1.92 -17.65 -22.12
CA PHE D 61 -2.16 -18.09 -20.75
C PHE D 61 -1.19 -17.42 -19.78
N LYS D 62 -1.61 -17.37 -18.51
CA LYS D 62 -0.80 -16.72 -17.48
C LYS D 62 0.41 -17.55 -17.09
N ASP D 63 0.25 -18.86 -16.97
CA ASP D 63 1.35 -19.72 -16.59
C ASP D 63 2.39 -19.71 -17.70
N PRO D 64 3.64 -19.32 -17.43
CA PRO D 64 4.65 -19.27 -18.50
C PRO D 64 4.91 -20.62 -19.14
N TYR D 65 4.85 -21.70 -18.37
CA TYR D 65 5.12 -23.02 -18.93
C TYR D 65 3.94 -23.55 -19.73
N GLU D 66 2.72 -23.30 -19.26
CA GLU D 66 1.55 -23.68 -20.05
C GLU D 66 1.44 -22.83 -21.31
N ASN D 67 1.82 -21.55 -21.22
CA ASN D 67 1.82 -20.70 -22.40
C ASN D 67 2.80 -21.19 -23.45
N MET D 68 3.91 -21.79 -23.02
CA MET D 68 4.90 -22.31 -23.97
C MET D 68 4.30 -23.41 -24.83
N GLY D 69 3.52 -24.30 -24.23
CA GLY D 69 2.85 -25.32 -25.00
C GLY D 69 1.83 -24.76 -25.96
N ALA D 70 1.08 -23.74 -25.51
CA ALA D 70 0.06 -23.15 -26.36
C ALA D 70 0.66 -22.43 -27.55
N GLN D 71 1.79 -21.73 -27.35
CA GLN D 71 2.37 -20.96 -28.44
C GLN D 71 2.98 -21.86 -29.50
N LEU D 72 3.45 -23.04 -29.12
CA LEU D 72 4.04 -23.94 -30.10
C LEU D 72 2.96 -24.54 -31.01
N VAL D 73 1.81 -24.89 -30.44
CA VAL D 73 0.74 -25.47 -31.24
C VAL D 73 0.08 -24.41 -32.12
N LYS D 74 0.12 -23.14 -31.70
CA LYS D 74 -0.39 -22.07 -32.55
C LYS D 74 0.37 -22.01 -33.87
N GLU D 75 1.63 -22.45 -33.88
CA GLU D 75 2.39 -22.48 -35.13
C GLU D 75 1.78 -23.47 -36.12
N VAL D 76 1.17 -24.54 -35.63
CA VAL D 76 0.54 -25.51 -36.51
C VAL D 76 -0.61 -24.87 -37.27
N ALA D 77 -1.46 -24.14 -36.57
CA ALA D 77 -2.59 -23.48 -37.22
C ALA D 77 -2.12 -22.33 -38.10
N SER D 78 -1.09 -21.61 -37.68
CA SER D 78 -0.60 -20.47 -38.45
C SER D 78 0.04 -20.92 -39.76
N LYS D 79 0.88 -21.95 -39.70
CA LYS D 79 1.52 -22.44 -40.92
C LYS D 79 0.51 -23.04 -41.88
N THR D 80 -0.48 -23.76 -41.37
CA THR D 80 -1.48 -24.37 -42.23
C THR D 80 -2.28 -23.30 -42.97
N SER D 81 -2.64 -22.22 -42.28
CA SER D 81 -3.36 -21.13 -42.92
C SER D 81 -2.51 -20.46 -43.98
N ASP D 82 -1.22 -20.27 -43.70
CA ASP D 82 -0.33 -19.63 -44.66
C ASP D 82 -0.18 -20.47 -45.92
N VAL D 83 -0.03 -21.79 -45.77
CA VAL D 83 0.24 -22.66 -46.91
C VAL D 83 -1.02 -23.08 -47.64
N ALA D 84 -2.08 -23.49 -46.93
CA ALA D 84 -3.28 -23.98 -47.58
C ALA D 84 -4.50 -23.10 -47.41
N GLY D 85 -4.61 -22.32 -46.34
CA GLY D 85 -5.78 -21.49 -46.14
C GLY D 85 -6.98 -22.21 -45.58
N ASP D 86 -6.87 -23.50 -45.31
CA ASP D 86 -7.97 -24.29 -44.77
C ASP D 86 -7.38 -25.49 -44.07
N GLY D 87 -8.17 -26.11 -43.21
CA GLY D 87 -7.71 -27.24 -42.43
C GLY D 87 -6.98 -26.89 -41.16
N THR D 88 -7.11 -25.66 -40.67
CA THR D 88 -6.41 -25.25 -39.47
C THR D 88 -6.94 -25.94 -38.22
N THR D 89 -8.25 -26.20 -38.16
CA THR D 89 -8.79 -26.91 -37.01
C THR D 89 -8.38 -28.37 -37.03
N THR D 90 -8.34 -28.98 -38.21
CA THR D 90 -7.88 -30.36 -38.33
C THR D 90 -6.42 -30.48 -37.90
N ALA D 91 -5.59 -29.53 -38.32
CA ALA D 91 -4.18 -29.55 -37.95
C ALA D 91 -4.00 -29.43 -36.44
N THR D 92 -4.79 -28.55 -35.80
CA THR D 92 -4.71 -28.41 -34.36
C THR D 92 -5.16 -29.67 -33.64
N VAL D 93 -6.21 -30.31 -34.15
CA VAL D 93 -6.69 -31.56 -33.55
C VAL D 93 -5.64 -32.65 -33.70
N LEU D 94 -4.99 -32.72 -34.87
CA LEU D 94 -3.95 -33.72 -35.09
C LEU D 94 -2.76 -33.49 -34.16
N ALA D 95 -2.38 -32.22 -33.99
CA ALA D 95 -1.21 -31.92 -33.16
C ALA D 95 -1.41 -32.36 -31.72
N GLN D 96 -2.61 -32.12 -31.18
CA GLN D 96 -2.88 -32.56 -29.81
C GLN D 96 -2.84 -34.08 -29.69
N ALA D 97 -3.36 -34.78 -30.69
CA ALA D 97 -3.38 -36.24 -30.64
C ALA D 97 -1.97 -36.81 -30.65
N ILE D 98 -1.09 -36.26 -31.49
CA ILE D 98 0.28 -36.75 -31.54
C ILE D 98 1.00 -36.48 -30.23
N PHE D 99 0.83 -35.27 -29.69
CA PHE D 99 1.52 -34.91 -28.46
C PHE D 99 1.01 -35.73 -27.27
N ASN D 100 -0.30 -35.90 -27.17
CA ASN D 100 -0.87 -36.66 -26.06
C ASN D 100 -0.41 -38.11 -26.09
N GLU D 101 -0.42 -38.73 -27.27
CA GLU D 101 0.02 -40.12 -27.35
C GLU D 101 1.52 -40.25 -27.19
N GLY D 102 2.28 -39.24 -27.63
CA GLY D 102 3.72 -39.29 -27.44
C GLY D 102 4.12 -39.25 -25.99
N LEU D 103 3.41 -38.47 -25.18
CA LEU D 103 3.70 -38.41 -23.74
C LEU D 103 3.47 -39.76 -23.08
N ARG D 104 2.43 -40.47 -23.50
CA ARG D 104 2.16 -41.79 -22.95
C ARG D 104 3.30 -42.76 -23.27
N ALA D 105 3.82 -42.71 -24.49
CA ALA D 105 4.93 -43.57 -24.86
C ALA D 105 6.19 -43.21 -24.09
N ILE D 106 6.45 -41.91 -23.93
CA ILE D 106 7.65 -41.47 -23.23
C ILE D 106 7.56 -41.85 -21.75
N ALA D 107 6.36 -41.76 -21.17
CA ALA D 107 6.18 -42.12 -19.76
C ALA D 107 6.46 -43.59 -19.53
N SER D 108 6.38 -44.42 -20.57
CA SER D 108 6.69 -45.83 -20.45
C SER D 108 8.18 -46.13 -20.62
N GLY D 109 9.00 -45.12 -20.89
CA GLY D 109 10.43 -45.30 -20.99
C GLY D 109 10.99 -45.23 -22.40
N ALA D 110 10.18 -44.89 -23.40
CA ALA D 110 10.67 -44.83 -24.76
C ALA D 110 11.61 -43.64 -24.95
N ASN D 111 12.52 -43.77 -25.89
CA ASN D 111 13.46 -42.70 -26.19
C ASN D 111 12.78 -41.60 -26.99
N PRO D 112 12.76 -40.36 -26.51
CA PRO D 112 12.05 -39.29 -27.24
C PRO D 112 12.58 -39.06 -28.65
N MET D 113 13.89 -39.19 -28.87
CA MET D 113 14.43 -38.94 -30.20
C MET D 113 14.03 -40.03 -31.19
N ASP D 114 13.95 -41.28 -30.73
CA ASP D 114 13.55 -42.36 -31.64
C ASP D 114 12.07 -42.27 -31.99
N ILE D 115 11.25 -41.77 -31.06
CA ILE D 115 9.83 -41.58 -31.36
C ILE D 115 9.65 -40.57 -32.49
N LYS D 116 10.42 -39.48 -32.45
CA LYS D 116 10.36 -38.48 -33.51
C LYS D 116 10.79 -39.08 -34.85
N ARG D 117 11.83 -39.91 -34.83
CA ARG D 117 12.26 -40.57 -36.06
C ARG D 117 11.19 -41.53 -36.57
N GLY D 118 10.53 -42.24 -35.66
CA GLY D 118 9.42 -43.08 -36.07
C GLY D 118 8.25 -42.30 -36.61
N ILE D 119 7.96 -41.15 -35.99
CA ILE D 119 6.86 -40.30 -36.46
C ILE D 119 7.15 -39.79 -37.86
N ASP D 120 8.40 -39.40 -38.12
CA ASP D 120 8.75 -38.87 -39.43
C ASP D 120 8.56 -39.91 -40.52
N LYS D 121 8.93 -41.17 -40.24
CA LYS D 121 8.76 -42.23 -41.22
C LYS D 121 7.28 -42.47 -41.52
N ALA D 122 6.44 -42.45 -40.49
CA ALA D 122 5.01 -42.70 -40.69
C ALA D 122 4.37 -41.61 -41.53
N VAL D 123 4.76 -40.36 -41.30
CA VAL D 123 4.17 -39.25 -42.05
C VAL D 123 4.54 -39.33 -43.53
N GLU D 124 5.75 -39.77 -43.82
CA GLU D 124 6.15 -39.97 -45.21
C GLU D 124 5.26 -41.00 -45.89
N THR D 125 4.97 -42.11 -45.20
CA THR D 125 4.08 -43.12 -45.74
C THR D 125 2.65 -42.59 -45.88
N VAL D 126 2.19 -41.85 -44.88
CA VAL D 126 0.81 -41.36 -44.90
C VAL D 126 0.61 -40.37 -46.05
N VAL D 127 1.58 -39.48 -46.26
CA VAL D 127 1.46 -38.51 -47.35
C VAL D 127 1.46 -39.22 -48.70
N ASN D 128 2.26 -40.27 -48.86
CA ASN D 128 2.24 -41.03 -50.10
C ASN D 128 0.89 -41.68 -50.34
N GLU D 129 0.28 -42.22 -49.28
CA GLU D 129 -1.03 -42.85 -49.41
C GLU D 129 -2.10 -41.84 -49.80
N ILE D 130 -2.04 -40.64 -49.23
CA ILE D 130 -3.04 -39.62 -49.53
C ILE D 130 -3.00 -39.25 -51.01
N LYS D 131 -1.80 -39.16 -51.58
CA LYS D 131 -1.68 -38.83 -53.00
C LYS D 131 -2.24 -39.95 -53.87
N LYS D 132 -2.21 -41.19 -53.39
CA LYS D 132 -2.84 -42.28 -54.13
C LYS D 132 -4.35 -42.09 -54.19
N LEU D 133 -4.97 -41.68 -53.08
CA LEU D 133 -6.41 -41.45 -53.07
C LEU D 133 -6.81 -40.18 -53.81
N SER D 134 -5.85 -39.32 -54.13
CA SER D 134 -6.17 -38.04 -54.75
C SER D 134 -6.72 -38.25 -56.16
N ILE D 135 -7.82 -37.57 -56.46
CA ILE D 135 -8.45 -37.61 -57.78
C ILE D 135 -8.39 -36.21 -58.36
N PRO D 136 -7.93 -36.04 -59.60
CA PRO D 136 -7.86 -34.69 -60.17
C PRO D 136 -9.24 -34.09 -60.37
N VAL D 137 -9.31 -32.77 -60.29
CA VAL D 137 -10.58 -32.07 -60.45
C VAL D 137 -10.99 -32.13 -61.91
N SER D 138 -12.15 -32.73 -62.18
CA SER D 138 -12.61 -32.89 -63.55
C SER D 138 -13.18 -31.59 -64.12
N GLY D 139 -13.81 -30.77 -63.30
CA GLY D 139 -14.41 -29.54 -63.81
C GLY D 139 -15.26 -28.87 -62.75
N ARG D 140 -16.41 -28.35 -63.20
CA ARG D 140 -17.23 -27.50 -62.34
C ARG D 140 -17.88 -28.30 -61.20
N LYS D 141 -18.14 -29.58 -61.41
CA LYS D 141 -18.84 -30.37 -60.39
C LYS D 141 -18.05 -30.42 -59.10
N GLU D 142 -16.76 -30.76 -59.18
CA GLU D 142 -15.94 -30.82 -57.98
C GLU D 142 -15.64 -29.43 -57.43
N ILE D 143 -15.52 -28.43 -58.31
CA ILE D 143 -15.25 -27.07 -57.84
C ILE D 143 -16.39 -26.57 -56.96
N GLU D 144 -17.63 -26.79 -57.41
CA GLU D 144 -18.78 -26.41 -56.61
C GLU D 144 -18.87 -27.21 -55.32
N GLN D 145 -18.54 -28.50 -55.37
CA GLN D 145 -18.62 -29.34 -54.18
C GLN D 145 -17.59 -28.93 -53.14
N VAL D 146 -16.37 -28.62 -53.59
CA VAL D 146 -15.32 -28.19 -52.66
C VAL D 146 -15.69 -26.86 -52.01
N ALA D 147 -16.19 -25.91 -52.81
CA ALA D 147 -16.56 -24.61 -52.28
C ALA D 147 -17.70 -24.73 -51.28
N THR D 148 -18.68 -25.59 -51.58
CA THR D 148 -19.83 -25.75 -50.68
C THR D 148 -19.39 -26.30 -49.34
N ILE D 149 -18.52 -27.32 -49.34
CA ILE D 149 -18.11 -27.95 -48.09
C ILE D 149 -17.27 -26.99 -47.26
N SER D 150 -16.33 -26.30 -47.89
CA SER D 150 -15.45 -25.40 -47.16
C SER D 150 -16.19 -24.19 -46.63
N ALA D 151 -17.31 -23.83 -47.25
CA ALA D 151 -18.16 -22.75 -46.76
C ALA D 151 -19.18 -23.22 -45.73
N ASN D 152 -18.94 -24.37 -45.09
CA ASN D 152 -19.84 -24.94 -44.09
C ASN D 152 -21.19 -25.29 -44.70
N ASN D 153 -21.16 -26.04 -45.80
CA ASN D 153 -22.37 -26.54 -46.46
C ASN D 153 -23.30 -25.40 -46.85
N ASP D 154 -22.76 -24.39 -47.52
CA ASP D 154 -23.53 -23.26 -48.01
C ASP D 154 -23.54 -23.31 -49.54
N ALA D 155 -24.68 -23.72 -50.11
CA ALA D 155 -24.77 -23.91 -51.54
C ALA D 155 -24.69 -22.60 -52.32
N THR D 156 -25.23 -21.50 -51.78
CA THR D 156 -25.17 -20.23 -52.47
C THR D 156 -23.74 -19.74 -52.65
N ILE D 157 -22.91 -19.90 -51.62
CA ILE D 157 -21.51 -19.52 -51.73
C ILE D 157 -20.78 -20.40 -52.73
N GLY D 158 -21.10 -21.71 -52.73
CA GLY D 158 -20.46 -22.61 -53.66
C GLY D 158 -20.76 -22.26 -55.12
N LYS D 159 -22.00 -21.85 -55.39
CA LYS D 159 -22.38 -21.46 -56.74
C LYS D 159 -21.60 -20.24 -57.20
N ILE D 160 -21.46 -19.25 -56.32
CA ILE D 160 -20.78 -18.00 -56.70
C ILE D 160 -19.32 -18.27 -57.02
N ILE D 161 -18.64 -19.05 -56.18
CA ILE D 161 -17.23 -19.31 -56.38
C ILE D 161 -17.00 -20.15 -57.63
N ALA D 162 -17.91 -21.09 -57.91
CA ALA D 162 -17.81 -21.86 -59.14
C ALA D 162 -17.91 -20.96 -60.36
N ASP D 163 -18.82 -19.98 -60.32
CA ASP D 163 -18.92 -19.02 -61.41
C ASP D 163 -17.67 -18.18 -61.52
N ALA D 164 -17.11 -17.75 -60.38
CA ALA D 164 -15.91 -16.90 -60.41
C ALA D 164 -14.73 -17.65 -60.99
N MET D 165 -14.59 -18.95 -60.67
CA MET D 165 -13.49 -19.73 -61.22
C MET D 165 -13.57 -19.80 -62.74
N GLU D 166 -14.77 -20.00 -63.28
CA GLU D 166 -14.93 -20.07 -64.73
C GLU D 166 -14.65 -18.73 -65.41
N ALA D 167 -15.04 -17.62 -64.77
CA ALA D 167 -14.90 -16.31 -65.39
C ALA D 167 -13.43 -15.92 -65.56
N VAL D 168 -12.64 -16.10 -64.51
CA VAL D 168 -11.24 -15.69 -64.57
C VAL D 168 -10.34 -16.78 -65.16
N GLY D 169 -10.86 -18.00 -65.29
CA GLY D 169 -10.09 -19.05 -65.92
C GLY D 169 -9.05 -19.68 -64.99
N LYS D 170 -8.15 -20.43 -65.63
CA LYS D 170 -7.14 -21.20 -64.90
C LYS D 170 -6.12 -20.29 -64.21
N ASP D 171 -5.85 -19.12 -64.79
CA ASP D 171 -4.80 -18.25 -64.30
C ASP D 171 -5.30 -16.93 -63.73
N GLY D 172 -6.60 -16.83 -63.44
CA GLY D 172 -7.14 -15.63 -62.85
C GLY D 172 -6.98 -15.59 -61.34
N VAL D 173 -7.49 -14.51 -60.74
CA VAL D 173 -7.42 -14.31 -59.30
C VAL D 173 -8.80 -13.88 -58.81
N ILE D 174 -9.17 -14.33 -57.62
CA ILE D 174 -10.46 -14.01 -57.01
C ILE D 174 -10.20 -13.25 -55.72
N THR D 175 -10.90 -12.14 -55.54
CA THR D 175 -10.74 -11.28 -54.38
C THR D 175 -12.07 -11.15 -53.64
N VAL D 176 -12.02 -11.20 -52.32
CA VAL D 176 -13.20 -11.14 -51.47
C VAL D 176 -13.19 -9.81 -50.72
N GLU D 177 -14.29 -9.07 -50.83
CA GLU D 177 -14.43 -7.78 -50.17
C GLU D 177 -15.80 -7.69 -49.51
N GLU D 178 -15.94 -6.70 -48.63
CA GLU D 178 -17.21 -6.45 -47.97
C GLU D 178 -18.10 -5.57 -48.84
N SER D 179 -19.32 -6.02 -49.09
CA SER D 179 -20.28 -5.24 -49.85
C SER D 179 -20.88 -4.14 -48.99
N LYS D 180 -21.17 -3.00 -49.61
CA LYS D 180 -21.78 -1.90 -48.89
C LYS D 180 -23.27 -2.13 -48.63
N SER D 181 -23.87 -3.15 -49.24
CA SER D 181 -25.29 -3.43 -49.08
C SER D 181 -25.45 -4.82 -48.50
N ALA D 182 -26.71 -5.25 -48.38
CA ALA D 182 -27.00 -6.55 -47.77
C ALA D 182 -26.85 -7.71 -48.75
N GLU D 183 -26.75 -7.45 -50.04
CA GLU D 183 -26.67 -8.51 -51.03
C GLU D 183 -25.22 -8.90 -51.29
N THR D 184 -25.02 -10.16 -51.66
CA THR D 184 -23.72 -10.68 -52.07
C THR D 184 -23.68 -10.80 -53.58
N THR D 185 -22.70 -10.17 -54.21
CA THR D 185 -22.64 -10.09 -55.67
C THR D 185 -21.25 -10.51 -56.14
N LEU D 186 -21.19 -10.96 -57.39
CA LEU D 186 -19.95 -11.31 -58.06
C LEU D 186 -19.73 -10.32 -59.20
N GLU D 187 -18.53 -9.73 -59.24
CA GLU D 187 -18.18 -8.74 -60.26
C GLU D 187 -16.91 -9.18 -60.96
N THR D 188 -16.99 -9.30 -62.29
CA THR D 188 -15.87 -9.76 -63.10
C THR D 188 -15.54 -8.74 -64.17
N VAL D 189 -14.25 -8.45 -64.32
CA VAL D 189 -13.76 -7.57 -65.37
C VAL D 189 -12.65 -8.29 -66.13
N GLN D 190 -12.66 -8.15 -67.46
CA GLN D 190 -11.71 -8.84 -68.33
C GLN D 190 -10.70 -7.86 -68.88
N GLY D 191 -9.43 -8.25 -68.86
CA GLY D 191 -8.38 -7.43 -69.44
C GLY D 191 -7.73 -6.49 -68.44
N MET D 192 -6.94 -5.58 -68.99
CA MET D 192 -6.18 -4.64 -68.17
C MET D 192 -7.10 -3.57 -67.58
N GLN D 193 -6.84 -3.21 -66.32
CA GLN D 193 -7.54 -2.12 -65.66
C GLN D 193 -6.68 -1.66 -64.49
N PHE D 194 -6.79 -0.37 -64.16
CA PHE D 194 -6.05 0.19 -63.05
C PHE D 194 -6.86 1.33 -62.43
N ASP D 195 -6.33 1.86 -61.32
CA ASP D 195 -7.08 2.76 -60.46
C ASP D 195 -6.81 4.23 -60.75
N ARG D 196 -6.56 4.57 -62.01
CA ARG D 196 -6.32 5.95 -62.40
C ARG D 196 -7.20 6.29 -63.59
N GLY D 197 -7.48 7.58 -63.76
CA GLY D 197 -8.18 8.03 -64.94
C GLY D 197 -8.89 9.35 -64.70
N TYR D 198 -9.47 9.86 -65.77
CA TYR D 198 -10.37 11.02 -65.75
C TYR D 198 -9.68 12.26 -65.18
N LEU D 199 -8.66 12.72 -65.92
CA LEU D 199 -7.97 13.93 -65.53
C LEU D 199 -8.88 15.15 -65.59
N SER D 200 -9.80 15.19 -66.56
CA SER D 200 -10.72 16.31 -66.65
C SER D 200 -12.13 15.77 -66.88
N PRO D 201 -13.14 16.32 -66.21
CA PRO D 201 -14.52 15.86 -66.45
C PRO D 201 -15.02 16.12 -67.86
N TYR D 202 -14.37 17.03 -68.61
CA TYR D 202 -14.87 17.38 -69.93
C TYR D 202 -14.69 16.25 -70.94
N PHE D 203 -13.90 15.24 -70.63
CA PHE D 203 -13.73 14.08 -71.51
C PHE D 203 -14.92 13.16 -71.29
N VAL D 204 -16.04 13.51 -71.92
CA VAL D 204 -17.30 12.78 -71.75
C VAL D 204 -17.73 12.24 -73.11
N THR D 205 -18.01 10.94 -73.17
CA THR D 205 -18.64 10.32 -74.32
C THR D 205 -20.09 9.92 -74.06
N ASN D 206 -20.42 9.59 -72.83
CA ASN D 206 -21.80 9.26 -72.43
C ASN D 206 -22.10 9.96 -71.12
N PRO D 207 -22.80 11.09 -71.15
CA PRO D 207 -23.08 11.84 -69.90
C PRO D 207 -23.99 11.08 -68.94
N ASP D 208 -24.70 10.06 -69.41
CA ASP D 208 -25.58 9.30 -68.52
C ASP D 208 -24.79 8.46 -67.52
N LYS D 209 -23.62 7.93 -67.92
CA LYS D 209 -22.91 6.95 -67.13
C LYS D 209 -21.54 7.42 -66.63
N MET D 210 -21.08 8.62 -67.00
CA MET D 210 -19.80 9.15 -66.52
C MET D 210 -18.61 8.28 -66.92
N GLU D 211 -18.37 8.17 -68.23
CA GLU D 211 -17.14 7.54 -68.70
C GLU D 211 -16.77 8.13 -70.06
N ALA D 212 -15.61 7.70 -70.56
CA ALA D 212 -15.02 8.28 -71.77
C ALA D 212 -14.65 7.22 -72.80
N VAL D 213 -15.61 6.35 -73.13
CA VAL D 213 -15.34 5.23 -74.05
C VAL D 213 -14.78 5.76 -75.36
N LEU D 214 -13.70 5.13 -75.83
CA LEU D 214 -13.05 5.47 -77.09
C LEU D 214 -12.96 4.22 -77.95
N GLU D 215 -13.20 4.37 -79.25
CA GLU D 215 -13.25 3.25 -80.18
C GLU D 215 -11.96 3.18 -80.98
N ASP D 216 -11.25 2.06 -80.84
CA ASP D 216 -9.94 1.85 -81.45
C ASP D 216 -8.98 2.99 -81.11
N PRO D 217 -8.68 3.21 -79.83
CA PRO D 217 -7.86 4.36 -79.47
C PRO D 217 -6.37 4.09 -79.61
N PHE D 218 -5.61 5.17 -79.80
CA PHE D 218 -4.17 5.11 -79.68
C PHE D 218 -3.76 5.42 -78.25
N ILE D 219 -2.90 4.58 -77.68
CA ILE D 219 -2.50 4.70 -76.29
C ILE D 219 -1.07 5.23 -76.25
N LEU D 220 -0.89 6.35 -75.56
CA LEU D 220 0.40 7.04 -75.47
C LEU D 220 1.00 6.71 -74.10
N ILE D 221 2.02 5.86 -74.09
CA ILE D 221 2.64 5.41 -72.84
C ILE D 221 3.93 6.23 -72.68
N TYR D 222 3.85 7.27 -71.85
CA TYR D 222 4.98 8.15 -71.62
C TYR D 222 5.19 8.31 -70.11
N GLU D 223 6.43 8.19 -69.67
CA GLU D 223 6.71 7.99 -68.25
C GLU D 223 6.63 9.28 -67.46
N LYS D 224 7.29 10.33 -67.92
CA LYS D 224 7.45 11.55 -67.14
C LYS D 224 6.25 12.47 -67.36
N LYS D 225 6.41 13.75 -66.97
CA LYS D 225 5.35 14.73 -67.06
C LYS D 225 5.22 15.27 -68.47
N ILE D 226 3.98 15.60 -68.86
CA ILE D 226 3.70 16.40 -70.05
C ILE D 226 3.26 17.77 -69.54
N SER D 227 4.06 18.80 -69.86
CA SER D 227 3.83 20.12 -69.29
C SER D 227 3.98 21.27 -70.27
N ASN D 228 3.99 21.01 -71.58
CA ASN D 228 4.16 22.08 -72.56
C ASN D 228 3.37 21.74 -73.82
N VAL D 229 3.09 22.78 -74.60
CA VAL D 229 2.46 22.59 -75.89
C VAL D 229 3.50 22.18 -76.94
N LYS D 230 4.73 22.65 -76.78
CA LYS D 230 5.75 22.46 -77.81
C LYS D 230 6.09 20.99 -78.04
N ASP D 231 5.83 20.13 -77.06
CA ASP D 231 6.11 18.71 -77.22
C ASP D 231 4.86 17.86 -77.38
N LEU D 232 3.74 18.25 -76.75
CA LEU D 232 2.49 17.54 -76.95
C LEU D 232 1.97 17.74 -78.37
N LEU D 233 2.13 18.95 -78.91
CA LEU D 233 1.55 19.27 -80.21
C LEU D 233 2.10 18.40 -81.34
N PRO D 234 3.41 18.16 -81.45
CA PRO D 234 3.90 17.28 -82.54
C PRO D 234 3.26 15.90 -82.53
N VAL D 235 3.05 15.31 -81.35
CA VAL D 235 2.34 14.04 -81.29
C VAL D 235 0.87 14.24 -81.65
N LEU D 236 0.33 15.41 -81.32
CA LEU D 236 -1.05 15.71 -81.72
C LEU D 236 -1.13 16.03 -83.20
N GLU D 237 -0.01 16.51 -83.79
CA GLU D 237 0.02 16.83 -85.21
C GLU D 237 -0.19 15.62 -86.10
N ASN D 238 0.10 14.41 -85.59
CA ASN D 238 0.05 13.21 -86.39
C ASN D 238 -1.12 12.30 -86.06
N VAL D 239 -1.65 12.37 -84.84
CA VAL D 239 -2.83 11.56 -84.51
C VAL D 239 -4.06 12.09 -85.24
N VAL D 240 -4.10 13.39 -85.53
CA VAL D 240 -5.22 13.96 -86.27
C VAL D 240 -5.28 13.39 -87.68
N ARG D 241 -4.12 13.08 -88.27
CA ARG D 241 -4.10 12.53 -89.62
C ARG D 241 -4.80 11.19 -89.69
N ALA D 242 -4.57 10.32 -88.70
CA ALA D 242 -5.26 9.04 -88.65
C ALA D 242 -6.74 9.18 -88.28
N GLY D 243 -7.08 10.16 -87.44
CA GLY D 243 -8.45 10.34 -87.02
C GLY D 243 -8.93 9.44 -85.90
N LYS D 244 -8.07 8.56 -85.40
CA LYS D 244 -8.43 7.66 -84.32
C LYS D 244 -8.27 8.36 -82.97
N PRO D 245 -9.01 7.92 -81.95
CA PRO D 245 -8.89 8.54 -80.63
C PRO D 245 -7.54 8.25 -80.00
N LEU D 246 -7.16 9.11 -79.06
CA LEU D 246 -5.85 9.07 -78.44
C LEU D 246 -6.00 9.01 -76.93
N LEU D 247 -5.22 8.14 -76.29
CA LEU D 247 -5.21 7.99 -74.84
C LEU D 247 -3.81 8.28 -74.34
N ILE D 248 -3.71 9.10 -73.30
CA ILE D 248 -2.43 9.50 -72.72
C ILE D 248 -2.28 8.88 -71.35
N ILE D 249 -1.19 8.17 -71.13
CA ILE D 249 -0.76 7.73 -69.81
C ILE D 249 0.56 8.44 -69.52
N ALA D 250 0.56 9.31 -68.51
CA ALA D 250 1.73 10.10 -68.18
C ALA D 250 1.78 10.31 -66.68
N GLU D 251 2.89 10.90 -66.22
CA GLU D 251 3.04 11.14 -64.79
C GLU D 251 1.97 12.10 -64.27
N ASP D 252 1.83 13.27 -64.92
CA ASP D 252 0.73 14.19 -64.63
C ASP D 252 0.61 15.24 -65.72
N VAL D 253 -0.56 15.34 -66.34
CA VAL D 253 -0.83 16.43 -67.27
C VAL D 253 -1.44 17.60 -66.50
N GLU D 254 -0.78 18.75 -66.57
CA GLU D 254 -1.19 19.93 -65.80
C GLU D 254 -1.97 20.89 -66.70
N ALA D 255 -2.29 22.06 -66.15
CA ALA D 255 -3.22 22.98 -66.80
C ALA D 255 -2.76 23.35 -68.21
N GLU D 256 -1.52 23.78 -68.36
CA GLU D 256 -1.05 24.25 -69.67
C GLU D 256 -1.09 23.15 -70.71
N ALA D 257 -0.63 21.95 -70.36
CA ALA D 257 -0.66 20.85 -71.32
C ALA D 257 -2.08 20.33 -71.54
N LEU D 258 -2.84 20.16 -70.46
CA LEU D 258 -4.17 19.58 -70.60
C LEU D 258 -5.13 20.53 -71.30
N ALA D 259 -4.93 21.84 -71.16
CA ALA D 259 -5.85 22.81 -71.77
C ALA D 259 -5.90 22.65 -73.28
N THR D 260 -4.82 22.14 -73.89
CA THR D 260 -4.81 21.95 -75.32
C THR D 260 -5.83 20.93 -75.77
N LEU D 261 -5.85 19.75 -75.13
CA LEU D 261 -6.75 18.68 -75.57
C LEU D 261 -8.21 19.02 -75.29
N VAL D 262 -8.50 19.49 -74.08
CA VAL D 262 -9.90 19.71 -73.69
C VAL D 262 -10.55 20.76 -74.59
N VAL D 263 -9.82 21.84 -74.88
CA VAL D 263 -10.32 22.82 -75.84
C VAL D 263 -10.47 22.17 -77.21
N ASN D 264 -9.47 21.40 -77.63
CA ASN D 264 -9.57 20.67 -78.89
C ASN D 264 -10.66 19.60 -78.84
N HIS D 265 -10.79 18.90 -77.71
CA HIS D 265 -11.82 17.87 -77.59
C HIS D 265 -13.21 18.48 -77.69
N ILE D 266 -13.42 19.65 -77.06
CA ILE D 266 -14.71 20.32 -77.14
C ILE D 266 -15.02 20.69 -78.59
N LYS D 267 -14.02 21.20 -79.31
CA LYS D 267 -14.20 21.53 -80.72
C LYS D 267 -14.38 20.31 -81.59
N GLY D 268 -14.09 19.11 -81.08
CA GLY D 268 -14.30 17.89 -81.83
C GLY D 268 -13.24 17.57 -82.86
N VAL D 269 -12.14 18.34 -82.91
CA VAL D 269 -11.06 18.00 -83.82
C VAL D 269 -10.40 16.67 -83.43
N ILE D 270 -10.30 16.38 -82.14
CA ILE D 270 -9.90 15.06 -81.67
C ILE D 270 -10.81 14.64 -80.53
N ARG D 271 -10.88 13.32 -80.33
CA ARG D 271 -11.55 12.72 -79.18
C ARG D 271 -10.52 11.96 -78.37
N ALA D 272 -10.18 12.49 -77.20
CA ALA D 272 -9.03 11.99 -76.46
C ALA D 272 -9.26 12.14 -74.96
N CYS D 273 -8.44 11.44 -74.18
CA CYS D 273 -8.47 11.54 -72.74
C CYS D 273 -7.08 11.26 -72.20
N ALA D 274 -6.82 11.74 -70.99
CA ALA D 274 -5.53 11.54 -70.32
C ALA D 274 -5.77 11.01 -68.93
N VAL D 275 -4.89 10.10 -68.49
CA VAL D 275 -5.04 9.42 -67.22
C VAL D 275 -3.73 9.47 -66.45
N LYS D 276 -3.82 9.32 -65.13
CA LYS D 276 -2.64 9.20 -64.29
C LYS D 276 -1.93 7.88 -64.57
N ALA D 277 -0.61 7.89 -64.45
CA ALA D 277 0.16 6.65 -64.57
C ALA D 277 -0.01 5.82 -63.30
N PRO D 278 -0.26 4.52 -63.42
CA PRO D 278 -0.51 3.69 -62.22
C PRO D 278 0.79 3.35 -61.51
N GLY D 279 0.71 3.26 -60.19
CA GLY D 279 1.85 2.83 -59.39
C GLY D 279 2.80 3.97 -59.02
N PHE D 280 3.74 3.63 -58.14
CA PHE D 280 4.77 4.57 -57.70
C PHE D 280 6.12 3.86 -57.71
N GLY D 281 7.17 4.64 -57.93
CA GLY D 281 8.52 4.11 -57.89
C GLY D 281 8.73 3.00 -58.89
N GLN D 282 9.36 1.91 -58.43
CA GLN D 282 9.56 0.75 -59.29
C GLN D 282 8.24 0.14 -59.74
N ARG D 283 7.20 0.25 -58.91
CA ARG D 283 5.88 -0.22 -59.31
C ARG D 283 5.32 0.54 -60.50
N ARG D 284 5.86 1.73 -60.80
CA ARG D 284 5.53 2.38 -62.07
C ARG D 284 6.16 1.65 -63.24
N LYS D 285 7.45 1.30 -63.14
CA LYS D 285 8.20 0.80 -64.28
C LYS D 285 7.54 -0.42 -64.91
N ASP D 286 7.21 -1.42 -64.08
CA ASP D 286 6.69 -2.68 -64.61
C ASP D 286 5.29 -2.52 -65.19
N TYR D 287 4.46 -1.67 -64.56
CA TYR D 287 3.05 -1.63 -64.95
C TYR D 287 2.86 -1.15 -66.38
N LEU D 288 3.43 0.01 -66.72
CA LEU D 288 3.33 0.47 -68.11
C LEU D 288 4.05 -0.46 -69.07
N GLN D 289 5.10 -1.15 -68.60
CA GLN D 289 5.69 -2.21 -69.40
C GLN D 289 4.69 -3.33 -69.68
N ASP D 290 3.89 -3.70 -68.68
CA ASP D 290 2.83 -4.67 -68.90
C ASP D 290 1.75 -4.09 -69.82
N ILE D 291 1.47 -2.80 -69.70
CA ILE D 291 0.50 -2.16 -70.59
C ILE D 291 1.07 -2.06 -72.00
N ALA D 292 2.36 -1.75 -72.12
CA ALA D 292 2.97 -1.58 -73.43
C ALA D 292 2.97 -2.88 -74.23
N ILE D 293 3.32 -3.99 -73.57
CA ILE D 293 3.39 -5.27 -74.27
C ILE D 293 2.00 -5.73 -74.70
N LEU D 294 0.99 -5.45 -73.88
CA LEU D 294 -0.37 -5.86 -74.22
C LEU D 294 -0.91 -5.05 -75.40
N THR D 295 -0.61 -3.77 -75.46
CA THR D 295 -1.14 -2.89 -76.48
C THR D 295 -0.44 -3.04 -77.83
N GLY D 296 0.70 -3.71 -77.88
CA GLY D 296 1.44 -3.88 -79.11
C GLY D 296 2.43 -2.78 -79.43
N GLY D 297 2.46 -1.70 -78.65
CA GLY D 297 3.42 -0.64 -78.82
C GLY D 297 4.57 -0.74 -77.84
N THR D 298 5.37 0.33 -77.80
CA THR D 298 6.51 0.42 -76.90
C THR D 298 6.33 1.61 -75.96
N ALA D 299 6.56 1.37 -74.67
CA ALA D 299 6.47 2.45 -73.69
C ALA D 299 7.59 3.45 -73.90
N ILE D 300 7.24 4.75 -73.86
CA ILE D 300 8.24 5.80 -74.02
C ILE D 300 8.82 6.14 -72.66
N THR D 301 9.85 5.39 -72.25
CA THR D 301 10.51 5.65 -70.98
C THR D 301 11.62 6.68 -71.14
N GLU D 302 12.03 7.26 -70.01
CA GLU D 302 13.24 8.06 -69.99
C GLU D 302 14.45 7.24 -70.38
N GLU D 303 14.42 5.94 -70.09
CA GLU D 303 15.46 5.00 -70.47
C GLU D 303 15.54 4.77 -71.97
N LEU D 304 14.40 4.81 -72.68
CA LEU D 304 14.38 4.51 -74.10
C LEU D 304 15.21 5.51 -74.92
N GLY D 305 15.15 6.80 -74.58
CA GLY D 305 15.91 7.79 -75.32
C GLY D 305 15.16 8.45 -76.45
N ILE D 306 13.84 8.43 -76.42
CA ILE D 306 13.01 9.10 -77.41
C ILE D 306 12.33 10.27 -76.71
N LYS D 307 12.56 11.48 -77.21
CA LYS D 307 11.89 12.65 -76.64
C LYS D 307 10.44 12.69 -77.08
N LEU D 308 9.63 13.44 -76.33
CA LEU D 308 8.18 13.42 -76.53
C LEU D 308 7.80 13.92 -77.92
N GLU D 309 8.43 15.00 -78.37
CA GLU D 309 8.07 15.55 -79.69
C GLU D 309 8.58 14.68 -80.83
N SER D 310 9.53 13.78 -80.57
CA SER D 310 10.09 12.94 -81.61
C SER D 310 9.28 11.66 -81.86
N VAL D 311 8.23 11.42 -81.09
CA VAL D 311 7.46 10.20 -81.26
C VAL D 311 6.65 10.27 -82.56
N THR D 312 6.14 9.10 -82.97
CA THR D 312 5.35 9.00 -84.19
C THR D 312 4.41 7.80 -84.05
N LEU D 313 3.72 7.48 -85.14
CA LEU D 313 2.77 6.37 -85.13
C LEU D 313 3.48 5.02 -85.12
N ASP D 314 4.78 5.01 -85.39
CA ASP D 314 5.50 3.74 -85.50
C ASP D 314 5.48 2.96 -84.20
N MET D 315 5.74 3.63 -83.07
CA MET D 315 5.75 2.95 -81.78
C MET D 315 4.56 3.32 -80.89
N LEU D 316 3.61 4.12 -81.38
CA LEU D 316 2.43 4.45 -80.59
C LEU D 316 1.55 3.21 -80.44
N GLY D 317 1.11 2.95 -79.20
CA GLY D 317 0.33 1.77 -78.93
C GLY D 317 -1.09 1.86 -79.47
N ARG D 318 -1.76 0.71 -79.48
CA ARG D 318 -3.11 0.62 -80.01
C ARG D 318 -3.95 -0.29 -79.11
N ALA D 319 -5.26 -0.09 -79.19
CA ALA D 319 -6.22 -0.91 -78.46
C ALA D 319 -7.55 -0.87 -79.21
N ASP D 320 -8.43 -1.80 -78.86
CA ASP D 320 -9.73 -1.86 -79.52
C ASP D 320 -10.73 -0.92 -78.88
N LYS D 321 -10.77 -0.86 -77.56
CA LYS D 321 -11.71 0.01 -76.85
C LYS D 321 -11.25 0.16 -75.41
N VAL D 322 -11.43 1.36 -74.87
CA VAL D 322 -11.02 1.69 -73.51
C VAL D 322 -12.18 2.37 -72.79
N ILE D 323 -12.26 2.16 -71.47
CA ILE D 323 -13.26 2.79 -70.63
C ILE D 323 -12.54 3.52 -69.51
N VAL D 324 -12.81 4.82 -69.37
CA VAL D 324 -12.21 5.65 -68.34
C VAL D 324 -13.32 6.35 -67.56
N ASP D 325 -13.30 6.18 -66.24
CA ASP D 325 -14.31 6.78 -65.38
C ASP D 325 -13.61 7.58 -64.29
N LYS D 326 -14.39 8.04 -63.31
CA LYS D 326 -13.88 8.92 -62.26
C LYS D 326 -12.65 8.36 -61.55
N ASP D 327 -12.58 7.04 -61.37
CA ASP D 327 -11.45 6.47 -60.65
C ASP D 327 -10.89 5.20 -61.27
N ASN D 328 -11.27 4.84 -62.50
CA ASN D 328 -10.85 3.58 -63.08
C ASN D 328 -10.69 3.74 -64.59
N THR D 329 -9.69 3.06 -65.13
CA THR D 329 -9.47 3.00 -66.57
C THR D 329 -9.32 1.54 -66.96
N THR D 330 -10.08 1.13 -67.98
CA THR D 330 -10.09 -0.26 -68.41
C THR D 330 -9.72 -0.36 -69.88
N ILE D 331 -8.77 -1.23 -70.19
CA ILE D 331 -8.35 -1.52 -71.55
C ILE D 331 -8.79 -2.95 -71.83
N VAL D 332 -9.68 -3.13 -72.82
CA VAL D 332 -10.31 -4.43 -73.01
C VAL D 332 -9.57 -5.31 -74.01
N GLY D 333 -8.70 -4.74 -74.84
CA GLY D 333 -7.98 -5.55 -75.82
C GLY D 333 -6.87 -4.81 -76.53
N GLY D 334 -5.69 -5.46 -76.61
CA GLY D 334 -4.56 -4.85 -77.28
C GLY D 334 -4.44 -5.20 -78.75
N LYS D 335 -5.08 -6.29 -79.16
CA LYS D 335 -5.06 -6.76 -80.54
C LYS D 335 -3.63 -6.97 -81.04
N GLY D 336 -2.76 -7.46 -80.18
CA GLY D 336 -1.38 -7.69 -80.58
C GLY D 336 -0.60 -8.37 -79.47
N SER D 337 0.57 -8.86 -79.84
CA SER D 337 1.49 -9.57 -78.95
C SER D 337 0.86 -10.77 -78.26
N LYS D 338 0.01 -11.51 -78.97
CA LYS D 338 -0.60 -12.69 -78.37
C LYS D 338 0.40 -13.83 -78.22
N GLU D 339 1.59 -13.68 -78.81
CA GLU D 339 2.64 -14.69 -78.67
C GLU D 339 3.68 -14.26 -77.66
N ALA D 340 3.98 -12.96 -77.59
CA ALA D 340 5.04 -12.48 -76.72
C ALA D 340 4.69 -12.68 -75.25
N ILE D 341 3.41 -12.54 -74.90
CA ILE D 341 3.01 -12.57 -73.50
C ILE D 341 3.26 -13.93 -72.86
N GLN D 342 3.19 -15.02 -73.63
CA GLN D 342 3.45 -16.34 -73.07
C GLN D 342 4.89 -16.42 -72.54
N ALA D 343 5.85 -15.86 -73.29
CA ALA D 343 7.20 -15.73 -72.77
C ALA D 343 7.22 -14.83 -71.55
N ARG D 344 6.48 -13.72 -71.60
CA ARG D 344 6.39 -12.83 -70.44
C ARG D 344 5.73 -13.54 -69.27
N ILE D 345 4.68 -14.34 -69.53
CA ILE D 345 4.01 -15.07 -68.46
C ILE D 345 4.98 -16.02 -67.77
N GLU D 346 5.75 -16.77 -68.56
CA GLU D 346 6.73 -17.70 -67.98
C GLU D 346 7.76 -16.94 -67.16
N GLN D 347 8.18 -15.77 -67.65
CA GLN D 347 9.13 -14.95 -66.90
C GLN D 347 8.54 -14.49 -65.58
N ILE D 348 7.23 -14.27 -65.52
CA ILE D 348 6.62 -13.69 -64.34
C ILE D 348 6.56 -14.69 -63.20
N LYS D 349 5.97 -15.86 -63.44
CA LYS D 349 5.84 -16.82 -62.34
C LYS D 349 7.19 -17.37 -61.92
N ARG D 350 8.16 -17.44 -62.85
CA ARG D 350 9.52 -17.76 -62.46
C ARG D 350 10.05 -16.74 -61.46
N GLN D 351 9.68 -15.47 -61.63
CA GLN D 351 10.00 -14.46 -60.63
C GLN D 351 9.05 -14.56 -59.43
N ILE D 352 7.79 -14.92 -59.67
CA ILE D 352 6.81 -14.98 -58.59
C ILE D 352 7.25 -15.97 -57.51
N LEU D 353 7.62 -17.18 -57.92
CA LEU D 353 7.98 -18.21 -56.96
C LEU D 353 9.19 -17.81 -56.12
N GLU D 354 10.18 -17.15 -56.74
CA GLU D 354 11.33 -16.67 -55.99
C GLU D 354 10.99 -15.43 -55.19
N THR D 355 10.09 -14.59 -55.69
CA THR D 355 9.65 -13.41 -54.95
C THR D 355 8.48 -13.70 -54.03
N THR D 356 8.11 -14.98 -53.85
CA THR D 356 7.15 -15.32 -52.80
C THR D 356 7.64 -14.89 -51.43
N SER D 357 8.96 -14.85 -51.22
CA SER D 357 9.52 -14.36 -49.96
C SER D 357 9.39 -12.85 -49.84
N ASP D 358 9.22 -12.14 -50.95
CA ASP D 358 9.20 -10.68 -50.95
C ASP D 358 7.80 -10.10 -50.92
N TYR D 359 6.87 -10.64 -51.71
CA TYR D 359 5.56 -10.03 -51.84
C TYR D 359 4.75 -10.18 -50.56
N ASP D 360 3.88 -9.19 -50.31
CA ASP D 360 2.90 -9.26 -49.25
C ASP D 360 1.51 -8.92 -49.75
N ARG D 361 1.34 -8.79 -51.07
CA ARG D 361 0.05 -8.46 -51.67
C ARG D 361 0.00 -9.14 -53.03
N GLU D 362 -1.23 -9.35 -53.51
CA GLU D 362 -1.44 -10.07 -54.77
C GLU D 362 -0.94 -9.30 -55.99
N LYS D 363 -0.36 -8.10 -55.81
CA LYS D 363 0.13 -7.34 -56.96
C LYS D 363 1.17 -8.13 -57.75
N LEU D 364 1.88 -9.06 -57.10
CA LEU D 364 2.81 -9.92 -57.81
C LEU D 364 2.08 -10.81 -58.81
N GLN D 365 0.93 -11.37 -58.40
CA GLN D 365 0.14 -12.18 -59.32
C GLN D 365 -0.89 -11.34 -60.07
N GLU D 366 -1.24 -10.16 -59.54
CA GLU D 366 -2.23 -9.32 -60.18
C GLU D 366 -1.81 -8.93 -61.58
N ARG D 367 -0.54 -8.51 -61.75
CA ARG D 367 -0.06 -8.15 -63.07
C ARG D 367 -0.11 -9.33 -64.02
N LEU D 368 0.28 -10.52 -63.54
CA LEU D 368 0.14 -11.72 -64.35
C LEU D 368 -1.33 -12.00 -64.65
N ALA D 369 -2.21 -11.85 -63.66
CA ALA D 369 -3.62 -12.12 -63.87
C ALA D 369 -4.24 -11.08 -64.80
N LYS D 370 -3.72 -9.85 -64.78
CA LYS D 370 -4.30 -8.79 -65.60
C LYS D 370 -4.16 -9.09 -67.10
N LEU D 371 -2.97 -9.51 -67.51
CA LEU D 371 -2.70 -9.70 -68.94
C LEU D 371 -3.08 -11.09 -69.45
N SER D 372 -3.00 -12.11 -68.61
CA SER D 372 -3.26 -13.47 -69.05
C SER D 372 -4.69 -13.93 -68.76
N GLY D 373 -5.35 -13.34 -67.77
CA GLY D 373 -6.71 -13.70 -67.46
C GLY D 373 -7.55 -12.52 -67.00
N GLY D 374 -8.27 -12.69 -65.91
CA GLY D 374 -9.06 -11.62 -65.35
C GLY D 374 -9.13 -11.73 -63.84
N VAL D 375 -9.83 -10.78 -63.24
CA VAL D 375 -10.04 -10.77 -61.79
C VAL D 375 -11.53 -10.79 -61.51
N ALA D 376 -11.90 -11.43 -60.41
CA ALA D 376 -13.28 -11.48 -59.96
C ALA D 376 -13.33 -11.01 -58.52
N ILE D 377 -14.27 -10.10 -58.22
CA ILE D 377 -14.44 -9.55 -56.89
C ILE D 377 -15.76 -10.04 -56.34
N ILE D 378 -15.69 -10.86 -55.29
CA ILE D 378 -16.88 -11.35 -54.60
C ILE D 378 -17.14 -10.41 -53.43
N ARG D 379 -18.18 -9.60 -53.52
CA ARG D 379 -18.52 -8.65 -52.48
C ARG D 379 -19.56 -9.29 -51.57
N VAL D 380 -19.11 -9.73 -50.40
CA VAL D 380 -19.98 -10.38 -49.42
C VAL D 380 -20.81 -9.32 -48.72
N GLY D 381 -22.09 -9.58 -48.58
CA GLY D 381 -22.99 -8.63 -47.94
C GLY D 381 -23.90 -9.32 -46.96
N ALA D 382 -24.23 -8.61 -45.90
CA ALA D 382 -25.13 -9.10 -44.87
C ALA D 382 -25.85 -7.93 -44.24
N ALA D 383 -26.96 -8.23 -43.57
CA ALA D 383 -27.75 -7.17 -42.94
C ALA D 383 -27.04 -6.53 -41.76
N THR D 384 -25.97 -7.14 -41.27
CA THR D 384 -25.30 -6.65 -40.08
C THR D 384 -23.80 -6.91 -40.20
N GLU D 385 -23.01 -5.98 -39.66
CA GLU D 385 -21.55 -6.11 -39.69
C GLU D 385 -21.10 -7.39 -38.99
N ALA D 386 -21.73 -7.74 -37.87
CA ALA D 386 -21.35 -8.94 -37.14
C ALA D 386 -21.56 -10.19 -37.99
N GLU D 387 -22.69 -10.27 -38.68
CA GLU D 387 -22.93 -11.41 -39.57
C GLU D 387 -22.04 -11.34 -40.80
N LEU D 388 -21.75 -10.14 -41.29
CA LEU D 388 -20.92 -10.00 -42.48
C LEU D 388 -19.51 -10.50 -42.23
N LYS D 389 -18.96 -10.24 -41.04
CA LYS D 389 -17.60 -10.65 -40.74
C LYS D 389 -17.45 -12.17 -40.81
N GLU D 390 -18.41 -12.90 -40.25
CA GLU D 390 -18.34 -14.36 -40.29
C GLU D 390 -18.60 -14.91 -41.68
N LYS D 391 -19.57 -14.32 -42.40
CA LYS D 391 -19.86 -14.78 -43.76
C LYS D 391 -18.66 -14.58 -44.68
N LYS D 392 -17.98 -13.43 -44.55
CA LYS D 392 -16.83 -13.17 -45.40
C LYS D 392 -15.69 -14.16 -45.12
N ALA D 393 -15.52 -14.54 -43.85
CA ALA D 393 -14.47 -15.48 -43.51
C ALA D 393 -14.71 -16.85 -44.16
N ARG D 394 -15.97 -17.29 -44.18
CA ARG D 394 -16.29 -18.57 -44.80
C ARG D 394 -16.05 -18.51 -46.31
N VAL D 395 -16.37 -17.38 -46.94
CA VAL D 395 -16.14 -17.25 -48.38
C VAL D 395 -14.65 -17.32 -48.69
N GLU D 396 -13.81 -16.68 -47.86
CA GLU D 396 -12.37 -16.73 -48.08
C GLU D 396 -11.83 -18.14 -47.93
N ASP D 397 -12.35 -18.90 -46.95
CA ASP D 397 -11.91 -20.28 -46.78
C ASP D 397 -12.23 -21.12 -48.01
N ALA D 398 -13.44 -20.95 -48.56
CA ALA D 398 -13.83 -21.75 -49.72
C ALA D 398 -13.06 -21.33 -50.96
N VAL D 399 -12.69 -20.05 -51.06
CA VAL D 399 -11.87 -19.59 -52.18
C VAL D 399 -10.49 -20.25 -52.13
N HIS D 400 -9.89 -20.28 -50.93
CA HIS D 400 -8.58 -20.91 -50.79
C HIS D 400 -8.64 -22.41 -51.04
N ALA D 401 -9.70 -23.06 -50.53
CA ALA D 401 -9.84 -24.50 -50.72
C ALA D 401 -10.07 -24.82 -52.19
N THR D 402 -10.86 -24.01 -52.89
CA THR D 402 -11.08 -24.22 -54.32
C THR D 402 -9.78 -24.09 -55.09
N LYS D 403 -8.96 -23.10 -54.76
CA LYS D 403 -7.65 -22.96 -55.41
C LYS D 403 -6.76 -24.16 -55.11
N ALA D 404 -6.76 -24.63 -53.86
CA ALA D 404 -5.92 -25.77 -53.50
C ALA D 404 -6.39 -27.05 -54.15
N ALA D 405 -7.70 -27.19 -54.39
CA ALA D 405 -8.22 -28.39 -55.03
C ALA D 405 -7.72 -28.51 -56.47
N VAL D 406 -7.61 -27.40 -57.19
CA VAL D 406 -7.13 -27.45 -58.56
C VAL D 406 -5.68 -27.89 -58.62
N GLU D 407 -4.87 -27.48 -57.64
CA GLU D 407 -3.44 -27.78 -57.68
C GLU D 407 -3.17 -29.27 -57.54
N GLU D 408 -3.76 -29.90 -56.52
CA GLU D 408 -3.39 -31.27 -56.16
C GLU D 408 -4.58 -32.22 -56.13
N GLY D 409 -5.71 -31.86 -56.71
CA GLY D 409 -6.85 -32.76 -56.74
C GLY D 409 -7.64 -32.73 -55.45
N ILE D 410 -8.60 -33.64 -55.38
CA ILE D 410 -9.52 -33.72 -54.24
C ILE D 410 -9.46 -35.11 -53.64
N VAL D 411 -9.91 -35.21 -52.39
CA VAL D 411 -9.84 -36.45 -51.62
C VAL D 411 -11.12 -36.60 -50.83
N PRO D 412 -11.50 -37.84 -50.49
CA PRO D 412 -12.70 -38.04 -49.67
C PRO D 412 -12.65 -37.25 -48.37
N GLY D 413 -13.78 -36.63 -48.04
CA GLY D 413 -13.85 -35.74 -46.88
C GLY D 413 -14.30 -36.44 -45.63
N GLY D 414 -14.58 -35.63 -44.61
CA GLY D 414 -15.03 -36.16 -43.34
C GLY D 414 -13.97 -36.88 -42.55
N GLY D 415 -12.70 -36.64 -42.84
CA GLY D 415 -11.62 -37.34 -42.19
C GLY D 415 -11.38 -38.75 -42.70
N VAL D 416 -12.05 -39.15 -43.78
CA VAL D 416 -11.92 -40.50 -44.31
C VAL D 416 -10.52 -40.71 -44.88
N ALA D 417 -9.97 -39.69 -45.52
CA ALA D 417 -8.67 -39.82 -46.19
C ALA D 417 -7.57 -40.19 -45.21
N LEU D 418 -7.57 -39.56 -44.03
CA LEU D 418 -6.57 -39.91 -43.03
C LEU D 418 -6.80 -41.31 -42.49
N VAL D 419 -8.06 -41.73 -42.36
CA VAL D 419 -8.35 -43.10 -41.92
C VAL D 419 -7.86 -44.10 -42.96
N ARG D 420 -8.13 -43.83 -44.24
CA ARG D 420 -7.68 -44.73 -45.28
C ARG D 420 -6.17 -44.75 -45.38
N ALA D 421 -5.53 -43.60 -45.25
CA ALA D 421 -4.06 -43.54 -45.31
C ALA D 421 -3.42 -44.25 -44.13
N SER D 422 -4.04 -44.19 -42.95
CA SER D 422 -3.47 -44.82 -41.77
C SER D 422 -3.48 -46.34 -41.87
N GLU D 423 -4.22 -46.91 -42.81
CA GLU D 423 -4.25 -48.37 -42.95
C GLU D 423 -2.91 -48.92 -43.41
N ALA D 424 -2.19 -48.16 -44.24
CA ALA D 424 -0.90 -48.63 -44.74
C ALA D 424 0.17 -48.66 -43.66
N LEU D 425 -0.04 -47.99 -42.54
CA LEU D 425 0.92 -48.03 -41.44
C LEU D 425 0.99 -49.39 -40.78
N ASP D 426 0.00 -50.26 -41.02
CA ASP D 426 0.05 -51.61 -40.47
C ASP D 426 1.19 -52.42 -41.10
N ASN D 427 1.49 -52.17 -42.37
CA ASN D 427 2.56 -52.91 -43.05
C ASN D 427 3.94 -52.31 -42.81
N LEU D 428 4.01 -51.10 -42.26
CA LEU D 428 5.30 -50.42 -42.05
C LEU D 428 5.91 -50.92 -40.75
N LYS D 429 6.98 -51.70 -40.89
CA LYS D 429 7.74 -52.17 -39.75
C LYS D 429 9.13 -51.55 -39.76
N VAL D 430 9.64 -51.24 -38.57
CA VAL D 430 10.97 -50.68 -38.39
C VAL D 430 11.74 -51.54 -37.40
N ASP D 431 13.07 -51.44 -37.48
CA ASP D 431 13.93 -52.29 -36.65
C ASP D 431 13.96 -51.85 -35.20
N ASN D 432 13.79 -50.57 -34.92
CA ASN D 432 13.89 -50.04 -33.56
C ASN D 432 12.52 -50.09 -32.90
N ALA D 433 12.48 -50.59 -31.67
CA ALA D 433 11.21 -50.71 -30.95
C ALA D 433 10.59 -49.36 -30.66
N ASP D 434 11.40 -48.38 -30.26
CA ASP D 434 10.87 -47.05 -29.95
C ASP D 434 10.35 -46.35 -31.20
N GLN D 435 11.00 -46.56 -32.35
CA GLN D 435 10.49 -45.98 -33.59
C GLN D 435 9.16 -46.60 -33.99
N GLN D 436 8.91 -47.85 -33.59
CA GLN D 436 7.62 -48.46 -33.86
C GLN D 436 6.51 -47.76 -33.10
N LEU D 437 6.79 -47.31 -31.88
CA LEU D 437 5.80 -46.56 -31.11
C LEU D 437 5.45 -45.25 -31.81
N GLY D 438 6.42 -44.61 -32.45
CA GLY D 438 6.13 -43.41 -33.21
C GLY D 438 5.18 -43.66 -34.36
N ILE D 439 5.33 -44.79 -35.04
CA ILE D 439 4.40 -45.16 -36.11
C ILE D 439 3.00 -45.36 -35.55
N ASP D 440 2.91 -46.05 -34.40
CA ASP D 440 1.60 -46.30 -33.79
C ASP D 440 0.93 -45.00 -33.34
N ILE D 441 1.72 -44.00 -32.96
CA ILE D 441 1.16 -42.72 -32.55
C ILE D 441 0.46 -42.05 -33.73
N ILE D 442 1.10 -42.09 -34.91
CA ILE D 442 0.51 -41.48 -36.09
C ILE D 442 -0.76 -42.22 -36.51
N LYS D 443 -0.78 -43.54 -36.35
CA LYS D 443 -1.98 -44.31 -36.71
C LYS D 443 -3.18 -43.87 -35.87
N LYS D 444 -2.99 -43.71 -34.57
CA LYS D 444 -4.07 -43.24 -33.72
C LYS D 444 -4.42 -41.79 -34.01
N ALA D 445 -3.41 -40.96 -34.28
CA ALA D 445 -3.66 -39.54 -34.53
C ALA D 445 -4.47 -39.33 -35.81
N CYS D 446 -4.14 -40.08 -36.87
CA CYS D 446 -4.82 -39.91 -38.14
C CYS D 446 -6.31 -40.23 -38.03
N ARG D 447 -6.68 -41.05 -37.06
CA ARG D 447 -8.08 -41.45 -36.89
C ARG D 447 -8.81 -40.60 -35.86
N THR D 448 -8.19 -39.53 -35.36
CA THR D 448 -8.81 -38.65 -34.38
C THR D 448 -9.78 -37.65 -35.02
N PRO D 449 -9.43 -37.01 -36.16
CA PRO D 449 -10.38 -36.02 -36.72
C PRO D 449 -11.77 -36.58 -37.03
N ILE D 450 -11.86 -37.83 -37.50
CA ILE D 450 -13.16 -38.40 -37.79
C ILE D 450 -13.96 -38.61 -36.51
N ARG D 451 -13.28 -38.95 -35.41
CA ARG D 451 -13.98 -39.13 -34.15
C ARG D 451 -14.45 -37.80 -33.58
N GLN D 452 -13.70 -36.73 -33.80
CA GLN D 452 -14.10 -35.43 -33.29
C GLN D 452 -15.27 -34.87 -34.09
N ILE D 453 -15.31 -35.14 -35.39
CA ILE D 453 -16.45 -34.72 -36.19
C ILE D 453 -17.71 -35.44 -35.74
N ALA D 454 -17.60 -36.74 -35.45
CA ALA D 454 -18.75 -37.48 -34.92
C ALA D 454 -19.16 -36.95 -33.56
N ALA D 455 -18.19 -36.63 -32.71
CA ALA D 455 -18.51 -36.14 -31.36
C ALA D 455 -19.23 -34.80 -31.42
N ASN D 456 -18.80 -33.92 -32.33
CA ASN D 456 -19.48 -32.63 -32.47
C ASN D 456 -20.91 -32.80 -32.98
N SER D 457 -21.19 -33.88 -33.70
CA SER D 457 -22.51 -34.13 -34.25
C SER D 457 -23.39 -34.96 -33.32
N GLY D 458 -22.93 -35.26 -32.12
CA GLY D 458 -23.72 -36.00 -31.16
C GLY D 458 -23.63 -37.50 -31.26
N PHE D 459 -22.76 -38.03 -32.12
CA PHE D 459 -22.57 -39.46 -32.25
C PHE D 459 -21.30 -39.87 -31.52
N GLU D 460 -21.16 -41.17 -31.28
CA GLU D 460 -19.95 -41.68 -30.63
C GLU D 460 -18.85 -41.91 -31.66
N GLY D 461 -17.69 -41.32 -31.39
CA GLY D 461 -16.60 -41.38 -32.37
C GLY D 461 -16.07 -42.78 -32.57
N TYR D 462 -15.92 -43.54 -31.48
CA TYR D 462 -15.37 -44.89 -31.61
C TYR D 462 -16.31 -45.82 -32.36
N VAL D 463 -17.62 -45.65 -32.15
CA VAL D 463 -18.59 -46.44 -32.90
C VAL D 463 -18.54 -46.08 -34.38
N VAL D 464 -18.47 -44.79 -34.68
CA VAL D 464 -18.41 -44.35 -36.07
C VAL D 464 -17.11 -44.82 -36.72
N LEU D 465 -16.00 -44.74 -36.00
CA LEU D 465 -14.70 -45.12 -36.57
C LEU D 465 -14.68 -46.60 -36.95
N GLU D 466 -15.26 -47.46 -36.10
CA GLU D 466 -15.28 -48.89 -36.38
C GLU D 466 -16.06 -49.18 -37.67
N LYS D 467 -17.22 -48.55 -37.83
CA LYS D 467 -18.02 -48.76 -39.03
C LYS D 467 -17.28 -48.26 -40.27
N VAL D 468 -16.65 -47.09 -40.19
CA VAL D 468 -15.94 -46.54 -41.34
C VAL D 468 -14.77 -47.44 -41.73
N LEU D 469 -14.08 -48.01 -40.74
CA LEU D 469 -12.98 -48.93 -41.03
C LEU D 469 -13.48 -50.16 -41.76
N GLN D 470 -14.60 -50.74 -41.31
CA GLN D 470 -15.10 -51.95 -41.93
C GLN D 470 -15.77 -51.67 -43.27
N LEU D 471 -16.36 -50.49 -43.44
CA LEU D 471 -16.97 -50.15 -44.72
C LEU D 471 -15.91 -49.94 -45.80
N GLY D 472 -14.66 -49.73 -45.43
CA GLY D 472 -13.62 -49.52 -46.43
C GLY D 472 -13.39 -50.74 -47.30
N LYS D 473 -13.58 -51.93 -46.75
CA LYS D 473 -13.41 -53.17 -47.50
C LYS D 473 -14.72 -53.76 -47.99
N GLU D 474 -15.83 -53.53 -47.29
CA GLU D 474 -17.12 -54.04 -47.72
C GLU D 474 -17.71 -53.22 -48.86
N LYS D 475 -17.52 -51.91 -48.84
CA LYS D 475 -18.12 -51.02 -49.83
C LYS D 475 -17.10 -50.35 -50.72
N GLY D 476 -16.06 -49.78 -50.15
CA GLY D 476 -15.04 -49.08 -50.91
C GLY D 476 -14.29 -48.10 -50.04
N LYS D 477 -13.18 -47.59 -50.58
CA LYS D 477 -12.35 -46.68 -49.82
C LYS D 477 -13.01 -45.33 -49.60
N ASN D 478 -13.87 -44.91 -50.54
CA ASN D 478 -14.49 -43.59 -50.47
C ASN D 478 -15.67 -43.53 -49.51
N TRP D 479 -16.09 -44.66 -48.93
CA TRP D 479 -17.23 -44.66 -48.04
C TRP D 479 -16.85 -44.10 -46.67
N GLY D 480 -17.73 -43.29 -46.11
CA GLY D 480 -17.47 -42.67 -44.83
C GLY D 480 -18.76 -42.36 -44.10
N PHE D 481 -18.67 -41.43 -43.16
CA PHE D 481 -19.79 -41.02 -42.32
C PHE D 481 -20.17 -39.58 -42.64
N ASP D 482 -21.44 -39.38 -43.00
CA ASP D 482 -21.96 -38.04 -43.27
C ASP D 482 -22.52 -37.48 -41.96
N ALA D 483 -21.72 -36.64 -41.30
CA ALA D 483 -22.13 -36.08 -40.03
C ALA D 483 -23.25 -35.06 -40.15
N GLY D 484 -23.49 -34.53 -41.35
CA GLY D 484 -24.58 -33.57 -41.51
C GLY D 484 -25.94 -34.18 -41.27
N VAL D 485 -26.17 -35.39 -41.80
CA VAL D 485 -27.44 -36.08 -41.63
C VAL D 485 -27.34 -37.29 -40.74
N GLY D 486 -26.14 -37.84 -40.52
CA GLY D 486 -25.98 -38.93 -39.59
C GLY D 486 -26.11 -40.32 -40.16
N ASP D 487 -25.63 -40.56 -41.38
CA ASP D 487 -25.63 -41.88 -41.96
C ASP D 487 -24.41 -42.06 -42.84
N TYR D 488 -24.09 -43.32 -43.13
CA TYR D 488 -22.90 -43.65 -43.90
C TYR D 488 -23.22 -43.72 -45.39
N LYS D 489 -22.31 -43.23 -46.21
CA LYS D 489 -22.50 -43.22 -47.65
C LYS D 489 -21.15 -43.01 -48.33
N ASP D 490 -21.17 -42.98 -49.65
CA ASP D 490 -19.99 -42.68 -50.43
C ASP D 490 -19.74 -41.17 -50.39
N MET D 491 -18.59 -40.78 -49.82
CA MET D 491 -18.31 -39.36 -49.64
C MET D 491 -18.05 -38.65 -50.95
N VAL D 492 -17.36 -39.31 -51.89
CA VAL D 492 -17.06 -38.65 -53.16
C VAL D 492 -18.33 -38.44 -53.98
N GLU D 493 -19.24 -39.43 -53.97
CA GLU D 493 -20.49 -39.26 -54.70
C GLU D 493 -21.39 -38.23 -54.03
N ALA D 494 -21.40 -38.20 -52.69
CA ALA D 494 -22.22 -37.24 -51.97
C ALA D 494 -21.68 -35.82 -52.07
N GLY D 495 -20.45 -35.65 -52.57
CA GLY D 495 -19.85 -34.34 -52.64
C GLY D 495 -19.16 -33.88 -51.39
N ILE D 496 -18.99 -34.75 -50.39
CA ILE D 496 -18.29 -34.38 -49.15
C ILE D 496 -16.81 -34.67 -49.41
N ILE D 497 -16.14 -33.69 -50.01
CA ILE D 497 -14.74 -33.81 -50.38
C ILE D 497 -13.98 -32.57 -49.92
N ASP D 498 -12.68 -32.72 -49.72
CA ASP D 498 -11.79 -31.62 -49.39
C ASP D 498 -10.51 -31.79 -50.18
N PRO D 499 -9.77 -30.71 -50.43
CA PRO D 499 -8.59 -30.80 -51.29
C PRO D 499 -7.51 -31.69 -50.71
N THR D 500 -6.74 -32.32 -51.60
CA THR D 500 -5.61 -33.14 -51.18
C THR D 500 -4.55 -32.30 -50.49
N LYS D 501 -4.34 -31.08 -50.97
CA LYS D 501 -3.33 -30.20 -50.38
C LYS D 501 -3.63 -29.91 -48.92
N VAL D 502 -4.89 -29.67 -48.59
CA VAL D 502 -5.25 -29.35 -47.21
C VAL D 502 -4.94 -30.51 -46.28
N VAL D 503 -5.30 -31.73 -46.70
CA VAL D 503 -5.06 -32.90 -45.87
C VAL D 503 -3.57 -33.15 -45.71
N ARG D 504 -2.82 -33.04 -46.81
CA ARG D 504 -1.38 -33.26 -46.74
C ARG D 504 -0.70 -32.22 -45.86
N VAL D 505 -1.08 -30.95 -46.01
CA VAL D 505 -0.43 -29.88 -45.26
C VAL D 505 -0.74 -29.99 -43.78
N ALA D 506 -1.97 -30.38 -43.44
CA ALA D 506 -2.38 -30.42 -42.04
C ALA D 506 -1.57 -31.46 -41.26
N ILE D 507 -1.41 -32.66 -41.82
CA ILE D 507 -0.71 -33.72 -41.10
C ILE D 507 0.78 -33.42 -41.01
N GLN D 508 1.36 -32.84 -42.07
CA GLN D 508 2.79 -32.55 -42.06
C GLN D 508 3.12 -31.47 -41.03
N ASN D 509 2.31 -30.41 -40.96
CA ASN D 509 2.56 -29.36 -39.99
C ASN D 509 2.31 -29.84 -38.56
N ALA D 510 1.27 -30.65 -38.37
CA ALA D 510 0.96 -31.15 -37.03
C ALA D 510 2.08 -32.04 -36.51
N ALA D 511 2.62 -32.91 -37.37
CA ALA D 511 3.64 -33.85 -36.93
C ALA D 511 4.97 -33.14 -36.67
N SER D 512 5.30 -32.15 -37.49
CA SER D 512 6.60 -31.48 -37.34
C SER D 512 6.69 -30.76 -36.00
N VAL D 513 5.64 -30.08 -35.58
CA VAL D 513 5.67 -29.37 -34.31
C VAL D 513 5.53 -30.33 -33.15
N ALA D 514 4.53 -31.23 -33.22
CA ALA D 514 4.29 -32.15 -32.11
C ALA D 514 5.48 -33.08 -31.89
N GLY D 515 6.11 -33.53 -32.98
CA GLY D 515 7.30 -34.35 -32.83
C GLY D 515 8.45 -33.61 -32.17
N THR D 516 8.61 -32.33 -32.50
CA THR D 516 9.68 -31.53 -31.92
C THR D 516 9.47 -31.36 -30.41
N MET D 517 8.23 -31.09 -29.99
CA MET D 517 7.97 -30.86 -28.58
C MET D 517 8.19 -32.12 -27.75
N LEU D 518 8.00 -33.29 -28.35
CA LEU D 518 8.14 -34.53 -27.60
C LEU D 518 9.57 -34.80 -27.17
N THR D 519 10.55 -34.19 -27.85
CA THR D 519 11.94 -34.40 -27.47
C THR D 519 12.38 -33.50 -26.32
N ALA D 520 11.50 -32.64 -25.82
CA ALA D 520 11.85 -31.72 -24.75
C ALA D 520 12.00 -32.45 -23.42
N GLU D 521 12.94 -31.98 -22.60
CA GLU D 521 13.13 -32.48 -21.25
C GLU D 521 13.08 -31.40 -20.19
N ALA D 522 13.49 -30.17 -20.51
CA ALA D 522 13.47 -29.07 -19.56
C ALA D 522 12.86 -27.85 -20.22
N LEU D 523 12.22 -27.01 -19.41
CA LEU D 523 11.64 -25.76 -19.86
C LEU D 523 12.26 -24.61 -19.07
N VAL D 524 12.72 -23.59 -19.79
CA VAL D 524 13.33 -22.41 -19.18
C VAL D 524 12.42 -21.22 -19.44
N ALA D 525 11.90 -20.63 -18.36
CA ALA D 525 11.01 -19.49 -18.48
C ALA D 525 11.32 -18.49 -17.38
N GLU D 526 11.04 -17.22 -17.65
CA GLU D 526 11.28 -16.17 -16.68
C GLU D 526 10.28 -16.27 -15.53
N ILE D 527 10.74 -15.96 -14.33
CA ILE D 527 9.87 -15.92 -13.16
C ILE D 527 9.03 -14.64 -13.24
N PRO D 528 7.70 -14.74 -13.20
CA PRO D 528 6.80 -13.59 -13.29
C PRO D 528 7.04 -12.54 -12.21
N ALA E 1 -35.58 -21.96 19.23
CA ALA E 1 -34.29 -21.32 18.97
C ALA E 1 -34.33 -20.51 17.69
N ALA E 2 -33.38 -19.58 17.55
CA ALA E 2 -33.30 -18.77 16.35
C ALA E 2 -32.96 -19.65 15.15
N LYS E 3 -33.58 -19.34 14.01
CA LYS E 3 -33.42 -20.13 12.80
C LYS E 3 -33.11 -19.23 11.61
N LYS E 4 -32.39 -19.79 10.64
CA LYS E 4 -32.05 -19.10 9.41
C LYS E 4 -32.78 -19.77 8.25
N VAL E 5 -33.43 -18.97 7.41
CA VAL E 5 -34.28 -19.47 6.33
C VAL E 5 -33.63 -19.09 5.01
N ILE E 6 -33.59 -20.04 4.07
CA ILE E 6 -33.03 -19.84 2.74
C ILE E 6 -34.14 -20.03 1.72
N TYR E 7 -34.24 -19.10 0.77
CA TYR E 7 -35.36 -19.03 -0.14
C TYR E 7 -34.93 -19.25 -1.58
N GLY E 8 -35.85 -19.81 -2.36
CA GLY E 8 -35.73 -19.76 -3.81
C GLY E 8 -34.56 -20.56 -4.35
N GLU E 9 -33.90 -19.99 -5.36
CA GLU E 9 -32.81 -20.69 -6.04
C GLU E 9 -31.66 -21.02 -5.09
N ASP E 10 -31.45 -20.19 -4.07
CA ASP E 10 -30.41 -20.48 -3.10
C ASP E 10 -30.72 -21.76 -2.33
N ALA E 11 -31.99 -21.99 -2.00
CA ALA E 11 -32.38 -23.18 -1.26
C ALA E 11 -32.08 -24.45 -2.06
N ARG E 12 -32.43 -24.44 -3.35
CA ARG E 12 -32.16 -25.61 -4.19
C ARG E 12 -30.68 -25.76 -4.47
N ALA E 13 -29.92 -24.67 -4.46
CA ALA E 13 -28.48 -24.76 -4.62
C ALA E 13 -27.85 -25.51 -3.46
N ARG E 14 -28.34 -25.27 -2.24
CA ARG E 14 -27.85 -26.02 -1.08
C ARG E 14 -28.15 -27.50 -1.22
N LEU E 15 -29.37 -27.83 -1.65
CA LEU E 15 -29.77 -29.22 -1.77
C LEU E 15 -28.94 -29.94 -2.83
N LYS E 16 -28.68 -29.28 -3.95
CA LYS E 16 -27.93 -29.91 -5.03
C LYS E 16 -26.52 -30.27 -4.58
N ALA E 17 -25.88 -29.38 -3.82
CA ALA E 17 -24.54 -29.66 -3.32
C ALA E 17 -24.55 -30.84 -2.35
N GLY E 18 -25.55 -30.91 -1.48
CA GLY E 18 -25.62 -32.02 -0.54
C GLY E 18 -25.91 -33.35 -1.23
N VAL E 19 -26.81 -33.35 -2.21
CA VAL E 19 -27.13 -34.59 -2.92
C VAL E 19 -25.94 -35.05 -3.73
N ASP E 20 -25.24 -34.12 -4.38
CA ASP E 20 -24.08 -34.49 -5.19
C ASP E 20 -22.99 -35.13 -4.34
N LYS E 21 -22.72 -34.57 -3.16
CA LYS E 21 -21.67 -35.12 -2.30
C LYS E 21 -22.04 -36.52 -1.81
N LEU E 22 -23.33 -36.75 -1.55
CA LEU E 22 -23.77 -38.09 -1.19
C LEU E 22 -23.65 -39.04 -2.37
N ALA E 23 -24.16 -38.64 -3.53
CA ALA E 23 -24.22 -39.54 -4.67
C ALA E 23 -22.83 -39.84 -5.22
N ASN E 24 -21.95 -38.83 -5.25
CA ASN E 24 -20.61 -39.05 -5.80
C ASN E 24 -19.82 -40.06 -4.98
N ALA E 25 -20.09 -40.14 -3.67
CA ALA E 25 -19.41 -41.12 -2.84
C ALA E 25 -19.99 -42.52 -3.03
N VAL E 26 -21.29 -42.62 -3.30
CA VAL E 26 -21.95 -43.91 -3.33
C VAL E 26 -21.95 -44.50 -4.73
N LYS E 27 -22.08 -43.66 -5.75
CA LYS E 27 -22.25 -44.17 -7.12
C LYS E 27 -21.00 -44.87 -7.62
N VAL E 28 -19.84 -44.61 -7.01
CA VAL E 28 -18.61 -45.26 -7.45
C VAL E 28 -18.59 -46.72 -7.06
N THR E 29 -19.46 -47.14 -6.15
CA THR E 29 -19.54 -48.53 -5.73
C THR E 29 -20.62 -49.31 -6.46
N LEU E 30 -21.32 -48.70 -7.42
CA LEU E 30 -22.39 -49.38 -8.12
C LEU E 30 -21.85 -50.46 -9.05
N GLY E 31 -22.54 -51.59 -9.10
CA GLY E 31 -22.18 -52.67 -9.99
C GLY E 31 -21.39 -53.75 -9.29
N PRO E 32 -21.02 -54.80 -10.03
CA PRO E 32 -20.22 -55.88 -9.44
C PRO E 32 -18.76 -55.54 -9.27
N ARG E 33 -18.27 -54.49 -9.93
CA ARG E 33 -16.87 -54.11 -9.84
C ARG E 33 -16.72 -52.66 -9.41
N GLY E 34 -17.48 -52.26 -8.38
CA GLY E 34 -17.39 -50.89 -7.91
C GLY E 34 -16.05 -50.59 -7.27
N ARG E 35 -15.68 -49.33 -7.29
CA ARG E 35 -14.41 -48.89 -6.71
C ARG E 35 -14.48 -48.93 -5.19
N GLU E 36 -13.31 -48.79 -4.56
CA GLU E 36 -13.23 -48.87 -3.12
C GLU E 36 -13.53 -47.52 -2.48
N VAL E 37 -14.16 -47.57 -1.31
CA VAL E 37 -14.35 -46.42 -0.45
C VAL E 37 -13.76 -46.75 0.92
N ILE E 38 -12.91 -45.86 1.42
CA ILE E 38 -12.20 -46.09 2.68
C ILE E 38 -12.83 -45.21 3.75
N ILE E 39 -13.26 -45.84 4.84
CA ILE E 39 -14.00 -45.17 5.91
C ILE E 39 -13.15 -45.22 7.17
N GLU E 40 -12.97 -44.06 7.81
CA GLU E 40 -12.19 -43.98 9.03
C GLU E 40 -12.91 -44.71 10.16
N LYS E 41 -12.15 -45.50 10.91
CA LYS E 41 -12.60 -46.08 12.16
C LYS E 41 -11.65 -45.64 13.25
N LYS E 42 -12.12 -44.74 14.12
CA LYS E 42 -11.25 -44.17 15.14
C LYS E 42 -10.77 -45.25 16.10
N TRP E 43 -9.48 -45.18 16.45
CA TRP E 43 -8.81 -46.21 17.24
C TRP E 43 -8.90 -47.57 16.57
N GLY E 44 -8.76 -47.60 15.24
CA GLY E 44 -8.81 -48.83 14.49
C GLY E 44 -8.31 -48.60 13.07
N THR E 45 -8.15 -49.70 12.34
CA THR E 45 -7.73 -49.63 10.96
C THR E 45 -8.90 -49.18 10.07
N PRO E 46 -8.64 -48.33 9.08
CA PRO E 46 -9.73 -47.90 8.19
C PRO E 46 -10.40 -49.07 7.49
N VAL E 47 -11.69 -48.93 7.24
CA VAL E 47 -12.51 -49.98 6.65
C VAL E 47 -12.66 -49.69 5.17
N VAL E 48 -12.44 -50.71 4.34
CA VAL E 48 -12.55 -50.60 2.89
C VAL E 48 -13.78 -51.35 2.44
N THR E 49 -14.69 -50.66 1.76
CA THR E 49 -15.95 -51.25 1.32
C THR E 49 -16.22 -50.93 -0.14
N LYS E 50 -16.92 -51.85 -0.80
CA LYS E 50 -17.53 -51.61 -2.10
C LYS E 50 -19.05 -51.75 -2.02
N ASP E 51 -19.62 -51.58 -0.83
CA ASP E 51 -21.01 -51.95 -0.59
C ASP E 51 -22.00 -50.89 -1.02
N GLY E 52 -21.74 -49.62 -0.72
CA GLY E 52 -22.70 -48.58 -1.04
C GLY E 52 -23.66 -48.31 0.09
N VAL E 53 -24.34 -49.36 0.57
CA VAL E 53 -25.19 -49.21 1.75
C VAL E 53 -24.35 -48.83 2.96
N THR E 54 -23.19 -49.47 3.12
CA THR E 54 -22.28 -49.13 4.21
C THR E 54 -21.78 -47.70 4.08
N VAL E 55 -21.46 -47.26 2.86
CA VAL E 55 -21.00 -45.89 2.65
C VAL E 55 -22.11 -44.90 2.98
N ALA E 56 -23.34 -45.19 2.57
CA ALA E 56 -24.44 -44.26 2.79
C ALA E 56 -24.75 -44.12 4.27
N LYS E 57 -24.56 -45.18 5.05
CA LYS E 57 -24.85 -45.12 6.47
C LYS E 57 -23.95 -44.14 7.20
N GLU E 58 -22.75 -43.92 6.69
CA GLU E 58 -21.76 -43.08 7.37
C GLU E 58 -21.78 -41.62 6.94
N ILE E 59 -22.53 -41.28 5.89
CA ILE E 59 -22.43 -39.95 5.31
C ILE E 59 -23.31 -38.99 6.09
N GLU E 60 -22.71 -37.91 6.59
CA GLU E 60 -23.42 -36.84 7.27
C GLU E 60 -22.55 -35.59 7.22
N PHE E 61 -23.15 -34.46 6.90
CA PHE E 61 -22.41 -33.25 6.59
C PHE E 61 -22.61 -32.19 7.66
N LYS E 62 -21.65 -31.29 7.76
CA LYS E 62 -21.71 -30.23 8.77
C LYS E 62 -22.76 -29.18 8.43
N ASP E 63 -22.85 -28.81 7.16
CA ASP E 63 -23.78 -27.77 6.76
C ASP E 63 -25.21 -28.27 6.91
N PRO E 64 -26.05 -27.61 7.69
CA PRO E 64 -27.41 -28.12 7.91
C PRO E 64 -28.25 -28.19 6.64
N TYR E 65 -28.06 -27.27 5.70
CA TYR E 65 -28.85 -27.24 4.47
C TYR E 65 -28.38 -28.27 3.46
N GLU E 66 -27.07 -28.46 3.33
CA GLU E 66 -26.57 -29.55 2.48
C GLU E 66 -26.90 -30.90 3.09
N ASN E 67 -26.91 -31.00 4.42
CA ASN E 67 -27.30 -32.24 5.08
C ASN E 67 -28.76 -32.55 4.81
N MET E 68 -29.58 -31.53 4.58
CA MET E 68 -30.99 -31.77 4.27
C MET E 68 -31.15 -32.59 3.00
N GLY E 69 -30.40 -32.24 1.96
CA GLY E 69 -30.49 -32.99 0.72
C GLY E 69 -29.98 -34.41 0.85
N ALA E 70 -28.88 -34.59 1.58
CA ALA E 70 -28.32 -35.92 1.75
C ALA E 70 -29.27 -36.83 2.51
N GLN E 71 -29.87 -36.33 3.59
CA GLN E 71 -30.74 -37.17 4.40
C GLN E 71 -32.04 -37.50 3.67
N LEU E 72 -32.57 -36.55 2.89
CA LEU E 72 -33.80 -36.81 2.15
C LEU E 72 -33.60 -37.92 1.13
N VAL E 73 -32.49 -37.90 0.40
CA VAL E 73 -32.22 -38.94 -0.58
C VAL E 73 -31.91 -40.26 0.13
N LYS E 74 -31.23 -40.20 1.27
CA LYS E 74 -30.88 -41.41 1.99
C LYS E 74 -32.12 -42.15 2.46
N GLU E 75 -33.09 -41.43 3.00
CA GLU E 75 -34.32 -42.07 3.49
C GLU E 75 -35.09 -42.71 2.35
N VAL E 76 -35.25 -41.98 1.25
CA VAL E 76 -35.98 -42.52 0.10
C VAL E 76 -35.26 -43.72 -0.48
N ALA E 77 -33.93 -43.65 -0.60
CA ALA E 77 -33.17 -44.80 -1.09
C ALA E 77 -33.23 -45.96 -0.10
N SER E 78 -33.24 -45.67 1.20
CA SER E 78 -33.32 -46.73 2.19
C SER E 78 -34.68 -47.43 2.16
N LYS E 79 -35.75 -46.70 1.85
CA LYS E 79 -37.07 -47.32 1.74
C LYS E 79 -37.13 -48.32 0.61
N THR E 80 -36.30 -48.15 -0.42
CA THR E 80 -36.25 -49.13 -1.50
C THR E 80 -35.77 -50.48 -1.00
N SER E 81 -34.73 -50.48 -0.17
CA SER E 81 -34.23 -51.72 0.40
C SER E 81 -35.23 -52.31 1.40
N ASP E 82 -35.88 -51.45 2.19
CA ASP E 82 -36.84 -51.93 3.17
C ASP E 82 -38.05 -52.57 2.52
N VAL E 83 -38.31 -52.28 1.25
CA VAL E 83 -39.46 -52.85 0.55
C VAL E 83 -39.06 -53.95 -0.43
N ALA E 84 -37.94 -53.80 -1.13
CA ALA E 84 -37.57 -54.80 -2.13
C ALA E 84 -36.22 -55.45 -1.88
N GLY E 85 -35.56 -55.20 -0.76
CA GLY E 85 -34.31 -55.87 -0.45
C GLY E 85 -33.08 -55.19 -1.02
N ASP E 86 -33.08 -54.94 -2.32
CA ASP E 86 -31.94 -54.33 -3.00
C ASP E 86 -32.34 -53.00 -3.64
N GLY E 87 -31.34 -52.29 -4.15
CA GLY E 87 -31.61 -51.11 -4.94
C GLY E 87 -31.30 -49.78 -4.27
N THR E 88 -30.63 -49.82 -3.11
CA THR E 88 -30.33 -48.59 -2.39
C THR E 88 -29.42 -47.68 -3.21
N THR E 89 -28.34 -48.22 -3.77
CA THR E 89 -27.42 -47.40 -4.54
C THR E 89 -28.04 -46.95 -5.86
N THR E 90 -28.81 -47.83 -6.50
CA THR E 90 -29.43 -47.48 -7.78
C THR E 90 -30.42 -46.33 -7.61
N ALA E 91 -31.19 -46.35 -6.53
CA ALA E 91 -32.14 -45.26 -6.27
C ALA E 91 -31.41 -43.95 -6.06
N THR E 92 -30.28 -43.98 -5.36
CA THR E 92 -29.50 -42.76 -5.14
C THR E 92 -28.94 -42.23 -6.46
N VAL E 93 -28.47 -43.12 -7.34
CA VAL E 93 -27.94 -42.70 -8.62
C VAL E 93 -29.05 -42.07 -9.46
N LEU E 94 -30.23 -42.69 -9.48
CA LEU E 94 -31.34 -42.14 -10.24
C LEU E 94 -31.79 -40.80 -9.68
N ALA E 95 -31.79 -40.66 -8.35
CA ALA E 95 -32.25 -39.42 -7.74
C ALA E 95 -31.36 -38.25 -8.13
N GLN E 96 -30.04 -38.46 -8.15
CA GLN E 96 -29.13 -37.40 -8.56
C GLN E 96 -29.34 -37.01 -10.02
N ALA E 97 -29.55 -38.01 -10.89
CA ALA E 97 -29.71 -37.73 -12.31
C ALA E 97 -30.96 -36.91 -12.57
N ILE E 98 -32.08 -37.26 -11.94
CA ILE E 98 -33.32 -36.53 -12.16
C ILE E 98 -33.22 -35.12 -11.60
N PHE E 99 -32.67 -35.00 -10.38
CA PHE E 99 -32.59 -33.69 -9.74
C PHE E 99 -31.66 -32.74 -10.49
N ASN E 100 -30.50 -33.25 -10.93
CA ASN E 100 -29.56 -32.39 -11.64
C ASN E 100 -30.12 -31.92 -12.98
N GLU E 101 -30.75 -32.83 -13.73
CA GLU E 101 -31.33 -32.44 -15.01
C GLU E 101 -32.56 -31.55 -14.82
N GLY E 102 -33.33 -31.80 -13.77
CA GLY E 102 -34.48 -30.96 -13.50
C GLY E 102 -34.09 -29.52 -13.19
N LEU E 103 -33.01 -29.34 -12.42
CA LEU E 103 -32.53 -27.99 -12.12
C LEU E 103 -32.03 -27.30 -13.37
N ARG E 104 -31.39 -28.04 -14.27
CA ARG E 104 -30.92 -27.46 -15.52
C ARG E 104 -32.07 -26.93 -16.36
N ALA E 105 -33.16 -27.70 -16.45
CA ALA E 105 -34.32 -27.27 -17.23
C ALA E 105 -34.96 -26.03 -16.62
N ILE E 106 -35.06 -25.99 -15.29
CA ILE E 106 -35.64 -24.83 -14.61
C ILE E 106 -34.75 -23.60 -14.84
N ALA E 107 -33.44 -23.78 -14.80
CA ALA E 107 -32.52 -22.67 -15.04
C ALA E 107 -32.66 -22.10 -16.45
N SER E 108 -33.16 -22.89 -17.40
CA SER E 108 -33.40 -22.41 -18.76
C SER E 108 -34.71 -21.67 -18.90
N GLY E 109 -35.54 -21.62 -17.86
CA GLY E 109 -36.80 -20.91 -17.89
C GLY E 109 -38.03 -21.79 -17.95
N ALA E 110 -37.88 -23.10 -17.88
CA ALA E 110 -39.04 -23.99 -17.94
C ALA E 110 -39.85 -23.91 -16.66
N ASN E 111 -41.13 -24.23 -16.76
CA ASN E 111 -42.02 -24.18 -15.61
C ASN E 111 -41.77 -25.39 -14.72
N PRO E 112 -41.40 -25.21 -13.45
CA PRO E 112 -41.16 -26.37 -12.58
C PRO E 112 -42.38 -27.26 -12.38
N MET E 113 -43.59 -26.69 -12.37
CA MET E 113 -44.78 -27.51 -12.19
C MET E 113 -45.04 -28.38 -13.42
N ASP E 114 -44.81 -27.85 -14.61
CA ASP E 114 -44.99 -28.65 -15.82
C ASP E 114 -43.90 -29.72 -15.95
N ILE E 115 -42.69 -29.43 -15.47
CA ILE E 115 -41.63 -30.43 -15.47
C ILE E 115 -42.02 -31.61 -14.59
N LYS E 116 -42.57 -31.32 -13.41
CA LYS E 116 -43.00 -32.39 -12.51
C LYS E 116 -44.10 -33.22 -13.14
N ARG E 117 -45.05 -32.57 -13.82
CA ARG E 117 -46.11 -33.32 -14.49
C ARG E 117 -45.54 -34.22 -15.58
N GLY E 118 -44.54 -33.74 -16.31
CA GLY E 118 -43.88 -34.59 -17.29
C GLY E 118 -43.13 -35.74 -16.65
N ILE E 119 -42.53 -35.51 -15.48
CA ILE E 119 -41.78 -36.55 -14.80
C ILE E 119 -42.70 -37.66 -14.34
N ASP E 120 -43.82 -37.30 -13.70
CA ASP E 120 -44.77 -38.30 -13.23
C ASP E 120 -45.38 -39.08 -14.40
N LYS E 121 -45.69 -38.38 -15.48
CA LYS E 121 -46.23 -39.06 -16.65
C LYS E 121 -45.22 -40.02 -17.27
N ALA E 122 -43.96 -39.60 -17.33
CA ALA E 122 -42.92 -40.46 -17.91
C ALA E 122 -42.64 -41.66 -17.02
N VAL E 123 -42.68 -41.48 -15.69
CA VAL E 123 -42.42 -42.60 -14.78
C VAL E 123 -43.50 -43.66 -14.93
N GLU E 124 -44.76 -43.23 -15.11
CA GLU E 124 -45.85 -44.19 -15.27
C GLU E 124 -45.63 -45.07 -16.50
N THR E 125 -45.21 -44.47 -17.61
CA THR E 125 -44.92 -45.25 -18.81
C THR E 125 -43.76 -46.21 -18.58
N VAL E 126 -42.73 -45.75 -17.89
CA VAL E 126 -41.57 -46.60 -17.62
C VAL E 126 -41.97 -47.79 -16.76
N VAL E 127 -42.78 -47.55 -15.73
CA VAL E 127 -43.20 -48.63 -14.84
C VAL E 127 -44.02 -49.66 -15.60
N ASN E 128 -44.91 -49.21 -16.48
CA ASN E 128 -45.72 -50.14 -17.27
C ASN E 128 -44.85 -51.01 -18.16
N GLU E 129 -43.82 -50.42 -18.78
CA GLU E 129 -42.90 -51.20 -19.60
C GLU E 129 -42.13 -52.21 -18.77
N ILE E 130 -41.78 -51.84 -17.54
CA ILE E 130 -41.06 -52.76 -16.66
C ILE E 130 -41.91 -53.98 -16.35
N LYS E 131 -43.19 -53.76 -16.04
CA LYS E 131 -44.09 -54.89 -15.81
C LYS E 131 -44.26 -55.73 -17.07
N LYS E 132 -44.34 -55.08 -18.23
CA LYS E 132 -44.46 -55.81 -19.49
C LYS E 132 -43.21 -56.64 -19.78
N LEU E 133 -42.05 -56.18 -19.33
CA LEU E 133 -40.80 -56.87 -19.64
C LEU E 133 -40.50 -58.00 -18.66
N SER E 134 -41.06 -57.94 -17.46
CA SER E 134 -40.76 -58.94 -16.45
C SER E 134 -41.38 -60.29 -16.81
N ILE E 135 -40.74 -61.35 -16.32
CA ILE E 135 -41.24 -62.71 -16.50
C ILE E 135 -41.34 -63.37 -15.12
N PRO E 136 -42.31 -64.24 -14.89
CA PRO E 136 -42.43 -64.89 -13.58
C PRO E 136 -41.26 -65.83 -13.32
N VAL E 137 -40.91 -65.97 -12.04
CA VAL E 137 -39.90 -66.94 -11.64
C VAL E 137 -40.49 -68.34 -11.79
N SER E 138 -39.70 -69.26 -12.36
CA SER E 138 -40.22 -70.57 -12.70
C SER E 138 -39.76 -71.67 -11.74
N GLY E 139 -38.56 -71.58 -11.20
CA GLY E 139 -38.05 -72.66 -10.38
C GLY E 139 -36.75 -72.29 -9.68
N ARG E 140 -36.03 -73.31 -9.25
CA ARG E 140 -34.83 -73.11 -8.45
C ARG E 140 -33.75 -72.38 -9.22
N LYS E 141 -33.74 -72.51 -10.55
CA LYS E 141 -32.68 -71.90 -11.35
C LYS E 141 -32.69 -70.39 -11.20
N GLU E 142 -33.84 -69.75 -11.41
CA GLU E 142 -33.92 -68.31 -11.26
C GLU E 142 -33.83 -67.88 -9.80
N ILE E 143 -34.38 -68.68 -8.89
CA ILE E 143 -34.30 -68.34 -7.46
C ILE E 143 -32.85 -68.28 -7.01
N GLU E 144 -32.05 -69.26 -7.40
CA GLU E 144 -30.63 -69.25 -7.03
C GLU E 144 -29.90 -68.07 -7.67
N GLN E 145 -30.22 -67.77 -8.93
CA GLN E 145 -29.56 -66.66 -9.62
C GLN E 145 -29.88 -65.32 -8.96
N VAL E 146 -31.14 -65.11 -8.59
CA VAL E 146 -31.53 -63.86 -7.97
C VAL E 146 -30.82 -63.69 -6.63
N ALA E 147 -30.77 -64.75 -5.82
CA ALA E 147 -30.12 -64.67 -4.52
C ALA E 147 -28.63 -64.40 -4.68
N THR E 148 -27.99 -64.99 -5.69
CA THR E 148 -26.57 -64.75 -5.92
C THR E 148 -26.31 -63.29 -6.29
N ILE E 149 -27.12 -62.74 -7.19
CA ILE E 149 -26.94 -61.34 -7.59
C ILE E 149 -27.28 -60.39 -6.45
N SER E 150 -28.30 -60.72 -5.67
CA SER E 150 -28.64 -59.89 -4.50
C SER E 150 -27.50 -59.87 -3.50
N ALA E 151 -26.87 -61.01 -3.25
CA ALA E 151 -25.63 -61.03 -2.49
C ALA E 151 -24.49 -60.46 -3.33
N ASN E 152 -23.29 -60.46 -2.77
CA ASN E 152 -22.16 -59.90 -3.50
C ASN E 152 -21.63 -60.90 -4.52
N ASN E 153 -22.52 -61.38 -5.40
CA ASN E 153 -22.16 -62.35 -6.43
C ASN E 153 -21.47 -63.57 -5.84
N ASP E 154 -21.99 -64.05 -4.71
CA ASP E 154 -21.46 -65.21 -4.02
C ASP E 154 -22.44 -66.36 -4.17
N ALA E 155 -22.00 -67.44 -4.82
CA ALA E 155 -22.87 -68.58 -5.08
C ALA E 155 -23.17 -69.38 -3.81
N THR E 156 -22.32 -69.28 -2.79
CA THR E 156 -22.56 -70.03 -1.56
C THR E 156 -23.82 -69.55 -0.87
N ILE E 157 -24.00 -68.24 -0.76
CA ILE E 157 -25.22 -67.70 -0.14
C ILE E 157 -26.43 -67.98 -1.02
N GLY E 158 -26.26 -67.89 -2.34
CA GLY E 158 -27.36 -68.16 -3.25
C GLY E 158 -27.84 -69.59 -3.16
N LYS E 159 -26.90 -70.54 -3.04
CA LYS E 159 -27.26 -71.94 -2.95
C LYS E 159 -28.05 -72.23 -1.67
N ILE E 160 -27.62 -71.66 -0.55
CA ILE E 160 -28.29 -71.89 0.72
C ILE E 160 -29.71 -71.34 0.68
N ILE E 161 -29.88 -70.13 0.16
CA ILE E 161 -31.21 -69.53 0.06
C ILE E 161 -32.09 -70.35 -0.87
N ALA E 162 -31.54 -70.79 -2.00
CA ALA E 162 -32.31 -71.62 -2.92
C ALA E 162 -32.72 -72.94 -2.25
N ASP E 163 -31.80 -73.56 -1.52
CA ASP E 163 -32.14 -74.78 -0.79
C ASP E 163 -33.17 -74.49 0.30
N ALA E 164 -33.02 -73.38 1.01
CA ALA E 164 -33.99 -73.02 2.05
C ALA E 164 -35.35 -72.71 1.44
N MET E 165 -35.37 -72.10 0.25
CA MET E 165 -36.64 -71.77 -0.39
C MET E 165 -37.40 -73.03 -0.78
N GLU E 166 -36.71 -73.99 -1.40
CA GLU E 166 -37.39 -75.21 -1.84
C GLU E 166 -37.76 -76.10 -0.66
N ALA E 167 -37.01 -76.02 0.44
CA ALA E 167 -37.32 -76.86 1.60
C ALA E 167 -38.61 -76.40 2.27
N VAL E 168 -38.75 -75.10 2.49
CA VAL E 168 -39.94 -74.58 3.16
C VAL E 168 -41.05 -74.24 2.18
N GLY E 169 -40.71 -73.95 0.93
CA GLY E 169 -41.70 -73.48 -0.03
C GLY E 169 -41.54 -72.00 -0.30
N LYS E 170 -42.03 -71.55 -1.45
CA LYS E 170 -41.83 -70.16 -1.86
C LYS E 170 -42.65 -69.17 -1.03
N ASP E 171 -43.59 -69.65 -0.20
CA ASP E 171 -44.41 -68.74 0.59
C ASP E 171 -44.28 -68.99 2.08
N GLY E 172 -43.23 -69.68 2.52
CA GLY E 172 -43.00 -69.93 3.92
C GLY E 172 -42.40 -68.73 4.63
N VAL E 173 -41.61 -69.01 5.67
CA VAL E 173 -40.92 -67.98 6.43
C VAL E 173 -39.49 -68.44 6.69
N ILE E 174 -38.54 -67.53 6.53
CA ILE E 174 -37.13 -67.82 6.69
C ILE E 174 -36.52 -66.80 7.64
N THR E 175 -35.58 -67.25 8.45
CA THR E 175 -34.89 -66.36 9.39
C THR E 175 -33.41 -66.69 9.38
N VAL E 176 -32.60 -65.72 9.79
CA VAL E 176 -31.14 -65.81 9.76
C VAL E 176 -30.63 -65.85 11.20
N GLU E 177 -29.73 -66.78 11.48
CA GLU E 177 -29.15 -66.94 12.81
C GLU E 177 -27.65 -67.14 12.67
N GLU E 178 -26.96 -67.24 13.82
CA GLU E 178 -25.52 -67.35 13.84
C GLU E 178 -25.10 -68.37 14.90
N SER E 179 -23.85 -68.83 14.80
CA SER E 179 -23.30 -69.77 15.74
C SER E 179 -21.78 -69.61 15.76
N LYS E 180 -21.15 -70.34 16.69
CA LYS E 180 -19.69 -70.29 16.79
C LYS E 180 -19.00 -70.90 15.58
N SER E 181 -19.66 -71.83 14.89
CA SER E 181 -19.05 -72.49 13.74
C SER E 181 -18.72 -71.48 12.65
N ALA E 182 -17.50 -71.58 12.11
CA ALA E 182 -17.10 -70.69 11.03
C ALA E 182 -17.91 -70.94 9.76
N GLU E 183 -18.16 -72.20 9.45
CA GLU E 183 -18.95 -72.54 8.27
C GLU E 183 -20.43 -72.24 8.51
N THR E 184 -21.16 -72.05 7.41
CA THR E 184 -22.58 -71.74 7.46
C THR E 184 -23.38 -72.94 7.00
N THR E 185 -24.53 -73.14 7.65
CA THR E 185 -25.36 -74.30 7.38
C THR E 185 -26.83 -73.91 7.40
N LEU E 186 -27.66 -74.78 6.84
CA LEU E 186 -29.11 -74.58 6.78
C LEU E 186 -29.76 -75.56 7.75
N GLU E 187 -30.65 -75.04 8.59
CA GLU E 187 -31.38 -75.85 9.57
C GLU E 187 -32.87 -75.72 9.30
N THR E 188 -33.53 -76.86 9.11
CA THR E 188 -34.99 -76.89 8.95
C THR E 188 -35.58 -77.29 10.29
N VAL E 189 -36.12 -76.30 11.00
CA VAL E 189 -36.68 -76.54 12.33
C VAL E 189 -38.19 -76.72 12.22
N GLN E 190 -38.76 -77.50 13.15
CA GLN E 190 -40.17 -77.84 13.14
C GLN E 190 -41.02 -76.64 13.59
N GLY E 191 -41.16 -75.68 12.67
CA GLY E 191 -41.84 -74.44 12.96
C GLY E 191 -43.17 -74.29 12.22
N MET E 192 -43.70 -73.07 12.29
CA MET E 192 -44.94 -72.72 11.60
C MET E 192 -45.01 -71.20 11.48
N GLN E 193 -45.85 -70.74 10.55
CA GLN E 193 -46.06 -69.32 10.30
C GLN E 193 -47.55 -69.01 10.39
N PHE E 194 -47.88 -67.81 10.88
CA PHE E 194 -49.27 -67.38 11.02
C PHE E 194 -49.40 -65.95 10.53
N ASP E 195 -50.65 -65.47 10.50
CA ASP E 195 -50.98 -64.18 9.91
C ASP E 195 -51.65 -63.22 10.88
N ARG E 196 -51.29 -63.24 12.16
CA ARG E 196 -51.74 -62.23 13.11
C ARG E 196 -50.56 -61.79 13.97
N GLY E 197 -50.50 -60.50 14.26
CA GLY E 197 -49.35 -59.88 14.87
C GLY E 197 -49.49 -59.65 16.36
N TYR E 198 -48.79 -58.63 16.85
CA TYR E 198 -48.75 -58.33 18.27
C TYR E 198 -50.07 -57.72 18.74
N LEU E 199 -50.19 -57.60 20.06
CA LEU E 199 -51.37 -57.00 20.68
C LEU E 199 -51.13 -55.58 21.18
N SER E 200 -49.88 -55.22 21.48
CA SER E 200 -49.57 -53.89 21.97
C SER E 200 -48.33 -53.38 21.24
N PRO E 201 -48.21 -52.07 21.06
CA PRO E 201 -47.03 -51.55 20.36
C PRO E 201 -45.76 -51.48 21.21
N TYR E 202 -45.89 -51.56 22.53
CA TYR E 202 -44.72 -51.47 23.39
C TYR E 202 -43.84 -52.72 23.34
N PHE E 203 -44.34 -53.80 22.72
CA PHE E 203 -43.57 -55.04 22.66
C PHE E 203 -42.40 -54.97 21.68
N VAL E 204 -42.33 -53.91 20.87
CA VAL E 204 -41.27 -53.79 19.87
C VAL E 204 -39.93 -53.63 20.58
N THR E 205 -38.95 -54.44 20.19
CA THR E 205 -37.65 -54.45 20.85
C THR E 205 -36.66 -53.52 20.14
N ASN E 206 -35.39 -53.66 20.51
CA ASN E 206 -34.25 -52.83 20.12
C ASN E 206 -33.94 -52.77 18.62
N PRO E 207 -33.98 -53.87 17.86
CA PRO E 207 -33.41 -53.85 16.50
C PRO E 207 -33.89 -52.68 15.65
N ASP E 208 -32.96 -52.14 14.85
CA ASP E 208 -33.21 -50.90 14.12
C ASP E 208 -34.37 -51.03 13.14
N LYS E 209 -34.50 -52.19 12.50
CA LYS E 209 -35.60 -52.42 11.57
C LYS E 209 -36.91 -52.73 12.28
N MET E 210 -37.01 -52.42 13.58
CA MET E 210 -38.20 -52.47 14.43
C MET E 210 -38.85 -53.85 14.48
N GLU E 211 -38.27 -54.85 13.84
CA GLU E 211 -38.80 -56.20 13.93
C GLU E 211 -38.47 -56.78 15.30
N ALA E 212 -39.49 -56.95 16.14
CA ALA E 212 -39.29 -57.42 17.50
C ALA E 212 -38.84 -58.88 17.51
N VAL E 213 -37.86 -59.17 18.36
CA VAL E 213 -37.28 -60.50 18.49
C VAL E 213 -37.28 -60.89 19.95
N LEU E 214 -37.72 -62.12 20.24
CA LEU E 214 -37.73 -62.65 21.60
C LEU E 214 -36.89 -63.91 21.66
N GLU E 215 -36.25 -64.13 22.80
CA GLU E 215 -35.35 -65.26 23.00
C GLU E 215 -35.78 -66.07 24.22
N ASP E 216 -35.89 -67.39 24.02
CA ASP E 216 -36.30 -68.35 25.04
C ASP E 216 -37.58 -67.95 25.77
N PRO E 217 -38.70 -67.76 25.06
CA PRO E 217 -39.92 -67.35 25.76
C PRO E 217 -40.79 -68.55 26.14
N PHE E 218 -41.56 -68.38 27.21
CA PHE E 218 -42.63 -69.32 27.53
C PHE E 218 -43.93 -68.88 26.86
N ILE E 219 -44.84 -69.83 26.68
CA ILE E 219 -46.06 -69.60 25.93
C ILE E 219 -47.27 -69.90 26.81
N LEU E 220 -48.20 -68.97 26.87
CA LEU E 220 -49.53 -69.18 27.46
C LEU E 220 -50.57 -69.07 26.36
N ILE E 221 -51.52 -70.00 26.36
CA ILE E 221 -52.56 -70.06 25.33
C ILE E 221 -53.91 -69.90 26.02
N TYR E 222 -54.69 -68.91 25.58
CA TYR E 222 -56.03 -68.67 26.09
C TYR E 222 -57.05 -68.85 24.98
N GLU E 223 -58.17 -69.48 25.32
CA GLU E 223 -59.27 -69.70 24.38
C GLU E 223 -60.27 -68.55 24.38
N LYS E 224 -60.14 -67.60 25.29
CA LYS E 224 -61.07 -66.48 25.40
C LYS E 224 -60.26 -65.22 25.71
N LYS E 225 -60.94 -64.17 26.14
CA LYS E 225 -60.27 -62.94 26.51
C LYS E 225 -59.42 -63.14 27.76
N ILE E 226 -58.39 -62.30 27.90
CA ILE E 226 -57.52 -62.35 29.07
C ILE E 226 -58.30 -61.90 30.30
N SER E 227 -58.13 -62.62 31.40
CA SER E 227 -58.75 -62.27 32.66
C SER E 227 -57.96 -61.14 33.30
N ASN E 228 -58.25 -60.82 34.57
CA ASN E 228 -57.53 -59.74 35.23
C ASN E 228 -56.08 -60.12 35.50
N VAL E 229 -55.24 -59.11 35.74
CA VAL E 229 -53.82 -59.36 35.96
C VAL E 229 -53.59 -60.13 37.25
N LYS E 230 -54.52 -60.02 38.21
CA LYS E 230 -54.36 -60.70 39.48
C LYS E 230 -54.30 -62.21 39.33
N ASP E 231 -54.99 -62.77 38.33
CA ASP E 231 -54.83 -64.18 38.03
C ASP E 231 -53.53 -64.46 37.29
N LEU E 232 -53.08 -63.50 36.47
CA LEU E 232 -51.86 -63.69 35.71
C LEU E 232 -50.63 -63.63 36.62
N LEU E 233 -50.69 -62.83 37.68
CA LEU E 233 -49.51 -62.62 38.53
C LEU E 233 -48.92 -63.90 39.11
N PRO E 234 -49.70 -64.87 39.63
CA PRO E 234 -49.07 -66.11 40.10
C PRO E 234 -48.27 -66.81 39.02
N VAL E 235 -48.75 -66.77 37.78
CA VAL E 235 -47.97 -67.25 36.65
C VAL E 235 -46.78 -66.34 36.37
N LEU E 236 -47.02 -65.03 36.31
CA LEU E 236 -45.96 -64.09 35.96
C LEU E 236 -44.84 -64.11 36.99
N GLU E 237 -45.20 -64.09 38.28
CA GLU E 237 -44.18 -64.09 39.32
C GLU E 237 -43.38 -65.39 39.31
N ASN E 238 -44.07 -66.53 39.15
CA ASN E 238 -43.36 -67.80 39.06
C ASN E 238 -42.52 -67.90 37.80
N VAL E 239 -43.04 -67.40 36.67
CA VAL E 239 -42.25 -67.39 35.43
C VAL E 239 -41.04 -66.47 35.58
N VAL E 240 -41.22 -65.31 36.21
CA VAL E 240 -40.08 -64.44 36.51
C VAL E 240 -39.09 -65.16 37.41
N ARG E 241 -39.59 -65.90 38.40
CA ARG E 241 -38.72 -66.73 39.23
C ARG E 241 -38.01 -67.78 38.39
N ALA E 242 -38.65 -68.28 37.34
CA ALA E 242 -38.02 -69.23 36.43
C ALA E 242 -36.94 -68.58 35.57
N GLY E 243 -36.98 -67.27 35.38
CA GLY E 243 -35.95 -66.56 34.66
C GLY E 243 -36.07 -66.56 33.15
N LYS E 244 -37.27 -66.74 32.61
CA LYS E 244 -37.46 -66.72 31.18
C LYS E 244 -38.65 -65.84 30.81
N PRO E 245 -38.65 -65.25 29.62
CA PRO E 245 -39.80 -64.46 29.18
C PRO E 245 -41.02 -65.34 28.94
N LEU E 246 -42.18 -64.69 28.90
CA LEU E 246 -43.47 -65.37 28.79
C LEU E 246 -44.27 -64.73 27.67
N LEU E 247 -45.00 -65.56 26.92
CA LEU E 247 -45.87 -65.11 25.83
C LEU E 247 -47.29 -65.57 26.09
N ILE E 248 -48.25 -64.68 25.81
CA ILE E 248 -49.67 -64.97 25.98
C ILE E 248 -50.34 -64.91 24.62
N ILE E 249 -51.03 -65.99 24.25
CA ILE E 249 -51.83 -66.05 23.04
C ILE E 249 -53.29 -66.04 23.46
N ALA E 250 -54.04 -65.01 23.03
CA ALA E 250 -55.42 -64.86 23.45
C ALA E 250 -56.17 -64.08 22.38
N GLU E 251 -57.45 -63.82 22.65
CA GLU E 251 -58.30 -63.14 21.68
C GLU E 251 -58.15 -61.63 21.75
N ASP E 252 -58.33 -61.06 22.94
CA ASP E 252 -58.28 -59.61 23.10
C ASP E 252 -57.88 -59.26 24.51
N VAL E 253 -57.43 -58.02 24.69
CA VAL E 253 -57.06 -57.47 25.99
C VAL E 253 -57.83 -56.16 26.17
N GLU E 254 -58.39 -55.98 27.37
CA GLU E 254 -59.14 -54.76 27.66
C GLU E 254 -58.21 -53.55 27.63
N ALA E 255 -58.71 -52.45 27.06
CA ALA E 255 -57.85 -51.29 26.82
C ALA E 255 -57.90 -50.27 27.95
N GLU E 256 -58.91 -50.34 28.82
CA GLU E 256 -59.06 -49.34 29.88
C GLU E 256 -57.90 -49.36 30.86
N ALA E 257 -57.56 -50.52 31.42
CA ALA E 257 -56.46 -50.60 32.37
C ALA E 257 -55.48 -51.69 31.99
N LEU E 258 -55.98 -52.80 31.46
CA LEU E 258 -55.13 -53.94 31.17
C LEU E 258 -54.09 -53.61 30.10
N ALA E 259 -54.48 -52.84 29.09
CA ALA E 259 -53.56 -52.48 28.02
C ALA E 259 -52.33 -51.73 28.53
N THR E 260 -52.44 -51.10 29.70
CA THR E 260 -51.31 -50.42 30.33
C THR E 260 -50.70 -51.25 31.46
N LEU E 261 -51.53 -51.96 32.23
CA LEU E 261 -51.01 -52.73 33.35
C LEU E 261 -50.23 -53.95 32.87
N VAL E 262 -50.53 -54.45 31.68
CA VAL E 262 -49.78 -55.57 31.13
C VAL E 262 -48.33 -55.19 30.90
N VAL E 263 -48.08 -54.00 30.37
CA VAL E 263 -46.73 -53.55 30.03
C VAL E 263 -46.05 -52.85 31.19
N ASN E 264 -46.79 -51.99 31.91
CA ASN E 264 -46.19 -51.18 32.96
C ASN E 264 -45.70 -52.04 34.13
N HIS E 265 -46.44 -53.10 34.46
CA HIS E 265 -46.07 -53.94 35.60
C HIS E 265 -44.82 -54.76 35.38
N ILE E 266 -44.30 -54.81 34.15
CA ILE E 266 -43.12 -55.60 33.84
C ILE E 266 -42.02 -54.78 33.18
N LYS E 267 -42.16 -53.47 33.06
CA LYS E 267 -41.16 -52.67 32.36
C LYS E 267 -39.81 -52.71 33.05
N GLY E 268 -39.78 -52.94 34.37
CA GLY E 268 -38.54 -53.02 35.11
C GLY E 268 -37.90 -54.38 35.18
N VAL E 269 -38.48 -55.38 34.51
CA VAL E 269 -37.97 -56.75 34.54
C VAL E 269 -37.79 -57.26 33.12
N ILE E 270 -37.51 -58.55 32.98
CA ILE E 270 -37.27 -59.18 31.68
C ILE E 270 -38.35 -58.88 30.66
N ARG E 271 -39.55 -58.48 31.12
CA ARG E 271 -40.68 -58.09 30.27
C ARG E 271 -41.29 -59.29 29.54
N ALA E 272 -42.50 -59.11 29.03
CA ALA E 272 -43.23 -60.16 28.36
C ALA E 272 -44.01 -59.56 27.20
N CYS E 273 -44.50 -60.43 26.32
CA CYS E 273 -45.24 -60.00 25.14
C CYS E 273 -46.49 -60.87 24.97
N ALA E 274 -47.47 -60.33 24.25
CA ALA E 274 -48.70 -61.04 23.94
C ALA E 274 -48.98 -60.92 22.45
N VAL E 275 -49.61 -61.96 21.90
CA VAL E 275 -49.82 -62.07 20.46
C VAL E 275 -51.26 -62.48 20.20
N LYS E 276 -51.86 -61.89 19.16
CA LYS E 276 -53.22 -62.24 18.77
C LYS E 276 -53.31 -63.70 18.38
N ALA E 277 -54.43 -64.34 18.71
CA ALA E 277 -54.64 -65.72 18.32
C ALA E 277 -54.99 -65.79 16.83
N PRO E 278 -54.22 -66.51 16.03
CA PRO E 278 -54.47 -66.55 14.59
C PRO E 278 -55.66 -67.46 14.25
N GLY E 279 -56.02 -67.42 12.96
CA GLY E 279 -57.11 -68.22 12.47
C GLY E 279 -58.46 -67.53 12.62
N PHE E 280 -59.49 -68.24 12.17
CA PHE E 280 -60.86 -67.75 12.23
C PHE E 280 -61.81 -68.91 12.51
N GLY E 281 -62.96 -68.57 13.10
CA GLY E 281 -63.97 -69.56 13.39
C GLY E 281 -63.58 -70.49 14.52
N GLN E 282 -64.25 -71.63 14.57
CA GLN E 282 -63.94 -72.64 15.58
C GLN E 282 -62.57 -73.24 15.35
N ARG E 283 -62.03 -73.14 14.12
CA ARG E 283 -60.69 -73.63 13.84
C ARG E 283 -59.62 -72.82 14.55
N ARG E 284 -59.96 -71.67 15.13
CA ARG E 284 -59.02 -70.93 15.97
C ARG E 284 -58.45 -71.85 17.06
N LYS E 285 -59.33 -72.57 17.75
CA LYS E 285 -58.88 -73.54 18.73
C LYS E 285 -58.04 -74.62 18.08
N ASP E 286 -58.46 -75.09 16.90
CA ASP E 286 -57.64 -76.04 16.14
C ASP E 286 -56.29 -75.42 15.80
N TYR E 287 -56.29 -74.14 15.42
CA TYR E 287 -55.03 -73.44 15.21
C TYR E 287 -54.26 -73.27 16.52
N LEU E 288 -54.98 -73.23 17.64
CA LEU E 288 -54.31 -73.05 18.93
C LEU E 288 -53.94 -74.39 19.55
N GLN E 289 -54.91 -75.29 19.69
CA GLN E 289 -54.68 -76.55 20.40
C GLN E 289 -53.62 -77.40 19.71
N ASP E 290 -53.67 -77.48 18.38
CA ASP E 290 -52.65 -78.23 17.64
C ASP E 290 -51.28 -77.59 17.82
N ILE E 291 -51.22 -76.25 17.76
CA ILE E 291 -49.95 -75.57 17.93
C ILE E 291 -49.45 -75.71 19.36
N ALA E 292 -50.36 -75.67 20.34
CA ALA E 292 -49.95 -75.81 21.73
C ALA E 292 -49.28 -77.17 21.98
N ILE E 293 -49.85 -78.24 21.43
CA ILE E 293 -49.23 -79.54 21.59
C ILE E 293 -47.99 -79.67 20.70
N LEU E 294 -47.94 -78.92 19.60
CA LEU E 294 -46.71 -78.84 18.82
C LEU E 294 -45.61 -78.14 19.60
N THR E 295 -45.97 -77.24 20.51
CA THR E 295 -45.02 -76.55 21.36
C THR E 295 -44.88 -77.19 22.75
N GLY E 296 -45.41 -78.40 22.92
CA GLY E 296 -45.25 -79.11 24.18
C GLY E 296 -46.16 -78.66 25.30
N GLY E 297 -47.29 -78.04 24.99
CA GLY E 297 -48.23 -77.63 26.02
C GLY E 297 -49.68 -77.74 25.59
N THR E 298 -50.58 -77.13 26.35
CA THR E 298 -51.99 -77.06 25.99
C THR E 298 -52.54 -75.71 26.44
N ALA E 299 -53.78 -75.43 26.05
CA ALA E 299 -54.41 -74.15 26.33
C ALA E 299 -54.81 -74.05 27.80
N ILE E 300 -55.03 -72.81 28.24
CA ILE E 300 -55.46 -72.51 29.60
C ILE E 300 -56.58 -71.49 29.54
N THR E 301 -57.60 -71.69 30.38
CA THR E 301 -58.70 -70.74 30.48
C THR E 301 -59.22 -70.75 31.91
N GLU E 302 -59.44 -69.56 32.46
CA GLU E 302 -59.94 -69.45 33.84
C GLU E 302 -61.33 -70.08 33.96
N GLU E 303 -62.17 -69.90 32.94
CA GLU E 303 -63.53 -70.43 32.97
C GLU E 303 -63.58 -71.94 32.77
N LEU E 304 -62.48 -72.57 32.35
CA LEU E 304 -62.43 -74.02 32.20
C LEU E 304 -62.02 -74.74 33.48
N GLY E 305 -61.84 -74.01 34.58
CA GLY E 305 -61.45 -74.61 35.84
C GLY E 305 -59.97 -74.69 36.11
N ILE E 306 -59.13 -74.38 35.11
CA ILE E 306 -57.69 -74.35 35.31
C ILE E 306 -57.29 -72.95 35.77
N LYS E 307 -57.37 -72.70 37.07
CA LYS E 307 -57.04 -71.39 37.61
C LYS E 307 -55.56 -71.12 37.44
N LEU E 308 -55.23 -69.91 36.97
CA LEU E 308 -53.84 -69.53 36.76
C LEU E 308 -53.05 -69.47 38.06
N GLU E 309 -53.72 -69.40 39.21
CA GLU E 309 -53.02 -69.39 40.48
C GLU E 309 -52.42 -70.75 40.81
N SER E 310 -52.76 -71.79 40.06
CA SER E 310 -52.30 -73.15 40.33
C SER E 310 -51.62 -73.84 39.17
N VAL E 311 -51.54 -73.19 37.99
CA VAL E 311 -50.92 -73.83 36.83
C VAL E 311 -49.44 -74.06 37.09
N THR E 312 -48.87 -75.01 36.35
CA THR E 312 -47.46 -75.37 36.47
C THR E 312 -46.74 -75.08 35.16
N LEU E 313 -45.45 -74.74 35.28
CA LEU E 313 -44.67 -74.32 34.12
C LEU E 313 -44.40 -75.45 33.15
N ASP E 314 -44.29 -76.70 33.62
CA ASP E 314 -44.14 -77.83 32.71
C ASP E 314 -45.37 -78.04 31.85
N MET E 315 -46.54 -77.60 32.31
CA MET E 315 -47.78 -77.71 31.56
C MET E 315 -47.88 -76.68 30.45
N LEU E 316 -47.07 -75.61 30.51
CA LEU E 316 -47.06 -74.61 29.45
C LEU E 316 -46.27 -75.11 28.24
N GLY E 317 -46.48 -74.43 27.11
CA GLY E 317 -45.75 -74.76 25.90
C GLY E 317 -44.39 -74.11 25.86
N ARG E 318 -43.45 -74.77 25.17
CA ARG E 318 -42.08 -74.31 25.05
C ARG E 318 -41.62 -74.41 23.62
N ALA E 319 -40.83 -73.43 23.18
CA ALA E 319 -40.34 -73.38 21.81
C ALA E 319 -38.93 -72.79 21.80
N ASP E 320 -38.23 -73.05 20.69
CA ASP E 320 -36.88 -72.51 20.54
C ASP E 320 -36.90 -70.99 20.46
N LYS E 321 -37.55 -70.44 19.44
CA LYS E 321 -37.71 -69.00 19.31
C LYS E 321 -39.10 -68.70 18.76
N VAL E 322 -39.60 -67.52 19.11
CA VAL E 322 -40.87 -67.03 18.62
C VAL E 322 -40.64 -65.69 17.94
N ILE E 323 -41.11 -65.56 16.71
CA ILE E 323 -40.93 -64.35 15.91
C ILE E 323 -42.29 -63.82 15.51
N VAL E 324 -42.54 -62.54 15.79
CA VAL E 324 -43.83 -61.92 15.54
C VAL E 324 -43.62 -60.66 14.71
N ASP E 325 -44.37 -60.52 13.62
CA ASP E 325 -44.40 -59.30 12.85
C ASP E 325 -45.61 -58.46 13.25
N LYS E 326 -45.76 -57.29 12.62
CA LYS E 326 -46.93 -56.46 12.88
C LYS E 326 -48.22 -57.16 12.47
N ASP E 327 -48.23 -57.84 11.33
CA ASP E 327 -49.40 -58.56 10.86
C ASP E 327 -49.23 -60.07 10.82
N ASN E 328 -48.12 -60.61 11.33
CA ASN E 328 -47.84 -62.04 11.26
C ASN E 328 -47.10 -62.48 12.51
N THR E 329 -47.09 -63.78 12.75
CA THR E 329 -46.31 -64.38 13.83
C THR E 329 -45.84 -65.76 13.40
N THR E 330 -44.66 -66.14 13.88
CA THR E 330 -44.07 -67.43 13.56
C THR E 330 -43.49 -68.06 14.82
N ILE E 331 -43.36 -69.38 14.80
CA ILE E 331 -42.68 -70.13 15.84
C ILE E 331 -41.56 -70.92 15.17
N VAL E 332 -40.34 -70.80 15.70
CA VAL E 332 -39.20 -71.47 15.08
C VAL E 332 -39.28 -72.98 15.27
N GLY E 333 -39.63 -73.43 16.47
CA GLY E 333 -39.73 -74.85 16.71
C GLY E 333 -39.91 -75.23 18.16
N GLY E 334 -40.76 -76.21 18.42
CA GLY E 334 -40.99 -76.66 19.78
C GLY E 334 -39.82 -77.46 20.32
N LYS E 335 -39.69 -77.45 21.64
CA LYS E 335 -38.60 -78.15 22.33
C LYS E 335 -38.98 -79.56 22.77
N GLY E 336 -40.17 -80.04 22.42
CA GLY E 336 -40.56 -81.38 22.79
C GLY E 336 -39.96 -82.43 21.88
N SER E 337 -40.38 -83.67 22.10
CA SER E 337 -39.89 -84.78 21.29
C SER E 337 -40.41 -84.66 19.87
N LYS E 338 -39.50 -84.78 18.89
CA LYS E 338 -39.89 -84.64 17.49
C LYS E 338 -40.77 -85.81 17.04
N GLU E 339 -40.53 -87.00 17.57
CA GLU E 339 -41.31 -88.16 17.15
C GLU E 339 -42.78 -88.00 17.50
N ALA E 340 -43.09 -87.55 18.71
CA ALA E 340 -44.48 -87.27 19.07
C ALA E 340 -45.02 -86.09 18.29
N ILE E 341 -44.20 -85.06 18.07
CA ILE E 341 -44.62 -83.91 17.28
C ILE E 341 -44.96 -84.34 15.85
N GLN E 342 -44.11 -85.16 15.26
CA GLN E 342 -44.39 -85.69 13.92
C GLN E 342 -45.61 -86.61 13.94
N ALA E 343 -45.79 -87.34 15.05
CA ALA E 343 -47.02 -88.12 15.21
C ALA E 343 -48.24 -87.21 15.30
N ARG E 344 -48.11 -86.09 16.01
CA ARG E 344 -49.21 -85.13 16.10
C ARG E 344 -49.50 -84.45 14.77
N ILE E 345 -48.56 -84.50 13.82
CA ILE E 345 -48.83 -83.97 12.48
C ILE E 345 -49.96 -84.74 11.83
N GLU E 346 -50.10 -86.03 12.15
CA GLU E 346 -51.22 -86.82 11.63
C GLU E 346 -52.55 -86.20 12.04
N GLN E 347 -52.64 -85.67 13.26
CA GLN E 347 -53.85 -84.98 13.68
C GLN E 347 -54.14 -83.76 12.82
N ILE E 348 -53.12 -83.12 12.26
CA ILE E 348 -53.33 -82.04 11.30
C ILE E 348 -53.47 -82.61 9.89
N LYS E 349 -52.78 -83.71 9.62
CA LYS E 349 -52.97 -84.42 8.35
C LYS E 349 -54.39 -84.92 8.21
N ARG E 350 -54.96 -85.45 9.31
CA ARG E 350 -56.33 -85.92 9.27
C ARG E 350 -57.32 -84.78 9.08
N GLN E 351 -56.92 -83.55 9.39
CA GLN E 351 -57.79 -82.41 9.18
C GLN E 351 -58.14 -82.20 7.71
N ILE E 352 -57.37 -82.80 6.80
CA ILE E 352 -57.75 -82.80 5.40
C ILE E 352 -59.07 -83.53 5.21
N LEU E 353 -59.28 -84.60 5.98
CA LEU E 353 -60.48 -85.42 5.85
C LEU E 353 -61.42 -85.27 7.04
N GLU E 354 -60.89 -85.01 8.23
CA GLU E 354 -61.70 -84.93 9.43
C GLU E 354 -62.29 -83.54 9.67
N THR E 355 -62.03 -82.59 8.80
CA THR E 355 -62.63 -81.26 8.89
C THR E 355 -63.41 -80.98 7.61
N THR E 356 -64.53 -80.26 7.75
CA THR E 356 -65.47 -80.13 6.64
C THR E 356 -65.25 -78.84 5.85
N SER E 357 -65.26 -77.71 6.54
CA SER E 357 -65.22 -76.42 5.86
C SER E 357 -63.91 -76.23 5.08
N ASP E 358 -64.03 -75.64 3.90
CA ASP E 358 -62.89 -75.43 3.02
C ASP E 358 -62.24 -74.07 3.19
N TYR E 359 -62.74 -73.23 4.11
CA TYR E 359 -62.17 -71.90 4.28
C TYR E 359 -60.71 -71.95 4.72
N ASP E 360 -60.39 -72.80 5.70
CA ASP E 360 -59.00 -73.00 6.12
C ASP E 360 -58.36 -74.22 5.47
N ARG E 361 -59.12 -74.99 4.67
CA ARG E 361 -58.51 -76.04 3.88
C ARG E 361 -57.50 -75.48 2.89
N GLU E 362 -57.69 -74.23 2.44
CA GLU E 362 -56.66 -73.54 1.69
C GLU E 362 -55.41 -73.31 2.52
N LYS E 363 -55.56 -72.99 3.80
CA LYS E 363 -54.43 -72.95 4.73
C LYS E 363 -54.01 -74.34 5.21
N LEU E 364 -54.91 -75.31 5.18
CA LEU E 364 -54.50 -76.69 5.37
C LEU E 364 -53.64 -77.14 4.18
N GLN E 365 -52.70 -78.05 4.47
CA GLN E 365 -51.67 -78.50 3.54
C GLN E 365 -50.66 -77.39 3.32
N GLU E 366 -50.93 -76.20 3.87
CA GLU E 366 -49.92 -75.17 3.98
C GLU E 366 -49.37 -75.11 5.40
N ARG E 367 -50.25 -75.29 6.40
CA ARG E 367 -49.79 -75.53 7.76
C ARG E 367 -48.98 -76.82 7.80
N LEU E 368 -49.42 -77.85 7.07
CA LEU E 368 -48.59 -79.03 6.89
C LEU E 368 -47.30 -78.69 6.17
N ALA E 369 -47.37 -77.85 5.14
CA ALA E 369 -46.17 -77.40 4.46
C ALA E 369 -45.27 -76.60 5.40
N LYS E 370 -45.87 -75.76 6.24
CA LYS E 370 -45.09 -75.07 7.26
C LYS E 370 -44.54 -76.05 8.29
N LEU E 371 -45.19 -77.21 8.47
CA LEU E 371 -44.69 -78.23 9.38
C LEU E 371 -43.71 -79.16 8.68
N SER E 372 -44.14 -79.82 7.61
CA SER E 372 -43.27 -80.74 6.90
C SER E 372 -42.04 -80.03 6.33
N GLY E 373 -42.23 -78.86 5.73
CA GLY E 373 -41.12 -78.06 5.29
C GLY E 373 -40.44 -77.27 6.39
N GLY E 374 -41.08 -77.14 7.55
CA GLY E 374 -40.49 -76.43 8.66
C GLY E 374 -40.34 -74.94 8.38
N VAL E 375 -39.45 -74.33 9.17
CA VAL E 375 -39.02 -72.96 8.96
C VAL E 375 -37.51 -72.97 8.81
N ALA E 376 -37.02 -72.26 7.79
CA ALA E 376 -35.60 -72.30 7.46
C ALA E 376 -34.83 -71.35 8.35
N ILE E 377 -33.78 -71.86 8.99
CA ILE E 377 -32.88 -71.06 9.81
C ILE E 377 -31.52 -71.09 9.14
N ILE E 378 -31.07 -69.94 8.64
CA ILE E 378 -29.78 -69.82 7.98
C ILE E 378 -28.74 -69.52 9.05
N ARG E 379 -27.98 -70.54 9.44
CA ARG E 379 -26.96 -70.39 10.48
C ARG E 379 -25.70 -69.84 9.83
N VAL E 380 -25.54 -68.52 9.90
CA VAL E 380 -24.40 -67.87 9.27
C VAL E 380 -23.19 -67.92 10.18
N GLY E 381 -22.05 -68.28 9.61
CA GLY E 381 -20.80 -68.29 10.36
C GLY E 381 -19.78 -67.41 9.68
N ALA E 382 -18.85 -66.90 10.48
CA ALA E 382 -17.82 -66.00 9.98
C ALA E 382 -16.55 -66.20 10.80
N ALA E 383 -15.43 -65.77 10.21
CA ALA E 383 -14.14 -65.87 10.90
C ALA E 383 -14.07 -64.99 12.14
N THR E 384 -14.85 -63.91 12.18
CA THR E 384 -14.85 -63.02 13.34
C THR E 384 -16.25 -62.45 13.50
N GLU E 385 -16.51 -61.94 14.72
CA GLU E 385 -17.83 -61.38 15.01
C GLU E 385 -18.13 -60.14 14.17
N ALA E 386 -17.12 -59.32 13.92
CA ALA E 386 -17.32 -58.14 13.08
C ALA E 386 -17.75 -58.53 11.67
N GLU E 387 -17.11 -59.55 11.09
CA GLU E 387 -17.52 -60.04 9.78
C GLU E 387 -18.90 -60.68 9.83
N LEU E 388 -19.27 -61.25 10.98
CA LEU E 388 -20.60 -61.84 11.13
C LEU E 388 -21.69 -60.79 10.95
N LYS E 389 -21.47 -59.59 11.49
CA LYS E 389 -22.44 -58.51 11.31
C LYS E 389 -22.57 -58.15 9.83
N GLU E 390 -21.45 -58.12 9.10
CA GLU E 390 -21.50 -57.81 7.68
C GLU E 390 -22.23 -58.89 6.90
N LYS E 391 -21.96 -60.16 7.19
CA LYS E 391 -22.57 -61.24 6.42
C LYS E 391 -24.04 -61.42 6.76
N LYS E 392 -24.42 -61.22 8.03
CA LYS E 392 -25.80 -61.42 8.43
C LYS E 392 -26.74 -60.45 7.73
N ALA E 393 -26.31 -59.19 7.59
CA ALA E 393 -27.15 -58.19 6.92
C ALA E 393 -27.37 -58.55 5.46
N ARG E 394 -26.30 -58.98 4.76
CA ARG E 394 -26.44 -59.28 3.35
C ARG E 394 -27.33 -60.49 3.12
N VAL E 395 -27.17 -61.54 3.93
CA VAL E 395 -27.97 -62.75 3.74
C VAL E 395 -29.45 -62.45 3.97
N GLU E 396 -29.76 -61.67 5.01
CA GLU E 396 -31.15 -61.31 5.29
C GLU E 396 -31.75 -60.51 4.14
N ASP E 397 -30.98 -59.54 3.61
CA ASP E 397 -31.47 -58.76 2.48
C ASP E 397 -31.62 -59.61 1.23
N ALA E 398 -30.69 -60.54 1.00
CA ALA E 398 -30.80 -61.42 -0.16
C ALA E 398 -32.06 -62.29 -0.08
N VAL E 399 -32.38 -62.76 1.12
CA VAL E 399 -33.64 -63.50 1.31
C VAL E 399 -34.83 -62.61 1.00
N HIS E 400 -34.81 -61.38 1.52
CA HIS E 400 -35.90 -60.44 1.26
C HIS E 400 -36.00 -60.11 -0.22
N ALA E 401 -34.86 -59.90 -0.88
CA ALA E 401 -34.86 -59.60 -2.31
C ALA E 401 -35.39 -60.78 -3.11
N THR E 402 -35.00 -62.00 -2.73
CA THR E 402 -35.47 -63.18 -3.44
C THR E 402 -36.98 -63.35 -3.33
N LYS E 403 -37.54 -63.07 -2.14
CA LYS E 403 -38.98 -63.15 -1.98
C LYS E 403 -39.69 -62.11 -2.84
N ALA E 404 -39.06 -60.95 -3.05
CA ALA E 404 -39.63 -59.94 -3.93
C ALA E 404 -39.68 -60.42 -5.37
N ALA E 405 -38.69 -61.21 -5.80
CA ALA E 405 -38.69 -61.74 -7.16
C ALA E 405 -39.88 -62.67 -7.40
N VAL E 406 -40.22 -63.50 -6.40
CA VAL E 406 -41.36 -64.39 -6.55
C VAL E 406 -42.66 -63.61 -6.69
N GLU E 407 -42.80 -62.54 -5.90
CA GLU E 407 -44.06 -61.80 -5.86
C GLU E 407 -44.36 -61.13 -7.20
N GLU E 408 -43.33 -60.57 -7.86
CA GLU E 408 -43.57 -59.72 -9.02
C GLU E 408 -42.82 -60.13 -10.28
N GLY E 409 -41.79 -60.97 -10.18
CA GLY E 409 -41.06 -61.41 -11.35
C GLY E 409 -39.61 -60.93 -11.35
N ILE E 410 -38.94 -61.17 -12.47
CA ILE E 410 -37.54 -60.79 -12.63
C ILE E 410 -37.35 -60.11 -13.97
N VAL E 411 -36.31 -59.28 -14.05
CA VAL E 411 -35.96 -58.57 -15.28
C VAL E 411 -34.45 -58.68 -15.48
N PRO E 412 -33.98 -58.51 -16.72
CA PRO E 412 -32.54 -58.51 -16.96
C PRO E 412 -31.84 -57.42 -16.15
N GLY E 413 -30.74 -57.80 -15.51
CA GLY E 413 -30.04 -56.90 -14.62
C GLY E 413 -29.04 -56.03 -15.35
N GLY E 414 -28.18 -55.38 -14.55
CA GLY E 414 -27.17 -54.50 -15.12
C GLY E 414 -27.72 -53.21 -15.68
N GLY E 415 -28.91 -52.81 -15.29
CA GLY E 415 -29.53 -51.62 -15.82
C GLY E 415 -30.17 -51.77 -17.18
N VAL E 416 -30.21 -52.99 -17.72
CA VAL E 416 -30.80 -53.22 -19.03
C VAL E 416 -32.30 -52.98 -18.98
N ALA E 417 -32.95 -53.33 -17.87
CA ALA E 417 -34.39 -53.18 -17.75
C ALA E 417 -34.82 -51.72 -17.90
N LEU E 418 -34.08 -50.80 -17.27
CA LEU E 418 -34.41 -49.39 -17.40
C LEU E 418 -34.12 -48.87 -18.80
N VAL E 419 -33.08 -49.39 -19.45
CA VAL E 419 -32.78 -48.99 -20.82
C VAL E 419 -33.92 -49.43 -21.75
N ARG E 420 -34.39 -50.66 -21.59
CA ARG E 420 -35.48 -51.15 -22.42
C ARG E 420 -36.76 -50.35 -22.18
N ALA E 421 -37.04 -50.03 -20.91
CA ALA E 421 -38.25 -49.27 -20.60
C ALA E 421 -38.16 -47.84 -21.13
N SER E 422 -36.96 -47.25 -21.11
CA SER E 422 -36.81 -45.87 -21.57
C SER E 422 -37.05 -45.72 -23.06
N GLU E 423 -36.96 -46.79 -23.83
CA GLU E 423 -37.20 -46.70 -25.27
C GLU E 423 -38.64 -46.36 -25.59
N ALA E 424 -39.58 -46.67 -24.70
CA ALA E 424 -40.98 -46.32 -24.94
C ALA E 424 -41.20 -44.81 -24.83
N LEU E 425 -40.31 -44.10 -24.16
CA LEU E 425 -40.43 -42.66 -24.03
C LEU E 425 -40.14 -41.94 -25.34
N ASP E 426 -39.48 -42.62 -26.30
CA ASP E 426 -39.21 -42.02 -27.59
C ASP E 426 -40.48 -41.74 -28.39
N ASN E 427 -41.55 -42.49 -28.16
CA ASN E 427 -42.82 -42.27 -28.83
C ASN E 427 -43.89 -41.64 -27.96
N LEU E 428 -43.70 -41.57 -26.65
CA LEU E 428 -44.62 -40.84 -25.80
C LEU E 428 -44.53 -39.35 -26.10
N LYS E 429 -45.69 -38.73 -26.32
CA LYS E 429 -45.71 -37.34 -26.75
C LYS E 429 -46.75 -36.57 -25.96
N VAL E 430 -46.45 -35.30 -25.71
CA VAL E 430 -47.35 -34.40 -24.99
C VAL E 430 -47.42 -33.08 -25.74
N ASP E 431 -48.47 -32.31 -25.46
CA ASP E 431 -48.70 -31.06 -26.16
C ASP E 431 -47.98 -29.88 -25.53
N ASN E 432 -47.39 -30.06 -24.35
CA ASN E 432 -46.72 -28.97 -23.63
C ASN E 432 -45.22 -29.16 -23.78
N ALA E 433 -44.52 -28.09 -24.15
CA ALA E 433 -43.08 -28.16 -24.35
C ALA E 433 -42.34 -28.48 -23.06
N ASP E 434 -42.73 -27.84 -21.95
CA ASP E 434 -42.07 -28.10 -20.67
C ASP E 434 -42.30 -29.53 -20.20
N GLN E 435 -43.52 -30.05 -20.37
CA GLN E 435 -43.78 -31.45 -20.02
C GLN E 435 -42.95 -32.39 -20.87
N GLN E 436 -42.63 -32.00 -22.10
CA GLN E 436 -41.72 -32.82 -22.91
C GLN E 436 -40.33 -32.83 -22.32
N LEU E 437 -39.89 -31.72 -21.71
CA LEU E 437 -38.61 -31.70 -21.04
C LEU E 437 -38.58 -32.67 -19.87
N GLY E 438 -39.68 -32.75 -19.11
CA GLY E 438 -39.73 -33.71 -18.03
C GLY E 438 -39.64 -35.14 -18.50
N ILE E 439 -40.22 -35.43 -19.66
CA ILE E 439 -40.14 -36.78 -20.22
C ILE E 439 -38.70 -37.11 -20.62
N ASP E 440 -38.01 -36.15 -21.23
CA ASP E 440 -36.63 -36.38 -21.63
C ASP E 440 -35.69 -36.47 -20.44
N ILE E 441 -36.07 -35.86 -19.31
CA ILE E 441 -35.28 -35.99 -18.09
C ILE E 441 -35.29 -37.43 -17.61
N ILE E 442 -36.47 -38.06 -17.62
CA ILE E 442 -36.58 -39.44 -17.16
C ILE E 442 -35.85 -40.39 -18.10
N LYS E 443 -35.92 -40.13 -19.41
CA LYS E 443 -35.23 -40.98 -20.37
C LYS E 443 -33.72 -40.94 -20.15
N LYS E 444 -33.17 -39.75 -19.90
CA LYS E 444 -31.75 -39.64 -19.59
C LYS E 444 -31.41 -40.32 -18.27
N ALA E 445 -32.30 -40.20 -17.28
CA ALA E 445 -32.04 -40.79 -15.97
C ALA E 445 -32.04 -42.31 -16.03
N CYS E 446 -32.97 -42.89 -16.79
CA CYS E 446 -33.08 -44.34 -16.85
C CYS E 446 -31.82 -44.97 -17.44
N ARG E 447 -31.10 -44.24 -18.28
CA ARG E 447 -29.91 -44.76 -18.92
C ARG E 447 -28.63 -44.43 -18.17
N THR E 448 -28.74 -43.84 -16.97
CA THR E 448 -27.57 -43.50 -16.16
C THR E 448 -27.01 -44.70 -15.40
N PRO E 449 -27.84 -45.52 -14.73
CA PRO E 449 -27.25 -46.63 -13.95
C PRO E 449 -26.41 -47.59 -14.77
N ILE E 450 -26.79 -47.85 -16.02
CA ILE E 450 -25.99 -48.76 -16.85
C ILE E 450 -24.64 -48.13 -17.18
N ARG E 451 -24.62 -46.81 -17.41
CA ARG E 451 -23.36 -46.13 -17.70
C ARG E 451 -22.44 -46.13 -16.48
N GLN E 452 -23.01 -45.96 -15.29
CA GLN E 452 -22.20 -45.98 -14.08
C GLN E 452 -21.58 -47.35 -13.84
N ILE E 453 -22.35 -48.41 -14.09
CA ILE E 453 -21.81 -49.76 -13.92
C ILE E 453 -20.66 -50.00 -14.88
N ALA E 454 -20.83 -49.59 -16.14
CA ALA E 454 -19.76 -49.75 -17.12
C ALA E 454 -18.54 -48.91 -16.76
N ALA E 455 -18.77 -47.69 -16.27
CA ALA E 455 -17.66 -46.81 -15.91
C ALA E 455 -16.87 -47.37 -14.73
N ASN E 456 -17.57 -47.93 -13.74
CA ASN E 456 -16.89 -48.47 -12.56
C ASN E 456 -15.99 -49.64 -12.95
N SER E 457 -16.45 -50.49 -13.87
CA SER E 457 -15.66 -51.64 -14.29
C SER E 457 -14.49 -51.27 -15.19
N GLY E 458 -14.46 -50.04 -15.71
CA GLY E 458 -13.36 -49.59 -16.53
C GLY E 458 -13.66 -49.43 -18.00
N PHE E 459 -14.91 -49.20 -18.39
CA PHE E 459 -15.30 -49.03 -19.77
C PHE E 459 -15.98 -47.68 -19.95
N GLU E 460 -16.01 -47.22 -21.20
CA GLU E 460 -16.72 -45.97 -21.50
C GLU E 460 -18.21 -46.20 -21.41
N GLY E 461 -18.89 -45.37 -20.61
CA GLY E 461 -20.30 -45.58 -20.36
C GLY E 461 -21.17 -45.39 -21.60
N TYR E 462 -20.90 -44.34 -22.36
CA TYR E 462 -21.73 -44.05 -23.52
C TYR E 462 -21.51 -45.05 -24.65
N VAL E 463 -20.29 -45.56 -24.79
CA VAL E 463 -20.03 -46.58 -25.79
C VAL E 463 -20.78 -47.86 -25.44
N VAL E 464 -20.77 -48.23 -24.17
CA VAL E 464 -21.49 -49.42 -23.73
C VAL E 464 -22.99 -49.23 -23.93
N LEU E 465 -23.50 -48.05 -23.57
CA LEU E 465 -24.93 -47.79 -23.71
C LEU E 465 -25.36 -47.85 -25.17
N GLU E 466 -24.56 -47.30 -26.07
CA GLU E 466 -24.91 -47.28 -27.48
C GLU E 466 -25.00 -48.69 -28.04
N LYS E 467 -24.05 -49.56 -27.67
CA LYS E 467 -24.07 -50.93 -28.17
C LYS E 467 -25.20 -51.73 -27.57
N VAL E 468 -25.53 -51.46 -26.29
CA VAL E 468 -26.66 -52.14 -25.68
C VAL E 468 -27.96 -51.75 -26.36
N LEU E 469 -28.09 -50.50 -26.78
CA LEU E 469 -29.26 -50.09 -27.56
C LEU E 469 -29.32 -50.82 -28.90
N GLN E 470 -28.17 -50.97 -29.56
CA GLN E 470 -28.15 -51.69 -30.83
C GLN E 470 -28.52 -53.15 -30.64
N LEU E 471 -27.99 -53.79 -29.60
CA LEU E 471 -28.30 -55.20 -29.36
C LEU E 471 -29.74 -55.42 -28.97
N GLY E 472 -30.48 -54.36 -28.63
CA GLY E 472 -31.88 -54.50 -28.30
C GLY E 472 -32.73 -54.95 -29.48
N LYS E 473 -32.29 -54.68 -30.70
CA LYS E 473 -33.01 -55.09 -31.90
C LYS E 473 -32.23 -56.05 -32.79
N GLU E 474 -30.90 -56.06 -32.71
CA GLU E 474 -30.14 -57.09 -33.41
C GLU E 474 -30.31 -58.46 -32.78
N LYS E 475 -30.27 -58.55 -31.44
CA LYS E 475 -30.29 -59.84 -30.77
C LYS E 475 -31.59 -60.05 -30.00
N GLY E 476 -31.92 -59.13 -29.12
CA GLY E 476 -33.12 -59.26 -28.31
C GLY E 476 -33.13 -58.24 -27.20
N LYS E 477 -34.28 -58.19 -26.50
CA LYS E 477 -34.44 -57.21 -25.44
C LYS E 477 -33.55 -57.51 -24.24
N ASN E 478 -33.29 -58.79 -23.96
CA ASN E 478 -32.55 -59.18 -22.77
C ASN E 478 -31.04 -59.01 -22.92
N TRP E 479 -30.56 -58.66 -24.10
CA TRP E 479 -29.12 -58.54 -24.29
C TRP E 479 -28.61 -57.26 -23.65
N GLY E 480 -27.50 -57.38 -22.92
CA GLY E 480 -26.90 -56.25 -22.24
C GLY E 480 -25.40 -56.40 -22.10
N PHE E 481 -24.81 -55.67 -21.16
CA PHE E 481 -23.36 -55.67 -20.93
C PHE E 481 -23.07 -56.34 -19.60
N ASP E 482 -22.23 -57.38 -19.62
CA ASP E 482 -21.76 -58.01 -18.41
C ASP E 482 -20.53 -57.27 -17.90
N ALA E 483 -20.57 -56.84 -16.64
CA ALA E 483 -19.47 -56.07 -16.08
C ALA E 483 -18.42 -56.94 -15.40
N GLY E 484 -18.77 -58.16 -14.99
CA GLY E 484 -17.76 -59.04 -14.43
C GLY E 484 -16.69 -59.42 -15.44
N VAL E 485 -17.12 -59.74 -16.67
CA VAL E 485 -16.22 -59.95 -17.79
C VAL E 485 -16.71 -59.05 -18.93
N GLY E 486 -15.81 -58.24 -19.47
CA GLY E 486 -16.22 -57.16 -20.35
C GLY E 486 -16.68 -57.59 -21.73
N ASP E 487 -17.82 -58.27 -21.81
CA ASP E 487 -18.39 -58.64 -23.09
C ASP E 487 -19.92 -58.59 -23.01
N TYR E 488 -20.54 -58.43 -24.16
CA TYR E 488 -22.00 -58.35 -24.24
C TYR E 488 -22.60 -59.73 -24.42
N LYS E 489 -23.67 -60.00 -23.67
CA LYS E 489 -24.31 -61.30 -23.70
C LYS E 489 -25.76 -61.14 -23.26
N ASP E 490 -26.53 -62.20 -23.45
CA ASP E 490 -27.92 -62.22 -22.98
C ASP E 490 -27.92 -62.30 -21.45
N MET E 491 -28.59 -61.34 -20.82
CA MET E 491 -28.52 -61.23 -19.36
C MET E 491 -29.32 -62.32 -18.66
N VAL E 492 -30.52 -62.65 -19.18
CA VAL E 492 -31.37 -63.63 -18.50
C VAL E 492 -30.71 -65.00 -18.51
N GLU E 493 -30.15 -65.42 -19.65
CA GLU E 493 -29.46 -66.71 -19.71
C GLU E 493 -28.22 -66.71 -18.83
N ALA E 494 -27.49 -65.60 -18.79
CA ALA E 494 -26.29 -65.50 -17.97
C ALA E 494 -26.58 -65.50 -16.48
N GLY E 495 -27.84 -65.33 -16.08
CA GLY E 495 -28.18 -65.24 -14.68
C GLY E 495 -28.04 -63.88 -14.07
N ILE E 496 -27.73 -62.86 -14.86
CA ILE E 496 -27.61 -61.49 -14.36
C ILE E 496 -29.00 -60.89 -14.45
N ILE E 497 -29.80 -61.14 -13.41
CA ILE E 497 -31.20 -60.71 -13.37
C ILE E 497 -31.45 -60.03 -12.03
N ASP E 498 -32.44 -59.15 -12.00
CA ASP E 498 -32.84 -58.44 -10.81
C ASP E 498 -34.33 -58.62 -10.57
N PRO E 499 -34.78 -58.58 -9.31
CA PRO E 499 -36.22 -58.57 -9.07
C PRO E 499 -36.86 -57.34 -9.69
N THR E 500 -38.00 -57.54 -10.34
CA THR E 500 -38.65 -56.42 -11.02
C THR E 500 -39.24 -55.44 -10.02
N LYS E 501 -39.45 -55.88 -8.77
CA LYS E 501 -39.87 -54.95 -7.73
C LYS E 501 -38.78 -53.93 -7.43
N VAL E 502 -37.51 -54.38 -7.42
CA VAL E 502 -36.40 -53.48 -7.13
C VAL E 502 -36.33 -52.37 -8.16
N VAL E 503 -36.40 -52.74 -9.44
CA VAL E 503 -36.29 -51.75 -10.51
C VAL E 503 -37.50 -50.84 -10.51
N ARG E 504 -38.69 -51.37 -10.22
CA ARG E 504 -39.89 -50.56 -10.20
C ARG E 504 -39.88 -49.56 -9.05
N VAL E 505 -39.55 -50.03 -7.84
CA VAL E 505 -39.59 -49.16 -6.68
C VAL E 505 -38.52 -48.09 -6.75
N ALA E 506 -37.33 -48.46 -7.25
CA ALA E 506 -36.22 -47.51 -7.27
C ALA E 506 -36.53 -46.29 -8.12
N ILE E 507 -37.07 -46.50 -9.33
CA ILE E 507 -37.37 -45.37 -10.20
C ILE E 507 -38.53 -44.56 -9.64
N GLN E 508 -39.52 -45.23 -9.05
CA GLN E 508 -40.64 -44.51 -8.46
C GLN E 508 -40.20 -43.69 -7.25
N ASN E 509 -39.38 -44.28 -6.39
CA ASN E 509 -38.92 -43.57 -5.21
C ASN E 509 -38.00 -42.40 -5.58
N ALA E 510 -37.08 -42.63 -6.53
CA ALA E 510 -36.14 -41.58 -6.91
C ALA E 510 -36.85 -40.39 -7.52
N ALA E 511 -37.86 -40.64 -8.35
CA ALA E 511 -38.59 -39.54 -8.98
C ALA E 511 -39.42 -38.76 -7.96
N SER E 512 -39.86 -39.42 -6.89
CA SER E 512 -40.66 -38.73 -5.88
C SER E 512 -39.83 -37.72 -5.10
N VAL E 513 -38.65 -38.14 -4.62
CA VAL E 513 -37.82 -37.22 -3.84
C VAL E 513 -37.24 -36.13 -4.73
N ALA E 514 -36.89 -36.48 -5.98
CA ALA E 514 -36.35 -35.49 -6.89
C ALA E 514 -37.39 -34.43 -7.21
N GLY E 515 -38.64 -34.85 -7.45
CA GLY E 515 -39.70 -33.90 -7.69
C GLY E 515 -39.98 -33.02 -6.48
N THR E 516 -39.87 -33.59 -5.29
CA THR E 516 -40.06 -32.81 -4.07
C THR E 516 -39.02 -31.70 -3.95
N MET E 517 -37.75 -32.03 -4.23
CA MET E 517 -36.68 -31.05 -4.09
C MET E 517 -36.67 -30.05 -5.25
N LEU E 518 -37.27 -30.39 -6.39
CA LEU E 518 -37.27 -29.47 -7.52
C LEU E 518 -38.17 -28.26 -7.26
N THR E 519 -39.21 -28.43 -6.45
CA THR E 519 -40.13 -27.33 -6.16
C THR E 519 -40.01 -26.86 -4.72
N ALA E 520 -38.98 -27.27 -3.99
CA ALA E 520 -38.77 -26.77 -2.64
C ALA E 520 -38.42 -25.29 -2.70
N GLU E 521 -39.10 -24.48 -1.88
CA GLU E 521 -38.95 -23.04 -1.94
C GLU E 521 -38.29 -22.45 -0.71
N ALA E 522 -38.21 -23.17 0.41
CA ALA E 522 -37.61 -22.64 1.61
C ALA E 522 -37.02 -23.77 2.44
N LEU E 523 -35.92 -23.46 3.12
CA LEU E 523 -35.28 -24.37 4.06
C LEU E 523 -35.15 -23.68 5.41
N VAL E 524 -35.66 -24.31 6.45
CA VAL E 524 -35.64 -23.76 7.80
C VAL E 524 -34.76 -24.65 8.66
N ALA E 525 -33.71 -24.07 9.25
CA ALA E 525 -32.79 -24.81 10.10
C ALA E 525 -32.28 -23.88 11.19
N GLU E 526 -31.92 -24.49 12.32
CA GLU E 526 -31.39 -23.72 13.44
C GLU E 526 -30.01 -23.19 13.14
N ILE E 527 -29.71 -22.02 13.69
CA ILE E 527 -28.36 -21.46 13.55
C ILE E 527 -27.39 -22.23 14.44
N PRO E 528 -26.30 -22.76 13.90
CA PRO E 528 -25.37 -23.56 14.73
C PRO E 528 -24.59 -22.70 15.71
N GLU E 529 -25.30 -22.17 16.69
CA GLU E 529 -24.74 -21.30 17.73
C GLU E 529 -24.00 -20.10 17.13
N ARG F 1 -1.86 60.45 -86.99
CA ARG F 1 -2.10 61.26 -85.81
C ARG F 1 -0.77 61.39 -85.09
N LEU F 2 -0.26 60.26 -84.60
CA LEU F 2 1.04 60.23 -83.96
C LEU F 2 2.15 60.11 -85.00
N ARG F 3 3.25 60.84 -84.76
CA ARG F 3 4.41 60.76 -85.63
C ARG F 3 5.67 60.63 -84.78
N PRO F 4 6.64 59.86 -85.23
CA PRO F 4 7.85 59.63 -84.44
C PRO F 4 8.95 60.64 -84.75
N LEU F 5 10.02 60.55 -83.96
CA LEU F 5 11.21 61.36 -84.13
C LEU F 5 12.41 60.47 -84.48
N TYR F 6 13.25 60.98 -85.38
CA TYR F 6 14.46 60.30 -85.81
C TYR F 6 14.19 58.85 -86.24
N ASP F 7 14.78 57.90 -85.52
CA ASP F 7 14.74 56.49 -85.91
C ASP F 7 13.56 55.73 -85.32
N LYS F 8 12.68 56.39 -84.58
CA LYS F 8 11.54 55.70 -83.98
C LYS F 8 10.52 55.33 -85.04
N ILE F 9 9.84 54.20 -84.82
CA ILE F 9 8.77 53.73 -85.70
C ILE F 9 7.57 53.36 -84.85
N VAL F 10 6.39 53.75 -85.31
CA VAL F 10 5.13 53.35 -84.68
C VAL F 10 4.63 52.10 -85.40
N VAL F 11 4.42 51.03 -84.63
CA VAL F 11 4.07 49.74 -85.19
C VAL F 11 2.82 49.20 -84.49
N LYS F 12 1.93 48.60 -85.27
CA LYS F 12 0.72 47.98 -84.76
C LYS F 12 0.83 46.47 -84.95
N ARG F 13 0.62 45.72 -83.87
CA ARG F 13 0.77 44.28 -83.91
C ARG F 13 -0.27 43.64 -84.82
N MET F 14 -0.14 42.31 -84.97
CA MET F 14 -1.12 41.55 -85.75
C MET F 14 -2.39 41.27 -84.97
N GLU F 15 -2.40 41.59 -83.66
CA GLU F 15 -3.59 41.50 -82.84
C GLU F 15 -4.10 40.06 -82.71
N GLU F 16 -5.27 39.90 -82.13
CA GLU F 16 -5.85 38.57 -81.90
C GLU F 16 -6.25 37.92 -83.22
N GLN F 17 -5.84 36.67 -83.42
CA GLN F 17 -6.37 35.88 -84.53
C GLN F 17 -6.82 34.48 -84.13
N GLU F 18 -6.77 34.11 -82.85
CA GLU F 18 -7.11 32.76 -82.40
C GLU F 18 -6.21 31.77 -83.12
N GLN F 19 -4.93 31.80 -82.77
CA GLN F 19 -3.91 31.00 -83.45
C GLN F 19 -4.34 29.54 -83.57
N LYS F 20 -4.25 29.00 -84.78
CA LYS F 20 -4.56 27.61 -85.06
C LYS F 20 -3.53 27.04 -86.04
N THR F 21 -3.12 25.80 -85.79
CA THR F 21 -2.20 25.12 -86.69
C THR F 21 -2.89 24.82 -88.01
N PRO F 22 -2.12 24.67 -89.10
CA PRO F 22 -2.74 24.29 -90.38
C PRO F 22 -3.45 22.95 -90.32
N SER F 23 -3.08 22.07 -89.39
CA SER F 23 -3.76 20.79 -89.24
C SER F 23 -5.10 20.91 -88.52
N GLY F 24 -5.40 22.09 -87.97
CA GLY F 24 -6.68 22.30 -87.30
C GLY F 24 -6.61 22.31 -85.78
N ILE F 25 -5.42 22.21 -85.18
CA ILE F 25 -5.31 22.24 -83.73
C ILE F 25 -5.49 23.66 -83.24
N ILE F 26 -6.38 23.85 -82.27
CA ILE F 26 -6.66 25.16 -81.70
C ILE F 26 -5.90 25.30 -80.39
N ILE F 27 -5.09 26.35 -80.29
CA ILE F 27 -4.30 26.61 -79.10
C ILE F 27 -5.03 27.61 -78.22
N PRO F 28 -5.22 27.34 -76.95
CA PRO F 28 -5.89 28.31 -76.07
C PRO F 28 -5.05 29.58 -75.91
N ASP F 29 -5.75 30.69 -75.68
CA ASP F 29 -5.09 31.98 -75.55
C ASP F 29 -4.15 32.06 -74.35
N THR F 30 -4.33 31.20 -73.34
CA THR F 30 -3.41 31.16 -72.22
C THR F 30 -2.09 30.49 -72.55
N ALA F 31 -1.97 29.88 -73.74
CA ALA F 31 -0.75 29.19 -74.15
C ALA F 31 -0.16 29.77 -75.43
N LYS F 32 -0.47 31.03 -75.75
CA LYS F 32 0.06 31.68 -76.92
C LYS F 32 0.67 33.03 -76.53
N GLU F 33 1.67 33.45 -77.30
CA GLU F 33 2.39 34.69 -77.04
C GLU F 33 1.94 35.77 -78.03
N LYS F 34 2.04 37.02 -77.59
CA LYS F 34 1.68 38.15 -78.44
C LYS F 34 2.49 38.11 -79.73
N PRO F 35 1.86 38.32 -80.89
CA PRO F 35 2.57 38.19 -82.16
C PRO F 35 3.75 39.16 -82.26
N GLN F 36 4.85 38.68 -82.84
CA GLN F 36 6.03 39.50 -83.08
C GLN F 36 6.00 40.20 -84.43
N ILE F 37 4.97 39.96 -85.24
CA ILE F 37 4.84 40.57 -86.56
C ILE F 37 3.88 41.74 -86.47
N GLY F 38 4.25 42.86 -87.06
CA GLY F 38 3.42 44.04 -87.02
C GLY F 38 3.49 44.82 -88.31
N GLU F 39 2.75 45.93 -88.34
CA GLU F 39 2.70 46.80 -89.49
C GLU F 39 2.97 48.23 -89.06
N VAL F 40 3.51 49.03 -89.98
CA VAL F 40 4.00 50.37 -89.67
C VAL F 40 2.91 51.39 -89.99
N ILE F 41 2.62 52.25 -89.02
CA ILE F 41 1.67 53.34 -89.25
C ILE F 41 2.38 54.56 -89.79
N ALA F 42 3.57 54.86 -89.28
CA ALA F 42 4.35 56.00 -89.73
C ALA F 42 5.82 55.75 -89.38
N VAL F 43 6.69 56.50 -90.02
CA VAL F 43 8.14 56.40 -89.81
C VAL F 43 8.68 57.78 -89.48
N GLY F 44 9.81 57.81 -88.79
CA GLY F 44 10.47 59.05 -88.46
C GLY F 44 11.35 59.55 -89.59
N ASP F 45 12.09 60.60 -89.29
CA ASP F 45 13.00 61.17 -90.28
C ASP F 45 14.15 60.22 -90.61
N GLY F 46 14.60 59.45 -89.63
CA GLY F 46 15.68 58.49 -89.83
C GLY F 46 16.74 58.61 -88.75
N LYS F 47 17.68 57.67 -88.81
CA LYS F 47 18.74 57.63 -87.81
C LYS F 47 19.60 58.89 -87.88
N LEU F 48 19.95 59.41 -86.71
CA LEU F 48 20.79 60.59 -86.58
C LEU F 48 22.23 60.13 -86.35
N LEU F 49 23.07 60.31 -87.35
CA LEU F 49 24.45 59.88 -87.28
C LEU F 49 25.26 60.79 -86.36
N SER F 50 26.46 60.33 -86.00
CA SER F 50 27.33 61.11 -85.14
C SER F 50 27.78 62.41 -85.79
N ASN F 51 27.86 62.46 -87.12
CA ASN F 51 28.25 63.67 -87.82
C ASN F 51 27.07 64.57 -88.17
N GLY F 52 25.86 64.19 -87.77
CA GLY F 52 24.67 64.98 -88.04
C GLY F 52 23.89 64.55 -89.26
N GLN F 53 24.44 63.66 -90.08
CA GLN F 53 23.73 63.20 -91.27
C GLN F 53 22.53 62.34 -90.89
N ILE F 54 21.52 62.37 -91.74
CA ILE F 54 20.27 61.63 -91.54
C ILE F 54 20.09 60.66 -92.70
N VAL F 55 19.88 59.39 -92.37
CA VAL F 55 19.67 58.34 -93.37
C VAL F 55 18.18 58.01 -93.40
N SER F 56 17.61 57.93 -94.59
CA SER F 56 16.19 57.64 -94.72
C SER F 56 15.89 56.24 -94.17
N PRO F 57 14.83 56.09 -93.39
CA PRO F 57 14.49 54.77 -92.84
C PRO F 57 14.23 53.76 -93.96
N LYS F 58 14.68 52.53 -93.75
CA LYS F 58 14.47 51.46 -94.72
C LYS F 58 13.20 50.67 -94.43
N VAL F 59 12.09 51.39 -94.30
CA VAL F 59 10.79 50.78 -94.03
C VAL F 59 9.71 51.71 -94.54
N LYS F 60 8.66 51.14 -95.12
CA LYS F 60 7.59 51.91 -95.74
C LYS F 60 6.31 51.76 -94.93
N LYS F 61 5.26 52.43 -95.41
CA LYS F 61 3.96 52.40 -94.75
C LYS F 61 3.36 50.99 -94.73
N GLY F 62 3.32 50.33 -95.89
CA GLY F 62 2.67 49.05 -96.02
C GLY F 62 3.51 47.85 -95.69
N ASP F 63 4.72 48.05 -95.18
CA ASP F 63 5.61 46.94 -94.87
C ASP F 63 5.11 46.16 -93.66
N LYS F 64 5.39 44.86 -93.65
CA LYS F 64 5.10 43.99 -92.53
C LYS F 64 6.40 43.71 -91.80
N VAL F 65 6.57 44.28 -90.61
CA VAL F 65 7.81 44.23 -89.86
C VAL F 65 7.66 43.24 -88.72
N VAL F 66 8.63 42.35 -88.59
CA VAL F 66 8.70 41.39 -87.49
C VAL F 66 9.82 41.82 -86.56
N PHE F 67 9.55 41.79 -85.25
CA PHE F 67 10.46 42.33 -84.25
C PHE F 67 10.68 41.29 -83.16
N ASN F 68 11.54 41.64 -82.22
CA ASN F 68 11.79 40.75 -81.08
C ASN F 68 10.65 40.81 -80.08
N LYS F 69 10.80 40.05 -79.00
CA LYS F 69 9.70 39.89 -78.04
C LYS F 69 9.38 41.16 -77.27
N TYR F 70 10.38 42.00 -76.99
CA TYR F 70 10.19 43.17 -76.14
C TYR F 70 10.77 44.42 -76.80
N ALA F 71 10.45 44.66 -78.07
CA ALA F 71 11.07 45.75 -78.81
C ALA F 71 10.29 47.06 -78.70
N GLY F 72 9.20 47.09 -77.93
CA GLY F 72 8.36 48.27 -77.92
C GLY F 72 8.23 48.88 -76.53
N THR F 73 7.42 49.93 -76.45
CA THR F 73 7.11 50.61 -75.19
C THR F 73 5.63 50.64 -74.91
N GLU F 74 4.81 50.03 -75.78
CA GLU F 74 3.38 49.84 -75.56
C GLU F 74 2.69 51.18 -75.25
N VAL F 75 2.67 52.05 -76.26
CA VAL F 75 2.00 53.34 -76.13
C VAL F 75 0.51 53.16 -76.25
N GLU F 76 -0.24 54.14 -75.74
CA GLU F 76 -1.70 54.17 -75.84
C GLU F 76 -2.13 55.46 -76.54
N LEU F 77 -3.14 55.35 -77.40
CA LEU F 77 -3.61 56.49 -78.18
C LEU F 77 -5.13 56.40 -78.29
N ASP F 78 -5.84 57.15 -77.43
CA ASP F 78 -7.31 57.25 -77.42
C ASP F 78 -8.00 55.92 -77.69
N GLY F 79 -7.63 54.90 -76.92
CA GLY F 79 -8.27 53.60 -77.01
C GLY F 79 -7.49 52.54 -77.76
N GLU F 80 -6.89 52.86 -78.89
CA GLU F 80 -5.99 51.92 -79.54
C GLU F 80 -4.58 52.06 -78.97
N LYS F 81 -3.77 51.04 -79.18
CA LYS F 81 -2.42 50.99 -78.63
C LYS F 81 -1.44 50.64 -79.74
N TYR F 82 -0.25 51.19 -79.65
CA TYR F 82 0.77 51.02 -80.68
C TYR F 82 2.10 50.68 -80.02
N LEU F 83 3.02 50.16 -80.83
CA LEU F 83 4.31 49.67 -80.37
C LEU F 83 5.40 50.62 -80.90
N ILE F 84 5.84 51.54 -80.04
CA ILE F 84 6.94 52.42 -80.42
C ILE F 84 8.24 51.64 -80.39
N MET F 85 8.98 51.69 -81.49
CA MET F 85 10.20 50.90 -81.61
C MET F 85 11.18 51.63 -82.52
N SER F 86 12.46 51.30 -82.35
CA SER F 86 13.52 51.94 -83.12
C SER F 86 13.99 51.03 -84.26
N GLU F 87 14.81 51.60 -85.13
CA GLU F 87 15.24 50.88 -86.34
C GLU F 87 16.15 49.71 -86.01
N ASP F 88 16.95 49.81 -84.96
CA ASP F 88 17.93 48.76 -84.66
C ASP F 88 17.31 47.53 -84.02
N GLU F 89 16.06 47.59 -83.58
CA GLU F 89 15.44 46.44 -82.92
C GLU F 89 14.38 45.75 -83.76
N VAL F 90 14.08 46.23 -84.98
CA VAL F 90 13.23 45.47 -85.89
C VAL F 90 14.12 44.52 -86.68
N LEU F 91 13.91 43.23 -86.49
CA LEU F 91 14.83 42.22 -87.01
C LEU F 91 14.74 42.01 -88.52
N ALA F 92 13.54 42.12 -89.09
CA ALA F 92 13.38 41.94 -90.53
C ALA F 92 12.03 42.49 -90.95
N VAL F 93 11.77 42.41 -92.26
CA VAL F 93 10.52 42.88 -92.84
C VAL F 93 9.97 41.80 -93.76
N ILE F 94 8.64 41.73 -93.83
CA ILE F 94 7.87 40.74 -94.62
C ILE F 94 8.56 39.39 -94.73
N ALA G 2 -3.26 -12.61 -21.27
CA ALA G 2 -3.81 -13.83 -20.69
C ALA G 2 -5.32 -13.91 -20.89
N LYS G 3 -5.75 -14.92 -21.61
CA LYS G 3 -7.17 -15.12 -21.89
C LYS G 3 -7.76 -16.20 -21.00
N LYS G 4 -9.09 -16.19 -20.90
CA LYS G 4 -9.83 -17.29 -20.29
C LYS G 4 -11.01 -17.63 -21.20
N VAL G 5 -11.25 -18.92 -21.37
CA VAL G 5 -12.30 -19.44 -22.25
C VAL G 5 -13.34 -20.14 -21.40
N ILE G 6 -14.60 -19.79 -21.61
CA ILE G 6 -15.73 -20.42 -20.94
C ILE G 6 -16.61 -21.07 -21.99
N TYR G 7 -17.25 -22.18 -21.61
CA TYR G 7 -17.93 -23.05 -22.56
C TYR G 7 -19.36 -23.32 -22.14
N GLY G 8 -20.17 -23.71 -23.13
CA GLY G 8 -21.46 -24.32 -22.85
C GLY G 8 -22.43 -23.38 -22.15
N GLU G 9 -23.23 -23.95 -21.24
CA GLU G 9 -24.26 -23.17 -20.55
C GLU G 9 -23.68 -22.02 -19.74
N ASP G 10 -22.45 -22.16 -19.26
CA ASP G 10 -21.81 -21.04 -18.56
C ASP G 10 -21.61 -19.86 -19.50
N ALA G 11 -21.19 -20.13 -20.74
CA ALA G 11 -21.01 -19.07 -21.72
C ALA G 11 -22.34 -18.40 -22.06
N ARG G 12 -23.38 -19.21 -22.28
CA ARG G 12 -24.68 -18.66 -22.65
C ARG G 12 -25.31 -17.90 -21.49
N ALA G 13 -25.02 -18.30 -20.26
CA ALA G 13 -25.52 -17.57 -19.10
C ALA G 13 -24.96 -16.16 -19.05
N ARG G 14 -23.66 -16.01 -19.35
CA ARG G 14 -23.05 -14.69 -19.37
C ARG G 14 -23.66 -13.82 -20.48
N LEU G 15 -23.84 -14.40 -21.66
CA LEU G 15 -24.40 -13.65 -22.78
C LEU G 15 -25.83 -13.21 -22.48
N LYS G 16 -26.62 -14.11 -21.90
CA LYS G 16 -28.01 -13.77 -21.58
C LYS G 16 -28.09 -12.63 -20.57
N ALA G 17 -27.21 -12.66 -19.57
CA ALA G 17 -27.20 -11.59 -18.58
C ALA G 17 -26.83 -10.25 -19.20
N GLY G 18 -25.85 -10.25 -20.11
CA GLY G 18 -25.48 -9.01 -20.76
C GLY G 18 -26.57 -8.47 -21.66
N VAL G 19 -27.21 -9.36 -22.43
CA VAL G 19 -28.29 -8.94 -23.33
C VAL G 19 -29.46 -8.41 -22.53
N ASP G 20 -29.83 -9.10 -21.43
CA ASP G 20 -30.99 -8.70 -20.66
C ASP G 20 -30.79 -7.33 -20.00
N LYS G 21 -29.60 -7.09 -19.46
CA LYS G 21 -29.35 -5.83 -18.77
C LYS G 21 -29.37 -4.66 -19.74
N LEU G 22 -28.91 -4.87 -20.97
CA LEU G 22 -29.02 -3.82 -21.99
C LEU G 22 -30.46 -3.63 -22.44
N ALA G 23 -31.18 -4.73 -22.67
CA ALA G 23 -32.53 -4.63 -23.19
C ALA G 23 -33.49 -4.06 -22.14
N ASN G 24 -33.26 -4.35 -20.86
CA ASN G 24 -34.15 -3.85 -19.82
C ASN G 24 -34.12 -2.32 -19.76
N ALA G 25 -32.94 -1.73 -19.95
CA ALA G 25 -32.85 -0.27 -19.94
C ALA G 25 -33.55 0.35 -21.14
N VAL G 26 -33.38 -0.25 -22.32
CA VAL G 26 -33.96 0.32 -23.54
C VAL G 26 -35.48 0.17 -23.55
N LYS G 27 -35.98 -0.98 -23.11
CA LYS G 27 -37.39 -1.31 -23.31
C LYS G 27 -38.34 -0.43 -22.50
N VAL G 28 -37.84 0.31 -21.50
CA VAL G 28 -38.71 1.19 -20.74
C VAL G 28 -39.16 2.38 -21.57
N THR G 29 -38.53 2.61 -22.72
CA THR G 29 -38.88 3.75 -23.56
C THR G 29 -39.84 3.39 -24.68
N LEU G 30 -40.35 2.15 -24.70
CA LEU G 30 -41.17 1.71 -25.82
C LEU G 30 -42.63 2.10 -25.62
N GLY G 31 -43.26 2.55 -26.71
CA GLY G 31 -44.68 2.83 -26.71
C GLY G 31 -45.00 4.29 -26.47
N PRO G 32 -46.29 4.63 -26.53
CA PRO G 32 -46.70 6.02 -26.29
C PRO G 32 -46.63 6.39 -24.83
N ARG G 33 -46.70 5.39 -23.96
CA ARG G 33 -46.57 5.58 -22.52
C ARG G 33 -45.19 5.19 -22.01
N GLY G 34 -44.23 4.98 -22.90
CA GLY G 34 -42.87 4.72 -22.47
C GLY G 34 -42.27 5.94 -21.80
N ARG G 35 -41.31 5.69 -20.92
CA ARG G 35 -40.69 6.73 -20.12
C ARG G 35 -39.25 6.94 -20.56
N GLU G 36 -38.69 8.06 -20.15
CA GLU G 36 -37.39 8.47 -20.64
C GLU G 36 -36.28 7.99 -19.72
N VAL G 37 -35.05 8.08 -20.23
CA VAL G 37 -33.85 7.66 -19.51
C VAL G 37 -32.89 8.83 -19.45
N ILE G 38 -32.36 9.09 -18.26
CA ILE G 38 -31.36 10.14 -18.05
C ILE G 38 -29.99 9.50 -18.12
N ILE G 39 -29.14 10.00 -19.01
CA ILE G 39 -27.80 9.46 -19.22
C ILE G 39 -26.79 10.47 -18.67
N GLU G 40 -25.90 9.99 -17.81
CA GLU G 40 -24.89 10.87 -17.23
C GLU G 40 -23.87 11.27 -18.28
N LYS G 41 -23.60 12.57 -18.37
CA LYS G 41 -22.51 13.10 -19.17
C LYS G 41 -21.45 13.63 -18.23
N LYS G 42 -20.19 13.27 -18.48
CA LYS G 42 -19.13 13.63 -17.56
C LYS G 42 -18.99 15.15 -17.41
N TRP G 43 -19.05 15.89 -18.51
CA TRP G 43 -18.99 17.34 -18.49
C TRP G 43 -20.33 17.90 -18.95
N GLY G 44 -20.96 18.70 -18.10
CA GLY G 44 -22.18 19.37 -18.47
C GLY G 44 -23.44 18.67 -17.97
N THR G 45 -24.56 19.12 -18.53
CA THR G 45 -25.87 18.64 -18.11
C THR G 45 -26.10 17.21 -18.60
N PRO G 46 -26.77 16.38 -17.79
CA PRO G 46 -27.17 15.05 -18.25
C PRO G 46 -28.18 15.12 -19.39
N VAL G 47 -28.23 14.07 -20.21
CA VAL G 47 -29.13 14.01 -21.36
C VAL G 47 -30.35 13.19 -20.98
N VAL G 48 -31.54 13.75 -21.22
CA VAL G 48 -32.80 13.04 -21.08
C VAL G 48 -33.29 12.67 -22.47
N THR G 49 -33.45 11.38 -22.72
CA THR G 49 -33.77 10.90 -24.05
C THR G 49 -34.77 9.76 -23.98
N LYS G 50 -35.48 9.55 -25.09
CA LYS G 50 -36.42 8.45 -25.21
C LYS G 50 -36.07 7.48 -26.35
N ASP G 51 -35.15 7.86 -27.22
CA ASP G 51 -34.76 6.96 -28.31
C ASP G 51 -33.85 5.85 -27.78
N GLY G 52 -34.02 4.65 -28.33
CA GLY G 52 -33.34 3.49 -27.78
C GLY G 52 -31.89 3.39 -28.19
N VAL G 53 -31.54 3.95 -29.35
CA VAL G 53 -30.17 3.85 -29.84
C VAL G 53 -29.22 4.66 -28.96
N THR G 54 -29.68 5.82 -28.49
CA THR G 54 -28.85 6.65 -27.61
C THR G 54 -28.61 5.95 -26.27
N VAL G 55 -29.64 5.32 -25.72
CA VAL G 55 -29.49 4.60 -24.46
C VAL G 55 -28.55 3.41 -24.64
N ALA G 56 -28.70 2.69 -25.74
CA ALA G 56 -27.90 1.48 -25.96
C ALA G 56 -26.43 1.82 -26.13
N LYS G 57 -26.13 2.94 -26.78
CA LYS G 57 -24.75 3.28 -27.09
C LYS G 57 -23.93 3.54 -25.83
N GLU G 58 -24.58 3.90 -24.73
CA GLU G 58 -23.85 4.22 -23.51
C GLU G 58 -23.57 2.99 -22.66
N ILE G 59 -24.30 1.89 -22.88
CA ILE G 59 -24.25 0.76 -21.97
C ILE G 59 -22.93 0.01 -22.13
N GLU G 60 -22.30 -0.32 -21.01
CA GLU G 60 -21.07 -1.10 -20.95
C GLU G 60 -20.93 -1.66 -19.55
N PHE G 61 -20.47 -2.90 -19.45
CA PHE G 61 -20.47 -3.63 -18.18
C PHE G 61 -19.07 -4.06 -17.79
N LYS G 62 -18.90 -4.30 -16.49
CA LYS G 62 -17.58 -4.67 -15.96
C LYS G 62 -17.23 -6.10 -16.32
N ASP G 63 -18.18 -7.02 -16.22
CA ASP G 63 -17.90 -8.42 -16.52
C ASP G 63 -17.53 -8.54 -17.99
N PRO G 64 -16.35 -9.05 -18.32
CA PRO G 64 -15.95 -9.10 -19.74
C PRO G 64 -16.88 -9.93 -20.60
N TYR G 65 -17.41 -11.04 -20.09
CA TYR G 65 -18.27 -11.90 -20.90
C TYR G 65 -19.68 -11.32 -21.04
N GLU G 66 -20.21 -10.69 -19.99
CA GLU G 66 -21.50 -10.03 -20.10
C GLU G 66 -21.43 -8.84 -21.05
N ASN G 67 -20.26 -8.18 -21.10
CA ASN G 67 -20.09 -7.06 -22.02
C ASN G 67 -20.17 -7.50 -23.47
N MET G 68 -19.64 -8.69 -23.77
CA MET G 68 -19.69 -9.20 -25.15
C MET G 68 -21.13 -9.36 -25.62
N GLY G 69 -22.00 -9.87 -24.75
CA GLY G 69 -23.41 -9.95 -25.10
C GLY G 69 -24.03 -8.58 -25.31
N ALA G 70 -23.67 -7.62 -24.47
CA ALA G 70 -24.23 -6.28 -24.58
C ALA G 70 -23.75 -5.58 -25.86
N GLN G 71 -22.47 -5.76 -26.20
CA GLN G 71 -21.93 -5.07 -27.36
C GLN G 71 -22.48 -5.63 -28.66
N LEU G 72 -22.82 -6.92 -28.69
CA LEU G 72 -23.38 -7.51 -29.90
C LEU G 72 -24.77 -6.97 -30.17
N VAL G 73 -25.59 -6.84 -29.13
CA VAL G 73 -26.95 -6.33 -29.30
C VAL G 73 -26.97 -4.84 -29.60
N LYS G 74 -25.96 -4.09 -29.15
CA LYS G 74 -25.88 -2.67 -29.52
C LYS G 74 -25.77 -2.50 -31.03
N GLU G 75 -25.24 -3.52 -31.72
CA GLU G 75 -25.15 -3.45 -33.18
C GLU G 75 -26.55 -3.46 -33.81
N VAL G 76 -27.52 -4.09 -33.16
CA VAL G 76 -28.88 -4.10 -33.68
C VAL G 76 -29.46 -2.69 -33.70
N ALA G 77 -29.32 -1.98 -32.58
CA ALA G 77 -29.85 -0.61 -32.50
C ALA G 77 -29.04 0.33 -33.38
N SER G 78 -27.73 0.12 -33.46
CA SER G 78 -26.88 1.00 -34.27
C SER G 78 -27.20 0.86 -35.75
N LYS G 79 -27.31 -0.38 -36.24
CA LYS G 79 -27.59 -0.59 -37.66
C LYS G 79 -28.98 -0.09 -38.02
N THR G 80 -29.97 -0.29 -37.15
CA THR G 80 -31.31 0.17 -37.42
C THR G 80 -31.36 1.69 -37.55
N SER G 81 -30.65 2.40 -36.67
CA SER G 81 -30.62 3.86 -36.74
C SER G 81 -29.97 4.34 -38.03
N ASP G 82 -28.88 3.68 -38.45
CA ASP G 82 -28.21 4.09 -39.68
C ASP G 82 -29.09 3.86 -40.90
N VAL G 83 -29.84 2.76 -40.93
CA VAL G 83 -30.61 2.42 -42.11
C VAL G 83 -31.99 3.08 -42.12
N ALA G 84 -32.71 3.06 -41.01
CA ALA G 84 -34.09 3.55 -41.00
C ALA G 84 -34.22 4.83 -40.18
N GLY G 85 -33.41 4.98 -39.14
CA GLY G 85 -33.51 6.14 -38.28
C GLY G 85 -34.59 6.07 -37.23
N ASP G 86 -35.34 4.97 -37.18
CA ASP G 86 -36.39 4.79 -36.19
C ASP G 86 -36.60 3.29 -36.02
N GLY G 87 -37.26 2.92 -34.93
CA GLY G 87 -37.46 1.53 -34.62
C GLY G 87 -36.32 0.86 -33.90
N THR G 88 -35.40 1.63 -33.32
CA THR G 88 -34.26 1.04 -32.63
C THR G 88 -34.68 0.32 -31.36
N THR G 89 -35.68 0.83 -30.64
CA THR G 89 -36.16 0.14 -29.44
C THR G 89 -36.87 -1.15 -29.80
N THR G 90 -37.66 -1.14 -30.89
CA THR G 90 -38.32 -2.35 -31.34
C THR G 90 -37.30 -3.40 -31.74
N ALA G 91 -36.24 -3.00 -32.44
CA ALA G 91 -35.21 -3.94 -32.85
C ALA G 91 -34.51 -4.56 -31.66
N THR G 92 -34.24 -3.75 -30.62
CA THR G 92 -33.60 -4.29 -29.42
C THR G 92 -34.52 -5.26 -28.70
N VAL G 93 -35.82 -4.96 -28.64
CA VAL G 93 -36.76 -5.87 -28.00
C VAL G 93 -36.84 -7.18 -28.77
N LEU G 94 -36.88 -7.10 -30.10
CA LEU G 94 -36.93 -8.31 -30.91
C LEU G 94 -35.67 -9.16 -30.72
N ALA G 95 -34.51 -8.51 -30.67
CA ALA G 95 -33.26 -9.24 -30.55
C ALA G 95 -33.19 -10.04 -29.24
N GLN G 96 -33.66 -9.45 -28.14
CA GLN G 96 -33.68 -10.17 -26.88
C GLN G 96 -34.62 -11.37 -26.94
N ALA G 97 -35.78 -11.20 -27.57
CA ALA G 97 -36.75 -12.29 -27.65
C ALA G 97 -36.20 -13.47 -28.44
N ILE G 98 -35.54 -13.19 -29.57
CA ILE G 98 -34.97 -14.27 -30.38
C ILE G 98 -33.87 -14.99 -29.60
N PHE G 99 -32.99 -14.24 -28.95
CA PHE G 99 -31.89 -14.85 -28.22
C PHE G 99 -32.38 -15.65 -27.03
N ASN G 100 -33.35 -15.12 -26.28
CA ASN G 100 -33.87 -15.82 -25.12
C ASN G 100 -34.56 -17.12 -25.51
N GLU G 101 -35.37 -17.08 -26.57
CA GLU G 101 -36.04 -18.30 -27.02
C GLU G 101 -35.07 -19.28 -27.65
N GLY G 102 -34.03 -18.77 -28.33
CA GLY G 102 -33.04 -19.66 -28.92
C GLY G 102 -32.27 -20.44 -27.88
N LEU G 103 -31.95 -19.80 -26.75
CA LEU G 103 -31.25 -20.50 -25.68
C LEU G 103 -32.07 -21.64 -25.11
N ARG G 104 -33.39 -21.45 -24.99
CA ARG G 104 -34.24 -22.52 -24.50
C ARG G 104 -34.24 -23.71 -25.45
N ALA G 105 -34.27 -23.45 -26.76
CA ALA G 105 -34.24 -24.54 -27.74
C ALA G 105 -32.90 -25.26 -27.70
N ILE G 106 -31.80 -24.51 -27.58
CA ILE G 106 -30.48 -25.12 -27.54
C ILE G 106 -30.32 -25.95 -26.27
N ALA G 107 -30.86 -25.46 -25.15
CA ALA G 107 -30.78 -26.21 -23.90
C ALA G 107 -31.51 -27.55 -23.99
N SER G 108 -32.45 -27.68 -24.92
CA SER G 108 -33.16 -28.93 -25.11
C SER G 108 -32.44 -29.88 -26.06
N GLY G 109 -31.28 -29.49 -26.60
CA GLY G 109 -30.49 -30.37 -27.45
C GLY G 109 -30.53 -30.05 -28.92
N ALA G 110 -31.16 -28.95 -29.32
CA ALA G 110 -31.25 -28.61 -30.73
C ALA G 110 -29.89 -28.15 -31.27
N ASN G 111 -29.69 -28.35 -32.56
CA ASN G 111 -28.44 -27.96 -33.20
C ASN G 111 -28.42 -26.44 -33.42
N PRO G 112 -27.44 -25.72 -32.87
CA PRO G 112 -27.43 -24.26 -33.05
C PRO G 112 -27.39 -23.81 -34.50
N MET G 113 -26.67 -24.53 -35.36
CA MET G 113 -26.59 -24.13 -36.76
C MET G 113 -27.92 -24.28 -37.47
N ASP G 114 -28.67 -25.34 -37.17
CA ASP G 114 -29.96 -25.54 -37.81
C ASP G 114 -31.00 -24.54 -37.34
N ILE G 115 -30.91 -24.11 -36.08
CA ILE G 115 -31.82 -23.09 -35.57
C ILE G 115 -31.64 -21.79 -36.35
N LYS G 116 -30.40 -21.40 -36.60
CA LYS G 116 -30.13 -20.18 -37.36
C LYS G 116 -30.68 -20.31 -38.78
N ARG G 117 -30.51 -21.49 -39.40
CA ARG G 117 -31.07 -21.70 -40.73
C ARG G 117 -32.59 -21.61 -40.73
N GLY G 118 -33.24 -22.15 -39.69
CA GLY G 118 -34.67 -22.01 -39.57
C GLY G 118 -35.10 -20.58 -39.34
N ILE G 119 -34.31 -19.83 -38.56
CA ILE G 119 -34.62 -18.43 -38.30
C ILE G 119 -34.55 -17.63 -39.59
N ASP G 120 -33.53 -17.90 -40.42
CA ASP G 120 -33.38 -17.17 -41.67
C ASP G 120 -34.57 -17.39 -42.60
N LYS G 121 -35.06 -18.63 -42.67
CA LYS G 121 -36.21 -18.92 -43.51
C LYS G 121 -37.45 -18.18 -43.02
N ALA G 122 -37.65 -18.14 -41.70
CA ALA G 122 -38.83 -17.47 -41.16
C ALA G 122 -38.81 -15.97 -41.43
N VAL G 123 -37.63 -15.35 -41.33
CA VAL G 123 -37.54 -13.91 -41.55
C VAL G 123 -37.84 -13.57 -43.00
N GLU G 124 -37.42 -14.44 -43.93
CA GLU G 124 -37.75 -14.23 -45.34
C GLU G 124 -39.26 -14.24 -45.56
N THR G 125 -39.97 -15.14 -44.89
CA THR G 125 -41.43 -15.17 -45.00
C THR G 125 -42.05 -13.95 -44.35
N VAL G 126 -41.55 -13.56 -43.17
CA VAL G 126 -42.13 -12.43 -42.44
C VAL G 126 -41.97 -11.14 -43.23
N VAL G 127 -40.79 -10.93 -43.82
CA VAL G 127 -40.57 -9.72 -44.60
C VAL G 127 -41.49 -9.68 -45.81
N ASN G 128 -41.71 -10.82 -46.45
CA ASN G 128 -42.64 -10.88 -47.56
C ASN G 128 -44.06 -10.51 -47.14
N GLU G 129 -44.48 -11.00 -45.97
CA GLU G 129 -45.82 -10.69 -45.48
C GLU G 129 -45.97 -9.20 -45.18
N ILE G 130 -44.93 -8.59 -44.60
CA ILE G 130 -44.99 -7.17 -44.26
C ILE G 130 -45.18 -6.33 -45.51
N LYS G 131 -44.47 -6.68 -46.59
CA LYS G 131 -44.62 -5.95 -47.84
C LYS G 131 -46.03 -6.07 -48.41
N LYS G 132 -46.72 -7.17 -48.11
CA LYS G 132 -48.09 -7.32 -48.59
C LYS G 132 -49.04 -6.43 -47.80
N LEU G 133 -48.80 -6.26 -46.51
CA LEU G 133 -49.61 -5.36 -45.71
C LEU G 133 -49.31 -3.89 -46.00
N SER G 134 -48.19 -3.61 -46.65
CA SER G 134 -47.78 -2.23 -46.90
C SER G 134 -48.79 -1.51 -47.78
N ILE G 135 -49.05 -0.25 -47.46
CA ILE G 135 -49.95 0.60 -48.23
C ILE G 135 -49.17 1.84 -48.65
N PRO G 136 -49.15 2.18 -49.94
CA PRO G 136 -48.41 3.37 -50.37
C PRO G 136 -48.99 4.63 -49.76
N VAL G 137 -48.12 5.61 -49.53
CA VAL G 137 -48.55 6.87 -48.93
C VAL G 137 -49.38 7.64 -49.94
N SER G 138 -50.64 7.94 -49.57
CA SER G 138 -51.53 8.64 -50.47
C SER G 138 -51.19 10.11 -50.59
N GLY G 139 -50.79 10.75 -49.50
CA GLY G 139 -50.51 12.18 -49.54
C GLY G 139 -50.24 12.72 -48.15
N ARG G 140 -50.81 13.90 -47.88
CA ARG G 140 -50.52 14.61 -46.64
C ARG G 140 -51.08 13.89 -45.42
N LYS G 141 -52.22 13.22 -45.56
CA LYS G 141 -52.85 12.59 -44.41
C LYS G 141 -51.96 11.53 -43.80
N GLU G 142 -51.36 10.68 -44.63
CA GLU G 142 -50.45 9.66 -44.12
C GLU G 142 -49.16 10.29 -43.59
N ILE G 143 -48.68 11.33 -44.27
CA ILE G 143 -47.42 11.96 -43.86
C ILE G 143 -47.57 12.57 -42.47
N GLU G 144 -48.66 13.29 -42.23
CA GLU G 144 -48.85 13.93 -40.94
C GLU G 144 -49.12 12.90 -39.84
N GLN G 145 -49.74 11.77 -40.18
CA GLN G 145 -49.99 10.73 -39.20
C GLN G 145 -48.70 10.03 -38.79
N VAL G 146 -47.82 9.78 -39.77
CA VAL G 146 -46.55 9.13 -39.46
C VAL G 146 -45.68 10.03 -38.60
N ALA G 147 -45.62 11.33 -38.94
CA ALA G 147 -44.81 12.26 -38.17
C ALA G 147 -45.32 12.39 -36.73
N THR G 148 -46.64 12.41 -36.55
CA THR G 148 -47.21 12.54 -35.22
C THR G 148 -46.85 11.34 -34.35
N ILE G 149 -46.94 10.13 -34.91
CA ILE G 149 -46.68 8.94 -34.13
C ILE G 149 -45.19 8.85 -33.75
N SER G 150 -44.31 9.11 -34.72
CA SER G 150 -42.88 9.00 -34.45
C SER G 150 -42.39 10.08 -33.50
N ALA G 151 -43.11 11.20 -33.41
CA ALA G 151 -42.80 12.26 -32.46
C ALA G 151 -43.45 12.03 -31.09
N ASN G 152 -43.81 10.78 -30.78
CA ASN G 152 -44.44 10.44 -29.50
C ASN G 152 -45.78 11.15 -29.33
N ASN G 153 -46.63 11.01 -30.34
CA ASN G 153 -48.00 11.56 -30.33
C ASN G 153 -47.99 13.06 -30.06
N ASP G 154 -47.28 13.80 -30.91
CA ASP G 154 -47.19 15.25 -30.81
C ASP G 154 -47.69 15.85 -32.11
N ALA G 155 -48.91 16.36 -32.09
CA ALA G 155 -49.53 16.89 -33.30
C ALA G 155 -48.84 18.16 -33.80
N THR G 156 -48.24 18.94 -32.91
CA THR G 156 -47.56 20.16 -33.33
C THR G 156 -46.37 19.84 -34.23
N ILE G 157 -45.58 18.82 -33.85
CA ILE G 157 -44.45 18.42 -34.67
C ILE G 157 -44.93 17.81 -35.99
N GLY G 158 -46.03 17.05 -35.95
CA GLY G 158 -46.54 16.44 -37.16
C GLY G 158 -46.96 17.46 -38.19
N LYS G 159 -47.59 18.55 -37.74
CA LYS G 159 -48.03 19.60 -38.66
C LYS G 159 -46.84 20.28 -39.32
N ILE G 160 -45.78 20.53 -38.55
CA ILE G 160 -44.61 21.23 -39.08
C ILE G 160 -43.93 20.38 -40.14
N ILE G 161 -43.74 19.09 -39.87
CA ILE G 161 -43.05 18.22 -40.81
C ILE G 161 -43.87 18.02 -42.08
N ALA G 162 -45.19 17.92 -41.93
CA ALA G 162 -46.04 17.78 -43.11
C ALA G 162 -45.91 19.00 -44.03
N ASP G 163 -45.83 20.20 -43.44
CA ASP G 163 -45.61 21.40 -44.25
C ASP G 163 -44.24 21.37 -44.90
N ALA G 164 -43.22 20.90 -44.18
CA ALA G 164 -41.87 20.86 -44.73
C ALA G 164 -41.78 19.92 -45.92
N MET G 165 -42.47 18.78 -45.86
CA MET G 165 -42.46 17.85 -46.98
C MET G 165 -43.07 18.49 -48.23
N GLU G 166 -44.17 19.21 -48.07
CA GLU G 166 -44.81 19.85 -49.21
C GLU G 166 -43.93 20.95 -49.80
N ALA G 167 -43.24 21.71 -48.95
CA ALA G 167 -42.47 22.85 -49.42
C ALA G 167 -41.29 22.41 -50.28
N VAL G 168 -40.55 21.39 -49.84
CA VAL G 168 -39.37 20.95 -50.58
C VAL G 168 -39.68 19.89 -51.63
N GLY G 169 -40.89 19.33 -51.62
CA GLY G 169 -41.27 18.38 -52.65
C GLY G 169 -40.66 17.01 -52.47
N LYS G 170 -40.73 16.23 -53.55
CA LYS G 170 -40.28 14.85 -53.54
C LYS G 170 -38.77 14.71 -53.42
N ASP G 171 -38.01 15.69 -53.89
CA ASP G 171 -36.56 15.59 -53.93
C ASP G 171 -35.85 16.57 -53.01
N GLY G 172 -36.57 17.27 -52.14
CA GLY G 172 -35.93 18.17 -51.21
C GLY G 172 -35.40 17.46 -49.97
N VAL G 173 -34.76 18.25 -49.12
CA VAL G 173 -34.20 17.74 -47.86
C VAL G 173 -34.68 18.61 -46.72
N ILE G 174 -34.78 18.00 -45.54
CA ILE G 174 -35.22 18.69 -44.32
C ILE G 174 -34.10 18.59 -43.29
N THR G 175 -33.76 19.72 -42.69
CA THR G 175 -32.69 19.78 -41.70
C THR G 175 -33.23 20.30 -40.38
N VAL G 176 -32.81 19.66 -39.29
CA VAL G 176 -33.25 20.00 -37.94
C VAL G 176 -32.09 20.67 -37.21
N GLU G 177 -32.34 21.86 -36.67
CA GLU G 177 -31.34 22.62 -35.95
C GLU G 177 -31.95 23.17 -34.66
N GLU G 178 -31.07 23.50 -33.71
CA GLU G 178 -31.51 24.11 -32.46
C GLU G 178 -31.83 25.58 -32.69
N SER G 179 -33.02 26.00 -32.24
CA SER G 179 -33.39 27.40 -32.36
C SER G 179 -32.73 28.21 -31.26
N LYS G 180 -32.47 29.48 -31.56
CA LYS G 180 -31.89 30.38 -30.57
C LYS G 180 -32.92 30.97 -29.61
N SER G 181 -34.20 30.67 -29.83
CA SER G 181 -35.27 31.19 -28.98
C SER G 181 -36.13 30.02 -28.52
N ALA G 182 -37.21 30.36 -27.81
CA ALA G 182 -38.09 29.34 -27.25
C ALA G 182 -39.09 28.81 -28.26
N GLU G 183 -39.26 29.48 -29.39
CA GLU G 183 -40.26 29.05 -30.37
C GLU G 183 -39.65 28.08 -31.39
N THR G 184 -40.49 27.20 -31.91
CA THR G 184 -40.12 26.28 -32.97
C THR G 184 -40.68 26.79 -34.29
N THR G 185 -39.81 26.98 -35.27
CA THR G 185 -40.19 27.59 -36.54
C THR G 185 -39.70 26.74 -37.70
N LEU G 186 -40.38 26.88 -38.83
CA LEU G 186 -39.99 26.23 -40.08
C LEU G 186 -39.54 27.30 -41.06
N GLU G 187 -38.34 27.13 -41.62
CA GLU G 187 -37.77 28.07 -42.57
C GLU G 187 -37.40 27.32 -43.84
N THR G 188 -37.91 27.78 -44.97
CA THR G 188 -37.69 27.13 -46.26
C THR G 188 -37.26 28.15 -47.30
N VAL G 189 -36.38 27.73 -48.20
CA VAL G 189 -35.93 28.55 -49.32
C VAL G 189 -36.02 27.72 -50.59
N GLN G 190 -36.14 28.40 -51.73
CA GLN G 190 -36.22 27.76 -53.02
C GLN G 190 -35.05 28.19 -53.89
N GLY G 191 -34.54 27.27 -54.70
CA GLY G 191 -33.41 27.58 -55.55
C GLY G 191 -32.08 27.41 -54.83
N MET G 192 -31.02 27.77 -55.55
CA MET G 192 -29.67 27.61 -55.03
C MET G 192 -29.33 28.70 -54.02
N GLN G 193 -28.62 28.31 -52.96
CA GLN G 193 -28.16 29.23 -51.93
C GLN G 193 -26.88 28.67 -51.32
N PHE G 194 -25.93 29.54 -51.04
CA PHE G 194 -24.67 29.11 -50.46
C PHE G 194 -24.15 30.17 -49.52
N ASP G 195 -23.25 29.75 -48.62
CA ASP G 195 -22.78 30.58 -47.51
C ASP G 195 -21.67 31.55 -47.90
N ARG G 196 -21.89 32.37 -48.91
CA ARG G 196 -20.93 33.40 -49.31
C ARG G 196 -21.68 34.68 -49.60
N GLY G 197 -20.92 35.75 -49.85
CA GLY G 197 -21.51 36.99 -50.32
C GLY G 197 -21.04 38.25 -49.64
N TYR G 198 -21.44 39.39 -50.19
CA TYR G 198 -21.28 40.70 -49.55
C TYR G 198 -19.80 41.02 -49.31
N LEU G 199 -19.06 41.12 -50.42
CA LEU G 199 -17.64 41.47 -50.34
C LEU G 199 -17.42 42.91 -49.90
N SER G 200 -18.42 43.78 -50.02
CA SER G 200 -18.25 45.17 -49.67
C SER G 200 -19.56 45.71 -49.12
N PRO G 201 -19.54 46.48 -48.04
CA PRO G 201 -20.79 47.06 -47.51
C PRO G 201 -21.46 48.02 -48.49
N TYR G 202 -20.74 48.54 -49.47
CA TYR G 202 -21.30 49.56 -50.34
C TYR G 202 -22.30 48.99 -51.34
N PHE G 203 -22.38 47.67 -51.48
CA PHE G 203 -23.38 47.04 -52.34
C PHE G 203 -24.68 46.95 -51.57
N VAL G 204 -25.43 48.05 -51.54
CA VAL G 204 -26.68 48.13 -50.81
C VAL G 204 -27.78 48.59 -51.75
N THR G 205 -28.86 47.81 -51.80
CA THR G 205 -30.07 48.18 -52.52
C THR G 205 -31.22 48.54 -51.59
N ASN G 206 -31.24 47.99 -50.38
CA ASN G 206 -32.23 48.32 -49.36
C ASN G 206 -31.56 48.27 -47.98
N PRO G 207 -31.32 49.41 -47.36
CA PRO G 207 -30.60 49.40 -46.07
C PRO G 207 -31.41 48.86 -44.91
N ASP G 208 -32.70 48.60 -45.11
CA ASP G 208 -33.52 48.07 -44.03
C ASP G 208 -33.06 46.69 -43.59
N LYS G 209 -32.76 45.82 -44.55
CA LYS G 209 -32.45 44.43 -44.24
C LYS G 209 -30.99 44.06 -44.50
N MET G 210 -30.14 45.01 -44.90
CA MET G 210 -28.72 44.74 -45.14
C MET G 210 -28.51 43.67 -46.20
N GLU G 211 -28.99 43.97 -47.41
CA GLU G 211 -28.83 43.05 -48.53
C GLU G 211 -28.82 43.82 -49.84
N ALA G 212 -28.35 43.16 -50.90
CA ALA G 212 -28.31 43.69 -52.25
C ALA G 212 -29.12 42.79 -53.16
N VAL G 213 -30.06 43.37 -53.91
CA VAL G 213 -30.93 42.63 -54.81
C VAL G 213 -30.70 43.15 -56.23
N LEU G 214 -30.49 42.23 -57.17
CA LEU G 214 -30.28 42.55 -58.57
C LEU G 214 -31.37 41.87 -59.39
N GLU G 215 -32.02 42.63 -60.26
CA GLU G 215 -33.12 42.13 -61.08
C GLU G 215 -32.61 41.79 -62.47
N ASP G 216 -32.82 40.54 -62.88
CA ASP G 216 -32.29 39.98 -64.11
C ASP G 216 -30.78 40.21 -64.21
N PRO G 217 -29.99 39.72 -63.26
CA PRO G 217 -28.55 39.99 -63.31
C PRO G 217 -27.79 38.96 -64.13
N PHE G 218 -26.62 39.36 -64.60
CA PHE G 218 -25.65 38.41 -65.12
C PHE G 218 -24.75 37.93 -64.00
N ILE G 219 -24.47 36.63 -63.96
CA ILE G 219 -23.53 36.05 -63.02
C ILE G 219 -22.23 35.75 -63.75
N LEU G 220 -21.11 35.92 -63.05
CA LEU G 220 -19.79 35.67 -63.62
C LEU G 220 -19.17 34.51 -62.86
N ILE G 221 -19.00 33.38 -63.54
CA ILE G 221 -18.47 32.18 -62.91
C ILE G 221 -17.06 31.93 -63.41
N TYR G 222 -16.06 32.45 -62.70
CA TYR G 222 -14.67 32.21 -63.03
C TYR G 222 -13.91 31.79 -61.78
N GLU G 223 -12.99 30.84 -61.95
CA GLU G 223 -12.52 30.02 -60.84
C GLU G 223 -11.59 30.77 -59.89
N LYS G 224 -10.78 31.68 -60.41
CA LYS G 224 -9.70 32.28 -59.62
C LYS G 224 -10.08 33.70 -59.18
N LYS G 225 -9.10 34.41 -58.64
CA LYS G 225 -9.31 35.75 -58.10
C LYS G 225 -9.38 36.79 -59.21
N ILE G 226 -10.10 37.88 -58.95
CA ILE G 226 -10.02 39.09 -59.78
C ILE G 226 -8.91 39.93 -59.16
N SER G 227 -7.84 40.16 -59.91
CA SER G 227 -6.62 40.72 -59.35
C SER G 227 -6.27 42.11 -59.84
N ASN G 228 -6.82 42.57 -60.96
CA ASN G 228 -6.45 43.88 -61.49
C ASN G 228 -7.56 44.40 -62.39
N VAL G 229 -7.46 45.70 -62.70
CA VAL G 229 -8.48 46.35 -63.52
C VAL G 229 -8.47 45.80 -64.94
N LYS G 230 -7.29 45.47 -65.46
CA LYS G 230 -7.17 45.03 -66.84
C LYS G 230 -8.00 43.77 -67.07
N ASP G 231 -7.95 42.81 -66.14
CA ASP G 231 -8.77 41.62 -66.28
C ASP G 231 -10.26 41.96 -66.21
N LEU G 232 -10.64 42.87 -65.31
CA LEU G 232 -12.05 43.13 -65.06
C LEU G 232 -12.68 43.97 -66.18
N LEU G 233 -11.91 44.88 -66.79
CA LEU G 233 -12.49 45.88 -67.68
C LEU G 233 -13.22 45.29 -68.88
N PRO G 234 -12.66 44.37 -69.66
CA PRO G 234 -13.40 43.88 -70.84
C PRO G 234 -14.73 43.25 -70.50
N VAL G 235 -14.83 42.53 -69.39
CA VAL G 235 -16.11 41.97 -68.96
C VAL G 235 -17.05 43.09 -68.54
N LEU G 236 -16.51 44.14 -67.91
CA LEU G 236 -17.34 45.27 -67.51
C LEU G 236 -17.78 46.09 -68.72
N GLU G 237 -17.03 46.02 -69.82
CA GLU G 237 -17.42 46.73 -71.02
C GLU G 237 -18.64 46.10 -71.67
N ASN G 238 -18.83 44.79 -71.48
CA ASN G 238 -19.99 44.11 -72.05
C ASN G 238 -21.25 44.43 -71.27
N VAL G 239 -21.16 44.54 -69.94
CA VAL G 239 -22.37 44.71 -69.13
C VAL G 239 -22.87 46.15 -69.17
N VAL G 240 -21.98 47.13 -69.35
CA VAL G 240 -22.42 48.52 -69.39
C VAL G 240 -23.29 48.76 -70.62
N ARG G 241 -22.95 48.14 -71.74
CA ARG G 241 -23.75 48.29 -72.96
C ARG G 241 -25.14 47.69 -72.78
N ALA G 242 -25.23 46.53 -72.13
CA ALA G 242 -26.53 45.92 -71.88
C ALA G 242 -27.34 46.68 -70.83
N GLY G 243 -26.68 47.25 -69.82
CA GLY G 243 -27.35 47.98 -68.77
C GLY G 243 -27.95 47.14 -67.67
N LYS G 244 -27.82 45.81 -67.74
CA LYS G 244 -28.35 44.93 -66.71
C LYS G 244 -27.36 44.76 -65.58
N PRO G 245 -27.82 44.40 -64.39
CA PRO G 245 -26.90 44.20 -63.26
C PRO G 245 -26.00 42.99 -63.48
N LEU G 246 -24.91 42.97 -62.71
CA LEU G 246 -23.87 41.95 -62.86
C LEU G 246 -23.54 41.38 -61.50
N LEU G 247 -23.22 40.10 -61.45
CA LEU G 247 -22.84 39.41 -60.22
C LEU G 247 -21.53 38.69 -60.43
N ILE G 248 -20.59 38.86 -59.51
CA ILE G 248 -19.27 38.25 -59.61
C ILE G 248 -19.20 37.07 -58.65
N ILE G 249 -18.84 35.90 -59.18
CA ILE G 249 -18.51 34.73 -58.37
C ILE G 249 -17.09 34.32 -58.73
N ALA G 250 -16.19 34.42 -57.76
CA ALA G 250 -14.78 34.16 -58.00
C ALA G 250 -14.13 33.74 -56.68
N GLU G 251 -12.85 33.38 -56.76
CA GLU G 251 -12.12 33.00 -55.56
C GLU G 251 -12.03 34.16 -54.58
N ASP G 252 -11.69 35.35 -55.06
CA ASP G 252 -11.63 36.55 -54.24
C ASP G 252 -11.41 37.79 -55.10
N VAL G 253 -11.85 38.95 -54.63
CA VAL G 253 -11.61 40.21 -55.29
C VAL G 253 -10.89 41.13 -54.29
N GLU G 254 -9.64 41.48 -54.59
CA GLU G 254 -8.88 42.34 -53.70
C GLU G 254 -9.08 43.81 -54.07
N ALA G 255 -8.45 44.69 -53.28
CA ALA G 255 -8.82 46.09 -53.26
C ALA G 255 -8.66 46.79 -54.60
N GLU G 256 -7.52 46.56 -55.26
CA GLU G 256 -7.19 47.37 -56.44
C GLU G 256 -8.20 47.20 -57.56
N ALA G 257 -8.91 46.07 -57.60
CA ALA G 257 -9.97 45.89 -58.59
C ALA G 257 -11.35 46.01 -57.95
N LEU G 258 -11.48 45.59 -56.69
CA LEU G 258 -12.74 45.71 -55.99
C LEU G 258 -13.13 47.18 -55.83
N ALA G 259 -12.14 48.05 -55.59
CA ALA G 259 -12.41 49.48 -55.49
C ALA G 259 -13.03 50.01 -56.78
N THR G 260 -12.64 49.45 -57.92
CA THR G 260 -13.22 49.86 -59.19
C THR G 260 -14.72 49.56 -59.23
N LEU G 261 -15.11 48.40 -58.72
CA LEU G 261 -16.53 48.03 -58.74
C LEU G 261 -17.35 48.96 -57.85
N VAL G 262 -16.91 49.15 -56.61
CA VAL G 262 -17.70 49.94 -55.67
C VAL G 262 -17.72 51.40 -56.05
N VAL G 263 -16.60 51.92 -56.58
CA VAL G 263 -16.59 53.32 -57.00
C VAL G 263 -17.47 53.51 -58.22
N ASN G 264 -17.57 52.47 -59.07
CA ASN G 264 -18.52 52.52 -60.17
C ASN G 264 -19.94 52.29 -59.71
N HIS G 265 -20.14 51.40 -58.74
CA HIS G 265 -21.48 51.17 -58.20
C HIS G 265 -22.02 52.40 -57.49
N ILE G 266 -21.16 53.10 -56.73
CA ILE G 266 -21.57 54.35 -56.10
C ILE G 266 -21.98 55.38 -57.16
N LYS G 267 -21.18 55.49 -58.22
CA LYS G 267 -21.48 56.42 -59.30
C LYS G 267 -22.72 56.03 -60.08
N GLY G 268 -23.20 54.79 -59.92
CA GLY G 268 -24.42 54.38 -60.59
C GLY G 268 -24.27 53.95 -62.03
N VAL G 269 -23.04 53.92 -62.55
CA VAL G 269 -22.84 53.44 -63.92
C VAL G 269 -23.20 51.98 -64.07
N ILE G 270 -22.94 51.16 -63.05
CA ILE G 270 -23.41 49.78 -63.00
C ILE G 270 -23.94 49.47 -61.60
N ARG G 271 -24.77 48.44 -61.53
CA ARG G 271 -25.27 47.91 -60.27
C ARG G 271 -24.81 46.46 -60.15
N ALA G 272 -23.79 46.23 -59.33
CA ALA G 272 -23.13 44.93 -59.31
C ALA G 272 -22.73 44.58 -57.89
N CYS G 273 -22.41 43.30 -57.70
CA CYS G 273 -21.93 42.80 -56.42
C CYS G 273 -20.99 41.62 -56.69
N ALA G 274 -20.11 41.37 -55.73
CA ALA G 274 -19.11 40.31 -55.84
C ALA G 274 -19.17 39.42 -54.60
N VAL G 275 -19.04 38.11 -54.82
CA VAL G 275 -19.14 37.12 -53.75
C VAL G 275 -17.99 36.15 -53.86
N LYS G 276 -17.70 35.43 -52.77
CA LYS G 276 -16.69 34.38 -52.81
C LYS G 276 -17.27 33.11 -53.43
N ALA G 277 -16.39 32.25 -53.91
CA ALA G 277 -16.81 30.96 -54.42
C ALA G 277 -17.13 30.02 -53.26
N PRO G 278 -18.18 29.22 -53.36
CA PRO G 278 -18.50 28.27 -52.29
C PRO G 278 -17.60 27.04 -52.32
N GLY G 279 -17.59 26.33 -51.21
CA GLY G 279 -16.81 25.11 -51.12
C GLY G 279 -15.33 25.37 -50.88
N PHE G 280 -14.56 24.28 -50.90
CA PHE G 280 -13.12 24.37 -50.72
C PHE G 280 -12.44 23.25 -51.51
N GLY G 281 -11.38 23.63 -52.22
CA GLY G 281 -10.62 22.66 -52.99
C GLY G 281 -11.45 22.06 -54.11
N GLN G 282 -11.43 20.73 -54.21
CA GLN G 282 -12.21 20.03 -55.23
C GLN G 282 -13.70 20.34 -55.08
N ARG G 283 -14.13 20.68 -53.87
CA ARG G 283 -15.54 20.99 -53.63
C ARG G 283 -15.98 22.27 -54.34
N ARG G 284 -15.06 23.06 -54.88
CA ARG G 284 -15.46 24.16 -55.76
C ARG G 284 -16.05 23.64 -57.07
N LYS G 285 -15.34 22.72 -57.73
CA LYS G 285 -15.64 22.39 -59.13
C LYS G 285 -17.12 22.10 -59.35
N ASP G 286 -17.70 21.23 -58.51
CA ASP G 286 -19.09 20.86 -58.69
C ASP G 286 -20.03 22.03 -58.43
N TYR G 287 -19.74 22.83 -57.40
CA TYR G 287 -20.69 23.89 -57.00
C TYR G 287 -20.85 24.94 -58.10
N LEU G 288 -19.75 25.51 -58.58
CA LEU G 288 -19.85 26.49 -59.66
C LEU G 288 -20.36 25.84 -60.94
N GLN G 289 -20.02 24.56 -61.16
CA GLN G 289 -20.59 23.85 -62.30
C GLN G 289 -22.09 23.74 -62.20
N ASP G 290 -22.62 23.45 -61.01
CA ASP G 290 -24.07 23.41 -60.83
C ASP G 290 -24.69 24.78 -61.03
N ILE G 291 -24.06 25.82 -60.48
CA ILE G 291 -24.59 27.17 -60.64
C ILE G 291 -24.55 27.60 -62.09
N ALA G 292 -23.45 27.29 -62.79
CA ALA G 292 -23.30 27.72 -64.18
C ALA G 292 -24.33 27.08 -65.09
N ILE G 293 -24.60 25.78 -64.90
CA ILE G 293 -25.41 25.05 -65.86
C ILE G 293 -26.86 25.53 -65.83
N LEU G 294 -27.38 25.86 -64.64
CA LEU G 294 -28.78 26.28 -64.55
C LEU G 294 -28.98 27.75 -64.87
N THR G 295 -27.90 28.53 -64.95
CA THR G 295 -28.01 29.95 -65.27
C THR G 295 -27.84 30.22 -66.77
N GLY G 296 -27.62 29.19 -67.58
CA GLY G 296 -27.48 29.36 -69.01
C GLY G 296 -26.09 29.69 -69.50
N GLY G 297 -25.15 29.92 -68.59
CA GLY G 297 -23.78 30.24 -68.96
C GLY G 297 -22.84 29.07 -68.75
N THR G 298 -21.55 29.36 -68.84
CA THR G 298 -20.51 28.36 -68.65
C THR G 298 -19.55 28.82 -67.57
N ALA G 299 -19.07 27.86 -66.78
CA ALA G 299 -18.12 28.15 -65.71
C ALA G 299 -16.73 28.34 -66.31
N ILE G 300 -16.26 29.58 -66.34
CA ILE G 300 -14.93 29.88 -66.88
C ILE G 300 -13.88 29.35 -65.93
N THR G 301 -13.20 28.27 -66.31
CA THR G 301 -12.22 27.62 -65.47
C THR G 301 -10.91 27.46 -66.21
N GLU G 302 -9.88 27.02 -65.48
CA GLU G 302 -8.57 26.82 -66.10
C GLU G 302 -8.63 25.75 -67.19
N GLU G 303 -9.43 24.70 -66.99
CA GLU G 303 -9.55 23.65 -67.99
C GLU G 303 -10.11 24.22 -69.30
N LEU G 304 -11.13 25.07 -69.21
CA LEU G 304 -11.69 25.69 -70.40
C LEU G 304 -10.69 26.58 -71.12
N GLY G 305 -9.77 27.22 -70.38
CA GLY G 305 -8.70 27.98 -70.98
C GLY G 305 -9.06 29.37 -71.43
N ILE G 306 -10.29 29.84 -71.20
CA ILE G 306 -10.68 31.17 -71.63
C ILE G 306 -10.07 32.19 -70.68
N LYS G 307 -9.30 33.13 -71.24
CA LYS G 307 -8.78 34.23 -70.44
C LYS G 307 -9.91 35.17 -70.05
N LEU G 308 -9.81 35.72 -68.84
CA LEU G 308 -10.89 36.57 -68.33
C LEU G 308 -11.11 37.79 -69.22
N GLU G 309 -10.07 38.29 -69.87
CA GLU G 309 -10.23 39.41 -70.79
C GLU G 309 -11.02 39.02 -72.02
N SER G 310 -10.93 37.75 -72.44
CA SER G 310 -11.57 37.30 -73.66
C SER G 310 -13.04 36.94 -73.49
N VAL G 311 -13.57 37.01 -72.27
CA VAL G 311 -14.96 36.64 -72.06
C VAL G 311 -15.88 37.66 -72.73
N THR G 312 -17.15 37.27 -72.90
CA THR G 312 -18.14 38.12 -73.55
C THR G 312 -19.52 37.75 -73.03
N LEU G 313 -20.53 38.32 -73.67
CA LEU G 313 -21.92 38.12 -73.28
C LEU G 313 -22.36 36.68 -73.59
N ASP G 314 -21.66 36.03 -74.52
CA ASP G 314 -22.11 34.73 -75.02
C ASP G 314 -22.24 33.70 -73.90
N MET G 315 -21.18 33.51 -73.12
CA MET G 315 -21.21 32.55 -72.01
C MET G 315 -21.50 33.19 -70.67
N LEU G 316 -21.81 34.49 -70.65
CA LEU G 316 -22.21 35.16 -69.42
C LEU G 316 -23.66 34.78 -69.10
N GLY G 317 -23.85 33.95 -68.08
CA GLY G 317 -25.16 33.43 -67.77
C GLY G 317 -26.09 34.47 -67.18
N ARG G 318 -27.34 34.05 -66.96
CA ARG G 318 -28.39 34.95 -66.52
C ARG G 318 -29.21 34.29 -65.41
N ALA G 319 -29.86 35.13 -64.62
CA ALA G 319 -30.78 34.69 -63.58
C ALA G 319 -31.90 35.71 -63.47
N ASP G 320 -33.03 35.29 -62.90
CA ASP G 320 -34.17 36.20 -62.78
C ASP G 320 -33.92 37.27 -61.73
N LYS G 321 -33.41 36.89 -60.56
CA LYS G 321 -33.18 37.82 -59.47
C LYS G 321 -32.36 37.10 -58.39
N VAL G 322 -31.45 37.83 -57.76
CA VAL G 322 -30.56 37.29 -56.75
C VAL G 322 -30.62 38.16 -55.50
N ILE G 323 -30.36 37.54 -54.35
CA ILE G 323 -30.29 38.24 -53.06
C ILE G 323 -28.95 37.94 -52.42
N VAL G 324 -28.23 38.99 -52.03
CA VAL G 324 -26.93 38.86 -51.38
C VAL G 324 -26.96 39.65 -50.08
N ASP G 325 -26.62 38.98 -48.98
CA ASP G 325 -26.55 39.62 -47.68
C ASP G 325 -25.20 39.29 -47.05
N LYS G 326 -25.05 39.66 -45.78
CA LYS G 326 -23.76 39.57 -45.09
C LYS G 326 -23.14 38.18 -45.16
N ASP G 327 -23.95 37.12 -45.12
CA ASP G 327 -23.39 35.77 -45.16
C ASP G 327 -24.18 34.82 -46.07
N ASN G 328 -25.02 35.32 -46.96
CA ASN G 328 -25.88 34.45 -47.75
C ASN G 328 -26.05 35.02 -49.14
N THR G 329 -26.11 34.12 -50.12
CA THR G 329 -26.40 34.46 -51.51
C THR G 329 -27.46 33.50 -52.01
N THR G 330 -28.54 34.05 -52.58
CA THR G 330 -29.66 33.25 -53.04
C THR G 330 -29.93 33.57 -54.51
N ILE G 331 -30.03 32.54 -55.33
CA ILE G 331 -30.38 32.67 -56.74
C ILE G 331 -31.73 32.00 -56.95
N VAL G 332 -32.70 32.77 -57.44
CA VAL G 332 -34.07 32.27 -57.53
C VAL G 332 -34.19 31.26 -58.67
N GLY G 333 -33.91 31.69 -59.89
CA GLY G 333 -34.04 30.81 -61.04
C GLY G 333 -33.28 31.27 -62.26
N GLY G 334 -32.66 30.33 -62.97
CA GLY G 334 -31.89 30.66 -64.14
C GLY G 334 -32.69 30.88 -65.40
N LYS G 335 -34.01 30.67 -65.34
CA LYS G 335 -34.91 30.88 -66.49
C LYS G 335 -34.50 30.05 -67.69
N GLY G 336 -33.99 28.85 -67.44
CA GLY G 336 -33.57 27.99 -68.53
C GLY G 336 -32.90 26.74 -68.00
N SER G 337 -32.46 25.91 -68.94
CA SER G 337 -31.75 24.65 -68.68
C SER G 337 -32.58 23.67 -67.85
N LYS G 338 -33.90 23.73 -67.94
CA LYS G 338 -34.73 22.76 -67.22
C LYS G 338 -34.59 21.37 -67.79
N GLU G 339 -34.32 21.23 -69.09
CA GLU G 339 -34.05 19.93 -69.67
C GLU G 339 -32.66 19.43 -69.28
N ALA G 340 -31.68 20.35 -69.21
CA ALA G 340 -30.32 19.95 -68.89
C ALA G 340 -30.22 19.39 -67.47
N ILE G 341 -30.89 20.02 -66.51
CA ILE G 341 -30.79 19.59 -65.12
C ILE G 341 -31.42 18.23 -64.90
N GLN G 342 -32.27 17.77 -65.82
CA GLN G 342 -32.83 16.42 -65.70
C GLN G 342 -31.72 15.38 -65.72
N ALA G 343 -30.68 15.58 -66.52
CA ALA G 343 -29.55 14.66 -66.52
C ALA G 343 -28.79 14.71 -65.20
N ARG G 344 -28.53 15.91 -64.69
CA ARG G 344 -27.71 16.07 -63.49
C ARG G 344 -28.31 15.31 -62.31
N ILE G 345 -29.64 15.24 -62.22
CA ILE G 345 -30.29 14.51 -61.15
C ILE G 345 -29.86 13.04 -61.19
N GLU G 346 -29.73 12.48 -62.40
CA GLU G 346 -29.35 11.09 -62.54
C GLU G 346 -27.92 10.84 -62.07
N GLN G 347 -26.98 11.69 -62.49
CA GLN G 347 -25.59 11.48 -62.11
C GLN G 347 -25.39 11.62 -60.61
N ILE G 348 -26.02 12.61 -59.99
CA ILE G 348 -25.86 12.79 -58.55
C ILE G 348 -26.45 11.61 -57.79
N LYS G 349 -27.66 11.18 -58.16
CA LYS G 349 -28.27 10.03 -57.51
C LYS G 349 -27.44 8.77 -57.72
N ARG G 350 -26.90 8.59 -58.93
CA ARG G 350 -25.98 7.49 -59.16
C ARG G 350 -24.75 7.61 -58.29
N GLN G 351 -24.20 8.81 -58.15
CA GLN G 351 -23.05 9.02 -57.28
C GLN G 351 -23.43 8.93 -55.81
N ILE G 352 -24.64 9.37 -55.44
CA ILE G 352 -25.06 9.37 -54.05
C ILE G 352 -25.02 7.95 -53.47
N LEU G 353 -25.60 7.00 -54.21
CA LEU G 353 -25.70 5.63 -53.70
C LEU G 353 -24.32 4.99 -53.53
N GLU G 354 -23.40 5.26 -54.46
CA GLU G 354 -22.07 4.70 -54.33
C GLU G 354 -21.23 5.45 -53.29
N THR G 355 -21.42 6.76 -53.18
CA THR G 355 -20.70 7.55 -52.19
C THR G 355 -21.36 7.54 -50.82
N THR G 356 -22.27 6.60 -50.55
CA THR G 356 -22.81 6.45 -49.20
C THR G 356 -21.74 6.07 -48.19
N SER G 357 -20.67 5.42 -48.64
CA SER G 357 -19.60 5.02 -47.74
C SER G 357 -18.60 6.14 -47.48
N ASP G 358 -18.77 7.29 -48.13
CA ASP G 358 -17.82 8.40 -48.01
C ASP G 358 -18.36 9.59 -47.24
N TYR G 359 -19.53 10.09 -47.59
CA TYR G 359 -20.02 11.34 -47.01
C TYR G 359 -20.34 11.16 -45.53
N ASP G 360 -19.94 12.17 -44.73
CA ASP G 360 -20.29 12.24 -43.32
C ASP G 360 -21.19 13.42 -43.04
N ARG G 361 -21.58 14.18 -44.06
CA ARG G 361 -22.47 15.32 -43.91
C ARG G 361 -23.44 15.30 -45.07
N GLU G 362 -24.60 15.95 -44.88
CA GLU G 362 -25.66 15.94 -45.88
C GLU G 362 -25.29 16.67 -47.16
N LYS G 363 -24.06 17.17 -47.29
CA LYS G 363 -23.67 17.91 -48.49
C LYS G 363 -23.78 17.06 -49.75
N LEU G 364 -23.65 15.74 -49.62
CA LEU G 364 -23.83 14.86 -50.76
C LEU G 364 -25.27 14.92 -51.28
N GLN G 365 -26.25 14.81 -50.39
CA GLN G 365 -27.64 14.92 -50.77
C GLN G 365 -28.05 16.36 -51.02
N GLU G 366 -27.45 17.30 -50.28
CA GLU G 366 -27.81 18.71 -50.39
C GLU G 366 -27.55 19.24 -51.80
N ARG G 367 -26.46 18.79 -52.41
CA ARG G 367 -26.10 19.27 -53.74
C ARG G 367 -27.17 18.91 -54.77
N LEU G 368 -27.73 17.69 -54.66
CA LEU G 368 -28.86 17.33 -55.50
C LEU G 368 -30.08 18.18 -55.18
N ALA G 369 -30.34 18.39 -53.89
CA ALA G 369 -31.57 19.06 -53.48
C ALA G 369 -31.60 20.51 -53.93
N LYS G 370 -30.45 21.17 -53.95
CA LYS G 370 -30.41 22.60 -54.24
C LYS G 370 -30.87 22.90 -55.66
N LEU G 371 -30.35 22.16 -56.64
CA LEU G 371 -30.71 22.42 -58.03
C LEU G 371 -32.03 21.77 -58.43
N SER G 372 -32.42 20.68 -57.77
CA SER G 372 -33.62 19.96 -58.15
C SER G 372 -34.84 20.30 -57.31
N GLY G 373 -34.64 20.71 -56.07
CA GLY G 373 -35.75 21.07 -55.21
C GLY G 373 -35.45 22.23 -54.28
N GLY G 374 -35.77 22.08 -53.00
CA GLY G 374 -35.50 23.10 -52.02
C GLY G 374 -35.06 22.46 -50.72
N VAL G 375 -34.75 23.31 -49.75
CA VAL G 375 -34.34 22.87 -48.42
C VAL G 375 -35.24 23.53 -47.39
N ALA G 376 -35.60 22.76 -46.36
CA ALA G 376 -36.39 23.27 -45.24
C ALA G 376 -35.62 23.06 -43.95
N ILE G 377 -35.54 24.10 -43.14
CA ILE G 377 -34.82 24.07 -41.87
C ILE G 377 -35.84 24.19 -40.75
N ILE G 378 -35.99 23.13 -39.97
CA ILE G 378 -36.87 23.14 -38.81
C ILE G 378 -36.01 23.47 -37.59
N ARG G 379 -36.22 24.66 -37.02
CA ARG G 379 -35.47 25.10 -35.85
C ARG G 379 -36.30 24.80 -34.62
N VAL G 380 -35.82 23.87 -33.80
CA VAL G 380 -36.54 23.41 -32.61
C VAL G 380 -36.16 24.31 -31.45
N GLY G 381 -37.15 24.87 -30.79
CA GLY G 381 -36.92 25.77 -29.68
C GLY G 381 -37.63 25.30 -28.43
N ALA G 382 -37.00 25.58 -27.29
CA ALA G 382 -37.57 25.25 -25.99
C ALA G 382 -37.05 26.25 -24.97
N ALA G 383 -37.76 26.34 -23.84
CA ALA G 383 -37.37 27.28 -22.80
C ALA G 383 -36.06 26.88 -22.13
N THR G 384 -35.58 25.66 -22.36
CA THR G 384 -34.39 25.17 -21.69
C THR G 384 -33.67 24.19 -22.60
N GLU G 385 -32.33 24.24 -22.56
CA GLU G 385 -31.53 23.33 -23.38
C GLU G 385 -31.79 21.87 -23.02
N ALA G 386 -32.08 21.58 -21.75
CA ALA G 386 -32.41 20.21 -21.37
C ALA G 386 -33.66 19.72 -22.06
N GLU G 387 -34.69 20.57 -22.15
CA GLU G 387 -35.89 20.21 -22.88
C GLU G 387 -35.68 20.28 -24.39
N LEU G 388 -34.79 21.18 -24.84
CA LEU G 388 -34.54 21.31 -26.27
C LEU G 388 -33.94 20.03 -26.85
N LYS G 389 -33.02 19.40 -26.12
CA LYS G 389 -32.37 18.19 -26.63
C LYS G 389 -33.38 17.07 -26.86
N GLU G 390 -34.29 16.86 -25.90
CA GLU G 390 -35.29 15.82 -26.05
C GLU G 390 -36.26 16.13 -27.18
N LYS G 391 -36.69 17.39 -27.27
CA LYS G 391 -37.60 17.79 -28.35
C LYS G 391 -36.95 17.64 -29.70
N LYS G 392 -35.68 18.04 -29.82
CA LYS G 392 -34.99 17.95 -31.11
C LYS G 392 -34.83 16.51 -31.56
N ALA G 393 -34.56 15.61 -30.61
CA ALA G 393 -34.40 14.19 -30.96
C ALA G 393 -35.70 13.62 -31.53
N ARG G 394 -36.84 13.98 -30.94
CA ARG G 394 -38.11 13.50 -31.44
C ARG G 394 -38.40 14.03 -32.84
N VAL G 395 -38.05 15.29 -33.10
CA VAL G 395 -38.26 15.85 -34.43
C VAL G 395 -37.42 15.12 -35.46
N GLU G 396 -36.17 14.80 -35.11
CA GLU G 396 -35.31 14.07 -36.04
C GLU G 396 -35.86 12.68 -36.33
N ASP G 397 -36.37 12.00 -35.31
CA ASP G 397 -36.94 10.67 -35.52
C ASP G 397 -38.14 10.72 -36.44
N ALA G 398 -39.01 11.72 -36.27
CA ALA G 398 -40.19 11.83 -37.12
C ALA G 398 -39.83 12.23 -38.54
N VAL G 399 -38.76 13.01 -38.72
CA VAL G 399 -38.30 13.35 -40.05
C VAL G 399 -37.81 12.10 -40.78
N HIS G 400 -37.03 11.28 -40.09
CA HIS G 400 -36.52 10.05 -40.70
C HIS G 400 -37.65 9.08 -41.02
N ALA G 401 -38.62 8.96 -40.10
CA ALA G 401 -39.74 8.06 -40.33
C ALA G 401 -40.60 8.55 -41.48
N THR G 402 -40.81 9.86 -41.59
CA THR G 402 -41.58 10.40 -42.70
C THR G 402 -40.89 10.11 -44.04
N LYS G 403 -39.56 10.25 -44.09
CA LYS G 403 -38.84 9.93 -45.30
C LYS G 403 -38.94 8.44 -45.62
N ALA G 404 -38.84 7.60 -44.60
CA ALA G 404 -38.93 6.16 -44.82
C ALA G 404 -40.33 5.74 -45.25
N ALA G 405 -41.36 6.45 -44.80
CA ALA G 405 -42.72 6.11 -45.19
C ALA G 405 -42.95 6.33 -46.68
N VAL G 406 -42.35 7.37 -47.25
CA VAL G 406 -42.52 7.63 -48.69
C VAL G 406 -41.87 6.53 -49.52
N GLU G 407 -40.74 6.00 -49.07
CA GLU G 407 -40.00 5.02 -49.86
C GLU G 407 -40.75 3.70 -49.97
N GLU G 408 -41.26 3.18 -48.85
CA GLU G 408 -41.80 1.83 -48.81
C GLU G 408 -43.24 1.76 -48.31
N GLY G 409 -43.94 2.88 -48.19
CA GLY G 409 -45.31 2.84 -47.72
C GLY G 409 -45.42 2.78 -46.21
N ILE G 410 -46.65 2.59 -45.76
CA ILE G 410 -46.94 2.56 -44.33
C ILE G 410 -47.66 1.25 -43.99
N VAL G 411 -47.60 0.90 -42.72
CA VAL G 411 -48.12 -0.37 -42.22
C VAL G 411 -48.79 -0.11 -40.88
N PRO G 412 -49.76 -0.95 -40.49
CA PRO G 412 -50.41 -0.75 -39.19
C PRO G 412 -49.40 -0.72 -38.05
N GLY G 413 -49.59 0.22 -37.13
CA GLY G 413 -48.66 0.44 -36.04
C GLY G 413 -49.04 -0.34 -34.79
N GLY G 414 -48.35 -0.01 -33.71
CA GLY G 414 -48.59 -0.66 -32.44
C GLY G 414 -48.12 -2.10 -32.36
N GLY G 415 -47.22 -2.51 -33.25
CA GLY G 415 -46.77 -3.89 -33.30
C GLY G 415 -47.72 -4.83 -33.99
N VAL G 416 -48.79 -4.32 -34.61
CA VAL G 416 -49.77 -5.18 -35.26
C VAL G 416 -49.17 -5.85 -36.48
N ALA G 417 -48.33 -5.13 -37.21
CA ALA G 417 -47.78 -5.66 -38.47
C ALA G 417 -46.98 -6.93 -38.24
N LEU G 418 -46.16 -6.95 -37.18
CA LEU G 418 -45.41 -8.16 -36.88
C LEU G 418 -46.32 -9.29 -36.44
N VAL G 419 -47.39 -8.96 -35.71
CA VAL G 419 -48.36 -9.98 -35.31
C VAL G 419 -49.06 -10.56 -36.54
N ARG G 420 -49.48 -9.70 -37.46
CA ARG G 420 -50.14 -10.18 -38.67
C ARG G 420 -49.18 -10.98 -39.53
N ALA G 421 -47.92 -10.53 -39.65
CA ALA G 421 -46.95 -11.25 -40.46
C ALA G 421 -46.61 -12.61 -39.85
N SER G 422 -46.61 -12.70 -38.52
CA SER G 422 -46.27 -13.95 -37.86
C SER G 422 -47.31 -15.03 -38.09
N GLU G 423 -48.50 -14.67 -38.56
CA GLU G 423 -49.53 -15.67 -38.80
C GLU G 423 -49.16 -16.60 -39.95
N ALA G 424 -48.43 -16.09 -40.94
CA ALA G 424 -48.05 -16.93 -42.07
C ALA G 424 -47.03 -18.00 -41.71
N LEU G 425 -46.34 -17.86 -40.58
CA LEU G 425 -45.38 -18.87 -40.16
C LEU G 425 -46.06 -20.17 -39.73
N ASP G 426 -47.38 -20.17 -39.52
CA ASP G 426 -48.08 -21.40 -39.22
C ASP G 426 -48.04 -22.37 -40.39
N ASN G 427 -48.12 -21.85 -41.61
CA ASN G 427 -48.13 -22.69 -42.81
C ASN G 427 -46.73 -23.07 -43.27
N LEU G 428 -45.68 -22.44 -42.72
CA LEU G 428 -44.31 -22.70 -43.14
C LEU G 428 -43.77 -23.91 -42.40
N LYS G 429 -43.75 -25.04 -43.11
CA LYS G 429 -43.17 -26.26 -42.58
C LYS G 429 -41.85 -26.57 -43.28
N VAL G 430 -40.91 -27.12 -42.50
CA VAL G 430 -39.60 -27.51 -43.01
C VAL G 430 -39.33 -28.95 -42.61
N ASP G 431 -38.43 -29.59 -43.36
CA ASP G 431 -38.17 -31.02 -43.15
C ASP G 431 -37.36 -31.29 -41.88
N ASN G 432 -36.47 -30.37 -41.49
CA ASN G 432 -35.59 -30.57 -40.36
C ASN G 432 -36.31 -30.14 -39.08
N ALA G 433 -36.24 -30.99 -38.06
CA ALA G 433 -36.92 -30.70 -36.80
C ALA G 433 -36.34 -29.47 -36.11
N ASP G 434 -35.01 -29.34 -36.10
CA ASP G 434 -34.37 -28.21 -35.45
C ASP G 434 -34.66 -26.89 -36.18
N GLN G 435 -34.75 -26.94 -37.51
CA GLN G 435 -35.11 -25.73 -38.25
C GLN G 435 -36.54 -25.30 -37.95
N GLN G 436 -37.40 -26.23 -37.58
CA GLN G 436 -38.76 -25.86 -37.19
C GLN G 436 -38.75 -25.04 -35.90
N LEU G 437 -37.86 -25.36 -34.97
CA LEU G 437 -37.75 -24.57 -33.74
C LEU G 437 -37.33 -23.14 -34.05
N GLY G 438 -36.47 -22.95 -35.04
CA GLY G 438 -36.10 -21.60 -35.44
C GLY G 438 -37.28 -20.81 -35.96
N ILE G 439 -38.17 -21.46 -36.70
CA ILE G 439 -39.38 -20.79 -37.16
C ILE G 439 -40.27 -20.42 -35.98
N ASP G 440 -40.41 -21.32 -35.01
CA ASP G 440 -41.23 -21.03 -33.84
C ASP G 440 -40.65 -19.90 -33.02
N ILE G 441 -39.33 -19.75 -33.01
CA ILE G 441 -38.70 -18.66 -32.26
C ILE G 441 -39.08 -17.31 -32.86
N ILE G 442 -39.03 -17.21 -34.19
CA ILE G 442 -39.40 -15.96 -34.85
C ILE G 442 -40.88 -15.66 -34.67
N LYS G 443 -41.72 -16.69 -34.72
CA LYS G 443 -43.15 -16.48 -34.51
C LYS G 443 -43.42 -15.92 -33.12
N LYS G 444 -42.75 -16.46 -32.10
CA LYS G 444 -42.93 -15.95 -30.75
C LYS G 444 -42.31 -14.57 -30.59
N ALA G 445 -41.17 -14.33 -31.24
CA ALA G 445 -40.48 -13.04 -31.10
C ALA G 445 -41.29 -11.92 -31.74
N CYS G 446 -41.90 -12.19 -32.89
CA CYS G 446 -42.63 -11.15 -33.60
C CYS G 446 -43.79 -10.60 -32.77
N ARG G 447 -44.29 -11.39 -31.82
CA ARG G 447 -45.41 -10.99 -31.00
C ARG G 447 -44.98 -10.39 -29.67
N THR G 448 -43.70 -10.15 -29.47
CA THR G 448 -43.18 -9.55 -28.24
C THR G 448 -43.36 -8.04 -28.20
N PRO G 449 -43.08 -7.29 -29.28
CA PRO G 449 -43.23 -5.82 -29.20
C PRO G 449 -44.63 -5.36 -28.79
N ILE G 450 -45.67 -6.03 -29.26
CA ILE G 450 -47.03 -5.63 -28.88
C ILE G 450 -47.27 -5.86 -27.40
N ARG G 451 -46.68 -6.93 -26.84
CA ARG G 451 -46.85 -7.21 -25.42
C ARG G 451 -46.09 -6.19 -24.57
N GLN G 452 -44.93 -5.74 -25.05
CA GLN G 452 -44.15 -4.76 -24.29
C GLN G 452 -44.83 -3.40 -24.30
N ILE G 453 -45.47 -3.03 -25.41
CA ILE G 453 -46.22 -1.79 -25.47
C ILE G 453 -47.38 -1.83 -24.49
N ALA G 454 -48.08 -2.96 -24.44
CA ALA G 454 -49.17 -3.12 -23.48
C ALA G 454 -48.65 -3.08 -22.05
N ALA G 455 -47.50 -3.72 -21.80
CA ALA G 455 -46.95 -3.74 -20.45
C ALA G 455 -46.56 -2.34 -20.00
N ASN G 456 -45.97 -1.54 -20.90
CA ASN G 456 -45.60 -0.17 -20.54
C ASN G 456 -46.82 0.70 -20.25
N SER G 457 -47.98 0.35 -20.82
CA SER G 457 -49.20 1.13 -20.62
C SER G 457 -50.05 0.62 -19.46
N GLY G 458 -49.57 -0.37 -18.72
CA GLY G 458 -50.29 -0.86 -17.57
C GLY G 458 -51.26 -1.99 -17.83
N PHE G 459 -51.25 -2.56 -19.04
CA PHE G 459 -52.11 -3.67 -19.39
C PHE G 459 -51.29 -4.95 -19.50
N GLU G 460 -51.95 -6.08 -19.28
CA GLU G 460 -51.27 -7.37 -19.41
C GLU G 460 -51.06 -7.68 -20.89
N GLY G 461 -49.84 -8.02 -21.25
CA GLY G 461 -49.52 -8.21 -22.66
C GLY G 461 -50.19 -9.43 -23.27
N TYR G 462 -50.25 -10.53 -22.52
CA TYR G 462 -50.84 -11.75 -23.07
C TYR G 462 -52.34 -11.60 -23.31
N VAL G 463 -53.03 -10.87 -22.43
CA VAL G 463 -54.45 -10.60 -22.64
C VAL G 463 -54.65 -9.75 -23.88
N VAL G 464 -53.83 -8.72 -24.05
CA VAL G 464 -53.95 -7.85 -25.23
C VAL G 464 -53.63 -8.63 -26.50
N LEU G 465 -52.60 -9.47 -26.46
CA LEU G 465 -52.20 -10.22 -27.65
C LEU G 465 -53.31 -11.16 -28.11
N GLU G 466 -53.99 -11.82 -27.16
CA GLU G 466 -55.05 -12.75 -27.53
C GLU G 466 -56.18 -12.03 -28.25
N LYS G 467 -56.58 -10.86 -27.73
CA LYS G 467 -57.64 -10.09 -28.37
C LYS G 467 -57.22 -9.61 -29.76
N VAL G 468 -55.98 -9.14 -29.90
CA VAL G 468 -55.52 -8.65 -31.20
C VAL G 468 -55.47 -9.79 -32.21
N LEU G 469 -55.09 -11.00 -31.78
CA LEU G 469 -55.05 -12.14 -32.69
C LEU G 469 -56.45 -12.47 -33.19
N GLN G 470 -57.44 -12.48 -32.29
CA GLN G 470 -58.79 -12.85 -32.69
C GLN G 470 -59.48 -11.71 -33.45
N LEU G 471 -59.13 -10.46 -33.15
CA LEU G 471 -59.72 -9.34 -33.86
C LEU G 471 -59.30 -9.33 -35.33
N GLY G 472 -58.20 -10.00 -35.67
CA GLY G 472 -57.78 -10.09 -37.05
C GLY G 472 -58.78 -10.81 -37.92
N LYS G 473 -59.46 -11.82 -37.36
CA LYS G 473 -60.47 -12.57 -38.08
C LYS G 473 -61.83 -11.90 -38.05
N GLU G 474 -62.23 -11.38 -36.88
CA GLU G 474 -63.57 -10.82 -36.74
C GLU G 474 -63.70 -9.48 -37.45
N LYS G 475 -62.72 -8.59 -37.28
CA LYS G 475 -62.81 -7.23 -37.78
C LYS G 475 -61.96 -7.00 -39.02
N GLY G 476 -60.68 -7.32 -38.96
CA GLY G 476 -59.79 -7.12 -40.09
C GLY G 476 -58.34 -7.15 -39.63
N LYS G 477 -57.44 -7.12 -40.61
CA LYS G 477 -56.01 -7.21 -40.30
C LYS G 477 -55.49 -5.93 -39.66
N ASN G 478 -56.11 -4.79 -39.96
CA ASN G 478 -55.63 -3.52 -39.46
C ASN G 478 -56.04 -3.23 -38.02
N TRP G 479 -56.88 -4.08 -37.42
CA TRP G 479 -57.33 -3.82 -36.06
C TRP G 479 -56.25 -4.19 -35.05
N GLY G 480 -56.09 -3.35 -34.05
CA GLY G 480 -55.09 -3.56 -33.03
C GLY G 480 -55.49 -2.93 -31.72
N PHE G 481 -54.49 -2.68 -30.88
CA PHE G 481 -54.69 -2.11 -29.55
C PHE G 481 -54.08 -0.72 -29.49
N ASP G 482 -54.90 0.26 -29.12
CA ASP G 482 -54.45 1.64 -28.96
C ASP G 482 -54.02 1.82 -27.51
N ALA G 483 -52.72 1.68 -27.26
CA ALA G 483 -52.20 1.79 -25.91
C ALA G 483 -52.27 3.21 -25.36
N GLY G 484 -52.47 4.20 -26.21
CA GLY G 484 -52.55 5.57 -25.73
C GLY G 484 -53.75 5.80 -24.83
N VAL G 485 -54.91 5.29 -25.21
CA VAL G 485 -56.13 5.49 -24.44
C VAL G 485 -56.64 4.16 -23.91
N GLY G 486 -56.08 3.06 -24.41
CA GLY G 486 -56.37 1.75 -23.86
C GLY G 486 -57.60 1.06 -24.38
N ASP G 487 -57.81 1.06 -25.69
CA ASP G 487 -58.92 0.34 -26.30
C ASP G 487 -58.50 -0.19 -27.66
N TYR G 488 -59.33 -1.06 -28.23
CA TYR G 488 -59.05 -1.68 -29.51
C TYR G 488 -59.79 -0.96 -30.62
N LYS G 489 -59.11 -0.75 -31.74
CA LYS G 489 -59.69 -0.06 -32.88
C LYS G 489 -58.87 -0.37 -34.12
N ASP G 490 -59.33 0.18 -35.24
CA ASP G 490 -58.57 0.08 -36.49
C ASP G 490 -57.40 1.05 -36.43
N MET G 491 -56.18 0.50 -36.52
CA MET G 491 -54.99 1.34 -36.37
C MET G 491 -54.77 2.24 -37.58
N VAL G 492 -55.08 1.76 -38.79
CA VAL G 492 -54.87 2.57 -39.97
C VAL G 492 -55.84 3.74 -40.00
N GLU G 493 -57.09 3.53 -39.59
CA GLU G 493 -58.06 4.62 -39.56
C GLU G 493 -57.75 5.59 -38.43
N ALA G 494 -57.29 5.08 -37.29
CA ALA G 494 -56.95 5.94 -36.16
C ALA G 494 -55.67 6.73 -36.38
N GLY G 495 -54.91 6.40 -37.42
CA GLY G 495 -53.64 7.07 -37.68
C GLY G 495 -52.46 6.50 -36.93
N ILE G 496 -52.61 5.36 -36.25
CA ILE G 496 -51.50 4.74 -35.53
C ILE G 496 -50.80 3.84 -36.54
N ILE G 497 -49.89 4.45 -37.31
CA ILE G 497 -49.18 3.74 -38.37
C ILE G 497 -47.69 4.05 -38.25
N ASP G 498 -46.88 3.16 -38.78
CA ASP G 498 -45.43 3.33 -38.85
C ASP G 498 -44.95 2.83 -40.19
N PRO G 499 -43.80 3.32 -40.67
CA PRO G 499 -43.36 2.96 -42.03
C PRO G 499 -43.05 1.47 -42.16
N THR G 500 -43.26 0.96 -43.36
CA THR G 500 -42.92 -0.43 -43.65
C THR G 500 -41.42 -0.67 -43.54
N LYS G 501 -40.63 0.32 -43.97
CA LYS G 501 -39.17 0.18 -43.93
C LYS G 501 -38.68 -0.02 -42.50
N VAL G 502 -39.24 0.72 -41.55
CA VAL G 502 -38.81 0.59 -40.16
C VAL G 502 -39.09 -0.82 -39.63
N VAL G 503 -40.28 -1.34 -39.91
CA VAL G 503 -40.63 -2.67 -39.43
C VAL G 503 -39.76 -3.72 -40.10
N ARG G 504 -39.54 -3.59 -41.41
CA ARG G 504 -38.72 -4.57 -42.13
C ARG G 504 -37.29 -4.55 -41.62
N VAL G 505 -36.71 -3.37 -41.42
CA VAL G 505 -35.31 -3.28 -41.02
C VAL G 505 -35.12 -3.80 -39.60
N ALA G 506 -36.09 -3.53 -38.72
CA ALA G 506 -35.93 -3.93 -37.32
C ALA G 506 -35.86 -5.44 -37.18
N ILE G 507 -36.75 -6.17 -37.85
CA ILE G 507 -36.76 -7.63 -37.73
C ILE G 507 -35.55 -8.24 -38.40
N GLN G 508 -35.13 -7.69 -39.54
CA GLN G 508 -33.98 -8.23 -40.25
C GLN G 508 -32.69 -8.05 -39.45
N ASN G 509 -32.52 -6.88 -38.84
CA ASN G 509 -31.31 -6.63 -38.06
C ASN G 509 -31.32 -7.43 -36.76
N ALA G 510 -32.48 -7.56 -36.12
CA ALA G 510 -32.56 -8.30 -34.87
C ALA G 510 -32.25 -9.78 -35.09
N ALA G 511 -32.75 -10.35 -36.19
CA ALA G 511 -32.54 -11.77 -36.43
C ALA G 511 -31.10 -12.06 -36.84
N SER G 512 -30.47 -11.15 -37.58
CA SER G 512 -29.11 -11.39 -38.05
C SER G 512 -28.14 -11.48 -36.87
N VAL G 513 -28.29 -10.62 -35.87
CA VAL G 513 -27.38 -10.64 -34.73
C VAL G 513 -27.74 -11.78 -33.79
N ALA G 514 -29.01 -11.88 -33.42
CA ALA G 514 -29.43 -12.92 -32.48
C ALA G 514 -29.19 -14.31 -33.04
N GLY G 515 -29.44 -14.50 -34.33
CA GLY G 515 -29.17 -15.79 -34.94
C GLY G 515 -27.69 -16.15 -34.91
N THR G 516 -26.83 -15.15 -35.18
CA THR G 516 -25.40 -15.40 -35.14
C THR G 516 -24.92 -15.74 -33.73
N MET G 517 -25.47 -15.05 -32.73
CA MET G 517 -25.03 -15.27 -31.35
C MET G 517 -25.41 -16.66 -30.87
N LEU G 518 -26.52 -17.21 -31.37
CA LEU G 518 -26.99 -18.50 -30.89
C LEU G 518 -26.04 -19.63 -31.27
N THR G 519 -25.24 -19.45 -32.32
CA THR G 519 -24.32 -20.48 -32.75
C THR G 519 -23.05 -20.54 -31.91
N ALA G 520 -22.89 -19.64 -30.95
CA ALA G 520 -21.69 -19.61 -30.14
C ALA G 520 -21.64 -20.78 -29.16
N GLU G 521 -20.43 -21.24 -28.87
CA GLU G 521 -20.19 -22.27 -27.88
C GLU G 521 -19.15 -21.90 -26.85
N ALA G 522 -18.15 -21.09 -27.23
CA ALA G 522 -17.11 -20.66 -26.32
C ALA G 522 -16.90 -19.17 -26.45
N LEU G 523 -16.49 -18.53 -25.35
CA LEU G 523 -16.19 -17.12 -25.32
C LEU G 523 -14.75 -16.92 -24.86
N VAL G 524 -13.99 -16.13 -25.60
CA VAL G 524 -12.59 -15.84 -25.29
C VAL G 524 -12.49 -14.37 -24.93
N ALA G 525 -12.07 -14.10 -23.69
CA ALA G 525 -11.92 -12.72 -23.23
C ALA G 525 -10.68 -12.63 -22.35
N GLU G 526 -10.11 -11.43 -22.32
CA GLU G 526 -8.93 -11.19 -21.50
C GLU G 526 -9.28 -11.20 -20.02
N ILE G 527 -8.37 -11.72 -19.20
CA ILE G 527 -8.53 -11.69 -17.76
C ILE G 527 -8.24 -10.27 -17.29
N PRO G 528 -9.17 -9.62 -16.56
CA PRO G 528 -9.01 -8.25 -16.08
C PRO G 528 -7.79 -8.06 -15.19
N ALA H 1 -32.05 -4.91 32.68
CA ALA H 1 -30.78 -4.93 31.98
C ALA H 1 -30.70 -3.76 30.98
N ALA H 2 -29.50 -3.52 30.46
CA ALA H 2 -29.32 -2.46 29.48
C ALA H 2 -30.08 -2.79 28.20
N LYS H 3 -30.66 -1.77 27.59
CA LYS H 3 -31.50 -1.93 26.40
C LYS H 3 -31.07 -0.96 25.33
N LYS H 4 -31.31 -1.35 24.08
CA LYS H 4 -31.01 -0.54 22.90
C LYS H 4 -32.30 -0.17 22.20
N VAL H 5 -32.47 1.11 21.91
CA VAL H 5 -33.71 1.64 21.36
C VAL H 5 -33.45 2.09 19.92
N ILE H 6 -34.40 1.80 19.03
CA ILE H 6 -34.32 2.17 17.62
C ILE H 6 -35.52 3.05 17.29
N TYR H 7 -35.26 4.17 16.62
CA TYR H 7 -36.26 5.20 16.41
C TYR H 7 -36.59 5.38 14.93
N GLY H 8 -37.83 5.80 14.67
CA GLY H 8 -38.17 6.35 13.37
C GLY H 8 -38.12 5.34 12.24
N GLU H 9 -37.65 5.80 11.08
CA GLU H 9 -37.61 4.95 9.89
C GLU H 9 -36.75 3.72 10.10
N ASP H 10 -35.72 3.81 10.94
CA ASP H 10 -34.91 2.64 11.25
C ASP H 10 -35.73 1.57 11.95
N ALA H 11 -36.63 1.96 12.84
CA ALA H 11 -37.46 0.99 13.55
C ALA H 11 -38.36 0.23 12.59
N ARG H 12 -39.00 0.95 11.67
CA ARG H 12 -39.90 0.29 10.72
C ARG H 12 -39.11 -0.52 9.69
N ALA H 13 -37.87 -0.12 9.42
CA ALA H 13 -37.03 -0.91 8.52
C ALA H 13 -36.74 -2.29 9.11
N ARG H 14 -36.50 -2.36 10.42
CA ARG H 14 -36.31 -3.65 11.08
C ARG H 14 -37.57 -4.49 10.97
N LEU H 15 -38.73 -3.89 11.22
CA LEU H 15 -39.99 -4.63 11.19
C LEU H 15 -40.27 -5.16 9.79
N LYS H 16 -40.01 -4.35 8.76
CA LYS H 16 -40.28 -4.79 7.39
C LYS H 16 -39.44 -6.01 7.03
N ALA H 17 -38.16 -6.01 7.43
CA ALA H 17 -37.30 -7.15 7.15
C ALA H 17 -37.79 -8.40 7.86
N GLY H 18 -38.21 -8.26 9.12
CA GLY H 18 -38.70 -9.42 9.85
C GLY H 18 -40.01 -9.96 9.29
N VAL H 19 -40.93 -9.07 8.92
CA VAL H 19 -42.21 -9.51 8.37
C VAL H 19 -42.00 -10.17 7.02
N ASP H 20 -41.13 -9.61 6.19
CA ASP H 20 -40.88 -10.18 4.86
C ASP H 20 -40.30 -11.59 4.96
N LYS H 21 -39.36 -11.80 5.88
CA LYS H 21 -38.76 -13.12 6.03
C LYS H 21 -39.78 -14.14 6.50
N LEU H 22 -40.71 -13.73 7.36
CA LEU H 22 -41.78 -14.63 7.79
C LEU H 22 -42.74 -14.90 6.63
N ALA H 23 -43.18 -13.85 5.95
CA ALA H 23 -44.20 -14.01 4.91
C ALA H 23 -43.66 -14.76 3.70
N ASN H 24 -42.41 -14.48 3.30
CA ASN H 24 -41.85 -15.16 2.13
C ASN H 24 -41.72 -16.66 2.34
N ALA H 25 -41.51 -17.12 3.57
CA ALA H 25 -41.44 -18.54 3.82
C ALA H 25 -42.83 -19.19 3.83
N VAL H 26 -43.84 -18.46 4.28
CA VAL H 26 -45.17 -19.02 4.48
C VAL H 26 -46.03 -18.88 3.23
N LYS H 27 -45.88 -17.77 2.50
CA LYS H 27 -46.79 -17.50 1.38
C LYS H 27 -46.61 -18.49 0.24
N VAL H 28 -45.47 -19.18 0.18
CA VAL H 28 -45.24 -20.14 -0.88
C VAL H 28 -46.08 -21.40 -0.69
N THR H 29 -46.64 -21.59 0.49
CA THR H 29 -47.49 -22.74 0.77
C THR H 29 -48.98 -22.45 0.63
N LEU H 30 -49.35 -21.25 0.19
CA LEU H 30 -50.74 -20.89 0.10
C LEU H 30 -51.41 -21.60 -1.07
N GLY H 31 -52.63 -22.07 -0.85
CA GLY H 31 -53.41 -22.70 -1.89
C GLY H 31 -53.34 -24.21 -1.85
N PRO H 32 -54.01 -24.87 -2.79
CA PRO H 32 -53.97 -26.34 -2.85
C PRO H 32 -52.73 -26.89 -3.52
N ARG H 33 -52.02 -26.09 -4.31
CA ARG H 33 -50.80 -26.51 -4.98
C ARG H 33 -49.61 -25.75 -4.42
N GLY H 34 -49.60 -25.52 -3.11
CA GLY H 34 -48.51 -24.76 -2.51
C GLY H 34 -47.20 -25.53 -2.57
N ARG H 35 -46.11 -24.79 -2.75
CA ARG H 35 -44.79 -25.40 -2.74
C ARG H 35 -44.44 -25.87 -1.33
N GLU H 36 -43.54 -26.84 -1.25
CA GLU H 36 -43.19 -27.42 0.03
C GLU H 36 -42.01 -26.70 0.66
N VAL H 37 -41.97 -26.73 1.99
CA VAL H 37 -40.89 -26.15 2.78
C VAL H 37 -40.27 -27.27 3.60
N ILE H 38 -38.94 -27.32 3.62
CA ILE H 38 -38.21 -28.37 4.31
C ILE H 38 -37.69 -27.81 5.62
N ILE H 39 -38.03 -28.49 6.72
CA ILE H 39 -37.70 -28.03 8.06
C ILE H 39 -36.75 -29.03 8.70
N GLU H 40 -35.64 -28.52 9.24
CA GLU H 40 -34.65 -29.38 9.88
C GLU H 40 -35.24 -30.03 11.14
N LYS H 41 -34.97 -31.31 11.32
CA LYS H 41 -35.27 -32.02 12.55
C LYS H 41 -33.94 -32.55 13.10
N LYS H 42 -33.62 -32.15 14.32
CA LYS H 42 -32.32 -32.51 14.89
C LYS H 42 -32.21 -34.02 15.07
N TRP H 43 -31.11 -34.58 14.57
CA TRP H 43 -30.81 -36.01 14.61
C TRP H 43 -31.85 -36.85 13.88
N GLY H 44 -32.71 -36.23 13.06
CA GLY H 44 -33.69 -36.94 12.29
C GLY H 44 -33.74 -36.49 10.85
N THR H 45 -34.65 -37.11 10.10
CA THR H 45 -34.89 -36.77 8.70
C THR H 45 -35.67 -35.46 8.60
N PRO H 46 -35.28 -34.56 7.70
CA PRO H 46 -36.01 -33.29 7.57
C PRO H 46 -37.46 -33.50 7.21
N VAL H 47 -38.31 -32.61 7.71
CA VAL H 47 -39.75 -32.69 7.52
C VAL H 47 -40.13 -31.80 6.35
N VAL H 48 -40.94 -32.34 5.43
CA VAL H 48 -41.40 -31.62 4.25
C VAL H 48 -42.87 -31.30 4.42
N THR H 49 -43.20 -30.00 4.44
CA THR H 49 -44.57 -29.57 4.70
C THR H 49 -45.01 -28.57 3.63
N LYS H 50 -46.30 -28.59 3.34
CA LYS H 50 -46.97 -27.56 2.56
C LYS H 50 -48.07 -26.89 3.38
N ASP H 51 -47.93 -26.90 4.70
CA ASP H 51 -49.00 -26.54 5.61
C ASP H 51 -49.10 -25.05 5.88
N GLY H 52 -47.98 -24.36 6.03
CA GLY H 52 -48.02 -22.95 6.37
C GLY H 52 -48.13 -22.70 7.86
N VAL H 53 -49.12 -23.30 8.51
CA VAL H 53 -49.22 -23.23 9.96
C VAL H 53 -48.01 -23.92 10.60
N THR H 54 -47.63 -25.09 10.07
CA THR H 54 -46.44 -25.76 10.56
C THR H 54 -45.19 -24.94 10.34
N VAL H 55 -45.08 -24.29 9.17
CA VAL H 55 -43.93 -23.45 8.89
C VAL H 55 -43.89 -22.25 9.84
N ALA H 56 -45.04 -21.62 10.08
CA ALA H 56 -45.07 -20.44 10.93
C ALA H 56 -44.69 -20.77 12.36
N LYS H 57 -45.01 -21.98 12.83
CA LYS H 57 -44.70 -22.36 14.20
C LYS H 57 -43.20 -22.40 14.44
N GLU H 58 -42.40 -22.61 13.40
CA GLU H 58 -40.96 -22.73 13.55
C GLU H 58 -40.21 -21.43 13.34
N ILE H 59 -40.88 -20.39 12.86
CA ILE H 59 -40.18 -19.17 12.46
C ILE H 59 -39.76 -18.38 13.70
N GLU H 60 -38.47 -18.14 13.82
CA GLU H 60 -37.92 -17.30 14.89
C GLU H 60 -36.52 -16.87 14.47
N PHE H 61 -36.22 -15.59 14.66
CA PHE H 61 -35.00 -15.01 14.13
C PHE H 61 -34.08 -14.55 15.25
N LYS H 62 -32.78 -14.47 14.92
CA LYS H 62 -31.79 -14.07 15.90
C LYS H 62 -31.91 -12.58 16.25
N ASP H 63 -32.13 -11.74 15.24
CA ASP H 63 -32.19 -10.31 15.46
C ASP H 63 -33.42 -9.97 16.29
N PRO H 64 -33.27 -9.35 17.45
CA PRO H 64 -34.45 -9.08 18.30
C PRO H 64 -35.45 -8.15 17.65
N TYR H 65 -35.01 -7.17 16.86
CA TYR H 65 -35.94 -6.21 16.26
C TYR H 65 -36.68 -6.82 15.08
N GLU H 66 -35.99 -7.61 14.25
CA GLU H 66 -36.67 -8.31 13.18
C GLU H 66 -37.60 -9.38 13.74
N ASN H 67 -37.27 -9.93 14.91
CA ASN H 67 -38.14 -10.93 15.53
C ASN H 67 -39.46 -10.33 15.96
N MET H 68 -39.46 -9.06 16.39
CA MET H 68 -40.70 -8.42 16.79
C MET H 68 -41.69 -8.36 15.64
N GLY H 69 -41.20 -8.04 14.44
CA GLY H 69 -42.08 -8.00 13.28
C GLY H 69 -42.68 -9.37 12.98
N ALA H 70 -41.86 -10.41 13.08
CA ALA H 70 -42.36 -11.76 12.82
C ALA H 70 -43.36 -12.20 13.87
N GLN H 71 -43.04 -11.97 15.15
CA GLN H 71 -43.91 -12.45 16.22
C GLN H 71 -45.22 -11.69 16.26
N LEU H 72 -45.20 -10.39 15.95
CA LEU H 72 -46.43 -9.61 15.94
C LEU H 72 -47.39 -10.11 14.88
N VAL H 73 -46.88 -10.39 13.68
CA VAL H 73 -47.73 -10.91 12.61
C VAL H 73 -48.18 -12.34 12.94
N LYS H 74 -47.30 -13.13 13.55
CA LYS H 74 -47.64 -14.52 13.86
C LYS H 74 -48.82 -14.58 14.84
N GLU H 75 -48.81 -13.75 15.87
CA GLU H 75 -49.90 -13.76 16.85
C GLU H 75 -51.23 -13.37 16.19
N VAL H 76 -51.22 -12.28 15.43
CA VAL H 76 -52.43 -11.81 14.78
C VAL H 76 -52.93 -12.83 13.77
N ALA H 77 -52.03 -13.42 12.99
CA ALA H 77 -52.43 -14.48 12.07
C ALA H 77 -52.94 -15.71 12.80
N SER H 78 -52.32 -16.05 13.94
CA SER H 78 -52.77 -17.21 14.70
C SER H 78 -54.13 -16.96 15.34
N LYS H 79 -54.44 -15.72 15.70
CA LYS H 79 -55.75 -15.42 16.27
C LYS H 79 -56.87 -15.63 15.25
N THR H 80 -56.54 -15.55 13.97
CA THR H 80 -57.54 -15.82 12.94
C THR H 80 -58.00 -17.27 13.00
N SER H 81 -57.06 -18.19 13.19
CA SER H 81 -57.42 -19.60 13.31
C SER H 81 -58.07 -19.90 14.65
N ASP H 82 -57.75 -19.13 15.68
CA ASP H 82 -58.36 -19.35 16.99
C ASP H 82 -59.86 -19.01 16.95
N VAL H 83 -60.24 -18.04 16.13
CA VAL H 83 -61.64 -17.63 16.05
C VAL H 83 -62.39 -18.36 14.93
N ALA H 84 -61.78 -18.48 13.75
CA ALA H 84 -62.48 -19.01 12.59
C ALA H 84 -61.96 -20.37 12.13
N GLY H 85 -60.86 -20.86 12.70
CA GLY H 85 -60.34 -22.17 12.36
C GLY H 85 -59.56 -22.26 11.07
N ASP H 86 -59.39 -21.15 10.35
CA ASP H 86 -58.67 -21.17 9.08
C ASP H 86 -58.22 -19.76 8.76
N GLY H 87 -57.30 -19.65 7.80
CA GLY H 87 -56.85 -18.37 7.31
C GLY H 87 -55.55 -17.85 7.90
N THR H 88 -54.77 -18.69 8.59
CA THR H 88 -53.52 -18.23 9.17
C THR H 88 -52.56 -17.75 8.09
N THR H 89 -52.41 -18.51 7.01
CA THR H 89 -51.52 -18.11 5.93
C THR H 89 -52.07 -16.90 5.18
N THR H 90 -53.39 -16.87 4.96
CA THR H 90 -54.00 -15.74 4.24
C THR H 90 -53.81 -14.45 5.00
N ALA H 91 -53.98 -14.49 6.33
CA ALA H 91 -53.78 -13.29 7.14
C ALA H 91 -52.35 -12.80 7.06
N THR H 92 -51.38 -13.72 7.05
CA THR H 92 -49.98 -13.33 6.94
C THR H 92 -49.70 -12.71 5.59
N VAL H 93 -50.28 -13.25 4.51
CA VAL H 93 -50.08 -12.70 3.18
C VAL H 93 -50.67 -11.30 3.11
N LEU H 94 -51.87 -11.11 3.66
CA LEU H 94 -52.50 -9.79 3.64
C LEU H 94 -51.70 -8.79 4.46
N ALA H 95 -51.17 -9.22 5.61
CA ALA H 95 -50.44 -8.31 6.47
C ALA H 95 -49.19 -7.78 5.79
N GLN H 96 -48.47 -8.64 5.06
CA GLN H 96 -47.29 -8.19 4.34
C GLN H 96 -47.66 -7.19 3.25
N ALA H 97 -48.75 -7.45 2.53
CA ALA H 97 -49.13 -6.59 1.43
C ALA H 97 -49.50 -5.19 1.93
N ILE H 98 -50.28 -5.12 3.01
CA ILE H 98 -50.67 -3.81 3.54
C ILE H 98 -49.47 -3.07 4.09
N PHE H 99 -48.61 -3.77 4.83
CA PHE H 99 -47.46 -3.12 5.47
C PHE H 99 -46.48 -2.62 4.42
N ASN H 100 -46.18 -3.44 3.41
CA ASN H 100 -45.21 -3.04 2.40
C ASN H 100 -45.70 -1.86 1.59
N GLU H 101 -46.98 -1.88 1.17
CA GLU H 101 -47.52 -0.76 0.42
C GLU H 101 -47.70 0.47 1.30
N GLY H 102 -48.03 0.28 2.57
CA GLY H 102 -48.14 1.41 3.47
C GLY H 102 -46.82 2.12 3.65
N LEU H 103 -45.72 1.37 3.74
CA LEU H 103 -44.41 1.98 3.89
C LEU H 103 -44.01 2.74 2.62
N ARG H 104 -44.42 2.23 1.46
CA ARG H 104 -44.11 2.94 0.21
C ARG H 104 -44.79 4.30 0.18
N ALA H 105 -46.05 4.36 0.60
CA ALA H 105 -46.78 5.64 0.60
C ALA H 105 -46.14 6.62 1.56
N ILE H 106 -45.74 6.15 2.74
CA ILE H 106 -45.10 7.03 3.72
C ILE H 106 -43.78 7.54 3.19
N ALA H 107 -43.02 6.68 2.52
CA ALA H 107 -41.73 7.10 1.96
C ALA H 107 -41.92 8.18 0.89
N SER H 108 -43.09 8.25 0.27
CA SER H 108 -43.37 9.27 -0.72
C SER H 108 -43.82 10.59 -0.10
N GLY H 109 -43.97 10.65 1.22
CA GLY H 109 -44.35 11.87 1.90
C GLY H 109 -45.77 11.92 2.40
N ALA H 110 -46.53 10.83 2.28
CA ALA H 110 -47.91 10.83 2.74
C ALA H 110 -47.98 10.82 4.27
N ASN H 111 -49.08 11.32 4.79
CA ASN H 111 -49.28 11.37 6.24
C ASN H 111 -49.62 9.99 6.76
N PRO H 112 -48.83 9.41 7.67
CA PRO H 112 -49.16 8.08 8.19
C PRO H 112 -50.50 8.01 8.90
N MET H 113 -50.93 9.08 9.56
CA MET H 113 -52.20 9.06 10.25
C MET H 113 -53.37 9.04 9.28
N ASP H 114 -53.24 9.74 8.15
CA ASP H 114 -54.32 9.74 7.16
C ASP H 114 -54.37 8.41 6.41
N ILE H 115 -53.22 7.76 6.23
CA ILE H 115 -53.21 6.44 5.59
C ILE H 115 -53.98 5.44 6.43
N LYS H 116 -53.79 5.46 7.75
CA LYS H 116 -54.52 4.56 8.63
C LYS H 116 -56.01 4.83 8.57
N ARG H 117 -56.41 6.10 8.47
CA ARG H 117 -57.82 6.42 8.33
C ARG H 117 -58.38 5.87 7.03
N GLY H 118 -57.62 5.98 5.94
CA GLY H 118 -58.05 5.39 4.68
C GLY H 118 -58.13 3.88 4.76
N ILE H 119 -57.17 3.25 5.44
CA ILE H 119 -57.19 1.80 5.60
C ILE H 119 -58.41 1.37 6.39
N ASP H 120 -58.71 2.10 7.47
CA ASP H 120 -59.85 1.74 8.31
C ASP H 120 -61.16 1.86 7.54
N LYS H 121 -61.32 2.93 6.77
CA LYS H 121 -62.53 3.08 5.96
C LYS H 121 -62.64 2.01 4.89
N ALA H 122 -61.52 1.70 4.22
CA ALA H 122 -61.55 0.71 3.16
C ALA H 122 -61.89 -0.67 3.70
N VAL H 123 -61.33 -1.04 4.86
CA VAL H 123 -61.62 -2.34 5.45
C VAL H 123 -63.11 -2.45 5.79
N GLU H 124 -63.69 -1.37 6.32
CA GLU H 124 -65.11 -1.40 6.66
C GLU H 124 -65.97 -1.65 5.43
N THR H 125 -65.64 -1.00 4.31
CA THR H 125 -66.37 -1.25 3.08
C THR H 125 -66.19 -2.69 2.60
N VAL H 126 -64.97 -3.21 2.70
CA VAL H 126 -64.71 -4.59 2.25
C VAL H 126 -65.50 -5.57 3.09
N VAL H 127 -65.54 -5.36 4.40
CA VAL H 127 -66.27 -6.28 5.27
C VAL H 127 -67.75 -6.29 4.94
N ASN H 128 -68.32 -5.10 4.68
CA ASN H 128 -69.74 -5.03 4.33
C ASN H 128 -70.03 -5.77 3.03
N GLU H 129 -69.14 -5.64 2.04
CA GLU H 129 -69.34 -6.35 0.78
C GLU H 129 -69.26 -7.86 0.98
N ILE H 130 -68.39 -8.32 1.88
CA ILE H 130 -68.26 -9.74 2.15
C ILE H 130 -69.56 -10.29 2.74
N LYS H 131 -70.17 -9.53 3.65
CA LYS H 131 -71.44 -9.96 4.24
C LYS H 131 -72.53 -10.06 3.18
N LYS H 132 -72.57 -9.09 2.26
CA LYS H 132 -73.54 -9.14 1.16
C LYS H 132 -73.28 -10.34 0.25
N LEU H 133 -72.02 -10.64 -0.02
CA LEU H 133 -71.69 -11.72 -0.94
C LEU H 133 -71.93 -13.11 -0.33
N SER H 134 -71.92 -13.20 0.99
CA SER H 134 -72.07 -14.49 1.64
C SER H 134 -73.50 -15.01 1.52
N ILE H 135 -73.64 -16.33 1.55
CA ILE H 135 -74.95 -16.98 1.54
C ILE H 135 -75.00 -17.97 2.70
N PRO H 136 -76.15 -18.18 3.32
CA PRO H 136 -76.23 -19.12 4.44
C PRO H 136 -76.00 -20.56 3.98
N VAL H 137 -75.43 -21.36 4.88
CA VAL H 137 -75.30 -22.79 4.62
C VAL H 137 -76.68 -23.42 4.64
N SER H 138 -76.94 -24.32 3.68
CA SER H 138 -78.27 -24.88 3.52
C SER H 138 -78.40 -26.32 3.97
N GLY H 139 -77.35 -27.14 3.85
CA GLY H 139 -77.47 -28.54 4.20
C GLY H 139 -76.14 -29.25 4.14
N ARG H 140 -76.21 -30.57 4.05
CA ARG H 140 -75.01 -31.41 4.11
C ARG H 140 -74.06 -31.14 2.96
N LYS H 141 -74.58 -30.69 1.82
CA LYS H 141 -73.75 -30.48 0.64
C LYS H 141 -72.68 -29.43 0.92
N GLU H 142 -73.08 -28.26 1.42
CA GLU H 142 -72.10 -27.22 1.72
C GLU H 142 -71.27 -27.57 2.94
N ILE H 143 -71.85 -28.25 3.92
CA ILE H 143 -71.11 -28.63 5.13
C ILE H 143 -69.95 -29.55 4.77
N GLU H 144 -70.22 -30.55 3.92
CA GLU H 144 -69.16 -31.45 3.49
C GLU H 144 -68.11 -30.70 2.67
N GLN H 145 -68.54 -29.80 1.79
CA GLN H 145 -67.61 -29.05 0.96
C GLN H 145 -66.71 -28.16 1.80
N VAL H 146 -67.28 -27.47 2.79
CA VAL H 146 -66.49 -26.58 3.63
C VAL H 146 -65.46 -27.38 4.42
N ALA H 147 -65.87 -28.51 4.99
CA ALA H 147 -64.95 -29.33 5.76
C ALA H 147 -63.82 -29.88 4.89
N THR H 148 -64.14 -30.22 3.63
CA THR H 148 -63.12 -30.71 2.72
C THR H 148 -62.10 -29.62 2.39
N ILE H 149 -62.59 -28.42 2.04
CA ILE H 149 -61.68 -27.33 1.71
C ILE H 149 -60.93 -26.86 2.95
N SER H 150 -61.59 -26.85 4.12
CA SER H 150 -60.90 -26.51 5.35
C SER H 150 -59.78 -27.50 5.66
N ALA H 151 -60.03 -28.79 5.44
CA ALA H 151 -58.97 -29.78 5.49
C ALA H 151 -58.11 -29.65 4.24
N ASN H 152 -57.11 -30.51 4.09
CA ASN H 152 -56.22 -30.42 2.93
C ASN H 152 -56.87 -31.08 1.72
N ASN H 153 -58.08 -30.65 1.38
CA ASN H 153 -58.81 -31.17 0.23
C ASN H 153 -58.94 -32.69 0.29
N ASP H 154 -59.23 -33.21 1.47
CA ASP H 154 -59.41 -34.64 1.69
C ASP H 154 -60.88 -34.89 1.99
N ALA H 155 -61.55 -35.65 1.10
CA ALA H 155 -62.98 -35.90 1.27
C ALA H 155 -63.29 -36.85 2.42
N THR H 156 -62.29 -37.61 2.89
CA THR H 156 -62.53 -38.54 3.98
C THR H 156 -62.87 -37.81 5.27
N ILE H 157 -62.06 -36.82 5.64
CA ILE H 157 -62.36 -36.02 6.83
C ILE H 157 -63.62 -35.19 6.61
N GLY H 158 -63.83 -34.70 5.39
CA GLY H 158 -65.03 -33.94 5.10
C GLY H 158 -66.28 -34.75 5.27
N LYS H 159 -66.27 -36.01 4.82
CA LYS H 159 -67.44 -36.87 4.97
C LYS H 159 -67.71 -37.17 6.44
N ILE H 160 -66.66 -37.44 7.21
CA ILE H 160 -66.84 -37.78 8.63
C ILE H 160 -67.41 -36.59 9.39
N ILE H 161 -66.89 -35.39 9.14
CA ILE H 161 -67.40 -34.21 9.81
C ILE H 161 -68.85 -33.95 9.41
N ALA H 162 -69.17 -34.09 8.13
CA ALA H 162 -70.54 -33.88 7.68
C ALA H 162 -71.48 -34.89 8.34
N ASP H 163 -71.07 -36.15 8.43
CA ASP H 163 -71.88 -37.14 9.13
C ASP H 163 -72.00 -36.81 10.61
N ALA H 164 -70.91 -36.34 11.23
CA ALA H 164 -70.96 -35.99 12.63
C ALA H 164 -71.89 -34.81 12.89
N MET H 165 -71.90 -33.82 11.99
CA MET H 165 -72.77 -32.67 12.17
C MET H 165 -74.24 -33.07 12.12
N GLU H 166 -74.62 -33.87 11.12
CA GLU H 166 -76.02 -34.26 10.99
C GLU H 166 -76.43 -35.23 12.09
N ALA H 167 -75.49 -36.01 12.63
CA ALA H 167 -75.82 -36.94 13.69
C ALA H 167 -76.19 -36.21 14.98
N VAL H 168 -75.47 -35.13 15.29
CA VAL H 168 -75.68 -34.41 16.54
C VAL H 168 -76.33 -33.04 16.33
N GLY H 169 -76.61 -32.65 15.09
CA GLY H 169 -77.20 -31.36 14.82
C GLY H 169 -76.16 -30.30 14.53
N LYS H 170 -76.63 -29.19 13.95
CA LYS H 170 -75.73 -28.10 13.57
C LYS H 170 -75.12 -27.41 14.79
N ASP H 171 -75.80 -27.44 15.93
CA ASP H 171 -75.30 -26.83 17.15
C ASP H 171 -74.82 -27.86 18.17
N GLY H 172 -74.74 -29.14 17.79
CA GLY H 172 -74.27 -30.17 18.69
C GLY H 172 -72.78 -30.08 18.94
N VAL H 173 -72.30 -31.02 19.73
CA VAL H 173 -70.89 -31.02 20.14
C VAL H 173 -70.14 -32.10 19.38
N ILE H 174 -69.02 -31.71 18.76
CA ILE H 174 -68.13 -32.63 18.07
C ILE H 174 -66.76 -32.53 18.73
N THR H 175 -66.17 -33.67 19.04
CA THR H 175 -64.87 -33.71 19.70
C THR H 175 -64.00 -34.76 19.01
N VAL H 176 -62.70 -34.54 19.06
CA VAL H 176 -61.72 -35.38 18.36
C VAL H 176 -60.98 -36.22 19.38
N GLU H 177 -60.86 -37.52 19.09
CA GLU H 177 -60.20 -38.45 19.99
C GLU H 177 -59.46 -39.49 19.14
N GLU H 178 -58.47 -40.13 19.75
CA GLU H 178 -57.67 -41.14 19.07
C GLU H 178 -57.81 -42.50 19.77
N SER H 179 -57.29 -43.52 19.11
CA SER H 179 -57.29 -44.88 19.66
C SER H 179 -56.24 -45.69 18.92
N LYS H 180 -56.15 -46.99 19.23
CA LYS H 180 -55.21 -47.87 18.56
C LYS H 180 -55.60 -48.14 17.11
N SER H 181 -56.88 -48.00 16.76
CA SER H 181 -57.33 -48.30 15.41
C SER H 181 -56.64 -47.41 14.39
N ALA H 182 -56.16 -48.02 13.31
CA ALA H 182 -55.49 -47.28 12.25
C ALA H 182 -56.46 -46.51 11.38
N GLU H 183 -57.71 -46.94 11.29
CA GLU H 183 -58.70 -46.28 10.46
C GLU H 183 -59.50 -45.26 11.27
N THR H 184 -60.01 -44.25 10.57
CA THR H 184 -60.83 -43.22 11.19
C THR H 184 -62.28 -43.66 11.25
N THR H 185 -62.86 -43.60 12.45
CA THR H 185 -64.23 -44.03 12.67
C THR H 185 -65.02 -42.92 13.35
N LEU H 186 -66.33 -42.93 13.12
CA LEU H 186 -67.24 -41.97 13.72
C LEU H 186 -68.12 -42.70 14.73
N GLU H 187 -68.11 -42.22 15.98
CA GLU H 187 -68.94 -42.80 17.03
C GLU H 187 -69.54 -41.68 17.86
N THR H 188 -70.75 -41.92 18.37
CA THR H 188 -71.47 -40.97 19.19
C THR H 188 -71.88 -41.63 20.50
N VAL H 189 -71.84 -40.85 21.59
CA VAL H 189 -72.18 -41.34 22.91
C VAL H 189 -73.04 -40.31 23.62
N GLN H 190 -74.02 -40.79 24.39
CA GLN H 190 -75.12 -39.99 24.91
C GLN H 190 -74.69 -39.02 26.01
N GLY H 191 -74.09 -37.90 25.64
CA GLY H 191 -73.64 -36.91 26.60
C GLY H 191 -74.48 -35.63 26.62
N MET H 192 -73.91 -34.60 27.23
CA MET H 192 -74.48 -33.27 27.34
C MET H 192 -73.45 -32.20 26.99
N GLN H 193 -73.93 -30.96 26.99
CA GLN H 193 -73.09 -29.76 26.95
C GLN H 193 -73.89 -28.62 27.55
N PHE H 194 -73.29 -27.93 28.51
CA PHE H 194 -73.96 -26.85 29.22
C PHE H 194 -73.03 -25.65 29.31
N ASP H 195 -73.62 -24.46 29.27
CA ASP H 195 -72.87 -23.20 29.15
C ASP H 195 -72.44 -22.65 30.49
N ARG H 196 -71.77 -23.45 31.32
CA ARG H 196 -71.17 -22.96 32.55
C ARG H 196 -69.80 -23.62 32.73
N GLY H 197 -68.82 -22.82 33.12
CA GLY H 197 -67.45 -23.25 33.19
C GLY H 197 -67.05 -23.77 34.56
N TYR H 198 -65.75 -23.72 34.84
CA TYR H 198 -65.22 -24.22 36.09
C TYR H 198 -65.54 -23.28 37.24
N LEU H 199 -65.60 -23.85 38.45
CA LEU H 199 -65.78 -23.05 39.66
C LEU H 199 -64.48 -22.44 40.17
N SER H 200 -63.33 -22.93 39.70
CA SER H 200 -62.04 -22.40 40.09
C SER H 200 -61.10 -22.46 38.90
N PRO H 201 -60.12 -21.55 38.83
CA PRO H 201 -59.16 -21.60 37.72
C PRO H 201 -57.99 -22.54 37.94
N TYR H 202 -57.96 -23.28 39.07
CA TYR H 202 -56.84 -24.14 39.39
C TYR H 202 -57.00 -25.57 38.86
N PHE H 203 -58.04 -25.83 38.08
CA PHE H 203 -58.28 -27.18 37.56
C PHE H 203 -57.58 -27.38 36.21
N VAL H 204 -56.50 -26.63 35.98
CA VAL H 204 -55.77 -26.71 34.73
C VAL H 204 -55.13 -28.10 34.60
N THR H 205 -55.17 -28.65 33.39
CA THR H 205 -54.61 -29.97 33.12
C THR H 205 -53.51 -29.87 32.06
N ASN H 206 -53.02 -31.04 31.64
CA ASN H 206 -51.88 -31.09 30.72
C ASN H 206 -52.12 -30.47 29.35
N PRO H 207 -53.25 -30.69 28.65
CA PRO H 207 -53.34 -30.25 27.25
C PRO H 207 -53.09 -28.75 27.08
N ASP H 208 -52.42 -28.42 25.96
CA ASP H 208 -51.97 -27.07 25.71
C ASP H 208 -53.11 -26.09 25.43
N LYS H 209 -54.33 -26.60 25.23
CA LYS H 209 -55.44 -25.72 24.88
C LYS H 209 -55.89 -24.84 26.03
N MET H 210 -55.32 -25.01 27.23
CA MET H 210 -55.58 -24.20 28.41
C MET H 210 -56.96 -24.58 28.94
N GLU H 211 -57.65 -25.46 28.22
CA GLU H 211 -58.94 -25.96 28.67
C GLU H 211 -58.82 -27.42 29.08
N ALA H 212 -59.34 -27.75 30.26
CA ALA H 212 -59.11 -29.04 30.88
C ALA H 212 -59.91 -30.15 30.18
N VAL H 213 -59.25 -31.30 30.04
CA VAL H 213 -59.88 -32.52 29.54
C VAL H 213 -59.58 -33.64 30.54
N LEU H 214 -60.61 -34.41 30.88
CA LEU H 214 -60.50 -35.43 31.92
C LEU H 214 -60.77 -36.81 31.33
N GLU H 215 -60.12 -37.82 31.90
CA GLU H 215 -60.25 -39.20 31.47
C GLU H 215 -60.66 -40.07 32.65
N ASP H 216 -61.74 -40.83 32.47
CA ASP H 216 -62.30 -41.71 33.49
C ASP H 216 -62.49 -41.02 34.83
N PRO H 217 -63.30 -39.96 34.91
CA PRO H 217 -63.50 -39.29 36.19
C PRO H 217 -64.75 -39.80 36.91
N PHE H 218 -64.80 -39.52 38.21
CA PHE H 218 -66.00 -39.73 39.00
C PHE H 218 -66.67 -38.39 39.29
N ILE H 219 -68.00 -38.41 39.38
CA ILE H 219 -68.79 -37.19 39.46
C ILE H 219 -69.69 -37.24 40.69
N LEU H 220 -69.73 -36.14 41.43
CA LEU H 220 -70.70 -35.93 42.50
C LEU H 220 -71.44 -34.64 42.22
N ILE H 221 -72.71 -34.57 42.64
CA ILE H 221 -73.60 -33.49 42.28
C ILE H 221 -74.24 -32.90 43.53
N TYR H 222 -74.33 -31.58 43.56
CA TYR H 222 -75.06 -30.85 44.58
C TYR H 222 -76.22 -30.09 43.94
N GLU H 223 -77.38 -30.09 44.59
CA GLU H 223 -78.46 -29.19 44.24
C GLU H 223 -78.37 -27.86 44.96
N LYS H 224 -77.35 -27.68 45.79
CA LYS H 224 -77.13 -26.46 46.55
C LYS H 224 -75.64 -26.13 46.51
N LYS H 225 -75.22 -25.21 47.37
CA LYS H 225 -73.82 -24.81 47.41
C LYS H 225 -72.97 -25.87 48.08
N ILE H 226 -71.66 -25.79 47.84
CA ILE H 226 -70.72 -26.76 48.42
C ILE H 226 -70.61 -26.53 49.92
N SER H 227 -70.58 -27.62 50.68
CA SER H 227 -70.48 -27.56 52.13
C SER H 227 -69.03 -27.42 52.59
N ASN H 228 -68.81 -27.64 53.88
CA ASN H 228 -67.47 -27.49 54.46
C ASN H 228 -66.54 -28.54 53.88
N VAL H 229 -65.25 -28.22 53.84
CA VAL H 229 -64.25 -29.12 53.26
C VAL H 229 -64.18 -30.42 54.06
N LYS H 230 -64.35 -30.33 55.38
CA LYS H 230 -64.32 -31.53 56.21
C LYS H 230 -65.42 -32.51 55.85
N ASP H 231 -66.48 -32.06 55.19
CA ASP H 231 -67.47 -32.97 54.64
C ASP H 231 -66.98 -33.62 53.35
N LEU H 232 -66.13 -32.91 52.59
CA LEU H 232 -65.61 -33.46 51.34
C LEU H 232 -64.32 -34.24 51.55
N LEU H 233 -63.60 -33.95 52.63
CA LEU H 233 -62.32 -34.62 52.87
C LEU H 233 -62.41 -36.14 52.92
N PRO H 234 -63.38 -36.77 53.60
CA PRO H 234 -63.51 -38.22 53.46
C PRO H 234 -63.74 -38.67 52.03
N VAL H 235 -64.50 -37.91 51.24
CA VAL H 235 -64.66 -38.22 49.83
C VAL H 235 -63.36 -37.95 49.07
N LEU H 236 -62.71 -36.82 49.37
CA LEU H 236 -61.48 -36.46 48.67
C LEU H 236 -60.39 -37.48 48.95
N GLU H 237 -60.23 -37.89 50.21
CA GLU H 237 -59.14 -38.80 50.56
C GLU H 237 -59.41 -40.22 50.06
N ASN H 238 -60.64 -40.71 50.25
CA ASN H 238 -60.95 -42.09 49.87
C ASN H 238 -60.90 -42.29 48.36
N VAL H 239 -61.44 -41.33 47.59
CA VAL H 239 -61.38 -41.47 46.13
C VAL H 239 -59.95 -41.31 45.62
N VAL H 240 -59.15 -40.45 46.24
CA VAL H 240 -57.73 -40.38 45.93
C VAL H 240 -57.07 -41.72 46.21
N ARG H 241 -57.45 -42.36 47.33
CA ARG H 241 -57.01 -43.72 47.57
C ARG H 241 -57.49 -44.67 46.48
N ALA H 242 -58.70 -44.44 45.97
CA ALA H 242 -59.20 -45.22 44.85
C ALA H 242 -58.47 -44.92 43.55
N GLY H 243 -57.86 -43.73 43.43
CA GLY H 243 -57.03 -43.42 42.29
C GLY H 243 -57.72 -42.84 41.08
N LYS H 244 -58.83 -42.12 41.27
CA LYS H 244 -59.51 -41.49 40.15
C LYS H 244 -59.91 -40.07 40.53
N PRO H 245 -59.99 -39.17 39.54
CA PRO H 245 -60.37 -37.78 39.83
C PRO H 245 -61.85 -37.65 40.15
N LEU H 246 -62.19 -36.51 40.75
CA LEU H 246 -63.55 -36.22 41.19
C LEU H 246 -64.07 -34.97 40.49
N LEU H 247 -65.36 -34.95 40.21
CA LEU H 247 -66.04 -33.79 39.64
C LEU H 247 -67.23 -33.44 40.53
N ILE H 248 -67.29 -32.18 40.96
CA ILE H 248 -68.33 -31.70 41.86
C ILE H 248 -69.24 -30.77 41.06
N ILE H 249 -70.52 -31.13 40.96
CA ILE H 249 -71.51 -30.30 40.29
C ILE H 249 -72.31 -29.58 41.36
N ALA H 250 -72.17 -28.25 41.42
CA ALA H 250 -72.78 -27.49 42.49
C ALA H 250 -73.04 -26.07 42.01
N GLU H 251 -73.66 -25.28 42.88
CA GLU H 251 -74.10 -23.93 42.48
C GLU H 251 -72.99 -22.90 42.70
N ASP H 252 -72.34 -22.92 43.85
CA ASP H 252 -71.36 -21.89 44.17
C ASP H 252 -70.35 -22.43 45.17
N VAL H 253 -69.21 -21.75 45.26
CA VAL H 253 -68.15 -22.06 46.21
C VAL H 253 -67.78 -20.78 46.95
N GLU H 254 -67.50 -20.90 48.24
CA GLU H 254 -67.09 -19.74 49.02
C GLU H 254 -65.65 -19.37 48.69
N ALA H 255 -65.42 -18.09 48.40
CA ALA H 255 -64.11 -17.65 47.96
C ALA H 255 -63.09 -17.62 49.08
N GLU H 256 -63.52 -17.44 50.33
CA GLU H 256 -62.57 -17.32 51.43
C GLU H 256 -61.83 -18.61 51.72
N ALA H 257 -62.53 -19.73 51.82
CA ALA H 257 -61.88 -20.99 52.19
C ALA H 257 -62.04 -22.06 51.11
N LEU H 258 -63.27 -22.24 50.61
CA LEU H 258 -63.55 -23.33 49.69
C LEU H 258 -62.79 -23.18 48.37
N ALA H 259 -62.64 -21.95 47.88
CA ALA H 259 -62.03 -21.74 46.57
C ALA H 259 -60.54 -22.05 46.56
N THR H 260 -59.90 -22.16 47.71
CA THR H 260 -58.46 -22.38 47.74
C THR H 260 -58.04 -23.62 48.53
N LEU H 261 -58.70 -23.90 49.66
CA LEU H 261 -58.26 -24.99 50.52
C LEU H 261 -58.40 -26.35 49.83
N VAL H 262 -59.50 -26.55 49.08
CA VAL H 262 -59.72 -27.84 48.43
C VAL H 262 -58.62 -28.13 47.43
N VAL H 263 -58.23 -27.14 46.63
CA VAL H 263 -57.17 -27.34 45.64
C VAL H 263 -55.83 -27.59 46.32
N ASN H 264 -55.54 -26.86 47.40
CA ASN H 264 -54.22 -26.90 48.01
C ASN H 264 -53.87 -28.29 48.55
N HIS H 265 -54.87 -29.03 49.02
CA HIS H 265 -54.61 -30.36 49.56
C HIS H 265 -54.15 -31.35 48.51
N ILE H 266 -54.50 -31.15 47.24
CA ILE H 266 -54.27 -32.14 46.20
C ILE H 266 -53.52 -31.54 45.00
N LYS H 267 -53.12 -30.26 45.08
CA LYS H 267 -52.56 -29.56 43.92
C LYS H 267 -51.35 -30.30 43.33
N GLY H 268 -50.59 -31.01 44.15
CA GLY H 268 -49.47 -31.79 43.66
C GLY H 268 -49.82 -33.19 43.24
N VAL H 269 -51.12 -33.53 43.17
CA VAL H 269 -51.59 -34.87 42.87
C VAL H 269 -52.47 -34.75 41.62
N ILE H 270 -53.08 -35.86 41.20
CA ILE H 270 -53.90 -35.90 39.98
C ILE H 270 -54.95 -34.79 39.93
N ARG H 271 -55.30 -34.20 41.07
CA ARG H 271 -56.25 -33.09 41.18
C ARG H 271 -57.68 -33.53 40.89
N ALA H 272 -58.64 -32.73 41.38
CA ALA H 272 -60.05 -32.94 41.12
C ALA H 272 -60.68 -31.62 40.72
N CYS H 273 -61.82 -31.69 40.05
CA CYS H 273 -62.45 -30.51 39.47
C CYS H 273 -63.85 -30.33 40.04
N ALA H 274 -64.38 -29.12 39.89
CA ALA H 274 -65.74 -28.78 40.27
C ALA H 274 -66.39 -27.98 39.16
N VAL H 275 -67.69 -28.16 38.97
CA VAL H 275 -68.42 -27.57 37.86
C VAL H 275 -69.64 -26.82 38.39
N LYS H 276 -69.91 -25.67 37.80
CA LYS H 276 -71.09 -24.88 38.17
C LYS H 276 -72.36 -25.62 37.81
N ALA H 277 -73.43 -25.35 38.55
CA ALA H 277 -74.73 -25.97 38.27
C ALA H 277 -75.40 -25.26 37.10
N PRO H 278 -75.66 -25.95 35.99
CA PRO H 278 -76.24 -25.28 34.81
C PRO H 278 -77.72 -24.98 35.00
N GLY H 279 -78.27 -24.25 34.03
CA GLY H 279 -79.69 -23.99 34.00
C GLY H 279 -80.11 -22.82 34.88
N PHE H 280 -81.43 -22.62 34.93
CA PHE H 280 -82.04 -21.56 35.73
C PHE H 280 -83.40 -22.01 36.23
N GLY H 281 -83.84 -21.39 37.31
CA GLY H 281 -85.15 -21.69 37.88
C GLY H 281 -85.22 -23.08 38.49
N GLN H 282 -86.45 -23.60 38.54
CA GLN H 282 -86.66 -24.95 39.05
C GLN H 282 -85.98 -25.99 38.16
N ARG H 283 -85.83 -25.70 36.87
CA ARG H 283 -85.19 -26.62 35.95
C ARG H 283 -83.72 -26.86 36.29
N ARG H 284 -83.10 -26.00 37.12
CA ARG H 284 -81.77 -26.30 37.64
C ARG H 284 -81.76 -27.66 38.31
N LYS H 285 -82.69 -27.89 39.24
CA LYS H 285 -82.81 -29.20 39.86
C LYS H 285 -83.15 -30.27 38.83
N ASP H 286 -84.05 -29.94 37.90
CA ASP H 286 -84.40 -30.89 36.85
C ASP H 286 -83.19 -31.22 35.99
N TYR H 287 -82.43 -30.19 35.58
CA TYR H 287 -81.22 -30.43 34.81
C TYR H 287 -80.19 -31.22 35.62
N LEU H 288 -80.02 -30.86 36.90
CA LEU H 288 -79.10 -31.60 37.75
C LEU H 288 -79.56 -33.04 37.94
N GLN H 289 -80.86 -33.26 38.14
CA GLN H 289 -81.38 -34.62 38.23
C GLN H 289 -81.26 -35.35 36.91
N ASP H 290 -81.37 -34.62 35.79
CA ASP H 290 -81.08 -35.23 34.49
C ASP H 290 -79.62 -35.64 34.41
N ILE H 291 -78.72 -34.77 34.86
CA ILE H 291 -77.30 -35.12 34.89
C ILE H 291 -77.05 -36.24 35.90
N ALA H 292 -77.80 -36.25 37.00
CA ALA H 292 -77.61 -37.26 38.04
C ALA H 292 -77.89 -38.65 37.50
N ILE H 293 -78.96 -38.79 36.72
CA ILE H 293 -79.28 -40.10 36.16
C ILE H 293 -78.39 -40.43 34.96
N LEU H 294 -77.92 -39.39 34.25
CA LEU H 294 -77.00 -39.64 33.15
C LEU H 294 -75.62 -40.04 33.64
N THR H 295 -75.16 -39.45 34.75
CA THR H 295 -73.91 -39.83 35.37
C THR H 295 -74.08 -40.96 36.38
N GLY H 296 -75.31 -41.42 36.61
CA GLY H 296 -75.55 -42.47 37.56
C GLY H 296 -75.31 -42.06 39.00
N GLY H 297 -75.31 -40.77 39.29
CA GLY H 297 -75.04 -40.26 40.62
C GLY H 297 -76.28 -39.73 41.30
N THR H 298 -76.07 -39.12 42.47
CA THR H 298 -77.14 -38.57 43.28
C THR H 298 -76.73 -37.20 43.77
N ALA H 299 -77.74 -36.37 44.07
CA ALA H 299 -77.53 -35.07 44.66
C ALA H 299 -77.67 -35.17 46.18
N ILE H 300 -76.62 -34.80 46.88
CA ILE H 300 -76.53 -35.03 48.33
C ILE H 300 -76.28 -33.71 49.04
N THR H 301 -77.09 -33.44 50.05
CA THR H 301 -76.81 -32.39 51.03
C THR H 301 -76.98 -32.99 52.42
N GLU H 302 -76.23 -32.45 53.38
CA GLU H 302 -76.30 -32.98 54.74
C GLU H 302 -77.66 -32.75 55.38
N GLU H 303 -78.49 -31.89 54.80
CA GLU H 303 -79.84 -31.69 55.32
C GLU H 303 -80.80 -32.78 54.86
N LEU H 304 -80.42 -33.58 53.86
CA LEU H 304 -81.26 -34.67 53.39
C LEU H 304 -81.11 -35.94 54.22
N GLY H 305 -80.19 -35.95 55.19
CA GLY H 305 -79.95 -37.14 55.98
C GLY H 305 -78.88 -38.06 55.46
N ILE H 306 -78.19 -37.68 54.38
CA ILE H 306 -77.10 -38.47 53.82
C ILE H 306 -75.79 -37.76 54.17
N LYS H 307 -74.97 -38.42 54.97
CA LYS H 307 -73.71 -37.81 55.41
C LYS H 307 -72.71 -37.76 54.26
N LEU H 308 -72.07 -36.60 54.09
CA LEU H 308 -71.05 -36.47 53.06
C LEU H 308 -69.73 -37.10 53.49
N GLU H 309 -69.60 -37.51 54.75
CA GLU H 309 -68.38 -38.16 55.21
C GLU H 309 -68.36 -39.65 54.89
N SER H 310 -69.43 -40.20 54.33
CA SER H 310 -69.50 -41.62 54.01
C SER H 310 -70.07 -41.85 52.62
N VAL H 311 -69.70 -41.00 51.66
CA VAL H 311 -70.21 -41.13 50.29
C VAL H 311 -69.56 -42.35 49.65
N THR H 312 -70.35 -43.40 49.43
CA THR H 312 -69.84 -44.63 48.85
C THR H 312 -69.55 -44.45 47.36
N LEU H 313 -68.63 -45.27 46.86
CA LEU H 313 -68.22 -45.17 45.45
C LEU H 313 -69.31 -45.61 44.50
N ASP H 314 -70.04 -46.68 44.82
CA ASP H 314 -71.11 -47.16 43.95
C ASP H 314 -72.26 -46.18 43.81
N MET H 315 -72.67 -45.53 44.91
CA MET H 315 -73.71 -44.52 44.83
C MET H 315 -73.19 -43.23 44.18
N LEU H 316 -71.87 -43.03 44.19
CA LEU H 316 -71.28 -41.90 43.48
C LEU H 316 -71.44 -42.08 41.98
N GLY H 317 -71.55 -40.96 41.26
CA GLY H 317 -71.69 -41.00 39.82
C GLY H 317 -70.37 -41.25 39.11
N ARG H 318 -70.50 -41.77 37.88
CA ARG H 318 -69.34 -42.09 37.06
C ARG H 318 -69.61 -41.66 35.62
N ALA H 319 -68.53 -41.39 34.89
CA ALA H 319 -68.62 -40.95 33.50
C ALA H 319 -67.37 -41.40 32.75
N ASP H 320 -67.48 -41.44 31.43
CA ASP H 320 -66.35 -41.86 30.60
C ASP H 320 -65.30 -40.77 30.53
N LYS H 321 -65.65 -39.63 29.96
CA LYS H 321 -64.76 -38.47 29.88
C LYS H 321 -65.58 -37.20 30.04
N VAL H 322 -64.95 -36.19 30.64
CA VAL H 322 -65.59 -34.90 30.88
C VAL H 322 -64.67 -33.80 30.39
N ILE H 323 -65.21 -32.86 29.62
CA ILE H 323 -64.47 -31.70 29.14
C ILE H 323 -65.19 -30.45 29.62
N VAL H 324 -64.45 -29.53 30.24
CA VAL H 324 -65.00 -28.29 30.77
C VAL H 324 -64.20 -27.14 30.17
N ASP H 325 -64.89 -26.24 29.48
CA ASP H 325 -64.25 -25.05 28.94
C ASP H 325 -64.24 -23.93 29.99
N LYS H 326 -63.70 -22.78 29.59
CA LYS H 326 -63.70 -21.62 30.49
C LYS H 326 -65.13 -21.16 30.79
N ASP H 327 -66.03 -21.27 29.81
CA ASP H 327 -67.42 -20.87 29.99
C ASP H 327 -68.41 -21.99 29.73
N ASN H 328 -67.95 -23.18 29.36
CA ASN H 328 -68.85 -24.28 29.03
C ASN H 328 -68.34 -25.56 29.69
N THR H 329 -69.19 -26.58 29.69
CA THR H 329 -68.84 -27.90 30.20
C THR H 329 -69.60 -28.94 29.40
N THR H 330 -69.04 -30.16 29.35
CA THR H 330 -69.67 -31.26 28.66
C THR H 330 -69.15 -32.58 29.22
N ILE H 331 -69.98 -33.62 29.14
CA ILE H 331 -69.64 -34.96 29.59
C ILE H 331 -69.85 -35.90 28.42
N VAL H 332 -68.87 -36.79 28.19
CA VAL H 332 -69.00 -37.72 27.07
C VAL H 332 -70.17 -38.65 27.26
N GLY H 333 -70.27 -39.30 28.42
CA GLY H 333 -71.35 -40.23 28.66
C GLY H 333 -71.14 -41.12 29.87
N GLY H 334 -72.21 -41.77 30.33
CA GLY H 334 -72.12 -42.63 31.49
C GLY H 334 -71.55 -43.99 31.16
N LYS H 335 -71.32 -44.78 32.22
CA LYS H 335 -70.74 -46.11 32.09
C LYS H 335 -71.79 -47.21 32.01
N GLY H 336 -73.06 -46.89 32.08
CA GLY H 336 -74.10 -47.89 31.99
C GLY H 336 -74.47 -48.23 30.56
N SER H 337 -75.43 -49.13 30.42
CA SER H 337 -75.93 -49.51 29.10
C SER H 337 -76.73 -48.38 28.48
N LYS H 338 -76.64 -48.26 27.16
CA LYS H 338 -77.33 -47.19 26.45
C LYS H 338 -78.84 -47.35 26.55
N GLU H 339 -79.33 -48.59 26.51
CA GLU H 339 -80.77 -48.83 26.60
C GLU H 339 -81.33 -48.37 27.94
N ALA H 340 -80.62 -48.63 29.03
CA ALA H 340 -81.06 -48.16 30.34
C ALA H 340 -81.06 -46.63 30.40
N ILE H 341 -80.06 -46.00 29.80
CA ILE H 341 -80.01 -44.54 29.79
C ILE H 341 -81.17 -43.97 28.99
N GLN H 342 -81.54 -44.62 27.87
CA GLN H 342 -82.70 -44.18 27.12
C GLN H 342 -83.98 -44.32 27.94
N ALA H 343 -84.05 -45.33 28.81
CA ALA H 343 -85.15 -45.38 29.77
C ALA H 343 -85.10 -44.20 30.73
N ARG H 344 -83.90 -43.83 31.17
CA ARG H 344 -83.75 -42.60 31.95
C ARG H 344 -84.03 -41.38 31.11
N ILE H 345 -83.75 -41.44 29.80
CA ILE H 345 -84.08 -40.36 28.89
C ILE H 345 -85.58 -40.16 28.79
N GLU H 346 -86.36 -41.24 28.92
CA GLU H 346 -87.82 -41.11 28.92
C GLU H 346 -88.29 -40.15 30.00
N GLN H 347 -87.55 -40.07 31.12
CA GLN H 347 -87.84 -39.04 32.11
C GLN H 347 -87.67 -37.64 31.55
N ILE H 348 -86.68 -37.43 30.67
CA ILE H 348 -86.52 -36.15 30.01
C ILE H 348 -87.49 -36.02 28.84
N LYS H 349 -87.83 -37.14 28.20
CA LYS H 349 -88.86 -37.12 27.17
C LYS H 349 -90.20 -36.70 27.74
N ARG H 350 -90.52 -37.19 28.94
CA ARG H 350 -91.77 -36.80 29.59
C ARG H 350 -91.72 -35.34 30.04
N GLN H 351 -90.53 -34.75 30.14
CA GLN H 351 -90.41 -33.36 30.55
C GLN H 351 -91.06 -32.40 29.55
N ILE H 352 -91.35 -32.87 28.34
CA ILE H 352 -92.14 -32.07 27.41
C ILE H 352 -93.51 -31.80 28.00
N LEU H 353 -94.08 -32.78 28.70
CA LEU H 353 -95.38 -32.65 29.34
C LEU H 353 -95.29 -32.49 30.85
N GLU H 354 -94.20 -32.95 31.47
CA GLU H 354 -94.06 -32.91 32.92
C GLU H 354 -93.44 -31.61 33.43
N THR H 355 -93.10 -30.67 32.55
CA THR H 355 -92.59 -29.37 32.95
C THR H 355 -93.59 -28.30 32.56
N THR H 356 -93.72 -27.29 33.43
CA THR H 356 -94.78 -26.29 33.29
C THR H 356 -94.28 -25.00 32.64
N SER H 357 -93.14 -24.50 33.11
CA SER H 357 -92.64 -23.21 32.64
C SER H 357 -92.31 -23.24 31.16
N ASP H 358 -92.77 -22.21 30.44
CA ASP H 358 -92.53 -22.10 29.01
C ASP H 358 -91.24 -21.39 28.67
N TYR H 359 -90.60 -20.74 29.65
CA TYR H 359 -89.41 -19.95 29.38
C TYR H 359 -88.25 -20.81 28.90
N ASP H 360 -88.02 -21.97 29.50
CA ASP H 360 -87.00 -22.90 29.06
C ASP H 360 -87.56 -24.07 28.28
N ARG H 361 -88.88 -24.09 28.03
CA ARG H 361 -89.46 -25.13 27.18
C ARG H 361 -88.91 -25.05 25.76
N GLU H 362 -88.73 -23.84 25.23
CA GLU H 362 -88.08 -23.68 23.93
C GLU H 362 -86.67 -24.24 23.93
N LYS H 363 -85.97 -24.19 25.07
CA LYS H 363 -84.66 -24.82 25.18
C LYS H 363 -84.73 -26.34 25.27
N LEU H 364 -85.88 -26.89 25.62
CA LEU H 364 -86.06 -28.33 25.61
C LEU H 364 -86.16 -28.84 24.18
N GLN H 365 -86.04 -30.15 24.03
CA GLN H 365 -86.05 -30.85 22.74
C GLN H 365 -84.80 -30.52 21.93
N GLU H 366 -83.96 -29.63 22.46
CA GLU H 366 -82.62 -29.46 21.91
C GLU H 366 -81.60 -30.23 22.73
N ARG H 367 -81.84 -30.33 24.04
CA ARG H 367 -81.05 -31.24 24.88
C ARG H 367 -81.25 -32.68 24.45
N LEU H 368 -82.49 -33.05 24.10
CA LEU H 368 -82.78 -34.42 23.67
C LEU H 368 -82.06 -34.73 22.37
N ALA H 369 -81.95 -33.75 21.47
CA ALA H 369 -81.25 -33.98 20.20
C ALA H 369 -79.80 -34.34 20.44
N LYS H 370 -79.14 -33.69 21.40
CA LYS H 370 -77.78 -34.06 21.76
C LYS H 370 -77.78 -35.30 22.63
N LEU H 371 -78.93 -35.68 23.18
CA LEU H 371 -79.04 -36.88 23.99
C LEU H 371 -79.19 -38.13 23.13
N SER H 372 -80.29 -38.22 22.38
CA SER H 372 -80.60 -39.45 21.65
C SER H 372 -79.52 -39.78 20.63
N GLY H 373 -79.10 -38.79 19.83
CA GLY H 373 -77.98 -39.01 18.93
C GLY H 373 -76.64 -39.09 19.61
N GLY H 374 -76.50 -38.47 20.77
CA GLY H 374 -75.23 -38.45 21.47
C GLY H 374 -74.23 -37.49 20.84
N VAL H 375 -73.37 -36.92 21.69
CA VAL H 375 -72.33 -36.04 21.19
C VAL H 375 -71.37 -36.83 20.31
N ALA H 376 -70.93 -36.20 19.23
CA ALA H 376 -70.12 -36.87 18.21
C ALA H 376 -68.67 -36.89 18.64
N ILE H 377 -68.04 -38.06 18.52
CA ILE H 377 -66.62 -38.23 18.83
C ILE H 377 -65.94 -38.71 17.55
N ILE H 378 -65.01 -37.89 17.04
CA ILE H 378 -64.25 -38.25 15.85
C ILE H 378 -63.05 -39.07 16.29
N ARG H 379 -62.93 -40.29 15.76
CA ARG H 379 -61.79 -41.14 16.03
C ARG H 379 -60.81 -41.01 14.88
N VAL H 380 -59.58 -40.63 15.20
CA VAL H 380 -58.52 -40.43 14.22
C VAL H 380 -57.55 -41.59 14.30
N GLY H 381 -57.30 -42.24 13.17
CA GLY H 381 -56.34 -43.33 13.10
C GLY H 381 -55.17 -42.95 12.21
N ALA H 382 -54.01 -43.52 12.51
CA ALA H 382 -52.82 -43.23 11.75
C ALA H 382 -51.89 -44.44 11.78
N ALA H 383 -51.01 -44.51 10.78
CA ALA H 383 -50.01 -45.56 10.75
C ALA H 383 -48.92 -45.37 11.80
N THR H 384 -48.78 -44.15 12.32
CA THR H 384 -47.79 -43.86 13.35
C THR H 384 -48.30 -42.73 14.21
N GLU H 385 -47.76 -42.63 15.43
CA GLU H 385 -48.17 -41.56 16.33
C GLU H 385 -47.76 -40.19 15.80
N ALA H 386 -46.68 -40.12 15.02
CA ALA H 386 -46.25 -38.86 14.45
C ALA H 386 -47.30 -38.29 13.48
N GLU H 387 -47.88 -39.15 12.63
CA GLU H 387 -48.93 -38.69 11.73
C GLU H 387 -50.22 -38.38 12.49
N LEU H 388 -50.43 -39.02 13.64
CA LEU H 388 -51.61 -38.75 14.44
C LEU H 388 -51.61 -37.31 14.94
N LYS H 389 -50.44 -36.79 15.32
CA LYS H 389 -50.35 -35.44 15.85
C LYS H 389 -50.79 -34.40 14.84
N GLU H 390 -50.37 -34.55 13.58
CA GLU H 390 -50.74 -33.58 12.56
C GLU H 390 -52.19 -33.76 12.12
N LYS H 391 -52.68 -35.01 12.09
CA LYS H 391 -54.05 -35.26 11.67
C LYS H 391 -55.04 -34.79 12.72
N LYS H 392 -54.70 -34.95 14.00
CA LYS H 392 -55.63 -34.56 15.07
C LYS H 392 -55.91 -33.07 15.03
N ALA H 393 -54.87 -32.25 14.90
CA ALA H 393 -55.07 -30.80 14.81
C ALA H 393 -55.78 -30.44 13.51
N ARG H 394 -55.49 -31.18 12.44
CA ARG H 394 -56.13 -30.93 11.16
C ARG H 394 -57.64 -31.15 11.23
N VAL H 395 -58.06 -32.21 11.91
CA VAL H 395 -59.48 -32.53 11.97
C VAL H 395 -60.25 -31.50 12.79
N GLU H 396 -59.75 -31.15 13.98
CA GLU H 396 -60.49 -30.26 14.85
C GLU H 396 -60.57 -28.86 14.26
N ASP H 397 -59.51 -28.41 13.58
CA ASP H 397 -59.55 -27.12 12.91
C ASP H 397 -60.61 -27.12 11.82
N ALA H 398 -60.71 -28.21 11.07
CA ALA H 398 -61.77 -28.32 10.07
C ALA H 398 -63.15 -28.33 10.73
N VAL H 399 -63.27 -29.01 11.89
CA VAL H 399 -64.52 -28.98 12.63
C VAL H 399 -64.84 -27.56 13.10
N HIS H 400 -63.84 -26.88 13.65
CA HIS H 400 -64.06 -25.51 14.13
C HIS H 400 -64.37 -24.57 12.97
N ALA H 401 -63.69 -24.73 11.84
CA ALA H 401 -63.98 -23.90 10.68
C ALA H 401 -65.38 -24.19 10.13
N THR H 402 -65.80 -25.45 10.14
CA THR H 402 -67.13 -25.80 9.67
C THR H 402 -68.21 -25.14 10.52
N LYS H 403 -68.01 -25.12 11.84
CA LYS H 403 -68.96 -24.45 12.72
C LYS H 403 -69.00 -22.95 12.42
N ALA H 404 -67.86 -22.36 12.04
CA ALA H 404 -67.85 -20.96 11.67
C ALA H 404 -68.68 -20.69 10.43
N ALA H 405 -68.67 -21.62 9.47
CA ALA H 405 -69.47 -21.45 8.27
C ALA H 405 -70.96 -21.41 8.59
N VAL H 406 -71.41 -22.26 9.53
CA VAL H 406 -72.81 -22.27 9.92
C VAL H 406 -73.20 -20.94 10.54
N GLU H 407 -72.34 -20.39 11.40
CA GLU H 407 -72.68 -19.19 12.15
C GLU H 407 -72.84 -17.97 11.25
N GLU H 408 -72.05 -17.87 10.18
CA GLU H 408 -72.02 -16.64 9.41
C GLU H 408 -72.21 -16.81 7.90
N GLY H 409 -72.04 -18.01 7.34
CA GLY H 409 -72.24 -18.23 5.92
C GLY H 409 -70.96 -18.66 5.24
N ILE H 410 -71.05 -18.74 3.91
CA ILE H 410 -69.93 -19.16 3.07
C ILE H 410 -69.79 -18.21 1.90
N VAL H 411 -68.57 -18.11 1.38
CA VAL H 411 -68.25 -17.27 0.23
C VAL H 411 -67.42 -18.10 -0.74
N PRO H 412 -67.39 -17.71 -2.02
CA PRO H 412 -66.51 -18.42 -2.97
C PRO H 412 -65.05 -18.33 -2.54
N GLY H 413 -64.36 -19.46 -2.63
CA GLY H 413 -63.00 -19.57 -2.15
C GLY H 413 -61.98 -19.17 -3.20
N GLY H 414 -60.73 -19.46 -2.89
CA GLY H 414 -59.64 -19.12 -3.81
C GLY H 414 -59.33 -17.65 -3.90
N GLY H 415 -59.73 -16.87 -2.90
CA GLY H 415 -59.53 -15.44 -2.93
C GLY H 415 -60.50 -14.66 -3.78
N VAL H 416 -61.52 -15.32 -4.33
CA VAL H 416 -62.49 -14.62 -5.16
C VAL H 416 -63.32 -13.66 -4.32
N ALA H 417 -63.61 -14.03 -3.07
CA ALA H 417 -64.43 -13.17 -2.22
C ALA H 417 -63.78 -11.82 -2.00
N LEU H 418 -62.47 -11.80 -1.76
CA LEU H 418 -61.78 -10.53 -1.56
C LEU H 418 -61.70 -9.74 -2.85
N VAL H 419 -61.57 -10.41 -3.99
CA VAL H 419 -61.56 -9.71 -5.28
C VAL H 419 -62.91 -9.03 -5.51
N ARG H 420 -63.99 -9.75 -5.25
CA ARG H 420 -65.32 -9.18 -5.42
C ARG H 420 -65.55 -8.00 -4.49
N ALA H 421 -65.11 -8.13 -3.23
CA ALA H 421 -65.30 -7.05 -2.28
C ALA H 421 -64.44 -5.84 -2.62
N SER H 422 -63.25 -6.06 -3.19
CA SER H 422 -62.36 -4.95 -3.53
C SER H 422 -62.90 -4.10 -4.66
N GLU H 423 -63.85 -4.62 -5.46
CA GLU H 423 -64.42 -3.84 -6.54
C GLU H 423 -65.24 -2.65 -6.03
N ALA H 424 -65.79 -2.74 -4.82
CA ALA H 424 -66.54 -1.62 -4.27
C ALA H 424 -65.62 -0.45 -3.93
N LEU H 425 -64.35 -0.71 -3.68
CA LEU H 425 -63.41 0.37 -3.40
C LEU H 425 -63.14 1.24 -4.63
N ASP H 426 -63.46 0.73 -5.82
CA ASP H 426 -63.28 1.51 -7.04
C ASP H 426 -64.16 2.75 -7.08
N ASN H 427 -65.31 2.74 -6.40
CA ASN H 427 -66.20 3.89 -6.36
C ASN H 427 -66.24 4.57 -4.99
N LEU H 428 -65.46 4.11 -4.02
CA LEU H 428 -65.38 4.79 -2.74
C LEU H 428 -64.41 5.95 -2.83
N LYS H 429 -64.90 7.15 -2.55
CA LYS H 429 -64.10 8.37 -2.69
C LYS H 429 -64.05 9.13 -1.37
N VAL H 430 -62.88 9.68 -1.07
CA VAL H 430 -62.67 10.51 0.11
C VAL H 430 -62.00 11.80 -0.34
N ASP H 431 -62.33 12.89 0.35
CA ASP H 431 -61.85 14.21 -0.03
C ASP H 431 -60.37 14.42 0.25
N ASN H 432 -59.73 13.54 1.02
CA ASN H 432 -58.33 13.68 1.39
C ASN H 432 -57.49 12.79 0.47
N ALA H 433 -56.43 13.37 -0.11
CA ALA H 433 -55.59 12.63 -1.04
C ALA H 433 -54.89 11.45 -0.36
N ASP H 434 -54.36 11.67 0.85
CA ASP H 434 -53.66 10.61 1.56
C ASP H 434 -54.60 9.48 1.95
N GLN H 435 -55.81 9.80 2.37
CA GLN H 435 -56.78 8.75 2.68
C GLN H 435 -57.15 7.94 1.45
N GLN H 436 -57.08 8.56 0.26
CA GLN H 436 -57.25 7.80 -0.97
C GLN H 436 -56.13 6.78 -1.16
N LEU H 437 -54.90 7.13 -0.76
CA LEU H 437 -53.81 6.16 -0.82
C LEU H 437 -54.08 4.96 0.08
N GLY H 438 -54.63 5.21 1.27
CA GLY H 438 -54.97 4.11 2.15
C GLY H 438 -56.01 3.18 1.55
N ILE H 439 -56.97 3.74 0.81
CA ILE H 439 -57.96 2.91 0.15
C ILE H 439 -57.32 2.09 -0.95
N ASP H 440 -56.42 2.69 -1.73
CA ASP H 440 -55.75 1.96 -2.80
C ASP H 440 -54.83 0.87 -2.25
N ILE H 441 -54.30 1.05 -1.05
CA ILE H 441 -53.48 0.02 -0.43
C ILE H 441 -54.31 -1.23 -0.16
N ILE H 442 -55.52 -1.04 0.38
CA ILE H 442 -56.39 -2.17 0.67
C ILE H 442 -56.84 -2.86 -0.61
N LYS H 443 -57.10 -2.10 -1.66
CA LYS H 443 -57.53 -2.70 -2.93
C LYS H 443 -56.47 -3.63 -3.48
N LYS H 444 -55.20 -3.21 -3.43
CA LYS H 444 -54.12 -4.08 -3.88
C LYS H 444 -53.96 -5.27 -2.94
N ALA H 445 -54.16 -5.07 -1.64
CA ALA H 445 -53.99 -6.16 -0.69
C ALA H 445 -55.04 -7.24 -0.89
N CYS H 446 -56.28 -6.83 -1.15
CA CYS H 446 -57.36 -7.82 -1.30
C CYS H 446 -57.13 -8.71 -2.51
N ARG H 447 -56.41 -8.20 -3.51
CA ARG H 447 -56.16 -8.96 -4.74
C ARG H 447 -54.84 -9.72 -4.71
N THR H 448 -54.13 -9.72 -3.60
CA THR H 448 -52.86 -10.43 -3.48
C THR H 448 -53.05 -11.93 -3.23
N PRO H 449 -53.93 -12.37 -2.31
CA PRO H 449 -54.03 -13.82 -2.06
C PRO H 449 -54.39 -14.63 -3.28
N ILE H 450 -55.23 -14.10 -4.17
CA ILE H 450 -55.58 -14.85 -5.38
C ILE H 450 -54.37 -14.98 -6.30
N ARG H 451 -53.55 -13.93 -6.37
CA ARG H 451 -52.36 -13.98 -7.20
C ARG H 451 -51.35 -14.99 -6.66
N GLN H 452 -51.21 -15.05 -5.33
CA GLN H 452 -50.28 -16.01 -4.72
C GLN H 452 -50.72 -17.45 -4.98
N ILE H 453 -52.03 -17.71 -4.90
CA ILE H 453 -52.52 -19.05 -5.16
C ILE H 453 -52.24 -19.46 -6.60
N ALA H 454 -52.49 -18.54 -7.54
CA ALA H 454 -52.21 -18.83 -8.95
C ALA H 454 -50.72 -19.04 -9.18
N ALA H 455 -49.88 -18.21 -8.55
CA ALA H 455 -48.44 -18.32 -8.73
C ALA H 455 -47.92 -19.64 -8.17
N ASN H 456 -48.43 -20.07 -7.02
CA ASN H 456 -47.97 -21.32 -6.42
C ASN H 456 -48.30 -22.51 -7.31
N SER H 457 -49.47 -22.50 -7.93
CA SER H 457 -49.87 -23.60 -8.80
C SER H 457 -49.13 -23.62 -10.13
N GLY H 458 -48.46 -22.53 -10.50
CA GLY H 458 -47.70 -22.46 -11.72
C GLY H 458 -48.29 -21.59 -12.81
N PHE H 459 -49.03 -20.54 -12.46
CA PHE H 459 -49.64 -19.64 -13.42
C PHE H 459 -49.24 -18.21 -13.11
N GLU H 460 -49.36 -17.34 -14.11
CA GLU H 460 -49.09 -15.92 -13.90
C GLU H 460 -50.22 -15.30 -13.09
N GLY H 461 -49.88 -14.67 -11.97
CA GLY H 461 -50.90 -14.16 -11.08
C GLY H 461 -51.71 -13.02 -11.67
N TYR H 462 -51.06 -12.11 -12.39
CA TYR H 462 -51.77 -10.95 -12.93
C TYR H 462 -52.68 -11.35 -14.08
N VAL H 463 -52.28 -12.35 -14.86
CA VAL H 463 -53.15 -12.85 -15.92
C VAL H 463 -54.39 -13.49 -15.33
N VAL H 464 -54.21 -14.30 -14.28
CA VAL H 464 -55.35 -14.94 -13.63
C VAL H 464 -56.27 -13.91 -13.02
N LEU H 465 -55.70 -12.90 -12.36
CA LEU H 465 -56.52 -11.87 -11.72
C LEU H 465 -57.35 -11.12 -12.75
N GLU H 466 -56.75 -10.80 -13.90
CA GLU H 466 -57.50 -10.09 -14.95
C GLU H 466 -58.65 -10.93 -15.46
N LYS H 467 -58.43 -12.24 -15.65
CA LYS H 467 -59.51 -13.10 -16.10
C LYS H 467 -60.64 -13.17 -15.08
N VAL H 468 -60.28 -13.26 -13.79
CA VAL H 468 -61.30 -13.34 -12.75
C VAL H 468 -62.10 -12.05 -12.68
N LEU H 469 -61.45 -10.90 -12.87
CA LEU H 469 -62.17 -9.63 -12.89
C LEU H 469 -63.15 -9.58 -14.05
N GLN H 470 -62.72 -10.04 -15.23
CA GLN H 470 -63.61 -10.04 -16.39
C GLN H 470 -64.78 -11.00 -16.17
N LEU H 471 -64.50 -12.18 -15.62
CA LEU H 471 -65.56 -13.17 -15.42
C LEU H 471 -66.60 -12.72 -14.40
N GLY H 472 -66.28 -11.71 -13.59
CA GLY H 472 -67.27 -11.17 -12.68
C GLY H 472 -68.42 -10.47 -13.39
N LYS H 473 -68.19 -10.00 -14.61
CA LYS H 473 -69.24 -9.35 -15.39
C LYS H 473 -69.86 -10.30 -16.40
N GLU H 474 -69.02 -11.02 -17.15
CA GLU H 474 -69.53 -11.93 -18.19
C GLU H 474 -70.32 -13.08 -17.59
N LYS H 475 -69.85 -13.68 -16.50
CA LYS H 475 -70.46 -14.89 -15.97
C LYS H 475 -71.18 -14.67 -14.65
N GLY H 476 -70.50 -14.14 -13.65
CA GLY H 476 -71.12 -13.91 -12.36
C GLY H 476 -70.08 -13.66 -11.29
N LYS H 477 -70.57 -13.33 -10.10
CA LYS H 477 -69.69 -13.01 -8.99
C LYS H 477 -68.88 -14.22 -8.54
N ASN H 478 -69.47 -15.41 -8.58
CA ASN H 478 -68.86 -16.60 -8.01
C ASN H 478 -67.79 -17.22 -8.89
N TRP H 479 -67.57 -16.68 -10.09
CA TRP H 479 -66.59 -17.27 -10.99
C TRP H 479 -65.18 -16.84 -10.61
N GLY H 480 -64.25 -17.79 -10.64
CA GLY H 480 -62.87 -17.53 -10.28
C GLY H 480 -61.91 -18.48 -10.96
N PHE H 481 -60.77 -18.75 -10.33
CA PHE H 481 -59.76 -19.65 -10.86
C PHE H 481 -59.63 -20.87 -9.95
N ASP H 482 -59.75 -22.05 -10.53
CA ASP H 482 -59.57 -23.31 -9.81
C ASP H 482 -58.12 -23.75 -9.96
N ALA H 483 -57.30 -23.47 -8.95
CA ALA H 483 -55.88 -23.80 -9.03
C ALA H 483 -55.64 -25.31 -8.97
N GLY H 484 -56.63 -26.09 -8.55
CA GLY H 484 -56.44 -27.53 -8.47
C GLY H 484 -56.25 -28.18 -9.83
N VAL H 485 -56.96 -27.71 -10.85
CA VAL H 485 -56.89 -28.30 -12.18
C VAL H 485 -56.46 -27.25 -13.20
N GLY H 486 -56.59 -25.98 -12.85
CA GLY H 486 -56.09 -24.91 -13.67
C GLY H 486 -57.04 -24.34 -14.69
N ASP H 487 -58.33 -24.21 -14.38
CA ASP H 487 -59.27 -23.58 -15.29
C ASP H 487 -60.29 -22.79 -14.48
N TYR H 488 -60.97 -21.87 -15.16
CA TYR H 488 -61.92 -20.98 -14.52
C TYR H 488 -63.31 -21.62 -14.49
N LYS H 489 -63.94 -21.56 -13.33
CA LYS H 489 -65.26 -22.15 -13.15
C LYS H 489 -65.95 -21.46 -11.98
N ASP H 490 -67.20 -21.86 -11.74
CA ASP H 490 -67.97 -21.34 -10.61
C ASP H 490 -67.53 -22.04 -9.33
N MET H 491 -67.04 -21.26 -8.36
CA MET H 491 -66.49 -21.84 -7.14
C MET H 491 -67.59 -22.40 -6.23
N VAL H 492 -68.72 -21.71 -6.14
CA VAL H 492 -69.80 -22.21 -5.30
C VAL H 492 -70.33 -23.53 -5.82
N GLU H 493 -70.48 -23.64 -7.15
CA GLU H 493 -70.90 -24.91 -7.74
C GLU H 493 -69.81 -25.97 -7.57
N ALA H 494 -68.55 -25.60 -7.77
CA ALA H 494 -67.46 -26.56 -7.68
C ALA H 494 -67.16 -26.98 -6.26
N GLY H 495 -67.73 -26.30 -5.27
CA GLY H 495 -67.44 -26.61 -3.88
C GLY H 495 -66.20 -25.95 -3.32
N ILE H 496 -65.58 -25.05 -4.07
CA ILE H 496 -64.40 -24.31 -3.59
C ILE H 496 -64.95 -23.08 -2.87
N ILE H 497 -65.30 -23.26 -1.60
CA ILE H 497 -65.91 -22.23 -0.80
C ILE H 497 -65.18 -22.15 0.54
N ASP H 498 -65.26 -20.98 1.17
CA ASP H 498 -64.64 -20.72 2.46
C ASP H 498 -65.67 -20.15 3.42
N PRO H 499 -65.51 -20.41 4.72
CA PRO H 499 -66.37 -19.73 5.70
C PRO H 499 -66.19 -18.22 5.59
N THR H 500 -67.31 -17.49 5.68
CA THR H 500 -67.22 -16.05 5.49
C THR H 500 -66.61 -15.36 6.70
N LYS H 501 -66.58 -16.04 7.85
CA LYS H 501 -65.86 -15.50 9.00
C LYS H 501 -64.36 -15.52 8.75
N VAL H 502 -63.87 -16.55 8.07
CA VAL H 502 -62.43 -16.65 7.79
C VAL H 502 -61.97 -15.46 6.96
N VAL H 503 -62.71 -15.14 5.90
CA VAL H 503 -62.35 -14.00 5.06
C VAL H 503 -62.51 -12.70 5.82
N ARG H 504 -63.58 -12.57 6.61
CA ARG H 504 -63.82 -11.34 7.35
C ARG H 504 -62.74 -11.09 8.40
N VAL H 505 -62.43 -12.12 9.21
CA VAL H 505 -61.49 -11.94 10.30
C VAL H 505 -60.08 -11.70 9.77
N ALA H 506 -59.71 -12.40 8.69
CA ALA H 506 -58.35 -12.31 8.18
C ALA H 506 -58.01 -10.90 7.72
N ILE H 507 -58.91 -10.27 6.97
CA ILE H 507 -58.65 -8.92 6.48
C ILE H 507 -58.69 -7.92 7.63
N GLN H 508 -59.60 -8.11 8.59
CA GLN H 508 -59.67 -7.22 9.74
C GLN H 508 -58.41 -7.35 10.61
N ASN H 509 -57.98 -8.59 10.85
CA ASN H 509 -56.80 -8.81 11.69
C ASN H 509 -55.54 -8.30 11.01
N ALA H 510 -55.38 -8.59 9.71
CA ALA H 510 -54.18 -8.17 9.00
C ALA H 510 -54.05 -6.65 8.96
N ALA H 511 -55.17 -5.96 8.73
CA ALA H 511 -55.12 -4.50 8.67
C ALA H 511 -54.83 -3.89 10.03
N SER H 512 -55.21 -4.57 11.11
CA SER H 512 -54.95 -4.03 12.44
C SER H 512 -53.47 -4.07 12.78
N VAL H 513 -52.81 -5.22 12.55
CA VAL H 513 -51.39 -5.32 12.86
C VAL H 513 -50.56 -4.47 11.90
N ALA H 514 -50.96 -4.41 10.63
CA ALA H 514 -50.23 -3.60 9.67
C ALA H 514 -50.31 -2.12 10.03
N GLY H 515 -51.50 -1.65 10.44
CA GLY H 515 -51.62 -0.27 10.87
C GLY H 515 -50.82 0.03 12.12
N THR H 516 -50.74 -0.94 13.03
CA THR H 516 -49.95 -0.75 14.25
C THR H 516 -48.48 -0.55 13.92
N MET H 517 -47.93 -1.36 13.02
CA MET H 517 -46.52 -1.26 12.68
C MET H 517 -46.23 -0.08 11.77
N LEU H 518 -47.23 0.45 11.07
CA LEU H 518 -47.00 1.61 10.23
C LEU H 518 -46.71 2.86 11.03
N THR H 519 -47.27 2.95 12.25
CA THR H 519 -47.06 4.11 13.10
C THR H 519 -46.17 3.79 14.30
N ALA H 520 -45.49 2.65 14.30
CA ALA H 520 -44.54 2.35 15.36
C ALA H 520 -43.35 3.29 15.26
N GLU H 521 -43.00 3.92 16.37
CA GLU H 521 -41.96 4.92 16.38
C GLU H 521 -40.69 4.50 17.12
N ALA H 522 -40.76 3.48 17.98
CA ALA H 522 -39.61 3.06 18.75
C ALA H 522 -39.70 1.57 19.04
N LEU H 523 -38.54 0.92 19.06
CA LEU H 523 -38.42 -0.49 19.44
C LEU H 523 -37.42 -0.59 20.58
N VAL H 524 -37.82 -1.25 21.67
CA VAL H 524 -36.99 -1.39 22.86
C VAL H 524 -36.69 -2.86 23.06
N ALA H 525 -35.40 -3.19 23.12
CA ALA H 525 -34.97 -4.57 23.32
C ALA H 525 -33.64 -4.59 24.04
N GLU H 526 -33.39 -5.68 24.76
CA GLU H 526 -32.13 -5.84 25.47
C GLU H 526 -31.00 -6.14 24.49
N ILE H 527 -29.81 -5.65 24.81
CA ILE H 527 -28.62 -6.03 24.02
C ILE H 527 -28.29 -7.49 24.29
N PRO H 528 -28.14 -8.32 23.26
CA PRO H 528 -27.85 -9.74 23.49
C PRO H 528 -26.53 -9.93 24.21
N GLU H 529 -26.50 -10.96 25.05
CA GLU H 529 -25.34 -11.25 25.90
C GLU H 529 -24.95 -10.06 26.75
N ARG I 1 11.04 81.12 -67.40
CA ARG I 1 11.95 81.15 -66.26
C ARG I 1 13.07 80.12 -66.41
N LEU I 2 12.71 78.85 -66.40
CA LEU I 2 13.69 77.78 -66.50
C LEU I 2 14.03 77.53 -67.97
N ARG I 3 15.32 77.47 -68.26
CA ARG I 3 15.80 77.21 -69.62
C ARG I 3 16.79 76.06 -69.60
N PRO I 4 16.55 75.01 -70.39
CA PRO I 4 17.45 73.86 -70.37
C PRO I 4 18.75 74.14 -71.12
N LEU I 5 19.71 73.24 -70.93
CA LEU I 5 21.02 73.33 -71.56
C LEU I 5 21.21 72.17 -72.54
N TYR I 6 21.79 72.48 -73.69
CA TYR I 6 22.08 71.51 -74.76
C TYR I 6 20.77 70.82 -75.16
N ASP I 7 20.71 69.49 -75.16
CA ASP I 7 19.57 68.75 -75.69
C ASP I 7 18.44 68.58 -74.68
N LYS I 8 18.59 69.11 -73.46
CA LYS I 8 17.56 68.96 -72.45
C LYS I 8 16.30 69.72 -72.83
N ILE I 9 15.16 69.17 -72.43
CA ILE I 9 13.86 69.81 -72.62
C ILE I 9 13.14 69.79 -71.27
N VAL I 10 12.26 70.76 -71.06
CA VAL I 10 11.44 70.84 -69.85
C VAL I 10 9.98 70.68 -70.25
N VAL I 11 9.31 69.71 -69.64
CA VAL I 11 7.95 69.32 -70.03
C VAL I 11 7.08 69.16 -68.78
N LYS I 12 5.85 69.63 -68.89
CA LYS I 12 4.83 69.44 -67.86
C LYS I 12 4.05 68.17 -68.17
N ARG I 13 3.52 67.52 -67.13
CA ARG I 13 2.64 66.39 -67.34
C ARG I 13 1.27 66.87 -67.83
N MET I 14 0.37 65.91 -68.04
CA MET I 14 -0.99 66.22 -68.43
C MET I 14 -1.91 66.41 -67.23
N GLU I 15 -1.40 66.20 -66.01
CA GLU I 15 -2.14 66.41 -64.77
C GLU I 15 -3.28 65.40 -64.60
N GLU I 16 -3.65 65.13 -63.35
CA GLU I 16 -4.76 64.23 -63.06
C GLU I 16 -6.03 64.87 -63.60
N GLN I 17 -6.75 64.13 -64.45
CA GLN I 17 -7.87 64.67 -65.21
C GLN I 17 -9.16 63.90 -64.98
N GLU I 18 -9.27 63.16 -63.87
CA GLU I 18 -10.43 62.32 -63.59
C GLU I 18 -10.59 61.30 -64.73
N GLN I 19 -9.62 60.39 -64.78
CA GLN I 19 -9.57 59.40 -65.86
C GLN I 19 -10.81 58.52 -65.86
N LYS I 20 -11.38 58.30 -67.04
CA LYS I 20 -12.53 57.44 -67.20
C LYS I 20 -12.58 56.94 -68.63
N THR I 21 -13.08 55.71 -68.79
CA THR I 21 -13.19 55.11 -70.11
C THR I 21 -14.24 55.86 -70.94
N PRO I 22 -14.15 55.78 -72.27
CA PRO I 22 -15.17 56.42 -73.10
C PRO I 22 -16.57 55.85 -72.88
N SER I 23 -16.68 54.63 -72.36
CA SER I 23 -17.97 54.03 -72.05
C SER I 23 -18.55 54.51 -70.73
N GLY I 24 -17.82 55.31 -69.96
CA GLY I 24 -18.32 55.84 -68.72
C GLY I 24 -17.83 55.15 -67.46
N ILE I 25 -16.90 54.21 -67.58
CA ILE I 25 -16.36 53.52 -66.41
C ILE I 25 -15.23 54.37 -65.82
N ILE I 26 -15.34 54.70 -64.54
CA ILE I 26 -14.36 55.54 -63.86
C ILE I 26 -13.38 54.65 -63.11
N ILE I 27 -12.09 54.90 -63.33
CA ILE I 27 -11.02 54.16 -62.69
C ILE I 27 -10.59 54.93 -61.43
N PRO I 28 -10.51 54.30 -60.27
CA PRO I 28 -10.04 55.00 -59.08
C PRO I 28 -8.58 55.39 -59.19
N ASP I 29 -8.21 56.45 -58.46
CA ASP I 29 -6.85 56.96 -58.51
C ASP I 29 -5.83 55.94 -58.01
N THR I 30 -6.24 54.98 -57.19
CA THR I 30 -5.34 53.95 -56.71
C THR I 30 -4.93 52.96 -57.78
N ALA I 31 -5.57 53.01 -58.96
CA ALA I 31 -5.26 52.04 -60.02
C ALA I 31 -4.97 52.72 -61.36
N LYS I 32 -4.44 53.93 -61.36
CA LYS I 32 -4.06 54.62 -62.59
C LYS I 32 -2.65 55.17 -62.45
N GLU I 33 -1.94 55.24 -63.57
CA GLU I 33 -0.57 55.71 -63.62
C GLU I 33 -0.52 57.15 -64.10
N LYS I 34 0.53 57.86 -63.68
CA LYS I 34 0.71 59.24 -64.10
C LYS I 34 0.74 59.32 -65.63
N PRO I 35 0.08 60.31 -66.23
CA PRO I 35 -0.02 60.36 -67.69
C PRO I 35 1.35 60.47 -68.35
N GLN I 36 1.49 59.79 -69.48
CA GLN I 36 2.73 59.87 -70.27
C GLN I 36 2.72 61.03 -71.25
N ILE I 37 1.64 61.80 -71.32
CA ILE I 37 1.49 62.88 -72.28
C ILE I 37 1.89 64.20 -71.63
N GLY I 38 2.69 64.99 -72.34
CA GLY I 38 3.11 66.28 -71.83
C GLY I 38 3.49 67.21 -72.95
N GLU I 39 3.54 68.50 -72.60
CA GLU I 39 3.86 69.55 -73.57
C GLU I 39 5.07 70.33 -73.06
N VAL I 40 5.78 70.94 -74.01
CA VAL I 40 7.09 71.54 -73.77
C VAL I 40 6.92 72.97 -73.27
N ILE I 41 7.65 73.33 -72.22
CA ILE I 41 7.68 74.71 -71.76
C ILE I 41 8.83 75.46 -72.42
N ALA I 42 10.01 74.85 -72.51
CA ALA I 42 11.17 75.47 -73.12
C ALA I 42 12.03 74.41 -73.76
N VAL I 43 12.85 74.82 -74.73
CA VAL I 43 13.68 73.92 -75.51
C VAL I 43 15.13 74.37 -75.40
N GLY I 44 16.04 73.42 -75.23
CA GLY I 44 17.45 73.71 -75.16
C GLY I 44 18.06 73.94 -76.52
N ASP I 45 19.40 74.05 -76.53
CA ASP I 45 20.11 74.36 -77.76
C ASP I 45 20.23 73.16 -78.69
N GLY I 46 20.32 71.95 -78.14
CA GLY I 46 20.42 70.74 -78.93
C GLY I 46 21.62 69.89 -78.54
N LYS I 47 21.72 68.75 -79.23
CA LYS I 47 22.77 67.79 -78.92
C LYS I 47 24.13 68.32 -79.28
N LEU I 48 25.15 67.87 -78.55
CA LEU I 48 26.54 68.20 -78.85
C LEU I 48 27.16 67.05 -79.63
N LEU I 49 27.32 67.24 -80.94
CA LEU I 49 27.92 66.21 -81.77
C LEU I 49 29.40 66.06 -81.45
N SER I 50 29.97 64.94 -81.89
CA SER I 50 31.39 64.67 -81.63
C SER I 50 32.30 65.71 -82.27
N ASN I 51 31.87 66.33 -83.37
CA ASN I 51 32.65 67.39 -84.01
C ASN I 51 32.33 68.78 -83.46
N GLY I 52 31.41 68.88 -82.51
CA GLY I 52 31.06 70.15 -81.91
C GLY I 52 29.83 70.82 -82.50
N GLN I 53 29.30 70.29 -83.59
CA GLN I 53 28.13 70.89 -84.21
C GLN I 53 26.89 70.73 -83.31
N ILE I 54 25.97 71.67 -83.45
CA ILE I 54 24.78 71.74 -82.60
C ILE I 54 23.58 71.51 -83.51
N VAL I 55 22.97 70.33 -83.41
CA VAL I 55 21.76 70.04 -84.17
C VAL I 55 20.57 70.75 -83.53
N SER I 56 19.78 71.43 -84.34
CA SER I 56 18.60 72.11 -83.83
C SER I 56 17.59 71.09 -83.33
N PRO I 57 17.08 71.24 -82.11
CA PRO I 57 16.09 70.29 -81.60
C PRO I 57 14.85 70.27 -82.48
N LYS I 58 14.30 69.07 -82.69
CA LYS I 58 13.13 68.90 -83.54
C LYS I 58 11.82 69.10 -82.79
N VAL I 59 11.86 69.19 -81.46
CA VAL I 59 10.65 69.43 -80.70
C VAL I 59 10.30 70.92 -80.74
N LYS I 60 9.03 71.23 -80.53
CA LYS I 60 8.54 72.61 -80.53
C LYS I 60 7.83 72.89 -79.21
N LYS I 61 7.67 74.17 -78.90
CA LYS I 61 7.03 74.58 -77.66
C LYS I 61 5.57 74.15 -77.60
N GLY I 62 4.86 74.30 -78.72
CA GLY I 62 3.43 74.08 -78.75
C GLY I 62 2.94 72.66 -78.93
N ASP I 63 3.83 71.72 -79.24
CA ASP I 63 3.39 70.35 -79.45
C ASP I 63 3.28 69.60 -78.12
N LYS I 64 2.94 68.32 -78.21
CA LYS I 64 2.87 67.45 -77.05
C LYS I 64 3.65 66.17 -77.34
N VAL I 65 4.33 65.66 -76.31
CA VAL I 65 5.23 64.51 -76.46
C VAL I 65 4.89 63.47 -75.40
N VAL I 66 5.43 62.27 -75.59
CA VAL I 66 5.17 61.14 -74.71
C VAL I 66 6.50 60.61 -74.17
N PHE I 67 6.55 60.36 -72.87
CA PHE I 67 7.73 59.80 -72.24
C PHE I 67 7.62 58.28 -72.20
N ASN I 68 8.79 57.62 -72.12
CA ASN I 68 8.78 56.16 -72.22
C ASN I 68 8.02 55.50 -71.06
N LYS I 69 8.59 55.46 -69.87
CA LYS I 69 7.79 55.21 -68.68
C LYS I 69 8.14 56.19 -67.56
N TYR I 70 9.43 56.32 -67.25
CA TYR I 70 9.86 57.04 -66.06
C TYR I 70 10.73 58.24 -66.41
N ALA I 71 10.61 58.73 -67.64
CA ALA I 71 11.42 59.86 -68.06
C ALA I 71 11.07 61.10 -67.26
N GLY I 72 12.02 62.02 -67.18
CA GLY I 72 11.88 63.20 -66.33
C GLY I 72 12.76 63.11 -65.08
N THR I 73 12.88 64.26 -64.42
CA THR I 73 13.73 64.38 -63.25
C THR I 73 12.96 65.14 -62.15
N GLU I 74 11.70 65.45 -62.44
CA GLU I 74 10.81 66.12 -61.49
C GLU I 74 11.45 67.37 -60.86
N VAL I 75 11.73 68.37 -61.68
CA VAL I 75 12.19 69.66 -61.20
C VAL I 75 10.99 70.42 -60.64
N GLU I 76 11.23 71.33 -59.71
CA GLU I 76 10.17 72.07 -59.07
C GLU I 76 10.51 73.56 -59.07
N LEU I 77 9.49 74.40 -59.19
CA LEU I 77 9.69 75.84 -59.29
C LEU I 77 8.50 76.53 -58.63
N ASP I 78 8.78 77.23 -57.53
CA ASP I 78 7.78 77.97 -56.73
C ASP I 78 6.45 77.24 -56.62
N GLY I 79 6.50 75.96 -56.27
CA GLY I 79 5.30 75.18 -56.09
C GLY I 79 4.83 74.44 -57.32
N GLU I 80 5.24 74.88 -58.51
CA GLU I 80 4.91 74.16 -59.72
C GLU I 80 6.04 73.20 -60.08
N LYS I 81 5.69 72.05 -60.62
CA LYS I 81 6.65 70.99 -60.87
C LYS I 81 6.64 70.63 -62.36
N TYR I 82 7.83 70.41 -62.89
CA TYR I 82 8.02 69.97 -64.27
C TYR I 82 8.97 68.78 -64.27
N LEU I 83 8.92 68.01 -65.35
CA LEU I 83 9.91 66.98 -65.60
C LEU I 83 10.81 67.43 -66.75
N ILE I 84 12.08 67.67 -66.45
CA ILE I 84 13.04 67.98 -67.50
C ILE I 84 13.43 66.69 -68.21
N MET I 85 13.43 66.73 -69.53
CA MET I 85 13.25 65.53 -70.31
C MET I 85 14.18 65.62 -71.51
N SER I 86 14.79 64.49 -71.87
CA SER I 86 15.85 64.45 -72.86
C SER I 86 15.27 64.17 -74.25
N GLU I 87 15.88 64.78 -75.26
CA GLU I 87 15.40 64.62 -76.64
C GLU I 87 15.52 63.18 -77.13
N ASP I 88 16.66 62.55 -76.85
CA ASP I 88 16.92 61.21 -77.35
C ASP I 88 16.07 60.15 -76.67
N GLU I 89 15.44 60.47 -75.54
CA GLU I 89 14.53 59.55 -74.88
C GLU I 89 13.06 59.85 -75.14
N VAL I 90 12.75 60.77 -76.05
CA VAL I 90 11.38 61.00 -76.47
C VAL I 90 10.92 59.86 -77.35
N LEU I 91 9.73 59.32 -77.04
CA LEU I 91 9.16 58.27 -77.88
C LEU I 91 8.66 58.84 -79.21
N ALA I 92 7.81 59.86 -79.15
CA ALA I 92 7.21 60.43 -80.34
C ALA I 92 6.61 61.79 -79.98
N VAL I 93 6.10 62.48 -80.99
CA VAL I 93 5.46 63.78 -80.82
C VAL I 93 4.09 63.72 -81.47
N ILE I 94 3.15 64.49 -80.91
CA ILE I 94 1.74 64.56 -81.33
C ILE I 94 1.22 63.26 -81.91
N ALA J 2 -17.60 1.19 -17.44
CA ALA J 2 -18.65 0.37 -16.86
C ALA J 2 -19.79 1.23 -16.32
N LYS J 3 -21.00 0.92 -16.75
CA LYS J 3 -22.19 1.66 -16.36
C LYS J 3 -23.02 0.85 -15.37
N LYS J 4 -23.84 1.56 -14.61
CA LYS J 4 -24.85 0.94 -13.76
C LYS J 4 -26.17 1.68 -13.96
N VAL J 5 -27.25 0.92 -14.07
CA VAL J 5 -28.58 1.46 -14.33
C VAL J 5 -29.47 1.16 -13.14
N ILE J 6 -30.16 2.18 -12.65
CA ILE J 6 -31.12 2.04 -11.56
C ILE J 6 -32.48 2.50 -12.06
N TYR J 7 -33.54 1.91 -11.49
CA TYR J 7 -34.88 2.05 -12.04
C TYR J 7 -35.88 2.46 -10.95
N GLY J 8 -36.98 3.05 -11.41
CA GLY J 8 -38.16 3.19 -10.57
C GLY J 8 -37.93 4.04 -9.33
N GLU J 9 -38.40 3.51 -8.19
CA GLU J 9 -38.37 4.28 -6.95
C GLU J 9 -36.94 4.62 -6.55
N ASP J 10 -36.01 3.69 -6.76
CA ASP J 10 -34.61 3.96 -6.43
C ASP J 10 -34.07 5.12 -7.26
N ALA J 11 -34.41 5.16 -8.55
CA ALA J 11 -33.95 6.23 -9.41
C ALA J 11 -34.49 7.58 -8.96
N ARG J 12 -35.78 7.64 -8.65
CA ARG J 12 -36.39 8.90 -8.24
C ARG J 12 -35.90 9.33 -6.86
N ALA J 13 -35.58 8.37 -5.99
CA ALA J 13 -35.05 8.71 -4.68
C ALA J 13 -33.69 9.42 -4.80
N ARG J 14 -32.84 8.95 -5.72
CA ARG J 14 -31.55 9.61 -5.93
C ARG J 14 -31.74 11.02 -6.46
N LEU J 15 -32.65 11.18 -7.44
CA LEU J 15 -32.87 12.49 -8.02
C LEU J 15 -33.43 13.46 -6.98
N LYS J 16 -34.37 13.00 -6.16
CA LYS J 16 -34.96 13.87 -5.15
C LYS J 16 -33.92 14.33 -4.14
N ALA J 17 -33.02 13.42 -3.74
CA ALA J 17 -31.98 13.78 -2.80
C ALA J 17 -31.04 14.83 -3.39
N GLY J 18 -30.68 14.68 -4.66
CA GLY J 18 -29.82 15.66 -5.30
C GLY J 18 -30.48 17.02 -5.44
N VAL J 19 -31.75 17.02 -5.84
CA VAL J 19 -32.47 18.28 -6.01
C VAL J 19 -32.62 19.00 -4.68
N ASP J 20 -32.98 18.25 -3.63
CA ASP J 20 -33.21 18.87 -2.33
C ASP J 20 -31.94 19.47 -1.76
N LYS J 21 -30.82 18.76 -1.88
CA LYS J 21 -29.57 19.27 -1.33
C LYS J 21 -29.11 20.54 -2.04
N LEU J 22 -29.35 20.63 -3.36
CA LEU J 22 -29.05 21.88 -4.06
C LEU J 22 -30.03 22.98 -3.67
N ALA J 23 -31.32 22.66 -3.62
CA ALA J 23 -32.32 23.68 -3.33
C ALA J 23 -32.24 24.19 -1.91
N ASN J 24 -31.87 23.33 -0.96
CA ASN J 24 -31.77 23.76 0.43
C ASN J 24 -30.67 24.81 0.62
N ALA J 25 -29.59 24.71 -0.16
CA ALA J 25 -28.51 25.68 -0.04
C ALA J 25 -28.91 27.03 -0.63
N VAL J 26 -29.73 27.01 -1.69
CA VAL J 26 -30.09 28.25 -2.37
C VAL J 26 -31.23 28.96 -1.66
N LYS J 27 -32.19 28.21 -1.14
CA LYS J 27 -33.41 28.82 -0.60
C LYS J 27 -33.16 29.65 0.65
N VAL J 28 -31.99 29.52 1.29
CA VAL J 28 -31.70 30.33 2.47
C VAL J 28 -31.48 31.79 2.10
N THR J 29 -31.27 32.09 0.82
CA THR J 29 -31.03 33.45 0.39
C THR J 29 -32.30 34.16 -0.09
N LEU J 30 -33.45 33.53 0.03
CA LEU J 30 -34.68 34.09 -0.52
C LEU J 30 -35.31 35.09 0.43
N GLY J 31 -35.79 36.20 -0.12
CA GLY J 31 -36.54 37.18 0.64
C GLY J 31 -35.68 38.34 1.14
N PRO J 32 -36.32 39.30 1.80
CA PRO J 32 -35.57 40.44 2.34
C PRO J 32 -34.78 40.06 3.58
N ARG J 33 -35.23 39.03 4.28
CA ARG J 33 -34.52 38.50 5.44
C ARG J 33 -33.72 37.25 5.12
N GLY J 34 -33.54 36.94 3.84
CA GLY J 34 -32.69 35.83 3.49
C GLY J 34 -31.24 36.12 3.84
N ARG J 35 -30.49 35.07 4.11
CA ARG J 35 -29.11 35.20 4.54
C ARG J 35 -28.16 34.77 3.43
N GLU J 36 -26.87 35.05 3.63
CA GLU J 36 -25.89 34.87 2.58
C GLU J 36 -25.17 33.54 2.73
N VAL J 37 -24.44 33.16 1.69
CA VAL J 37 -23.69 31.91 1.63
C VAL J 37 -22.25 32.25 1.29
N ILE J 38 -21.31 31.69 2.05
CA ILE J 38 -19.89 31.85 1.79
C ILE J 38 -19.40 30.65 0.99
N ILE J 39 -18.78 30.93 -0.16
CA ILE J 39 -18.33 29.89 -1.09
C ILE J 39 -16.81 29.84 -1.06
N GLU J 40 -16.27 28.65 -0.84
CA GLU J 40 -14.83 28.48 -0.79
C GLU J 40 -14.22 28.69 -2.17
N LYS J 41 -13.13 29.45 -2.22
CA LYS J 41 -12.34 29.63 -3.43
C LYS J 41 -10.95 29.07 -3.19
N LYS J 42 -10.46 28.27 -4.15
CA LYS J 42 -9.17 27.62 -3.97
C LYS J 42 -8.03 28.61 -3.86
N TRP J 43 -8.15 29.77 -4.51
CA TRP J 43 -7.18 30.85 -4.38
C TRP J 43 -7.86 32.09 -3.82
N GLY J 44 -7.26 32.68 -2.80
CA GLY J 44 -7.71 33.95 -2.30
C GLY J 44 -8.90 33.87 -1.34
N THR J 45 -9.53 35.01 -1.15
CA THR J 45 -10.61 35.15 -0.19
C THR J 45 -11.85 34.36 -0.65
N PRO J 46 -12.59 33.77 0.30
CA PRO J 46 -13.88 33.17 -0.06
C PRO J 46 -14.88 34.22 -0.50
N VAL J 47 -15.91 33.81 -1.23
CA VAL J 47 -16.90 34.73 -1.78
C VAL J 47 -18.17 34.65 -0.92
N VAL J 48 -18.59 35.80 -0.41
CA VAL J 48 -19.86 35.93 0.30
C VAL J 48 -20.89 36.48 -0.68
N THR J 49 -21.98 35.76 -0.87
CA THR J 49 -22.94 36.13 -1.90
C THR J 49 -24.35 35.79 -1.47
N LYS J 50 -25.32 36.45 -2.10
CA LYS J 50 -26.72 36.15 -1.94
C LYS J 50 -27.38 35.71 -3.24
N ASP J 51 -26.61 35.59 -4.32
CA ASP J 51 -27.16 35.22 -5.61
C ASP J 51 -27.52 33.73 -5.62
N GLY J 52 -28.71 33.41 -6.11
CA GLY J 52 -29.10 32.02 -6.22
C GLY J 52 -28.29 31.26 -7.25
N VAL J 53 -28.01 31.90 -8.39
CA VAL J 53 -27.28 31.23 -9.46
C VAL J 53 -25.83 31.01 -9.05
N THR J 54 -25.24 31.95 -8.31
CA THR J 54 -23.85 31.81 -7.91
C THR J 54 -23.67 30.63 -6.97
N VAL J 55 -24.59 30.46 -6.02
CA VAL J 55 -24.51 29.32 -5.10
C VAL J 55 -24.74 28.02 -5.86
N ALA J 56 -25.70 28.02 -6.79
CA ALA J 56 -26.05 26.79 -7.51
C ALA J 56 -24.90 26.30 -8.36
N LYS J 57 -24.18 27.23 -9.00
CA LYS J 57 -23.15 26.83 -9.96
C LYS J 57 -22.00 26.08 -9.31
N GLU J 58 -21.76 26.30 -8.01
CA GLU J 58 -20.67 25.64 -7.33
C GLU J 58 -21.04 24.27 -6.77
N ILE J 59 -22.32 23.91 -6.78
CA ILE J 59 -22.78 22.71 -6.11
C ILE J 59 -22.49 21.49 -6.98
N GLU J 60 -21.90 20.46 -6.37
CA GLU J 60 -21.61 19.20 -7.04
C GLU J 60 -21.47 18.13 -5.96
N PHE J 61 -21.96 16.93 -6.25
CA PHE J 61 -22.05 15.88 -5.25
C PHE J 61 -21.29 14.64 -5.69
N LYS J 62 -20.91 13.81 -4.70
CA LYS J 62 -20.10 12.64 -4.98
C LYS J 62 -20.92 11.53 -5.63
N ASP J 63 -22.15 11.32 -5.17
CA ASP J 63 -22.99 10.27 -5.72
C ASP J 63 -23.32 10.59 -7.16
N PRO J 64 -23.02 9.70 -8.11
CA PRO J 64 -23.28 10.02 -9.53
C PRO J 64 -24.75 10.18 -9.85
N TYR J 65 -25.64 9.56 -9.10
CA TYR J 65 -27.08 9.67 -9.38
C TYR J 65 -27.70 10.89 -8.72
N GLU J 66 -27.27 11.21 -7.50
CA GLU J 66 -27.71 12.46 -6.88
C GLU J 66 -27.16 13.67 -7.63
N ASN J 67 -26.00 13.52 -8.27
CA ASN J 67 -25.39 14.63 -8.98
C ASN J 67 -26.22 15.07 -10.17
N MET J 68 -26.78 14.11 -10.93
CA MET J 68 -27.60 14.49 -12.09
C MET J 68 -28.82 15.27 -11.66
N GLY J 69 -29.39 14.95 -10.49
CA GLY J 69 -30.47 15.76 -9.98
C GLY J 69 -30.04 17.19 -9.73
N ALA J 70 -28.84 17.38 -9.19
CA ALA J 70 -28.33 18.73 -8.96
C ALA J 70 -27.98 19.43 -10.26
N GLN J 71 -27.36 18.70 -11.19
CA GLN J 71 -26.92 19.32 -12.44
C GLN J 71 -28.09 19.77 -13.29
N LEU J 72 -29.21 19.04 -13.25
CA LEU J 72 -30.36 19.41 -14.05
C LEU J 72 -31.04 20.66 -13.50
N VAL J 73 -31.19 20.74 -12.18
CA VAL J 73 -31.81 21.91 -11.56
C VAL J 73 -30.90 23.13 -11.66
N LYS J 74 -29.58 22.93 -11.69
CA LYS J 74 -28.67 24.06 -11.91
C LYS J 74 -28.97 24.77 -13.22
N GLU J 75 -29.52 24.05 -14.20
CA GLU J 75 -29.87 24.66 -15.47
C GLU J 75 -31.02 25.65 -15.31
N VAL J 76 -31.90 25.42 -14.34
CA VAL J 76 -33.00 26.34 -14.10
C VAL J 76 -32.46 27.70 -13.68
N ALA J 77 -31.52 27.72 -12.73
CA ALA J 77 -30.94 28.98 -12.28
C ALA J 77 -30.06 29.59 -13.36
N SER J 78 -29.35 28.76 -14.12
CA SER J 78 -28.47 29.28 -15.16
C SER J 78 -29.26 29.96 -16.28
N LYS J 79 -30.33 29.31 -16.75
CA LYS J 79 -31.12 29.89 -17.82
C LYS J 79 -31.82 31.17 -17.37
N THR J 80 -32.31 31.19 -16.13
CA THR J 80 -32.99 32.38 -15.62
C THR J 80 -32.04 33.57 -15.56
N SER J 81 -30.79 33.33 -15.13
CA SER J 81 -29.82 34.41 -15.07
C SER J 81 -29.50 34.94 -16.46
N ASP J 82 -29.37 34.04 -17.45
CA ASP J 82 -29.06 34.47 -18.81
C ASP J 82 -30.20 35.29 -19.40
N VAL J 83 -31.44 34.89 -19.15
CA VAL J 83 -32.57 35.54 -19.79
C VAL J 83 -33.05 36.78 -19.05
N ALA J 84 -33.19 36.70 -17.72
CA ALA J 84 -33.75 37.82 -16.97
C ALA J 84 -32.72 38.49 -16.08
N GLY J 85 -31.72 37.73 -15.62
CA GLY J 85 -30.73 38.28 -14.73
C GLY J 85 -31.16 38.40 -13.29
N ASP J 86 -32.35 37.92 -12.96
CA ASP J 86 -32.89 38.00 -11.60
C ASP J 86 -33.91 36.89 -11.44
N GLY J 87 -34.27 36.62 -10.19
CA GLY J 87 -35.23 35.57 -9.90
C GLY J 87 -34.67 34.17 -9.95
N THR J 88 -33.36 34.00 -9.84
CA THR J 88 -32.76 32.67 -9.91
C THR J 88 -33.11 31.83 -8.69
N THR J 89 -33.21 32.45 -7.51
CA THR J 89 -33.60 31.71 -6.32
C THR J 89 -35.06 31.28 -6.39
N THR J 90 -35.92 32.16 -6.90
CA THR J 90 -37.32 31.81 -7.06
C THR J 90 -37.49 30.65 -8.04
N ALA J 91 -36.74 30.67 -9.13
CA ALA J 91 -36.81 29.59 -10.11
C ALA J 91 -36.37 28.26 -9.50
N THR J 92 -35.30 28.28 -8.70
CA THR J 92 -34.86 27.06 -8.06
C THR J 92 -35.88 26.54 -7.05
N VAL J 93 -36.51 27.44 -6.31
CA VAL J 93 -37.54 27.04 -5.35
C VAL J 93 -38.74 26.42 -6.08
N LEU J 94 -39.13 27.03 -7.20
CA LEU J 94 -40.25 26.50 -7.97
C LEU J 94 -39.93 25.13 -8.54
N ALA J 95 -38.70 24.95 -9.03
CA ALA J 95 -38.33 23.67 -9.64
C ALA J 95 -38.40 22.53 -8.64
N GLN J 96 -37.93 22.77 -7.40
CA GLN J 96 -38.02 21.74 -6.38
C GLN J 96 -39.47 21.40 -6.06
N ALA J 97 -40.33 22.42 -5.98
CA ALA J 97 -41.73 22.18 -5.64
C ALA J 97 -42.43 21.35 -6.71
N ILE J 98 -42.16 21.64 -7.99
CA ILE J 98 -42.79 20.87 -9.06
C ILE J 98 -42.31 19.44 -9.05
N PHE J 99 -41.00 19.23 -8.87
CA PHE J 99 -40.45 17.88 -8.89
C PHE J 99 -40.93 17.07 -7.69
N ASN J 100 -40.93 17.68 -6.50
CA ASN J 100 -41.36 16.97 -5.31
C ASN J 100 -42.83 16.55 -5.39
N GLU J 101 -43.69 17.46 -5.87
CA GLU J 101 -45.10 17.12 -6.00
C GLU J 101 -45.34 16.13 -7.15
N GLY J 102 -44.55 16.23 -8.21
CA GLY J 102 -44.69 15.28 -9.30
C GLY J 102 -44.35 13.86 -8.90
N LEU J 103 -43.34 13.70 -8.03
CA LEU J 103 -42.98 12.37 -7.56
C LEU J 103 -44.11 11.74 -6.77
N ARG J 104 -44.80 12.54 -5.96
CA ARG J 104 -45.94 12.02 -5.20
C ARG J 104 -47.04 11.54 -6.13
N ALA J 105 -47.33 12.29 -7.19
CA ALA J 105 -48.36 11.88 -8.14
C ALA J 105 -47.95 10.60 -8.87
N ILE J 106 -46.68 10.51 -9.27
CA ILE J 106 -46.21 9.32 -9.97
C ILE J 106 -46.23 8.11 -9.05
N ALA J 107 -45.90 8.31 -7.77
CA ALA J 107 -45.92 7.20 -6.83
C ALA J 107 -47.33 6.64 -6.64
N SER J 108 -48.36 7.44 -6.94
CA SER J 108 -49.73 6.97 -6.85
C SER J 108 -50.19 6.24 -8.11
N GLY J 109 -49.36 6.18 -9.15
CA GLY J 109 -49.69 5.45 -10.36
C GLY J 109 -49.98 6.31 -11.57
N ALA J 110 -49.82 7.64 -11.48
CA ALA J 110 -50.12 8.50 -12.61
C ALA J 110 -49.08 8.32 -13.71
N ASN J 111 -49.51 8.56 -14.95
CA ASN J 111 -48.63 8.43 -16.10
C ASN J 111 -47.67 9.61 -16.15
N PRO J 112 -46.36 9.40 -16.13
CA PRO J 112 -45.42 10.54 -16.14
C PRO J 112 -45.56 11.45 -17.36
N MET J 113 -45.87 10.91 -18.52
CA MET J 113 -45.98 11.75 -19.72
C MET J 113 -47.22 12.62 -19.69
N ASP J 114 -48.31 12.14 -19.10
CA ASP J 114 -49.52 12.95 -19.00
C ASP J 114 -49.38 14.05 -17.98
N ILE J 115 -48.61 13.82 -16.91
CA ILE J 115 -48.35 14.86 -15.92
C ILE J 115 -47.62 16.03 -16.57
N LYS J 116 -46.62 15.73 -17.40
CA LYS J 116 -45.88 16.77 -18.10
C LYS J 116 -46.80 17.56 -19.02
N ARG J 117 -47.70 16.86 -19.73
CA ARG J 117 -48.65 17.55 -20.59
C ARG J 117 -49.60 18.43 -19.78
N GLY J 118 -50.02 17.95 -18.62
CA GLY J 118 -50.84 18.78 -17.74
C GLY J 118 -50.08 19.97 -17.20
N ILE J 119 -48.80 19.77 -16.87
CA ILE J 119 -47.98 20.87 -16.36
C ILE J 119 -47.82 21.95 -17.42
N ASP J 120 -47.61 21.54 -18.68
CA ASP J 120 -47.42 22.51 -19.75
C ASP J 120 -48.67 23.36 -19.94
N LYS J 121 -49.85 22.75 -19.86
CA LYS J 121 -51.09 23.51 -20.00
C LYS J 121 -51.25 24.52 -18.87
N ALA J 122 -50.90 24.14 -17.64
CA ALA J 122 -51.05 25.04 -16.51
C ALA J 122 -50.13 26.24 -16.63
N VAL J 123 -48.90 26.03 -17.09
CA VAL J 123 -47.95 27.13 -17.21
C VAL J 123 -48.40 28.13 -18.25
N GLU J 124 -49.03 27.64 -19.34
CA GLU J 124 -49.57 28.54 -20.34
C GLU J 124 -50.64 29.45 -19.74
N THR J 125 -51.52 28.89 -18.90
CA THR J 125 -52.53 29.70 -18.23
C THR J 125 -51.89 30.67 -17.24
N VAL J 126 -50.91 30.20 -16.47
CA VAL J 126 -50.30 31.04 -15.44
C VAL J 126 -49.57 32.22 -16.08
N VAL J 127 -48.85 31.98 -17.17
CA VAL J 127 -48.14 33.06 -17.84
C VAL J 127 -49.13 34.07 -18.41
N ASN J 128 -50.24 33.58 -19.00
CA ASN J 128 -51.26 34.48 -19.51
C ASN J 128 -51.87 35.32 -18.39
N GLU J 129 -52.14 34.69 -17.25
CA GLU J 129 -52.71 35.42 -16.12
C GLU J 129 -51.72 36.44 -15.56
N ILE J 130 -50.42 36.11 -15.54
CA ILE J 130 -49.42 37.05 -15.03
C ILE J 130 -49.38 38.30 -15.89
N LYS J 131 -49.44 38.13 -17.22
CA LYS J 131 -49.38 39.29 -18.11
C LYS J 131 -50.56 40.22 -17.93
N LYS J 132 -51.68 39.69 -17.41
CA LYS J 132 -52.83 40.55 -17.11
C LYS J 132 -52.57 41.41 -15.88
N LEU J 133 -51.89 40.85 -14.87
CA LEU J 133 -51.53 41.62 -13.69
C LEU J 133 -50.45 42.64 -13.97
N SER J 134 -49.76 42.55 -15.10
CA SER J 134 -48.65 43.43 -15.38
C SER J 134 -49.12 44.87 -15.59
N ILE J 135 -48.45 45.80 -14.92
CA ILE J 135 -48.71 47.24 -15.06
C ILE J 135 -47.48 47.86 -15.71
N PRO J 136 -47.63 48.61 -16.80
CA PRO J 136 -46.46 49.22 -17.44
C PRO J 136 -45.80 50.24 -16.53
N VAL J 137 -44.48 50.38 -16.69
CA VAL J 137 -43.73 51.33 -15.88
C VAL J 137 -44.09 52.74 -16.30
N SER J 138 -44.53 53.55 -15.34
CA SER J 138 -44.96 54.91 -15.65
C SER J 138 -43.79 55.90 -15.68
N GLY J 139 -42.75 55.65 -14.89
CA GLY J 139 -41.63 56.57 -14.85
C GLY J 139 -40.62 56.28 -13.76
N ARG J 140 -40.12 57.33 -13.12
CA ARG J 140 -39.02 57.16 -12.16
C ARG J 140 -39.47 56.46 -10.89
N LYS J 141 -40.74 56.60 -10.51
CA LYS J 141 -41.20 56.03 -9.25
C LYS J 141 -41.05 54.52 -9.24
N GLU J 142 -41.49 53.85 -10.31
CA GLU J 142 -41.36 52.40 -10.37
C GLU J 142 -39.93 51.96 -10.61
N ILE J 143 -39.16 52.77 -11.34
CA ILE J 143 -37.75 52.42 -11.60
C ILE J 143 -36.98 52.40 -10.29
N GLU J 144 -37.18 53.42 -9.45
CA GLU J 144 -36.49 53.45 -8.16
C GLU J 144 -37.01 52.37 -7.22
N GLN J 145 -38.27 51.98 -7.36
CA GLN J 145 -38.82 50.94 -6.51
C GLN J 145 -38.31 49.56 -6.91
N VAL J 146 -38.21 49.30 -8.21
CA VAL J 146 -37.69 48.04 -8.68
C VAL J 146 -36.22 47.88 -8.28
N ALA J 147 -35.43 48.94 -8.47
CA ALA J 147 -34.01 48.87 -8.14
C ALA J 147 -33.80 48.65 -6.65
N THR J 148 -34.62 49.31 -5.82
CA THR J 148 -34.47 49.17 -4.37
C THR J 148 -34.75 47.73 -3.92
N ILE J 149 -35.80 47.13 -4.47
CA ILE J 149 -36.18 45.77 -4.04
C ILE J 149 -35.15 44.76 -4.51
N SER J 150 -34.69 44.88 -5.76
CA SER J 150 -33.73 43.91 -6.29
C SER J 150 -32.38 44.04 -5.62
N ALA J 151 -32.04 45.21 -5.11
CA ALA J 151 -30.81 45.42 -4.37
C ALA J 151 -30.94 45.08 -2.89
N ASN J 152 -31.92 44.26 -2.53
CA ASN J 152 -32.16 43.86 -1.14
C ASN J 152 -32.47 45.06 -0.25
N ASN J 153 -33.50 45.82 -0.65
CA ASN J 153 -33.99 46.98 0.08
C ASN J 153 -32.92 48.02 0.35
N ASP J 154 -32.05 48.30 -0.63
CA ASP J 154 -31.02 49.32 -0.49
C ASP J 154 -31.48 50.56 -1.24
N ALA J 155 -31.94 51.57 -0.51
CA ALA J 155 -32.42 52.79 -1.14
C ALA J 155 -31.30 53.58 -1.80
N THR J 156 -30.07 53.49 -1.29
CA THR J 156 -28.95 54.20 -1.90
C THR J 156 -28.67 53.67 -3.31
N ILE J 157 -28.71 52.35 -3.48
CA ILE J 157 -28.49 51.77 -4.81
C ILE J 157 -29.66 52.11 -5.73
N GLY J 158 -30.88 52.12 -5.19
CA GLY J 158 -32.04 52.45 -6.00
C GLY J 158 -31.98 53.85 -6.57
N LYS J 159 -31.51 54.81 -5.77
CA LYS J 159 -31.42 56.19 -6.24
C LYS J 159 -30.40 56.32 -7.36
N ILE J 160 -29.26 55.64 -7.24
CA ILE J 160 -28.21 55.75 -8.24
C ILE J 160 -28.67 55.18 -9.58
N ILE J 161 -29.31 54.01 -9.55
CA ILE J 161 -29.75 53.36 -10.79
C ILE J 161 -30.86 54.16 -11.45
N ALA J 162 -31.76 54.74 -10.66
CA ALA J 162 -32.80 55.59 -11.22
C ALA J 162 -32.20 56.78 -11.95
N ASP J 163 -31.16 57.39 -11.38
CA ASP J 163 -30.46 58.47 -12.06
C ASP J 163 -29.79 57.97 -13.34
N ALA J 164 -29.18 56.78 -13.29
CA ALA J 164 -28.49 56.26 -14.46
C ALA J 164 -29.46 55.99 -15.61
N MET J 165 -30.66 55.50 -15.29
CA MET J 165 -31.67 55.27 -16.32
C MET J 165 -32.04 56.56 -17.04
N GLU J 166 -32.22 57.64 -16.28
CA GLU J 166 -32.58 58.92 -16.88
C GLU J 166 -31.47 59.49 -17.73
N ALA J 167 -30.21 59.34 -17.29
CA ALA J 167 -29.10 59.96 -18.00
C ALA J 167 -28.90 59.34 -19.38
N VAL J 168 -28.87 58.01 -19.46
CA VAL J 168 -28.63 57.34 -20.73
C VAL J 168 -29.88 57.20 -21.57
N GLY J 169 -31.06 57.42 -21.00
CA GLY J 169 -32.29 57.34 -21.76
C GLY J 169 -32.75 55.92 -22.00
N LYS J 170 -33.71 55.80 -22.92
CA LYS J 170 -34.32 54.50 -23.20
C LYS J 170 -33.35 53.57 -23.94
N ASP J 171 -32.48 54.12 -24.78
CA ASP J 171 -31.59 53.34 -25.62
C ASP J 171 -30.18 53.24 -25.06
N GLY J 172 -29.91 53.79 -23.88
CA GLY J 172 -28.59 53.73 -23.31
C GLY J 172 -28.31 52.42 -22.60
N VAL J 173 -27.06 52.28 -22.14
CA VAL J 173 -26.62 51.10 -21.42
C VAL J 173 -25.96 51.54 -20.12
N ILE J 174 -26.02 50.68 -19.11
CA ILE J 174 -25.42 50.94 -17.81
C ILE J 174 -24.42 49.83 -17.51
N THR J 175 -23.21 50.21 -17.12
CA THR J 175 -22.15 49.27 -16.82
C THR J 175 -21.74 49.41 -15.36
N VAL J 176 -21.54 48.27 -14.70
CA VAL J 176 -21.19 48.22 -13.29
C VAL J 176 -19.72 47.81 -13.19
N GLU J 177 -18.95 48.60 -12.44
CA GLU J 177 -17.53 48.36 -12.26
C GLU J 177 -17.19 48.48 -10.77
N GLU J 178 -15.97 48.09 -10.43
CA GLU J 178 -15.48 48.17 -9.07
C GLU J 178 -14.65 49.45 -8.92
N SER J 179 -15.06 50.30 -7.98
CA SER J 179 -14.33 51.53 -7.72
C SER J 179 -13.03 51.24 -6.99
N LYS J 180 -12.04 52.10 -7.22
CA LYS J 180 -10.75 51.99 -6.54
C LYS J 180 -10.79 52.57 -5.12
N SER J 181 -11.85 53.28 -4.77
CA SER J 181 -11.99 53.88 -3.45
C SER J 181 -13.20 53.31 -2.74
N ALA J 182 -13.47 53.81 -1.55
CA ALA J 182 -14.58 53.30 -0.74
C ALA J 182 -15.93 53.88 -1.16
N GLU J 183 -15.94 54.95 -1.95
CA GLU J 183 -17.20 55.57 -2.33
C GLU J 183 -17.77 54.94 -3.59
N THR J 184 -19.10 54.94 -3.68
CA THR J 184 -19.79 54.48 -4.88
C THR J 184 -20.27 55.71 -5.67
N THR J 185 -19.86 55.78 -6.93
CA THR J 185 -20.11 56.96 -7.75
C THR J 185 -20.76 56.56 -9.06
N LEU J 186 -21.49 57.49 -9.65
CA LEU J 186 -22.11 57.33 -10.96
C LEU J 186 -21.41 58.25 -11.95
N GLU J 187 -20.91 57.70 -13.04
CA GLU J 187 -20.24 58.45 -14.08
C GLU J 187 -20.98 58.26 -15.40
N THR J 188 -21.33 59.35 -16.05
CA THR J 188 -22.09 59.31 -17.29
C THR J 188 -21.37 60.12 -18.37
N VAL J 189 -21.51 59.65 -19.61
CA VAL J 189 -20.93 60.33 -20.76
C VAL J 189 -21.85 60.09 -21.95
N GLN J 190 -21.92 61.07 -22.85
CA GLN J 190 -22.81 61.04 -23.99
C GLN J 190 -22.03 61.28 -25.28
N GLY J 191 -22.49 60.71 -26.37
CA GLY J 191 -21.82 60.87 -27.64
C GLY J 191 -20.72 59.84 -27.83
N MET J 192 -19.97 60.03 -28.92
CA MET J 192 -18.89 59.12 -29.27
C MET J 192 -17.78 59.17 -28.24
N GLN J 193 -17.21 58.01 -27.94
CA GLN J 193 -16.09 57.89 -27.02
C GLN J 193 -15.40 56.56 -27.26
N PHE J 194 -14.08 56.55 -27.23
CA PHE J 194 -13.33 55.33 -27.43
C PHE J 194 -11.98 55.43 -26.74
N ASP J 195 -11.36 54.27 -26.51
CA ASP J 195 -10.14 54.15 -25.73
C ASP J 195 -8.87 54.41 -26.53
N ARG J 196 -8.81 55.53 -27.24
CA ARG J 196 -7.62 55.92 -27.99
C ARG J 196 -7.43 57.42 -27.86
N GLY J 197 -6.21 57.89 -28.08
CA GLY J 197 -5.98 59.31 -28.14
C GLY J 197 -4.58 59.68 -27.70
N TYR J 198 -4.26 60.96 -27.88
CA TYR J 198 -3.06 61.59 -27.35
C TYR J 198 -1.80 60.92 -27.89
N LEU J 199 -1.65 61.00 -29.21
CA LEU J 199 -0.48 60.42 -29.85
C LEU J 199 0.80 61.14 -29.45
N SER J 200 0.74 62.45 -29.24
CA SER J 200 1.91 63.23 -28.86
C SER J 200 1.55 64.09 -27.66
N PRO J 201 2.41 64.15 -26.65
CA PRO J 201 2.12 65.00 -25.48
C PRO J 201 2.02 66.48 -25.81
N TYR J 202 2.59 66.92 -26.93
CA TYR J 202 2.63 68.34 -27.25
C TYR J 202 1.26 68.91 -27.63
N PHE J 203 0.26 68.04 -27.85
CA PHE J 203 -1.10 68.51 -28.16
C PHE J 203 -1.77 68.89 -26.84
N VAL J 204 -1.43 70.09 -26.36
CA VAL J 204 -1.93 70.58 -25.08
C VAL J 204 -2.66 71.90 -25.31
N THR J 205 -3.90 71.97 -24.84
CA THR J 205 -4.66 73.21 -24.85
C THR J 205 -5.05 73.66 -23.45
N ASN J 206 -4.96 72.77 -22.45
CA ASN J 206 -5.19 73.12 -21.05
C ASN J 206 -4.28 72.23 -20.21
N PRO J 207 -3.09 72.72 -19.84
CA PRO J 207 -2.15 71.88 -19.08
C PRO J 207 -2.61 71.56 -17.67
N ASP J 208 -3.71 72.17 -17.21
CA ASP J 208 -4.20 71.87 -15.87
C ASP J 208 -4.76 70.46 -15.76
N LYS J 209 -5.28 69.90 -16.86
CA LYS J 209 -6.05 68.66 -16.79
C LYS J 209 -5.60 67.59 -17.79
N MET J 210 -4.54 67.82 -18.56
CA MET J 210 -4.01 66.82 -19.49
C MET J 210 -5.05 66.35 -20.51
N GLU J 211 -5.51 67.29 -21.35
CA GLU J 211 -6.32 66.93 -22.50
C GLU J 211 -6.20 68.01 -23.57
N ALA J 212 -6.63 67.65 -24.77
CA ALA J 212 -6.66 68.59 -25.90
C ALA J 212 -8.10 68.82 -26.31
N VAL J 213 -8.51 70.08 -26.34
CA VAL J 213 -9.88 70.46 -26.69
C VAL J 213 -9.83 71.29 -27.98
N LEU J 214 -10.66 70.91 -28.94
CA LEU J 214 -10.76 71.60 -30.22
C LEU J 214 -12.18 72.10 -30.41
N GLU J 215 -12.32 73.36 -30.84
CA GLU J 215 -13.61 73.99 -30.98
C GLU J 215 -14.05 73.96 -32.45
N ASP J 216 -15.15 73.26 -32.72
CA ASP J 216 -15.67 73.03 -34.06
C ASP J 216 -14.58 72.47 -34.98
N PRO J 217 -14.03 71.30 -34.68
CA PRO J 217 -12.92 70.78 -35.50
C PRO J 217 -13.39 69.95 -36.67
N PHE J 218 -12.57 69.93 -37.72
CA PHE J 218 -12.70 68.93 -38.76
C PHE J 218 -12.07 67.63 -38.29
N ILE J 219 -12.74 66.51 -38.59
CA ILE J 219 -12.22 65.18 -38.26
C ILE J 219 -11.90 64.47 -39.56
N LEU J 220 -10.74 63.83 -39.60
CA LEU J 220 -10.29 63.09 -40.77
C LEU J 220 -10.31 61.60 -40.44
N ILE J 221 -11.09 60.85 -41.21
CA ILE J 221 -11.28 59.42 -40.99
C ILE J 221 -10.38 58.68 -41.96
N TYR J 222 -9.39 57.97 -41.42
CA TYR J 222 -8.40 57.27 -42.22
C TYR J 222 -8.12 55.94 -41.55
N GLU J 223 -7.83 54.91 -42.35
CA GLU J 223 -7.65 53.58 -41.79
C GLU J 223 -6.33 52.92 -42.21
N LYS J 224 -5.42 53.67 -42.81
CA LYS J 224 -4.08 53.18 -43.11
C LYS J 224 -3.04 54.08 -42.43
N LYS J 225 -1.78 53.77 -42.70
CA LYS J 225 -0.67 54.48 -42.08
C LYS J 225 -0.55 55.89 -42.64
N ILE J 226 -0.08 56.81 -41.79
CA ILE J 226 0.32 58.16 -42.21
C ILE J 226 1.73 58.40 -41.70
N SER J 227 2.70 58.28 -42.60
CA SER J 227 4.11 58.46 -42.22
C SER J 227 4.78 59.52 -43.07
N ASN J 228 4.52 59.51 -44.36
CA ASN J 228 5.19 60.46 -45.26
C ASN J 228 4.44 61.79 -45.25
N VAL J 229 5.18 62.86 -45.58
CA VAL J 229 4.65 64.21 -45.46
C VAL J 229 3.95 64.66 -46.73
N LYS J 230 4.27 64.02 -47.87
CA LYS J 230 3.75 64.49 -49.15
C LYS J 230 2.22 64.42 -49.17
N ASP J 231 1.64 63.33 -48.66
CA ASP J 231 0.19 63.17 -48.65
C ASP J 231 -0.49 63.85 -47.48
N LEU J 232 0.22 64.11 -46.38
CA LEU J 232 -0.36 64.85 -45.27
C LEU J 232 -0.48 66.33 -45.59
N LEU J 233 0.37 66.83 -46.49
CA LEU J 233 0.35 68.25 -46.82
C LEU J 233 -0.94 68.74 -47.46
N PRO J 234 -1.50 68.09 -48.51
CA PRO J 234 -2.66 68.67 -49.18
C PRO J 234 -3.84 68.94 -48.27
N VAL J 235 -4.13 68.05 -47.33
CA VAL J 235 -5.18 68.34 -46.35
C VAL J 235 -4.74 69.43 -45.38
N LEU J 236 -3.48 69.41 -44.96
CA LEU J 236 -2.97 70.51 -44.13
C LEU J 236 -2.89 71.80 -44.93
N GLU J 237 -2.70 71.70 -46.25
CA GLU J 237 -2.57 72.89 -47.09
C GLU J 237 -3.86 73.69 -47.18
N ASN J 238 -5.02 73.06 -46.95
CA ASN J 238 -6.29 73.74 -47.10
C ASN J 238 -7.12 73.84 -45.83
N VAL J 239 -6.80 73.09 -44.78
CA VAL J 239 -7.46 73.33 -43.50
C VAL J 239 -7.03 74.65 -42.91
N VAL J 240 -5.81 75.10 -43.22
CA VAL J 240 -5.36 76.42 -42.80
C VAL J 240 -6.23 77.50 -43.44
N ARG J 241 -6.66 77.29 -44.68
CA ARG J 241 -7.51 78.27 -45.36
C ARG J 241 -8.83 78.43 -44.64
N ALA J 242 -9.43 77.33 -44.19
CA ALA J 242 -10.67 77.41 -43.42
C ALA J 242 -10.43 78.00 -42.04
N GLY J 243 -9.22 77.88 -41.52
CA GLY J 243 -8.91 78.41 -40.20
C GLY J 243 -9.60 77.70 -39.06
N LYS J 244 -9.77 76.39 -39.14
CA LYS J 244 -10.46 75.61 -38.13
C LYS J 244 -9.56 74.48 -37.62
N PRO J 245 -9.78 74.00 -36.40
CA PRO J 245 -8.96 72.90 -35.89
C PRO J 245 -9.23 71.60 -36.65
N LEU J 246 -8.26 70.70 -36.59
CA LEU J 246 -8.30 69.46 -37.34
C LEU J 246 -8.05 68.30 -36.39
N LEU J 247 -8.72 67.18 -36.62
CA LEU J 247 -8.55 65.98 -35.82
C LEU J 247 -8.25 64.82 -36.75
N ILE J 248 -7.18 64.09 -36.45
CA ILE J 248 -6.75 62.96 -37.27
C ILE J 248 -7.19 61.66 -36.62
N ILE J 249 -7.96 60.87 -37.35
CA ILE J 249 -8.27 59.50 -36.96
C ILE J 249 -7.68 58.58 -38.01
N ALA J 250 -6.63 57.85 -37.64
CA ALA J 250 -5.93 57.00 -38.57
C ALA J 250 -5.41 55.78 -37.84
N GLU J 251 -4.89 54.81 -38.62
CA GLU J 251 -4.30 53.63 -38.01
C GLU J 251 -3.12 54.01 -37.13
N ASP J 252 -2.27 54.93 -37.61
CA ASP J 252 -1.21 55.51 -36.80
C ASP J 252 -0.61 56.69 -37.56
N VAL J 253 0.13 57.51 -36.84
CA VAL J 253 0.88 58.62 -37.41
C VAL J 253 2.34 58.43 -37.01
N GLU J 254 3.20 58.21 -38.00
CA GLU J 254 4.61 57.92 -37.74
C GLU J 254 5.39 59.22 -37.56
N ALA J 255 6.66 59.09 -37.20
CA ALA J 255 7.45 60.23 -36.75
C ALA J 255 7.57 61.31 -37.82
N GLU J 256 7.82 60.91 -39.08
CA GLU J 256 7.95 61.90 -40.14
C GLU J 256 6.66 62.68 -40.34
N ALA J 257 5.51 61.99 -40.33
CA ALA J 257 4.24 62.70 -40.40
C ALA J 257 3.94 63.40 -39.08
N LEU J 258 4.17 62.73 -37.95
CA LEU J 258 3.83 63.30 -36.65
C LEU J 258 4.60 64.58 -36.39
N ALA J 259 5.88 64.62 -36.77
CA ALA J 259 6.69 65.81 -36.55
C ALA J 259 6.12 67.01 -37.28
N THR J 260 5.37 66.77 -38.37
CA THR J 260 4.82 67.87 -39.14
C THR J 260 3.79 68.66 -38.33
N LEU J 261 2.82 67.95 -37.73
CA LEU J 261 1.75 68.65 -37.01
C LEU J 261 2.29 69.33 -35.76
N VAL J 262 3.08 68.60 -34.95
CA VAL J 262 3.52 69.13 -33.67
C VAL J 262 4.39 70.37 -33.86
N VAL J 263 5.30 70.35 -34.82
CA VAL J 263 6.09 71.54 -35.11
C VAL J 263 5.18 72.67 -35.56
N ASN J 264 4.23 72.36 -36.44
CA ASN J 264 3.25 73.36 -36.85
C ASN J 264 2.33 73.75 -35.70
N HIS J 265 2.03 72.82 -34.80
CA HIS J 265 1.13 73.12 -33.68
C HIS J 265 1.75 74.10 -32.69
N ILE J 266 3.04 73.92 -32.39
CA ILE J 266 3.72 74.83 -31.47
C ILE J 266 3.77 76.23 -32.04
N LYS J 267 4.08 76.35 -33.34
CA LYS J 267 4.09 77.64 -34.01
C LYS J 267 2.68 78.22 -34.18
N GLY J 268 1.64 77.43 -33.92
CA GLY J 268 0.29 77.96 -33.92
C GLY J 268 -0.35 78.15 -35.28
N VAL J 269 0.29 77.70 -36.36
CA VAL J 269 -0.35 77.78 -37.67
C VAL J 269 -1.59 76.90 -37.74
N ILE J 270 -1.59 75.77 -37.05
CA ILE J 270 -2.80 74.97 -36.86
C ILE J 270 -2.89 74.54 -35.41
N ARG J 271 -4.10 74.20 -34.99
CA ARG J 271 -4.36 73.60 -33.69
C ARG J 271 -5.04 72.25 -33.93
N ALA J 272 -4.26 71.18 -33.87
CA ALA J 272 -4.73 69.88 -34.32
C ALA J 272 -4.23 68.81 -33.37
N CYS J 273 -4.82 67.62 -33.51
CA CYS J 273 -4.40 66.46 -32.73
C CYS J 273 -4.67 65.21 -33.55
N ALA J 274 -3.97 64.13 -33.19
CA ALA J 274 -4.08 62.87 -33.90
C ALA J 274 -4.37 61.76 -32.91
N VAL J 275 -5.26 60.84 -33.27
CA VAL J 275 -5.67 59.75 -32.40
C VAL J 275 -5.64 58.45 -33.18
N LYS J 276 -5.44 57.35 -32.46
CA LYS J 276 -5.52 56.03 -33.08
C LYS J 276 -6.96 55.65 -33.35
N ALA J 277 -7.19 54.92 -34.43
CA ALA J 277 -8.52 54.45 -34.72
C ALA J 277 -8.90 53.31 -33.77
N PRO J 278 -10.12 53.30 -33.25
CA PRO J 278 -10.50 52.25 -32.30
C PRO J 278 -10.78 50.91 -32.99
N GLY J 279 -10.81 49.86 -32.18
CA GLY J 279 -11.14 48.53 -32.64
C GLY J 279 -9.93 47.75 -33.14
N PHE J 280 -10.21 46.55 -33.64
CA PHE J 280 -9.18 45.67 -34.18
C PHE J 280 -9.79 44.78 -35.25
N GLY J 281 -9.02 44.53 -36.31
CA GLY J 281 -9.48 43.68 -37.38
C GLY J 281 -10.70 44.24 -38.08
N GLN J 282 -11.76 43.43 -38.14
CA GLN J 282 -13.01 43.89 -38.72
C GLN J 282 -13.55 45.08 -37.94
N ARG J 283 -13.36 45.08 -36.61
CA ARG J 283 -13.97 46.03 -35.70
C ARG J 283 -13.52 47.48 -35.93
N ARG J 284 -12.66 47.75 -36.92
CA ARG J 284 -12.45 49.15 -37.31
C ARG J 284 -13.65 49.68 -38.09
N LYS J 285 -13.97 49.04 -39.21
CA LYS J 285 -14.85 49.61 -40.22
C LYS J 285 -16.16 50.11 -39.59
N ASP J 286 -16.76 49.30 -38.73
CA ASP J 286 -18.03 49.67 -38.14
C ASP J 286 -17.90 50.94 -37.30
N TYR J 287 -16.83 51.05 -36.50
CA TYR J 287 -16.68 52.24 -35.66
C TYR J 287 -16.48 53.50 -36.48
N LEU J 288 -15.50 53.49 -37.40
CA LEU J 288 -15.26 54.68 -38.21
C LEU J 288 -16.46 55.02 -39.08
N GLN J 289 -17.16 54.01 -39.59
CA GLN J 289 -18.42 54.29 -40.30
C GLN J 289 -19.43 54.97 -39.38
N ASP J 290 -19.57 54.46 -38.16
CA ASP J 290 -20.47 55.10 -37.20
C ASP J 290 -20.01 56.50 -36.83
N ILE J 291 -18.70 56.69 -36.65
CA ILE J 291 -18.17 58.02 -36.41
C ILE J 291 -18.43 58.93 -37.60
N ALA J 292 -18.21 58.41 -38.81
CA ALA J 292 -18.45 59.20 -40.01
C ALA J 292 -19.93 59.53 -40.17
N ILE J 293 -20.81 58.69 -39.64
CA ILE J 293 -22.24 58.92 -39.79
C ILE J 293 -22.66 60.19 -39.05
N LEU J 294 -22.25 60.31 -37.79
CA LEU J 294 -22.70 61.42 -36.97
C LEU J 294 -21.87 62.68 -37.15
N THR J 295 -20.74 62.62 -37.85
CA THR J 295 -19.93 63.80 -38.11
C THR J 295 -20.28 64.52 -39.40
N GLY J 296 -21.17 63.96 -40.21
CA GLY J 296 -21.57 64.60 -41.44
C GLY J 296 -20.64 64.40 -42.61
N GLY J 297 -19.54 63.68 -42.42
CA GLY J 297 -18.59 63.40 -43.48
C GLY J 297 -18.66 61.96 -43.93
N THR J 298 -17.62 61.52 -44.63
CA THR J 298 -17.52 60.15 -45.13
C THR J 298 -16.18 59.55 -44.74
N ALA J 299 -16.21 58.29 -44.32
CA ALA J 299 -14.98 57.60 -43.97
C ALA J 299 -14.17 57.29 -45.24
N ILE J 300 -12.88 57.58 -45.18
CA ILE J 300 -11.99 57.31 -46.32
C ILE J 300 -11.52 55.86 -46.22
N THR J 301 -12.29 54.95 -46.78
CA THR J 301 -11.96 53.53 -46.71
C THR J 301 -11.10 53.11 -47.89
N GLU J 302 -10.50 51.92 -47.76
CA GLU J 302 -9.66 51.40 -48.84
C GLU J 302 -10.46 51.14 -50.10
N GLU J 303 -11.66 50.59 -49.96
CA GLU J 303 -12.48 50.28 -51.12
C GLU J 303 -12.98 51.53 -51.81
N LEU J 304 -13.19 52.62 -51.07
CA LEU J 304 -13.69 53.86 -51.65
C LEU J 304 -12.76 54.37 -52.76
N GLY J 305 -11.47 54.06 -52.67
CA GLY J 305 -10.53 54.44 -53.72
C GLY J 305 -10.30 55.92 -53.85
N ILE J 306 -10.18 56.63 -52.73
CA ILE J 306 -9.82 58.04 -52.71
C ILE J 306 -8.48 58.16 -52.01
N LYS J 307 -7.47 58.65 -52.74
CA LYS J 307 -6.12 58.76 -52.21
C LYS J 307 -6.03 59.92 -51.23
N LEU J 308 -5.06 59.85 -50.32
CA LEU J 308 -4.85 60.92 -49.35
C LEU J 308 -4.51 62.24 -50.02
N GLU J 309 -4.08 62.22 -51.28
CA GLU J 309 -3.87 63.45 -52.02
C GLU J 309 -5.18 64.15 -52.33
N SER J 310 -6.19 63.40 -52.78
CA SER J 310 -7.41 63.98 -53.33
C SER J 310 -8.47 64.31 -52.28
N VAL J 311 -8.29 63.90 -51.03
CA VAL J 311 -9.27 64.26 -50.01
C VAL J 311 -9.23 65.77 -49.76
N THR J 312 -10.41 66.37 -49.68
CA THR J 312 -10.55 67.81 -49.52
C THR J 312 -11.58 68.08 -48.43
N LEU J 313 -11.95 69.36 -48.30
CA LEU J 313 -12.89 69.76 -47.27
C LEU J 313 -14.32 69.28 -47.57
N ASP J 314 -14.56 68.76 -48.78
CA ASP J 314 -15.92 68.35 -49.15
C ASP J 314 -16.43 67.21 -48.27
N MET J 315 -15.59 66.22 -47.98
CA MET J 315 -16.04 65.06 -47.22
C MET J 315 -15.37 64.93 -45.85
N LEU J 316 -14.65 65.95 -45.40
CA LEU J 316 -14.17 65.95 -44.02
C LEU J 316 -15.34 66.14 -43.07
N GLY J 317 -15.40 65.27 -42.06
CA GLY J 317 -16.47 65.35 -41.08
C GLY J 317 -16.28 66.55 -40.16
N ARG J 318 -17.37 66.88 -39.46
CA ARG J 318 -17.40 68.03 -38.57
C ARG J 318 -18.06 67.66 -37.26
N ALA J 319 -17.63 68.33 -36.19
CA ALA J 319 -18.20 68.18 -34.87
C ALA J 319 -18.12 69.50 -34.13
N ASP J 320 -18.94 69.65 -33.10
CA ASP J 320 -18.96 70.90 -32.35
C ASP J 320 -17.73 71.04 -31.46
N LYS J 321 -17.31 69.95 -30.80
CA LYS J 321 -16.17 69.99 -29.90
C LYS J 321 -15.76 68.56 -29.57
N VAL J 322 -14.45 68.35 -29.42
CA VAL J 322 -13.89 67.05 -29.09
C VAL J 322 -12.93 67.20 -27.92
N ILE J 323 -12.77 66.15 -27.14
CA ILE J 323 -11.85 66.09 -26.01
C ILE J 323 -10.97 64.87 -26.18
N VAL J 324 -9.66 65.07 -26.17
CA VAL J 324 -8.68 64.00 -26.28
C VAL J 324 -7.72 64.10 -25.10
N ASP J 325 -7.59 63.01 -24.35
CA ASP J 325 -6.73 62.98 -23.18
C ASP J 325 -5.81 61.78 -23.29
N LYS J 326 -5.09 61.50 -22.19
CA LYS J 326 -4.04 60.48 -22.15
C LYS J 326 -4.43 59.20 -22.89
N ASP J 327 -5.58 58.60 -22.53
CA ASP J 327 -5.98 57.34 -23.15
C ASP J 327 -7.46 57.31 -23.50
N ASN J 328 -8.03 58.47 -23.86
CA ASN J 328 -9.45 58.54 -24.14
C ASN J 328 -9.73 59.70 -25.08
N THR J 329 -10.72 59.51 -25.95
CA THR J 329 -11.17 60.53 -26.89
C THR J 329 -12.68 60.54 -26.92
N THR J 330 -13.27 61.73 -26.80
CA THR J 330 -14.71 61.90 -26.81
C THR J 330 -15.11 62.90 -27.89
N ILE J 331 -16.20 62.59 -28.59
CA ILE J 331 -16.77 63.47 -29.60
C ILE J 331 -18.21 63.76 -29.20
N VAL J 332 -18.56 65.04 -29.14
CA VAL J 332 -19.90 65.42 -28.68
C VAL J 332 -20.95 65.02 -29.70
N GLY J 333 -20.83 65.53 -30.92
CA GLY J 333 -21.76 65.16 -31.98
C GLY J 333 -21.98 66.22 -33.03
N GLY J 334 -22.03 65.81 -34.30
CA GLY J 334 -22.29 66.74 -35.37
C GLY J 334 -23.75 67.02 -35.63
N LYS J 335 -24.65 66.23 -35.02
CA LYS J 335 -26.09 66.44 -35.11
C LYS J 335 -26.61 66.32 -36.53
N GLY J 336 -25.87 65.65 -37.41
CA GLY J 336 -26.26 65.45 -38.78
C GLY J 336 -26.63 64.01 -39.09
N SER J 337 -27.07 63.80 -40.33
CA SER J 337 -27.43 62.47 -40.84
C SER J 337 -28.52 61.82 -39.98
N LYS J 338 -29.71 62.43 -39.96
CA LYS J 338 -30.80 61.90 -39.15
C LYS J 338 -31.27 60.54 -39.66
N GLU J 339 -31.35 60.37 -40.99
CA GLU J 339 -31.86 59.13 -41.54
C GLU J 339 -30.98 57.94 -41.16
N ALA J 340 -29.66 58.12 -41.18
CA ALA J 340 -28.76 57.02 -40.90
C ALA J 340 -28.90 56.54 -39.44
N ILE J 341 -28.95 57.47 -38.50
CA ILE J 341 -28.91 57.09 -37.09
C ILE J 341 -30.18 56.33 -36.68
N GLN J 342 -31.34 56.74 -37.22
CA GLN J 342 -32.54 55.92 -37.04
C GLN J 342 -32.37 54.56 -37.70
N ALA J 343 -31.75 54.52 -38.88
CA ALA J 343 -31.47 53.24 -39.53
C ALA J 343 -30.54 52.39 -38.69
N ARG J 344 -29.48 53.00 -38.15
CA ARG J 344 -28.55 52.25 -37.30
C ARG J 344 -29.25 51.70 -36.07
N ILE J 345 -30.29 52.39 -35.59
CA ILE J 345 -31.05 51.88 -34.44
C ILE J 345 -31.73 50.57 -34.78
N GLU J 346 -32.37 50.50 -35.95
CA GLU J 346 -33.07 49.29 -36.36
C GLU J 346 -32.17 48.28 -37.05
N GLN J 347 -31.10 48.72 -37.71
CA GLN J 347 -30.19 47.78 -38.35
C GLN J 347 -29.43 46.95 -37.33
N ILE J 348 -29.07 47.55 -36.19
CA ILE J 348 -28.15 46.90 -35.26
C ILE J 348 -28.82 45.73 -34.55
N LYS J 349 -30.08 45.87 -34.14
CA LYS J 349 -30.68 44.82 -33.33
C LYS J 349 -31.05 43.61 -34.18
N ARG J 350 -31.19 43.81 -35.49
CA ARG J 350 -31.33 42.68 -36.40
C ARG J 350 -30.04 41.87 -36.45
N GLN J 351 -28.91 42.51 -36.14
CA GLN J 351 -27.62 41.84 -36.14
C GLN J 351 -27.33 41.12 -34.83
N ILE J 352 -28.24 41.22 -33.85
CA ILE J 352 -28.02 40.55 -32.56
C ILE J 352 -27.90 39.04 -32.75
N LEU J 353 -28.81 38.46 -33.55
CA LEU J 353 -28.82 37.02 -33.72
C LEU J 353 -27.53 36.49 -34.35
N GLU J 354 -26.85 37.31 -35.16
CA GLU J 354 -25.60 36.87 -35.77
C GLU J 354 -24.42 37.09 -34.82
N THR J 355 -24.42 38.20 -34.09
CA THR J 355 -23.28 38.57 -33.26
C THR J 355 -23.34 37.98 -31.86
N THR J 356 -24.41 37.27 -31.50
CA THR J 356 -24.49 36.68 -30.16
C THR J 356 -23.34 35.75 -29.86
N SER J 357 -22.79 35.07 -30.87
CA SER J 357 -21.65 34.20 -30.67
C SER J 357 -20.33 34.95 -30.63
N ASP J 358 -20.33 36.26 -30.89
CA ASP J 358 -19.12 37.06 -30.93
C ASP J 358 -18.88 37.82 -29.63
N TYR J 359 -19.84 38.66 -29.21
CA TYR J 359 -19.68 39.45 -28.00
C TYR J 359 -20.03 38.64 -26.76
N ASP J 360 -19.41 38.99 -25.64
CA ASP J 360 -19.76 38.40 -24.36
C ASP J 360 -20.40 39.45 -23.46
N ARG J 361 -19.77 40.62 -23.35
CA ARG J 361 -20.31 41.70 -22.54
C ARG J 361 -21.17 42.64 -23.38
N GLU J 362 -22.11 42.08 -24.14
CA GLU J 362 -23.15 42.81 -24.87
C GLU J 362 -22.62 44.05 -25.61
N LYS J 363 -21.36 44.01 -26.06
CA LYS J 363 -20.75 45.19 -26.66
C LYS J 363 -21.37 45.58 -27.99
N LEU J 364 -22.19 44.73 -28.60
CA LEU J 364 -22.96 45.16 -29.76
C LEU J 364 -23.98 46.23 -29.38
N GLN J 365 -24.61 46.07 -28.21
CA GLN J 365 -25.54 47.08 -27.72
C GLN J 365 -24.82 48.39 -27.44
N GLU J 366 -23.56 48.31 -27.01
CA GLU J 366 -22.78 49.52 -26.76
C GLU J 366 -22.63 50.35 -28.02
N ARG J 367 -22.50 49.70 -29.19
CA ARG J 367 -22.49 50.42 -30.45
C ARG J 367 -23.79 51.19 -30.66
N LEU J 368 -24.93 50.54 -30.40
CA LEU J 368 -26.22 51.20 -30.52
C LEU J 368 -26.33 52.35 -29.51
N ALA J 369 -25.92 52.09 -28.27
CA ALA J 369 -26.07 53.09 -27.22
C ALA J 369 -25.21 54.33 -27.50
N LYS J 370 -24.00 54.12 -28.01
CA LYS J 370 -23.07 55.24 -28.18
C LYS J 370 -23.57 56.24 -29.20
N LEU J 371 -24.07 55.76 -30.35
CA LEU J 371 -24.52 56.65 -31.41
C LEU J 371 -25.92 57.20 -31.16
N SER J 372 -26.76 56.45 -30.44
CA SER J 372 -28.15 56.84 -30.23
C SER J 372 -28.43 57.43 -28.86
N GLY J 373 -27.64 57.08 -27.85
CA GLY J 373 -27.83 57.61 -26.52
C GLY J 373 -26.53 57.85 -25.79
N GLY J 374 -26.42 57.36 -24.57
CA GLY J 374 -25.21 57.48 -23.80
C GLY J 374 -24.98 56.24 -22.96
N VAL J 375 -23.84 56.23 -22.27
CA VAL J 375 -23.49 55.14 -21.36
C VAL J 375 -23.24 55.71 -19.99
N ALA J 376 -23.53 54.91 -18.96
CA ALA J 376 -23.29 55.27 -17.58
C ALA J 376 -22.51 54.15 -16.90
N ILE J 377 -21.51 54.53 -16.10
CA ILE J 377 -20.69 53.58 -15.39
C ILE J 377 -20.92 53.78 -13.90
N ILE J 378 -21.46 52.76 -13.25
CA ILE J 378 -21.65 52.78 -11.80
C ILE J 378 -20.48 52.07 -11.17
N ARG J 379 -19.59 52.83 -10.53
CA ARG J 379 -18.42 52.27 -9.88
C ARG J 379 -18.75 52.00 -8.42
N VAL J 380 -18.84 50.72 -8.06
CA VAL J 380 -19.21 50.29 -6.72
C VAL J 380 -17.96 50.30 -5.85
N GLY J 381 -18.05 50.93 -4.68
CA GLY J 381 -16.92 51.03 -3.79
C GLY J 381 -17.29 50.60 -2.39
N ALA J 382 -16.32 49.98 -1.71
CA ALA J 382 -16.49 49.55 -0.34
C ALA J 382 -15.13 49.56 0.34
N ALA J 383 -15.17 49.55 1.68
CA ALA J 383 -13.93 49.58 2.45
C ALA J 383 -13.11 48.30 2.28
N THR J 384 -13.71 47.24 1.75
CA THR J 384 -13.05 45.94 1.67
C THR J 384 -13.48 45.24 0.39
N GLU J 385 -12.54 44.48 -0.20
CA GLU J 385 -12.85 43.71 -1.40
C GLU J 385 -13.96 42.69 -1.13
N ALA J 386 -13.95 42.07 0.05
CA ALA J 386 -14.99 41.10 0.38
C ALA J 386 -16.37 41.75 0.42
N GLU J 387 -16.48 42.95 0.98
CA GLU J 387 -17.74 43.66 0.97
C GLU J 387 -18.06 44.22 -0.42
N LEU J 388 -17.02 44.60 -1.17
CA LEU J 388 -17.23 45.19 -2.48
C LEU J 388 -17.89 44.19 -3.43
N LYS J 389 -17.42 42.95 -3.41
CA LYS J 389 -17.94 41.96 -4.37
C LYS J 389 -19.41 41.67 -4.12
N GLU J 390 -19.82 41.55 -2.86
CA GLU J 390 -21.24 41.35 -2.55
C GLU J 390 -22.06 42.57 -2.95
N LYS J 391 -21.56 43.77 -2.64
CA LYS J 391 -22.28 44.98 -3.02
C LYS J 391 -22.39 45.12 -4.53
N LYS J 392 -21.31 44.80 -5.25
CA LYS J 392 -21.34 44.89 -6.70
C LYS J 392 -22.34 43.90 -7.30
N ALA J 393 -22.48 42.73 -6.69
CA ALA J 393 -23.43 41.75 -7.19
C ALA J 393 -24.86 42.26 -7.08
N ARG J 394 -25.20 42.92 -5.97
CA ARG J 394 -26.55 43.44 -5.79
C ARG J 394 -26.86 44.52 -6.81
N VAL J 395 -25.89 45.39 -7.11
CA VAL J 395 -26.10 46.44 -8.09
C VAL J 395 -26.37 45.85 -9.47
N GLU J 396 -25.65 44.78 -9.82
CA GLU J 396 -25.86 44.14 -11.11
C GLU J 396 -27.26 43.54 -11.20
N ASP J 397 -27.75 42.95 -10.11
CA ASP J 397 -29.10 42.40 -10.11
C ASP J 397 -30.13 43.49 -10.32
N ALA J 398 -29.97 44.62 -9.63
CA ALA J 398 -30.96 45.69 -9.73
C ALA J 398 -30.90 46.36 -11.10
N VAL J 399 -29.73 46.41 -11.72
CA VAL J 399 -29.63 46.96 -13.08
C VAL J 399 -30.37 46.05 -14.06
N HIS J 400 -30.19 44.74 -13.93
CA HIS J 400 -30.88 43.80 -14.81
C HIS J 400 -32.39 43.83 -14.58
N ALA J 401 -32.82 43.90 -13.31
CA ALA J 401 -34.24 43.94 -13.01
C ALA J 401 -34.87 45.23 -13.49
N THR J 402 -34.15 46.35 -13.36
CA THR J 402 -34.67 47.62 -13.86
C THR J 402 -34.85 47.59 -15.37
N LYS J 403 -33.88 46.99 -16.09
CA LYS J 403 -34.02 46.85 -17.53
C LYS J 403 -35.20 45.95 -17.89
N ALA J 404 -35.38 44.86 -17.15
CA ALA J 404 -36.48 43.94 -17.43
C ALA J 404 -37.83 44.58 -17.11
N ALA J 405 -37.87 45.45 -16.10
CA ALA J 405 -39.12 46.10 -15.74
C ALA J 405 -39.63 47.00 -16.87
N VAL J 406 -38.71 47.70 -17.54
CA VAL J 406 -39.10 48.58 -18.63
C VAL J 406 -39.68 47.79 -19.79
N GLU J 407 -39.15 46.59 -20.04
CA GLU J 407 -39.55 45.81 -21.21
C GLU J 407 -40.98 45.29 -21.07
N GLU J 408 -41.33 44.71 -19.93
CA GLU J 408 -42.59 44.00 -19.77
C GLU J 408 -43.42 44.47 -18.59
N GLY J 409 -43.07 45.59 -17.97
CA GLY J 409 -43.86 46.12 -16.87
C GLY J 409 -43.51 45.48 -15.54
N ILE J 410 -44.27 45.88 -14.52
CA ILE J 410 -44.03 45.42 -13.17
C ILE J 410 -45.23 44.60 -12.70
N VAL J 411 -45.05 43.90 -11.58
CA VAL J 411 -46.05 43.00 -11.03
C VAL J 411 -45.91 43.06 -9.51
N PRO J 412 -46.95 42.76 -8.73
CA PRO J 412 -46.79 42.75 -7.27
C PRO J 412 -45.70 41.77 -6.84
N GLY J 413 -44.92 42.18 -5.86
CA GLY J 413 -43.80 41.39 -5.39
C GLY J 413 -44.16 40.49 -4.22
N GLY J 414 -43.13 39.90 -3.65
CA GLY J 414 -43.31 39.01 -2.51
C GLY J 414 -43.98 37.70 -2.84
N GLY J 415 -43.96 37.28 -4.10
CA GLY J 415 -44.62 36.07 -4.51
C GLY J 415 -46.12 36.18 -4.70
N VAL J 416 -46.68 37.40 -4.60
CA VAL J 416 -48.12 37.57 -4.74
C VAL J 416 -48.56 37.27 -6.16
N ALA J 417 -47.74 37.64 -7.15
CA ALA J 417 -48.13 37.46 -8.55
C ALA J 417 -48.39 35.99 -8.88
N LEU J 418 -47.53 35.09 -8.41
CA LEU J 418 -47.76 33.67 -8.64
C LEU J 418 -48.99 33.18 -7.89
N VAL J 419 -49.21 33.69 -6.68
CA VAL J 419 -50.40 33.30 -5.91
C VAL J 419 -51.67 33.75 -6.64
N ARG J 420 -51.67 34.99 -7.13
CA ARG J 420 -52.82 35.48 -7.88
C ARG J 420 -53.00 34.71 -9.18
N ALA J 421 -51.89 34.40 -9.87
CA ALA J 421 -51.98 33.64 -11.11
C ALA J 421 -52.46 32.22 -10.89
N SER J 422 -52.12 31.63 -9.74
CA SER J 422 -52.53 30.26 -9.47
C SER J 422 -54.03 30.12 -9.28
N GLU J 423 -54.73 31.22 -9.00
CA GLU J 423 -56.17 31.16 -8.83
C GLU J 423 -56.90 30.81 -10.12
N ALA J 424 -56.35 31.18 -11.27
CA ALA J 424 -56.99 30.87 -12.54
C ALA J 424 -56.99 29.38 -12.86
N LEU J 425 -56.11 28.61 -12.22
CA LEU J 425 -56.05 27.17 -12.46
C LEU J 425 -57.23 26.42 -11.88
N ASP J 426 -58.02 27.04 -11.01
CA ASP J 426 -59.21 26.39 -10.49
C ASP J 426 -60.25 26.14 -11.57
N ASN J 427 -60.31 27.02 -12.57
CA ASN J 427 -61.27 26.88 -13.65
C ASN J 427 -60.78 25.95 -14.75
N LEU J 428 -59.46 25.76 -14.85
CA LEU J 428 -58.87 24.97 -15.93
C LEU J 428 -59.11 23.49 -15.66
N LYS J 429 -60.06 22.92 -16.40
CA LYS J 429 -60.32 21.49 -16.33
C LYS J 429 -59.88 20.82 -17.63
N VAL J 430 -59.37 19.60 -17.48
CA VAL J 430 -58.93 18.80 -18.62
C VAL J 430 -59.60 17.43 -18.55
N ASP J 431 -59.70 16.77 -19.71
CA ASP J 431 -60.42 15.51 -19.79
C ASP J 431 -59.64 14.35 -19.18
N ASN J 432 -58.31 14.42 -19.17
CA ASN J 432 -57.48 13.33 -18.69
C ASN J 432 -57.23 13.51 -17.19
N ALA J 433 -57.42 12.43 -16.43
CA ALA J 433 -57.22 12.51 -14.98
C ALA J 433 -55.78 12.80 -14.61
N ASP J 434 -54.82 12.17 -15.29
CA ASP J 434 -53.42 12.39 -14.96
C ASP J 434 -52.98 13.80 -15.33
N GLN J 435 -53.51 14.37 -16.40
CA GLN J 435 -53.18 15.75 -16.76
C GLN J 435 -53.73 16.72 -15.72
N GLN J 436 -54.83 16.36 -15.07
CA GLN J 436 -55.38 17.20 -14.00
C GLN J 436 -54.41 17.26 -12.82
N LEU J 437 -53.73 16.15 -12.53
CA LEU J 437 -52.73 16.17 -11.46
C LEU J 437 -51.59 17.11 -11.77
N GLY J 438 -51.20 17.19 -13.05
CA GLY J 438 -50.17 18.14 -13.43
C GLY J 438 -50.57 19.58 -13.18
N ILE J 439 -51.85 19.89 -13.43
CA ILE J 439 -52.35 21.23 -13.14
C ILE J 439 -52.30 21.52 -11.64
N ASP J 440 -52.68 20.53 -10.83
CA ASP J 440 -52.65 20.71 -9.38
C ASP J 440 -51.22 20.91 -8.88
N ILE J 441 -50.25 20.29 -9.54
CA ILE J 441 -48.85 20.43 -9.13
C ILE J 441 -48.39 21.87 -9.33
N ILE J 442 -48.73 22.47 -10.47
CA ILE J 442 -48.33 23.85 -10.73
C ILE J 442 -49.06 24.81 -9.79
N LYS J 443 -50.33 24.52 -9.48
CA LYS J 443 -51.06 25.35 -8.53
C LYS J 443 -50.41 25.35 -7.16
N LYS J 444 -49.98 24.17 -6.69
CA LYS J 444 -49.31 24.09 -5.40
C LYS J 444 -47.91 24.71 -5.46
N ALA J 445 -47.22 24.53 -6.59
CA ALA J 445 -45.86 25.06 -6.73
C ALA J 445 -45.86 26.59 -6.74
N CYS J 446 -46.84 27.19 -7.42
CA CYS J 446 -46.88 28.64 -7.55
C CYS J 446 -47.00 29.32 -6.19
N ARG J 447 -47.53 28.62 -5.19
CA ARG J 447 -47.72 29.19 -3.86
C ARG J 447 -46.59 28.85 -2.91
N THR J 448 -45.51 28.26 -3.39
CA THR J 448 -44.36 27.91 -2.56
C THR J 448 -43.43 29.10 -2.30
N PRO J 449 -43.10 29.94 -3.30
CA PRO J 449 -42.20 31.06 -3.02
C PRO J 449 -42.67 31.99 -1.91
N ILE J 450 -43.97 32.25 -1.81
CA ILE J 450 -44.47 33.13 -0.76
C ILE J 450 -44.29 32.48 0.60
N ARG J 451 -44.44 31.15 0.67
CA ARG J 451 -44.26 30.45 1.95
C ARG J 451 -42.81 30.42 2.37
N GLN J 452 -41.88 30.34 1.41
CA GLN J 452 -40.46 30.34 1.75
C GLN J 452 -40.00 31.72 2.22
N ILE J 453 -40.55 32.78 1.62
CA ILE J 453 -40.23 34.13 2.07
C ILE J 453 -40.72 34.33 3.50
N ALA J 454 -41.93 33.86 3.81
CA ALA J 454 -42.44 33.94 5.17
C ALA J 454 -41.58 33.10 6.12
N ALA J 455 -41.17 31.91 5.68
CA ALA J 455 -40.37 31.04 6.54
C ALA J 455 -39.02 31.66 6.85
N ASN J 456 -38.40 32.31 5.86
CA ASN J 456 -37.11 32.95 6.09
C ASN J 456 -37.24 34.12 7.06
N SER J 457 -38.41 34.75 7.13
CA SER J 457 -38.62 35.89 8.00
C SER J 457 -39.11 35.51 9.38
N GLY J 458 -39.25 34.23 9.68
CA GLY J 458 -39.67 33.79 10.99
C GLY J 458 -41.15 33.58 11.17
N PHE J 459 -41.94 33.68 10.10
CA PHE J 459 -43.38 33.47 10.15
C PHE J 459 -43.72 32.12 9.53
N GLU J 460 -44.83 31.54 9.97
CA GLU J 460 -45.29 30.29 9.38
C GLU J 460 -45.85 30.54 7.99
N GLY J 461 -45.36 29.77 7.02
CA GLY J 461 -45.73 30.01 5.63
C GLY J 461 -47.19 29.76 5.34
N TYR J 462 -47.74 28.67 5.89
CA TYR J 462 -49.12 28.33 5.61
C TYR J 462 -50.10 29.35 6.19
N VAL J 463 -49.80 29.88 7.37
CA VAL J 463 -50.66 30.92 7.95
C VAL J 463 -50.65 32.16 7.08
N VAL J 464 -49.48 32.56 6.59
CA VAL J 464 -49.38 33.73 5.73
C VAL J 464 -50.12 33.50 4.43
N LEU J 465 -50.03 32.29 3.88
CA LEU J 465 -50.64 32.01 2.59
C LEU J 465 -52.16 32.13 2.65
N GLU J 466 -52.77 31.64 3.73
CA GLU J 466 -54.22 31.73 3.87
C GLU J 466 -54.67 33.18 3.92
N LYS J 467 -53.97 34.02 4.68
CA LYS J 467 -54.34 35.43 4.77
C LYS J 467 -54.21 36.11 3.42
N VAL J 468 -53.13 35.84 2.68
CA VAL J 468 -52.93 36.47 1.39
C VAL J 468 -53.99 36.02 0.39
N LEU J 469 -54.39 34.75 0.45
CA LEU J 469 -55.45 34.27 -0.43
C LEU J 469 -56.77 34.97 -0.14
N GLN J 470 -57.11 35.14 1.14
CA GLN J 470 -58.39 35.75 1.49
C GLN J 470 -58.33 37.26 1.31
N LEU J 471 -57.15 37.88 1.46
CA LEU J 471 -57.05 39.31 1.25
C LEU J 471 -57.22 39.68 -0.21
N GLY J 472 -57.09 38.70 -1.11
CA GLY J 472 -57.24 38.98 -2.53
C GLY J 472 -58.63 39.43 -2.90
N LYS J 473 -59.65 38.86 -2.26
CA LYS J 473 -61.03 39.24 -2.53
C LYS J 473 -61.54 40.32 -1.60
N GLU J 474 -61.06 40.35 -0.35
CA GLU J 474 -61.51 41.35 0.60
C GLU J 474 -60.92 42.73 0.33
N LYS J 475 -59.63 42.79 -0.05
CA LYS J 475 -58.94 44.06 -0.25
C LYS J 475 -58.62 44.32 -1.71
N GLY J 476 -57.98 43.39 -2.38
CA GLY J 476 -57.61 43.54 -3.77
C GLY J 476 -56.54 42.54 -4.16
N LYS J 477 -56.27 42.47 -5.46
CA LYS J 477 -55.29 41.52 -5.96
C LYS J 477 -53.88 41.88 -5.50
N ASN J 478 -53.59 43.17 -5.42
CA ASN J 478 -52.23 43.64 -5.11
C ASN J 478 -51.85 43.49 -3.65
N TRP J 479 -52.79 43.10 -2.78
CA TRP J 479 -52.47 42.97 -1.37
C TRP J 479 -51.68 41.70 -1.10
N GLY J 480 -50.68 41.81 -0.24
CA GLY J 480 -49.82 40.69 0.08
C GLY J 480 -49.21 40.85 1.46
N PHE J 481 -48.10 40.15 1.67
CA PHE J 481 -47.40 40.13 2.94
C PHE J 481 -46.05 40.83 2.80
N ASP J 482 -45.79 41.80 3.67
CA ASP J 482 -44.52 42.52 3.69
C ASP J 482 -43.63 41.83 4.72
N ALA J 483 -42.81 40.90 4.24
CA ALA J 483 -41.92 40.14 5.13
C ALA J 483 -40.85 40.99 5.77
N GLY J 484 -40.58 42.19 5.24
CA GLY J 484 -39.55 43.03 5.83
C GLY J 484 -39.90 43.50 7.23
N VAL J 485 -41.14 43.92 7.44
CA VAL J 485 -41.57 44.43 8.74
C VAL J 485 -42.62 43.51 9.34
N GLY J 486 -43.17 42.60 8.53
CA GLY J 486 -44.05 41.57 9.04
C GLY J 486 -45.51 41.95 9.18
N ASP J 487 -46.09 42.57 8.15
CA ASP J 487 -47.51 42.89 8.16
C ASP J 487 -48.03 42.86 6.73
N TYR J 488 -49.35 42.83 6.60
CA TYR J 488 -50.00 42.76 5.30
C TYR J 488 -50.37 44.16 4.83
N LYS J 489 -50.15 44.40 3.53
CA LYS J 489 -50.44 45.70 2.94
C LYS J 489 -50.53 45.55 1.43
N ASP J 490 -50.78 46.67 0.76
CA ASP J 490 -50.77 46.70 -0.69
C ASP J 490 -49.32 46.75 -1.17
N MET J 491 -48.90 45.70 -1.90
CA MET J 491 -47.51 45.61 -2.31
C MET J 491 -47.16 46.65 -3.37
N VAL J 492 -48.08 46.93 -4.29
CA VAL J 492 -47.78 47.92 -5.33
C VAL J 492 -47.65 49.32 -4.74
N GLU J 493 -48.51 49.69 -3.79
CA GLU J 493 -48.40 51.00 -3.17
C GLU J 493 -47.17 51.09 -2.29
N ALA J 494 -46.83 50.00 -1.58
CA ALA J 494 -45.65 49.99 -0.72
C ALA J 494 -44.35 49.96 -1.52
N GLY J 495 -44.42 49.73 -2.83
CA GLY J 495 -43.23 49.64 -3.64
C GLY J 495 -42.57 48.28 -3.68
N ILE J 496 -43.21 47.26 -3.11
CA ILE J 496 -42.66 45.88 -3.16
C ILE J 496 -43.18 45.27 -4.44
N ILE J 497 -42.44 45.50 -5.53
CA ILE J 497 -42.87 45.10 -6.86
C ILE J 497 -41.74 44.32 -7.53
N ASP J 498 -42.11 43.47 -8.48
CA ASP J 498 -41.18 42.66 -9.26
C ASP J 498 -41.44 42.86 -10.74
N PRO J 499 -40.41 42.74 -11.57
CA PRO J 499 -40.63 42.80 -13.03
C PRO J 499 -41.47 41.62 -13.49
N THR J 500 -42.30 41.87 -14.51
CA THR J 500 -43.11 40.80 -15.06
C THR J 500 -42.25 39.77 -15.78
N LYS J 501 -41.16 40.21 -16.41
CA LYS J 501 -40.27 39.30 -17.11
C LYS J 501 -39.65 38.30 -16.15
N VAL J 502 -39.23 38.76 -14.98
CA VAL J 502 -38.56 37.87 -14.02
C VAL J 502 -39.52 36.78 -13.55
N VAL J 503 -40.75 37.15 -13.22
CA VAL J 503 -41.73 36.18 -12.76
C VAL J 503 -42.07 35.19 -13.88
N ARG J 504 -42.27 35.70 -15.09
CA ARG J 504 -42.62 34.84 -16.21
C ARG J 504 -41.51 33.85 -16.52
N VAL J 505 -40.27 34.31 -16.55
CA VAL J 505 -39.16 33.43 -16.92
C VAL J 505 -38.92 32.38 -15.84
N ALA J 506 -39.08 32.76 -14.57
CA ALA J 506 -38.81 31.84 -13.48
C ALA J 506 -39.72 30.62 -13.53
N ILE J 507 -41.02 30.83 -13.73
CA ILE J 507 -41.95 29.71 -13.75
C ILE J 507 -41.77 28.88 -15.02
N GLN J 508 -41.51 29.53 -16.15
CA GLN J 508 -41.32 28.79 -17.40
C GLN J 508 -40.07 27.92 -17.36
N ASN J 509 -38.97 28.47 -16.85
CA ASN J 509 -37.74 27.69 -16.77
C ASN J 509 -37.86 26.55 -15.77
N ALA J 510 -38.48 26.81 -14.63
CA ALA J 510 -38.62 25.79 -13.60
C ALA J 510 -39.49 24.63 -14.08
N ALA J 511 -40.59 24.96 -14.77
CA ALA J 511 -41.50 23.91 -15.22
C ALA J 511 -40.91 23.08 -16.34
N SER J 512 -40.14 23.71 -17.23
CA SER J 512 -39.58 22.99 -18.37
C SER J 512 -38.61 21.91 -17.91
N VAL J 513 -37.78 22.21 -16.92
CA VAL J 513 -36.82 21.23 -16.43
C VAL J 513 -37.51 20.20 -15.53
N ALA J 514 -38.27 20.67 -14.56
CA ALA J 514 -38.90 19.75 -13.60
C ALA J 514 -39.87 18.81 -14.30
N GLY J 515 -40.60 19.32 -15.29
CA GLY J 515 -41.48 18.45 -16.07
C GLY J 515 -40.72 17.39 -16.83
N THR J 516 -39.57 17.76 -17.40
CA THR J 516 -38.76 16.79 -18.15
C THR J 516 -38.23 15.70 -17.24
N MET J 517 -37.77 16.07 -16.04
CA MET J 517 -37.19 15.09 -15.13
C MET J 517 -38.23 14.09 -14.65
N LEU J 518 -39.50 14.51 -14.56
CA LEU J 518 -40.53 13.62 -14.02
C LEU J 518 -40.80 12.44 -14.95
N THR J 519 -40.49 12.59 -16.24
CA THR J 519 -40.73 11.50 -17.18
C THR J 519 -39.65 10.43 -17.13
N ALA J 520 -38.61 10.62 -16.32
CA ALA J 520 -37.51 9.67 -16.26
C ALA J 520 -37.93 8.39 -15.54
N GLU J 521 -37.38 7.26 -16.00
CA GLU J 521 -37.59 5.98 -15.36
C GLU J 521 -36.29 5.27 -14.98
N ALA J 522 -35.22 5.48 -15.74
CA ALA J 522 -33.94 4.85 -15.46
C ALA J 522 -32.84 5.89 -15.53
N LEU J 523 -31.78 5.65 -14.76
CA LEU J 523 -30.61 6.52 -14.72
C LEU J 523 -29.37 5.70 -15.07
N VAL J 524 -28.57 6.20 -16.00
CA VAL J 524 -27.35 5.54 -16.44
C VAL J 524 -26.17 6.40 -16.04
N ALA J 525 -25.27 5.82 -15.25
CA ALA J 525 -24.08 6.54 -14.81
C ALA J 525 -22.93 5.55 -14.65
N GLU J 526 -21.71 6.07 -14.74
CA GLU J 526 -20.52 5.24 -14.59
C GLU J 526 -20.34 4.81 -13.14
N ILE J 527 -19.71 3.65 -12.96
CA ILE J 527 -19.32 3.19 -11.63
C ILE J 527 -18.02 3.90 -11.26
N PRO J 528 -17.99 4.63 -10.14
CA PRO J 528 -16.82 5.39 -9.70
C PRO J 528 -15.57 4.53 -9.50
N ALA K 1 -13.69 0.55 43.84
CA ALA K 1 -13.06 0.08 42.60
C ALA K 1 -12.55 1.25 41.78
N ALA K 2 -11.82 0.94 40.71
CA ALA K 2 -11.31 1.99 39.83
C ALA K 2 -12.47 2.70 39.14
N LYS K 3 -12.37 4.02 39.06
CA LYS K 3 -13.43 4.84 38.50
C LYS K 3 -12.86 5.79 37.45
N LYS K 4 -13.68 6.07 36.45
CA LYS K 4 -13.34 6.99 35.38
C LYS K 4 -14.19 8.25 35.52
N VAL K 5 -13.53 9.41 35.45
CA VAL K 5 -14.17 10.69 35.69
C VAL K 5 -14.18 11.50 34.39
N ILE K 6 -15.30 12.15 34.10
CA ILE K 6 -15.47 12.97 32.92
C ILE K 6 -15.75 14.39 33.36
N TYR K 7 -15.08 15.36 32.74
CA TYR K 7 -15.09 16.74 33.20
C TYR K 7 -15.68 17.68 32.15
N GLY K 8 -16.33 18.73 32.65
CA GLY K 8 -16.64 19.89 31.81
C GLY K 8 -17.61 19.58 30.69
N GLU K 9 -17.33 20.16 29.52
CA GLU K 9 -18.23 20.05 28.38
C GLU K 9 -18.45 18.60 27.97
N ASP K 10 -17.44 17.75 28.15
CA ASP K 10 -17.61 16.33 27.84
C ASP K 10 -18.66 15.69 28.73
N ALA K 11 -18.68 16.04 30.02
CA ALA K 11 -19.65 15.46 30.94
C ALA K 11 -21.07 15.81 30.54
N ARG K 12 -21.31 17.08 30.20
CA ARG K 12 -22.66 17.49 29.81
C ARG K 12 -23.05 16.90 28.47
N ALA K 13 -22.07 16.64 27.60
CA ALA K 13 -22.38 16.04 26.31
C ALA K 13 -22.93 14.63 26.48
N ARG K 14 -22.37 13.86 27.41
CA ARG K 14 -22.87 12.51 27.66
C ARG K 14 -24.28 12.55 28.26
N LEU K 15 -24.53 13.50 29.16
CA LEU K 15 -25.86 13.62 29.74
C LEU K 15 -26.90 13.96 28.69
N LYS K 16 -26.55 14.86 27.77
CA LYS K 16 -27.49 15.25 26.72
C LYS K 16 -27.87 14.06 25.85
N ALA K 17 -26.89 13.23 25.51
CA ALA K 17 -27.18 12.04 24.71
C ALA K 17 -28.10 11.08 25.45
N GLY K 18 -27.86 10.88 26.75
CA GLY K 18 -28.70 10.00 27.52
C GLY K 18 -30.12 10.52 27.68
N VAL K 19 -30.26 11.83 27.93
CA VAL K 19 -31.58 12.42 28.08
C VAL K 19 -32.34 12.38 26.76
N ASP K 20 -31.64 12.67 25.65
CA ASP K 20 -32.30 12.66 24.34
C ASP K 20 -32.84 11.28 24.01
N LYS K 21 -32.05 10.23 24.28
CA LYS K 21 -32.49 8.88 23.96
C LYS K 21 -33.71 8.48 24.80
N LEU K 22 -33.76 8.93 26.05
CA LEU K 22 -34.93 8.69 26.88
C LEU K 22 -36.14 9.47 26.38
N ALA K 23 -35.95 10.76 26.12
CA ALA K 23 -37.08 11.62 25.76
C ALA K 23 -37.63 11.26 24.37
N ASN K 24 -36.75 10.95 23.43
CA ASN K 24 -37.21 10.65 22.07
C ASN K 24 -38.06 9.39 22.04
N ALA K 25 -37.81 8.44 22.95
CA ALA K 25 -38.63 7.24 22.99
C ALA K 25 -39.98 7.51 23.64
N VAL K 26 -40.01 8.43 24.61
CA VAL K 26 -41.22 8.64 25.41
C VAL K 26 -42.10 9.74 24.81
N LYS K 27 -41.50 10.78 24.24
CA LYS K 27 -42.29 11.93 23.79
C LYS K 27 -43.22 11.57 22.64
N VAL K 28 -42.94 10.48 21.92
CA VAL K 28 -43.79 10.08 20.81
C VAL K 28 -45.13 9.52 21.28
N THR K 29 -45.26 9.20 22.57
CA THR K 29 -46.51 8.71 23.13
C THR K 29 -47.34 9.79 23.80
N LEU K 30 -46.91 11.05 23.75
CA LEU K 30 -47.63 12.11 24.43
C LEU K 30 -48.93 12.43 23.72
N GLY K 31 -49.99 12.65 24.49
CA GLY K 31 -51.27 13.03 23.95
C GLY K 31 -52.22 11.84 23.81
N PRO K 32 -53.43 12.11 23.30
CA PRO K 32 -54.39 11.02 23.10
C PRO K 32 -54.16 10.22 21.82
N ARG K 33 -53.36 10.74 20.89
CA ARG K 33 -53.03 10.06 19.65
C ARG K 33 -51.54 9.73 19.59
N GLY K 34 -50.99 9.27 20.72
CA GLY K 34 -49.58 8.95 20.76
C GLY K 34 -49.25 7.76 19.87
N ARG K 35 -48.04 7.76 19.32
CA ARG K 35 -47.60 6.68 18.46
C ARG K 35 -47.28 5.43 19.29
N GLU K 36 -47.09 4.33 18.60
CA GLU K 36 -46.85 3.05 19.26
C GLU K 36 -45.36 2.88 19.57
N VAL K 37 -45.09 2.25 20.72
CA VAL K 37 -43.75 1.80 21.08
C VAL K 37 -43.83 0.31 21.36
N ILE K 38 -42.95 -0.46 20.73
CA ILE K 38 -42.96 -1.91 20.82
C ILE K 38 -41.82 -2.34 21.72
N ILE K 39 -42.14 -3.08 22.78
CA ILE K 39 -41.18 -3.49 23.80
C ILE K 39 -41.01 -4.99 23.73
N GLU K 40 -39.76 -5.44 23.65
CA GLU K 40 -39.48 -6.87 23.60
C GLU K 40 -39.86 -7.54 24.91
N LYS K 41 -40.43 -8.74 24.80
CA LYS K 41 -40.69 -9.61 25.94
C LYS K 41 -40.00 -10.94 25.67
N LYS K 42 -39.12 -11.35 26.60
CA LYS K 42 -38.36 -12.57 26.39
C LYS K 42 -39.28 -13.78 26.39
N TRP K 43 -39.14 -14.63 25.37
CA TRP K 43 -39.95 -15.83 25.19
C TRP K 43 -41.44 -15.52 25.09
N GLY K 44 -41.79 -14.30 24.71
CA GLY K 44 -43.16 -13.88 24.55
C GLY K 44 -43.34 -12.93 23.38
N THR K 45 -44.59 -12.62 23.11
CA THR K 45 -44.91 -11.69 22.04
C THR K 45 -44.59 -10.26 22.47
N PRO K 46 -44.02 -9.45 21.59
CA PRO K 46 -43.69 -8.06 21.97
C PRO K 46 -44.93 -7.29 22.40
N VAL K 47 -44.73 -6.37 23.34
CA VAL K 47 -45.81 -5.60 23.94
C VAL K 47 -45.85 -4.23 23.26
N VAL K 48 -47.03 -3.81 22.83
CA VAL K 48 -47.24 -2.54 22.15
C VAL K 48 -47.94 -1.59 23.12
N THR K 49 -47.33 -0.43 23.37
CA THR K 49 -47.86 0.54 24.31
C THR K 49 -47.88 1.93 23.71
N LYS K 50 -48.84 2.73 24.15
CA LYS K 50 -48.87 4.17 23.92
C LYS K 50 -48.85 4.91 25.25
N ASP K 51 -48.32 4.28 26.29
CA ASP K 51 -48.48 4.75 27.65
C ASP K 51 -47.46 5.80 28.07
N GLY K 52 -46.19 5.61 27.73
CA GLY K 52 -45.16 6.55 28.16
C GLY K 52 -44.56 6.18 29.50
N VAL K 53 -45.41 6.01 30.51
CA VAL K 53 -44.94 5.52 31.81
C VAL K 53 -44.37 4.12 31.67
N THR K 54 -45.07 3.26 30.91
CA THR K 54 -44.57 1.91 30.65
C THR K 54 -43.24 1.95 29.89
N VAL K 55 -43.13 2.84 28.90
CA VAL K 55 -41.90 2.94 28.13
C VAL K 55 -40.75 3.40 29.02
N ALA K 56 -41.00 4.39 29.87
CA ALA K 56 -39.94 4.92 30.71
C ALA K 56 -39.43 3.89 31.71
N LYS K 57 -40.32 3.01 32.18
CA LYS K 57 -39.91 2.00 33.15
C LYS K 57 -38.89 1.02 32.58
N GLU K 58 -38.91 0.81 31.26
CA GLU K 58 -38.05 -0.19 30.64
C GLU K 58 -36.75 0.38 30.10
N ILE K 59 -36.55 1.69 30.16
CA ILE K 59 -35.41 2.31 29.49
C ILE K 59 -34.22 2.29 30.42
N GLU K 60 -33.13 1.65 29.98
CA GLU K 60 -31.85 1.64 30.68
C GLU K 60 -30.76 1.42 29.65
N PHE K 61 -29.65 2.14 29.80
CA PHE K 61 -28.62 2.18 28.78
C PHE K 61 -27.33 1.55 29.28
N LYS K 62 -26.54 1.02 28.35
CA LYS K 62 -25.28 0.37 28.70
C LYS K 62 -24.26 1.39 29.19
N ASP K 63 -24.18 2.54 28.53
CA ASP K 63 -23.17 3.54 28.89
C ASP K 63 -23.50 4.13 30.26
N PRO K 64 -22.61 4.02 31.23
CA PRO K 64 -22.93 4.52 32.58
C PRO K 64 -23.18 6.03 32.63
N TYR K 65 -22.47 6.80 31.81
CA TYR K 65 -22.64 8.25 31.84
C TYR K 65 -23.93 8.68 31.15
N GLU K 66 -24.26 8.06 30.02
CA GLU K 66 -25.56 8.34 29.40
C GLU K 66 -26.70 7.82 30.26
N ASN K 67 -26.48 6.72 30.96
CA ASN K 67 -27.52 6.20 31.86
C ASN K 67 -27.78 7.16 33.01
N MET K 68 -26.77 7.92 33.41
CA MET K 68 -26.96 8.90 34.49
C MET K 68 -27.98 9.95 34.08
N GLY K 69 -27.90 10.44 32.84
CA GLY K 69 -28.86 11.42 32.39
C GLY K 69 -30.27 10.87 32.31
N ALA K 70 -30.40 9.64 31.82
CA ALA K 70 -31.73 9.03 31.73
C ALA K 70 -32.34 8.79 33.10
N GLN K 71 -31.53 8.30 34.04
CA GLN K 71 -32.07 7.99 35.36
C GLN K 71 -32.45 9.25 36.13
N LEU K 72 -31.67 10.32 35.98
CA LEU K 72 -31.99 11.57 36.68
C LEU K 72 -33.31 12.14 36.22
N VAL K 73 -33.55 12.14 34.90
CA VAL K 73 -34.82 12.65 34.38
C VAL K 73 -35.96 11.71 34.76
N LYS K 74 -35.70 10.40 34.77
CA LYS K 74 -36.75 9.44 35.10
C LYS K 74 -37.24 9.62 36.52
N GLU K 75 -36.32 9.81 37.47
CA GLU K 75 -36.72 9.98 38.87
C GLU K 75 -37.53 11.26 39.05
N VAL K 76 -37.07 12.36 38.47
CA VAL K 76 -37.75 13.64 38.62
C VAL K 76 -39.12 13.59 37.97
N ALA K 77 -39.21 12.99 36.78
CA ALA K 77 -40.50 12.82 36.12
C ALA K 77 -41.40 11.87 36.90
N SER K 78 -40.82 10.85 37.55
CA SER K 78 -41.62 9.92 38.33
C SER K 78 -42.20 10.58 39.58
N LYS K 79 -41.46 11.52 40.17
CA LYS K 79 -41.95 12.22 41.34
C LYS K 79 -43.17 13.08 41.01
N THR K 80 -43.31 13.50 39.75
CA THR K 80 -44.49 14.25 39.34
C THR K 80 -45.74 13.39 39.48
N SER K 81 -45.66 12.13 39.06
CA SER K 81 -46.80 11.23 39.21
C SER K 81 -47.01 10.83 40.68
N ASP K 82 -45.93 10.72 41.45
CA ASP K 82 -46.06 10.36 42.85
C ASP K 82 -46.75 11.46 43.64
N VAL K 83 -46.68 12.71 43.18
CA VAL K 83 -47.29 13.82 43.88
C VAL K 83 -48.62 14.25 43.27
N ALA K 84 -48.75 14.21 41.94
CA ALA K 84 -49.97 14.68 41.30
C ALA K 84 -50.72 13.62 40.51
N GLY K 85 -50.19 12.40 40.41
CA GLY K 85 -50.89 11.31 39.77
C GLY K 85 -50.81 11.27 38.26
N ASP K 86 -50.26 12.31 37.62
CA ASP K 86 -50.21 12.38 36.17
C ASP K 86 -49.12 13.35 35.76
N GLY K 87 -48.69 13.25 34.50
CA GLY K 87 -47.74 14.20 33.96
C GLY K 87 -46.31 13.71 33.86
N THR K 88 -46.12 12.40 33.93
CA THR K 88 -44.76 11.85 33.84
C THR K 88 -44.15 12.14 32.48
N THR K 89 -44.90 11.93 31.41
CA THR K 89 -44.36 12.18 30.06
C THR K 89 -44.17 13.67 29.82
N THR K 90 -45.10 14.50 30.31
CA THR K 90 -44.98 15.94 30.11
C THR K 90 -43.73 16.49 30.78
N ALA K 91 -43.42 16.01 31.99
CA ALA K 91 -42.23 16.47 32.68
C ALA K 91 -40.97 16.08 31.91
N THR K 92 -40.95 14.87 31.34
CA THR K 92 -39.80 14.44 30.55
C THR K 92 -39.64 15.29 29.29
N VAL K 93 -40.75 15.63 28.63
CA VAL K 93 -40.68 16.46 27.44
C VAL K 93 -40.16 17.85 27.80
N LEU K 94 -40.66 18.41 28.90
CA LEU K 94 -40.19 19.72 29.34
C LEU K 94 -38.72 19.70 29.71
N ALA K 95 -38.28 18.63 30.39
CA ALA K 95 -36.89 18.56 30.83
C ALA K 95 -35.93 18.55 29.64
N GLN K 96 -36.27 17.81 28.58
CA GLN K 96 -35.42 17.80 27.39
C GLN K 96 -35.35 19.17 26.75
N ALA K 97 -36.48 19.87 26.67
CA ALA K 97 -36.51 21.17 26.01
C ALA K 97 -35.66 22.18 26.75
N ILE K 98 -35.75 22.21 28.08
CA ILE K 98 -34.97 23.17 28.86
C ILE K 98 -33.49 22.84 28.77
N PHE K 99 -33.13 21.56 28.92
CA PHE K 99 -31.74 21.16 28.93
C PHE K 99 -31.08 21.40 27.58
N ASN K 100 -31.79 21.07 26.49
CA ASN K 100 -31.21 21.25 25.15
C ASN K 100 -31.00 22.72 24.83
N GLU K 101 -32.00 23.56 25.13
CA GLU K 101 -31.85 24.99 24.86
C GLU K 101 -30.85 25.64 25.82
N GLY K 102 -30.78 25.15 27.05
CA GLY K 102 -29.79 25.68 27.98
C GLY K 102 -28.36 25.41 27.52
N LEU K 103 -28.11 24.22 26.98
CA LEU K 103 -26.78 23.90 26.47
C LEU K 103 -26.43 24.75 25.27
N ARG K 104 -27.42 25.08 24.43
CA ARG K 104 -27.17 25.94 23.28
C ARG K 104 -26.72 27.33 23.73
N ALA K 105 -27.37 27.88 24.75
CA ALA K 105 -27.00 29.20 25.23
C ALA K 105 -25.59 29.20 25.82
N ILE K 106 -25.26 28.14 26.57
CA ILE K 106 -23.94 28.04 27.16
C ILE K 106 -22.87 27.92 26.08
N ALA K 107 -23.17 27.16 25.02
CA ALA K 107 -22.24 27.01 23.91
C ALA K 107 -21.98 28.32 23.18
N SER K 108 -22.88 29.30 23.32
CA SER K 108 -22.71 30.61 22.70
C SER K 108 -21.95 31.57 23.60
N GLY K 109 -21.50 31.13 24.77
CA GLY K 109 -20.73 31.96 25.65
C GLY K 109 -21.49 32.56 26.82
N ALA K 110 -22.76 32.22 26.99
CA ALA K 110 -23.54 32.76 28.09
C ALA K 110 -23.10 32.15 29.41
N ASN K 111 -23.31 32.90 30.48
CA ASN K 111 -22.93 32.45 31.82
C ASN K 111 -23.93 31.42 32.32
N PRO K 112 -23.50 30.19 32.64
CA PRO K 112 -24.45 29.19 33.14
C PRO K 112 -25.13 29.59 34.44
N MET K 113 -24.44 30.33 35.33
CA MET K 113 -25.05 30.74 36.57
C MET K 113 -26.18 31.74 36.33
N ASP K 114 -25.99 32.66 35.39
CA ASP K 114 -27.04 33.64 35.09
C ASP K 114 -28.19 33.00 34.33
N ILE K 115 -27.91 31.96 33.54
CA ILE K 115 -28.98 31.25 32.84
C ILE K 115 -29.92 30.60 33.85
N LYS K 116 -29.36 29.97 34.89
CA LYS K 116 -30.20 29.34 35.89
C LYS K 116 -31.02 30.38 36.66
N ARG K 117 -30.43 31.55 36.92
CA ARG K 117 -31.19 32.62 37.58
C ARG K 117 -32.40 33.04 36.75
N GLY K 118 -32.21 33.13 35.43
CA GLY K 118 -33.35 33.42 34.57
C GLY K 118 -34.37 32.30 34.55
N ILE K 119 -33.90 31.05 34.62
CA ILE K 119 -34.82 29.91 34.56
C ILE K 119 -35.70 29.88 35.81
N ASP K 120 -35.10 30.01 36.99
CA ASP K 120 -35.89 30.02 38.22
C ASP K 120 -36.80 31.24 38.27
N LYS K 121 -36.32 32.38 37.81
CA LYS K 121 -37.15 33.58 37.78
C LYS K 121 -38.34 33.40 36.83
N ALA K 122 -38.09 32.80 35.66
CA ALA K 122 -39.17 32.61 34.70
C ALA K 122 -40.17 31.56 35.17
N VAL K 123 -39.68 30.51 35.82
CA VAL K 123 -40.57 29.45 36.31
C VAL K 123 -41.52 30.01 37.37
N GLU K 124 -41.01 30.90 38.22
CA GLU K 124 -41.87 31.50 39.25
C GLU K 124 -43.02 32.28 38.62
N THR K 125 -42.73 33.04 37.56
CA THR K 125 -43.79 33.76 36.86
C THR K 125 -44.79 32.80 36.22
N VAL K 126 -44.30 31.71 35.62
CA VAL K 126 -45.18 30.76 34.98
C VAL K 126 -46.10 30.09 36.00
N VAL K 127 -45.54 29.73 37.16
CA VAL K 127 -46.33 29.08 38.20
C VAL K 127 -47.43 30.01 38.69
N ASN K 128 -47.10 31.29 38.89
CA ASN K 128 -48.10 32.26 39.33
C ASN K 128 -49.23 32.40 38.32
N GLU K 129 -48.90 32.42 37.02
CA GLU K 129 -49.92 32.52 35.99
C GLU K 129 -50.82 31.29 35.98
N ILE K 130 -50.24 30.11 36.22
CA ILE K 130 -51.03 28.88 36.24
C ILE K 130 -52.05 28.92 37.37
N LYS K 131 -51.62 29.36 38.56
CA LYS K 131 -52.55 29.49 39.68
C LYS K 131 -53.64 30.52 39.39
N LYS K 132 -53.28 31.61 38.72
CA LYS K 132 -54.27 32.60 38.33
C LYS K 132 -55.26 32.02 37.31
N LEU K 133 -54.80 31.14 36.44
CA LEU K 133 -55.66 30.59 35.40
C LEU K 133 -56.60 29.52 35.97
N SER K 134 -56.16 28.81 37.01
CA SER K 134 -56.92 27.67 37.51
C SER K 134 -58.26 28.11 38.09
N ILE K 135 -59.25 27.24 37.98
CA ILE K 135 -60.56 27.46 38.58
C ILE K 135 -60.86 26.30 39.50
N PRO K 136 -61.57 26.52 40.61
CA PRO K 136 -61.87 25.41 41.52
C PRO K 136 -62.83 24.42 40.89
N VAL K 137 -62.71 23.16 41.29
CA VAL K 137 -63.66 22.14 40.86
C VAL K 137 -64.99 22.40 41.54
N SER K 138 -66.08 22.25 40.79
CA SER K 138 -67.39 22.64 41.30
C SER K 138 -68.31 21.46 41.60
N GLY K 139 -68.19 20.37 40.85
CA GLY K 139 -69.13 19.27 41.04
C GLY K 139 -68.73 18.06 40.22
N ARG K 140 -69.71 17.16 40.06
CA ARG K 140 -69.46 15.88 39.40
C ARG K 140 -69.06 16.05 37.95
N LYS K 141 -69.50 17.13 37.31
CA LYS K 141 -69.23 17.33 35.89
C LYS K 141 -67.73 17.38 35.62
N GLU K 142 -67.01 18.25 36.33
CA GLU K 142 -65.57 18.35 36.12
C GLU K 142 -64.82 17.21 36.78
N ILE K 143 -65.37 16.64 37.85
CA ILE K 143 -64.74 15.49 38.49
C ILE K 143 -64.68 14.31 37.53
N GLU K 144 -65.78 14.04 36.82
CA GLU K 144 -65.79 12.98 35.83
C GLU K 144 -64.84 13.30 34.68
N GLN K 145 -64.81 14.55 34.24
CA GLN K 145 -63.96 14.93 33.12
C GLN K 145 -62.48 14.76 33.44
N VAL K 146 -62.08 15.15 34.65
CA VAL K 146 -60.68 15.02 35.05
C VAL K 146 -60.28 13.55 35.10
N ALA K 147 -61.13 12.71 35.69
CA ALA K 147 -60.82 11.29 35.79
C ALA K 147 -60.74 10.64 34.42
N THR K 148 -61.62 11.05 33.50
CA THR K 148 -61.60 10.48 32.14
C THR K 148 -60.30 10.85 31.43
N ILE K 149 -59.89 12.11 31.51
CA ILE K 149 -58.66 12.54 30.86
C ILE K 149 -57.44 11.91 31.52
N SER K 150 -57.46 11.77 32.85
CA SER K 150 -56.36 11.10 33.54
C SER K 150 -56.23 9.64 33.11
N ALA K 151 -57.35 8.95 32.92
CA ALA K 151 -57.32 7.63 32.31
C ALA K 151 -57.13 7.78 30.80
N ASN K 152 -57.25 6.65 30.08
CA ASN K 152 -57.03 6.68 28.65
C ASN K 152 -58.28 7.15 27.92
N ASN K 153 -58.84 8.29 28.33
CA ASN K 153 -59.98 8.91 27.68
C ASN K 153 -61.15 7.95 27.53
N ASP K 154 -61.40 7.13 28.56
CA ASP K 154 -62.55 6.23 28.57
C ASP K 154 -63.48 6.64 29.70
N ALA K 155 -64.77 6.80 29.37
CA ALA K 155 -65.73 7.30 30.33
C ALA K 155 -66.10 6.28 31.39
N THR K 156 -65.81 4.99 31.16
CA THR K 156 -66.18 3.96 32.13
C THR K 156 -65.44 4.15 33.44
N ILE K 157 -64.11 4.31 33.38
CA ILE K 157 -63.33 4.53 34.59
C ILE K 157 -63.67 5.89 35.19
N GLY K 158 -63.91 6.89 34.33
CA GLY K 158 -64.29 8.21 34.81
C GLY K 158 -65.60 8.21 35.57
N LYS K 159 -66.59 7.48 35.06
CA LYS K 159 -67.88 7.41 35.73
C LYS K 159 -67.77 6.74 37.08
N ILE K 160 -67.01 5.65 37.17
CA ILE K 160 -66.89 4.92 38.43
C ILE K 160 -66.20 5.78 39.48
N ILE K 161 -65.11 6.45 39.10
CA ILE K 161 -64.42 7.33 40.05
C ILE K 161 -65.31 8.48 40.46
N ALA K 162 -66.03 9.08 39.50
CA ALA K 162 -66.94 10.16 39.84
C ALA K 162 -68.03 9.69 40.79
N ASP K 163 -68.58 8.51 40.54
CA ASP K 163 -69.57 7.94 41.46
C ASP K 163 -68.94 7.65 42.82
N ALA K 164 -67.71 7.13 42.83
CA ALA K 164 -67.05 6.80 44.08
C ALA K 164 -66.79 8.06 44.91
N MET K 165 -66.40 9.16 44.27
CA MET K 165 -66.13 10.39 44.99
C MET K 165 -67.40 10.95 45.63
N GLU K 166 -68.46 11.08 44.85
CA GLU K 166 -69.70 11.66 45.36
C GLU K 166 -70.38 10.76 46.39
N ALA K 167 -70.13 9.45 46.34
CA ALA K 167 -70.75 8.55 47.31
C ALA K 167 -70.06 8.59 48.67
N VAL K 168 -68.81 9.05 48.73
CA VAL K 168 -68.06 9.05 49.98
C VAL K 168 -67.63 10.47 50.29
N GLY K 169 -67.94 11.40 49.41
CA GLY K 169 -67.67 12.80 49.65
C GLY K 169 -66.32 13.25 49.13
N LYS K 170 -65.97 14.48 49.50
CA LYS K 170 -64.75 15.11 48.99
C LYS K 170 -63.49 14.38 49.43
N ASP K 171 -63.41 14.00 50.71
CA ASP K 171 -62.19 13.47 51.27
C ASP K 171 -62.27 12.01 51.71
N GLY K 172 -63.38 11.33 51.46
CA GLY K 172 -63.46 9.91 51.79
C GLY K 172 -62.42 9.12 51.01
N VAL K 173 -61.71 8.25 51.72
CA VAL K 173 -60.60 7.51 51.13
C VAL K 173 -61.14 6.51 50.11
N ILE K 174 -60.50 6.47 48.94
CA ILE K 174 -60.85 5.53 47.88
C ILE K 174 -59.73 4.50 47.78
N THR K 175 -60.09 3.27 47.43
CA THR K 175 -59.12 2.19 47.28
C THR K 175 -59.51 1.34 46.09
N VAL K 176 -58.51 0.71 45.48
CA VAL K 176 -58.68 -0.10 44.28
C VAL K 176 -58.47 -1.56 44.65
N GLU K 177 -59.34 -2.42 44.11
CA GLU K 177 -59.30 -3.85 44.41
C GLU K 177 -59.64 -4.61 43.13
N GLU K 178 -59.34 -5.90 43.14
CA GLU K 178 -59.62 -6.77 41.99
C GLU K 178 -60.23 -8.08 42.49
N SER K 179 -60.85 -8.81 41.57
CA SER K 179 -61.46 -10.09 41.87
C SER K 179 -61.55 -10.91 40.60
N LYS K 180 -62.12 -12.11 40.71
CA LYS K 180 -62.31 -12.98 39.56
C LYS K 180 -63.30 -12.41 38.54
N SER K 181 -64.22 -11.56 38.97
CA SER K 181 -65.23 -11.03 38.07
C SER K 181 -64.59 -10.25 36.93
N ALA K 182 -65.02 -10.53 35.70
CA ALA K 182 -64.52 -9.81 34.53
C ALA K 182 -65.02 -8.37 34.52
N GLU K 183 -66.24 -8.13 35.01
CA GLU K 183 -66.77 -6.78 35.09
C GLU K 183 -66.12 -6.03 36.25
N THR K 184 -66.10 -4.70 36.12
CA THR K 184 -65.59 -3.82 37.16
C THR K 184 -66.75 -3.22 37.93
N THR K 185 -66.66 -3.25 39.27
CA THR K 185 -67.75 -2.82 40.13
C THR K 185 -67.22 -1.87 41.18
N LEU K 186 -68.15 -1.19 41.84
CA LEU K 186 -67.85 -0.28 42.94
C LEU K 186 -68.61 -0.70 44.18
N GLU K 187 -67.90 -0.75 45.31
CA GLU K 187 -68.49 -1.13 46.59
C GLU K 187 -68.20 -0.07 47.63
N THR K 188 -69.26 0.46 48.23
CA THR K 188 -69.16 1.47 49.28
C THR K 188 -69.25 0.83 50.67
N VAL K 189 -68.34 -0.10 50.94
CA VAL K 189 -68.37 -0.83 52.21
C VAL K 189 -67.94 0.08 53.35
N GLN K 190 -68.24 -0.35 54.57
CA GLN K 190 -67.95 0.44 55.76
C GLN K 190 -66.46 0.60 55.97
N GLY K 191 -66.07 1.71 56.61
CA GLY K 191 -64.68 1.95 56.90
C GLY K 191 -64.47 3.32 57.51
N MET K 192 -63.20 3.69 57.64
CA MET K 192 -62.81 4.99 58.16
C MET K 192 -61.53 5.44 57.49
N GLN K 193 -61.15 6.69 57.75
CA GLN K 193 -59.86 7.24 57.33
C GLN K 193 -59.40 8.19 58.40
N PHE K 194 -58.31 7.86 59.09
CA PHE K 194 -57.88 8.57 60.27
C PHE K 194 -56.58 9.31 60.00
N ASP K 195 -56.13 10.07 61.00
CA ASP K 195 -55.06 11.05 60.80
C ASP K 195 -53.71 10.61 61.36
N ARG K 196 -53.59 9.39 61.89
CA ARG K 196 -52.32 8.92 62.41
C ARG K 196 -52.02 7.55 61.82
N GLY K 197 -50.75 7.30 61.56
CA GLY K 197 -50.27 6.12 60.89
C GLY K 197 -49.69 5.08 61.82
N TYR K 198 -48.76 4.28 61.30
CA TYR K 198 -48.18 3.19 62.06
C TYR K 198 -47.15 3.72 63.05
N LEU K 199 -46.60 2.79 63.85
CA LEU K 199 -45.70 3.16 64.92
C LEU K 199 -44.23 3.03 64.55
N SER K 200 -43.85 1.94 63.89
CA SER K 200 -42.44 1.67 63.63
C SER K 200 -42.29 1.23 62.17
N PRO K 201 -41.14 1.50 61.56
CA PRO K 201 -40.93 1.06 60.17
C PRO K 201 -40.88 -0.45 60.00
N TYR K 202 -40.69 -1.21 61.09
CA TYR K 202 -40.61 -2.66 60.98
C TYR K 202 -41.92 -3.30 60.54
N PHE K 203 -43.02 -2.55 60.53
CA PHE K 203 -44.30 -3.06 60.06
C PHE K 203 -44.46 -2.93 58.55
N VAL K 204 -43.44 -2.43 57.84
CA VAL K 204 -43.53 -2.27 56.40
C VAL K 204 -43.79 -3.61 55.74
N THR K 205 -44.56 -3.59 54.64
CA THR K 205 -45.00 -4.79 53.96
C THR K 205 -44.59 -4.79 52.50
N ASN K 206 -45.16 -5.71 51.71
CA ASN K 206 -44.79 -6.02 50.33
C ASN K 206 -44.66 -4.81 49.40
N PRO K 207 -45.59 -3.84 49.42
CA PRO K 207 -45.49 -2.75 48.43
C PRO K 207 -44.16 -2.00 48.52
N ASP K 208 -43.65 -1.63 47.34
CA ASP K 208 -42.36 -0.95 47.27
C ASP K 208 -42.42 0.50 47.70
N LYS K 209 -43.63 1.06 47.84
CA LYS K 209 -43.79 2.44 48.26
C LYS K 209 -43.79 2.60 49.78
N MET K 210 -43.28 1.62 50.51
CA MET K 210 -43.23 1.65 51.97
C MET K 210 -44.65 1.83 52.53
N GLU K 211 -45.44 0.77 52.35
CA GLU K 211 -46.83 0.75 52.79
C GLU K 211 -47.12 -0.53 53.56
N ALA K 212 -48.03 -0.42 54.53
CA ALA K 212 -48.44 -1.55 55.35
C ALA K 212 -49.83 -2.01 54.91
N VAL K 213 -49.90 -3.20 54.29
CA VAL K 213 -51.14 -3.75 53.77
C VAL K 213 -51.35 -5.13 54.38
N LEU K 214 -52.57 -5.38 54.86
CA LEU K 214 -52.91 -6.63 55.51
C LEU K 214 -54.19 -7.19 54.91
N GLU K 215 -54.32 -8.52 54.89
CA GLU K 215 -55.48 -9.21 54.36
C GLU K 215 -56.01 -10.18 55.39
N ASP K 216 -57.31 -10.11 55.68
CA ASP K 216 -58.00 -10.92 56.68
C ASP K 216 -57.26 -10.91 58.02
N PRO K 217 -57.01 -9.75 58.63
CA PRO K 217 -56.26 -9.74 59.88
C PRO K 217 -57.17 -9.71 61.10
N PHE K 218 -56.57 -9.89 62.27
CA PHE K 218 -57.27 -9.67 63.53
C PHE K 218 -56.86 -8.32 64.13
N ILE K 219 -57.69 -7.82 65.04
CA ILE K 219 -57.45 -6.51 65.66
C ILE K 219 -57.78 -6.61 67.14
N LEU K 220 -56.95 -5.98 67.98
CA LEU K 220 -57.27 -5.75 69.37
C LEU K 220 -56.96 -4.29 69.71
N ILE K 221 -57.65 -3.77 70.72
CA ILE K 221 -57.66 -2.33 71.01
C ILE K 221 -57.03 -2.09 72.38
N TYR K 222 -56.47 -0.89 72.56
CA TYR K 222 -55.95 -0.42 73.82
C TYR K 222 -56.58 0.91 74.18
N GLU K 223 -56.56 1.24 75.47
CA GLU K 223 -56.77 2.61 75.91
C GLU K 223 -55.49 3.26 76.40
N LYS K 224 -54.40 2.50 76.50
CA LYS K 224 -53.13 2.98 77.02
C LYS K 224 -52.02 2.39 76.17
N LYS K 225 -50.78 2.47 76.66
CA LYS K 225 -49.63 1.97 75.92
C LYS K 225 -49.63 0.44 75.88
N ILE K 226 -48.83 -0.11 74.97
CA ILE K 226 -48.71 -1.55 74.83
C ILE K 226 -48.02 -2.14 76.05
N SER K 227 -48.51 -3.29 76.50
CA SER K 227 -47.90 -3.99 77.63
C SER K 227 -46.67 -4.76 77.16
N ASN K 228 -46.16 -5.63 78.04
CA ASN K 228 -44.96 -6.40 77.72
C ASN K 228 -45.26 -7.41 76.62
N VAL K 229 -44.20 -7.78 75.89
CA VAL K 229 -44.36 -8.72 74.78
C VAL K 229 -44.76 -10.10 75.28
N LYS K 230 -44.25 -10.51 76.46
CA LYS K 230 -44.61 -11.81 77.01
C LYS K 230 -46.11 -11.92 77.24
N ASP K 231 -46.77 -10.80 77.56
CA ASP K 231 -48.22 -10.81 77.65
C ASP K 231 -48.86 -11.10 76.30
N LEU K 232 -48.31 -10.52 75.22
CA LEU K 232 -48.88 -10.72 73.89
C LEU K 232 -48.51 -12.07 73.30
N LEU K 233 -47.55 -12.78 73.88
CA LEU K 233 -47.08 -14.04 73.30
C LEU K 233 -48.19 -15.08 73.17
N PRO K 234 -49.04 -15.34 74.18
CA PRO K 234 -50.17 -16.24 73.94
C PRO K 234 -51.10 -15.76 72.83
N VAL K 235 -51.30 -14.45 72.71
CA VAL K 235 -52.08 -13.92 71.59
C VAL K 235 -51.36 -14.18 70.28
N LEU K 236 -50.05 -13.94 70.25
CA LEU K 236 -49.27 -14.19 69.05
C LEU K 236 -49.26 -15.67 68.68
N GLU K 237 -49.14 -16.54 69.67
CA GLU K 237 -49.15 -17.97 69.39
C GLU K 237 -50.54 -18.43 68.93
N ASN K 238 -51.60 -17.89 69.54
CA ASN K 238 -52.95 -18.28 69.17
C ASN K 238 -53.27 -17.88 67.73
N VAL K 239 -52.90 -16.66 67.34
CA VAL K 239 -53.16 -16.24 65.96
C VAL K 239 -52.25 -16.99 65.00
N VAL K 240 -51.04 -17.36 65.44
CA VAL K 240 -50.20 -18.25 64.63
C VAL K 240 -50.89 -19.59 64.45
N ARG K 241 -51.47 -20.13 65.52
CA ARG K 241 -52.30 -21.32 65.39
C ARG K 241 -53.50 -21.06 64.50
N ALA K 242 -54.07 -19.85 64.57
CA ALA K 242 -55.13 -19.46 63.66
C ALA K 242 -54.62 -19.15 62.26
N GLY K 243 -53.34 -18.80 62.11
CA GLY K 243 -52.78 -18.54 60.80
C GLY K 243 -53.13 -17.21 60.18
N LYS K 244 -53.46 -16.20 60.99
CA LYS K 244 -53.78 -14.88 60.47
C LYS K 244 -53.05 -13.81 61.24
N PRO K 245 -52.71 -12.70 60.59
CA PRO K 245 -52.01 -11.61 61.27
C PRO K 245 -52.96 -10.83 62.18
N LEU K 246 -52.36 -10.02 63.06
CA LEU K 246 -53.10 -9.25 64.05
C LEU K 246 -52.52 -7.84 64.12
N LEU K 247 -53.39 -6.84 64.25
CA LEU K 247 -52.98 -5.45 64.42
C LEU K 247 -53.25 -5.01 65.85
N ILE K 248 -52.37 -4.19 66.39
CA ILE K 248 -52.48 -3.66 67.74
C ILE K 248 -52.79 -2.17 67.66
N ILE K 249 -53.92 -1.77 68.24
CA ILE K 249 -54.33 -0.37 68.31
C ILE K 249 -54.03 0.12 69.71
N ALA K 250 -53.08 1.04 69.83
CA ALA K 250 -52.62 1.47 71.14
C ALA K 250 -52.04 2.88 71.03
N GLU K 251 -51.89 3.52 72.20
CA GLU K 251 -51.39 4.89 72.24
C GLU K 251 -49.90 4.95 71.93
N ASP K 252 -49.10 4.07 72.53
CA ASP K 252 -47.66 4.15 72.38
C ASP K 252 -47.04 2.79 72.66
N VAL K 253 -45.82 2.61 72.19
CA VAL K 253 -45.02 1.41 72.46
C VAL K 253 -43.58 1.85 72.70
N GLU K 254 -42.92 1.20 73.66
CA GLU K 254 -41.54 1.56 74.01
C GLU K 254 -40.61 1.23 72.85
N ALA K 255 -39.68 2.14 72.55
CA ALA K 255 -38.83 1.98 71.39
C ALA K 255 -37.52 1.26 71.70
N GLU K 256 -37.11 1.23 72.96
CA GLU K 256 -35.83 0.62 73.31
C GLU K 256 -35.79 -0.87 73.00
N ALA K 257 -36.76 -1.65 73.51
CA ALA K 257 -36.77 -3.09 73.28
C ALA K 257 -38.05 -3.53 72.59
N LEU K 258 -39.20 -3.02 73.06
CA LEU K 258 -40.49 -3.53 72.60
C LEU K 258 -40.69 -3.28 71.11
N ALA K 259 -40.27 -2.11 70.61
CA ALA K 259 -40.45 -1.80 69.20
C ALA K 259 -39.72 -2.79 68.30
N THR K 260 -38.65 -3.41 68.81
CA THR K 260 -37.94 -4.42 68.03
C THR K 260 -38.36 -5.83 68.41
N LEU K 261 -38.54 -6.09 69.70
CA LEU K 261 -38.83 -7.46 70.15
C LEU K 261 -40.19 -7.93 69.65
N VAL K 262 -41.17 -7.02 69.53
CA VAL K 262 -42.47 -7.40 69.00
C VAL K 262 -42.34 -7.90 67.57
N VAL K 263 -41.47 -7.29 66.77
CA VAL K 263 -41.28 -7.69 65.39
C VAL K 263 -40.24 -8.79 65.27
N ASN K 264 -39.11 -8.66 65.97
CA ASN K 264 -38.01 -9.62 65.82
C ASN K 264 -38.40 -11.02 66.29
N HIS K 265 -39.31 -11.14 67.25
CA HIS K 265 -39.75 -12.45 67.71
C HIS K 265 -40.54 -13.20 66.65
N ILE K 266 -41.19 -12.48 65.72
CA ILE K 266 -41.97 -13.09 64.66
C ILE K 266 -41.60 -12.56 63.28
N LYS K 267 -40.38 -12.07 63.09
CA LYS K 267 -40.02 -11.49 61.79
C LYS K 267 -40.04 -12.53 60.67
N GLY K 268 -39.75 -13.79 61.00
CA GLY K 268 -39.84 -14.87 60.03
C GLY K 268 -41.21 -15.49 59.89
N VAL K 269 -42.24 -14.83 60.43
CA VAL K 269 -43.59 -15.35 60.45
C VAL K 269 -44.47 -14.34 59.72
N ILE K 270 -45.78 -14.56 59.71
CA ILE K 270 -46.74 -13.66 59.05
C ILE K 270 -46.54 -12.20 59.42
N ARG K 271 -45.93 -11.91 60.58
CA ARG K 271 -45.66 -10.57 61.08
C ARG K 271 -46.94 -9.84 61.47
N ALA K 272 -46.79 -8.72 62.16
CA ALA K 272 -47.93 -7.97 62.66
C ALA K 272 -47.71 -6.49 62.41
N CYS K 273 -48.70 -5.69 62.81
CA CYS K 273 -48.65 -4.24 62.66
C CYS K 273 -49.25 -3.57 63.89
N ALA K 274 -48.88 -2.31 64.08
CA ALA K 274 -49.41 -1.49 65.16
C ALA K 274 -49.51 -0.05 64.69
N VAL K 275 -50.58 0.63 65.12
CA VAL K 275 -50.87 1.99 64.66
C VAL K 275 -51.13 2.88 65.87
N LYS K 276 -51.12 4.19 65.64
CA LYS K 276 -51.33 5.15 66.72
C LYS K 276 -52.82 5.40 66.92
N ALA K 277 -53.15 5.94 68.09
CA ALA K 277 -54.53 6.32 68.39
C ALA K 277 -54.83 7.71 67.82
N PRO K 278 -55.77 7.84 66.89
CA PRO K 278 -56.04 9.16 66.30
C PRO K 278 -56.67 10.10 67.31
N GLY K 279 -56.51 11.40 67.06
CA GLY K 279 -57.08 12.41 67.94
C GLY K 279 -56.24 12.66 69.17
N PHE K 280 -56.79 13.50 70.05
CA PHE K 280 -56.13 13.86 71.30
C PHE K 280 -57.18 14.03 72.39
N GLY K 281 -56.73 13.87 73.63
CA GLY K 281 -57.63 14.05 74.76
C GLY K 281 -58.62 12.91 74.90
N GLN K 282 -59.72 13.22 75.61
CA GLN K 282 -60.78 12.24 75.81
C GLN K 282 -61.50 11.91 74.50
N ARG K 283 -61.33 12.73 73.47
CA ARG K 283 -61.93 12.44 72.17
C ARG K 283 -61.34 11.19 71.53
N ARG K 284 -60.19 10.70 72.03
CA ARG K 284 -59.61 9.48 71.50
C ARG K 284 -60.55 8.30 71.69
N LYS K 285 -61.32 8.29 72.77
CA LYS K 285 -62.27 7.21 73.01
C LYS K 285 -63.29 7.10 71.89
N ASP K 286 -63.67 8.22 71.28
CA ASP K 286 -64.61 8.20 70.17
C ASP K 286 -64.07 7.35 69.02
N TYR K 287 -62.80 7.55 68.68
CA TYR K 287 -62.17 6.70 67.67
C TYR K 287 -61.91 5.30 68.19
N LEU K 288 -61.51 5.18 69.45
CA LEU K 288 -61.27 3.86 70.03
C LEU K 288 -62.57 3.06 70.09
N GLN K 289 -63.67 3.69 70.49
CA GLN K 289 -64.96 3.00 70.50
C GLN K 289 -65.40 2.65 69.08
N ASP K 290 -65.24 3.58 68.15
CA ASP K 290 -65.65 3.32 66.76
C ASP K 290 -64.87 2.15 66.17
N ILE K 291 -63.55 2.13 66.38
CA ILE K 291 -62.73 1.02 65.90
C ILE K 291 -63.14 -0.26 66.60
N ALA K 292 -63.36 -0.20 67.92
CA ALA K 292 -63.75 -1.40 68.66
C ALA K 292 -65.11 -1.92 68.20
N ILE K 293 -66.02 -1.01 67.83
CA ILE K 293 -67.35 -1.43 67.41
C ILE K 293 -67.33 -1.86 65.95
N LEU K 294 -66.61 -1.13 65.09
CA LEU K 294 -66.50 -1.53 63.69
C LEU K 294 -65.82 -2.88 63.55
N THR K 295 -64.77 -3.14 64.33
CA THR K 295 -64.11 -4.43 64.33
C THR K 295 -64.77 -5.45 65.25
N GLY K 296 -65.71 -5.02 66.10
CA GLY K 296 -66.35 -5.92 67.03
C GLY K 296 -65.54 -6.26 68.24
N GLY K 297 -64.39 -5.62 68.43
CA GLY K 297 -63.52 -5.88 69.56
C GLY K 297 -63.76 -4.94 70.73
N THR K 298 -62.89 -5.04 71.72
CA THR K 298 -62.94 -4.20 72.91
C THR K 298 -61.53 -3.77 73.27
N ALA K 299 -61.43 -2.70 74.06
CA ALA K 299 -60.14 -2.27 74.56
C ALA K 299 -59.63 -3.26 75.62
N ILE K 300 -58.38 -3.68 75.48
CA ILE K 300 -57.80 -4.69 76.36
C ILE K 300 -56.51 -4.16 76.98
N THR K 301 -56.49 -4.03 78.30
CA THR K 301 -55.27 -3.71 79.03
C THR K 301 -55.21 -4.57 80.28
N GLU K 302 -54.01 -4.67 80.86
CA GLU K 302 -53.86 -5.38 82.13
C GLU K 302 -54.62 -4.68 83.24
N GLU K 303 -54.61 -3.35 83.25
CA GLU K 303 -55.34 -2.60 84.25
C GLU K 303 -56.86 -2.75 84.12
N LEU K 304 -57.33 -3.19 82.96
CA LEU K 304 -58.75 -3.52 82.79
C LEU K 304 -59.09 -4.90 83.33
N GLY K 305 -58.17 -5.57 84.00
CA GLY K 305 -58.42 -6.87 84.57
C GLY K 305 -58.24 -8.04 83.63
N ILE K 306 -57.73 -7.81 82.42
CA ILE K 306 -57.55 -8.85 81.42
C ILE K 306 -56.08 -8.87 81.01
N LYS K 307 -55.32 -9.81 81.56
CA LYS K 307 -53.98 -10.05 81.06
C LYS K 307 -54.06 -10.67 79.66
N LEU K 308 -53.16 -10.25 78.77
CA LEU K 308 -53.20 -10.74 77.41
C LEU K 308 -52.83 -12.22 77.32
N GLU K 309 -52.25 -12.80 78.37
CA GLU K 309 -51.96 -14.23 78.37
C GLU K 309 -53.23 -15.07 78.35
N SER K 310 -54.36 -14.49 78.73
CA SER K 310 -55.65 -15.19 78.66
C SER K 310 -56.50 -14.74 77.47
N VAL K 311 -55.95 -13.93 76.57
CA VAL K 311 -56.69 -13.42 75.43
C VAL K 311 -56.90 -14.56 74.43
N THR K 312 -58.15 -14.73 73.99
CA THR K 312 -58.51 -15.76 73.03
C THR K 312 -58.71 -15.14 71.65
N LEU K 313 -59.02 -16.01 70.68
CA LEU K 313 -59.24 -15.57 69.30
C LEU K 313 -60.59 -14.91 69.11
N ASP K 314 -61.64 -15.41 69.79
CA ASP K 314 -63.00 -15.00 69.49
C ASP K 314 -63.30 -13.55 69.83
N MET K 315 -62.83 -13.06 70.99
CA MET K 315 -63.26 -11.73 71.42
C MET K 315 -62.40 -10.62 70.83
N LEU K 316 -61.38 -10.97 70.06
CA LEU K 316 -60.62 -9.96 69.33
C LEU K 316 -61.45 -9.40 68.18
N GLY K 317 -61.15 -8.15 67.81
CA GLY K 317 -61.80 -7.56 66.67
C GLY K 317 -61.26 -8.09 65.36
N ARG K 318 -62.11 -8.04 64.34
CA ARG K 318 -61.76 -8.57 63.03
C ARG K 318 -62.11 -7.54 61.95
N ALA K 319 -61.32 -7.55 60.89
CA ALA K 319 -61.50 -6.61 59.78
C ALA K 319 -61.16 -7.33 58.47
N ASP K 320 -61.66 -6.76 57.37
CA ASP K 320 -61.39 -7.34 56.06
C ASP K 320 -59.97 -7.01 55.60
N LYS K 321 -59.68 -5.72 55.41
CA LYS K 321 -58.35 -5.28 55.03
C LYS K 321 -58.06 -3.94 55.71
N VAL K 322 -56.78 -3.72 56.02
CA VAL K 322 -56.33 -2.48 56.64
C VAL K 322 -55.17 -1.93 55.83
N ILE K 323 -55.18 -0.62 55.60
CA ILE K 323 -54.10 0.06 54.90
C ILE K 323 -53.54 1.14 55.82
N VAL K 324 -52.22 1.10 56.04
CA VAL K 324 -51.55 2.01 56.96
C VAL K 324 -50.30 2.56 56.29
N ASP K 325 -50.01 3.82 56.59
CA ASP K 325 -48.79 4.48 56.11
C ASP K 325 -48.22 5.27 57.28
N LYS K 326 -47.30 6.20 56.99
CA LYS K 326 -46.69 7.00 58.05
C LYS K 326 -47.72 7.81 58.82
N ASP K 327 -48.76 8.31 58.14
CA ASP K 327 -49.68 9.26 58.76
C ASP K 327 -51.15 8.92 58.61
N ASN K 328 -51.52 7.80 57.97
CA ASN K 328 -52.91 7.48 57.74
C ASN K 328 -53.19 6.02 58.07
N THR K 329 -54.42 5.77 58.53
CA THR K 329 -54.91 4.42 58.77
C THR K 329 -56.32 4.30 58.21
N THR K 330 -56.51 3.33 57.32
CA THR K 330 -57.82 3.06 56.73
C THR K 330 -58.10 1.58 56.80
N ILE K 331 -59.36 1.22 57.06
CA ILE K 331 -59.80 -0.17 57.11
C ILE K 331 -60.84 -0.38 56.02
N VAL K 332 -60.58 -1.35 55.14
CA VAL K 332 -61.49 -1.63 54.04
C VAL K 332 -62.85 -2.13 54.52
N GLY K 333 -62.88 -3.04 55.50
CA GLY K 333 -64.14 -3.54 56.01
C GLY K 333 -64.03 -4.11 57.40
N GLY K 334 -65.13 -4.15 58.14
CA GLY K 334 -65.13 -4.65 59.50
C GLY K 334 -66.27 -5.64 59.70
N LYS K 335 -66.08 -6.49 60.72
CA LYS K 335 -67.06 -7.50 61.06
C LYS K 335 -68.13 -7.00 62.04
N GLY K 336 -68.02 -5.75 62.49
CA GLY K 336 -69.03 -5.22 63.40
C GLY K 336 -70.40 -5.19 62.75
N SER K 337 -71.42 -5.54 63.54
CA SER K 337 -72.78 -5.59 63.05
C SER K 337 -73.28 -4.19 62.69
N LYS K 338 -74.02 -4.11 61.58
CA LYS K 338 -74.48 -2.82 61.08
C LYS K 338 -75.42 -2.15 62.07
N GLU K 339 -76.32 -2.92 62.69
CA GLU K 339 -77.29 -2.35 63.62
C GLU K 339 -76.59 -1.70 64.81
N ALA K 340 -75.56 -2.36 65.36
CA ALA K 340 -74.79 -1.75 66.42
C ALA K 340 -74.07 -0.50 65.93
N ILE K 341 -73.48 -0.57 64.73
CA ILE K 341 -72.82 0.60 64.15
C ILE K 341 -73.84 1.71 63.91
N GLN K 342 -75.02 1.36 63.39
CA GLN K 342 -76.08 2.35 63.20
C GLN K 342 -76.48 2.97 64.53
N ALA K 343 -76.52 2.16 65.60
CA ALA K 343 -76.77 2.72 66.92
C ALA K 343 -75.69 3.71 67.33
N ARG K 344 -74.43 3.37 67.05
CA ARG K 344 -73.35 4.34 67.24
C ARG K 344 -73.49 5.52 66.28
N ILE K 345 -73.91 5.26 65.05
CA ILE K 345 -74.18 6.34 64.11
C ILE K 345 -75.32 7.21 64.63
N GLU K 346 -76.40 6.58 65.10
CA GLU K 346 -77.48 7.32 65.74
C GLU K 346 -76.98 8.04 66.99
N GLN K 347 -76.10 7.41 67.76
CA GLN K 347 -75.45 8.11 68.86
C GLN K 347 -74.67 9.31 68.36
N ILE K 348 -73.88 9.12 67.31
CA ILE K 348 -73.09 10.23 66.76
C ILE K 348 -74.00 11.27 66.13
N LYS K 349 -75.10 10.84 65.52
CA LYS K 349 -76.04 11.78 64.92
C LYS K 349 -76.58 12.76 65.96
N ARG K 350 -76.96 12.26 67.13
CA ARG K 350 -77.39 13.13 68.20
C ARG K 350 -76.23 13.87 68.84
N GLN K 351 -75.05 13.22 68.93
CA GLN K 351 -73.90 13.83 69.57
C GLN K 351 -73.45 15.10 68.85
N ILE K 352 -73.81 15.25 67.57
CA ILE K 352 -73.41 16.44 66.82
C ILE K 352 -73.96 17.70 67.48
N LEU K 353 -75.26 17.69 67.82
CA LEU K 353 -75.87 18.81 68.54
C LEU K 353 -75.60 18.74 70.03
N GLU K 354 -75.16 17.57 70.53
CA GLU K 354 -74.96 17.40 71.96
C GLU K 354 -73.51 17.65 72.40
N THR K 355 -72.55 17.62 71.48
CA THR K 355 -71.18 17.94 71.84
C THR K 355 -71.06 19.41 72.23
N THR K 356 -70.19 19.67 73.20
CA THR K 356 -70.07 20.99 73.81
C THR K 356 -69.06 21.90 73.12
N SER K 357 -68.32 21.40 72.14
CA SER K 357 -67.28 22.20 71.52
C SER K 357 -67.30 22.01 70.00
N ASP K 358 -66.88 23.06 69.29
CA ASP K 358 -66.76 22.99 67.84
C ASP K 358 -65.58 22.12 67.41
N TYR K 359 -64.58 21.94 68.28
CA TYR K 359 -63.43 21.11 67.93
C TYR K 359 -63.82 19.66 67.73
N ASP K 360 -64.81 19.17 68.49
CA ASP K 360 -65.38 17.87 68.19
C ASP K 360 -65.99 17.86 66.80
N ARG K 361 -66.76 18.90 66.46
CA ARG K 361 -67.39 18.98 65.15
C ARG K 361 -66.35 19.16 64.05
N GLU K 362 -65.18 19.72 64.37
CA GLU K 362 -64.10 19.79 63.40
C GLU K 362 -63.61 18.41 62.98
N LYS K 363 -63.66 17.45 63.88
CA LYS K 363 -63.38 16.06 63.54
C LYS K 363 -64.63 15.20 63.48
N LEU K 364 -65.77 15.71 63.96
CA LEU K 364 -67.06 15.12 63.62
C LEU K 364 -67.52 15.66 62.28
N GLN K 365 -68.73 15.27 61.87
CA GLN K 365 -69.40 15.75 60.66
C GLN K 365 -68.69 15.25 59.41
N GLU K 366 -67.49 14.69 59.58
CA GLU K 366 -66.85 13.91 58.54
C GLU K 366 -66.99 12.41 58.80
N ARG K 367 -67.20 12.03 60.06
CA ARG K 367 -67.41 10.62 60.39
C ARG K 367 -68.65 10.07 59.70
N LEU K 368 -69.72 10.87 59.65
CA LEU K 368 -70.94 10.44 58.96
C LEU K 368 -70.66 10.13 57.49
N ALA K 369 -69.96 11.04 56.81
CA ALA K 369 -69.58 10.77 55.42
C ALA K 369 -68.65 9.57 55.33
N LYS K 370 -67.75 9.43 56.30
CA LYS K 370 -66.88 8.25 56.34
C LYS K 370 -67.61 7.01 56.83
N LEU K 371 -68.81 7.15 57.39
CA LEU K 371 -69.61 6.01 57.80
C LEU K 371 -70.80 5.74 56.89
N SER K 372 -71.46 6.77 56.37
CA SER K 372 -72.57 6.55 55.46
C SER K 372 -72.11 5.87 54.18
N GLY K 373 -70.98 6.32 53.63
CA GLY K 373 -70.42 5.71 52.44
C GLY K 373 -69.27 4.76 52.75
N GLY K 374 -68.79 4.79 53.98
CA GLY K 374 -67.65 3.98 54.37
C GLY K 374 -66.40 4.33 53.60
N VAL K 375 -65.77 3.32 53.01
CA VAL K 375 -64.62 3.51 52.13
C VAL K 375 -64.99 3.05 50.73
N ALA K 376 -64.61 3.84 49.74
CA ALA K 376 -64.91 3.53 48.34
C ALA K 376 -63.92 2.48 47.85
N ILE K 377 -64.43 1.31 47.48
CA ILE K 377 -63.61 0.22 46.97
C ILE K 377 -64.01 -0.03 45.52
N ILE K 378 -63.07 0.17 44.61
CA ILE K 378 -63.29 -0.14 43.20
C ILE K 378 -62.75 -1.53 42.94
N ARG K 379 -63.62 -2.43 42.47
CA ARG K 379 -63.24 -3.79 42.12
C ARG K 379 -62.93 -3.81 40.63
N VAL K 380 -61.64 -3.87 40.30
CA VAL K 380 -61.21 -3.78 38.90
C VAL K 380 -61.40 -5.14 38.24
N GLY K 381 -62.17 -5.16 37.15
CA GLY K 381 -62.38 -6.38 36.40
C GLY K 381 -61.60 -6.37 35.10
N ALA K 382 -61.02 -7.51 34.77
CA ALA K 382 -60.21 -7.65 33.56
C ALA K 382 -60.39 -9.04 32.99
N ALA K 383 -60.26 -9.16 31.67
CA ALA K 383 -60.39 -10.46 31.01
C ALA K 383 -59.16 -11.33 31.22
N THR K 384 -58.02 -10.75 31.59
CA THR K 384 -56.80 -11.52 31.83
C THR K 384 -55.96 -10.78 32.86
N GLU K 385 -55.05 -11.52 33.49
CA GLU K 385 -54.19 -10.93 34.51
C GLU K 385 -53.26 -9.86 33.94
N ALA K 386 -52.92 -9.95 32.66
CA ALA K 386 -52.10 -8.92 32.03
C ALA K 386 -52.81 -7.56 32.02
N GLU K 387 -54.11 -7.55 31.71
CA GLU K 387 -54.88 -6.32 31.81
C GLU K 387 -54.93 -5.82 33.26
N LEU K 388 -55.07 -6.75 34.20
CA LEU K 388 -55.13 -6.38 35.60
C LEU K 388 -53.84 -5.73 36.07
N LYS K 389 -52.70 -6.14 35.49
CA LYS K 389 -51.42 -5.60 35.92
C LYS K 389 -51.30 -4.10 35.67
N GLU K 390 -51.75 -3.62 34.52
CA GLU K 390 -51.57 -2.23 34.14
C GLU K 390 -52.81 -1.37 34.34
N LYS K 391 -54.01 -1.92 34.10
CA LYS K 391 -55.22 -1.11 34.25
C LYS K 391 -55.53 -0.86 35.72
N LYS K 392 -54.98 -1.67 36.63
CA LYS K 392 -55.13 -1.38 38.05
C LYS K 392 -54.39 -0.11 38.44
N ALA K 393 -53.14 0.03 37.97
CA ALA K 393 -52.37 1.23 38.27
C ALA K 393 -52.98 2.45 37.59
N ARG K 394 -53.65 2.24 36.44
CA ARG K 394 -54.31 3.34 35.77
C ARG K 394 -55.41 3.96 36.64
N VAL K 395 -56.19 3.11 37.30
CA VAL K 395 -57.30 3.61 38.11
C VAL K 395 -56.79 4.36 39.34
N GLU K 396 -55.76 3.82 40.01
CA GLU K 396 -55.21 4.49 41.17
C GLU K 396 -54.62 5.84 40.80
N ASP K 397 -53.91 5.90 39.68
CA ASP K 397 -53.35 7.18 39.22
C ASP K 397 -54.48 8.16 38.88
N ALA K 398 -55.53 7.68 38.21
CA ALA K 398 -56.67 8.54 37.92
C ALA K 398 -57.35 9.00 39.20
N VAL K 399 -57.48 8.11 40.18
CA VAL K 399 -58.04 8.50 41.47
C VAL K 399 -57.14 9.53 42.14
N HIS K 400 -55.83 9.29 42.14
CA HIS K 400 -54.89 10.23 42.73
C HIS K 400 -54.90 11.56 42.00
N ALA K 401 -54.95 11.52 40.67
CA ALA K 401 -55.00 12.76 39.89
C ALA K 401 -56.30 13.52 40.16
N THR K 402 -57.42 12.81 40.29
CA THR K 402 -58.69 13.47 40.57
C THR K 402 -58.65 14.17 41.91
N LYS K 403 -58.05 13.54 42.93
CA LYS K 403 -57.92 14.18 44.23
C LYS K 403 -57.06 15.42 44.14
N ALA K 404 -56.03 15.39 43.28
CA ALA K 404 -55.19 16.56 43.09
C ALA K 404 -55.98 17.72 42.50
N ALA K 405 -56.92 17.42 41.59
CA ALA K 405 -57.74 18.47 41.00
C ALA K 405 -58.59 19.18 42.06
N VAL K 406 -59.14 18.42 43.00
CA VAL K 406 -59.96 19.01 44.06
C VAL K 406 -59.11 19.92 44.94
N GLU K 407 -57.90 19.49 45.26
CA GLU K 407 -57.08 20.24 46.21
C GLU K 407 -56.63 21.59 45.66
N GLU K 408 -56.40 21.69 44.35
CA GLU K 408 -55.79 22.89 43.79
C GLU K 408 -56.51 23.49 42.60
N GLY K 409 -57.38 22.76 41.91
CA GLY K 409 -58.13 23.30 40.80
C GLY K 409 -57.86 22.55 39.50
N ILE K 410 -58.48 23.05 38.44
CA ILE K 410 -58.35 22.47 37.11
C ILE K 410 -58.01 23.56 36.11
N VAL K 411 -57.31 23.17 35.04
CA VAL K 411 -56.89 24.09 33.99
C VAL K 411 -57.09 23.42 32.64
N PRO K 412 -57.43 24.20 31.61
CA PRO K 412 -57.55 23.63 30.26
C PRO K 412 -56.28 22.88 29.85
N GLY K 413 -56.47 21.65 29.41
CA GLY K 413 -55.38 20.75 29.10
C GLY K 413 -54.92 20.86 27.66
N GLY K 414 -54.22 19.82 27.22
CA GLY K 414 -53.68 19.81 25.88
C GLY K 414 -52.50 20.73 25.69
N GLY K 415 -51.83 21.12 26.77
CA GLY K 415 -50.74 22.06 26.70
C GLY K 415 -51.16 23.51 26.62
N VAL K 416 -52.45 23.80 26.64
CA VAL K 416 -52.91 25.19 26.58
C VAL K 416 -52.53 25.93 27.86
N ALA K 417 -52.44 25.19 28.97
CA ALA K 417 -52.08 25.80 30.25
C ALA K 417 -50.73 26.50 30.16
N LEU K 418 -49.72 25.81 29.65
CA LEU K 418 -48.38 26.39 29.60
C LEU K 418 -48.26 27.44 28.52
N VAL K 419 -49.05 27.32 27.44
CA VAL K 419 -49.02 28.35 26.39
C VAL K 419 -49.53 29.68 26.93
N ARG K 420 -50.64 29.64 27.66
CA ARG K 420 -51.19 30.88 28.23
C ARG K 420 -50.24 31.45 29.27
N ALA K 421 -49.65 30.60 30.11
CA ALA K 421 -48.75 31.08 31.14
C ALA K 421 -47.47 31.66 30.54
N SER K 422 -46.99 31.08 29.44
CA SER K 422 -45.78 31.58 28.80
C SER K 422 -45.94 32.96 28.21
N GLU K 423 -47.18 33.41 27.97
CA GLU K 423 -47.41 34.73 27.42
C GLU K 423 -47.00 35.84 28.39
N ALA K 424 -47.00 35.56 29.70
CA ALA K 424 -46.56 36.56 30.66
C ALA K 424 -45.07 36.79 30.60
N LEU K 425 -44.31 35.80 30.09
CA LEU K 425 -42.87 35.98 29.94
C LEU K 425 -42.53 36.97 28.84
N ASP K 426 -43.47 37.27 27.94
CA ASP K 426 -43.23 38.24 26.88
C ASP K 426 -43.00 39.65 27.42
N ASN K 427 -43.52 39.96 28.60
CA ASN K 427 -43.32 41.27 29.21
C ASN K 427 -42.42 41.25 30.44
N LEU K 428 -42.10 40.09 30.98
CA LEU K 428 -41.13 40.01 32.06
C LEU K 428 -39.75 40.42 31.55
N LYS K 429 -39.09 41.29 32.30
CA LYS K 429 -37.83 41.86 31.82
C LYS K 429 -36.82 41.88 32.96
N VAL K 430 -35.55 41.66 32.60
CA VAL K 430 -34.45 41.70 33.54
C VAL K 430 -33.32 42.53 32.93
N ASP K 431 -32.40 42.97 33.79
CA ASP K 431 -31.33 43.85 33.35
C ASP K 431 -30.10 43.10 32.85
N ASN K 432 -30.06 41.78 33.00
CA ASN K 432 -28.91 40.97 32.58
C ASN K 432 -29.26 40.26 31.29
N ALA K 433 -28.37 40.33 30.30
CA ALA K 433 -28.62 39.72 29.01
C ALA K 433 -28.72 38.20 29.12
N ASP K 434 -27.82 37.58 29.89
CA ASP K 434 -27.85 36.13 30.05
C ASP K 434 -29.11 35.67 30.78
N GLN K 435 -29.54 36.40 31.80
CA GLN K 435 -30.78 36.06 32.48
C GLN K 435 -31.98 36.18 31.55
N GLN K 436 -31.92 37.08 30.56
CA GLN K 436 -32.97 37.15 29.56
C GLN K 436 -33.00 35.89 28.70
N LEU K 437 -31.83 35.32 28.44
CA LEU K 437 -31.77 34.05 27.71
C LEU K 437 -32.46 32.94 28.50
N GLY K 438 -32.25 32.91 29.81
CA GLY K 438 -32.93 31.92 30.63
C GLY K 438 -34.44 32.05 30.59
N ILE K 439 -34.94 33.29 30.53
CA ILE K 439 -36.37 33.52 30.44
C ILE K 439 -36.90 33.01 29.11
N ASP K 440 -36.16 33.26 28.03
CA ASP K 440 -36.61 32.81 26.71
C ASP K 440 -36.52 31.31 26.57
N ILE K 441 -35.64 30.66 27.33
CA ILE K 441 -35.58 29.20 27.31
C ILE K 441 -36.87 28.61 27.86
N ILE K 442 -37.37 29.17 28.96
CA ILE K 442 -38.60 28.68 29.57
C ILE K 442 -39.79 28.93 28.66
N LYS K 443 -39.82 30.07 27.97
CA LYS K 443 -40.94 30.38 27.07
C LYS K 443 -41.04 29.35 25.95
N LYS K 444 -39.89 28.98 25.36
CA LYS K 444 -39.91 27.97 24.32
C LYS K 444 -40.25 26.59 24.89
N ALA K 445 -39.81 26.31 26.12
CA ALA K 445 -40.09 25.02 26.74
C ALA K 445 -41.58 24.86 27.01
N CYS K 446 -42.23 25.92 27.49
CA CYS K 446 -43.65 25.83 27.83
C CYS K 446 -44.51 25.54 26.61
N ARG K 447 -44.04 25.96 25.42
CA ARG K 447 -44.80 25.77 24.20
C ARG K 447 -44.43 24.50 23.46
N THR K 448 -43.59 23.65 24.04
CA THR K 448 -43.19 22.39 23.41
C THR K 448 -44.24 21.29 23.59
N PRO K 449 -44.80 21.07 24.78
CA PRO K 449 -45.77 19.96 24.93
C PRO K 449 -46.96 20.06 23.99
N ILE K 450 -47.46 21.26 23.71
CA ILE K 450 -48.60 21.39 22.80
C ILE K 450 -48.18 21.01 21.38
N ARG K 451 -46.95 21.36 20.99
CA ARG K 451 -46.48 21.00 19.66
C ARG K 451 -46.30 19.49 19.51
N GLN K 452 -45.81 18.84 20.57
CA GLN K 452 -45.64 17.39 20.52
C GLN K 452 -46.98 16.68 20.40
N ILE K 453 -47.99 17.16 21.12
CA ILE K 453 -49.32 16.55 21.04
C ILE K 453 -49.88 16.69 19.63
N ALA K 454 -49.74 17.87 19.03
CA ALA K 454 -50.21 18.07 17.66
C ALA K 454 -49.44 17.21 16.68
N ALA K 455 -48.12 17.11 16.88
CA ALA K 455 -47.29 16.32 15.96
C ALA K 455 -47.65 14.85 16.02
N ASN K 456 -47.92 14.33 17.22
CA ASN K 456 -48.26 12.92 17.36
C ASN K 456 -49.58 12.59 16.65
N SER K 457 -50.49 13.55 16.60
CA SER K 457 -51.78 13.35 15.95
C SER K 457 -51.73 13.48 14.44
N GLY K 458 -50.63 14.00 13.89
CA GLY K 458 -50.51 14.18 12.46
C GLY K 458 -50.66 15.59 11.96
N PHE K 459 -50.40 16.59 12.82
CA PHE K 459 -50.52 17.98 12.44
C PHE K 459 -49.18 18.68 12.67
N GLU K 460 -48.97 19.78 11.94
CA GLU K 460 -47.77 20.58 12.12
C GLU K 460 -47.86 21.31 13.46
N GLY K 461 -46.84 21.14 14.29
CA GLY K 461 -46.89 21.72 15.63
C GLY K 461 -46.87 23.23 15.65
N TYR K 462 -46.06 23.84 14.78
CA TYR K 462 -45.94 25.30 14.79
C TYR K 462 -47.19 25.96 14.24
N VAL K 463 -47.84 25.32 13.26
CA VAL K 463 -49.11 25.84 12.74
C VAL K 463 -50.18 25.81 13.84
N VAL K 464 -50.24 24.70 14.57
CA VAL K 464 -51.22 24.58 15.66
C VAL K 464 -50.93 25.59 16.75
N LEU K 465 -49.65 25.75 17.11
CA LEU K 465 -49.29 26.68 18.17
C LEU K 465 -49.66 28.11 17.81
N GLU K 466 -49.42 28.51 16.56
CA GLU K 466 -49.74 29.86 16.14
C GLU K 466 -51.24 30.13 16.23
N LYS K 467 -52.05 29.17 15.79
CA LYS K 467 -53.50 29.36 15.84
C LYS K 467 -54.02 29.36 17.27
N VAL K 468 -53.39 28.57 18.15
CA VAL K 468 -53.79 28.58 19.55
C VAL K 468 -53.45 29.92 20.18
N LEU K 469 -52.31 30.52 19.81
CA LEU K 469 -51.98 31.84 20.31
C LEU K 469 -52.98 32.88 19.82
N GLN K 470 -53.39 32.80 18.55
CA GLN K 470 -54.35 33.74 18.01
C GLN K 470 -55.71 33.61 18.69
N LEU K 471 -56.14 32.36 18.94
CA LEU K 471 -57.43 32.15 19.59
C LEU K 471 -57.43 32.60 21.04
N GLY K 472 -56.26 32.85 21.63
CA GLY K 472 -56.19 33.36 22.98
C GLY K 472 -56.76 34.75 23.12
N LYS K 473 -56.74 35.54 22.05
CA LYS K 473 -57.30 36.89 22.04
C LYS K 473 -58.63 36.95 21.31
N GLU K 474 -58.78 36.17 20.23
CA GLU K 474 -60.02 36.21 19.46
C GLU K 474 -61.18 35.58 20.22
N LYS K 475 -60.95 34.46 20.90
CA LYS K 475 -62.04 33.73 21.53
C LYS K 475 -61.93 33.77 23.06
N GLY K 476 -60.79 33.38 23.58
CA GLY K 476 -60.60 33.35 25.02
C GLY K 476 -59.38 32.54 25.39
N LYS K 477 -59.08 32.57 26.70
CA LYS K 477 -57.90 31.87 27.20
C LYS K 477 -58.02 30.37 27.07
N ASN K 478 -59.22 29.82 27.24
CA ASN K 478 -59.40 28.38 27.31
C ASN K 478 -59.44 27.71 25.95
N TRP K 479 -59.39 28.47 24.86
CA TRP K 479 -59.44 27.88 23.53
C TRP K 479 -58.10 27.25 23.17
N GLY K 480 -58.16 26.02 22.65
CA GLY K 480 -56.98 25.29 22.27
C GLY K 480 -57.23 24.32 21.13
N PHE K 481 -56.37 23.33 20.99
CA PHE K 481 -56.46 22.34 19.91
C PHE K 481 -56.83 20.98 20.48
N ASP K 482 -57.91 20.40 19.97
CA ASP K 482 -58.34 19.07 20.37
C ASP K 482 -57.63 18.06 19.46
N ALA K 483 -56.83 17.18 20.07
CA ALA K 483 -56.08 16.21 19.30
C ALA K 483 -56.90 14.99 18.92
N GLY K 484 -57.95 14.68 19.67
CA GLY K 484 -58.79 13.54 19.32
C GLY K 484 -59.48 13.73 17.98
N VAL K 485 -60.03 14.91 17.75
CA VAL K 485 -60.57 15.29 16.45
C VAL K 485 -59.95 16.64 16.09
N GLY K 486 -59.33 16.72 14.91
CA GLY K 486 -58.44 17.83 14.60
C GLY K 486 -59.13 19.15 14.34
N ASP K 487 -59.71 19.74 15.39
CA ASP K 487 -60.29 21.07 15.28
C ASP K 487 -60.10 21.81 16.60
N TYR K 488 -60.12 23.14 16.50
CA TYR K 488 -59.92 24.00 17.66
C TYR K 488 -61.25 24.29 18.34
N LYS K 489 -61.25 24.23 19.67
CA LYS K 489 -62.46 24.43 20.46
C LYS K 489 -62.06 24.89 21.85
N ASP K 490 -63.06 25.29 22.62
CA ASP K 490 -62.85 25.64 24.02
C ASP K 490 -62.56 24.37 24.81
N MET K 491 -61.42 24.35 25.50
CA MET K 491 -60.97 23.12 26.16
C MET K 491 -61.78 22.83 27.42
N VAL K 492 -62.08 23.85 28.23
CA VAL K 492 -62.81 23.63 29.47
C VAL K 492 -64.21 23.11 29.19
N GLU K 493 -64.90 23.69 28.20
CA GLU K 493 -66.23 23.21 27.85
C GLU K 493 -66.19 21.79 27.30
N ALA K 494 -65.17 21.48 26.49
CA ALA K 494 -65.06 20.15 25.91
C ALA K 494 -64.68 19.08 26.93
N GLY K 495 -64.28 19.48 28.13
CA GLY K 495 -63.84 18.54 29.13
C GLY K 495 -62.39 18.13 29.04
N ILE K 496 -61.62 18.76 28.16
CA ILE K 496 -60.18 18.47 28.03
C ILE K 496 -59.48 19.38 29.04
N ILE K 497 -59.42 18.92 30.29
CA ILE K 497 -58.87 19.70 31.39
C ILE K 497 -57.89 18.83 32.15
N ASP K 498 -56.90 19.47 32.77
CA ASP K 498 -55.90 18.81 33.58
C ASP K 498 -55.89 19.42 34.99
N PRO K 499 -55.55 18.63 36.00
CA PRO K 499 -55.37 19.21 37.34
C PRO K 499 -54.25 20.25 37.31
N THR K 500 -54.48 21.36 38.02
CA THR K 500 -53.48 22.42 38.01
C THR K 500 -52.23 22.01 38.78
N LYS K 501 -52.34 21.01 39.66
CA LYS K 501 -51.17 20.48 40.34
C LYS K 501 -50.23 19.79 39.37
N VAL K 502 -50.79 19.07 38.39
CA VAL K 502 -49.97 18.37 37.42
C VAL K 502 -49.12 19.35 36.61
N VAL K 503 -49.77 20.41 36.11
CA VAL K 503 -49.04 21.40 35.31
C VAL K 503 -48.02 22.13 36.15
N ARG K 504 -48.39 22.49 37.38
CA ARG K 504 -47.48 23.22 38.26
C ARG K 504 -46.26 22.39 38.62
N VAL K 505 -46.46 21.14 39.04
CA VAL K 505 -45.36 20.31 39.49
C VAL K 505 -44.45 19.94 38.32
N ALA K 506 -45.04 19.67 37.15
CA ALA K 506 -44.24 19.20 36.02
C ALA K 506 -43.22 20.24 35.60
N ILE K 507 -43.63 21.50 35.48
CA ILE K 507 -42.71 22.54 35.05
C ILE K 507 -41.67 22.82 36.13
N GLN K 508 -42.08 22.77 37.41
CA GLN K 508 -41.14 23.00 38.50
C GLN K 508 -40.12 21.87 38.58
N ASN K 509 -40.58 20.62 38.44
CA ASN K 509 -39.66 19.49 38.52
C ASN K 509 -38.71 19.46 37.33
N ALA K 510 -39.23 19.72 36.12
CA ALA K 510 -38.41 19.66 34.93
C ALA K 510 -37.31 20.72 34.96
N ALA K 511 -37.65 21.93 35.43
CA ALA K 511 -36.66 23.00 35.50
C ALA K 511 -35.61 22.72 36.56
N SER K 512 -35.96 21.97 37.60
CA SER K 512 -34.98 21.67 38.66
C SER K 512 -33.91 20.71 38.16
N VAL K 513 -34.32 19.61 37.50
CA VAL K 513 -33.35 18.64 37.02
C VAL K 513 -32.54 19.22 35.87
N ALA K 514 -33.18 20.00 35.00
CA ALA K 514 -32.47 20.61 33.88
C ALA K 514 -31.41 21.58 34.38
N GLY K 515 -31.75 22.39 35.38
CA GLY K 515 -30.76 23.30 35.95
C GLY K 515 -29.62 22.57 36.62
N THR K 516 -29.92 21.44 37.27
CA THR K 516 -28.87 20.65 37.90
C THR K 516 -27.88 20.12 36.87
N MET K 517 -28.37 19.62 35.75
CA MET K 517 -27.49 19.07 34.72
C MET K 517 -26.77 20.16 33.93
N LEU K 518 -27.35 21.36 33.85
CA LEU K 518 -26.68 22.44 33.13
C LEU K 518 -25.41 22.90 33.83
N THR K 519 -25.34 22.77 35.15
CA THR K 519 -24.16 23.17 35.91
C THR K 519 -23.36 21.98 36.42
N ALA K 520 -23.68 20.77 35.95
CA ALA K 520 -22.91 19.60 36.32
C ALA K 520 -21.52 19.69 35.72
N GLU K 521 -20.50 19.45 36.56
CA GLU K 521 -19.12 19.63 36.15
C GLU K 521 -18.31 18.34 36.08
N ALA K 522 -18.77 17.26 36.71
CA ALA K 522 -18.02 16.02 36.70
C ALA K 522 -18.98 14.84 36.86
N LEU K 523 -18.64 13.74 36.22
CA LEU K 523 -19.37 12.48 36.34
C LEU K 523 -18.39 11.40 36.79
N VAL K 524 -18.74 10.70 37.87
CA VAL K 524 -17.90 9.68 38.45
C VAL K 524 -18.62 8.34 38.34
N ALA K 525 -17.98 7.37 37.68
CA ALA K 525 -18.58 6.06 37.51
C ALA K 525 -17.47 5.02 37.47
N GLU K 526 -17.83 3.80 37.88
CA GLU K 526 -16.88 2.69 37.84
C GLU K 526 -16.60 2.26 36.41
N ILE K 527 -15.39 1.76 36.18
CA ILE K 527 -15.02 1.22 34.88
C ILE K 527 -15.69 -0.13 34.72
N PRO K 528 -16.46 -0.34 33.64
CA PRO K 528 -17.16 -1.62 33.48
C PRO K 528 -16.18 -2.77 33.33
N GLU K 529 -16.59 -3.92 33.88
CA GLU K 529 -15.78 -5.13 33.89
C GLU K 529 -14.42 -4.88 34.53
N ARG L 1 40.56 81.49 -56.05
CA ARG L 1 41.01 80.38 -55.22
C ARG L 1 40.89 79.07 -55.98
N LEU L 2 39.80 78.34 -55.75
CA LEU L 2 39.62 77.04 -56.38
C LEU L 2 39.08 77.21 -57.80
N ARG L 3 39.76 76.58 -58.77
CA ARG L 3 39.35 76.65 -60.16
C ARG L 3 39.25 75.25 -60.75
N PRO L 4 38.27 75.02 -61.63
CA PRO L 4 38.07 73.67 -62.16
C PRO L 4 38.95 73.41 -63.37
N LEU L 5 38.87 72.18 -63.86
CA LEU L 5 39.58 71.75 -65.05
C LEU L 5 38.58 71.26 -66.09
N TYR L 6 38.82 71.65 -67.36
CA TYR L 6 37.97 71.29 -68.47
C TYR L 6 36.50 71.63 -68.21
N ASP L 7 35.65 70.61 -68.21
CA ASP L 7 34.20 70.81 -68.11
C ASP L 7 33.68 70.84 -66.68
N LYS L 8 34.55 70.74 -65.68
CA LYS L 8 34.11 70.78 -64.29
C LYS L 8 33.60 72.17 -63.93
N ILE L 9 32.63 72.21 -63.02
CA ILE L 9 32.01 73.43 -62.55
C ILE L 9 31.97 73.40 -61.02
N VAL L 10 32.25 74.54 -60.39
CA VAL L 10 32.14 74.67 -58.95
C VAL L 10 30.84 75.41 -58.65
N VAL L 11 29.97 74.77 -57.87
CA VAL L 11 28.64 75.31 -57.59
C VAL L 11 28.44 75.37 -56.08
N LYS L 12 27.81 76.44 -55.63
CA LYS L 12 27.47 76.63 -54.22
C LYS L 12 25.96 76.48 -54.06
N ARG L 13 25.54 75.57 -53.18
CA ARG L 13 24.13 75.23 -53.06
C ARG L 13 23.35 76.33 -52.34
N MET L 14 22.03 76.14 -52.26
CA MET L 14 21.13 77.17 -51.75
C MET L 14 21.06 77.21 -50.24
N GLU L 15 21.79 76.33 -49.56
CA GLU L 15 21.95 76.30 -48.11
C GLU L 15 20.62 76.15 -47.38
N GLU L 16 20.67 76.23 -46.05
CA GLU L 16 19.55 75.94 -45.17
C GLU L 16 18.70 77.18 -44.93
N GLN L 17 17.39 77.01 -45.07
CA GLN L 17 16.42 78.07 -44.76
C GLN L 17 15.24 77.46 -44.00
N GLU L 18 14.58 78.30 -43.20
CA GLU L 18 13.40 77.87 -42.46
C GLU L 18 12.26 77.71 -43.45
N GLN L 19 12.21 76.53 -44.06
CA GLN L 19 11.31 76.27 -45.17
C GLN L 19 9.86 76.36 -44.73
N LYS L 20 9.03 77.00 -45.55
CA LYS L 20 7.59 77.09 -45.33
C LYS L 20 6.89 77.12 -46.67
N THR L 21 5.79 76.37 -46.76
CA THR L 21 4.95 76.42 -47.93
C THR L 21 4.28 77.79 -48.03
N PRO L 22 3.82 78.19 -49.21
CA PRO L 22 3.14 79.49 -49.34
C PRO L 22 1.91 79.63 -48.45
N SER L 23 1.31 78.51 -48.02
CA SER L 23 0.23 78.57 -47.04
C SER L 23 0.72 78.82 -45.62
N GLY L 24 2.03 78.73 -45.39
CA GLY L 24 2.58 78.97 -44.07
C GLY L 24 2.95 77.74 -43.28
N ILE L 25 2.87 76.55 -43.89
CA ILE L 25 3.17 75.31 -43.17
C ILE L 25 4.68 75.11 -43.14
N ILE L 26 5.24 74.93 -41.94
CA ILE L 26 6.67 74.72 -41.79
C ILE L 26 6.98 73.23 -41.78
N ILE L 27 7.87 72.82 -42.67
CA ILE L 27 8.30 71.42 -42.77
C ILE L 27 9.49 71.23 -41.84
N PRO L 28 9.49 70.22 -40.98
CA PRO L 28 10.65 69.97 -40.12
C PRO L 28 11.87 69.58 -40.94
N ASP L 29 13.05 69.92 -40.40
CA ASP L 29 14.30 69.65 -41.10
C ASP L 29 14.56 68.15 -41.30
N THR L 30 13.91 67.30 -40.52
CA THR L 30 14.08 65.86 -40.65
C THR L 30 13.34 65.28 -41.86
N ALA L 31 12.52 66.07 -42.55
CA ALA L 31 11.73 65.59 -43.67
C ALA L 31 12.02 66.38 -44.93
N LYS L 32 13.27 66.77 -45.15
CA LYS L 32 13.66 67.52 -46.33
C LYS L 32 15.01 67.03 -46.85
N GLU L 33 15.08 66.88 -48.17
CA GLU L 33 16.34 66.59 -48.85
C GLU L 33 17.12 67.88 -49.07
N LYS L 34 18.44 67.76 -49.15
CA LYS L 34 19.29 68.93 -49.31
C LYS L 34 18.90 69.71 -50.56
N PRO L 35 18.98 71.03 -50.54
CA PRO L 35 18.47 71.83 -51.66
C PRO L 35 19.15 71.48 -52.98
N GLN L 36 18.36 71.51 -54.05
CA GLN L 36 18.84 71.18 -55.38
C GLN L 36 19.14 72.41 -56.22
N ILE L 37 19.09 73.60 -55.63
CA ILE L 37 19.39 74.85 -56.33
C ILE L 37 20.78 75.31 -55.91
N GLY L 38 21.60 75.67 -56.90
CA GLY L 38 22.94 76.13 -56.61
C GLY L 38 23.33 77.30 -57.50
N GLU L 39 24.32 78.04 -57.03
CA GLU L 39 24.87 79.19 -57.74
C GLU L 39 26.27 78.86 -58.23
N VAL L 40 26.58 79.24 -59.46
CA VAL L 40 27.88 78.94 -60.05
C VAL L 40 28.88 80.00 -59.62
N ILE L 41 30.02 79.58 -59.09
CA ILE L 41 31.07 80.48 -58.63
C ILE L 41 32.30 80.39 -59.53
N ALA L 42 32.69 79.18 -59.91
CA ALA L 42 33.85 78.97 -60.77
C ALA L 42 33.44 78.12 -61.97
N VAL L 43 33.97 78.47 -63.14
CA VAL L 43 33.66 77.78 -64.39
C VAL L 43 34.95 77.28 -65.00
N GLY L 44 34.94 76.02 -65.44
CA GLY L 44 36.09 75.43 -66.07
C GLY L 44 36.29 75.95 -67.49
N ASP L 45 37.40 75.51 -68.09
CA ASP L 45 37.75 75.97 -69.43
C ASP L 45 36.81 75.41 -70.51
N GLY L 46 36.24 74.23 -70.30
CA GLY L 46 35.30 73.69 -71.26
C GLY L 46 35.51 72.22 -71.60
N LYS L 47 34.50 71.60 -72.18
CA LYS L 47 34.56 70.19 -72.51
C LYS L 47 35.59 69.91 -73.59
N LEU L 48 36.32 68.80 -73.44
CA LEU L 48 37.29 68.37 -74.44
C LEU L 48 36.57 67.55 -75.50
N LEU L 49 36.50 68.09 -76.71
CA LEU L 49 35.89 67.35 -77.81
C LEU L 49 36.78 66.19 -78.23
N SER L 50 36.21 65.28 -79.02
CA SER L 50 36.98 64.13 -79.50
C SER L 50 38.14 64.57 -80.37
N ASN L 51 37.95 65.59 -81.20
CA ASN L 51 39.02 66.09 -82.05
C ASN L 51 39.97 67.02 -81.32
N GLY L 52 39.68 67.38 -80.08
CA GLY L 52 40.56 68.20 -79.27
C GLY L 52 40.12 69.64 -79.09
N GLN L 53 39.10 70.09 -79.81
CA GLN L 53 38.65 71.47 -79.67
C GLN L 53 37.97 71.67 -78.32
N ILE L 54 37.85 72.94 -77.93
CA ILE L 54 37.31 73.32 -76.63
C ILE L 54 36.04 74.12 -76.86
N VAL L 55 34.97 73.76 -76.16
CA VAL L 55 33.69 74.45 -76.25
C VAL L 55 33.51 75.24 -74.96
N SER L 56 33.18 76.53 -75.09
CA SER L 56 32.97 77.38 -73.93
C SER L 56 31.76 76.92 -73.14
N PRO L 57 31.88 76.72 -71.83
CA PRO L 57 30.72 76.31 -71.03
C PRO L 57 29.61 77.37 -71.12
N LYS L 58 28.38 76.89 -71.18
CA LYS L 58 27.24 77.80 -71.30
C LYS L 58 26.91 78.49 -69.98
N VAL L 59 27.21 77.84 -68.85
CA VAL L 59 26.94 78.44 -67.55
C VAL L 59 27.93 79.58 -67.30
N LYS L 60 27.49 80.55 -66.50
CA LYS L 60 28.29 81.72 -66.18
C LYS L 60 28.36 81.91 -64.67
N LYS L 61 29.26 82.79 -64.24
CA LYS L 61 29.38 83.13 -62.84
C LYS L 61 28.09 83.79 -62.34
N GLY L 62 27.60 83.32 -61.20
CA GLY L 62 26.40 83.87 -60.60
C GLY L 62 25.11 83.28 -61.08
N ASP L 63 25.13 82.37 -62.04
CA ASP L 63 23.90 81.75 -62.53
C ASP L 63 23.36 80.77 -61.51
N LYS L 64 22.08 80.44 -61.65
CA LYS L 64 21.40 79.49 -60.77
C LYS L 64 21.14 78.21 -61.55
N VAL L 65 21.63 77.08 -61.02
CA VAL L 65 21.52 75.79 -61.70
C VAL L 65 20.96 74.77 -60.72
N VAL L 66 20.41 73.70 -61.26
CA VAL L 66 19.80 72.61 -60.49
C VAL L 66 20.58 71.33 -60.78
N PHE L 67 20.93 70.61 -59.71
CA PHE L 67 21.72 69.40 -59.84
C PHE L 67 20.82 68.19 -60.07
N ASN L 68 21.42 67.11 -60.58
CA ASN L 68 20.67 65.89 -60.88
C ASN L 68 20.43 65.02 -59.64
N LYS L 69 20.04 65.68 -58.55
CA LYS L 69 19.56 65.11 -57.30
C LYS L 69 20.67 64.41 -56.52
N TYR L 70 21.83 64.20 -57.14
CA TYR L 70 22.96 63.57 -56.47
C TYR L 70 24.31 64.10 -56.91
N ALA L 71 24.37 65.11 -57.76
CA ALA L 71 25.65 65.51 -58.36
C ALA L 71 26.55 66.18 -57.33
N GLY L 72 27.85 66.15 -57.62
CA GLY L 72 28.84 66.81 -56.79
C GLY L 72 29.76 65.84 -56.07
N THR L 73 30.76 66.42 -55.41
CA THR L 73 31.73 65.65 -54.64
C THR L 73 31.81 66.06 -53.18
N GLU L 74 31.02 67.05 -52.75
CA GLU L 74 31.01 67.52 -51.37
C GLU L 74 32.43 67.81 -50.86
N VAL L 75 33.16 68.62 -51.62
CA VAL L 75 34.53 68.95 -51.29
C VAL L 75 34.56 70.14 -50.34
N GLU L 76 35.52 70.12 -49.41
CA GLU L 76 35.70 71.21 -48.47
C GLU L 76 36.82 72.13 -48.94
N LEU L 77 36.60 73.43 -48.82
CA LEU L 77 37.59 74.42 -49.23
C LEU L 77 37.56 75.60 -48.26
N ASP L 78 38.65 75.76 -47.51
CA ASP L 78 38.81 76.86 -46.56
C ASP L 78 37.61 76.93 -45.61
N GLY L 79 37.49 75.92 -44.75
CA GLY L 79 36.41 75.87 -43.79
C GLY L 79 35.01 75.88 -44.35
N GLU L 80 34.86 75.66 -45.66
CA GLU L 80 33.58 75.78 -46.33
C GLU L 80 33.46 74.66 -47.35
N LYS L 81 32.22 74.25 -47.61
CA LYS L 81 31.93 73.14 -48.51
C LYS L 81 31.45 73.66 -49.86
N TYR L 82 32.07 73.17 -50.92
CA TYR L 82 31.66 73.49 -52.29
C TYR L 82 31.30 72.20 -53.01
N LEU L 83 30.63 72.35 -54.15
CA LEU L 83 30.11 71.23 -54.93
C LEU L 83 30.70 71.31 -56.34
N ILE L 84 31.84 70.68 -56.55
CA ILE L 84 32.39 70.56 -57.89
C ILE L 84 31.52 69.62 -58.71
N MET L 85 31.16 70.05 -59.90
CA MET L 85 30.08 69.43 -60.66
C MET L 85 30.44 69.53 -62.14
N SER L 86 29.77 68.73 -62.97
CA SER L 86 30.17 68.61 -64.37
C SER L 86 29.01 69.01 -65.27
N GLU L 87 29.38 69.50 -66.47
CA GLU L 87 28.40 70.08 -67.38
C GLU L 87 27.36 69.07 -67.86
N ASP L 88 27.79 67.85 -68.18
CA ASP L 88 26.85 66.86 -68.70
C ASP L 88 25.80 66.45 -67.68
N GLU L 89 26.01 66.76 -66.40
CA GLU L 89 25.03 66.45 -65.37
C GLU L 89 24.30 67.68 -64.84
N VAL L 90 24.56 68.86 -65.39
CA VAL L 90 23.76 70.04 -65.05
C VAL L 90 22.40 69.92 -65.72
N LEU L 91 21.34 70.14 -64.94
CA LEU L 91 19.99 69.92 -65.43
C LEU L 91 19.48 71.10 -66.24
N ALA L 92 19.37 72.27 -65.61
CA ALA L 92 18.87 73.47 -66.27
C ALA L 92 19.40 74.68 -65.49
N VAL L 93 19.28 75.85 -66.11
CA VAL L 93 19.78 77.09 -65.53
C VAL L 93 18.63 78.07 -65.40
N ILE L 94 18.64 78.83 -64.30
CA ILE L 94 17.67 79.88 -63.96
C ILE L 94 16.24 79.50 -64.35
N ALA M 2 -16.75 17.60 -5.71
CA ALA M 2 -17.74 17.24 -4.70
C ALA M 2 -17.70 18.23 -3.53
N LYS M 3 -18.81 18.93 -3.33
CA LYS M 3 -18.92 19.91 -2.26
C LYS M 3 -19.70 19.35 -1.08
N LYS M 4 -19.56 20.01 0.07
CA LYS M 4 -20.40 19.76 1.22
C LYS M 4 -20.83 21.10 1.80
N VAL M 5 -22.10 21.18 2.19
CA VAL M 5 -22.70 22.41 2.70
C VAL M 5 -23.10 22.18 4.15
N ILE M 6 -22.70 23.11 5.02
CA ILE M 6 -23.05 23.07 6.43
C ILE M 6 -23.83 24.34 6.77
N TYR M 7 -24.72 24.24 7.75
CA TYR M 7 -25.70 25.28 8.00
C TYR M 7 -25.72 25.69 9.46
N GLY M 8 -26.22 26.90 9.70
CA GLY M 8 -26.62 27.31 11.05
C GLY M 8 -25.49 27.30 12.05
N GLU M 9 -25.78 26.70 13.21
CA GLU M 9 -24.83 26.73 14.33
C GLU M 9 -23.52 26.06 13.96
N ASP M 10 -23.58 24.96 13.22
CA ASP M 10 -22.37 24.27 12.80
C ASP M 10 -21.51 25.17 11.92
N ALA M 11 -22.14 25.91 11.01
CA ALA M 11 -21.40 26.81 10.14
C ALA M 11 -20.71 27.92 10.91
N ARG M 12 -21.42 28.51 11.87
CA ARG M 12 -20.83 29.60 12.64
C ARG M 12 -19.77 29.09 13.61
N ALA M 13 -19.92 27.85 14.09
CA ALA M 13 -18.90 27.27 14.95
C ALA M 13 -17.59 27.10 14.20
N ARG M 14 -17.66 26.68 12.94
CA ARG M 14 -16.44 26.55 12.14
C ARG M 14 -15.78 27.90 11.91
N LEU M 15 -16.58 28.91 11.57
CA LEU M 15 -16.03 30.24 11.32
C LEU M 15 -15.40 30.82 12.57
N LYS M 16 -16.05 30.66 13.72
CA LYS M 16 -15.53 31.20 14.97
C LYS M 16 -14.19 30.55 15.32
N ALA M 17 -14.08 29.23 15.11
CA ALA M 17 -12.82 28.55 15.38
C ALA M 17 -11.70 29.06 14.49
N GLY M 18 -12.00 29.29 13.21
CA GLY M 18 -10.98 29.82 12.31
C GLY M 18 -10.56 31.23 12.67
N VAL M 19 -11.53 32.08 13.00
CA VAL M 19 -11.22 33.46 13.36
C VAL M 19 -10.41 33.52 14.65
N ASP M 20 -10.79 32.72 15.64
CA ASP M 20 -10.10 32.76 16.93
C ASP M 20 -8.66 32.31 16.80
N LYS M 21 -8.41 31.23 16.05
CA LYS M 21 -7.06 30.75 15.88
C LYS M 21 -6.20 31.74 15.10
N LEU M 22 -6.81 32.47 14.16
CA LEU M 22 -6.09 33.55 13.48
C LEU M 22 -5.77 34.68 14.45
N ALA M 23 -6.75 35.10 15.24
CA ALA M 23 -6.58 36.27 16.09
C ALA M 23 -5.67 35.98 17.29
N ASN M 24 -5.73 34.77 17.83
CA ASN M 24 -4.90 34.45 18.99
C ASN M 24 -3.43 34.51 18.67
N ALA M 25 -3.04 34.21 17.42
CA ALA M 25 -1.64 34.30 17.04
C ALA M 25 -1.19 35.73 16.88
N VAL M 26 -2.08 36.61 16.43
CA VAL M 26 -1.70 37.99 16.13
C VAL M 26 -1.75 38.85 17.39
N LYS M 27 -2.72 38.59 18.27
CA LYS M 27 -2.94 39.49 19.41
C LYS M 27 -1.81 39.46 20.42
N VAL M 28 -0.91 38.46 20.35
CA VAL M 28 0.21 38.43 21.28
C VAL M 28 1.23 39.51 20.98
N THR M 29 1.12 40.15 19.81
CA THR M 29 2.06 41.20 19.44
C THR M 29 1.55 42.60 19.74
N LEU M 30 0.40 42.72 20.41
CA LEU M 30 -0.20 44.02 20.63
C LEU M 30 0.36 44.70 21.87
N GLY M 31 0.62 46.00 21.76
CA GLY M 31 1.03 46.79 22.88
C GLY M 31 2.54 46.98 22.97
N PRO M 32 2.98 47.77 23.95
CA PRO M 32 4.42 47.99 24.14
C PRO M 32 5.10 46.79 24.75
N ARG M 33 4.33 45.96 25.45
CA ARG M 33 4.84 44.73 26.03
C ARG M 33 4.43 43.50 25.24
N GLY M 34 3.90 43.69 24.03
CA GLY M 34 3.59 42.54 23.18
C GLY M 34 4.87 41.85 22.75
N ARG M 35 4.76 40.54 22.53
CA ARG M 35 5.90 39.72 22.17
C ARG M 35 5.85 39.37 20.69
N GLU M 36 6.94 38.80 20.19
CA GLU M 36 7.12 38.57 18.77
C GLU M 36 6.79 37.12 18.41
N VAL M 37 6.65 36.89 17.11
CA VAL M 37 6.29 35.58 16.56
C VAL M 37 7.35 35.18 15.56
N ILE M 38 7.83 33.95 15.67
CA ILE M 38 8.79 33.37 14.73
C ILE M 38 8.03 32.58 13.68
N ILE M 39 8.26 32.92 12.41
CA ILE M 39 7.56 32.30 11.30
C ILE M 39 8.55 31.44 10.53
N GLU M 40 8.18 30.17 10.33
CA GLU M 40 9.05 29.25 9.61
C GLU M 40 9.13 29.63 8.13
N LYS M 41 10.35 29.63 7.60
CA LYS M 41 10.60 29.84 6.18
C LYS M 41 11.22 28.58 5.61
N LYS M 42 10.71 28.13 4.46
CA LYS M 42 11.18 26.87 3.88
C LYS M 42 12.64 26.96 3.48
N TRP M 43 13.11 28.14 3.06
CA TRP M 43 14.51 28.36 2.75
C TRP M 43 15.10 29.39 3.69
N GLY M 44 16.27 29.09 4.23
CA GLY M 44 16.98 30.06 5.05
C GLY M 44 16.46 30.14 6.48
N THR M 45 16.91 31.17 7.18
CA THR M 45 16.59 31.39 8.57
C THR M 45 15.13 31.81 8.75
N PRO M 46 14.51 31.44 9.88
CA PRO M 46 13.14 31.88 10.15
C PRO M 46 13.05 33.38 10.31
N VAL M 47 11.83 33.92 10.30
CA VAL M 47 11.58 35.35 10.41
C VAL M 47 10.97 35.63 11.78
N VAL M 48 11.61 36.52 12.54
CA VAL M 48 11.09 36.99 13.81
C VAL M 48 10.46 38.36 13.57
N THR M 49 9.20 38.50 13.93
CA THR M 49 8.48 39.72 13.60
C THR M 49 7.45 40.04 14.67
N LYS M 50 7.15 41.33 14.80
CA LYS M 50 6.05 41.82 15.61
C LYS M 50 4.91 42.38 14.76
N ASP M 51 5.01 42.27 13.43
CA ASP M 51 4.02 42.85 12.54
C ASP M 51 2.76 42.00 12.52
N GLY M 52 1.61 42.66 12.70
CA GLY M 52 0.35 41.93 12.72
C GLY M 52 -0.02 41.33 11.39
N VAL M 53 0.18 42.07 10.31
CA VAL M 53 -0.18 41.56 8.99
C VAL M 53 0.79 40.47 8.55
N THR M 54 2.06 40.58 8.93
CA THR M 54 3.02 39.54 8.56
C THR M 54 2.65 38.19 9.18
N VAL M 55 2.22 38.19 10.45
CA VAL M 55 1.78 36.96 11.08
C VAL M 55 0.54 36.42 10.40
N ALA M 56 -0.40 37.31 10.06
CA ALA M 56 -1.68 36.87 9.51
C ALA M 56 -1.52 36.21 8.14
N LYS M 57 -0.61 36.73 7.32
CA LYS M 57 -0.54 36.28 5.93
C LYS M 57 -0.11 34.82 5.81
N GLU M 58 0.65 34.31 6.78
CA GLU M 58 1.10 32.92 6.70
C GLU M 58 0.11 31.92 7.30
N ILE M 59 -0.94 32.39 7.98
CA ILE M 59 -1.83 31.48 8.68
C ILE M 59 -2.75 30.78 7.68
N GLU M 60 -2.88 29.46 7.81
CA GLU M 60 -3.74 28.65 6.97
C GLU M 60 -4.01 27.34 7.69
N PHE M 61 -5.23 26.84 7.57
CA PHE M 61 -5.67 25.70 8.37
C PHE M 61 -6.14 24.56 7.48
N LYS M 62 -6.11 23.35 8.06
CA LYS M 62 -6.48 22.16 7.31
C LYS M 62 -7.99 22.05 7.10
N ASP M 63 -8.77 22.36 8.13
CA ASP M 63 -10.22 22.28 8.00
C ASP M 63 -10.70 23.31 6.99
N PRO M 64 -11.38 22.90 5.92
CA PRO M 64 -11.78 23.88 4.90
C PRO M 64 -12.70 24.96 5.43
N TYR M 65 -13.59 24.63 6.37
CA TYR M 65 -14.52 25.64 6.88
C TYR M 65 -13.85 26.59 7.87
N GLU M 66 -12.96 26.06 8.71
CA GLU M 66 -12.19 26.93 9.59
C GLU M 66 -11.25 27.83 8.80
N ASN M 67 -10.70 27.32 7.71
CA ASN M 67 -9.83 28.15 6.87
C ASN M 67 -10.60 29.30 6.25
N MET M 68 -11.88 29.08 5.93
CA MET M 68 -12.69 30.15 5.34
C MET M 68 -12.83 31.33 6.28
N GLY M 69 -13.03 31.05 7.58
CA GLY M 69 -13.06 32.14 8.54
C GLY M 69 -11.73 32.84 8.68
N ALA M 70 -10.63 32.07 8.64
CA ALA M 70 -9.31 32.66 8.77
C ALA M 70 -8.96 33.54 7.57
N GLN M 71 -9.34 33.11 6.37
CA GLN M 71 -8.98 33.87 5.18
C GLN M 71 -9.76 35.16 5.06
N LEU M 72 -10.95 35.22 5.66
CA LEU M 72 -11.74 36.45 5.63
C LEU M 72 -11.14 37.50 6.56
N VAL M 73 -10.70 37.08 7.75
CA VAL M 73 -10.09 38.00 8.69
C VAL M 73 -8.73 38.47 8.21
N LYS M 74 -7.99 37.62 7.47
CA LYS M 74 -6.72 38.06 6.91
C LYS M 74 -6.88 39.27 6.01
N GLU M 75 -8.07 39.44 5.40
CA GLU M 75 -8.30 40.59 4.55
C GLU M 75 -8.35 41.89 5.37
N VAL M 76 -8.75 41.80 6.64
CA VAL M 76 -8.77 42.98 7.49
C VAL M 76 -7.37 43.52 7.69
N ALA M 77 -6.42 42.64 8.00
CA ALA M 77 -5.04 43.07 8.18
C ALA M 77 -4.40 43.49 6.87
N SER M 78 -4.73 42.78 5.78
CA SER M 78 -4.15 43.11 4.48
C SER M 78 -4.60 44.48 4.01
N LYS M 79 -5.89 44.78 4.13
CA LYS M 79 -6.39 46.08 3.70
C LYS M 79 -5.86 47.21 4.56
N THR M 80 -5.77 46.99 5.87
CA THR M 80 -5.24 48.03 6.76
C THR M 80 -3.79 48.35 6.42
N SER M 81 -2.98 47.32 6.14
CA SER M 81 -1.59 47.57 5.77
C SER M 81 -1.50 48.32 4.45
N ASP M 82 -2.36 47.99 3.49
CA ASP M 82 -2.33 48.66 2.20
C ASP M 82 -2.70 50.14 2.34
N VAL M 83 -3.69 50.44 3.17
CA VAL M 83 -4.21 51.81 3.27
C VAL M 83 -3.43 52.66 4.26
N ALA M 84 -3.16 52.15 5.46
CA ALA M 84 -2.53 52.98 6.50
C ALA M 84 -1.11 52.53 6.78
N GLY M 85 -0.82 51.25 6.58
CA GLY M 85 0.50 50.72 6.89
C GLY M 85 0.76 50.48 8.36
N ASP M 86 -0.24 50.65 9.21
CA ASP M 86 -0.09 50.44 10.63
C ASP M 86 -1.46 50.11 11.20
N GLY M 87 -1.48 49.59 12.43
CA GLY M 87 -2.72 49.20 13.06
C GLY M 87 -3.30 47.89 12.61
N THR M 88 -2.49 47.02 11.99
CA THR M 88 -3.00 45.75 11.51
C THR M 88 -3.41 44.82 12.66
N THR M 89 -2.65 44.86 13.76
CA THR M 89 -3.02 44.03 14.91
C THR M 89 -4.29 44.55 15.57
N THR M 90 -4.45 45.86 15.66
CA THR M 90 -5.66 46.44 16.22
C THR M 90 -6.87 46.07 15.37
N ALA M 91 -6.72 46.13 14.04
CA ALA M 91 -7.82 45.78 13.15
C ALA M 91 -8.22 44.32 13.32
N THR M 92 -7.24 43.42 13.46
CA THR M 92 -7.55 42.01 13.66
C THR M 92 -8.24 41.79 14.99
N VAL M 93 -7.80 42.48 16.04
CA VAL M 93 -8.45 42.34 17.34
C VAL M 93 -9.88 42.85 17.29
N LEU M 94 -10.10 43.98 16.60
CA LEU M 94 -11.45 44.52 16.48
C LEU M 94 -12.36 43.56 15.70
N ALA M 95 -11.83 42.97 14.63
CA ALA M 95 -12.64 42.09 13.80
C ALA M 95 -13.13 40.87 14.59
N GLN M 96 -12.26 40.29 15.40
CA GLN M 96 -12.68 39.14 16.22
C GLN M 96 -13.75 39.55 17.22
N ALA M 97 -13.62 40.73 17.82
CA ALA M 97 -14.58 41.18 18.82
C ALA M 97 -15.96 41.38 18.20
N ILE M 98 -16.01 41.98 17.01
CA ILE M 98 -17.29 42.20 16.35
C ILE M 98 -17.93 40.87 15.98
N PHE M 99 -17.14 39.95 15.43
CA PHE M 99 -17.69 38.66 15.00
C PHE M 99 -18.15 37.83 16.20
N ASN M 100 -17.36 37.80 17.27
CA ASN M 100 -17.73 37.02 18.44
C ASN M 100 -19.01 37.54 19.08
N GLU M 101 -19.14 38.86 19.22
CA GLU M 101 -20.34 39.42 19.80
C GLU M 101 -21.53 39.32 18.87
N GLY M 102 -21.30 39.36 17.56
CA GLY M 102 -22.39 39.20 16.62
C GLY M 102 -23.00 37.81 16.65
N LEU M 103 -22.15 36.79 16.85
CA LEU M 103 -22.65 35.42 16.93
C LEU M 103 -23.57 35.24 18.13
N ARG M 104 -23.23 35.87 19.26
CA ARG M 104 -24.09 35.78 20.43
C ARG M 104 -25.45 36.41 20.17
N ALA M 105 -25.48 37.56 19.49
CA ALA M 105 -26.74 38.21 19.17
C ALA M 105 -27.58 37.35 18.22
N ILE M 106 -26.92 36.76 17.22
CA ILE M 106 -27.64 35.92 16.27
C ILE M 106 -28.17 34.66 16.95
N ALA M 107 -27.39 34.12 17.89
CA ALA M 107 -27.83 32.92 18.62
C ALA M 107 -29.08 33.20 19.44
N SER M 108 -29.34 34.47 19.77
CA SER M 108 -30.54 34.85 20.52
C SER M 108 -31.73 35.11 19.61
N GLY M 109 -31.59 34.95 18.30
CA GLY M 109 -32.70 35.13 17.39
C GLY M 109 -32.72 36.42 16.61
N ALA M 110 -31.69 37.24 16.71
CA ALA M 110 -31.65 38.50 15.99
C ALA M 110 -31.46 38.27 14.49
N ASN M 111 -31.98 39.19 13.69
CA ASN M 111 -31.85 39.09 12.24
C ASN M 111 -30.43 39.44 11.82
N PRO M 112 -29.71 38.56 11.14
CA PRO M 112 -28.32 38.87 10.76
C PRO M 112 -28.18 40.10 9.89
N MET M 113 -29.14 40.36 9.01
CA MET M 113 -29.02 41.51 8.12
C MET M 113 -29.23 42.82 8.87
N ASP M 114 -30.13 42.83 9.84
CA ASP M 114 -30.36 44.05 10.61
C ASP M 114 -29.18 44.37 11.52
N ILE M 115 -28.50 43.35 12.03
CA ILE M 115 -27.30 43.58 12.83
C ILE M 115 -26.24 44.31 12.02
N LYS M 116 -26.05 43.88 10.77
CA LYS M 116 -25.07 44.53 9.90
C LYS M 116 -25.46 45.98 9.65
N ARG M 117 -26.75 46.24 9.44
CA ARG M 117 -27.20 47.62 9.26
C ARG M 117 -26.98 48.44 10.50
N GLY M 118 -27.21 47.86 11.68
CA GLY M 118 -26.91 48.56 12.92
C GLY M 118 -25.43 48.79 13.10
N ILE M 119 -24.60 47.82 12.70
CA ILE M 119 -23.15 47.98 12.81
C ILE M 119 -22.67 49.12 11.93
N ASP M 120 -23.22 49.21 10.72
CA ASP M 120 -22.80 50.28 9.80
C ASP M 120 -23.12 51.65 10.36
N LYS M 121 -24.28 51.81 10.98
CA LYS M 121 -24.64 53.09 11.58
C LYS M 121 -23.69 53.46 12.71
N ALA M 122 -23.33 52.48 13.55
CA ALA M 122 -22.45 52.77 14.67
C ALA M 122 -21.06 53.19 14.21
N VAL M 123 -20.55 52.55 13.16
CA VAL M 123 -19.22 52.89 12.66
C VAL M 123 -19.19 54.30 12.10
N GLU M 124 -20.28 54.72 11.46
CA GLU M 124 -20.35 56.09 10.97
C GLU M 124 -20.26 57.10 12.11
N THR M 125 -20.93 56.81 13.23
CA THR M 125 -20.83 57.68 14.40
C THR M 125 -19.43 57.65 15.00
N VAL M 126 -18.84 56.45 15.11
CA VAL M 126 -17.52 56.33 15.73
C VAL M 126 -16.47 57.07 14.93
N VAL M 127 -16.51 56.94 13.60
CA VAL M 127 -15.55 57.63 12.76
C VAL M 127 -15.69 59.14 12.90
N ASN M 128 -16.93 59.64 12.99
CA ASN M 128 -17.15 61.06 13.20
C ASN M 128 -16.56 61.53 14.53
N GLU M 129 -16.74 60.73 15.58
CA GLU M 129 -16.19 61.08 16.88
C GLU M 129 -14.67 61.12 16.86
N ILE M 130 -14.05 60.17 16.16
CA ILE M 130 -12.59 60.12 16.11
C ILE M 130 -12.04 61.37 15.45
N LYS M 131 -12.68 61.84 14.38
CA LYS M 131 -12.22 63.04 13.71
C LYS M 131 -12.33 64.27 14.63
N LYS M 132 -13.26 64.25 15.57
CA LYS M 132 -13.37 65.36 16.52
C LYS M 132 -12.25 65.32 17.55
N LEU M 133 -11.82 64.13 17.95
CA LEU M 133 -10.68 64.00 18.85
C LEU M 133 -9.35 64.29 18.16
N SER M 134 -9.35 64.31 16.83
CA SER M 134 -8.10 64.49 16.10
C SER M 134 -7.53 65.89 16.32
N ILE M 135 -6.23 65.95 16.53
CA ILE M 135 -5.49 67.21 16.67
C ILE M 135 -4.46 67.26 15.56
N PRO M 136 -4.37 68.36 14.80
CA PRO M 136 -3.37 68.43 13.72
C PRO M 136 -1.96 68.42 14.26
N VAL M 137 -1.04 67.90 13.46
CA VAL M 137 0.36 67.84 13.86
C VAL M 137 0.94 69.25 13.82
N SER M 138 1.49 69.69 14.94
CA SER M 138 2.03 71.04 15.04
C SER M 138 3.44 71.16 14.47
N GLY M 139 4.22 70.10 14.51
CA GLY M 139 5.58 70.17 14.02
C GLY M 139 6.37 68.94 14.45
N ARG M 140 7.62 69.16 14.82
CA ARG M 140 8.55 68.06 15.06
C ARG M 140 8.19 67.28 16.32
N LYS M 141 7.58 67.93 17.31
CA LYS M 141 7.31 67.25 18.58
C LYS M 141 6.41 66.05 18.39
N GLU M 142 5.32 66.23 17.64
CA GLU M 142 4.40 65.11 17.40
C GLU M 142 4.97 64.12 16.41
N ILE M 143 5.76 64.59 15.43
CA ILE M 143 6.36 63.69 14.46
C ILE M 143 7.32 62.73 15.17
N GLU M 144 8.13 63.26 16.08
CA GLU M 144 9.05 62.40 16.83
C GLU M 144 8.29 61.46 17.77
N GLN M 145 7.19 61.92 18.35
CA GLN M 145 6.42 61.09 19.26
C GLN M 145 5.72 59.95 18.53
N VAL M 146 5.16 60.25 17.34
CA VAL M 146 4.48 59.22 16.56
C VAL M 146 5.47 58.16 16.11
N ALA M 147 6.64 58.58 15.63
CA ALA M 147 7.64 57.63 15.16
C ALA M 147 8.13 56.74 16.30
N THR M 148 8.32 57.31 17.48
CA THR M 148 8.79 56.54 18.62
C THR M 148 7.78 55.46 19.01
N ILE M 149 6.50 55.81 19.05
CA ILE M 149 5.48 54.85 19.48
C ILE M 149 5.32 53.74 18.45
N SER M 150 5.28 54.10 17.17
CA SER M 150 5.09 53.10 16.13
C SER M 150 6.29 52.18 16.00
N ALA M 151 7.47 52.65 16.38
CA ALA M 151 8.67 51.82 16.37
C ALA M 151 8.85 51.04 17.66
N ASN M 152 7.77 50.82 18.42
CA ASN M 152 7.80 50.07 19.67
C ASN M 152 8.71 50.75 20.70
N ASN M 153 8.42 52.03 20.97
CA ASN M 153 9.11 52.83 21.96
C ASN M 153 10.62 52.90 21.72
N ASP M 154 11.05 53.08 20.47
CA ASP M 154 12.46 53.22 20.15
C ASP M 154 12.74 54.68 19.87
N ALA M 155 13.45 55.34 20.80
CA ALA M 155 13.72 56.76 20.66
C ALA M 155 14.72 57.05 19.55
N THR M 156 15.69 56.16 19.31
CA THR M 156 16.68 56.39 18.26
C THR M 156 16.02 56.41 16.89
N ILE M 157 15.08 55.48 16.65
CA ILE M 157 14.35 55.47 15.38
C ILE M 157 13.50 56.71 15.24
N GLY M 158 12.89 57.17 16.33
CA GLY M 158 12.09 58.38 16.28
C GLY M 158 12.90 59.60 15.91
N LYS M 159 14.13 59.69 16.42
CA LYS M 159 15.00 60.81 16.10
C LYS M 159 15.36 60.82 14.61
N ILE M 160 15.67 59.64 14.06
CA ILE M 160 16.09 59.56 12.67
C ILE M 160 14.96 59.95 11.74
N ILE M 161 13.75 59.43 12.00
CA ILE M 161 12.62 59.70 11.12
C ILE M 161 12.20 61.16 11.20
N ALA M 162 12.27 61.75 12.39
CA ALA M 162 11.97 63.17 12.53
C ALA M 162 12.93 64.02 11.70
N ASP M 163 14.22 63.65 11.70
CA ASP M 163 15.19 64.36 10.87
C ASP M 163 14.88 64.16 9.40
N ALA M 164 14.51 62.93 9.01
CA ALA M 164 14.24 62.66 7.59
C ALA M 164 13.04 63.45 7.10
N MET M 165 12.00 63.60 7.93
CA MET M 165 10.83 64.37 7.53
C MET M 165 11.19 65.81 7.26
N GLU M 166 12.03 66.41 8.11
CA GLU M 166 12.43 67.80 7.94
C GLU M 166 13.28 67.97 6.68
N ALA M 167 14.14 67.01 6.38
CA ALA M 167 15.07 67.17 5.27
C ALA M 167 14.34 67.16 3.93
N VAL M 168 13.45 66.20 3.71
CA VAL M 168 12.76 66.08 2.44
C VAL M 168 11.57 67.01 2.30
N GLY M 169 11.19 67.70 3.37
CA GLY M 169 10.10 68.65 3.27
C GLY M 169 8.72 68.00 3.34
N LYS M 170 7.72 68.83 3.05
CA LYS M 170 6.32 68.42 3.20
C LYS M 170 5.86 67.50 2.07
N ASP M 171 6.65 67.33 1.01
CA ASP M 171 6.26 66.44 -0.08
C ASP M 171 7.38 65.51 -0.54
N GLY M 172 8.41 65.29 0.28
CA GLY M 172 9.44 64.34 -0.07
C GLY M 172 9.05 62.92 0.25
N VAL M 173 9.95 62.00 -0.07
CA VAL M 173 9.73 60.58 0.17
C VAL M 173 10.88 60.02 0.99
N ILE M 174 10.56 59.07 1.85
CA ILE M 174 11.54 58.40 2.71
C ILE M 174 11.56 56.92 2.34
N THR M 175 12.76 56.39 2.12
CA THR M 175 12.94 55.01 1.70
C THR M 175 13.77 54.27 2.74
N VAL M 176 13.35 53.06 3.08
CA VAL M 176 14.01 52.23 4.08
C VAL M 176 14.73 51.09 3.36
N GLU M 177 16.02 50.94 3.65
CA GLU M 177 16.85 49.91 3.05
C GLU M 177 17.70 49.25 4.12
N GLU M 178 18.29 48.11 3.76
CA GLU M 178 19.18 47.38 4.66
C GLU M 178 20.60 47.90 4.52
N SER M 179 21.18 48.31 5.64
CA SER M 179 22.57 48.74 5.64
C SER M 179 23.49 47.54 5.56
N LYS M 180 24.64 47.73 4.91
CA LYS M 180 25.64 46.68 4.82
C LYS M 180 26.51 46.58 6.06
N SER M 181 26.35 47.50 7.01
CA SER M 181 27.13 47.49 8.24
C SER M 181 26.18 47.44 9.43
N ALA M 182 26.75 47.43 10.63
CA ALA M 182 25.95 47.34 11.85
C ALA M 182 25.29 48.66 12.22
N GLU M 183 25.74 49.78 11.65
CA GLU M 183 25.20 51.08 12.01
C GLU M 183 23.98 51.43 11.17
N THR M 184 23.09 52.22 11.75
CA THR M 184 21.93 52.75 11.04
C THR M 184 22.19 54.21 10.70
N THR M 185 22.08 54.55 9.41
CA THR M 185 22.44 55.87 8.94
C THR M 185 21.29 56.45 8.12
N LEU M 186 21.30 57.77 7.98
CA LEU M 186 20.33 58.50 7.19
C LEU M 186 21.06 59.26 6.09
N GLU M 187 20.64 59.09 4.86
CA GLU M 187 21.21 59.79 3.71
C GLU M 187 20.13 60.60 3.02
N THR M 188 20.38 61.89 2.84
CA THR M 188 19.45 62.79 2.19
C THR M 188 20.11 63.43 0.97
N VAL M 189 19.40 63.44 -0.15
CA VAL M 189 19.85 64.07 -1.37
C VAL M 189 18.71 64.91 -1.93
N GLN M 190 19.03 66.10 -2.41
CA GLN M 190 18.04 67.05 -2.90
C GLN M 190 18.26 67.30 -4.39
N GLY M 191 17.18 67.58 -5.10
CA GLY M 191 17.27 67.86 -6.51
C GLY M 191 17.26 66.61 -7.37
N MET M 192 17.48 66.84 -8.66
CA MET M 192 17.46 65.75 -9.64
C MET M 192 18.64 64.82 -9.45
N GLN M 193 18.37 63.52 -9.47
CA GLN M 193 19.43 62.51 -9.50
C GLN M 193 18.86 61.22 -10.07
N PHE M 194 19.71 60.45 -10.74
CA PHE M 194 19.29 59.18 -11.32
C PHE M 194 20.50 58.26 -11.43
N ASP M 195 20.20 56.97 -11.61
CA ASP M 195 21.21 55.92 -11.53
C ASP M 195 21.95 55.71 -12.85
N ARG M 196 22.55 56.77 -13.39
CA ARG M 196 23.34 56.70 -14.60
C ARG M 196 24.55 57.61 -14.46
N GLY M 197 25.50 57.45 -15.38
CA GLY M 197 26.60 58.39 -15.46
C GLY M 197 27.91 57.70 -15.74
N TYR M 198 28.94 58.52 -15.92
CA TYR M 198 30.33 58.11 -16.04
C TYR M 198 30.52 57.15 -17.21
N LEU M 199 30.27 57.68 -18.41
CA LEU M 199 30.45 56.90 -19.62
C LEU M 199 31.91 56.60 -19.93
N SER M 200 32.85 57.37 -19.35
CA SER M 200 34.26 57.14 -19.57
C SER M 200 35.04 57.51 -18.31
N PRO M 201 36.02 56.71 -17.92
CA PRO M 201 36.82 57.05 -16.73
C PRO M 201 37.60 58.35 -16.86
N TYR M 202 37.84 58.83 -18.09
CA TYR M 202 38.69 60.00 -18.26
C TYR M 202 37.99 61.30 -17.85
N PHE M 203 36.69 61.26 -17.57
CA PHE M 203 35.98 62.43 -17.05
C PHE M 203 36.21 62.50 -15.54
N VAL M 204 37.40 63.00 -15.18
CA VAL M 204 37.81 63.08 -13.78
C VAL M 204 38.15 64.53 -13.45
N THR M 205 37.53 65.05 -12.39
CA THR M 205 37.91 66.33 -11.82
C THR M 205 38.31 66.20 -10.36
N ASN M 206 38.09 65.04 -9.74
CA ASN M 206 38.50 64.78 -8.37
C ASN M 206 38.83 63.30 -8.26
N PRO M 207 40.08 62.92 -8.52
CA PRO M 207 40.44 61.50 -8.44
C PRO M 207 40.34 60.91 -7.05
N ASP M 208 40.31 61.74 -6.01
CA ASP M 208 40.17 61.22 -4.65
C ASP M 208 38.83 60.50 -4.47
N LYS M 209 37.76 61.07 -5.00
CA LYS M 209 36.43 60.53 -4.81
C LYS M 209 35.86 59.87 -6.07
N MET M 210 36.57 59.93 -7.20
CA MET M 210 36.12 59.33 -8.45
C MET M 210 34.78 59.89 -8.90
N GLU M 211 34.78 61.18 -9.21
CA GLU M 211 33.59 61.85 -9.74
C GLU M 211 34.02 62.99 -10.64
N ALA M 212 33.05 63.48 -11.42
CA ALA M 212 33.26 64.60 -12.34
C ALA M 212 32.36 65.75 -11.91
N VAL M 213 32.97 66.93 -11.72
CA VAL M 213 32.28 68.11 -11.23
C VAL M 213 32.32 69.19 -12.30
N LEU M 214 31.16 69.75 -12.63
CA LEU M 214 31.05 70.83 -13.59
C LEU M 214 30.40 72.04 -12.92
N GLU M 215 30.98 73.21 -13.14
CA GLU M 215 30.50 74.44 -12.54
C GLU M 215 29.67 75.22 -13.56
N ASP M 216 28.38 75.41 -13.26
CA ASP M 216 27.42 76.05 -14.14
C ASP M 216 27.44 75.40 -15.53
N PRO M 217 27.11 74.13 -15.64
CA PRO M 217 27.23 73.45 -16.94
C PRO M 217 26.01 73.67 -17.82
N PHE M 218 26.23 73.50 -19.12
CA PHE M 218 25.13 73.33 -20.07
C PHE M 218 24.76 71.86 -20.17
N ILE M 219 23.46 71.59 -20.16
CA ILE M 219 22.94 70.23 -20.19
C ILE M 219 22.32 69.99 -21.57
N LEU M 220 22.75 68.93 -22.23
CA LEU M 220 22.22 68.54 -23.53
C LEU M 220 21.29 67.35 -23.33
N ILE M 221 20.03 67.51 -23.74
CA ILE M 221 19.00 66.50 -23.57
C ILE M 221 18.77 65.84 -24.92
N TYR M 222 19.01 64.54 -24.98
CA TYR M 222 18.91 63.80 -26.23
C TYR M 222 18.63 62.34 -25.88
N GLU M 223 18.05 61.60 -26.83
CA GLU M 223 17.66 60.22 -26.54
C GLU M 223 17.96 59.27 -27.68
N LYS M 224 18.87 59.63 -28.57
CA LYS M 224 19.33 58.74 -29.63
C LYS M 224 20.84 58.64 -29.59
N LYS M 225 21.35 57.55 -30.14
CA LYS M 225 22.77 57.23 -30.04
C LYS M 225 23.59 58.23 -30.86
N ILE M 226 24.38 59.05 -30.18
CA ILE M 226 25.32 59.95 -30.84
C ILE M 226 26.56 59.15 -31.24
N SER M 227 26.79 59.02 -32.54
CA SER M 227 27.85 58.15 -33.04
C SER M 227 28.74 58.79 -34.10
N ASN M 228 28.53 60.06 -34.44
CA ASN M 228 29.30 60.70 -35.48
C ASN M 228 29.77 62.08 -35.01
N VAL M 229 30.84 62.56 -35.64
CA VAL M 229 31.34 63.90 -35.35
C VAL M 229 30.50 64.96 -36.06
N LYS M 230 29.89 64.58 -37.18
CA LYS M 230 29.23 65.57 -38.04
C LYS M 230 28.07 66.27 -37.33
N ASP M 231 27.54 65.65 -36.29
CA ASP M 231 26.47 66.28 -35.50
C ASP M 231 26.96 66.76 -34.14
N LEU M 232 27.87 66.02 -33.51
CA LEU M 232 28.39 66.42 -32.21
C LEU M 232 29.23 67.68 -32.30
N LEU M 233 29.98 67.83 -33.39
CA LEU M 233 30.85 69.01 -33.54
C LEU M 233 30.08 70.32 -33.57
N PRO M 234 28.99 70.48 -34.33
CA PRO M 234 28.27 71.77 -34.29
C PRO M 234 27.79 72.15 -32.90
N VAL M 235 27.34 71.20 -32.09
CA VAL M 235 26.96 71.51 -30.72
C VAL M 235 28.22 71.79 -29.89
N LEU M 236 29.31 71.11 -30.22
CA LEU M 236 30.59 71.41 -29.59
C LEU M 236 31.09 72.78 -30.01
N GLU M 237 30.74 73.20 -31.22
CA GLU M 237 31.13 74.52 -31.71
C GLU M 237 30.50 75.63 -30.88
N ASN M 238 29.24 75.44 -30.47
CA ASN M 238 28.56 76.46 -29.68
C ASN M 238 29.14 76.60 -28.28
N VAL M 239 29.49 75.47 -27.64
CA VAL M 239 29.89 75.53 -26.23
C VAL M 239 31.33 76.01 -26.09
N VAL M 240 32.20 75.75 -27.06
CA VAL M 240 33.57 76.24 -26.98
C VAL M 240 33.59 77.76 -27.08
N ARG M 241 32.68 78.33 -27.87
CA ARG M 241 32.56 79.78 -27.95
C ARG M 241 32.14 80.37 -26.60
N ALA M 242 31.20 79.72 -25.93
CA ALA M 242 30.77 80.20 -24.61
C ALA M 242 31.82 79.93 -23.54
N GLY M 243 32.63 78.89 -23.72
CA GLY M 243 33.63 78.55 -22.73
C GLY M 243 33.07 78.08 -21.39
N LYS M 244 32.03 77.26 -21.42
CA LYS M 244 31.38 76.74 -20.23
C LYS M 244 31.30 75.22 -20.31
N PRO M 245 31.21 74.53 -19.17
CA PRO M 245 31.16 73.07 -19.20
C PRO M 245 29.86 72.56 -19.79
N LEU M 246 29.92 71.34 -20.32
CA LEU M 246 28.85 70.75 -21.10
C LEU M 246 28.53 69.37 -20.56
N LEU M 247 27.24 69.03 -20.49
CA LEU M 247 26.80 67.72 -20.03
C LEU M 247 25.87 67.12 -21.07
N ILE M 248 26.11 65.87 -21.44
CA ILE M 248 25.33 65.18 -22.46
C ILE M 248 24.50 64.09 -21.81
N ILE M 249 23.20 64.10 -22.08
CA ILE M 249 22.32 62.99 -21.76
C ILE M 249 21.83 62.41 -23.08
N ALA M 250 22.12 61.14 -23.32
CA ALA M 250 21.80 60.52 -24.60
C ALA M 250 21.45 59.05 -24.36
N GLU M 251 20.95 58.41 -25.41
CA GLU M 251 20.60 56.99 -25.33
C GLU M 251 21.84 56.15 -25.06
N ASP M 252 22.88 56.33 -25.88
CA ASP M 252 24.16 55.64 -25.68
C ASP M 252 25.24 56.26 -26.55
N VAL M 253 26.40 56.54 -25.97
CA VAL M 253 27.53 57.10 -26.69
C VAL M 253 28.73 56.19 -26.41
N GLU M 254 29.16 55.43 -27.42
CA GLU M 254 30.26 54.47 -27.25
C GLU M 254 31.22 54.41 -28.42
N ALA M 255 31.20 55.38 -29.33
CA ALA M 255 31.84 55.22 -30.63
C ALA M 255 32.60 56.48 -31.03
N GLU M 256 32.90 56.59 -32.33
CA GLU M 256 33.62 57.74 -32.87
C GLU M 256 33.24 59.04 -32.19
N ALA M 257 31.94 59.26 -31.95
CA ALA M 257 31.52 60.47 -31.24
C ALA M 257 32.10 60.53 -29.84
N LEU M 258 32.10 59.40 -29.13
CA LEU M 258 32.57 59.37 -27.75
C LEU M 258 34.04 59.76 -27.65
N ALA M 259 34.86 59.25 -28.58
CA ALA M 259 36.30 59.51 -28.51
C ALA M 259 36.60 60.99 -28.68
N THR M 260 35.69 61.74 -29.29
CA THR M 260 35.94 63.16 -29.52
C THR M 260 35.99 63.94 -28.21
N LEU M 261 35.01 63.74 -27.32
CA LEU M 261 34.98 64.51 -26.08
C LEU M 261 36.17 64.17 -25.19
N VAL M 262 36.46 62.88 -25.03
CA VAL M 262 37.48 62.48 -24.07
C VAL M 262 38.86 62.92 -24.53
N VAL M 263 39.12 62.88 -25.84
CA VAL M 263 40.40 63.39 -26.34
C VAL M 263 40.44 64.91 -26.23
N ASN M 264 39.28 65.56 -26.38
CA ASN M 264 39.21 67.01 -26.17
C ASN M 264 39.28 67.35 -24.69
N HIS M 265 38.64 66.54 -23.85
CA HIS M 265 38.69 66.78 -22.41
C HIS M 265 40.10 66.60 -21.86
N ILE M 266 40.83 65.61 -22.37
CA ILE M 266 42.22 65.41 -21.94
C ILE M 266 43.06 66.62 -22.28
N LYS M 267 42.92 67.14 -23.50
CA LYS M 267 43.64 68.34 -23.93
C LYS M 267 43.16 69.60 -23.23
N GLY M 268 42.04 69.54 -22.52
CA GLY M 268 41.57 70.68 -21.76
C GLY M 268 40.87 71.76 -22.55
N VAL M 269 40.59 71.53 -23.83
CA VAL M 269 39.86 72.54 -24.60
C VAL M 269 38.43 72.72 -24.08
N ILE M 270 37.83 71.67 -23.54
CA ILE M 270 36.54 71.77 -22.87
C ILE M 270 36.52 70.82 -21.68
N ARG M 271 35.64 71.10 -20.73
CA ARG M 271 35.36 70.19 -19.61
C ARG M 271 33.92 69.70 -19.74
N ALA M 272 33.76 68.42 -20.04
CA ALA M 272 32.46 67.88 -20.38
C ALA M 272 32.36 66.42 -19.94
N CYS M 273 31.14 65.92 -19.93
CA CYS M 273 30.88 64.52 -19.64
C CYS M 273 29.59 64.09 -20.33
N ALA M 274 29.46 62.78 -20.54
CA ALA M 274 28.29 62.21 -21.18
C ALA M 274 27.73 61.10 -20.28
N VAL M 275 26.40 61.03 -20.19
CA VAL M 275 25.73 60.09 -19.30
C VAL M 275 24.60 59.42 -20.06
N LYS M 276 24.18 58.26 -19.58
CA LYS M 276 23.05 57.54 -20.17
C LYS M 276 21.74 58.11 -19.64
N ALA M 277 20.71 58.09 -20.49
CA ALA M 277 19.41 58.55 -20.06
C ALA M 277 18.73 57.51 -19.17
N PRO M 278 17.98 57.92 -18.16
CA PRO M 278 17.35 56.95 -17.26
C PRO M 278 16.06 56.40 -17.84
N GLY M 279 15.58 55.30 -17.24
CA GLY M 279 14.32 54.70 -17.62
C GLY M 279 14.44 53.74 -18.81
N PHE M 280 13.27 53.26 -19.23
CA PHE M 280 13.16 52.40 -20.39
C PHE M 280 11.83 52.64 -21.09
N GLY M 281 11.87 52.66 -22.42
CA GLY M 281 10.67 52.85 -23.20
C GLY M 281 10.01 54.18 -22.93
N GLN M 282 8.75 54.13 -22.48
CA GLN M 282 8.04 55.34 -22.08
C GLN M 282 8.77 56.04 -20.94
N ARG M 283 9.46 55.28 -20.09
CA ARG M 283 10.10 55.82 -18.90
C ARG M 283 11.30 56.71 -19.23
N ARG M 284 11.76 56.77 -20.48
CA ARG M 284 12.76 57.77 -20.83
C ARG M 284 12.14 59.17 -20.90
N LYS M 285 11.26 59.38 -21.87
CA LYS M 285 10.90 60.74 -22.28
C LYS M 285 10.31 61.56 -21.13
N ASP M 286 9.51 60.93 -20.26
CA ASP M 286 8.97 61.65 -19.12
C ASP M 286 10.09 62.14 -18.20
N TYR M 287 11.12 61.32 -17.99
CA TYR M 287 12.21 61.72 -17.10
C TYR M 287 12.98 62.91 -17.67
N LEU M 288 13.41 62.84 -18.93
CA LEU M 288 14.13 63.97 -19.51
C LEU M 288 13.26 65.21 -19.59
N GLN M 289 11.96 65.04 -19.83
CA GLN M 289 11.05 66.18 -19.79
C GLN M 289 11.06 66.85 -18.42
N ASP M 290 11.06 66.06 -17.35
CA ASP M 290 11.19 66.63 -16.02
C ASP M 290 12.54 67.28 -15.83
N ILE M 291 13.61 66.65 -16.34
CA ILE M 291 14.93 67.25 -16.25
C ILE M 291 15.01 68.50 -17.12
N ALA M 292 14.38 68.47 -18.29
CA ALA M 292 14.46 69.60 -19.21
C ALA M 292 13.84 70.86 -18.60
N ILE M 293 12.67 70.72 -17.98
CA ILE M 293 12.01 71.89 -17.41
C ILE M 293 12.74 72.35 -16.16
N LEU M 294 13.35 71.43 -15.40
CA LEU M 294 14.12 71.82 -14.23
C LEU M 294 15.33 72.65 -14.63
N THR M 295 15.98 72.29 -15.74
CA THR M 295 17.18 72.97 -16.20
C THR M 295 16.89 74.26 -16.96
N GLY M 296 15.63 74.51 -17.31
CA GLY M 296 15.29 75.72 -18.04
C GLY M 296 15.43 75.62 -19.55
N GLY M 297 15.93 74.50 -20.06
CA GLY M 297 16.03 74.28 -21.50
C GLY M 297 14.87 73.48 -22.04
N THR M 298 15.08 72.90 -23.22
CA THR M 298 14.06 72.09 -23.87
C THR M 298 14.65 70.76 -24.29
N ALA M 299 13.86 69.70 -24.15
CA ALA M 299 14.29 68.38 -24.57
C ALA M 299 14.27 68.28 -26.09
N ILE M 300 15.34 67.73 -26.67
CA ILE M 300 15.43 67.55 -28.11
C ILE M 300 14.77 66.23 -28.47
N THR M 301 13.45 66.25 -28.68
CA THR M 301 12.72 65.03 -28.99
C THR M 301 12.56 64.86 -30.49
N GLU M 302 12.38 63.60 -30.91
CA GLU M 302 12.09 63.33 -32.32
C GLU M 302 10.78 63.99 -32.74
N GLU M 303 9.84 64.15 -31.81
CA GLU M 303 8.63 64.91 -32.10
C GLU M 303 8.96 66.35 -32.45
N LEU M 304 9.86 66.97 -31.69
CA LEU M 304 10.25 68.36 -31.96
C LEU M 304 10.92 68.48 -33.32
N GLY M 305 11.61 67.44 -33.78
CA GLY M 305 12.19 67.42 -35.10
C GLY M 305 13.50 68.17 -35.26
N ILE M 306 14.02 68.75 -34.19
CA ILE M 306 15.28 69.48 -34.29
C ILE M 306 16.41 68.49 -34.46
N LYS M 307 17.17 68.64 -35.55
CA LYS M 307 18.32 67.79 -35.79
C LYS M 307 19.43 68.12 -34.80
N LEU M 308 20.25 67.13 -34.47
CA LEU M 308 21.26 67.30 -33.43
C LEU M 308 22.24 68.41 -33.78
N GLU M 309 22.71 68.46 -35.03
CA GLU M 309 23.67 69.48 -35.41
C GLU M 309 23.08 70.87 -35.45
N SER M 310 21.76 70.98 -35.59
CA SER M 310 21.10 72.27 -35.76
C SER M 310 20.80 72.96 -34.42
N VAL M 311 21.10 72.33 -33.29
CA VAL M 311 20.78 72.95 -32.02
C VAL M 311 21.69 74.16 -31.78
N THR M 312 21.26 75.03 -30.87
CA THR M 312 21.98 76.25 -30.55
C THR M 312 22.05 76.41 -29.04
N LEU M 313 22.70 77.50 -28.62
CA LEU M 313 22.81 77.79 -27.19
C LEU M 313 21.46 78.15 -26.60
N ASP M 314 20.53 78.64 -27.42
CA ASP M 314 19.27 79.19 -26.91
C ASP M 314 18.46 78.16 -26.14
N MET M 315 18.26 76.96 -26.70
CA MET M 315 17.48 75.94 -26.03
C MET M 315 18.33 74.92 -25.26
N LEU M 316 19.65 75.10 -25.21
CA LEU M 316 20.48 74.24 -24.39
C LEU M 316 20.20 74.51 -22.91
N GLY M 317 20.03 73.44 -22.15
CA GLY M 317 19.70 73.57 -20.75
C GLY M 317 20.88 74.07 -19.92
N ARG M 318 20.57 74.46 -18.69
CA ARG M 318 21.57 75.00 -17.77
C ARG M 318 21.32 74.49 -16.36
N ALA M 319 22.39 74.46 -15.57
CA ALA M 319 22.30 74.08 -14.17
C ALA M 319 23.43 74.79 -13.43
N ASP M 320 23.32 74.82 -12.10
CA ASP M 320 24.35 75.47 -11.30
C ASP M 320 25.54 74.55 -11.06
N LYS M 321 25.29 73.26 -10.86
CA LYS M 321 26.34 72.31 -10.56
C LYS M 321 25.79 70.90 -10.74
N VAL M 322 26.61 70.02 -11.31
CA VAL M 322 26.24 68.63 -11.53
C VAL M 322 27.34 67.73 -10.99
N ILE M 323 26.93 66.61 -10.41
CA ILE M 323 27.85 65.64 -9.83
C ILE M 323 27.68 64.32 -10.59
N VAL M 324 28.76 63.84 -11.19
CA VAL M 324 28.74 62.61 -11.98
C VAL M 324 29.74 61.64 -11.37
N ASP M 325 29.25 60.46 -10.97
CA ASP M 325 30.11 59.43 -10.40
C ASP M 325 29.94 58.13 -11.16
N LYS M 326 30.55 57.07 -10.63
CA LYS M 326 30.57 55.77 -11.30
C LYS M 326 29.17 55.26 -11.65
N ASP M 327 28.18 55.52 -10.80
CA ASP M 327 26.85 54.99 -11.05
C ASP M 327 25.72 55.97 -10.76
N ASN M 328 26.01 57.26 -10.53
CA ASN M 328 24.98 58.20 -10.15
C ASN M 328 25.33 59.57 -10.69
N THR M 329 24.29 60.30 -11.10
CA THR M 329 24.41 61.68 -11.54
C THR M 329 23.46 62.53 -10.72
N THR M 330 23.97 63.66 -10.21
CA THR M 330 23.18 64.55 -9.36
C THR M 330 23.23 65.96 -9.93
N ILE M 331 22.06 66.59 -10.07
CA ILE M 331 21.94 67.97 -10.51
C ILE M 331 21.50 68.80 -9.33
N VAL M 332 22.33 69.77 -8.95
CA VAL M 332 22.06 70.56 -7.75
C VAL M 332 20.80 71.40 -7.92
N GLY M 333 20.70 72.13 -9.03
CA GLY M 333 19.55 72.98 -9.26
C GLY M 333 19.59 73.74 -10.57
N GLY M 334 18.45 73.79 -11.26
CA GLY M 334 18.38 74.48 -12.53
C GLY M 334 18.26 75.98 -12.45
N LYS M 335 17.94 76.51 -11.26
CA LYS M 335 17.86 77.95 -11.01
C LYS M 335 16.73 78.62 -11.78
N GLY M 336 15.96 77.84 -12.54
CA GLY M 336 14.90 78.39 -13.35
C GLY M 336 13.61 77.59 -13.23
N SER M 337 12.58 78.11 -13.90
CA SER M 337 11.25 77.51 -13.97
C SER M 337 10.60 77.33 -12.60
N LYS M 338 10.95 78.18 -11.62
CA LYS M 338 10.34 78.08 -10.31
C LYS M 338 8.84 78.36 -10.38
N GLU M 339 8.44 79.36 -11.16
CA GLU M 339 7.02 79.66 -11.32
C GLU M 339 6.30 78.65 -12.19
N ALA M 340 7.04 77.77 -12.88
CA ALA M 340 6.46 76.82 -13.80
C ALA M 340 6.29 75.43 -13.20
N ILE M 341 7.14 75.05 -12.24
CA ILE M 341 7.09 73.71 -11.68
C ILE M 341 5.83 73.49 -10.85
N GLN M 342 5.15 74.56 -10.45
CA GLN M 342 3.87 74.41 -9.78
C GLN M 342 2.86 73.67 -10.65
N ALA M 343 2.85 73.98 -11.96
CA ALA M 343 2.03 73.20 -12.88
C ALA M 343 2.49 71.75 -12.92
N ARG M 344 3.80 71.52 -12.95
CA ARG M 344 4.33 70.15 -12.91
C ARG M 344 3.92 69.45 -11.62
N ILE M 345 4.00 70.15 -10.48
CA ILE M 345 3.59 69.54 -9.22
C ILE M 345 2.11 69.18 -9.27
N GLU M 346 1.27 70.11 -9.74
CA GLU M 346 -0.16 69.83 -9.85
C GLU M 346 -0.44 68.72 -10.86
N GLN M 347 0.26 68.74 -12.00
CA GLN M 347 0.03 67.72 -13.02
C GLN M 347 0.39 66.33 -12.50
N ILE M 348 1.54 66.22 -11.82
CA ILE M 348 1.95 64.93 -11.27
C ILE M 348 1.02 64.53 -10.13
N LYS M 349 0.67 65.47 -9.24
CA LYS M 349 -0.24 65.15 -8.14
C LYS M 349 -1.60 64.71 -8.66
N ARG M 350 -2.12 65.42 -9.67
CA ARG M 350 -3.33 64.96 -10.32
C ARG M 350 -3.12 63.61 -11.00
N GLN M 351 -1.94 63.39 -11.57
CA GLN M 351 -1.61 62.08 -12.12
C GLN M 351 -1.43 61.06 -11.00
N ILE M 352 -0.86 61.48 -9.86
CA ILE M 352 -0.59 60.55 -8.77
C ILE M 352 -1.87 59.88 -8.30
N LEU M 353 -2.90 60.68 -8.02
CA LEU M 353 -4.16 60.12 -7.53
C LEU M 353 -4.82 59.24 -8.57
N GLU M 354 -4.78 59.64 -9.84
CA GLU M 354 -5.37 58.83 -10.90
C GLU M 354 -4.56 57.56 -11.15
N THR M 355 -3.24 57.66 -11.09
CA THR M 355 -2.37 56.50 -11.32
C THR M 355 -2.12 55.69 -10.05
N THR M 356 -2.91 55.90 -8.99
CA THR M 356 -2.83 55.03 -7.83
C THR M 356 -3.12 53.58 -8.19
N SER M 357 -4.01 53.36 -9.15
CA SER M 357 -4.33 52.02 -9.61
C SER M 357 -3.25 51.44 -10.52
N ASP M 358 -2.29 52.25 -10.94
CA ASP M 358 -1.25 51.83 -11.88
C ASP M 358 0.12 51.62 -11.24
N TYR M 359 0.60 52.58 -10.48
CA TYR M 359 1.97 52.52 -9.97
C TYR M 359 2.12 51.42 -8.93
N ASP M 360 3.32 50.81 -8.92
CA ASP M 360 3.67 49.85 -7.89
C ASP M 360 4.99 50.21 -7.21
N ARG M 361 5.57 51.36 -7.55
CA ARG M 361 6.83 51.80 -6.98
C ARG M 361 6.76 53.30 -6.75
N GLU M 362 7.58 53.81 -5.83
CA GLU M 362 7.57 55.22 -5.50
C GLU M 362 8.03 56.11 -6.66
N LYS M 363 8.40 55.53 -7.81
CA LYS M 363 8.83 56.34 -8.94
C LYS M 363 7.76 57.32 -9.41
N LEU M 364 6.48 56.98 -9.22
CA LEU M 364 5.42 57.96 -9.45
C LEU M 364 5.53 59.11 -8.46
N GLN M 365 5.75 58.79 -7.18
CA GLN M 365 5.93 59.84 -6.17
C GLN M 365 7.33 60.45 -6.28
N GLU M 366 8.32 59.66 -6.65
CA GLU M 366 9.69 60.13 -6.80
C GLU M 366 9.73 61.25 -7.84
N ARG M 367 8.94 61.11 -8.90
CA ARG M 367 8.84 62.16 -9.90
C ARG M 367 8.40 63.48 -9.27
N LEU M 368 7.37 63.42 -8.42
CA LEU M 368 6.97 64.60 -7.66
C LEU M 368 8.06 65.01 -6.68
N ALA M 369 8.68 64.04 -6.02
CA ALA M 369 9.65 64.36 -4.97
C ALA M 369 10.93 64.94 -5.56
N LYS M 370 11.33 64.47 -6.75
CA LYS M 370 12.61 64.91 -7.31
C LYS M 370 12.63 66.39 -7.60
N LEU M 371 11.63 66.90 -8.33
CA LEU M 371 11.63 68.28 -8.76
C LEU M 371 11.11 69.25 -7.72
N SER M 372 10.39 68.76 -6.71
CA SER M 372 9.78 69.64 -5.72
C SER M 372 10.45 69.55 -4.35
N GLY M 373 10.94 68.38 -3.97
CA GLY M 373 11.59 68.22 -2.69
C GLY M 373 12.86 67.39 -2.77
N GLY M 374 12.93 66.36 -1.94
CA GLY M 374 14.07 65.47 -1.98
C GLY M 374 13.70 64.10 -1.47
N VAL M 375 14.68 63.21 -1.48
CA VAL M 375 14.49 61.84 -1.00
C VAL M 375 15.48 61.58 0.13
N ALA M 376 15.03 60.80 1.11
CA ALA M 376 15.87 60.37 2.21
C ALA M 376 15.88 58.84 2.27
N ILE M 377 17.06 58.27 2.47
CA ILE M 377 17.23 56.83 2.54
C ILE M 377 17.71 56.49 3.94
N ILE M 378 16.91 55.72 4.67
CA ILE M 378 17.28 55.24 6.00
C ILE M 378 17.82 53.82 5.83
N ARG M 379 19.10 53.64 6.11
CA ARG M 379 19.75 52.33 5.95
C ARG M 379 19.80 51.68 7.32
N VAL M 380 18.89 50.74 7.56
CA VAL M 380 18.81 50.06 8.84
C VAL M 380 19.93 49.04 8.93
N GLY M 381 20.68 49.07 10.02
CA GLY M 381 21.79 48.17 10.21
C GLY M 381 21.74 47.48 11.55
N ALA M 382 22.20 46.23 11.56
CA ALA M 382 22.26 45.44 12.78
C ALA M 382 23.40 44.45 12.66
N ALA M 383 23.83 43.93 13.81
CA ALA M 383 24.94 42.98 13.83
C ALA M 383 24.59 41.65 13.21
N THR M 384 23.31 41.39 12.94
CA THR M 384 22.88 40.09 12.44
C THR M 384 21.68 40.29 11.51
N GLU M 385 21.62 39.46 10.47
CA GLU M 385 20.50 39.52 9.53
C GLU M 385 19.16 39.30 10.23
N ALA M 386 19.12 38.39 11.20
CA ALA M 386 17.88 38.13 11.92
C ALA M 386 17.40 39.36 12.68
N GLU M 387 18.32 40.09 13.32
CA GLU M 387 17.94 41.32 14.01
C GLU M 387 17.66 42.44 13.02
N LEU M 388 18.34 42.44 11.88
CA LEU M 388 18.13 43.49 10.87
C LEU M 388 16.72 43.43 10.33
N LYS M 389 16.21 42.21 10.07
CA LYS M 389 14.88 42.07 9.50
C LYS M 389 13.80 42.65 10.42
N GLU M 390 13.91 42.36 11.72
CA GLU M 390 12.91 42.88 12.66
C GLU M 390 13.05 44.38 12.83
N LYS M 391 14.29 44.87 12.94
CA LYS M 391 14.51 46.30 13.10
C LYS M 391 14.01 47.08 11.89
N LYS M 392 14.26 46.57 10.69
CA LYS M 392 13.82 47.26 9.48
C LYS M 392 12.30 47.32 9.40
N ALA M 393 11.63 46.26 9.84
CA ALA M 393 10.17 46.25 9.82
C ALA M 393 9.58 47.33 10.72
N ARG M 394 10.18 47.53 11.90
CA ARG M 394 9.71 48.58 12.80
C ARG M 394 9.91 49.97 12.20
N VAL M 395 11.03 50.18 11.50
CA VAL M 395 11.28 51.49 10.90
C VAL M 395 10.24 51.78 9.82
N GLU M 396 9.88 50.77 9.03
CA GLU M 396 8.87 50.96 7.99
C GLU M 396 7.52 51.31 8.60
N ASP M 397 7.17 50.67 9.71
CA ASP M 397 5.90 50.99 10.37
C ASP M 397 5.87 52.43 10.84
N ALA M 398 6.97 52.90 11.44
CA ALA M 398 6.99 54.26 11.95
C ALA M 398 7.03 55.29 10.82
N VAL M 399 7.66 54.94 9.70
CA VAL M 399 7.64 55.83 8.54
C VAL M 399 6.22 55.98 8.00
N HIS M 400 5.50 54.86 7.88
CA HIS M 400 4.13 54.91 7.39
C HIS M 400 3.22 55.65 8.36
N ALA M 401 3.40 55.41 9.66
CA ALA M 401 2.57 56.10 10.66
C ALA M 401 2.86 57.59 10.69
N THR M 402 4.13 57.96 10.55
CA THR M 402 4.49 59.38 10.50
C THR M 402 3.85 60.07 9.31
N LYS M 403 3.86 59.41 8.15
CA LYS M 403 3.19 59.97 6.97
C LYS M 403 1.68 60.09 7.20
N ALA M 404 1.08 59.07 7.82
CA ALA M 404 -0.36 59.10 8.06
C ALA M 404 -0.73 60.16 9.08
N ALA M 405 0.16 60.43 10.04
CA ALA M 405 -0.11 61.45 11.05
C ALA M 405 -0.21 62.83 10.43
N VAL M 406 0.64 63.13 9.44
CA VAL M 406 0.60 64.45 8.80
C VAL M 406 -0.71 64.66 8.06
N GLU M 407 -1.24 63.60 7.44
CA GLU M 407 -2.43 63.75 6.61
C GLU M 407 -3.68 64.08 7.44
N GLU M 408 -3.91 63.35 8.52
CA GLU M 408 -5.16 63.46 9.26
C GLU M 408 -4.98 63.77 10.74
N GLY M 409 -3.81 64.21 11.17
CA GLY M 409 -3.62 64.55 12.57
C GLY M 409 -3.32 63.34 13.43
N ILE M 410 -3.29 63.58 14.73
CA ILE M 410 -2.96 62.55 15.71
C ILE M 410 -4.07 62.46 16.75
N VAL M 411 -4.12 61.32 17.44
CA VAL M 411 -5.18 61.02 18.40
C VAL M 411 -4.56 60.32 19.59
N PRO M 412 -5.20 60.42 20.76
CA PRO M 412 -4.67 59.73 21.94
C PRO M 412 -4.50 58.23 21.70
N GLY M 413 -3.36 57.71 22.15
CA GLY M 413 -2.99 56.33 21.90
C GLY M 413 -3.45 55.39 23.00
N GLY M 414 -2.95 54.16 22.90
CA GLY M 414 -3.29 53.15 23.88
C GLY M 414 -4.72 52.67 23.82
N GLY M 415 -5.39 52.84 22.69
CA GLY M 415 -6.78 52.47 22.56
C GLY M 415 -7.76 53.43 23.20
N VAL M 416 -7.28 54.59 23.66
CA VAL M 416 -8.16 55.55 24.33
C VAL M 416 -9.15 56.16 23.34
N ALA M 417 -8.70 56.40 22.11
CA ALA M 417 -9.56 57.07 21.13
C ALA M 417 -10.81 56.26 20.83
N LEU M 418 -10.67 54.94 20.69
CA LEU M 418 -11.85 54.11 20.46
C LEU M 418 -12.76 54.09 21.68
N VAL M 419 -12.18 54.10 22.89
CA VAL M 419 -12.98 54.16 24.10
C VAL M 419 -13.74 55.47 24.17
N ARG M 420 -13.05 56.57 23.89
CA ARG M 420 -13.72 57.88 23.91
C ARG M 420 -14.77 57.98 22.82
N ALA M 421 -14.48 57.45 21.63
CA ALA M 421 -15.45 57.49 20.54
C ALA M 421 -16.65 56.61 20.82
N SER M 422 -16.45 55.49 21.54
CA SER M 422 -17.55 54.59 21.83
C SER M 422 -18.57 55.19 22.78
N GLU M 423 -18.21 56.26 23.49
CA GLU M 423 -19.14 56.88 24.42
C GLU M 423 -20.33 57.52 23.72
N ALA M 424 -20.15 57.99 22.49
CA ALA M 424 -21.25 58.61 21.76
C ALA M 424 -22.30 57.61 21.32
N LEU M 425 -21.97 56.31 21.29
CA LEU M 425 -22.95 55.31 20.92
C LEU M 425 -24.05 55.14 21.95
N ASP M 426 -23.87 55.69 23.16
CA ASP M 426 -24.93 55.66 24.15
C ASP M 426 -26.13 56.48 23.71
N ASN M 427 -25.89 57.62 23.07
CA ASN M 427 -26.97 58.50 22.63
C ASN M 427 -27.60 58.05 21.32
N LEU M 428 -26.95 57.15 20.59
CA LEU M 428 -27.45 56.71 19.28
C LEU M 428 -28.52 55.64 19.49
N LYS M 429 -29.76 56.03 19.24
CA LYS M 429 -30.88 55.10 19.30
C LYS M 429 -31.47 54.91 17.91
N VAL M 430 -31.90 53.68 17.62
CA VAL M 430 -32.51 53.34 16.36
C VAL M 430 -33.85 52.67 16.62
N ASP M 431 -34.73 52.73 15.62
CA ASP M 431 -36.10 52.26 15.79
C ASP M 431 -36.21 50.73 15.76
N ASN M 432 -35.23 50.04 15.20
CA ASN M 432 -35.27 48.60 15.06
C ASN M 432 -34.51 47.96 16.20
N ALA M 433 -35.12 46.95 16.83
CA ALA M 433 -34.49 46.30 17.99
C ALA M 433 -33.21 45.58 17.60
N ASP M 434 -33.20 44.87 16.47
CA ASP M 434 -32.02 44.14 16.06
C ASP M 434 -30.89 45.09 15.66
N GLN M 435 -31.20 46.22 15.05
CA GLN M 435 -30.17 47.20 14.72
C GLN M 435 -29.55 47.80 15.98
N GLN M 436 -30.30 47.85 17.08
CA GLN M 436 -29.72 48.32 18.34
C GLN M 436 -28.65 47.37 18.84
N LEU M 437 -28.85 46.06 18.63
CA LEU M 437 -27.82 45.10 19.02
C LEU M 437 -26.53 45.31 18.25
N GLY M 438 -26.64 45.66 16.97
CA GLY M 438 -25.45 45.96 16.19
C GLY M 438 -24.67 47.14 16.74
N ILE M 439 -25.38 48.15 17.23
CA ILE M 439 -24.71 49.29 17.85
C ILE M 439 -24.00 48.86 19.13
N ASP M 440 -24.64 48.01 19.93
CA ASP M 440 -24.02 47.54 21.16
C ASP M 440 -22.79 46.69 20.88
N ILE M 441 -22.78 45.98 19.75
CA ILE M 441 -21.63 45.15 19.39
C ILE M 441 -20.41 46.04 19.14
N ILE M 442 -20.60 47.14 18.39
CA ILE M 442 -19.50 48.05 18.11
C ILE M 442 -19.02 48.72 19.39
N LYS M 443 -19.94 49.03 20.30
CA LYS M 443 -19.56 49.67 21.55
C LYS M 443 -18.63 48.78 22.37
N LYS M 444 -18.95 47.48 22.45
CA LYS M 444 -18.08 46.55 23.16
C LYS M 444 -16.78 46.33 22.39
N ALA M 445 -16.85 46.27 21.06
CA ALA M 445 -15.67 46.01 20.25
C ALA M 445 -14.65 47.14 20.37
N CYS M 446 -15.13 48.39 20.38
CA CYS M 446 -14.23 49.53 20.44
C CYS M 446 -13.42 49.53 21.73
N ARG M 447 -13.93 48.90 22.78
CA ARG M 447 -13.24 48.86 24.06
C ARG M 447 -12.40 47.61 24.25
N THR M 448 -12.27 46.78 23.23
CA THR M 448 -11.47 45.56 23.31
C THR M 448 -9.96 45.82 23.18
N PRO M 449 -9.51 46.67 22.24
CA PRO M 449 -8.05 46.88 22.12
C PRO M 449 -7.38 47.36 23.40
N ILE M 450 -8.03 48.22 24.18
CA ILE M 450 -7.43 48.70 25.41
C ILE M 450 -7.31 47.57 26.43
N ARG M 451 -8.28 46.65 26.43
CA ARG M 451 -8.21 45.53 27.36
C ARG M 451 -7.12 44.54 26.97
N GLN M 452 -6.87 44.39 25.67
CA GLN M 452 -5.82 43.48 25.22
C GLN M 452 -4.44 44.04 25.50
N ILE M 453 -4.28 45.36 25.38
CA ILE M 453 -3.00 45.98 25.72
C ILE M 453 -2.71 45.81 27.21
N ALA M 454 -3.73 45.99 28.06
CA ALA M 454 -3.56 45.76 29.48
C ALA M 454 -3.25 44.30 29.76
N ALA M 455 -3.93 43.38 29.06
CA ALA M 455 -3.70 41.96 29.29
C ALA M 455 -2.28 41.55 28.91
N ASN M 456 -1.76 42.10 27.81
CA ASN M 456 -0.39 41.78 27.41
C ASN M 456 0.63 42.33 28.39
N SER M 457 0.29 43.37 29.16
CA SER M 457 1.21 43.97 30.11
C SER M 457 1.06 43.39 31.51
N GLY M 458 0.20 42.39 31.70
CA GLY M 458 0.05 41.76 32.99
C GLY M 458 -1.00 42.37 33.89
N PHE M 459 -1.87 43.23 33.36
CA PHE M 459 -2.92 43.86 34.14
C PHE M 459 -4.28 43.31 33.71
N GLU M 460 -5.27 43.48 34.58
CA GLU M 460 -6.63 43.05 34.25
C GLU M 460 -7.26 44.06 33.30
N GLY M 461 -7.77 43.57 32.17
CA GLY M 461 -8.31 44.48 31.18
C GLY M 461 -9.55 45.21 31.64
N TYR M 462 -10.45 44.51 32.33
CA TYR M 462 -11.69 45.13 32.77
C TYR M 462 -11.44 46.18 33.85
N VAL M 463 -10.50 45.90 34.76
CA VAL M 463 -10.16 46.88 35.80
C VAL M 463 -9.60 48.15 35.18
N VAL M 464 -8.71 48.00 34.19
CA VAL M 464 -8.13 49.16 33.52
C VAL M 464 -9.21 49.93 32.77
N LEU M 465 -10.14 49.21 32.13
CA LEU M 465 -11.16 49.87 31.33
C LEU M 465 -12.06 50.76 32.18
N GLU M 466 -12.46 50.28 33.36
CA GLU M 466 -13.32 51.08 34.23
C GLU M 466 -12.63 52.36 34.65
N LYS M 467 -11.35 52.27 35.03
CA LYS M 467 -10.62 53.47 35.42
C LYS M 467 -10.49 54.45 34.27
N VAL M 468 -10.20 53.96 33.07
CA VAL M 468 -10.06 54.85 31.91
C VAL M 468 -11.39 55.51 31.59
N LEU M 469 -12.50 54.78 31.73
CA LEU M 469 -13.81 55.36 31.47
C LEU M 469 -14.12 56.49 32.45
N GLN M 470 -13.83 56.28 33.73
CA GLN M 470 -14.14 57.30 34.72
C GLN M 470 -13.13 58.45 34.69
N LEU M 471 -11.90 58.17 34.30
CA LEU M 471 -10.90 59.24 34.18
C LEU M 471 -11.24 60.18 33.04
N GLY M 472 -12.10 59.76 32.12
CA GLY M 472 -12.48 60.62 31.01
C GLY M 472 -13.21 61.87 31.45
N LYS M 473 -14.02 61.77 32.50
CA LYS M 473 -14.76 62.90 33.01
C LYS M 473 -14.11 63.57 34.21
N GLU M 474 -13.34 62.82 35.00
CA GLU M 474 -12.66 63.41 36.14
C GLU M 474 -11.46 64.26 35.72
N LYS M 475 -10.68 63.77 34.76
CA LYS M 475 -9.45 64.44 34.35
C LYS M 475 -9.56 65.03 32.95
N GLY M 476 -9.98 64.25 31.98
CA GLY M 476 -10.09 64.73 30.61
C GLY M 476 -10.18 63.56 29.65
N LYS M 477 -10.47 63.90 28.40
CA LYS M 477 -10.64 62.88 27.37
C LYS M 477 -9.32 62.19 27.05
N ASN M 478 -8.21 62.93 27.09
CA ASN M 478 -6.92 62.40 26.70
C ASN M 478 -6.30 61.47 27.73
N TRP M 479 -6.88 61.36 28.93
CA TRP M 479 -6.31 60.52 29.97
C TRP M 479 -6.54 59.05 29.67
N GLY M 480 -5.49 58.26 29.84
CA GLY M 480 -5.57 56.84 29.57
C GLY M 480 -4.63 56.04 30.46
N PHE M 481 -4.29 54.85 29.99
CA PHE M 481 -3.43 53.93 30.72
C PHE M 481 -2.12 53.73 29.96
N ASP M 482 -1.01 53.98 30.64
CA ASP M 482 0.32 53.80 30.07
C ASP M 482 0.78 52.39 30.43
N ALA M 483 0.59 51.45 29.51
CA ALA M 483 0.95 50.06 29.74
C ALA M 483 2.45 49.84 29.83
N GLY M 484 3.27 50.79 29.38
CA GLY M 484 4.70 50.64 29.46
C GLY M 484 5.22 50.61 30.88
N VAL M 485 4.68 51.49 31.73
CA VAL M 485 5.12 51.60 33.11
C VAL M 485 3.98 51.25 34.06
N GLY M 486 2.78 51.10 33.51
CA GLY M 486 1.66 50.63 34.30
C GLY M 486 0.99 51.63 35.19
N ASP M 487 0.85 52.88 34.74
CA ASP M 487 0.11 53.88 35.50
C ASP M 487 -0.71 54.73 34.53
N TYR M 488 -1.67 55.47 35.08
CA TYR M 488 -2.58 56.28 34.30
C TYR M 488 -2.06 57.71 34.21
N LYS M 489 -2.16 58.29 33.02
CA LYS M 489 -1.67 59.65 32.81
C LYS M 489 -2.34 60.21 31.55
N ASP M 490 -1.96 61.44 31.22
CA ASP M 490 -2.44 62.06 29.98
C ASP M 490 -1.64 61.52 28.81
N MET M 491 -2.32 60.83 27.88
CA MET M 491 -1.63 60.19 26.77
C MET M 491 -1.01 61.20 25.81
N VAL M 492 -1.71 62.29 25.53
CA VAL M 492 -1.18 63.27 24.59
C VAL M 492 0.03 63.99 25.16
N GLU M 493 0.02 64.32 26.45
CA GLU M 493 1.18 64.95 27.05
C GLU M 493 2.35 63.99 27.16
N ALA M 494 2.08 62.72 27.47
CA ALA M 494 3.12 61.72 27.59
C ALA M 494 3.70 61.32 26.25
N GLY M 495 3.08 61.72 25.14
CA GLY M 495 3.55 61.33 23.83
C GLY M 495 3.05 60.00 23.33
N ILE M 496 2.12 59.37 24.04
CA ILE M 496 1.57 58.07 23.61
C ILE M 496 0.40 58.40 22.70
N ILE M 497 0.72 58.64 21.42
CA ILE M 497 -0.26 59.02 20.42
C ILE M 497 -0.07 58.16 19.18
N ASP M 498 -1.14 58.02 18.40
CA ASP M 498 -1.11 57.33 17.13
C ASP M 498 -1.96 58.10 16.14
N PRO M 499 -1.69 57.94 14.84
CA PRO M 499 -2.39 58.76 13.85
C PRO M 499 -3.89 58.51 13.83
N THR M 500 -4.64 59.55 13.48
CA THR M 500 -6.08 59.41 13.34
C THR M 500 -6.43 58.47 12.19
N LYS M 501 -5.66 58.51 11.10
CA LYS M 501 -5.94 57.67 9.95
C LYS M 501 -5.85 56.19 10.30
N VAL M 502 -4.87 55.81 11.11
CA VAL M 502 -4.71 54.42 11.49
C VAL M 502 -5.92 53.93 12.28
N VAL M 503 -6.37 54.73 13.24
CA VAL M 503 -7.52 54.35 14.06
C VAL M 503 -8.78 54.28 13.20
N ARG M 504 -8.97 55.26 12.32
CA ARG M 504 -10.16 55.29 11.47
C ARG M 504 -10.20 54.09 10.54
N VAL M 505 -9.07 53.77 9.90
CA VAL M 505 -9.05 52.69 8.92
C VAL M 505 -9.24 51.34 9.61
N ALA M 506 -8.66 51.17 10.80
CA ALA M 506 -8.74 49.89 11.48
C ALA M 506 -10.18 49.51 11.82
N ILE M 507 -10.94 50.45 12.36
CA ILE M 507 -12.33 50.15 12.73
C ILE M 507 -13.20 49.95 11.49
N GLN M 508 -12.94 50.73 10.43
CA GLN M 508 -13.74 50.60 9.22
C GLN M 508 -13.51 49.27 8.54
N ASN M 509 -12.25 48.84 8.43
CA ASN M 509 -11.96 47.56 7.80
C ASN M 509 -12.48 46.41 8.64
N ALA M 510 -12.32 46.49 9.96
CA ALA M 510 -12.76 45.40 10.84
C ALA M 510 -14.26 45.21 10.77
N ALA M 511 -15.01 46.31 10.78
CA ALA M 511 -16.47 46.22 10.72
C ALA M 511 -16.96 45.78 9.35
N SER M 512 -16.23 46.18 8.30
CA SER M 512 -16.64 45.82 6.94
C SER M 512 -16.63 44.32 6.74
N VAL M 513 -15.60 43.64 7.24
CA VAL M 513 -15.49 42.19 7.04
C VAL M 513 -16.36 41.45 8.05
N ALA M 514 -16.24 41.81 9.34
CA ALA M 514 -16.97 41.08 10.37
C ALA M 514 -18.46 41.25 10.19
N GLY M 515 -18.91 42.42 9.76
CA GLY M 515 -20.33 42.59 9.47
C GLY M 515 -20.81 41.72 8.34
N THR M 516 -20.00 41.57 7.29
CA THR M 516 -20.38 40.74 6.16
C THR M 516 -20.46 39.26 6.56
N MET M 517 -19.51 38.81 7.38
CA MET M 517 -19.49 37.40 7.76
C MET M 517 -20.69 37.03 8.63
N LEU M 518 -21.21 37.99 9.39
CA LEU M 518 -22.32 37.69 10.30
C LEU M 518 -23.59 37.35 9.55
N THR M 519 -23.73 37.82 8.30
CA THR M 519 -24.92 37.55 7.52
C THR M 519 -24.92 36.15 6.92
N ALA M 520 -23.83 35.39 7.07
CA ALA M 520 -23.73 34.08 6.47
C ALA M 520 -24.62 33.08 7.20
N GLU M 521 -25.17 32.13 6.43
CA GLU M 521 -25.95 31.02 6.96
C GLU M 521 -25.44 29.66 6.55
N ALA M 522 -24.86 29.54 5.36
CA ALA M 522 -24.34 28.26 4.88
C ALA M 522 -22.93 28.46 4.32
N LEU M 523 -22.13 27.41 4.42
CA LEU M 523 -20.76 27.40 3.90
C LEU M 523 -20.63 26.27 2.90
N VAL M 524 -20.08 26.58 1.72
CA VAL M 524 -19.87 25.59 0.67
C VAL M 524 -18.37 25.44 0.48
N ALA M 525 -17.86 24.21 0.65
CA ALA M 525 -16.45 23.94 0.49
C ALA M 525 -16.27 22.56 -0.11
N GLU M 526 -15.16 22.38 -0.81
CA GLU M 526 -14.86 21.10 -1.43
C GLU M 526 -14.50 20.06 -0.38
N ILE M 527 -14.90 18.83 -0.61
CA ILE M 527 -14.52 17.74 0.28
C ILE M 527 -13.06 17.38 0.03
N PRO M 528 -12.19 17.39 1.06
CA PRO M 528 -10.77 17.10 0.93
C PRO M 528 -10.48 15.72 0.33
N ALA N 1 5.65 -11.76 42.76
CA ALA N 1 5.19 -10.38 42.86
C ALA N 1 6.12 -9.44 42.10
N ALA N 2 6.15 -9.59 40.77
CA ALA N 2 6.97 -8.73 39.94
C ALA N 2 6.46 -7.30 40.00
N LYS N 3 7.39 -6.35 40.01
CA LYS N 3 7.06 -4.94 40.15
C LYS N 3 7.71 -4.13 39.04
N LYS N 4 7.05 -3.05 38.66
CA LYS N 4 7.55 -2.12 37.65
C LYS N 4 7.89 -0.80 38.31
N VAL N 5 9.08 -0.29 38.04
CA VAL N 5 9.60 0.91 38.69
C VAL N 5 9.71 2.01 37.65
N ILE N 6 9.32 3.23 38.04
CA ILE N 6 9.36 4.40 37.18
C ILE N 6 10.26 5.44 37.84
N TYR N 7 11.15 6.04 37.05
CA TYR N 7 12.20 6.90 37.58
C TYR N 7 12.08 8.32 37.05
N GLY N 8 12.54 9.27 37.87
CA GLY N 8 12.82 10.61 37.38
C GLY N 8 11.59 11.37 36.94
N GLU N 9 11.73 12.09 35.82
CA GLU N 9 10.66 12.94 35.32
C GLU N 9 9.40 12.14 35.02
N ASP N 10 9.56 10.90 34.56
CA ASP N 10 8.40 10.05 34.29
C ASP N 10 7.61 9.79 35.57
N ALA N 11 8.30 9.56 36.69
CA ALA N 11 7.61 9.31 37.95
C ALA N 11 6.75 10.48 38.37
N ARG N 12 7.30 11.69 38.29
CA ARG N 12 6.53 12.87 38.67
C ARG N 12 5.45 13.19 37.65
N ALA N 13 5.65 12.80 36.39
CA ALA N 13 4.60 12.99 35.39
C ALA N 13 3.36 12.15 35.73
N ARG N 14 3.58 10.92 36.21
CA ARG N 14 2.46 10.08 36.64
C ARG N 14 1.72 10.73 37.80
N LEU N 15 2.48 11.25 38.78
CA LEU N 15 1.86 11.85 39.96
C LEU N 15 1.05 13.08 39.61
N LYS N 16 1.58 13.92 38.71
CA LYS N 16 0.87 15.14 38.33
C LYS N 16 -0.47 14.82 37.68
N ALA N 17 -0.50 13.81 36.81
CA ALA N 17 -1.75 13.42 36.17
C ALA N 17 -2.77 12.93 37.19
N GLY N 18 -2.32 12.12 38.15
CA GLY N 18 -3.23 11.61 39.16
C GLY N 18 -3.77 12.71 40.06
N VAL N 19 -2.90 13.62 40.48
CA VAL N 19 -3.33 14.72 41.34
C VAL N 19 -4.28 15.63 40.60
N ASP N 20 -4.00 15.92 39.33
CA ASP N 20 -4.87 16.80 38.55
C ASP N 20 -6.27 16.21 38.42
N LYS N 21 -6.37 14.91 38.16
CA LYS N 21 -7.67 14.28 38.01
C LYS N 21 -8.44 14.30 39.31
N LEU N 22 -7.76 14.16 40.45
CA LEU N 22 -8.41 14.29 41.74
C LEU N 22 -8.85 15.73 42.00
N ALA N 23 -7.93 16.69 41.79
CA ALA N 23 -8.23 18.07 42.14
C ALA N 23 -9.29 18.67 41.22
N ASN N 24 -9.24 18.36 39.93
CA ASN N 24 -10.21 18.92 39.00
C ASN N 24 -11.63 18.47 39.31
N ALA N 25 -11.82 17.28 39.87
CA ALA N 25 -13.15 16.83 40.25
C ALA N 25 -13.63 17.49 41.53
N VAL N 26 -12.71 17.77 42.45
CA VAL N 26 -13.10 18.25 43.77
C VAL N 26 -13.15 19.78 43.81
N LYS N 27 -12.25 20.45 43.09
CA LYS N 27 -12.15 21.91 43.21
C LYS N 27 -13.38 22.62 42.67
N VAL N 28 -14.17 21.94 41.82
CA VAL N 28 -15.37 22.58 41.28
C VAL N 28 -16.47 22.70 42.33
N THR N 29 -16.33 22.01 43.45
CA THR N 29 -17.30 22.08 44.53
C THR N 29 -16.91 23.06 45.63
N LEU N 30 -15.81 23.77 45.47
CA LEU N 30 -15.33 24.67 46.52
C LEU N 30 -16.24 25.90 46.62
N GLY N 31 -16.52 26.31 47.84
CA GLY N 31 -17.30 27.51 48.09
C GLY N 31 -18.77 27.21 48.34
N PRO N 32 -19.56 28.26 48.57
CA PRO N 32 -20.99 28.06 48.79
C PRO N 32 -21.80 27.87 47.52
N ARG N 33 -21.24 28.21 46.36
CA ARG N 33 -21.89 28.04 45.07
C ARG N 33 -21.15 27.02 44.21
N GLY N 34 -20.71 25.92 44.83
CA GLY N 34 -19.97 24.92 44.09
C GLY N 34 -20.85 24.23 43.05
N ARG N 35 -20.22 23.80 41.97
CA ARG N 35 -20.93 23.11 40.91
C ARG N 35 -21.29 21.69 41.34
N GLU N 36 -22.17 21.06 40.56
CA GLU N 36 -22.63 19.73 40.89
C GLU N 36 -21.66 18.67 40.37
N VAL N 37 -21.49 17.61 41.15
CA VAL N 37 -20.78 16.41 40.73
C VAL N 37 -21.75 15.24 40.86
N ILE N 38 -21.90 14.47 39.80
CA ILE N 38 -22.86 13.37 39.76
C ILE N 38 -22.08 12.07 39.89
N ILE N 39 -22.39 11.32 40.95
CA ILE N 39 -21.70 10.07 41.27
C ILE N 39 -22.63 8.91 40.97
N GLU N 40 -22.15 7.96 40.18
CA GLU N 40 -22.96 6.80 39.82
C GLU N 40 -23.20 5.93 41.05
N LYS N 41 -24.46 5.52 41.24
CA LYS N 41 -24.83 4.51 42.20
C LYS N 41 -25.31 3.29 41.42
N LYS N 42 -24.68 2.13 41.68
CA LYS N 42 -24.96 0.96 40.84
C LYS N 42 -26.40 0.53 40.93
N TRP N 43 -26.96 0.48 42.14
CA TRP N 43 -28.30 -0.05 42.35
C TRP N 43 -29.27 1.06 42.75
N GLY N 44 -29.15 2.21 42.10
CA GLY N 44 -30.04 3.31 42.40
C GLY N 44 -29.78 4.49 41.49
N THR N 45 -30.52 5.56 41.74
CA THR N 45 -30.37 6.79 40.98
C THR N 45 -29.04 7.46 41.32
N PRO N 46 -28.37 8.05 40.34
CA PRO N 46 -27.09 8.73 40.61
C PRO N 46 -27.25 9.83 41.65
N VAL N 47 -26.20 9.99 42.47
CA VAL N 47 -26.19 10.94 43.57
C VAL N 47 -25.56 12.24 43.08
N VAL N 48 -26.20 13.36 43.39
CA VAL N 48 -25.71 14.68 43.02
C VAL N 48 -25.22 15.38 44.28
N THR N 49 -23.94 15.75 44.31
CA THR N 49 -23.33 16.34 45.49
C THR N 49 -22.58 17.62 45.11
N LYS N 50 -22.54 18.54 46.08
CA LYS N 50 -21.67 19.71 46.01
C LYS N 50 -20.71 19.71 47.20
N ASP N 51 -20.48 18.55 47.81
CA ASP N 51 -19.81 18.46 49.09
C ASP N 51 -18.29 18.50 48.98
N GLY N 52 -17.71 17.78 48.02
CA GLY N 52 -16.26 17.73 47.93
C GLY N 52 -15.66 16.57 48.71
N VAL N 53 -16.00 16.48 50.00
CA VAL N 53 -15.57 15.33 50.79
C VAL N 53 -16.20 14.05 50.24
N THR N 54 -17.48 14.11 49.88
CA THR N 54 -18.13 12.95 49.28
C THR N 54 -17.50 12.59 47.95
N VAL N 55 -17.14 13.59 47.14
CA VAL N 55 -16.51 13.31 45.85
C VAL N 55 -15.16 12.66 46.06
N ALA N 56 -14.37 13.16 47.02
CA ALA N 56 -13.03 12.64 47.23
C ALA N 56 -13.06 11.19 47.70
N LYS N 57 -14.12 10.80 48.40
CA LYS N 57 -14.20 9.44 48.91
C LYS N 57 -14.29 8.41 47.80
N GLU N 58 -14.90 8.78 46.67
CA GLU N 58 -15.10 7.85 45.57
C GLU N 58 -13.95 7.85 44.57
N ILE N 59 -12.96 8.74 44.72
CA ILE N 59 -11.93 8.88 43.72
C ILE N 59 -10.93 7.75 43.84
N GLU N 60 -10.82 6.93 42.80
CA GLU N 60 -9.83 5.88 42.71
C GLU N 60 -9.61 5.57 41.24
N PHE N 61 -8.36 5.38 40.84
CA PHE N 61 -8.01 5.27 39.44
C PHE N 61 -7.40 3.91 39.14
N LYS N 62 -7.53 3.50 37.88
CA LYS N 62 -7.01 2.21 37.46
C LYS N 62 -5.48 2.19 37.44
N ASP N 63 -4.87 3.26 36.95
CA ASP N 63 -3.42 3.31 36.85
C ASP N 63 -2.80 3.36 38.24
N PRO N 64 -1.95 2.40 38.62
CA PRO N 64 -1.40 2.43 39.97
C PRO N 64 -0.55 3.64 40.26
N TYR N 65 0.18 4.16 39.27
CA TYR N 65 1.05 5.30 39.50
C TYR N 65 0.27 6.60 39.60
N GLU N 66 -0.76 6.77 38.77
CA GLU N 66 -1.64 7.93 38.92
C GLU N 66 -2.46 7.82 40.20
N ASN N 67 -2.83 6.61 40.59
CA ASN N 67 -3.53 6.42 41.86
C ASN N 67 -2.63 6.76 43.04
N MET N 68 -1.31 6.66 42.85
CA MET N 68 -0.38 7.03 43.92
C MET N 68 -0.53 8.49 44.30
N GLY N 69 -0.60 9.36 43.30
CA GLY N 69 -0.74 10.78 43.59
C GLY N 69 -2.07 11.13 44.21
N ALA N 70 -3.14 10.50 43.73
CA ALA N 70 -4.48 10.79 44.24
C ALA N 70 -4.60 10.41 45.70
N GLN N 71 -4.09 9.24 46.07
CA GLN N 71 -4.23 8.77 47.45
C GLN N 71 -3.36 9.58 48.40
N LEU N 72 -2.17 9.99 47.95
CA LEU N 72 -1.30 10.79 48.81
C LEU N 72 -1.93 12.12 49.14
N VAL N 73 -2.51 12.79 48.15
CA VAL N 73 -3.19 14.06 48.41
C VAL N 73 -4.45 13.84 49.23
N LYS N 74 -5.16 12.74 48.96
CA LYS N 74 -6.39 12.45 49.70
C LYS N 74 -6.10 12.26 51.19
N GLU N 75 -5.03 11.52 51.52
CA GLU N 75 -4.71 11.28 52.92
C GLU N 75 -4.33 12.58 53.62
N VAL N 76 -3.46 13.37 53.00
CA VAL N 76 -3.03 14.62 53.61
C VAL N 76 -4.20 15.59 53.75
N ALA N 77 -5.06 15.68 52.73
CA ALA N 77 -6.24 16.52 52.83
C ALA N 77 -7.23 16.00 53.86
N SER N 78 -7.34 14.68 54.01
CA SER N 78 -8.24 14.11 55.01
C SER N 78 -7.75 14.38 56.43
N LYS N 79 -6.44 14.45 56.64
CA LYS N 79 -5.91 14.77 57.96
C LYS N 79 -6.26 16.18 58.38
N THR N 80 -6.49 17.07 57.41
CA THR N 80 -6.89 18.44 57.75
C THR N 80 -8.24 18.45 58.45
N SER N 81 -9.19 17.67 57.95
CA SER N 81 -10.50 17.59 58.61
C SER N 81 -10.42 16.81 59.91
N ASP N 82 -9.52 15.84 60.00
CA ASP N 82 -9.38 15.07 61.24
C ASP N 82 -8.84 15.90 62.39
N VAL N 83 -8.22 17.04 62.10
CA VAL N 83 -7.63 17.87 63.14
C VAL N 83 -8.48 19.13 63.33
N ALA N 84 -8.98 19.69 62.22
CA ALA N 84 -9.67 20.98 62.28
C ALA N 84 -11.11 20.91 61.80
N GLY N 85 -11.65 19.73 61.51
CA GLY N 85 -13.04 19.63 61.12
C GLY N 85 -13.31 19.95 59.66
N ASP N 86 -12.88 21.12 59.21
CA ASP N 86 -13.12 21.58 57.85
C ASP N 86 -11.80 21.72 57.11
N GLY N 87 -11.91 21.99 55.80
CA GLY N 87 -10.75 22.33 55.02
C GLY N 87 -10.22 21.25 54.08
N THR N 88 -10.99 20.17 53.91
CA THR N 88 -10.53 19.08 53.05
C THR N 88 -10.36 19.52 51.61
N THR N 89 -11.36 20.21 51.05
CA THR N 89 -11.28 20.64 49.66
C THR N 89 -10.22 21.72 49.48
N THR N 90 -10.11 22.64 50.44
CA THR N 90 -9.13 23.71 50.34
C THR N 90 -7.71 23.16 50.31
N ALA N 91 -7.43 22.15 51.14
CA ALA N 91 -6.10 21.54 51.14
C ALA N 91 -5.78 20.90 49.80
N THR N 92 -6.78 20.24 49.19
CA THR N 92 -6.56 19.63 47.88
C THR N 92 -6.29 20.68 46.82
N VAL N 93 -7.01 21.81 46.86
CA VAL N 93 -6.78 22.88 45.89
C VAL N 93 -5.39 23.46 46.06
N LEU N 94 -4.97 23.69 47.31
CA LEU N 94 -3.64 24.22 47.56
C LEU N 94 -2.55 23.24 47.12
N ALA N 95 -2.77 21.94 47.36
CA ALA N 95 -1.77 20.95 47.01
C ALA N 95 -1.52 20.92 45.50
N GLN N 96 -2.58 20.99 44.70
CA GLN N 96 -2.41 21.00 43.25
C GLN N 96 -1.66 22.24 42.80
N ALA N 97 -1.97 23.39 43.38
CA ALA N 97 -1.34 24.64 42.96
C ALA N 97 0.16 24.62 43.24
N ILE N 98 0.55 24.16 44.42
CA ILE N 98 1.97 24.12 44.77
C ILE N 98 2.70 23.11 43.91
N PHE N 99 2.11 21.93 43.73
CA PHE N 99 2.77 20.87 42.96
C PHE N 99 2.93 21.26 41.50
N ASN N 100 1.89 21.84 40.90
CA ASN N 100 1.95 22.21 39.49
C ASN N 100 2.97 23.32 39.25
N GLU N 101 2.97 24.34 40.10
CA GLU N 101 3.94 25.42 39.94
C GLU N 101 5.35 24.96 40.28
N GLY N 102 5.49 24.06 41.26
CA GLY N 102 6.81 23.53 41.57
C GLY N 102 7.41 22.75 40.42
N LEU N 103 6.58 21.95 39.73
CA LEU N 103 7.08 21.21 38.58
C LEU N 103 7.48 22.13 37.44
N ARG N 104 6.77 23.25 37.27
CA ARG N 104 7.13 24.21 36.24
C ARG N 104 8.51 24.81 36.50
N ALA N 105 8.79 25.15 37.76
CA ALA N 105 10.08 25.72 38.10
C ALA N 105 11.20 24.70 37.88
N ILE N 106 10.96 23.44 38.25
CA ILE N 106 11.97 22.40 38.05
C ILE N 106 12.23 22.18 36.57
N ALA N 107 11.16 22.21 35.76
CA ALA N 107 11.31 22.04 34.32
C ALA N 107 12.13 23.15 33.68
N SER N 108 12.24 24.30 34.34
CA SER N 108 13.05 25.40 33.84
C SER N 108 14.50 25.32 34.31
N GLY N 109 14.87 24.28 35.04
CA GLY N 109 16.24 24.09 35.49
C GLY N 109 16.52 24.48 36.92
N ALA N 110 15.50 24.88 37.68
CA ALA N 110 15.71 25.27 39.07
C ALA N 110 16.03 24.05 39.91
N ASN N 111 16.76 24.28 41.00
CA ASN N 111 17.15 23.20 41.89
C ASN N 111 15.95 22.76 42.73
N PRO N 112 15.54 21.49 42.67
CA PRO N 112 14.40 21.05 43.47
C PRO N 112 14.63 21.18 44.97
N MET N 113 15.86 21.04 45.43
CA MET N 113 16.12 21.13 46.86
C MET N 113 16.01 22.57 47.36
N ASP N 114 16.41 23.53 46.54
CA ASP N 114 16.30 24.94 46.93
C ASP N 114 14.85 25.41 46.86
N ILE N 115 14.06 24.83 45.96
CA ILE N 115 12.65 25.18 45.87
C ILE N 115 11.92 24.79 47.14
N LYS N 116 12.22 23.60 47.67
CA LYS N 116 11.60 23.16 48.91
C LYS N 116 11.98 24.07 50.07
N ARG N 117 13.24 24.53 50.10
CA ARG N 117 13.66 25.47 51.13
C ARG N 117 12.88 26.77 51.05
N GLY N 118 12.66 27.27 49.83
CA GLY N 118 11.83 28.45 49.66
C GLY N 118 10.39 28.20 50.06
N ILE N 119 9.86 27.02 49.70
CA ILE N 119 8.49 26.68 50.06
C ILE N 119 8.35 26.58 51.58
N ASP N 120 9.30 25.91 52.23
CA ASP N 120 9.25 25.77 53.68
C ASP N 120 9.36 27.12 54.37
N LYS N 121 10.25 27.99 53.87
CA LYS N 121 10.42 29.31 54.45
C LYS N 121 9.18 30.17 54.23
N ALA N 122 8.60 30.10 53.04
CA ALA N 122 7.43 30.93 52.73
C ALA N 122 6.22 30.50 53.56
N VAL N 123 6.06 29.19 53.78
CA VAL N 123 4.93 28.71 54.57
C VAL N 123 5.02 29.21 55.99
N GLU N 124 6.24 29.24 56.55
CA GLU N 124 6.41 29.73 57.92
C GLU N 124 5.96 31.18 58.06
N THR N 125 6.31 32.02 57.08
CA THR N 125 5.87 33.41 57.11
C THR N 125 4.36 33.50 57.01
N VAL N 126 3.76 32.68 56.14
CA VAL N 126 2.31 32.72 55.96
C VAL N 126 1.59 32.33 57.24
N VAL N 127 2.09 31.29 57.92
CA VAL N 127 1.46 30.84 59.16
C VAL N 127 1.55 31.92 60.22
N ASN N 128 2.68 32.61 60.31
CA ASN N 128 2.83 33.69 61.29
C ASN N 128 1.85 34.81 61.01
N GLU N 129 1.65 35.17 59.74
CA GLU N 129 0.69 36.21 59.40
C GLU N 129 -0.73 35.80 59.75
N ILE N 130 -1.05 34.51 59.59
CA ILE N 130 -2.38 34.02 59.95
C ILE N 130 -2.59 34.16 61.46
N LYS N 131 -1.56 33.88 62.25
CA LYS N 131 -1.66 34.05 63.70
C LYS N 131 -1.95 35.49 64.07
N LYS N 132 -1.26 36.44 63.41
CA LYS N 132 -1.51 37.84 63.67
C LYS N 132 -2.91 38.27 63.24
N LEU N 133 -3.37 37.74 62.10
CA LEU N 133 -4.66 38.19 61.56
C LEU N 133 -5.83 37.62 62.35
N SER N 134 -5.65 36.49 63.04
CA SER N 134 -6.74 35.86 63.75
C SER N 134 -7.12 36.67 64.99
N ILE N 135 -8.38 36.55 65.38
CA ILE N 135 -8.87 37.18 66.61
C ILE N 135 -9.56 36.12 67.46
N PRO N 136 -9.50 36.22 68.78
CA PRO N 136 -10.16 35.21 69.62
C PRO N 136 -11.68 35.27 69.48
N VAL N 137 -12.31 34.12 69.66
CA VAL N 137 -13.77 34.07 69.68
C VAL N 137 -14.26 34.74 70.96
N SER N 138 -15.32 35.53 70.85
CA SER N 138 -15.79 36.32 71.98
C SER N 138 -17.04 35.76 72.64
N GLY N 139 -17.95 35.16 71.87
CA GLY N 139 -19.19 34.69 72.47
C GLY N 139 -20.04 33.94 71.45
N ARG N 140 -21.34 33.93 71.71
CA ARG N 140 -22.27 33.14 70.92
C ARG N 140 -22.33 33.61 69.47
N LYS N 141 -22.09 34.91 69.24
CA LYS N 141 -22.22 35.45 67.90
C LYS N 141 -21.26 34.78 66.92
N GLU N 142 -19.97 34.74 67.27
CA GLU N 142 -18.99 34.12 66.39
C GLU N 142 -19.14 32.60 66.38
N ILE N 143 -19.47 31.99 67.52
CA ILE N 143 -19.60 30.55 67.58
C ILE N 143 -20.73 30.08 66.67
N GLU N 144 -21.86 30.78 66.70
CA GLU N 144 -22.96 30.44 65.79
C GLU N 144 -22.55 30.65 64.34
N GLN N 145 -21.83 31.72 64.05
CA GLN N 145 -21.40 31.99 62.67
C GLN N 145 -20.44 30.92 62.17
N VAL N 146 -19.49 30.51 63.02
CA VAL N 146 -18.52 29.49 62.60
C VAL N 146 -19.23 28.17 62.31
N ALA N 147 -20.17 27.78 63.18
CA ALA N 147 -20.90 26.54 62.97
C ALA N 147 -21.71 26.57 61.69
N THR N 148 -22.33 27.72 61.38
CA THR N 148 -23.09 27.84 60.15
C THR N 148 -22.21 27.69 58.92
N ILE N 149 -21.06 28.36 58.91
CA ILE N 149 -20.16 28.26 57.77
C ILE N 149 -19.53 26.86 57.67
N SER N 150 -19.24 26.23 58.81
CA SER N 150 -18.72 24.87 58.78
C SER N 150 -19.74 23.91 58.17
N ALA N 151 -21.01 24.08 58.53
CA ALA N 151 -22.07 23.38 57.83
C ALA N 151 -22.29 24.02 56.47
N ASN N 152 -23.24 23.48 55.71
CA ASN N 152 -23.51 24.01 54.37
C ASN N 152 -24.34 25.28 54.46
N ASN N 153 -23.86 26.27 55.21
CA ASN N 153 -24.54 27.56 55.39
C ASN N 153 -25.98 27.37 55.86
N ASP N 154 -26.21 26.43 56.78
CA ASP N 154 -27.54 26.18 57.33
C ASP N 154 -27.57 26.70 58.75
N ALA N 155 -28.41 27.70 59.00
CA ALA N 155 -28.48 28.31 60.33
C ALA N 155 -29.09 27.40 61.36
N THR N 156 -29.84 26.37 60.95
CA THR N 156 -30.47 25.48 61.90
C THR N 156 -29.43 24.69 62.70
N ILE N 157 -28.45 24.09 62.01
CA ILE N 157 -27.39 23.38 62.72
C ILE N 157 -26.51 24.36 63.49
N GLY N 158 -26.29 25.55 62.94
CA GLY N 158 -25.50 26.56 63.62
C GLY N 158 -26.12 26.99 64.93
N LYS N 159 -27.44 27.22 64.93
CA LYS N 159 -28.12 27.61 66.16
C LYS N 159 -28.08 26.48 67.19
N ILE N 160 -28.31 25.25 66.75
CA ILE N 160 -28.35 24.12 67.69
C ILE N 160 -26.98 23.91 68.32
N ILE N 161 -25.91 23.97 67.52
CA ILE N 161 -24.57 23.82 68.06
C ILE N 161 -24.25 24.97 69.02
N ALA N 162 -24.64 26.20 68.65
CA ALA N 162 -24.41 27.34 69.54
C ALA N 162 -25.16 27.17 70.86
N ASP N 163 -26.41 26.69 70.80
CA ASP N 163 -27.15 26.41 72.03
C ASP N 163 -26.48 25.32 72.84
N ALA N 164 -26.04 24.24 72.16
CA ALA N 164 -25.38 23.15 72.87
C ALA N 164 -24.04 23.59 73.45
N MET N 165 -23.39 24.58 72.83
CA MET N 165 -22.10 25.05 73.34
C MET N 165 -22.27 25.85 74.61
N GLU N 166 -23.13 26.88 74.58
CA GLU N 166 -23.35 27.72 75.74
C GLU N 166 -24.02 26.98 76.89
N ALA N 167 -24.79 25.93 76.59
CA ALA N 167 -25.47 25.20 77.65
C ALA N 167 -24.54 24.27 78.40
N VAL N 168 -23.35 24.01 77.87
CA VAL N 168 -22.40 23.11 78.53
C VAL N 168 -21.05 23.76 78.82
N GLY N 169 -20.63 24.75 78.05
CA GLY N 169 -19.38 25.44 78.31
C GLY N 169 -18.42 25.40 77.15
N LYS N 170 -17.22 25.93 77.41
CA LYS N 170 -16.20 26.01 76.38
C LYS N 170 -15.70 24.63 75.95
N ASP N 171 -15.52 23.72 76.91
CA ASP N 171 -14.88 22.45 76.62
C ASP N 171 -15.71 21.23 77.01
N GLY N 172 -16.99 21.40 77.37
CA GLY N 172 -17.83 20.26 77.65
C GLY N 172 -18.00 19.38 76.41
N VAL N 173 -17.89 18.07 76.63
CA VAL N 173 -17.96 17.12 75.52
C VAL N 173 -19.35 17.12 74.91
N ILE N 174 -19.41 17.12 73.58
CA ILE N 174 -20.66 17.11 72.83
C ILE N 174 -20.66 15.89 71.92
N THR N 175 -21.82 15.24 71.83
CA THR N 175 -21.95 14.05 70.99
C THR N 175 -23.24 14.14 70.19
N VAL N 176 -23.25 13.43 69.07
CA VAL N 176 -24.38 13.45 68.13
C VAL N 176 -25.01 12.08 68.10
N GLU N 177 -26.35 12.04 68.11
CA GLU N 177 -27.09 10.79 68.10
C GLU N 177 -28.39 11.00 67.32
N GLU N 178 -28.95 9.92 66.83
CA GLU N 178 -30.18 9.95 66.05
C GLU N 178 -31.31 9.26 66.81
N SER N 179 -32.52 9.35 66.26
CA SER N 179 -33.69 8.71 66.84
C SER N 179 -34.76 8.60 65.74
N LYS N 180 -35.95 8.15 66.14
CA LYS N 180 -37.06 8.02 65.21
C LYS N 180 -37.59 9.38 64.73
N SER N 181 -37.45 10.42 65.54
CA SER N 181 -38.00 11.72 65.19
C SER N 181 -37.38 12.26 63.92
N ALA N 182 -38.24 12.76 63.03
CA ALA N 182 -37.76 13.36 61.77
C ALA N 182 -37.10 14.72 62.00
N GLU N 183 -37.58 15.47 62.99
CA GLU N 183 -36.98 16.77 63.29
C GLU N 183 -35.76 16.58 64.18
N THR N 184 -34.96 17.65 64.29
CA THR N 184 -33.74 17.64 65.07
C THR N 184 -33.96 18.41 66.37
N THR N 185 -33.50 17.83 67.48
CA THR N 185 -33.69 18.42 68.79
C THR N 185 -32.36 18.40 69.54
N LEU N 186 -32.25 19.27 70.54
CA LEU N 186 -31.09 19.35 71.41
C LEU N 186 -31.51 19.00 72.83
N GLU N 187 -30.80 18.07 73.45
CA GLU N 187 -31.06 17.66 74.82
C GLU N 187 -29.76 17.54 75.58
N THR N 188 -29.79 17.97 76.85
CA THR N 188 -28.64 17.88 77.73
C THR N 188 -28.95 16.93 78.88
N VAL N 189 -27.96 16.12 79.27
CA VAL N 189 -28.11 15.15 80.34
C VAL N 189 -26.92 15.27 81.29
N GLN N 190 -27.09 14.72 82.49
CA GLN N 190 -26.09 14.84 83.54
C GLN N 190 -24.95 13.85 83.34
N GLY N 191 -24.10 14.11 82.35
CA GLY N 191 -22.96 13.26 82.08
C GLY N 191 -21.68 13.78 82.69
N MET N 192 -20.56 13.27 82.17
CA MET N 192 -19.25 13.71 82.60
C MET N 192 -18.23 13.39 81.51
N GLN N 193 -17.02 13.92 81.69
CA GLN N 193 -15.93 13.69 80.75
C GLN N 193 -14.61 13.72 81.51
N PHE N 194 -13.91 12.58 81.50
CA PHE N 194 -12.62 12.46 82.19
C PHE N 194 -11.56 12.07 81.16
N ASP N 195 -10.33 12.50 81.44
CA ASP N 195 -9.24 12.42 80.47
C ASP N 195 -8.41 11.16 80.68
N ARG N 196 -8.90 10.05 80.14
CA ARG N 196 -8.16 8.80 80.07
C ARG N 196 -8.51 8.08 78.78
N GLY N 197 -7.61 7.22 78.32
CA GLY N 197 -7.73 6.59 77.03
C GLY N 197 -7.75 5.06 77.11
N TYR N 198 -8.02 4.45 75.96
CA TYR N 198 -8.11 3.01 75.86
C TYR N 198 -6.75 2.36 76.15
N LEU N 199 -6.76 1.03 76.28
CA LEU N 199 -5.55 0.29 76.58
C LEU N 199 -5.18 -0.74 75.53
N SER N 200 -6.13 -1.20 74.72
CA SER N 200 -5.85 -2.21 73.71
C SER N 200 -6.55 -1.85 72.42
N PRO N 201 -5.96 -2.17 71.27
CA PRO N 201 -6.63 -1.86 69.99
C PRO N 201 -7.84 -2.73 69.70
N TYR N 202 -7.99 -3.85 70.40
CA TYR N 202 -9.06 -4.80 70.09
C TYR N 202 -10.44 -4.31 70.49
N PHE N 203 -10.52 -3.20 71.22
CA PHE N 203 -11.79 -2.70 71.74
C PHE N 203 -12.65 -1.99 70.68
N VAL N 204 -12.24 -2.02 69.42
CA VAL N 204 -12.99 -1.34 68.37
C VAL N 204 -14.32 -2.06 68.16
N THR N 205 -15.41 -1.30 68.11
CA THR N 205 -16.75 -1.86 67.92
C THR N 205 -17.33 -1.52 66.55
N ASN N 206 -17.29 -0.25 66.13
CA ASN N 206 -17.91 0.16 64.88
C ASN N 206 -17.16 1.29 64.18
N PRO N 207 -16.76 2.37 64.87
CA PRO N 207 -16.07 3.46 64.16
C PRO N 207 -14.79 3.00 63.50
N ASP N 208 -14.52 3.57 62.32
CA ASP N 208 -13.31 3.23 61.58
C ASP N 208 -12.12 4.11 61.95
N LYS N 209 -12.33 5.11 62.80
CA LYS N 209 -11.25 5.97 63.27
C LYS N 209 -10.64 5.48 64.58
N MET N 210 -10.71 4.17 64.83
CA MET N 210 -10.18 3.55 66.05
C MET N 210 -10.83 4.18 67.29
N GLU N 211 -12.14 3.97 67.40
CA GLU N 211 -12.94 4.41 68.53
C GLU N 211 -14.00 3.36 68.81
N ALA N 212 -14.59 3.44 70.00
CA ALA N 212 -15.58 2.47 70.44
C ALA N 212 -16.85 3.16 70.91
N VAL N 213 -17.98 2.57 70.56
CA VAL N 213 -19.30 3.05 70.98
C VAL N 213 -20.09 1.86 71.51
N LEU N 214 -20.75 2.05 72.66
CA LEU N 214 -21.49 0.98 73.31
C LEU N 214 -22.87 1.48 73.71
N GLU N 215 -23.81 0.55 73.83
CA GLU N 215 -25.18 0.84 74.22
C GLU N 215 -25.57 0.00 75.42
N ASP N 216 -26.12 0.65 76.44
CA ASP N 216 -26.51 0.06 77.71
C ASP N 216 -25.42 -0.82 78.31
N PRO N 217 -24.22 -0.30 78.55
CA PRO N 217 -23.17 -1.14 79.14
C PRO N 217 -23.10 -0.99 80.65
N PHE N 218 -22.48 -1.98 81.29
CA PHE N 218 -22.15 -1.87 82.70
C PHE N 218 -20.71 -1.41 82.87
N ILE N 219 -20.39 -0.93 84.08
CA ILE N 219 -19.07 -0.39 84.38
C ILE N 219 -18.53 -1.05 85.64
N LEU N 220 -17.28 -1.49 85.58
CA LEU N 220 -16.55 -1.98 86.75
C LEU N 220 -15.59 -0.91 87.21
N ILE N 221 -15.66 -0.56 88.50
CA ILE N 221 -14.88 0.53 89.06
C ILE N 221 -13.85 -0.08 90.03
N TYR N 222 -12.58 0.18 89.76
CA TYR N 222 -11.49 -0.29 90.61
C TYR N 222 -10.61 0.90 91.00
N GLU N 223 -10.22 0.93 92.28
CA GLU N 223 -9.22 1.89 92.75
C GLU N 223 -7.81 1.33 92.66
N LYS N 224 -7.66 0.03 92.43
CA LYS N 224 -6.36 -0.61 92.35
C LYS N 224 -6.37 -1.65 91.25
N LYS N 225 -5.21 -2.27 91.02
CA LYS N 225 -5.10 -3.34 90.04
C LYS N 225 -5.90 -4.56 90.48
N ILE N 226 -6.50 -5.23 89.50
CA ILE N 226 -7.27 -6.44 89.79
C ILE N 226 -6.32 -7.55 90.20
N SER N 227 -6.60 -8.19 91.33
CA SER N 227 -5.76 -9.28 91.81
C SER N 227 -5.90 -10.52 90.94
N ASN N 228 -7.13 -11.00 90.76
CA ASN N 228 -7.40 -12.19 89.95
C ASN N 228 -8.63 -11.96 89.11
N VAL N 229 -8.50 -12.14 87.79
CA VAL N 229 -9.66 -12.04 86.91
C VAL N 229 -10.60 -13.21 87.14
N LYS N 230 -10.06 -14.40 87.43
CA LYS N 230 -10.91 -15.57 87.67
C LYS N 230 -11.77 -15.37 88.91
N ASP N 231 -11.33 -14.55 89.86
CA ASP N 231 -12.18 -14.21 91.00
C ASP N 231 -13.34 -13.29 90.60
N LEU N 232 -13.30 -12.70 89.41
CA LEU N 232 -14.40 -11.90 88.93
C LEU N 232 -15.43 -12.71 88.15
N LEU N 233 -15.22 -14.02 88.02
CA LEU N 233 -16.18 -14.92 87.37
C LEU N 233 -17.57 -14.83 87.99
N PRO N 234 -17.71 -14.73 89.32
CA PRO N 234 -19.05 -14.46 89.88
C PRO N 234 -19.69 -13.20 89.32
N VAL N 235 -18.89 -12.24 88.86
CA VAL N 235 -19.44 -11.10 88.12
C VAL N 235 -19.45 -11.40 86.62
N LEU N 236 -18.32 -11.88 86.10
CA LEU N 236 -18.19 -12.07 84.65
C LEU N 236 -19.20 -13.09 84.13
N GLU N 237 -19.34 -14.22 84.81
CA GLU N 237 -20.29 -15.24 84.36
C GLU N 237 -21.72 -14.72 84.42
N ASN N 238 -22.06 -14.01 85.50
CA ASN N 238 -23.40 -13.43 85.60
C ASN N 238 -23.62 -12.34 84.56
N VAL N 239 -22.59 -11.52 84.29
CA VAL N 239 -22.70 -10.50 83.24
C VAL N 239 -22.91 -11.15 81.88
N VAL N 240 -22.19 -12.24 81.61
CA VAL N 240 -22.43 -13.00 80.39
C VAL N 240 -23.87 -13.52 80.37
N ARG N 241 -24.34 -14.03 81.51
CA ARG N 241 -25.75 -14.40 81.62
C ARG N 241 -26.64 -13.18 81.46
N ALA N 242 -26.23 -12.03 82.01
CA ALA N 242 -26.98 -10.79 81.80
C ALA N 242 -27.00 -10.36 80.34
N GLY N 243 -25.91 -10.57 79.62
CA GLY N 243 -25.89 -10.29 78.19
C GLY N 243 -25.62 -8.85 77.81
N LYS N 244 -24.88 -8.11 78.62
CA LYS N 244 -24.54 -6.72 78.31
C LYS N 244 -23.05 -6.51 78.47
N PRO N 245 -22.47 -5.58 77.71
CA PRO N 245 -21.02 -5.34 77.78
C PRO N 245 -20.62 -4.66 79.08
N LEU N 246 -19.31 -4.67 79.33
CA LEU N 246 -18.73 -4.14 80.55
C LEU N 246 -17.62 -3.16 80.22
N LEU N 247 -17.33 -2.27 81.19
CA LEU N 247 -16.17 -1.40 81.14
C LEU N 247 -15.48 -1.43 82.49
N ILE N 248 -14.15 -1.42 82.47
CA ILE N 248 -13.35 -1.47 83.68
C ILE N 248 -12.45 -0.26 83.74
N ILE N 249 -12.33 0.34 84.92
CA ILE N 249 -11.43 1.45 85.18
C ILE N 249 -10.50 1.04 86.31
N ALA N 250 -9.22 1.31 86.15
CA ALA N 250 -8.23 0.92 87.15
C ALA N 250 -6.95 1.71 86.92
N GLU N 251 -6.07 1.68 87.92
CA GLU N 251 -4.79 2.35 87.79
C GLU N 251 -3.93 1.72 86.70
N ASP N 252 -3.92 0.39 86.63
CA ASP N 252 -3.10 -0.30 85.63
C ASP N 252 -3.67 -1.69 85.40
N VAL N 253 -3.40 -2.22 84.19
CA VAL N 253 -3.70 -3.60 83.86
C VAL N 253 -2.42 -4.22 83.32
N GLU N 254 -1.87 -5.20 84.03
CA GLU N 254 -0.59 -5.77 83.66
C GLU N 254 -0.68 -6.53 82.35
N ALA N 255 0.40 -6.48 81.56
CA ALA N 255 0.39 -7.08 80.24
C ALA N 255 0.77 -8.55 80.26
N GLU N 256 1.42 -9.01 81.32
CA GLU N 256 1.87 -10.40 81.38
C GLU N 256 0.70 -11.39 81.36
N ALA N 257 -0.28 -11.23 82.25
CA ALA N 257 -1.40 -12.16 82.31
C ALA N 257 -2.73 -11.44 82.26
N LEU N 258 -2.82 -10.28 82.91
CA LEU N 258 -4.09 -9.58 83.00
C LEU N 258 -4.57 -9.09 81.64
N ALA N 259 -3.70 -8.40 80.91
CA ALA N 259 -4.10 -7.86 79.61
C ALA N 259 -4.47 -8.98 78.63
N THR N 260 -3.71 -10.08 78.67
CA THR N 260 -4.05 -11.22 77.82
C THR N 260 -5.41 -11.80 78.20
N LEU N 261 -5.67 -11.95 79.50
CA LEU N 261 -6.96 -12.48 79.94
C LEU N 261 -8.06 -11.45 79.76
N VAL N 262 -7.74 -10.17 79.89
CA VAL N 262 -8.74 -9.12 79.63
C VAL N 262 -9.17 -9.16 78.17
N VAL N 263 -8.23 -9.33 77.26
CA VAL N 263 -8.53 -9.33 75.82
C VAL N 263 -9.20 -10.64 75.42
N ASN N 264 -8.50 -11.76 75.64
CA ASN N 264 -8.94 -13.03 75.09
C ASN N 264 -10.28 -13.48 75.64
N HIS N 265 -10.54 -13.27 76.92
CA HIS N 265 -11.77 -13.78 77.53
C HIS N 265 -13.02 -13.12 77.00
N ILE N 266 -12.93 -11.96 76.37
CA ILE N 266 -14.14 -11.32 75.84
C ILE N 266 -14.02 -11.07 74.34
N LYS N 267 -12.84 -11.39 73.76
CA LYS N 267 -12.64 -11.13 72.34
C LYS N 267 -13.59 -11.96 71.47
N GLY N 268 -13.86 -13.19 71.87
CA GLY N 268 -14.79 -14.05 71.15
C GLY N 268 -16.24 -13.87 71.54
N VAL N 269 -16.55 -12.90 72.40
CA VAL N 269 -17.90 -12.64 72.89
C VAL N 269 -18.10 -11.13 72.80
N ILE N 270 -19.16 -10.61 73.40
CA ILE N 270 -19.58 -9.21 73.26
C ILE N 270 -18.44 -8.20 73.38
N ARG N 271 -17.32 -8.57 74.03
CA ARG N 271 -16.14 -7.71 74.21
C ARG N 271 -16.41 -6.58 75.20
N ALA N 272 -15.33 -6.00 75.71
CA ALA N 272 -15.41 -4.98 76.74
C ALA N 272 -14.37 -3.91 76.46
N CYS N 273 -14.13 -3.05 77.46
CA CYS N 273 -13.19 -1.94 77.35
C CYS N 273 -12.31 -1.87 78.58
N ALA N 274 -11.11 -1.33 78.40
CA ALA N 274 -10.16 -1.10 79.49
C ALA N 274 -9.62 0.31 79.38
N VAL N 275 -9.42 0.96 80.52
CA VAL N 275 -9.03 2.37 80.55
C VAL N 275 -8.35 2.66 81.89
N LYS N 276 -7.41 3.60 81.85
CA LYS N 276 -6.68 3.98 83.05
C LYS N 276 -7.53 4.88 83.94
N ALA N 277 -7.02 5.15 85.14
CA ALA N 277 -7.75 5.97 86.10
C ALA N 277 -7.32 7.43 85.98
N PRO N 278 -8.27 8.37 85.92
CA PRO N 278 -7.89 9.79 85.82
C PRO N 278 -7.35 10.32 87.14
N GLY N 279 -6.66 11.46 87.04
CA GLY N 279 -6.14 12.12 88.22
C GLY N 279 -4.75 11.66 88.60
N PHE N 280 -4.20 12.34 89.60
CA PHE N 280 -2.87 12.03 90.13
C PHE N 280 -2.92 11.99 91.65
N GLY N 281 -2.12 11.10 92.24
CA GLY N 281 -2.02 11.02 93.68
C GLY N 281 -3.28 10.48 94.34
N GLN N 282 -3.40 10.81 95.63
CA GLN N 282 -4.55 10.36 96.41
C GLN N 282 -5.84 11.04 95.99
N ARG N 283 -5.75 12.14 95.23
CA ARG N 283 -6.96 12.83 94.78
C ARG N 283 -7.70 12.05 93.70
N ARG N 284 -7.10 10.97 93.19
CA ARG N 284 -7.81 10.10 92.26
C ARG N 284 -9.08 9.53 92.87
N LYS N 285 -9.09 9.35 94.20
CA LYS N 285 -10.26 8.77 94.86
C LYS N 285 -11.48 9.66 94.72
N ASP N 286 -11.29 10.98 94.65
CA ASP N 286 -12.42 11.89 94.47
C ASP N 286 -13.14 11.62 93.16
N TYR N 287 -12.38 11.52 92.07
CA TYR N 287 -12.98 11.18 90.79
C TYR N 287 -13.54 9.77 90.79
N LEU N 288 -12.83 8.84 91.44
CA LEU N 288 -13.33 7.46 91.55
C LEU N 288 -14.63 7.42 92.34
N GLN N 289 -14.70 8.16 93.44
CA GLN N 289 -15.94 8.22 94.21
C GLN N 289 -17.02 9.01 93.48
N ASP N 290 -16.62 9.95 92.61
CA ASP N 290 -17.59 10.65 91.78
C ASP N 290 -18.33 9.67 90.86
N ILE N 291 -17.58 8.81 90.18
CA ILE N 291 -18.18 7.85 89.26
C ILE N 291 -19.09 6.88 90.01
N ALA N 292 -18.64 6.41 91.18
CA ALA N 292 -19.48 5.54 91.99
C ALA N 292 -20.76 6.25 92.41
N ILE N 293 -20.65 7.53 92.79
CA ILE N 293 -21.84 8.31 93.11
C ILE N 293 -22.66 8.56 91.85
N LEU N 294 -21.99 8.84 90.74
CA LEU N 294 -22.69 9.06 89.47
C LEU N 294 -23.45 7.81 89.04
N THR N 295 -22.79 6.66 89.05
CA THR N 295 -23.40 5.42 88.61
C THR N 295 -24.19 4.72 89.71
N GLY N 296 -24.14 5.21 90.95
CA GLY N 296 -24.81 4.54 92.04
C GLY N 296 -24.09 3.33 92.56
N GLY N 297 -22.87 3.08 92.10
CA GLY N 297 -22.07 1.95 92.52
C GLY N 297 -21.11 2.30 93.64
N THR N 298 -20.11 1.45 93.84
CA THR N 298 -19.11 1.64 94.88
C THR N 298 -17.73 1.34 94.32
N ALA N 299 -16.72 1.94 94.94
CA ALA N 299 -15.33 1.69 94.58
C ALA N 299 -14.89 0.35 95.15
N ILE N 300 -14.29 -0.48 94.31
CA ILE N 300 -13.89 -1.84 94.67
C ILE N 300 -12.43 -1.83 95.08
N THR N 301 -12.15 -2.33 96.29
CA THR N 301 -10.80 -2.43 96.80
C THR N 301 -10.74 -3.47 97.92
N GLU N 302 -9.79 -4.40 97.84
CA GLU N 302 -9.71 -5.47 98.84
C GLU N 302 -9.40 -4.92 100.22
N GLU N 303 -8.60 -3.86 100.32
CA GLU N 303 -8.28 -3.27 101.61
C GLU N 303 -9.49 -2.63 102.28
N LEU N 304 -10.56 -2.37 101.53
CA LEU N 304 -11.81 -1.87 102.10
C LEU N 304 -12.76 -2.99 102.51
N GLY N 305 -12.35 -4.25 102.38
CA GLY N 305 -13.20 -5.38 102.68
C GLY N 305 -14.02 -5.89 101.53
N ILE N 306 -13.98 -5.23 100.37
CA ILE N 306 -14.76 -5.65 99.22
C ILE N 306 -13.93 -6.63 98.39
N LYS N 307 -14.01 -7.91 98.73
CA LYS N 307 -13.29 -8.93 97.99
C LYS N 307 -13.89 -9.12 96.61
N LEU N 308 -13.05 -9.49 95.63
CA LEU N 308 -13.52 -9.65 94.26
C LEU N 308 -14.55 -10.76 94.14
N GLU N 309 -14.35 -11.86 94.88
CA GLU N 309 -15.30 -12.96 94.84
C GLU N 309 -16.68 -12.56 95.36
N SER N 310 -16.74 -11.64 96.32
CA SER N 310 -18.01 -11.20 96.89
C SER N 310 -18.73 -10.16 96.04
N VAL N 311 -18.09 -9.65 94.99
CA VAL N 311 -18.72 -8.64 94.15
C VAL N 311 -19.86 -9.27 93.36
N THR N 312 -21.01 -8.61 93.35
CA THR N 312 -22.15 -9.03 92.53
C THR N 312 -22.66 -7.87 91.70
N LEU N 313 -23.81 -8.04 91.05
CA LEU N 313 -24.38 -6.98 90.23
C LEU N 313 -25.15 -5.96 91.05
N ASP N 314 -25.33 -6.20 92.35
CA ASP N 314 -26.11 -5.28 93.18
C ASP N 314 -25.41 -3.94 93.36
N MET N 315 -24.22 -3.96 93.96
CA MET N 315 -23.47 -2.74 94.23
C MET N 315 -22.62 -2.28 93.06
N LEU N 316 -22.61 -3.02 91.96
CA LEU N 316 -21.79 -2.66 90.81
C LEU N 316 -22.33 -1.39 90.15
N GLY N 317 -21.41 -0.54 89.69
CA GLY N 317 -21.81 0.69 89.03
C GLY N 317 -22.48 0.41 87.70
N ARG N 318 -23.54 1.17 87.43
CA ARG N 318 -24.33 1.03 86.21
C ARG N 318 -24.48 2.38 85.54
N ALA N 319 -24.36 2.39 84.21
CA ALA N 319 -24.41 3.63 83.44
C ALA N 319 -25.35 3.44 82.26
N ASP N 320 -25.81 4.57 81.71
CA ASP N 320 -26.74 4.53 80.58
C ASP N 320 -25.99 4.25 79.27
N LYS N 321 -25.09 5.15 78.89
CA LYS N 321 -24.27 5.00 77.70
C LYS N 321 -22.90 5.57 77.97
N VAL N 322 -21.87 4.85 77.52
CA VAL N 322 -20.48 5.19 77.80
C VAL N 322 -19.72 5.34 76.49
N ILE N 323 -18.87 6.36 76.41
CA ILE N 323 -18.02 6.60 75.26
C ILE N 323 -16.58 6.75 75.73
N VAL N 324 -15.67 6.03 75.09
CA VAL N 324 -14.24 6.07 75.42
C VAL N 324 -13.50 6.58 74.20
N ASP N 325 -12.74 7.66 74.37
CA ASP N 325 -11.99 8.26 73.27
C ASP N 325 -10.53 7.85 73.34
N LYS N 326 -9.71 8.48 72.49
CA LYS N 326 -8.28 8.20 72.50
C LYS N 326 -7.65 8.58 73.84
N ASP N 327 -8.06 9.72 74.41
CA ASP N 327 -7.60 10.10 75.74
C ASP N 327 -8.73 10.71 76.57
N ASN N 328 -9.99 10.34 76.28
CA ASN N 328 -11.13 10.88 76.99
C ASN N 328 -12.11 9.76 77.30
N THR N 329 -12.80 9.89 78.43
CA THR N 329 -13.86 8.98 78.83
C THR N 329 -15.13 9.76 79.08
N THR N 330 -16.22 9.37 78.41
CA THR N 330 -17.49 10.08 78.50
C THR N 330 -18.60 9.09 78.77
N ILE N 331 -19.47 9.42 79.73
CA ILE N 331 -20.67 8.66 80.03
C ILE N 331 -21.86 9.58 79.82
N VAL N 332 -22.82 9.14 79.00
CA VAL N 332 -23.98 9.97 78.70
C VAL N 332 -24.81 10.22 79.95
N GLY N 333 -25.08 9.18 80.74
CA GLY N 333 -25.89 9.35 81.92
C GLY N 333 -25.68 8.28 82.98
N GLY N 334 -25.92 8.64 84.23
CA GLY N 334 -25.80 7.70 85.33
C GLY N 334 -27.11 7.50 86.07
N LYS N 335 -27.30 6.34 86.67
CA LYS N 335 -28.52 6.01 87.39
C LYS N 335 -28.45 6.35 88.87
N GLY N 336 -27.38 7.00 89.32
CA GLY N 336 -27.28 7.41 90.70
C GLY N 336 -28.22 8.56 91.02
N SER N 337 -28.41 8.77 92.33
CA SER N 337 -29.33 9.80 92.79
C SER N 337 -28.78 11.19 92.46
N LYS N 338 -29.67 12.09 92.05
CA LYS N 338 -29.26 13.45 91.74
C LYS N 338 -28.78 14.20 92.98
N GLU N 339 -29.40 13.96 94.14
CA GLU N 339 -29.05 14.69 95.34
C GLU N 339 -27.62 14.39 95.78
N ALA N 340 -27.18 13.13 95.63
CA ALA N 340 -25.83 12.78 96.04
C ALA N 340 -24.79 13.56 95.25
N ILE N 341 -25.01 13.71 93.94
CA ILE N 341 -24.15 14.59 93.14
C ILE N 341 -24.34 16.04 93.57
N GLN N 342 -25.58 16.46 93.76
CA GLN N 342 -25.86 17.83 94.18
C GLN N 342 -25.28 18.12 95.56
N ALA N 343 -25.42 17.18 96.50
CA ALA N 343 -24.80 17.35 97.80
C ALA N 343 -23.28 17.42 97.68
N ARG N 344 -22.70 16.57 96.83
CA ARG N 344 -21.28 16.67 96.55
C ARG N 344 -20.94 17.96 95.81
N ILE N 345 -21.85 18.42 94.94
CA ILE N 345 -21.65 19.70 94.26
C ILE N 345 -21.56 20.82 95.29
N GLU N 346 -22.47 20.81 96.27
CA GLU N 346 -22.36 21.76 97.38
C GLU N 346 -21.10 21.52 98.17
N GLN N 347 -20.72 20.24 98.36
CA GLN N 347 -19.43 19.94 98.98
C GLN N 347 -18.29 20.45 98.12
N ILE N 348 -18.39 20.29 96.80
CA ILE N 348 -17.40 20.90 95.90
C ILE N 348 -17.45 22.41 96.03
N LYS N 349 -18.64 22.99 96.13
CA LYS N 349 -18.75 24.42 96.43
C LYS N 349 -18.06 24.75 97.75
N ARG N 350 -18.24 23.89 98.75
CA ARG N 350 -17.46 24.02 99.98
C ARG N 350 -15.99 23.75 99.71
N GLN N 351 -15.69 22.76 98.86
CA GLN N 351 -14.31 22.46 98.51
C GLN N 351 -13.65 23.59 97.75
N ILE N 352 -14.42 24.53 97.19
CA ILE N 352 -13.83 25.71 96.59
C ILE N 352 -13.02 26.48 97.62
N LEU N 353 -13.52 26.57 98.86
CA LEU N 353 -12.82 27.25 99.94
C LEU N 353 -12.03 26.30 100.83
N GLU N 354 -12.38 25.01 100.83
CA GLU N 354 -11.75 24.06 101.74
C GLU N 354 -10.53 23.36 101.16
N THR N 355 -10.40 23.28 99.84
CA THR N 355 -9.24 22.65 99.26
C THR N 355 -7.99 23.52 99.46
N THR N 356 -6.84 22.86 99.53
CA THR N 356 -5.58 23.53 99.87
C THR N 356 -4.46 23.22 98.90
N SER N 357 -4.76 22.86 97.65
CA SER N 357 -3.73 22.56 96.67
C SER N 357 -4.15 23.07 95.30
N ASP N 358 -3.15 23.31 94.45
CA ASP N 358 -3.43 23.76 93.08
C ASP N 358 -4.03 22.64 92.23
N TYR N 359 -3.79 21.38 92.61
CA TYR N 359 -4.33 20.27 91.83
C TYR N 359 -5.85 20.27 91.82
N ASP N 360 -6.47 20.62 92.96
CA ASP N 360 -7.91 20.81 92.97
C ASP N 360 -8.31 22.06 92.18
N ARG N 361 -7.60 23.17 92.41
CA ARG N 361 -7.92 24.41 91.72
C ARG N 361 -7.80 24.27 90.21
N GLU N 362 -6.91 23.40 89.73
CA GLU N 362 -6.75 23.19 88.30
C GLU N 362 -8.01 22.58 87.69
N LYS N 363 -8.77 21.81 88.47
CA LYS N 363 -10.01 21.22 87.98
C LYS N 363 -11.24 21.59 88.79
N LEU N 364 -11.11 22.44 89.81
CA LEU N 364 -12.28 22.98 90.47
C LEU N 364 -13.02 23.92 89.51
N GLN N 365 -14.35 23.97 89.69
CA GLN N 365 -15.28 24.70 88.82
C GLN N 365 -15.40 23.97 87.48
N GLU N 366 -14.58 22.94 87.28
CA GLU N 366 -14.83 21.98 86.21
C GLU N 366 -15.41 20.70 86.79
N ARG N 367 -15.07 20.38 88.04
CA ARG N 367 -15.78 19.33 88.75
C ARG N 367 -17.26 19.67 88.89
N LEU N 368 -17.60 20.96 88.90
CA LEU N 368 -19.00 21.37 88.89
C LEU N 368 -19.60 21.23 87.50
N ALA N 369 -18.97 21.86 86.51
CA ALA N 369 -19.54 21.89 85.17
C ALA N 369 -19.64 20.49 84.57
N LYS N 370 -18.64 19.65 84.80
CA LYS N 370 -18.64 18.29 84.26
C LYS N 370 -19.48 17.33 85.09
N LEU N 371 -20.14 17.81 86.15
CA LEU N 371 -21.05 16.97 86.92
C LEU N 371 -22.43 17.60 86.96
N SER N 372 -22.50 18.92 86.79
CA SER N 372 -23.79 19.61 86.70
C SER N 372 -24.24 19.80 85.26
N GLY N 373 -23.42 20.47 84.44
CA GLY N 373 -23.72 20.66 83.04
C GLY N 373 -23.69 19.35 82.26
N GLY N 374 -22.73 18.50 82.60
CA GLY N 374 -22.60 17.20 81.96
C GLY N 374 -22.29 17.25 80.49
N VAL N 375 -23.05 16.51 79.69
CA VAL N 375 -22.82 16.40 78.25
C VAL N 375 -24.06 16.87 77.51
N ALA N 376 -23.87 17.21 76.24
CA ALA N 376 -24.94 17.60 75.35
C ALA N 376 -25.06 16.57 74.23
N ILE N 377 -26.28 16.17 73.90
CA ILE N 377 -26.54 15.20 72.85
C ILE N 377 -27.34 15.90 71.76
N ILE N 378 -26.81 15.89 70.55
CA ILE N 378 -27.47 16.50 69.40
C ILE N 378 -28.28 15.42 68.71
N ARG N 379 -29.61 15.58 68.70
CA ARG N 379 -30.52 14.57 68.16
C ARG N 379 -30.80 14.90 66.70
N VAL N 380 -29.97 14.35 65.80
CA VAL N 380 -30.17 14.59 64.38
C VAL N 380 -31.36 13.79 63.88
N GLY N 381 -32.06 14.36 62.91
CA GLY N 381 -33.20 13.69 62.30
C GLY N 381 -33.33 14.03 60.84
N ALA N 382 -33.87 13.09 60.08
CA ALA N 382 -34.05 13.27 58.64
C ALA N 382 -35.25 12.45 58.21
N ALA N 383 -35.80 12.82 57.04
CA ALA N 383 -36.97 12.12 56.51
C ALA N 383 -36.67 10.67 56.14
N THR N 384 -35.40 10.36 55.85
CA THR N 384 -35.01 8.99 55.56
C THR N 384 -33.56 8.80 56.02
N GLU N 385 -33.17 7.52 56.15
CA GLU N 385 -31.85 7.19 56.66
C GLU N 385 -30.74 7.69 55.74
N ALA N 386 -31.05 7.87 54.45
CA ALA N 386 -30.05 8.36 53.51
C ALA N 386 -29.56 9.76 53.88
N GLU N 387 -30.48 10.67 54.19
CA GLU N 387 -30.05 12.01 54.61
C GLU N 387 -29.44 11.98 56.01
N LEU N 388 -29.89 11.07 56.86
CA LEU N 388 -29.36 10.98 58.21
C LEU N 388 -27.87 10.63 58.19
N LYS N 389 -27.46 9.77 57.25
CA LYS N 389 -26.05 9.39 57.18
C LYS N 389 -25.16 10.59 56.88
N GLU N 390 -25.55 11.42 55.90
CA GLU N 390 -24.74 12.57 55.55
C GLU N 390 -24.91 13.72 56.55
N LYS N 391 -26.11 13.86 57.12
CA LYS N 391 -26.33 14.93 58.10
C LYS N 391 -25.55 14.66 59.38
N LYS N 392 -25.45 13.40 59.79
CA LYS N 392 -24.77 13.08 61.04
C LYS N 392 -23.30 13.47 61.00
N ALA N 393 -22.58 13.07 59.94
CA ALA N 393 -21.18 13.44 59.81
C ALA N 393 -21.02 14.94 59.61
N ARG N 394 -22.01 15.57 58.98
CA ARG N 394 -21.97 17.02 58.81
C ARG N 394 -22.00 17.75 60.14
N VAL N 395 -22.82 17.27 61.08
CA VAL N 395 -22.94 17.94 62.37
C VAL N 395 -21.66 17.76 63.18
N GLU N 396 -21.10 16.54 63.17
CA GLU N 396 -19.89 16.29 63.96
C GLU N 396 -18.73 17.17 63.48
N ASP N 397 -18.57 17.29 62.16
CA ASP N 397 -17.51 18.14 61.62
C ASP N 397 -17.74 19.59 62.00
N ALA N 398 -18.99 20.06 61.94
CA ALA N 398 -19.30 21.43 62.36
C ALA N 398 -19.02 21.63 63.85
N VAL N 399 -19.34 20.62 64.66
CA VAL N 399 -19.02 20.69 66.08
C VAL N 399 -17.51 20.70 66.27
N HIS N 400 -16.81 19.82 65.57
CA HIS N 400 -15.35 19.76 65.68
C HIS N 400 -14.71 21.04 65.18
N ALA N 401 -15.20 21.59 64.07
CA ALA N 401 -14.66 22.84 63.56
C ALA N 401 -14.91 23.99 64.53
N THR N 402 -16.10 24.02 65.14
CA THR N 402 -16.40 25.07 66.11
C THR N 402 -15.47 25.01 67.31
N LYS N 403 -15.18 23.80 67.80
CA LYS N 403 -14.23 23.66 68.90
C LYS N 403 -12.84 24.13 68.49
N ALA N 404 -12.47 23.90 67.23
CA ALA N 404 -11.17 24.39 66.75
C ALA N 404 -11.12 25.91 66.74
N ALA N 405 -12.24 26.56 66.42
CA ALA N 405 -12.26 28.02 66.42
C ALA N 405 -12.00 28.59 67.80
N VAL N 406 -12.57 27.96 68.84
CA VAL N 406 -12.37 28.43 70.20
C VAL N 406 -10.90 28.30 70.60
N GLU N 407 -10.28 27.18 70.24
CA GLU N 407 -8.91 26.91 70.68
C GLU N 407 -7.92 27.93 70.11
N GLU N 408 -8.08 28.31 68.85
CA GLU N 408 -7.06 29.10 68.17
C GLU N 408 -7.54 30.42 67.60
N GLY N 409 -8.83 30.62 67.39
CA GLY N 409 -9.35 31.88 66.88
C GLY N 409 -10.07 31.69 65.55
N ILE N 410 -10.44 32.83 64.96
CA ILE N 410 -11.16 32.86 63.69
C ILE N 410 -10.51 33.89 62.77
N VAL N 411 -10.69 33.67 61.48
CA VAL N 411 -10.16 34.57 60.44
C VAL N 411 -11.25 34.81 59.40
N PRO N 412 -11.16 35.91 58.66
CA PRO N 412 -12.12 36.13 57.57
C PRO N 412 -12.08 35.00 56.56
N GLY N 413 -13.27 34.52 56.18
CA GLY N 413 -13.38 33.37 55.31
C GLY N 413 -13.33 33.75 53.84
N GLY N 414 -13.67 32.77 53.00
CA GLY N 414 -13.66 32.98 51.57
C GLY N 414 -12.28 33.09 50.97
N GLY N 415 -11.26 32.59 51.65
CA GLY N 415 -9.90 32.69 51.17
C GLY N 415 -9.24 34.03 51.39
N VAL N 416 -9.91 34.95 52.08
CA VAL N 416 -9.32 36.28 52.33
C VAL N 416 -8.12 36.16 53.25
N ALA N 417 -8.17 35.23 54.21
CA ALA N 417 -7.08 35.09 55.17
C ALA N 417 -5.77 34.75 54.47
N LEU N 418 -5.82 33.84 53.50
CA LEU N 418 -4.60 33.48 52.76
C LEU N 418 -4.14 34.61 51.86
N VAL N 419 -5.07 35.39 51.30
CA VAL N 419 -4.69 36.55 50.50
C VAL N 419 -3.96 37.58 51.35
N ARG N 420 -4.49 37.84 52.54
CA ARG N 420 -3.84 38.79 53.45
C ARG N 420 -2.47 38.29 53.88
N ALA N 421 -2.37 36.99 54.19
CA ALA N 421 -1.09 36.43 54.61
C ALA N 421 -0.06 36.43 53.49
N SER N 422 -0.50 36.22 52.24
CA SER N 422 0.42 36.16 51.12
C SER N 422 1.04 37.53 50.80
N GLU N 423 0.45 38.61 51.31
CA GLU N 423 1.01 39.93 51.06
C GLU N 423 2.34 40.13 51.76
N ALA N 424 2.60 39.40 52.85
CA ALA N 424 3.88 39.50 53.52
C ALA N 424 5.00 38.89 52.69
N LEU N 425 4.68 37.94 51.81
CA LEU N 425 5.68 37.36 50.94
C LEU N 425 6.20 38.35 49.91
N ASP N 426 5.49 39.45 49.68
CA ASP N 426 5.95 40.47 48.74
C ASP N 426 7.22 41.15 49.21
N ASN N 427 7.50 41.18 50.51
CA ASN N 427 8.71 41.79 51.04
C ASN N 427 9.69 40.78 51.62
N LEU N 428 9.30 39.53 51.81
CA LEU N 428 10.26 38.51 52.23
C LEU N 428 11.28 38.26 51.13
N LYS N 429 12.55 38.26 51.50
CA LYS N 429 13.61 38.19 50.51
C LYS N 429 14.66 37.19 50.95
N VAL N 430 15.24 36.50 49.96
CA VAL N 430 16.31 35.54 50.19
C VAL N 430 17.41 35.78 49.18
N ASP N 431 18.61 35.26 49.49
CA ASP N 431 19.78 35.49 48.65
C ASP N 431 19.90 34.49 47.50
N ASN N 432 19.10 33.43 47.49
CA ASN N 432 19.16 32.40 46.46
C ASN N 432 18.03 32.60 45.47
N ALA N 433 18.36 32.57 44.18
CA ALA N 433 17.35 32.79 43.14
C ALA N 433 16.31 31.67 43.14
N ASP N 434 16.75 30.42 43.29
CA ASP N 434 15.81 29.30 43.29
C ASP N 434 14.90 29.34 44.51
N GLN N 435 15.43 29.70 45.68
CA GLN N 435 14.59 29.83 46.86
C GLN N 435 13.58 30.94 46.69
N GLN N 436 13.91 31.97 45.91
CA GLN N 436 12.93 33.01 45.62
C GLN N 436 11.78 32.46 44.80
N LEU N 437 12.06 31.51 43.89
CA LEU N 437 11.01 30.86 43.14
C LEU N 437 10.06 30.10 44.06
N GLY N 438 10.61 29.42 45.08
CA GLY N 438 9.76 28.73 46.03
C GLY N 438 8.85 29.67 46.79
N ILE N 439 9.34 30.86 47.10
CA ILE N 439 8.52 31.84 47.79
C ILE N 439 7.39 32.31 46.90
N ASP N 440 7.69 32.55 45.61
CA ASP N 440 6.66 33.00 44.70
C ASP N 440 5.65 31.90 44.38
N ILE N 441 6.05 30.64 44.51
CA ILE N 441 5.11 29.54 44.32
C ILE N 441 4.04 29.58 45.40
N ILE N 442 4.44 29.80 46.64
CA ILE N 442 3.48 29.84 47.74
C ILE N 442 2.56 31.05 47.61
N LYS N 443 3.08 32.18 47.14
CA LYS N 443 2.26 33.37 46.99
C LYS N 443 1.13 33.14 45.99
N LYS N 444 1.44 32.49 44.86
CA LYS N 444 0.40 32.17 43.89
C LYS N 444 -0.56 31.13 44.44
N ALA N 445 -0.06 30.17 45.21
CA ALA N 445 -0.91 29.12 45.77
C ALA N 445 -1.90 29.70 46.76
N CYS N 446 -1.46 30.63 47.60
CA CYS N 446 -2.34 31.19 48.62
C CYS N 446 -3.50 31.96 48.00
N ARG N 447 -3.32 32.47 46.79
CA ARG N 447 -4.35 33.25 46.13
C ARG N 447 -5.22 32.42 45.18
N THR N 448 -5.03 31.10 45.18
CA THR N 448 -5.82 30.22 44.32
C THR N 448 -7.21 29.91 44.90
N PRO N 449 -7.33 29.57 46.20
CA PRO N 449 -8.67 29.22 46.71
C PRO N 449 -9.70 30.32 46.55
N ILE N 450 -9.31 31.59 46.68
CA ILE N 450 -10.27 32.67 46.51
C ILE N 450 -10.72 32.76 45.05
N ARG N 451 -9.80 32.52 44.11
CA ARG N 451 -10.16 32.54 42.70
C ARG N 451 -11.11 31.40 42.35
N GLN N 452 -10.87 30.22 42.93
CA GLN N 452 -11.74 29.08 42.66
C GLN N 452 -13.15 29.32 43.19
N ILE N 453 -13.26 29.92 44.37
CA ILE N 453 -14.59 30.21 44.93
C ILE N 453 -15.34 31.19 44.04
N ALA N 454 -14.66 32.23 43.56
CA ALA N 454 -15.30 33.19 42.67
C ALA N 454 -15.68 32.55 41.35
N ALA N 455 -14.80 31.68 40.82
CA ALA N 455 -15.08 31.03 39.54
C ALA N 455 -16.28 30.11 39.64
N ASN N 456 -16.40 29.38 40.75
CA ASN N 456 -17.53 28.47 40.91
C ASN N 456 -18.85 29.21 40.95
N SER N 457 -18.88 30.37 41.62
CA SER N 457 -20.10 31.15 41.71
C SER N 457 -20.45 31.87 40.41
N GLY N 458 -19.53 31.96 39.46
CA GLY N 458 -19.81 32.59 38.19
C GLY N 458 -19.14 33.93 37.96
N PHE N 459 -17.99 34.17 38.55
CA PHE N 459 -17.26 35.42 38.39
C PHE N 459 -15.83 35.13 37.94
N GLU N 460 -15.22 36.13 37.30
CA GLU N 460 -13.82 36.01 36.91
C GLU N 460 -12.93 36.04 38.15
N GLY N 461 -12.10 35.01 38.32
CA GLY N 461 -11.31 34.92 39.53
C GLY N 461 -10.27 36.02 39.68
N TYR N 462 -9.60 36.37 38.58
CA TYR N 462 -8.54 37.36 38.67
C TYR N 462 -9.11 38.76 38.90
N VAL N 463 -10.29 39.06 38.35
CA VAL N 463 -10.93 40.34 38.63
C VAL N 463 -11.30 40.43 40.11
N VAL N 464 -11.85 39.36 40.66
CA VAL N 464 -12.21 39.35 42.08
C VAL N 464 -10.98 39.48 42.95
N LEU N 465 -9.92 38.74 42.61
CA LEU N 465 -8.70 38.79 43.42
C LEU N 465 -8.10 40.19 43.42
N GLU N 466 -8.06 40.84 42.26
CA GLU N 466 -7.50 42.19 42.18
C GLU N 466 -8.32 43.17 43.02
N LYS N 467 -9.65 43.06 42.96
CA LYS N 467 -10.49 43.94 43.76
C LYS N 467 -10.31 43.70 45.24
N VAL N 468 -10.17 42.43 45.64
CA VAL N 468 -9.96 42.12 47.05
C VAL N 468 -8.62 42.66 47.54
N LEU N 469 -7.59 42.62 46.68
CA LEU N 469 -6.31 43.20 47.05
C LEU N 469 -6.41 44.71 47.26
N GLN N 470 -7.16 45.40 46.39
CA GLN N 470 -7.33 46.84 46.54
C GLN N 470 -8.11 47.18 47.81
N LEU N 471 -9.15 46.39 48.12
CA LEU N 471 -9.95 46.65 49.31
C LEU N 471 -9.17 46.41 50.59
N GLY N 472 -8.05 45.70 50.52
CA GLY N 472 -7.23 45.50 51.71
C GLY N 472 -6.59 46.77 52.23
N LYS N 473 -6.42 47.77 51.37
CA LYS N 473 -5.87 49.06 51.75
C LYS N 473 -6.94 50.15 51.83
N GLU N 474 -7.95 50.10 50.96
CA GLU N 474 -8.98 51.12 50.95
C GLU N 474 -9.94 50.99 52.14
N LYS N 475 -10.31 49.76 52.49
CA LYS N 475 -11.32 49.54 53.52
C LYS N 475 -10.72 48.90 54.76
N GLY N 476 -10.06 47.78 54.60
CA GLY N 476 -9.48 47.07 55.72
C GLY N 476 -9.06 45.67 55.32
N LYS N 477 -8.40 45.00 56.28
CA LYS N 477 -7.88 43.67 56.01
C LYS N 477 -8.99 42.64 55.88
N ASN N 478 -10.12 42.84 56.57
CA ASN N 478 -11.18 41.85 56.60
C ASN N 478 -12.13 41.95 55.40
N TRP N 479 -11.90 42.88 54.48
CA TRP N 479 -12.77 43.01 53.33
C TRP N 479 -12.42 41.98 52.26
N GLY N 480 -13.44 41.36 51.70
CA GLY N 480 -13.27 40.35 50.67
C GLY N 480 -14.48 40.22 49.77
N PHE N 481 -14.64 39.06 49.14
CA PHE N 481 -15.74 38.81 48.21
C PHE N 481 -16.71 37.81 48.84
N ASP N 482 -17.99 38.14 48.80
CA ASP N 482 -19.04 37.23 49.26
C ASP N 482 -19.56 36.47 48.05
N ALA N 483 -19.39 35.16 48.05
CA ALA N 483 -19.82 34.34 46.93
C ALA N 483 -21.32 34.06 46.92
N GLY N 484 -21.98 34.09 48.08
CA GLY N 484 -23.42 33.86 48.11
C GLY N 484 -24.18 34.92 47.35
N VAL N 485 -23.84 36.20 47.56
CA VAL N 485 -24.37 37.29 46.76
C VAL N 485 -23.19 38.10 46.24
N GLY N 486 -23.15 38.32 44.93
CA GLY N 486 -21.93 38.78 44.29
C GLY N 486 -21.56 40.22 44.56
N ASP N 487 -21.19 40.52 45.80
CA ASP N 487 -20.72 41.85 46.15
C ASP N 487 -19.64 41.75 47.22
N TYR N 488 -18.80 42.78 47.28
CA TYR N 488 -17.70 42.84 48.24
C TYR N 488 -18.18 43.48 49.53
N LYS N 489 -17.75 42.91 50.65
CA LYS N 489 -18.15 43.40 51.96
C LYS N 489 -17.13 42.95 52.99
N ASP N 490 -17.31 43.44 54.21
CA ASP N 490 -16.47 43.01 55.33
C ASP N 490 -16.86 41.59 55.72
N MET N 491 -15.93 40.65 55.58
CA MET N 491 -16.25 39.24 55.78
C MET N 491 -16.51 38.93 57.24
N VAL N 492 -15.76 39.53 58.15
CA VAL N 492 -15.95 39.25 59.57
C VAL N 492 -17.32 39.75 60.04
N GLU N 493 -17.71 40.96 59.62
CA GLU N 493 -19.01 41.49 60.01
C GLU N 493 -20.14 40.66 59.41
N ALA N 494 -19.98 40.20 58.18
CA ALA N 494 -21.01 39.41 57.52
C ALA N 494 -21.14 38.01 58.13
N GLY N 495 -20.22 37.61 58.99
CA GLY N 495 -20.24 36.30 59.57
C GLY N 495 -19.60 35.22 58.73
N ILE N 496 -18.98 35.58 57.62
CA ILE N 496 -18.30 34.59 56.75
C ILE N 496 -16.88 34.50 57.28
N ILE N 497 -16.69 33.64 58.28
CA ILE N 497 -15.41 33.48 58.96
C ILE N 497 -15.08 32.00 59.03
N ASP N 498 -13.80 31.69 59.16
CA ASP N 498 -13.31 30.33 59.25
C ASP N 498 -12.45 30.16 60.49
N PRO N 499 -12.42 28.97 61.09
CA PRO N 499 -11.46 28.72 62.18
C PRO N 499 -10.04 28.91 61.67
N THR N 500 -9.21 29.55 62.49
CA THR N 500 -7.86 29.86 62.05
C THR N 500 -6.97 28.61 62.02
N LYS N 501 -7.37 27.56 62.74
CA LYS N 501 -6.65 26.30 62.62
C LYS N 501 -6.86 25.67 61.25
N VAL N 502 -8.07 25.82 60.70
CA VAL N 502 -8.36 25.24 59.38
C VAL N 502 -7.44 25.84 58.33
N VAL N 503 -7.29 27.16 58.34
CA VAL N 503 -6.45 27.83 57.35
C VAL N 503 -4.98 27.46 57.57
N ARG N 504 -4.55 27.41 58.83
CA ARG N 504 -3.15 27.09 59.12
C ARG N 504 -2.81 25.66 58.73
N VAL N 505 -3.63 24.71 59.14
CA VAL N 505 -3.33 23.30 58.87
C VAL N 505 -3.40 23.00 57.38
N ALA N 506 -4.35 23.60 56.66
CA ALA N 506 -4.51 23.31 55.25
C ALA N 506 -3.25 23.68 54.45
N ILE N 507 -2.73 24.88 54.67
CA ILE N 507 -1.55 25.31 53.93
C ILE N 507 -0.32 24.53 54.38
N GLN N 508 -0.22 24.22 55.67
CA GLN N 508 0.90 23.43 56.16
C GLN N 508 0.86 22.01 55.61
N ASN N 509 -0.32 21.39 55.57
CA ASN N 509 -0.44 20.03 55.08
C ASN N 509 -0.21 19.97 53.57
N ALA N 510 -0.78 20.93 52.83
CA ALA N 510 -0.66 20.92 51.38
C ALA N 510 0.79 21.09 50.94
N ALA N 511 1.53 21.97 51.62
CA ALA N 511 2.93 22.19 51.26
C ALA N 511 3.79 20.97 51.58
N SER N 512 3.41 20.19 52.59
CA SER N 512 4.19 19.01 52.94
C SER N 512 4.08 17.93 51.88
N VAL N 513 2.86 17.63 51.45
CA VAL N 513 2.67 16.59 50.44
C VAL N 513 3.21 17.05 49.09
N ALA N 514 3.03 18.34 48.77
CA ALA N 514 3.56 18.87 47.52
C ALA N 514 5.08 18.79 47.49
N GLY N 515 5.73 19.16 48.59
CA GLY N 515 7.17 19.07 48.66
C GLY N 515 7.68 17.64 48.57
N THR N 516 6.96 16.70 49.19
CA THR N 516 7.33 15.29 49.10
C THR N 516 7.26 14.80 47.66
N MET N 517 6.21 15.17 46.93
CA MET N 517 6.05 14.69 45.57
C MET N 517 6.97 15.43 44.59
N LEU N 518 7.43 16.62 44.96
CA LEU N 518 8.31 17.36 44.05
C LEU N 518 9.69 16.72 43.95
N THR N 519 10.13 16.02 45.00
CA THR N 519 11.43 15.38 44.99
C THR N 519 11.33 13.87 44.99
N ALA N 520 10.16 13.30 44.68
CA ALA N 520 10.04 11.86 44.53
C ALA N 520 10.80 11.41 43.29
N GLU N 521 11.65 10.39 43.44
CA GLU N 521 12.49 9.95 42.36
C GLU N 521 12.12 8.59 41.78
N ALA N 522 11.33 7.80 42.49
CA ALA N 522 10.98 6.47 42.01
C ALA N 522 9.61 6.08 42.52
N LEU N 523 8.86 5.36 41.68
CA LEU N 523 7.57 4.78 42.06
C LEU N 523 7.64 3.28 41.85
N VAL N 524 7.31 2.52 42.90
CA VAL N 524 7.37 1.07 42.86
C VAL N 524 5.96 0.53 43.05
N ALA N 525 5.47 -0.20 42.07
CA ALA N 525 4.13 -0.78 42.12
C ALA N 525 4.13 -2.12 41.39
N GLU N 526 3.22 -3.01 41.80
CA GLU N 526 3.12 -4.31 41.18
C GLU N 526 2.54 -4.20 39.77
N ILE N 527 2.95 -5.13 38.91
CA ILE N 527 2.42 -5.22 37.55
C ILE N 527 0.99 -5.76 37.64
N PRO N 528 0.00 -5.07 37.08
CA PRO N 528 -1.38 -5.55 37.19
C PRO N 528 -1.57 -6.89 36.49
N GLU N 529 -2.46 -7.70 37.05
CA GLU N 529 -2.73 -9.05 36.56
C GLU N 529 -1.46 -9.89 36.51
N ARG O 1 61.88 61.24 -59.63
CA ARG O 1 62.40 59.89 -59.83
C ARG O 1 61.63 59.18 -60.94
N LEU O 2 60.36 58.87 -60.66
CA LEU O 2 59.52 58.21 -61.64
C LEU O 2 58.75 59.23 -62.48
N ARG O 3 58.43 58.83 -63.70
CA ARG O 3 57.70 59.68 -64.63
C ARG O 3 56.50 58.92 -65.19
N PRO O 4 55.39 59.62 -65.43
CA PRO O 4 54.17 58.95 -65.88
C PRO O 4 54.12 58.79 -67.39
N LEU O 5 53.04 58.16 -67.85
CA LEU O 5 52.80 57.95 -69.27
C LEU O 5 51.42 58.49 -69.63
N TYR O 6 51.32 59.09 -70.82
CA TYR O 6 50.09 59.71 -71.30
C TYR O 6 49.49 60.67 -70.30
N ASP O 7 48.26 60.42 -69.88
CA ASP O 7 47.52 61.32 -69.00
C ASP O 7 47.80 61.08 -67.52
N LYS O 8 48.63 60.11 -67.17
CA LYS O 8 48.90 59.82 -65.78
C LYS O 8 49.66 60.98 -65.13
N ILE O 9 49.38 61.16 -63.83
CA ILE O 9 50.06 62.17 -63.02
C ILE O 9 50.56 61.48 -61.76
N VAL O 10 51.58 62.07 -61.13
CA VAL O 10 52.11 61.58 -59.87
C VAL O 10 51.86 62.64 -58.80
N VAL O 11 51.11 62.28 -57.77
CA VAL O 11 50.67 63.23 -56.75
C VAL O 11 51.06 62.70 -55.37
N LYS O 12 51.50 63.62 -54.51
CA LYS O 12 51.82 63.34 -53.12
C LYS O 12 50.75 64.00 -52.25
N ARG O 13 50.04 63.18 -51.47
CA ARG O 13 48.94 63.71 -50.66
C ARG O 13 49.46 64.63 -49.57
N MET O 14 48.52 65.27 -48.87
CA MET O 14 48.85 66.34 -47.94
C MET O 14 49.18 65.79 -46.55
N GLU O 15 49.47 64.49 -46.46
CA GLU O 15 50.03 63.83 -45.28
C GLU O 15 49.17 64.00 -44.03
N GLU O 16 49.63 63.45 -42.91
CA GLU O 16 48.88 63.46 -41.65
C GLU O 16 49.02 64.81 -40.95
N GLN O 17 48.06 65.69 -41.21
CA GLN O 17 48.14 67.06 -40.72
C GLN O 17 47.65 67.23 -39.29
N GLU O 18 47.17 66.15 -38.64
CA GLU O 18 46.61 66.23 -37.30
C GLU O 18 45.48 67.23 -37.31
N GLN O 19 44.38 66.88 -37.99
CA GLN O 19 43.30 67.80 -38.27
C GLN O 19 42.75 68.44 -37.01
N LYS O 20 42.55 69.75 -37.05
CA LYS O 20 41.93 70.52 -35.98
C LYS O 20 41.04 71.60 -36.59
N THR O 21 39.85 71.77 -36.02
CA THR O 21 38.95 72.81 -36.49
C THR O 21 39.50 74.19 -36.14
N PRO O 22 39.12 75.21 -36.89
CA PRO O 22 39.56 76.58 -36.53
C PRO O 22 39.06 77.01 -35.16
N SER O 23 37.97 76.43 -34.68
CA SER O 23 37.47 76.73 -33.33
C SER O 23 38.30 76.09 -32.24
N GLY O 24 39.25 75.21 -32.58
CA GLY O 24 40.11 74.61 -31.60
C GLY O 24 39.77 73.19 -31.20
N ILE O 25 38.70 72.62 -31.76
CA ILE O 25 38.34 71.24 -31.43
C ILE O 25 39.25 70.28 -32.19
N ILE O 26 39.87 69.36 -31.48
CA ILE O 26 40.77 68.38 -32.08
C ILE O 26 39.98 67.09 -32.34
N ILE O 27 40.04 66.63 -33.59
CA ILE O 27 39.39 65.40 -34.02
C ILE O 27 40.42 64.29 -33.97
N PRO O 28 40.16 63.17 -33.29
CA PRO O 28 41.12 62.08 -33.26
C PRO O 28 41.31 61.46 -34.62
N ASP O 29 42.51 60.92 -34.85
CA ASP O 29 42.83 60.30 -36.14
C ASP O 29 41.95 59.09 -36.44
N THR O 30 41.34 58.47 -35.44
CA THR O 30 40.36 57.42 -35.67
C THR O 30 39.05 57.94 -36.26
N ALA O 31 38.84 59.26 -36.24
CA ALA O 31 37.65 59.87 -36.78
C ALA O 31 37.92 60.73 -38.01
N LYS O 32 39.17 60.86 -38.44
CA LYS O 32 39.51 61.69 -39.57
C LYS O 32 39.38 60.89 -40.87
N GLU O 33 39.62 61.56 -41.99
CA GLU O 33 39.56 60.95 -43.31
C GLU O 33 40.84 61.28 -44.06
N LYS O 34 41.22 60.40 -44.97
CA LYS O 34 42.44 60.62 -45.76
C LYS O 34 42.30 61.91 -46.56
N PRO O 35 43.27 62.83 -46.47
CA PRO O 35 43.14 64.11 -47.16
C PRO O 35 43.01 63.94 -48.67
N GLN O 36 42.19 64.78 -49.28
CA GLN O 36 42.03 64.80 -50.73
C GLN O 36 42.96 65.81 -51.41
N ILE O 37 43.75 66.55 -50.65
CA ILE O 37 44.68 67.52 -51.20
C ILE O 37 46.01 66.85 -51.45
N GLY O 38 46.59 67.09 -52.62
CA GLY O 38 47.83 66.44 -53.00
C GLY O 38 48.75 67.37 -53.76
N GLU O 39 50.05 67.09 -53.66
CA GLU O 39 51.05 67.84 -54.40
C GLU O 39 51.58 67.01 -55.56
N VAL O 40 51.63 67.61 -56.74
CA VAL O 40 52.02 66.91 -57.96
C VAL O 40 53.54 66.80 -58.01
N ILE O 41 54.04 65.60 -58.26
CA ILE O 41 55.48 65.36 -58.36
C ILE O 41 55.92 65.21 -59.80
N ALA O 42 55.15 64.49 -60.62
CA ALA O 42 55.51 64.28 -62.01
C ALA O 42 54.26 64.39 -62.88
N VAL O 43 54.45 64.94 -64.08
CA VAL O 43 53.36 65.12 -65.04
C VAL O 43 53.74 64.42 -66.33
N GLY O 44 52.80 63.63 -66.87
CA GLY O 44 53.02 62.90 -68.10
C GLY O 44 52.93 63.79 -69.32
N ASP O 45 53.08 63.15 -70.49
CA ASP O 45 53.03 63.89 -71.74
C ASP O 45 51.66 64.51 -71.99
N GLY O 46 50.59 63.81 -71.65
CA GLY O 46 49.24 64.29 -71.83
C GLY O 46 48.34 63.23 -72.44
N LYS O 47 47.04 63.57 -72.44
CA LYS O 47 46.04 62.65 -72.97
C LYS O 47 46.28 62.37 -74.44
N LEU O 48 46.23 61.10 -74.81
CA LEU O 48 46.41 60.66 -76.19
C LEU O 48 45.03 60.55 -76.83
N LEU O 49 44.73 61.45 -77.76
CA LEU O 49 43.43 61.48 -78.40
C LEU O 49 43.29 60.29 -79.36
N SER O 50 42.06 60.09 -79.83
CA SER O 50 41.78 58.99 -80.74
C SER O 50 42.50 59.16 -82.08
N ASN O 51 42.80 60.39 -82.49
CA ASN O 51 43.53 60.66 -83.71
C ASN O 51 45.03 60.78 -83.50
N GLY O 52 45.52 60.52 -82.29
CA GLY O 52 46.94 60.54 -82.00
C GLY O 52 47.48 61.85 -81.50
N GLN O 53 46.68 62.92 -81.48
CA GLN O 53 47.16 64.19 -80.97
C GLN O 53 47.31 64.15 -79.46
N ILE O 54 48.31 64.88 -78.95
CA ILE O 54 48.61 64.91 -77.53
C ILE O 54 48.33 66.32 -77.02
N VAL O 55 47.48 66.42 -76.00
CA VAL O 55 47.12 67.70 -75.40
C VAL O 55 47.97 67.88 -74.14
N SER O 56 48.58 69.04 -74.00
CA SER O 56 49.41 69.32 -72.83
C SER O 56 48.56 69.32 -71.57
N PRO O 57 48.96 68.60 -70.53
CA PRO O 57 48.17 68.60 -69.29
C PRO O 57 48.06 69.99 -68.69
N LYS O 58 46.90 70.30 -68.13
CA LYS O 58 46.68 71.59 -67.50
C LYS O 58 47.35 71.70 -66.13
N VAL O 59 47.69 70.57 -65.52
CA VAL O 59 48.43 70.61 -64.26
C VAL O 59 49.88 70.99 -64.54
N LYS O 60 50.48 71.76 -63.61
CA LYS O 60 51.81 72.31 -63.82
C LYS O 60 52.79 71.94 -62.72
N LYS O 61 52.46 70.94 -61.88
CA LYS O 61 53.36 70.39 -60.87
C LYS O 61 53.60 71.36 -59.72
N GLY O 62 53.11 72.59 -59.86
CA GLY O 62 53.30 73.60 -58.83
C GLY O 62 51.99 74.10 -58.25
N ASP O 63 50.99 73.22 -58.19
CA ASP O 63 49.66 73.60 -57.77
C ASP O 63 49.09 72.57 -56.81
N LYS O 64 48.00 72.94 -56.15
CA LYS O 64 47.28 72.06 -55.23
C LYS O 64 46.11 71.43 -55.99
N VAL O 65 46.10 70.10 -56.04
CA VAL O 65 45.07 69.35 -56.74
C VAL O 65 44.29 68.52 -55.72
N VAL O 66 42.97 68.56 -55.85
CA VAL O 66 42.06 67.82 -54.98
C VAL O 66 41.42 66.71 -55.79
N PHE O 67 41.47 65.49 -55.26
CA PHE O 67 40.95 64.33 -55.96
C PHE O 67 39.53 64.03 -55.49
N ASN O 68 38.94 63.00 -56.09
CA ASN O 68 37.75 62.41 -55.52
C ASN O 68 38.14 61.53 -54.33
N LYS O 69 37.14 60.93 -53.68
CA LYS O 69 37.38 60.22 -52.43
C LYS O 69 38.32 59.04 -52.64
N TYR O 70 38.15 58.28 -53.72
CA TYR O 70 38.96 57.08 -53.97
C TYR O 70 39.72 57.17 -55.29
N ALA O 71 40.19 58.36 -55.66
CA ALA O 71 40.88 58.53 -56.93
C ALA O 71 42.30 57.97 -56.86
N GLY O 72 42.78 57.48 -57.99
CA GLY O 72 44.16 57.07 -58.12
C GLY O 72 44.44 55.72 -57.49
N THR O 73 45.69 55.27 -57.66
CA THR O 73 46.17 54.03 -57.08
C THR O 73 47.51 54.29 -56.40
N GLU O 74 47.66 53.79 -55.18
CA GLU O 74 48.88 53.98 -54.43
C GLU O 74 50.06 53.28 -55.11
N VAL O 75 51.21 53.93 -55.07
CA VAL O 75 52.46 53.34 -55.53
C VAL O 75 53.53 53.63 -54.48
N GLU O 76 54.43 52.67 -54.27
CA GLU O 76 55.52 52.81 -53.31
C GLU O 76 56.83 53.05 -54.03
N LEU O 77 57.56 54.07 -53.57
CA LEU O 77 58.84 54.43 -54.18
C LEU O 77 59.86 54.60 -53.07
N ASP O 78 60.82 53.66 -53.01
CA ASP O 78 61.97 53.65 -52.10
C ASP O 78 61.64 54.17 -50.69
N GLY O 79 60.48 53.78 -50.17
CA GLY O 79 60.11 54.07 -48.81
C GLY O 79 58.96 55.04 -48.63
N GLU O 80 58.78 55.99 -49.53
CA GLU O 80 57.66 56.92 -49.42
C GLU O 80 56.46 56.41 -50.21
N LYS O 81 55.33 57.09 -50.02
CA LYS O 81 54.07 56.73 -50.64
C LYS O 81 53.67 57.80 -51.65
N TYR O 82 53.26 57.37 -52.83
CA TYR O 82 52.78 58.27 -53.87
C TYR O 82 51.47 57.74 -54.44
N LEU O 83 50.59 58.67 -54.79
CA LEU O 83 49.31 58.36 -55.41
C LEU O 83 49.33 58.90 -56.84
N ILE O 84 49.39 57.99 -57.81
CA ILE O 84 49.36 58.35 -59.21
C ILE O 84 47.92 58.25 -59.71
N MET O 85 47.58 59.07 -60.70
CA MET O 85 46.19 59.19 -61.12
C MET O 85 46.15 59.75 -62.53
N SER O 86 45.00 59.59 -63.17
CA SER O 86 44.78 60.17 -64.48
C SER O 86 44.31 61.63 -64.35
N GLU O 87 44.40 62.35 -65.46
CA GLU O 87 44.04 63.77 -65.48
C GLU O 87 42.52 64.00 -65.45
N ASP O 88 41.70 63.02 -65.84
CA ASP O 88 40.26 63.21 -65.94
C ASP O 88 39.51 62.82 -64.66
N GLU O 89 40.21 62.37 -63.62
CA GLU O 89 39.56 62.04 -62.37
C GLU O 89 39.94 62.97 -61.22
N VAL O 90 40.88 63.90 -61.44
CA VAL O 90 41.05 65.01 -60.51
C VAL O 90 40.02 66.08 -60.82
N LEU O 91 39.34 66.55 -59.78
CA LEU O 91 38.15 67.39 -59.96
C LEU O 91 38.42 68.88 -59.94
N ALA O 92 39.45 69.34 -59.24
CA ALA O 92 39.72 70.78 -59.17
C ALA O 92 41.19 70.99 -58.83
N VAL O 93 41.66 72.22 -59.06
CA VAL O 93 43.03 72.60 -58.80
C VAL O 93 43.05 73.95 -58.11
N ILE O 94 43.97 74.09 -57.15
CA ILE O 94 44.20 75.35 -56.43
C ILE O 94 42.91 75.90 -55.84
N ALA P 2 -1.12 24.36 5.47
CA ALA P 2 -1.68 24.13 6.79
C ALA P 2 -0.64 24.35 7.88
N LYS P 3 -0.80 25.45 8.62
CA LYS P 3 0.14 25.78 9.68
C LYS P 3 -0.39 25.33 11.04
N LYS P 4 0.51 25.23 12.00
CA LYS P 4 0.16 25.04 13.39
C LYS P 4 0.97 26.02 14.24
N VAL P 5 0.31 26.62 15.22
CA VAL P 5 0.91 27.63 16.08
C VAL P 5 0.98 27.08 17.50
N ILE P 6 2.16 27.18 18.12
CA ILE P 6 2.36 26.77 19.50
C ILE P 6 2.82 27.98 20.29
N TYR P 7 2.48 28.00 21.58
CA TYR P 7 2.62 29.20 22.39
C TYR P 7 3.35 28.90 23.69
N GLY P 8 3.93 29.95 24.26
CA GLY P 8 4.35 29.91 25.66
C GLY P 8 5.43 28.89 25.93
N GLU P 9 5.24 28.13 27.01
CA GLU P 9 6.26 27.19 27.47
C GLU P 9 6.55 26.13 26.42
N ASP P 10 5.51 25.65 25.72
CA ASP P 10 5.71 24.67 24.68
C ASP P 10 6.59 25.22 23.56
N ALA P 11 6.37 26.48 23.18
CA ALA P 11 7.18 27.09 22.13
C ALA P 11 8.65 27.19 22.54
N ARG P 12 8.90 27.64 23.77
CA ARG P 12 10.27 27.81 24.22
C ARG P 12 10.94 26.45 24.46
N ALA P 13 10.17 25.43 24.82
CA ALA P 13 10.74 24.11 24.98
C ALA P 13 11.28 23.57 23.65
N ARG P 14 10.54 23.80 22.56
CA ARG P 14 11.01 23.37 21.25
C ARG P 14 12.28 24.11 20.85
N LEU P 15 12.30 25.42 21.05
CA LEU P 15 13.47 26.21 20.68
C LEU P 15 14.69 25.79 21.49
N LYS P 16 14.51 25.56 22.78
CA LYS P 16 15.64 25.17 23.63
C LYS P 16 16.20 23.83 23.18
N ALA P 17 15.33 22.88 22.82
CA ALA P 17 15.81 21.57 22.35
C ALA P 17 16.59 21.71 21.04
N GLY P 18 16.11 22.56 20.13
CA GLY P 18 16.83 22.75 18.88
C GLY P 18 18.17 23.42 19.08
N VAL P 19 18.22 24.45 19.94
CA VAL P 19 19.48 25.14 20.20
C VAL P 19 20.47 24.20 20.88
N ASP P 20 20.01 23.42 21.86
CA ASP P 20 20.91 22.55 22.61
C ASP P 20 21.51 21.48 21.71
N LYS P 21 20.70 20.87 20.85
CA LYS P 21 21.20 19.80 20.00
C LYS P 21 22.23 20.32 18.99
N LEU P 22 22.07 21.55 18.51
CA LEU P 22 23.07 22.14 17.64
C LEU P 22 24.32 22.51 18.42
N ALA P 23 24.15 23.11 19.60
CA ALA P 23 25.29 23.57 20.38
C ALA P 23 26.09 22.41 20.94
N ASN P 24 25.44 21.31 21.31
CA ASN P 24 26.16 20.17 21.87
C ASN P 24 27.11 19.57 20.85
N ALA P 25 26.76 19.61 19.56
CA ALA P 25 27.65 19.08 18.54
C ALA P 25 28.86 19.99 18.32
N VAL P 26 28.64 21.30 18.30
CA VAL P 26 29.73 22.24 18.02
C VAL P 26 30.69 22.32 19.21
N LYS P 27 30.17 22.30 20.43
CA LYS P 27 30.99 22.60 21.60
C LYS P 27 32.05 21.55 21.88
N VAL P 28 31.97 20.37 21.26
CA VAL P 28 32.98 19.35 21.48
C VAL P 28 34.29 19.72 20.81
N THR P 29 34.29 20.73 19.95
CA THR P 29 35.48 21.15 19.23
C THR P 29 36.19 22.33 19.89
N LEU P 30 35.74 22.76 21.06
CA LEU P 30 36.27 23.97 21.67
C LEU P 30 37.53 23.65 22.49
N GLY P 31 38.52 24.52 22.37
CA GLY P 31 39.72 24.43 23.17
C GLY P 31 40.84 23.68 22.50
N PRO P 32 42.01 23.61 23.15
CA PRO P 32 43.13 22.87 22.58
C PRO P 32 42.97 21.38 22.72
N ARG P 33 42.21 20.95 23.72
CA ARG P 33 41.90 19.54 23.92
C ARG P 33 40.59 19.14 23.26
N GLY P 34 39.96 20.05 22.52
CA GLY P 34 38.73 19.72 21.83
C GLY P 34 38.95 18.70 20.73
N ARG P 35 37.90 17.95 20.42
CA ARG P 35 37.95 16.87 19.46
C ARG P 35 37.16 17.25 18.21
N GLU P 36 37.35 16.46 17.16
CA GLU P 36 36.82 16.79 15.85
C GLU P 36 35.53 16.04 15.56
N VAL P 37 34.85 16.46 14.49
CA VAL P 37 33.56 15.92 14.10
C VAL P 37 33.67 15.46 12.65
N ILE P 38 33.18 14.24 12.38
CA ILE P 38 33.13 13.69 11.04
C ILE P 38 31.74 13.96 10.46
N ILE P 39 31.70 14.57 9.29
CA ILE P 39 30.46 14.95 8.64
C ILE P 39 30.28 14.10 7.39
N GLU P 40 29.13 13.43 7.30
CA GLU P 40 28.85 12.60 6.13
C GLU P 40 28.66 13.47 4.89
N LYS P 41 29.22 13.02 3.78
CA LYS P 41 29.05 13.67 2.49
C LYS P 41 28.30 12.73 1.56
N LYS P 42 27.46 13.31 0.70
CA LYS P 42 26.60 12.49 -0.15
C LYS P 42 27.42 11.62 -1.10
N TRP P 43 28.46 12.17 -1.71
CA TRP P 43 29.45 11.38 -2.43
C TRP P 43 30.84 11.71 -1.91
N GLY P 44 31.72 10.71 -1.95
CA GLY P 44 33.09 10.91 -1.58
C GLY P 44 33.37 10.66 -0.11
N THR P 45 34.61 10.98 0.27
CA THR P 45 35.05 10.76 1.64
C THR P 45 34.33 11.69 2.61
N PRO P 46 34.01 11.22 3.81
CA PRO P 46 33.46 12.13 4.83
C PRO P 46 34.47 13.19 5.23
N VAL P 47 33.99 14.32 5.73
CA VAL P 47 34.84 15.44 6.09
C VAL P 47 35.09 15.41 7.59
N VAL P 48 36.36 15.37 7.98
CA VAL P 48 36.75 15.47 9.38
C VAL P 48 37.19 16.90 9.64
N THR P 49 36.57 17.55 10.62
CA THR P 49 36.81 18.97 10.84
C THR P 49 36.69 19.31 12.31
N LYS P 50 37.42 20.35 12.71
CA LYS P 50 37.30 20.97 14.01
C LYS P 50 36.70 22.37 13.93
N ASP P 51 36.23 22.76 12.75
CA ASP P 51 35.74 24.11 12.53
C ASP P 51 34.30 24.24 13.00
N GLY P 52 34.01 25.27 13.78
CA GLY P 52 32.69 25.38 14.39
C GLY P 52 31.59 25.64 13.39
N VAL P 53 31.80 26.54 12.43
CA VAL P 53 30.74 26.90 11.50
C VAL P 53 30.49 25.77 10.51
N THR P 54 31.53 25.00 10.18
CA THR P 54 31.35 23.88 9.27
C THR P 54 30.41 22.83 9.84
N VAL P 55 30.55 22.53 11.14
CA VAL P 55 29.63 21.60 11.79
C VAL P 55 28.23 22.18 11.87
N ALA P 56 28.14 23.47 12.20
CA ALA P 56 26.83 24.10 12.38
C ALA P 56 26.05 24.13 11.08
N LYS P 57 26.72 24.41 9.96
CA LYS P 57 26.02 24.58 8.69
C LYS P 57 25.33 23.30 8.25
N GLU P 58 25.77 22.15 8.73
CA GLU P 58 25.21 20.88 8.28
C GLU P 58 24.03 20.41 9.13
N ILE P 59 23.79 21.05 10.27
CA ILE P 59 22.79 20.55 11.22
C ILE P 59 21.39 20.93 10.76
N GLU P 60 20.48 19.95 10.79
CA GLU P 60 19.09 20.16 10.44
C GLU P 60 18.27 19.06 11.10
N PHE P 61 17.08 19.41 11.60
CA PHE P 61 16.29 18.49 12.40
C PHE P 61 14.91 18.27 11.78
N LYS P 62 14.30 17.15 12.13
CA LYS P 62 13.01 16.78 11.58
C LYS P 62 11.88 17.61 12.18
N ASP P 63 11.91 17.87 13.48
CA ASP P 63 10.86 18.64 14.11
C ASP P 63 10.91 20.07 13.60
N PRO P 64 9.84 20.59 13.00
CA PRO P 64 9.89 21.95 12.45
C PRO P 64 10.14 23.01 13.50
N TYR P 65 9.63 22.84 14.72
CA TYR P 65 9.81 23.85 15.75
C TYR P 65 11.21 23.79 16.33
N GLU P 66 11.76 22.58 16.51
CA GLU P 66 13.14 22.46 16.95
C GLU P 66 14.10 22.94 15.87
N ASN P 67 13.71 22.83 14.59
CA ASN P 67 14.58 23.25 13.51
C ASN P 67 14.80 24.75 13.50
N MET P 68 13.76 25.54 13.80
CA MET P 68 13.92 26.99 13.81
C MET P 68 14.92 27.42 14.88
N GLY P 69 14.92 26.76 16.04
CA GLY P 69 15.92 27.05 17.04
C GLY P 69 17.32 26.79 16.54
N ALA P 70 17.50 25.70 15.79
CA ALA P 70 18.82 25.39 15.24
C ALA P 70 19.20 26.35 14.13
N GLN P 71 18.23 26.70 13.26
CA GLN P 71 18.55 27.54 12.12
C GLN P 71 18.88 28.97 12.54
N LEU P 72 18.28 29.45 13.64
CA LEU P 72 18.58 30.80 14.10
C LEU P 72 19.97 30.89 14.70
N VAL P 73 20.35 29.89 15.51
CA VAL P 73 21.69 29.88 16.09
C VAL P 73 22.76 29.65 15.04
N LYS P 74 22.44 28.92 13.97
CA LYS P 74 23.39 28.77 12.86
C LYS P 74 23.80 30.11 12.28
N GLU P 75 22.95 31.13 12.40
CA GLU P 75 23.32 32.46 11.90
C GLU P 75 24.44 33.07 12.73
N VAL P 76 24.52 32.72 14.01
CA VAL P 76 25.59 33.23 14.86
C VAL P 76 26.94 32.77 14.34
N ALA P 77 27.06 31.47 14.04
CA ALA P 77 28.32 30.95 13.51
C ALA P 77 28.58 31.47 12.09
N SER P 78 27.53 31.56 11.28
CA SER P 78 27.70 32.02 9.91
C SER P 78 28.18 33.48 9.86
N LYS P 79 27.58 34.33 10.68
CA LYS P 79 27.97 35.74 10.67
C LYS P 79 29.37 35.93 11.24
N THR P 80 29.72 35.19 12.28
CA THR P 80 31.06 35.30 12.85
C THR P 80 32.13 34.90 11.85
N SER P 81 31.88 33.83 11.10
CA SER P 81 32.84 33.40 10.09
C SER P 81 32.98 34.44 8.98
N ASP P 82 31.87 35.05 8.58
CA ASP P 82 31.91 36.06 7.54
C ASP P 82 32.71 37.28 7.98
N VAL P 83 32.54 37.69 9.23
CA VAL P 83 33.14 38.95 9.70
C VAL P 83 34.55 38.75 10.23
N ALA P 84 34.79 37.73 11.05
CA ALA P 84 36.09 37.57 11.68
C ALA P 84 36.84 36.37 11.14
N GLY P 85 36.13 35.34 10.71
CA GLY P 85 36.74 34.12 10.22
C GLY P 85 37.22 33.18 11.30
N ASP P 86 37.02 33.50 12.57
CA ASP P 86 37.43 32.65 13.68
C ASP P 86 36.54 32.98 14.86
N GLY P 87 36.50 32.08 15.83
CA GLY P 87 35.65 32.24 16.99
C GLY P 87 34.22 31.78 16.80
N THR P 88 33.95 30.94 15.79
CA THR P 88 32.59 30.51 15.54
C THR P 88 32.09 29.56 16.63
N THR P 89 32.97 28.74 17.20
CA THR P 89 32.55 27.86 18.28
C THR P 89 32.27 28.65 19.56
N THR P 90 33.09 29.66 19.83
CA THR P 90 32.84 30.52 20.99
C THR P 90 31.51 31.25 20.87
N ALA P 91 31.22 31.75 19.67
CA ALA P 91 29.97 32.46 19.45
C ALA P 91 28.77 31.54 19.65
N THR P 92 28.86 30.29 19.18
CA THR P 92 27.78 29.34 19.37
C THR P 92 27.60 29.00 20.85
N VAL P 93 28.70 28.84 21.57
CA VAL P 93 28.62 28.55 23.00
C VAL P 93 27.99 29.73 23.74
N LEU P 94 28.37 30.95 23.38
CA LEU P 94 27.80 32.14 24.01
C LEU P 94 26.30 32.24 23.74
N ALA P 95 25.90 31.95 22.50
CA ALA P 95 24.49 32.09 22.13
C ALA P 95 23.61 31.14 22.94
N GLN P 96 24.06 29.90 23.13
CA GLN P 96 23.29 28.96 23.95
C GLN P 96 23.18 29.43 25.40
N ALA P 97 24.27 29.98 25.94
CA ALA P 97 24.27 30.43 27.32
C ALA P 97 23.28 31.56 27.54
N ILE P 98 23.25 32.52 26.60
CA ILE P 98 22.31 33.64 26.72
C ILE P 98 20.88 33.16 26.62
N PHE P 99 20.60 32.28 25.66
CA PHE P 99 19.23 31.80 25.47
C PHE P 99 18.78 30.95 26.65
N ASN P 100 19.63 30.04 27.12
CA ASN P 100 19.25 29.20 28.24
C ASN P 100 19.03 30.02 29.50
N GLU P 101 19.89 31.01 29.76
CA GLU P 101 19.72 31.87 30.92
C GLU P 101 18.49 32.75 30.76
N GLY P 102 18.22 33.23 29.55
CA GLY P 102 17.08 34.10 29.33
C GLY P 102 15.76 33.39 29.55
N LEU P 103 15.68 32.12 29.17
CA LEU P 103 14.45 31.36 29.37
C LEU P 103 14.12 31.22 30.84
N ARG P 104 15.13 31.04 31.69
CA ARG P 104 14.88 30.96 33.13
C ARG P 104 14.31 32.26 33.67
N ALA P 105 14.83 33.39 33.22
CA ALA P 105 14.32 34.68 33.67
C ALA P 105 12.88 34.89 33.21
N ILE P 106 12.59 34.51 31.96
CA ILE P 106 11.24 34.67 31.42
C ILE P 106 10.27 33.75 32.16
N ALA P 107 10.71 32.55 32.50
CA ALA P 107 9.84 31.63 33.23
C ALA P 107 9.49 32.16 34.61
N SER P 108 10.29 33.08 35.15
CA SER P 108 9.99 33.69 36.43
C SER P 108 9.05 34.90 36.32
N GLY P 109 8.65 35.27 35.12
CA GLY P 109 7.71 36.35 34.92
C GLY P 109 8.31 37.64 34.37
N ALA P 110 9.59 37.66 34.03
CA ALA P 110 10.21 38.87 33.52
C ALA P 110 9.69 39.20 32.13
N ASN P 111 9.69 40.48 31.79
CA ASN P 111 9.23 40.93 30.49
C ASN P 111 10.27 40.60 29.43
N PRO P 112 9.93 39.82 28.39
CA PRO P 112 10.94 39.46 27.39
C PRO P 112 11.58 40.65 26.68
N MET P 113 10.82 41.72 26.44
CA MET P 113 11.38 42.86 25.72
C MET P 113 12.36 43.64 26.59
N ASP P 114 12.10 43.74 27.89
CA ASP P 114 13.01 44.43 28.79
C ASP P 114 14.30 43.67 28.98
N ILE P 115 14.24 42.33 28.96
CA ILE P 115 15.45 41.52 29.05
C ILE P 115 16.37 41.81 27.86
N LYS P 116 15.79 41.90 26.67
CA LYS P 116 16.57 42.21 25.48
C LYS P 116 17.22 43.59 25.58
N ARG P 117 16.48 44.56 26.13
CA ARG P 117 17.06 45.89 26.33
C ARG P 117 18.18 45.85 27.34
N GLY P 118 18.04 45.07 28.41
CA GLY P 118 19.12 44.92 29.37
C GLY P 118 20.32 44.22 28.77
N ILE P 119 20.08 43.23 27.92
CA ILE P 119 21.18 42.52 27.27
C ILE P 119 21.96 43.46 26.37
N ASP P 120 21.27 44.33 25.64
CA ASP P 120 21.95 45.27 24.74
C ASP P 120 22.86 46.21 25.51
N LYS P 121 22.40 46.70 26.67
CA LYS P 121 23.24 47.58 27.47
C LYS P 121 24.49 46.86 27.97
N ALA P 122 24.34 45.60 28.40
CA ALA P 122 25.47 44.85 28.92
C ALA P 122 26.52 44.61 27.84
N VAL P 123 26.09 44.31 26.62
CA VAL P 123 27.03 44.03 25.54
C VAL P 123 27.81 45.30 25.19
N GLU P 124 27.15 46.46 25.24
CA GLU P 124 27.86 47.71 25.00
C GLU P 124 28.97 47.93 26.01
N THR P 125 28.70 47.63 27.28
CA THR P 125 29.73 47.73 28.31
C THR P 125 30.83 46.72 28.09
N VAL P 126 30.46 45.47 27.77
CA VAL P 126 31.45 44.41 27.61
C VAL P 126 32.37 44.71 26.45
N VAL P 127 31.83 45.17 25.33
CA VAL P 127 32.65 45.50 24.17
C VAL P 127 33.60 46.64 24.50
N ASN P 128 33.10 47.66 25.21
CA ASN P 128 33.96 48.77 25.62
C ASN P 128 35.08 48.28 26.54
N GLU P 129 34.76 47.39 27.47
CA GLU P 129 35.76 46.87 28.38
C GLU P 129 36.81 46.04 27.64
N ILE P 130 36.40 45.28 26.62
CA ILE P 130 37.34 44.46 25.87
C ILE P 130 38.34 45.34 25.15
N LYS P 131 37.87 46.44 24.55
CA LYS P 131 38.77 47.34 23.82
C LYS P 131 39.82 47.93 24.74
N LYS P 132 39.45 48.23 25.99
CA LYS P 132 40.43 48.72 26.94
C LYS P 132 41.49 47.67 27.26
N LEU P 133 41.10 46.41 27.30
CA LEU P 133 42.03 45.32 27.58
C LEU P 133 42.88 44.94 26.37
N SER P 134 42.54 45.44 25.18
CA SER P 134 43.28 45.08 23.98
C SER P 134 44.66 45.71 23.98
N ILE P 135 45.62 44.98 23.43
CA ILE P 135 47.00 45.46 23.29
C ILE P 135 47.35 45.39 21.80
N PRO P 136 47.91 46.46 21.22
CA PRO P 136 48.24 46.43 19.79
C PRO P 136 49.37 45.44 19.50
N VAL P 137 49.36 44.91 18.28
CA VAL P 137 50.38 43.96 17.86
C VAL P 137 51.69 44.70 17.65
N SER P 138 52.75 44.22 18.32
CA SER P 138 54.05 44.89 18.24
C SER P 138 54.87 44.43 17.05
N GLY P 139 54.72 43.18 16.63
CA GLY P 139 55.52 42.70 15.51
C GLY P 139 55.35 41.20 15.34
N ARG P 140 56.47 40.55 15.01
CA ARG P 140 56.43 39.13 14.64
C ARG P 140 56.09 38.23 15.81
N LYS P 141 56.43 38.65 17.04
CA LYS P 141 56.20 37.78 18.19
C LYS P 141 54.72 37.48 18.38
N GLU P 142 53.88 38.51 18.32
CA GLU P 142 52.44 38.28 18.49
C GLU P 142 51.83 37.65 17.25
N ILE P 143 52.35 37.97 16.07
CA ILE P 143 51.83 37.38 14.84
C ILE P 143 52.02 35.87 14.85
N GLU P 144 53.22 35.43 15.24
CA GLU P 144 53.49 34.00 15.33
C GLU P 144 52.67 33.34 16.43
N GLN P 145 52.47 34.04 17.54
CA GLN P 145 51.70 33.48 18.65
C GLN P 145 50.23 33.33 18.29
N VAL P 146 49.66 34.32 17.59
CA VAL P 146 48.26 34.26 17.18
C VAL P 146 48.05 33.13 16.19
N ALA P 147 48.96 32.99 15.22
CA ALA P 147 48.83 31.94 14.22
C ALA P 147 48.93 30.56 14.85
N THR P 148 49.84 30.40 15.82
CA THR P 148 50.01 29.12 16.48
C THR P 148 48.75 28.70 17.22
N ILE P 149 48.13 29.64 17.95
CA ILE P 149 46.95 29.30 18.74
C ILE P 149 45.76 29.00 17.84
N SER P 150 45.55 29.81 16.81
CA SER P 150 44.40 29.60 15.93
C SER P 150 44.54 28.33 15.10
N ALA P 151 45.77 27.86 14.89
CA ALA P 151 46.02 26.61 14.20
C ALA P 151 46.03 25.41 15.13
N ASN P 152 45.39 25.52 16.30
CA ASN P 152 45.32 24.45 17.30
C ASN P 152 46.70 24.06 17.79
N ASN P 153 47.44 25.06 18.29
CA ASN P 153 48.77 24.86 18.89
C ASN P 153 49.73 24.16 17.94
N ASP P 154 49.72 24.56 16.67
CA ASP P 154 50.63 23.98 15.67
C ASP P 154 51.70 25.02 15.36
N ALA P 155 52.89 24.84 15.93
CA ALA P 155 53.96 25.81 15.74
C ALA P 155 54.48 25.84 14.32
N THR P 156 54.39 24.73 13.58
CA THR P 156 54.84 24.71 12.20
C THR P 156 54.02 25.67 11.35
N ILE P 157 52.70 25.66 11.52
CA ILE P 157 51.84 26.57 10.77
C ILE P 157 52.10 28.02 11.17
N GLY P 158 52.33 28.24 12.47
CA GLY P 158 52.59 29.60 12.93
C GLY P 158 53.83 30.20 12.31
N LYS P 159 54.88 29.39 12.14
CA LYS P 159 56.11 29.89 11.52
C LYS P 159 55.88 30.30 10.07
N ILE P 160 55.11 29.49 9.33
CA ILE P 160 54.89 29.78 7.91
C ILE P 160 54.09 31.06 7.73
N ILE P 161 53.03 31.23 8.53
CA ILE P 161 52.18 32.40 8.39
C ILE P 161 52.91 33.67 8.80
N ALA P 162 53.75 33.58 9.84
CA ALA P 162 54.55 34.73 10.24
C ALA P 162 55.49 35.16 9.12
N ASP P 163 56.08 34.21 8.42
CA ASP P 163 56.92 34.53 7.27
C ASP P 163 56.10 35.17 6.15
N ALA P 164 54.89 34.65 5.91
CA ALA P 164 54.05 35.17 4.83
C ALA P 164 53.64 36.61 5.10
N MET P 165 53.33 36.93 6.36
CA MET P 165 52.95 38.31 6.70
C MET P 165 54.09 39.27 6.41
N GLU P 166 55.31 38.89 6.77
CA GLU P 166 56.47 39.75 6.52
C GLU P 166 56.73 39.93 5.03
N ALA P 167 56.57 38.86 4.25
CA ALA P 167 56.90 38.92 2.83
C ALA P 167 55.99 39.86 2.07
N VAL P 168 54.67 39.74 2.27
CA VAL P 168 53.73 40.57 1.53
C VAL P 168 53.50 41.93 2.16
N GLY P 169 53.96 42.14 3.38
CA GLY P 169 53.83 43.45 4.00
C GLY P 169 52.43 43.74 4.51
N LYS P 170 52.21 45.04 4.79
CA LYS P 170 50.96 45.48 5.39
C LYS P 170 49.79 45.35 4.42
N ASP P 171 49.99 45.62 3.14
CA ASP P 171 48.91 45.62 2.16
C ASP P 171 48.86 44.37 1.31
N GLY P 172 49.64 43.34 1.64
CA GLY P 172 49.61 42.11 0.87
C GLY P 172 48.44 41.22 1.24
N VAL P 173 48.31 40.14 0.48
CA VAL P 173 47.26 39.15 0.68
C VAL P 173 47.88 37.77 0.72
N ILE P 174 47.34 36.90 1.56
CA ILE P 174 47.81 35.53 1.70
C ILE P 174 46.70 34.59 1.23
N THR P 175 47.06 33.64 0.37
CA THR P 175 46.11 32.69 -0.20
C THR P 175 46.52 31.28 0.18
N VAL P 176 45.54 30.47 0.56
CA VAL P 176 45.76 29.09 0.99
C VAL P 176 45.24 28.16 -0.09
N GLU P 177 46.09 27.24 -0.54
CA GLU P 177 45.75 26.29 -1.59
C GLU P 177 46.21 24.90 -1.18
N GLU P 178 45.72 23.91 -1.93
CA GLU P 178 46.11 22.52 -1.70
C GLU P 178 47.38 22.20 -2.49
N SER P 179 48.39 21.70 -1.81
CA SER P 179 49.61 21.28 -2.49
C SER P 179 49.40 19.93 -3.15
N LYS P 180 50.12 19.71 -4.25
CA LYS P 180 50.02 18.44 -4.96
C LYS P 180 50.90 17.36 -4.35
N SER P 181 51.72 17.70 -3.36
CA SER P 181 52.60 16.74 -2.71
C SER P 181 52.34 16.76 -1.21
N ALA P 182 53.10 15.95 -0.48
CA ALA P 182 52.90 15.85 0.96
C ALA P 182 53.48 17.03 1.72
N GLU P 183 54.39 17.79 1.12
CA GLU P 183 55.03 18.90 1.82
C GLU P 183 54.16 20.15 1.77
N THR P 184 54.25 20.95 2.83
CA THR P 184 53.60 22.25 2.89
C THR P 184 54.65 23.33 2.63
N THR P 185 54.40 24.17 1.62
CA THR P 185 55.37 25.15 1.19
C THR P 185 54.75 26.53 1.15
N LEU P 186 55.60 27.55 1.24
CA LEU P 186 55.20 28.94 1.13
C LEU P 186 55.84 29.52 -0.13
N GLU P 187 55.03 30.14 -0.98
CA GLU P 187 55.49 30.73 -2.23
C GLU P 187 55.05 32.18 -2.27
N THR P 188 56.02 33.09 -2.43
CA THR P 188 55.76 34.51 -2.45
C THR P 188 56.24 35.12 -3.76
N VAL P 189 55.45 36.04 -4.30
CA VAL P 189 55.81 36.78 -5.50
C VAL P 189 55.43 38.24 -5.28
N GLN P 190 56.24 39.14 -5.83
CA GLN P 190 56.06 40.57 -5.66
C GLN P 190 55.97 41.23 -7.02
N GLY P 191 55.29 42.37 -7.07
CA GLY P 191 55.07 43.07 -8.32
C GLY P 191 53.87 42.54 -9.08
N MET P 192 53.68 43.08 -10.28
CA MET P 192 52.55 42.69 -11.11
C MET P 192 52.72 41.28 -11.62
N GLN P 193 51.61 40.54 -11.70
CA GLN P 193 51.60 39.17 -12.16
C GLN P 193 50.18 38.80 -12.59
N PHE P 194 50.07 38.11 -13.72
CA PHE P 194 48.76 37.70 -14.20
C PHE P 194 48.89 36.38 -14.96
N ASP P 195 47.73 35.82 -15.32
CA ASP P 195 47.64 34.44 -15.78
C ASP P 195 47.71 34.31 -17.30
N ARG P 196 48.43 35.21 -17.96
CA ARG P 196 48.56 35.17 -19.41
C ARG P 196 50.04 35.20 -19.77
N GLY P 197 50.35 34.73 -20.98
CA GLY P 197 51.71 34.83 -21.48
C GLY P 197 52.00 33.73 -22.49
N TYR P 198 53.19 33.85 -23.09
CA TYR P 198 53.75 32.84 -23.97
C TYR P 198 52.86 32.55 -25.17
N LEU P 199 52.67 33.53 -26.04
CA LEU P 199 51.88 33.31 -27.25
C LEU P 199 52.55 32.34 -28.20
N SER P 200 53.88 32.23 -28.15
CA SER P 200 54.61 31.32 -29.03
C SER P 200 55.87 30.85 -28.34
N PRO P 201 56.21 29.56 -28.45
CA PRO P 201 57.43 29.07 -27.79
C PRO P 201 58.72 29.65 -28.33
N TYR P 202 58.70 30.27 -29.52
CA TYR P 202 59.94 30.75 -30.13
C TYR P 202 60.52 31.96 -29.42
N PHE P 203 59.81 32.53 -28.45
CA PHE P 203 60.34 33.64 -27.67
C PHE P 203 61.28 33.20 -26.56
N VAL P 204 61.83 32.00 -26.64
CA VAL P 204 62.70 31.48 -25.59
C VAL P 204 63.97 32.33 -25.48
N THR P 205 64.29 32.74 -24.25
CA THR P 205 65.59 33.28 -23.94
C THR P 205 66.41 32.37 -23.03
N ASN P 206 65.78 31.43 -22.34
CA ASN P 206 66.47 30.45 -21.52
C ASN P 206 65.78 29.10 -21.73
N PRO P 207 66.27 28.27 -22.65
CA PRO P 207 65.62 26.98 -22.91
C PRO P 207 65.69 26.03 -21.73
N ASP P 208 66.60 26.25 -20.77
CA ASP P 208 66.68 25.37 -19.62
C ASP P 208 65.40 25.42 -18.78
N LYS P 209 64.84 26.62 -18.60
CA LYS P 209 63.70 26.81 -17.72
C LYS P 209 62.40 27.12 -18.46
N MET P 210 62.42 27.12 -19.79
CA MET P 210 61.23 27.39 -20.60
C MET P 210 60.59 28.73 -20.22
N GLU P 211 61.38 29.80 -20.35
CA GLU P 211 60.95 31.12 -19.92
C GLU P 211 61.57 32.19 -20.81
N ALA P 212 61.00 33.38 -20.79
CA ALA P 212 61.45 34.50 -21.59
C ALA P 212 61.75 35.69 -20.67
N VAL P 213 62.97 36.22 -20.78
CA VAL P 213 63.42 37.37 -20.00
C VAL P 213 63.82 38.49 -20.94
N LEU P 214 63.29 39.69 -20.71
CA LEU P 214 63.70 40.88 -21.43
C LEU P 214 64.27 41.89 -20.44
N GLU P 215 65.47 42.40 -20.75
CA GLU P 215 66.19 43.31 -19.86
C GLU P 215 65.81 44.74 -20.17
N ASP P 216 65.29 45.45 -19.16
CA ASP P 216 64.77 46.81 -19.30
C ASP P 216 63.79 46.89 -20.47
N PRO P 217 62.71 46.09 -20.47
CA PRO P 217 61.86 46.03 -21.65
C PRO P 217 60.90 47.20 -21.76
N PHE P 218 60.52 47.50 -22.99
CA PHE P 218 59.35 48.33 -23.24
C PHE P 218 58.11 47.45 -23.30
N ILE P 219 57.04 47.89 -22.64
CA ILE P 219 55.78 47.17 -22.66
C ILE P 219 54.79 47.94 -23.52
N LEU P 220 53.90 47.21 -24.19
CA LEU P 220 52.93 47.79 -25.11
C LEU P 220 51.54 47.40 -24.65
N ILE P 221 50.75 48.39 -24.24
CA ILE P 221 49.41 48.17 -23.71
C ILE P 221 48.43 48.53 -24.80
N TYR P 222 47.86 47.52 -25.45
CA TYR P 222 46.93 47.69 -26.53
C TYR P 222 45.71 46.82 -26.28
N GLU P 223 44.52 47.36 -26.61
CA GLU P 223 43.28 46.68 -26.22
C GLU P 223 42.92 45.56 -27.19
N LYS P 224 42.70 45.90 -28.46
CA LYS P 224 42.09 44.98 -29.39
C LYS P 224 43.13 44.03 -30.00
N LYS P 225 42.73 43.35 -31.06
CA LYS P 225 43.60 42.39 -31.73
C LYS P 225 44.68 43.10 -32.54
N ILE P 226 45.82 42.43 -32.69
CA ILE P 226 46.84 42.82 -33.66
C ILE P 226 46.78 41.80 -34.79
N SER P 227 46.11 42.17 -35.88
CA SER P 227 45.80 41.20 -36.93
C SER P 227 46.33 41.58 -38.31
N ASN P 228 47.26 42.53 -38.40
CA ASN P 228 47.82 42.91 -39.69
C ASN P 228 49.27 43.33 -39.50
N VAL P 229 50.06 43.20 -40.57
CA VAL P 229 51.49 43.48 -40.49
C VAL P 229 51.76 44.97 -40.41
N LYS P 230 50.98 45.79 -41.14
CA LYS P 230 51.32 47.19 -41.38
C LYS P 230 51.47 47.93 -40.06
N ASP P 231 50.46 47.86 -39.19
CA ASP P 231 50.52 48.62 -37.94
C ASP P 231 51.59 48.10 -36.99
N LEU P 232 52.09 46.89 -37.22
CA LEU P 232 53.14 46.33 -36.37
C LEU P 232 54.51 46.90 -36.73
N LEU P 233 54.65 47.46 -37.93
CA LEU P 233 55.91 48.11 -38.30
C LEU P 233 56.22 49.36 -37.47
N PRO P 234 55.31 50.32 -37.27
CA PRO P 234 55.70 51.53 -36.51
C PRO P 234 56.21 51.26 -35.11
N VAL P 235 55.61 50.29 -34.40
CA VAL P 235 56.12 49.94 -33.08
C VAL P 235 57.50 49.29 -33.20
N LEU P 236 57.66 48.39 -34.19
CA LEU P 236 58.97 47.79 -34.42
C LEU P 236 59.98 48.84 -34.87
N GLU P 237 59.54 49.79 -35.69
CA GLU P 237 60.44 50.84 -36.17
C GLU P 237 61.01 51.64 -35.00
N ASN P 238 60.17 51.93 -34.01
CA ASN P 238 60.63 52.68 -32.85
C ASN P 238 61.60 51.88 -31.99
N VAL P 239 61.35 50.58 -31.80
CA VAL P 239 62.15 49.81 -30.86
C VAL P 239 63.50 49.42 -31.46
N VAL P 240 63.54 49.18 -32.78
CA VAL P 240 64.82 48.89 -33.42
C VAL P 240 65.71 50.12 -33.39
N ARG P 241 65.11 51.31 -33.42
CA ARG P 241 65.89 52.55 -33.35
C ARG P 241 66.57 52.68 -31.99
N ALA P 242 65.87 52.35 -30.90
CA ALA P 242 66.48 52.43 -29.58
C ALA P 242 67.20 51.14 -29.20
N GLY P 243 66.95 50.05 -29.93
CA GLY P 243 67.60 48.79 -29.62
C GLY P 243 67.27 48.18 -28.28
N LYS P 244 66.00 48.23 -27.89
CA LYS P 244 65.56 47.72 -26.59
C LYS P 244 64.47 46.66 -26.77
N PRO P 245 64.32 45.74 -25.83
CA PRO P 245 63.31 44.69 -25.96
C PRO P 245 61.90 45.25 -25.81
N LEU P 246 60.95 44.52 -26.40
CA LEU P 246 59.56 44.95 -26.43
C LEU P 246 58.69 43.83 -25.87
N LEU P 247 57.72 44.20 -25.05
CA LEU P 247 56.70 43.27 -24.56
C LEU P 247 55.34 43.80 -24.99
N ILE P 248 54.55 42.93 -25.61
CA ILE P 248 53.26 43.31 -26.19
C ILE P 248 52.15 42.70 -25.37
N ILE P 249 51.22 43.53 -24.93
CA ILE P 249 49.99 43.09 -24.27
C ILE P 249 48.83 43.52 -25.15
N ALA P 250 48.04 42.54 -25.60
CA ALA P 250 46.92 42.81 -26.48
C ALA P 250 45.91 41.69 -26.34
N GLU P 251 44.76 41.89 -27.00
CA GLU P 251 43.73 40.85 -26.99
C GLU P 251 44.25 39.57 -27.63
N ASP P 252 44.94 39.69 -28.76
CA ASP P 252 45.58 38.56 -29.41
C ASP P 252 46.53 39.07 -30.48
N VAL P 253 47.46 38.21 -30.87
CA VAL P 253 48.36 38.45 -31.98
C VAL P 253 48.28 37.23 -32.91
N GLU P 254 47.53 37.35 -33.99
CA GLU P 254 47.30 36.21 -34.86
C GLU P 254 48.51 35.96 -35.75
N ALA P 255 48.36 34.97 -36.63
CA ALA P 255 49.52 34.41 -37.34
C ALA P 255 50.23 35.45 -38.20
N GLU P 256 49.47 36.26 -38.94
CA GLU P 256 50.09 37.23 -39.85
C GLU P 256 50.93 38.23 -39.07
N ALA P 257 50.40 38.76 -37.97
CA ALA P 257 51.18 39.67 -37.13
C ALA P 257 52.26 38.91 -36.36
N LEU P 258 51.89 37.76 -35.78
CA LEU P 258 52.82 37.02 -34.93
C LEU P 258 54.03 36.53 -35.73
N ALA P 259 53.81 36.16 -36.99
CA ALA P 259 54.93 35.68 -37.80
C ALA P 259 56.01 36.74 -37.95
N THR P 260 55.64 38.02 -37.86
CA THR P 260 56.63 39.09 -38.01
C THR P 260 57.63 39.07 -36.87
N LEU P 261 57.14 39.03 -35.62
CA LEU P 261 58.06 39.08 -34.48
C LEU P 261 58.90 37.82 -34.38
N VAL P 262 58.28 36.65 -34.51
CA VAL P 262 59.01 35.40 -34.29
C VAL P 262 60.12 35.23 -35.33
N VAL P 263 59.83 35.54 -36.60
CA VAL P 263 60.88 35.49 -37.62
C VAL P 263 61.96 36.52 -37.30
N ASN P 264 61.55 37.73 -36.92
CA ASN P 264 62.53 38.73 -36.51
C ASN P 264 63.26 38.33 -35.24
N HIS P 265 62.61 37.56 -34.37
CA HIS P 265 63.24 37.18 -33.11
C HIS P 265 64.36 36.16 -33.33
N ILE P 266 64.17 35.22 -34.26
CA ILE P 266 65.22 34.24 -34.55
C ILE P 266 66.46 34.94 -35.09
N LYS P 267 66.26 35.87 -36.02
CA LYS P 267 67.38 36.62 -36.59
C LYS P 267 68.00 37.60 -35.61
N GLY P 268 67.36 37.84 -34.46
CA GLY P 268 67.95 38.67 -33.43
C GLY P 268 67.91 40.16 -33.68
N VAL P 269 67.18 40.61 -34.71
CA VAL P 269 67.03 42.05 -34.90
C VAL P 269 66.27 42.68 -33.75
N ILE P 270 65.33 41.94 -33.16
CA ILE P 270 64.70 42.34 -31.90
C ILE P 270 64.61 41.11 -31.00
N ARG P 271 64.51 41.37 -29.70
CA ARG P 271 64.21 40.35 -28.70
C ARG P 271 62.93 40.76 -27.98
N ALA P 272 61.83 40.08 -28.31
CA ALA P 272 60.52 40.52 -27.88
C ALA P 272 59.64 39.31 -27.62
N CYS P 273 58.51 39.56 -26.94
CA CYS P 273 57.52 38.54 -26.69
C CYS P 273 56.15 39.19 -26.64
N ALA P 274 55.12 38.39 -26.92
CA ALA P 274 53.74 38.87 -26.91
C ALA P 274 52.92 38.00 -25.98
N VAL P 275 52.02 38.63 -25.22
CA VAL P 275 51.22 37.95 -24.22
C VAL P 275 49.76 38.32 -24.40
N LYS P 276 48.88 37.46 -23.90
CA LYS P 276 47.45 37.75 -23.95
C LYS P 276 47.07 38.80 -22.92
N ALA P 277 45.95 39.48 -23.18
CA ALA P 277 45.49 40.52 -22.26
C ALA P 277 44.91 39.87 -21.00
N PRO P 278 45.10 40.51 -19.84
CA PRO P 278 44.67 39.93 -18.54
C PRO P 278 43.20 40.13 -18.20
N GLY P 279 42.37 39.19 -18.64
CA GLY P 279 40.98 39.16 -18.21
C GLY P 279 39.96 39.46 -19.29
N PHE P 280 38.71 39.64 -18.89
CA PHE P 280 37.61 39.92 -19.81
C PHE P 280 36.78 41.08 -19.31
N GLY P 281 36.18 41.80 -20.24
CA GLY P 281 35.22 42.84 -19.89
C GLY P 281 35.81 43.93 -19.02
N GLN P 282 35.07 44.30 -17.97
CA GLN P 282 35.55 45.32 -17.04
C GLN P 282 36.83 44.88 -16.35
N ARG P 283 37.01 43.57 -16.17
CA ARG P 283 38.26 43.07 -15.58
C ARG P 283 39.44 43.35 -16.49
N ARG P 284 39.23 43.39 -17.81
CA ARG P 284 40.28 43.80 -18.75
C ARG P 284 40.71 45.24 -18.46
N LYS P 285 39.76 46.16 -18.42
CA LYS P 285 40.09 47.58 -18.33
C LYS P 285 40.83 47.90 -17.04
N ASP P 286 40.40 47.32 -15.93
CA ASP P 286 41.03 47.60 -14.65
C ASP P 286 42.48 47.11 -14.62
N TYR P 287 42.72 45.91 -15.14
CA TYR P 287 44.04 45.31 -15.03
C TYR P 287 45.10 46.10 -15.81
N LEU P 288 44.85 46.38 -17.08
CA LEU P 288 45.87 47.02 -17.90
C LEU P 288 46.05 48.49 -17.54
N GLN P 289 45.01 49.13 -17.00
CA GLN P 289 45.17 50.49 -16.49
C GLN P 289 46.16 50.51 -15.32
N ASP P 290 46.07 49.55 -14.42
CA ASP P 290 47.05 49.44 -13.35
C ASP P 290 48.44 49.13 -13.91
N ILE P 291 48.52 48.24 -14.91
CA ILE P 291 49.80 47.88 -15.49
C ILE P 291 50.46 49.10 -16.12
N ALA P 292 49.68 49.93 -16.82
CA ALA P 292 50.24 51.12 -17.45
C ALA P 292 50.72 52.13 -16.42
N ILE P 293 50.27 52.00 -15.17
CA ILE P 293 50.56 53.02 -14.17
C ILE P 293 51.97 52.86 -13.62
N LEU P 294 52.31 51.65 -13.16
CA LEU P 294 53.65 51.46 -12.59
C LEU P 294 54.72 51.33 -13.66
N THR P 295 54.35 51.24 -14.94
CA THR P 295 55.32 51.17 -16.02
C THR P 295 55.67 52.53 -16.60
N GLY P 296 55.01 53.60 -16.17
CA GLY P 296 55.33 54.93 -16.62
C GLY P 296 54.75 55.34 -17.96
N GLY P 297 54.01 54.45 -18.62
CA GLY P 297 53.43 54.78 -19.91
C GLY P 297 51.93 55.01 -19.82
N THR P 298 51.20 54.64 -20.88
CA THR P 298 49.75 54.78 -20.90
C THR P 298 49.16 53.62 -21.69
N ALA P 299 47.87 53.36 -21.45
CA ALA P 299 47.16 52.30 -22.15
C ALA P 299 46.49 52.88 -23.39
N ILE P 300 46.79 52.31 -24.55
CA ILE P 300 46.20 52.77 -25.80
C ILE P 300 44.80 52.16 -25.93
N THR P 301 43.79 52.91 -25.48
CA THR P 301 42.43 52.42 -25.46
C THR P 301 41.62 52.99 -26.63
N GLU P 302 40.44 52.40 -26.86
CA GLU P 302 39.54 52.93 -27.87
C GLU P 302 39.07 54.33 -27.52
N GLU P 303 38.82 54.60 -26.24
CA GLU P 303 38.40 55.92 -25.81
C GLU P 303 39.45 56.97 -26.15
N LEU P 304 40.72 56.70 -25.82
CA LEU P 304 41.78 57.66 -26.05
C LEU P 304 41.92 57.99 -27.52
N GLY P 305 41.73 57.01 -28.40
CA GLY P 305 41.65 57.26 -29.82
C GLY P 305 42.97 57.31 -30.57
N ILE P 306 44.10 57.06 -29.90
CA ILE P 306 45.37 57.01 -30.61
C ILE P 306 45.40 55.78 -31.50
N LYS P 307 45.54 56.00 -32.80
CA LYS P 307 45.68 54.90 -33.73
C LYS P 307 47.00 54.18 -33.50
N LEU P 308 46.97 52.84 -33.63
CA LEU P 308 48.16 52.05 -33.38
C LEU P 308 49.30 52.41 -34.31
N GLU P 309 48.97 52.90 -35.51
CA GLU P 309 50.00 53.34 -36.45
C GLU P 309 50.78 54.53 -35.89
N SER P 310 50.09 55.47 -35.26
CA SER P 310 50.69 56.74 -34.85
C SER P 310 51.35 56.71 -33.48
N VAL P 311 51.35 55.55 -32.81
CA VAL P 311 51.99 55.49 -31.51
C VAL P 311 53.51 55.68 -31.65
N THR P 312 54.15 56.02 -30.54
CA THR P 312 55.57 56.33 -30.55
C THR P 312 56.19 55.91 -29.23
N LEU P 313 57.45 56.31 -29.04
CA LEU P 313 58.20 55.96 -27.85
C LEU P 313 57.69 56.74 -26.64
N ASP P 314 57.08 57.90 -26.88
CA ASP P 314 56.71 58.81 -25.79
C ASP P 314 55.77 58.17 -24.79
N MET P 315 54.71 57.49 -25.23
CA MET P 315 53.82 56.81 -24.31
C MET P 315 54.08 55.31 -24.21
N LEU P 316 55.11 54.80 -24.85
CA LEU P 316 55.49 53.40 -24.68
C LEU P 316 56.11 53.21 -23.30
N GLY P 317 55.42 52.44 -22.46
CA GLY P 317 55.86 52.27 -21.08
C GLY P 317 57.14 51.47 -20.96
N ARG P 318 57.67 51.45 -19.75
CA ARG P 318 58.96 50.84 -19.48
C ARG P 318 58.90 50.00 -18.21
N ALA P 319 59.81 49.02 -18.13
CA ALA P 319 59.96 48.19 -16.96
C ALA P 319 61.42 47.76 -16.88
N ASP P 320 61.78 47.16 -15.75
CA ASP P 320 63.15 46.69 -15.56
C ASP P 320 63.33 45.22 -15.92
N LYS P 321 62.47 44.33 -15.41
CA LYS P 321 62.56 42.91 -15.70
C LYS P 321 61.17 42.33 -15.83
N VAL P 322 60.98 41.48 -16.84
CA VAL P 322 59.74 40.75 -17.05
C VAL P 322 60.09 39.28 -17.26
N ILE P 323 59.29 38.40 -16.65
CA ILE P 323 59.47 36.95 -16.77
C ILE P 323 58.21 36.38 -17.40
N VAL P 324 58.39 35.67 -18.51
CA VAL P 324 57.29 35.07 -19.25
C VAL P 324 57.50 33.57 -19.34
N ASP P 325 56.51 32.80 -18.91
CA ASP P 325 56.54 31.36 -19.03
C ASP P 325 55.25 30.89 -19.70
N LYS P 326 55.06 29.58 -19.73
CA LYS P 326 53.99 28.98 -20.52
C LYS P 326 52.62 29.51 -20.15
N ASP P 327 52.38 29.84 -18.87
CA ASP P 327 51.06 30.31 -18.46
C ASP P 327 51.12 31.46 -17.47
N ASN P 328 52.24 32.16 -17.34
CA ASN P 328 52.36 33.19 -16.32
C ASN P 328 53.32 34.27 -16.79
N THR P 329 53.03 35.51 -16.41
CA THR P 329 53.89 36.65 -16.68
C THR P 329 53.98 37.52 -15.43
N THR P 330 55.20 37.97 -15.14
CA THR P 330 55.46 38.81 -13.98
C THR P 330 56.22 40.05 -14.41
N ILE P 331 55.84 41.20 -13.84
CA ILE P 331 56.49 42.48 -14.10
C ILE P 331 57.01 43.00 -12.77
N VAL P 332 58.31 43.30 -12.72
CA VAL P 332 58.92 43.78 -11.48
C VAL P 332 58.46 45.18 -11.12
N GLY P 333 58.43 46.09 -12.06
CA GLY P 333 57.95 47.44 -11.79
C GLY P 333 59.00 48.49 -12.12
N GLY P 334 58.54 49.65 -12.58
CA GLY P 334 59.40 50.75 -12.94
C GLY P 334 59.60 51.81 -11.86
N LYS P 335 58.99 51.61 -10.68
CA LYS P 335 59.17 52.50 -9.54
C LYS P 335 58.66 53.91 -9.82
N GLY P 336 57.87 54.07 -10.87
CA GLY P 336 57.33 55.37 -11.22
C GLY P 336 55.92 55.57 -10.71
N SER P 337 55.40 56.78 -10.99
CA SER P 337 54.03 57.16 -10.63
C SER P 337 53.77 57.01 -9.13
N LYS P 338 54.59 57.65 -8.30
CA LYS P 338 54.38 57.58 -6.86
C LYS P 338 53.06 58.22 -6.45
N GLU P 339 52.73 59.37 -7.06
CA GLU P 339 51.46 60.02 -6.74
C GLU P 339 50.27 59.16 -7.15
N ALA P 340 50.41 58.45 -8.28
CA ALA P 340 49.34 57.56 -8.71
C ALA P 340 49.12 56.42 -7.73
N ILE P 341 50.20 55.69 -7.38
CA ILE P 341 50.04 54.47 -6.60
C ILE P 341 49.49 54.78 -5.20
N GLN P 342 49.91 55.92 -4.62
CA GLN P 342 49.28 56.36 -3.39
C GLN P 342 47.80 56.67 -3.62
N ALA P 343 47.46 57.28 -4.76
CA ALA P 343 46.07 57.55 -5.07
C ALA P 343 45.27 56.25 -5.13
N ARG P 344 45.73 55.28 -5.94
CA ARG P 344 44.94 54.05 -6.12
C ARG P 344 44.67 53.36 -4.80
N ILE P 345 45.63 53.43 -3.87
CA ILE P 345 45.42 52.88 -2.53
C ILE P 345 44.15 53.47 -1.92
N GLU P 346 43.86 54.73 -2.24
CA GLU P 346 42.77 55.44 -1.58
C GLU P 346 41.41 55.02 -2.11
N GLN P 347 41.16 55.20 -3.41
CA GLN P 347 39.83 54.92 -3.93
C GLN P 347 39.54 53.42 -3.91
N ILE P 348 40.55 52.58 -4.18
CA ILE P 348 40.30 51.14 -4.22
C ILE P 348 39.87 50.63 -2.84
N LYS P 349 40.50 51.13 -1.78
CA LYS P 349 40.01 50.86 -0.42
C LYS P 349 38.65 51.50 -0.22
N ARG P 350 38.48 52.73 -0.71
CA ARG P 350 37.16 53.35 -0.69
C ARG P 350 36.17 52.53 -1.51
N GLN P 351 36.64 51.91 -2.60
CA GLN P 351 35.79 50.99 -3.35
C GLN P 351 35.65 49.64 -2.66
N ILE P 352 36.69 49.19 -1.95
CA ILE P 352 36.63 47.88 -1.29
C ILE P 352 35.51 47.86 -0.26
N LEU P 353 35.41 48.92 0.55
CA LEU P 353 34.34 48.98 1.55
C LEU P 353 32.98 49.09 0.90
N GLU P 354 32.89 49.78 -0.23
CA GLU P 354 31.60 49.94 -0.92
C GLU P 354 31.23 48.67 -1.67
N THR P 355 32.21 47.95 -2.20
CA THR P 355 31.95 46.73 -2.94
C THR P 355 31.59 45.55 -2.05
N THR P 356 31.66 45.70 -0.72
CA THR P 356 31.30 44.61 0.17
C THR P 356 29.88 44.11 -0.06
N SER P 357 29.00 44.97 -0.58
CA SER P 357 27.65 44.53 -0.91
C SER P 357 27.64 43.52 -2.06
N ASP P 358 28.63 43.58 -2.94
CA ASP P 358 28.59 42.75 -4.14
C ASP P 358 29.77 41.79 -4.28
N TYR P 359 30.99 42.23 -3.99
CA TYR P 359 32.16 41.43 -4.31
C TYR P 359 32.23 40.18 -3.44
N ASP P 360 32.75 39.11 -4.03
CA ASP P 360 32.92 37.83 -3.33
C ASP P 360 34.25 37.19 -3.67
N ARG P 361 35.21 37.99 -4.15
CA ARG P 361 36.52 37.48 -4.53
C ARG P 361 37.58 38.49 -4.12
N GLU P 362 38.77 37.99 -3.81
CA GLU P 362 39.87 38.85 -3.42
C GLU P 362 40.46 39.61 -4.60
N LYS P 363 39.88 39.47 -5.80
CA LYS P 363 40.44 40.12 -6.98
C LYS P 363 40.54 41.62 -6.81
N LEU P 364 39.61 42.23 -6.06
CA LEU P 364 39.70 43.66 -5.81
C LEU P 364 40.79 43.99 -4.79
N GLN P 365 40.91 43.19 -3.73
CA GLN P 365 42.01 43.37 -2.79
C GLN P 365 43.33 42.99 -3.42
N GLU P 366 43.36 41.90 -4.19
CA GLU P 366 44.57 41.51 -4.91
C GLU P 366 44.97 42.59 -5.91
N ARG P 367 43.98 43.30 -6.47
CA ARG P 367 44.27 44.42 -7.35
C ARG P 367 45.07 45.50 -6.61
N LEU P 368 44.65 45.79 -5.37
CA LEU P 368 45.44 46.66 -4.51
C LEU P 368 46.77 46.02 -4.14
N ALA P 369 46.74 44.71 -3.85
CA ALA P 369 47.94 44.03 -3.37
C ALA P 369 49.03 43.99 -4.45
N LYS P 370 48.64 43.80 -5.70
CA LYS P 370 49.62 43.66 -6.76
C LYS P 370 50.42 44.93 -6.97
N LEU P 371 49.77 46.09 -6.95
CA LEU P 371 50.46 47.36 -7.19
C LEU P 371 51.04 47.97 -5.93
N SER P 372 50.68 47.49 -4.75
CA SER P 372 51.16 48.05 -3.50
C SER P 372 52.00 47.10 -2.66
N GLY P 373 51.81 45.79 -2.80
CA GLY P 373 52.60 44.83 -2.06
C GLY P 373 52.88 43.57 -2.86
N GLY P 374 52.66 42.41 -2.26
CA GLY P 374 52.81 41.16 -2.96
C GLY P 374 51.76 40.19 -2.49
N VAL P 375 51.81 38.98 -3.04
CA VAL P 375 50.91 37.90 -2.67
C VAL P 375 51.73 36.70 -2.24
N ALA P 376 51.23 35.97 -1.26
CA ALA P 376 51.85 34.74 -0.78
C ALA P 376 50.85 33.60 -0.87
N ILE P 377 51.29 32.47 -1.41
CA ILE P 377 50.46 31.30 -1.57
C ILE P 377 51.00 30.20 -0.66
N ILE P 378 50.22 29.84 0.35
CA ILE P 378 50.59 28.74 1.25
C ILE P 378 49.94 27.48 0.70
N ARG P 379 50.74 26.57 0.18
CA ARG P 379 50.25 25.32 -0.39
C ARG P 379 50.32 24.26 0.68
N VAL P 380 49.19 23.96 1.30
CA VAL P 380 49.10 22.98 2.36
C VAL P 380 49.18 21.58 1.74
N GLY P 381 50.00 20.73 2.35
CA GLY P 381 50.18 19.39 1.84
C GLY P 381 50.11 18.33 2.92
N ALA P 382 49.59 17.15 2.57
CA ALA P 382 49.51 16.04 3.50
C ALA P 382 49.56 14.75 2.71
N ALA P 383 49.87 13.65 3.42
CA ALA P 383 49.97 12.35 2.77
C ALA P 383 48.63 11.83 2.28
N THR P 384 47.53 12.45 2.72
CA THR P 384 46.20 11.94 2.39
C THR P 384 45.25 13.11 2.23
N GLU P 385 44.29 12.97 1.31
CA GLU P 385 43.29 14.00 1.08
C GLU P 385 42.49 14.28 2.35
N ALA P 386 42.14 13.22 3.09
CA ALA P 386 41.36 13.41 4.32
C ALA P 386 42.12 14.23 5.35
N GLU P 387 43.42 13.97 5.51
CA GLU P 387 44.23 14.77 6.42
C GLU P 387 44.48 16.17 5.84
N LEU P 388 44.59 16.27 4.52
CA LEU P 388 44.85 17.56 3.90
C LEU P 388 43.69 18.53 4.12
N LYS P 389 42.46 18.03 4.04
CA LYS P 389 41.30 18.90 4.21
C LYS P 389 41.26 19.53 5.59
N GLU P 390 41.55 18.76 6.64
CA GLU P 390 41.54 19.31 7.99
C GLU P 390 42.71 20.27 8.20
N LYS P 391 43.89 19.91 7.70
CA LYS P 391 45.06 20.76 7.86
C LYS P 391 44.87 22.10 7.15
N LYS P 392 44.28 22.07 5.95
CA LYS P 392 44.05 23.31 5.21
C LYS P 392 43.06 24.21 5.94
N ALA P 393 42.05 23.62 6.60
CA ALA P 393 41.08 24.42 7.33
C ALA P 393 41.74 25.17 8.49
N ARG P 394 42.65 24.52 9.20
CA ARG P 394 43.34 25.18 10.31
C ARG P 394 44.19 26.33 9.81
N VAL P 395 44.86 26.16 8.67
CA VAL P 395 45.69 27.23 8.12
C VAL P 395 44.84 28.44 7.77
N GLU P 396 43.66 28.21 7.18
CA GLU P 396 42.78 29.31 6.83
C GLU P 396 42.30 30.06 8.07
N ASP P 397 42.00 29.32 9.14
CA ASP P 397 41.59 29.97 10.38
C ASP P 397 42.71 30.85 10.95
N ALA P 398 43.93 30.34 10.94
CA ALA P 398 45.05 31.11 11.49
C ALA P 398 45.39 32.30 10.62
N VAL P 399 45.19 32.19 9.31
CA VAL P 399 45.40 33.32 8.42
C VAL P 399 44.39 34.42 8.72
N HIS P 400 43.12 34.06 8.90
CA HIS P 400 42.10 35.05 9.21
C HIS P 400 42.33 35.69 10.57
N ALA P 401 42.71 34.88 11.56
CA ALA P 401 42.96 35.40 12.90
C ALA P 401 44.16 36.34 12.90
N THR P 402 45.20 35.99 12.15
CA THR P 402 46.37 36.86 12.04
C THR P 402 45.99 38.19 11.41
N LYS P 403 45.16 38.18 10.37
CA LYS P 403 44.69 39.42 9.77
C LYS P 403 43.87 40.24 10.76
N ALA P 404 43.02 39.58 11.54
CA ALA P 404 42.19 40.30 12.50
C ALA P 404 43.01 40.85 13.66
N ALA P 405 44.09 40.16 14.02
CA ALA P 405 44.93 40.65 15.12
C ALA P 405 45.60 41.97 14.76
N VAL P 406 45.99 42.13 13.50
CA VAL P 406 46.64 43.38 13.08
C VAL P 406 45.66 44.54 13.16
N GLU P 407 44.39 44.30 12.83
CA GLU P 407 43.43 45.40 12.76
C GLU P 407 43.13 45.99 14.13
N GLU P 408 42.85 45.13 15.11
CA GLU P 408 42.32 45.58 16.40
C GLU P 408 43.14 45.12 17.60
N GLY P 409 44.35 44.61 17.38
CA GLY P 409 45.18 44.19 18.48
C GLY P 409 44.82 42.80 18.98
N ILE P 410 45.50 42.39 20.05
CA ILE P 410 45.32 41.06 20.62
C ILE P 410 44.82 41.17 22.05
N VAL P 411 44.29 40.06 22.55
CA VAL P 411 43.67 40.00 23.87
C VAL P 411 44.04 38.68 24.52
N PRO P 412 44.04 38.64 25.86
CA PRO P 412 44.32 37.37 26.54
C PRO P 412 43.35 36.28 26.10
N GLY P 413 43.90 35.10 25.83
CA GLY P 413 43.14 33.99 25.30
C GLY P 413 42.57 33.10 26.39
N GLY P 414 42.03 31.96 25.95
CA GLY P 414 41.45 31.02 26.88
C GLY P 414 40.16 31.46 27.52
N GLY P 415 39.46 32.42 26.92
CA GLY P 415 38.25 32.96 27.51
C GLY P 415 38.46 33.93 28.63
N VAL P 416 39.70 34.34 28.89
CA VAL P 416 39.98 35.24 30.00
C VAL P 416 39.41 36.63 29.72
N ALA P 417 39.47 37.06 28.46
CA ALA P 417 39.03 38.41 28.11
C ALA P 417 37.56 38.61 28.44
N LEU P 418 36.71 37.63 28.14
CA LEU P 418 35.30 37.75 28.49
C LEU P 418 35.09 37.73 29.99
N VAL P 419 35.88 36.93 30.70
CA VAL P 419 35.79 36.90 32.17
C VAL P 419 36.18 38.26 32.75
N ARG P 420 37.27 38.84 32.24
CA ARG P 420 37.69 40.16 32.70
C ARG P 420 36.65 41.21 32.33
N ALA P 421 36.09 41.12 31.12
CA ALA P 421 35.09 42.09 30.70
C ALA P 421 33.82 41.99 31.54
N SER P 422 33.45 40.76 31.93
CA SER P 422 32.23 40.56 32.70
C SER P 422 32.31 41.20 34.08
N GLU P 423 33.52 41.50 34.57
CA GLU P 423 33.66 42.13 35.87
C GLU P 423 33.10 43.55 35.89
N ALA P 424 33.12 44.25 34.74
CA ALA P 424 32.61 45.60 34.71
C ALA P 424 31.09 45.65 34.83
N LEU P 425 30.42 44.52 34.58
CA LEU P 425 28.96 44.49 34.68
C LEU P 425 28.47 44.57 36.11
N ASP P 426 29.34 44.36 37.10
CA ASP P 426 28.93 44.49 38.49
C ASP P 426 28.57 45.92 38.84
N ASN P 427 29.23 46.90 38.21
CA ASN P 427 28.97 48.30 38.49
C ASN P 427 27.84 48.87 37.65
N LEU P 428 27.33 48.11 36.67
CA LEU P 428 26.29 48.60 35.77
C LEU P 428 24.91 48.32 36.39
N LYS P 429 24.33 49.37 36.95
CA LYS P 429 22.97 49.29 37.48
C LYS P 429 22.00 50.03 36.56
N VAL P 430 20.78 49.49 36.47
CA VAL P 430 19.72 50.10 35.68
C VAL P 430 18.47 50.19 36.55
N ASP P 431 17.57 51.10 36.15
CA ASP P 431 16.38 51.36 36.95
C ASP P 431 15.35 50.25 36.87
N ASN P 432 15.23 49.60 35.72
CA ASN P 432 14.23 48.57 35.49
C ASN P 432 14.72 47.25 36.04
N ALA P 433 13.86 46.56 36.81
CA ALA P 433 14.25 45.28 37.40
C ALA P 433 14.50 44.23 36.34
N ASP P 434 13.63 44.17 35.32
CA ASP P 434 13.79 43.16 34.28
C ASP P 434 15.04 43.39 33.45
N GLN P 435 15.38 44.65 33.19
CA GLN P 435 16.62 44.95 32.47
C GLN P 435 17.85 44.53 33.26
N GLN P 436 17.77 44.54 34.59
CA GLN P 436 18.89 44.07 35.40
C GLN P 436 19.11 42.58 35.22
N LEU P 437 18.03 41.82 35.02
CA LEU P 437 18.18 40.39 34.76
C LEU P 437 18.92 40.15 33.46
N GLY P 438 18.68 40.97 32.44
CA GLY P 438 19.41 40.86 31.20
C GLY P 438 20.89 41.08 31.37
N ILE P 439 21.28 41.99 32.26
CA ILE P 439 22.69 42.22 32.54
C ILE P 439 23.32 40.99 33.19
N ASP P 440 22.61 40.39 34.15
CA ASP P 440 23.13 39.19 34.80
C ASP P 440 23.23 38.02 33.85
N ILE P 441 22.38 37.98 32.81
CA ILE P 441 22.47 36.93 31.81
C ILE P 441 23.78 37.01 31.05
N ILE P 442 24.18 38.23 30.66
CA ILE P 442 25.43 38.42 29.93
C ILE P 442 26.61 38.11 30.84
N LYS P 443 26.52 38.47 32.11
CA LYS P 443 27.60 38.17 33.05
C LYS P 443 27.84 36.67 33.15
N LYS P 444 26.76 35.89 33.26
CA LYS P 444 26.90 34.44 33.31
C LYS P 444 27.37 33.89 31.97
N ALA P 445 26.87 34.44 30.86
CA ALA P 445 27.22 33.94 29.54
C ALA P 445 28.70 34.16 29.25
N CYS P 446 29.22 35.34 29.60
CA CYS P 446 30.61 35.66 29.28
C CYS P 446 31.58 34.70 29.96
N ARG P 447 31.16 34.10 31.07
CA ARG P 447 32.01 33.19 31.82
C ARG P 447 31.80 31.73 31.43
N THR P 448 31.00 31.46 30.41
CA THR P 448 30.74 30.09 29.96
C THR P 448 31.87 29.52 29.09
N PRO P 449 32.42 30.29 28.13
CA PRO P 449 33.49 29.70 27.29
C PRO P 449 34.68 29.17 28.07
N ILE P 450 35.09 29.85 29.14
CA ILE P 450 36.22 29.36 29.93
C ILE P 450 35.88 28.05 30.62
N ARG P 451 34.63 27.90 31.04
CA ARG P 451 34.21 26.66 31.69
C ARG P 451 34.15 25.51 30.71
N GLN P 452 33.77 25.80 29.45
CA GLN P 452 33.70 24.74 28.44
C GLN P 452 35.09 24.30 28.02
N ILE P 453 36.04 25.23 27.94
CA ILE P 453 37.42 24.86 27.64
C ILE P 453 37.98 23.96 28.73
N ALA P 454 37.71 24.30 29.99
CA ALA P 454 38.14 23.45 31.09
C ALA P 454 37.46 22.09 31.05
N ALA P 455 36.16 22.08 30.72
CA ALA P 455 35.43 20.82 30.67
C ALA P 455 35.98 19.90 29.58
N ASN P 456 36.30 20.46 28.41
CA ASN P 456 36.87 19.66 27.34
C ASN P 456 38.25 19.11 27.70
N SER P 457 38.96 19.74 28.61
CA SER P 457 40.29 19.31 29.00
C SER P 457 40.28 18.39 30.21
N GLY P 458 39.11 18.02 30.72
CA GLY P 458 39.03 17.10 31.83
C GLY P 458 39.04 17.74 33.20
N PHE P 459 38.85 19.05 33.28
CA PHE P 459 38.83 19.77 34.54
C PHE P 459 37.42 20.25 34.84
N GLU P 460 37.18 20.60 36.10
CA GLU P 460 35.89 21.15 36.49
C GLU P 460 35.83 22.63 36.11
N GLY P 461 34.80 23.00 35.34
CA GLY P 461 34.71 24.37 34.87
C GLY P 461 34.53 25.38 35.98
N TYR P 462 33.70 25.07 36.97
CA TYR P 462 33.44 26.02 38.05
C TYR P 462 34.67 26.21 38.92
N VAL P 463 35.41 25.13 39.19
CA VAL P 463 36.62 25.24 39.99
C VAL P 463 37.65 26.12 39.29
N VAL P 464 37.81 25.93 37.98
CA VAL P 464 38.75 26.75 37.22
C VAL P 464 38.30 28.20 37.21
N LEU P 465 37.00 28.44 37.06
CA LEU P 465 36.50 29.81 36.96
C LEU P 465 36.77 30.60 38.23
N GLU P 466 36.55 30.00 39.39
CA GLU P 466 36.79 30.71 40.64
C GLU P 466 38.27 31.08 40.79
N LYS P 467 39.17 30.17 40.45
CA LYS P 467 40.60 30.49 40.53
C LYS P 467 40.96 31.62 39.57
N VAL P 468 40.45 31.57 38.34
CA VAL P 468 40.76 32.62 37.38
C VAL P 468 40.20 33.96 37.84
N LEU P 469 39.02 33.96 38.45
CA LEU P 469 38.45 35.20 38.95
C LEU P 469 39.30 35.81 40.05
N GLN P 470 39.79 34.98 40.99
CA GLN P 470 40.59 35.50 42.09
C GLN P 470 42.01 35.83 41.66
N LEU P 471 42.53 35.14 40.65
CA LEU P 471 43.88 35.44 40.16
C LEU P 471 43.94 36.82 39.52
N GLY P 472 42.79 37.37 39.12
CA GLY P 472 42.79 38.70 38.54
C GLY P 472 43.22 39.77 39.51
N LYS P 473 42.87 39.63 40.78
CA LYS P 473 43.27 40.57 41.81
C LYS P 473 44.66 40.27 42.34
N GLU P 474 44.97 38.99 42.54
CA GLU P 474 46.24 38.60 43.14
C GLU P 474 47.42 38.75 42.19
N LYS P 475 47.25 38.37 40.92
CA LYS P 475 48.37 38.34 39.99
C LYS P 475 48.24 39.44 38.94
N GLY P 476 47.11 39.48 38.26
CA GLY P 476 46.88 40.47 37.23
C GLY P 476 45.75 40.08 36.32
N LYS P 477 45.40 41.01 35.42
CA LYS P 477 44.30 40.77 34.49
C LYS P 477 44.60 39.64 33.53
N ASN P 478 45.84 39.56 33.04
CA ASN P 478 46.20 38.62 31.99
C ASN P 478 46.31 37.18 32.47
N TRP P 479 46.27 36.93 33.77
CA TRP P 479 46.43 35.57 34.27
C TRP P 479 45.17 34.74 34.00
N GLY P 480 45.39 33.51 33.57
CA GLY P 480 44.30 32.63 33.24
C GLY P 480 44.69 31.17 33.43
N PHE P 481 43.94 30.30 32.77
CA PHE P 481 44.13 28.85 32.86
C PHE P 481 44.63 28.32 31.52
N ASP P 482 45.77 27.65 31.55
CA ASP P 482 46.33 27.02 30.35
C ASP P 482 45.80 25.59 30.27
N ALA P 483 44.73 25.40 29.51
CA ALA P 483 44.11 24.08 29.40
C ALA P 483 44.98 23.09 28.66
N GLY P 484 46.00 23.56 27.94
CA GLY P 484 46.86 22.64 27.22
C GLY P 484 47.66 21.73 28.13
N VAL P 485 48.20 22.29 29.21
CA VAL P 485 49.03 21.51 30.14
C VAL P 485 48.35 21.44 31.50
N GLY P 486 47.35 22.30 31.72
CA GLY P 486 46.55 22.21 32.93
C GLY P 486 47.07 22.96 34.13
N ASP P 487 47.55 24.19 33.95
CA ASP P 487 47.98 25.01 35.07
C ASP P 487 47.71 26.47 34.77
N TYR P 488 47.78 27.29 35.81
CA TYR P 488 47.47 28.71 35.69
C TYR P 488 48.75 29.50 35.48
N LYS P 489 48.69 30.47 34.57
CA LYS P 489 49.85 31.29 34.25
C LYS P 489 49.37 32.57 33.58
N ASP P 490 50.32 33.43 33.24
CA ASP P 490 50.02 34.64 32.48
C ASP P 490 49.81 34.26 31.02
N MET P 491 48.62 34.58 30.50
CA MET P 491 48.29 34.14 29.14
C MET P 491 49.05 34.92 28.08
N VAL P 492 49.26 36.23 28.29
CA VAL P 492 49.96 37.03 27.29
C VAL P 492 51.43 36.64 27.21
N GLU P 493 52.07 36.39 28.36
CA GLU P 493 53.45 35.95 28.34
C GLU P 493 53.58 34.56 27.73
N ALA P 494 52.63 33.67 28.03
CA ALA P 494 52.68 32.31 27.50
C ALA P 494 52.35 32.25 26.02
N GLY P 495 51.84 33.34 25.44
CA GLY P 495 51.48 33.34 24.04
C GLY P 495 50.09 32.84 23.75
N ILE P 496 49.29 32.57 24.78
CA ILE P 496 47.89 32.13 24.58
C ILE P 496 47.07 33.40 24.50
N ILE P 497 46.98 33.94 23.29
CA ILE P 497 46.31 35.22 23.05
C ILE P 497 45.31 35.05 21.91
N ASP P 498 44.29 35.91 21.89
CA ASP P 498 43.26 35.91 20.87
C ASP P 498 43.12 37.31 20.27
N PRO P 499 42.73 37.42 19.01
CA PRO P 499 42.48 38.74 18.43
C PRO P 499 41.31 39.42 19.13
N THR P 500 41.41 40.75 19.26
CA THR P 500 40.33 41.51 19.86
C THR P 500 39.08 41.49 18.99
N LYS P 501 39.28 41.50 17.67
CA LYS P 501 38.14 41.46 16.75
C LYS P 501 37.32 40.19 16.92
N VAL P 502 37.99 39.05 17.08
CA VAL P 502 37.27 37.78 17.19
C VAL P 502 36.41 37.76 18.45
N VAL P 503 36.97 38.21 19.57
CA VAL P 503 36.21 38.22 20.82
C VAL P 503 35.04 39.20 20.75
N ARG P 504 35.28 40.38 20.17
CA ARG P 504 34.23 41.38 20.08
C ARG P 504 33.08 40.91 19.18
N VAL P 505 33.43 40.31 18.04
CA VAL P 505 32.40 39.90 17.09
C VAL P 505 31.58 38.73 17.65
N ALA P 506 32.23 37.81 18.35
CA ALA P 506 31.53 36.63 18.85
C ALA P 506 30.44 37.00 19.84
N ILE P 507 30.74 37.90 20.78
CA ILE P 507 29.75 38.28 21.79
C ILE P 507 28.64 39.11 21.17
N GLN P 508 28.96 39.95 20.19
CA GLN P 508 27.95 40.80 19.56
C GLN P 508 26.98 39.97 18.73
N ASN P 509 27.51 39.02 17.95
CA ASN P 509 26.64 38.17 17.15
C ASN P 509 25.79 37.27 18.02
N ALA P 510 26.38 36.72 19.09
CA ALA P 510 25.63 35.82 19.97
C ALA P 510 24.47 36.54 20.64
N ALA P 511 24.70 37.78 21.08
CA ALA P 511 23.66 38.51 21.79
C ALA P 511 22.55 38.97 20.85
N SER P 512 22.90 39.29 19.59
CA SER P 512 21.89 39.76 18.64
C SER P 512 20.84 38.69 18.38
N VAL P 513 21.27 37.44 18.19
CA VAL P 513 20.33 36.38 17.86
C VAL P 513 19.62 35.89 19.13
N ALA P 514 20.39 35.63 20.18
CA ALA P 514 19.79 35.10 21.42
C ALA P 514 18.83 36.11 22.02
N GLY P 515 19.20 37.39 22.01
CA GLY P 515 18.29 38.42 22.50
C GLY P 515 17.02 38.51 21.69
N THR P 516 17.12 38.41 20.37
CA THR P 516 15.93 38.46 19.51
C THR P 516 15.04 37.25 19.76
N MET P 517 15.64 36.08 19.93
CA MET P 517 14.84 34.85 20.08
C MET P 517 14.08 34.85 21.40
N LEU P 518 14.61 35.51 22.42
CA LEU P 518 13.96 35.50 23.72
C LEU P 518 12.63 36.23 23.72
N THR P 519 12.46 37.18 22.79
CA THR P 519 11.21 37.93 22.72
C THR P 519 10.08 37.16 22.07
N ALA P 520 10.35 35.96 21.56
CA ALA P 520 9.33 35.18 20.87
C ALA P 520 8.30 34.63 21.86
N GLU P 521 7.06 34.55 21.40
CA GLU P 521 5.97 33.95 22.17
C GLU P 521 5.23 32.85 21.42
N ALA P 522 5.15 32.93 20.10
CA ALA P 522 4.47 31.92 19.30
C ALA P 522 5.37 31.51 18.13
N LEU P 523 5.23 30.26 17.73
CA LEU P 523 5.96 29.71 16.59
C LEU P 523 4.97 29.22 15.55
N VAL P 524 5.14 29.65 14.30
CA VAL P 524 4.27 29.26 13.21
C VAL P 524 5.09 28.40 12.24
N ALA P 525 4.64 27.17 12.02
CA ALA P 525 5.34 26.26 11.12
C ALA P 525 4.32 25.40 10.39
N GLU P 526 4.71 24.96 9.20
CA GLU P 526 3.84 24.10 8.41
C GLU P 526 3.74 22.72 9.04
N ILE P 527 2.56 22.11 8.93
CA ILE P 527 2.36 20.74 9.39
C ILE P 527 3.03 19.80 8.38
N PRO P 528 3.94 18.93 8.81
CA PRO P 528 4.66 18.00 7.94
C PRO P 528 3.75 17.10 7.12
N ALA Q 1 11.58 -28.82 33.80
CA ALA Q 1 10.81 -28.12 32.78
C ALA Q 1 11.74 -27.58 31.70
N ALA Q 2 11.15 -27.16 30.58
CA ALA Q 2 11.93 -26.59 29.50
C ALA Q 2 12.56 -25.27 29.93
N LYS Q 3 13.82 -25.07 29.56
CA LYS Q 3 14.58 -23.90 29.97
C LYS Q 3 15.18 -23.20 28.76
N LYS Q 4 15.34 -21.90 28.88
CA LYS Q 4 15.97 -21.06 27.85
C LYS Q 4 17.30 -20.56 28.38
N VAL Q 5 18.35 -20.70 27.57
CA VAL Q 5 19.72 -20.38 27.97
C VAL Q 5 20.20 -19.20 27.14
N ILE Q 6 20.88 -18.26 27.79
CA ILE Q 6 21.43 -17.08 27.15
C ILE Q 6 22.94 -17.09 27.33
N TYR Q 7 23.68 -16.81 26.26
CA TYR Q 7 25.12 -16.99 26.25
C TYR Q 7 25.83 -15.66 26.00
N GLY Q 8 27.04 -15.56 26.55
CA GLY Q 8 27.98 -14.53 26.14
C GLY Q 8 27.52 -13.12 26.46
N GLU Q 9 27.76 -12.21 25.51
CA GLU Q 9 27.47 -10.80 25.72
C GLU Q 9 26.00 -10.56 26.00
N ASP Q 10 25.13 -11.37 25.41
CA ASP Q 10 23.69 -11.22 25.67
C ASP Q 10 23.36 -11.51 27.13
N ALA Q 11 24.04 -12.50 27.73
CA ALA Q 11 23.79 -12.83 29.13
C ALA Q 11 24.15 -11.66 30.04
N ARG Q 12 25.32 -11.07 29.83
CA ARG Q 12 25.74 -9.95 30.67
C ARG Q 12 24.91 -8.70 30.39
N ALA Q 13 24.36 -8.58 29.18
CA ALA Q 13 23.46 -7.47 28.89
C ALA Q 13 22.19 -7.55 29.73
N ARG Q 14 21.67 -8.76 29.91
CA ARG Q 14 20.51 -8.93 30.78
C ARG Q 14 20.83 -8.54 32.22
N LEU Q 15 22.00 -8.97 32.71
CA LEU Q 15 22.38 -8.68 34.09
C LEU Q 15 22.54 -7.18 34.32
N LYS Q 16 23.17 -6.49 33.37
CA LYS Q 16 23.40 -5.06 33.52
C LYS Q 16 22.09 -4.30 33.63
N ALA Q 17 21.11 -4.67 32.80
CA ALA Q 17 19.80 -4.02 32.86
C ALA Q 17 19.12 -4.26 34.21
N GLY Q 18 19.22 -5.48 34.73
CA GLY Q 18 18.61 -5.77 36.01
C GLY Q 18 19.28 -5.06 37.16
N VAL Q 19 20.62 -5.01 37.15
CA VAL Q 19 21.35 -4.34 38.22
C VAL Q 19 21.09 -2.84 38.17
N ASP Q 20 21.06 -2.25 36.98
CA ASP Q 20 20.80 -0.82 36.85
C ASP Q 20 19.42 -0.45 37.39
N LYS Q 21 18.42 -1.26 37.07
CA LYS Q 21 17.07 -0.97 37.55
C LYS Q 21 16.98 -1.06 39.06
N LEU Q 22 17.73 -1.99 39.66
CA LEU Q 22 17.79 -2.06 41.11
C LEU Q 22 18.56 -0.88 41.69
N ALA Q 23 19.73 -0.58 41.13
CA ALA Q 23 20.59 0.44 41.71
C ALA Q 23 20.00 1.84 41.55
N ASN Q 24 19.39 2.11 40.40
CA ASN Q 24 18.82 3.43 40.17
C ASN Q 24 17.69 3.76 41.14
N ALA Q 25 16.95 2.75 41.61
CA ALA Q 25 15.89 3.00 42.58
C ALA Q 25 16.45 3.21 43.98
N VAL Q 26 17.56 2.56 44.30
CA VAL Q 26 18.07 2.60 45.67
C VAL Q 26 19.07 3.73 45.87
N LYS Q 27 19.87 4.02 44.84
CA LYS Q 27 20.95 4.99 45.01
C LYS Q 27 20.43 6.40 45.26
N VAL Q 28 19.19 6.67 44.90
CA VAL Q 28 18.63 8.01 45.10
C VAL Q 28 18.33 8.25 46.57
N THR Q 29 18.33 7.22 47.40
CA THR Q 29 18.09 7.37 48.83
C THR Q 29 19.36 7.40 49.65
N LEU Q 30 20.53 7.37 49.02
CA LEU Q 30 21.78 7.36 49.75
C LEU Q 30 22.05 8.71 50.41
N GLY Q 31 22.54 8.67 51.64
CA GLY Q 31 22.91 9.86 52.35
C GLY Q 31 21.83 10.33 53.31
N PRO Q 32 22.09 11.45 53.99
CA PRO Q 32 21.08 12.00 54.91
C PRO Q 32 19.99 12.81 54.23
N ARG Q 33 20.23 13.28 53.00
CA ARG Q 33 19.25 14.05 52.25
C ARG Q 33 18.80 13.26 51.02
N GLY Q 34 18.63 11.95 51.18
CA GLY Q 34 18.22 11.13 50.06
C GLY Q 34 16.80 11.44 49.63
N ARG Q 35 16.56 11.32 48.32
CA ARG Q 35 15.22 11.54 47.79
C ARG Q 35 14.30 10.41 48.22
N GLU Q 36 13.00 10.66 48.15
CA GLU Q 36 12.02 9.69 48.61
C GLU Q 36 11.59 8.76 47.47
N VAL Q 37 11.21 7.54 47.84
CA VAL Q 37 10.67 6.56 46.92
C VAL Q 37 9.28 6.16 47.42
N ILE Q 38 8.31 6.16 46.51
CA ILE Q 38 6.92 5.88 46.85
C ILE Q 38 6.61 4.45 46.44
N ILE Q 39 6.15 3.65 47.41
CA ILE Q 39 5.91 2.23 47.22
C ILE Q 39 4.41 1.96 47.37
N GLU Q 40 3.83 1.28 46.39
CA GLU Q 40 2.41 0.96 46.43
C GLU Q 40 2.10 -0.02 47.55
N LYS Q 41 1.03 0.24 48.29
CA LYS Q 41 0.46 -0.70 49.24
C LYS Q 41 -0.98 -0.95 48.83
N LYS Q 42 -1.27 -2.18 48.43
CA LYS Q 42 -2.60 -2.50 47.91
C LYS Q 42 -3.66 -2.28 48.99
N TRP Q 43 -4.75 -1.63 48.59
CA TRP Q 43 -5.84 -1.24 49.47
C TRP Q 43 -5.38 -0.36 50.63
N GLY Q 44 -4.31 0.41 50.40
CA GLY Q 44 -3.79 1.31 51.41
C GLY Q 44 -3.11 2.51 50.78
N THR Q 45 -2.76 3.47 51.63
CA THR Q 45 -2.06 4.65 51.17
C THR Q 45 -0.62 4.27 50.80
N PRO Q 46 -0.08 4.83 49.70
CA PRO Q 46 1.30 4.52 49.34
C PRO Q 46 2.28 4.92 50.43
N VAL Q 47 3.35 4.14 50.54
CA VAL Q 47 4.36 4.32 51.58
C VAL Q 47 5.52 5.10 50.98
N VAL Q 48 5.96 6.14 51.69
CA VAL Q 48 7.05 7.01 51.26
C VAL Q 48 8.25 6.73 52.15
N THR Q 49 9.37 6.36 51.53
CA THR Q 49 10.58 6.01 52.27
C THR Q 49 11.79 6.68 51.66
N LYS Q 50 12.78 6.95 52.53
CA LYS Q 50 14.12 7.34 52.12
C LYS Q 50 15.15 6.36 52.66
N ASP Q 51 14.74 5.10 52.84
CA ASP Q 51 15.52 4.12 53.58
C ASP Q 51 16.53 3.38 52.72
N GLY Q 52 16.15 2.92 51.54
CA GLY Q 52 17.06 2.12 50.73
C GLY Q 52 16.93 0.64 51.01
N VAL Q 53 17.07 0.25 52.27
CA VAL Q 53 16.83 -1.14 52.66
C VAL Q 53 15.37 -1.51 52.40
N THR Q 54 14.45 -0.60 52.77
CA THR Q 54 13.04 -0.84 52.51
C THR Q 54 12.76 -0.92 51.02
N VAL Q 55 13.38 -0.05 50.23
CA VAL Q 55 13.17 -0.06 48.78
C VAL Q 55 13.69 -1.36 48.18
N ALA Q 56 14.86 -1.81 48.62
CA ALA Q 56 15.46 -3.01 48.04
C ALA Q 56 14.63 -4.25 48.34
N LYS Q 57 13.90 -4.25 49.46
CA LYS Q 57 13.10 -5.41 49.82
C LYS Q 57 11.98 -5.66 48.83
N GLU Q 58 11.46 -4.62 48.21
CA GLU Q 58 10.34 -4.74 47.29
C GLU Q 58 10.76 -4.94 45.84
N ILE Q 59 12.05 -4.89 45.54
CA ILE Q 59 12.51 -4.92 44.15
C ILE Q 59 12.46 -6.35 43.63
N GLU Q 60 11.61 -6.58 42.63
CA GLU Q 60 11.54 -7.85 41.93
C GLU Q 60 10.98 -7.57 40.53
N PHE Q 61 11.54 -8.26 39.54
CA PHE Q 61 11.25 -7.95 38.15
C PHE Q 61 10.63 -9.14 37.45
N LYS Q 62 9.84 -8.86 36.41
CA LYS Q 62 9.18 -9.93 35.66
C LYS Q 62 10.18 -10.75 34.85
N ASP Q 63 11.14 -10.08 34.20
CA ASP Q 63 12.08 -10.77 33.34
C ASP Q 63 12.97 -11.68 34.20
N PRO Q 64 13.00 -12.98 33.96
CA PRO Q 64 13.80 -13.86 34.82
C PRO Q 64 15.28 -13.57 34.79
N TYR Q 65 15.82 -13.18 33.63
CA TYR Q 65 17.26 -12.93 33.53
C TYR Q 65 17.66 -11.61 34.16
N GLU Q 66 16.85 -10.56 33.98
CA GLU Q 66 17.11 -9.31 34.67
C GLU Q 66 16.96 -9.48 36.18
N ASN Q 67 16.08 -10.39 36.60
CA ASN Q 67 15.89 -10.64 38.02
C ASN Q 67 17.12 -11.27 38.65
N MET Q 68 17.91 -12.00 37.86
CA MET Q 68 19.14 -12.59 38.39
C MET Q 68 20.10 -11.50 38.85
N GLY Q 69 20.26 -10.46 38.05
CA GLY Q 69 21.15 -9.38 38.44
C GLY Q 69 20.69 -8.66 39.70
N ALA Q 70 19.39 -8.39 39.78
CA ALA Q 70 18.86 -7.71 40.96
C ALA Q 70 19.01 -8.57 42.21
N GLN Q 71 18.67 -9.86 42.10
CA GLN Q 71 18.73 -10.73 43.28
C GLN Q 71 20.16 -10.98 43.72
N LEU Q 72 21.10 -11.14 42.77
CA LEU Q 72 22.49 -11.39 43.14
C LEU Q 72 23.09 -10.21 43.89
N VAL Q 73 22.83 -8.99 43.41
CA VAL Q 73 23.33 -7.81 44.10
C VAL Q 73 22.62 -7.62 45.43
N LYS Q 74 21.32 -7.94 45.48
CA LYS Q 74 20.56 -7.78 46.71
C LYS Q 74 21.11 -8.66 47.83
N GLU Q 75 21.43 -9.91 47.53
CA GLU Q 75 21.96 -10.82 48.56
C GLU Q 75 23.30 -10.32 49.07
N VAL Q 76 24.21 -9.98 48.15
CA VAL Q 76 25.54 -9.53 48.55
C VAL Q 76 25.47 -8.23 49.33
N ALA Q 77 24.61 -7.31 48.92
CA ALA Q 77 24.41 -6.09 49.70
C ALA Q 77 23.75 -6.38 51.04
N SER Q 78 22.83 -7.36 51.09
CA SER Q 78 22.19 -7.71 52.35
C SER Q 78 23.19 -8.35 53.32
N LYS Q 79 24.15 -9.10 52.78
CA LYS Q 79 25.17 -9.71 53.64
C LYS Q 79 26.02 -8.66 54.34
N THR Q 80 26.17 -7.49 53.72
CA THR Q 80 26.91 -6.40 54.36
C THR Q 80 26.24 -5.97 55.66
N SER Q 81 24.91 -5.84 55.64
CA SER Q 81 24.18 -5.47 56.85
C SER Q 81 24.16 -6.61 57.86
N ASP Q 82 24.20 -7.86 57.39
CA ASP Q 82 24.20 -8.99 58.31
C ASP Q 82 25.49 -9.05 59.11
N VAL Q 83 26.59 -8.59 58.54
CA VAL Q 83 27.88 -8.66 59.24
C VAL Q 83 28.18 -7.35 59.95
N ALA Q 84 27.91 -6.22 59.31
CA ALA Q 84 28.32 -4.93 59.85
C ALA Q 84 27.16 -4.06 60.31
N GLY Q 85 25.92 -4.44 60.03
CA GLY Q 85 24.76 -3.70 60.50
C GLY Q 85 24.39 -2.48 59.69
N ASP Q 86 25.18 -2.11 58.69
CA ASP Q 86 24.91 -0.92 57.91
C ASP Q 86 25.67 -1.04 56.58
N GLY Q 87 25.25 -0.23 55.61
CA GLY Q 87 25.96 -0.15 54.36
C GLY Q 87 25.34 -0.91 53.21
N THR Q 88 24.06 -1.28 53.35
CA THR Q 88 23.39 -2.02 52.28
C THR Q 88 23.30 -1.19 51.00
N THR Q 89 22.91 0.07 51.12
CA THR Q 89 22.79 0.92 49.94
C THR Q 89 24.16 1.22 49.33
N THR Q 90 25.17 1.44 50.18
CA THR Q 90 26.51 1.74 49.69
C THR Q 90 27.08 0.58 48.88
N ALA Q 91 26.86 -0.65 49.36
CA ALA Q 91 27.34 -1.81 48.62
C ALA Q 91 26.66 -1.92 47.26
N THR Q 92 25.36 -1.62 47.18
CA THR Q 92 24.66 -1.66 45.91
C THR Q 92 25.20 -0.60 44.95
N VAL Q 93 25.49 0.59 45.46
CA VAL Q 93 26.04 1.66 44.62
C VAL Q 93 27.42 1.26 44.10
N LEU Q 94 28.25 0.69 44.97
CA LEU Q 94 29.58 0.25 44.55
C LEU Q 94 29.50 -0.87 43.52
N ALA Q 95 28.56 -1.79 43.71
CA ALA Q 95 28.44 -2.92 42.80
C ALA Q 95 28.08 -2.46 41.39
N GLN Q 96 27.17 -1.49 41.27
CA GLN Q 96 26.80 -0.98 39.96
C GLN Q 96 27.98 -0.29 39.29
N ALA Q 97 28.76 0.47 40.06
CA ALA Q 97 29.87 1.22 39.48
C ALA Q 97 30.94 0.28 38.93
N ILE Q 98 31.28 -0.76 39.70
CA ILE Q 98 32.31 -1.70 39.25
C ILE Q 98 31.81 -2.49 38.04
N PHE Q 99 30.57 -2.96 38.08
CA PHE Q 99 30.05 -3.79 37.01
C PHE Q 99 29.91 -3.00 35.72
N ASN Q 100 29.39 -1.77 35.80
CA ASN Q 100 29.20 -0.97 34.60
C ASN Q 100 30.54 -0.60 33.97
N GLU Q 101 31.51 -0.21 34.78
CA GLU Q 101 32.83 0.12 34.23
C GLU Q 101 33.57 -1.11 33.75
N GLY Q 102 33.39 -2.24 34.45
CA GLY Q 102 34.03 -3.47 34.00
C GLY Q 102 33.51 -3.92 32.64
N LEU Q 103 32.20 -3.81 32.42
CA LEU Q 103 31.64 -4.16 31.12
C LEU Q 103 32.15 -3.21 30.03
N ARG Q 104 32.32 -1.93 30.37
CA ARG Q 104 32.83 -0.98 29.40
C ARG Q 104 34.25 -1.34 28.97
N ALA Q 105 35.09 -1.75 29.92
CA ALA Q 105 36.45 -2.14 29.56
C ALA Q 105 36.48 -3.38 28.70
N ILE Q 106 35.60 -4.35 28.99
CA ILE Q 106 35.55 -5.57 28.21
C ILE Q 106 35.09 -5.26 26.78
N ALA Q 107 34.14 -4.33 26.63
CA ALA Q 107 33.67 -3.94 25.31
C ALA Q 107 34.77 -3.31 24.47
N SER Q 108 35.82 -2.78 25.10
CA SER Q 108 36.94 -2.21 24.39
C SER Q 108 37.98 -3.25 23.98
N GLY Q 109 37.78 -4.52 24.33
CA GLY Q 109 38.69 -5.58 23.96
C GLY Q 109 39.62 -6.05 25.06
N ALA Q 110 39.47 -5.54 26.27
CA ALA Q 110 40.34 -5.96 27.37
C ALA Q 110 40.00 -7.38 27.82
N ASN Q 111 40.98 -8.05 28.40
CA ASN Q 111 40.80 -9.42 28.84
C ASN Q 111 39.98 -9.44 30.13
N PRO Q 112 38.84 -10.12 30.17
CA PRO Q 112 38.05 -10.15 31.42
C PRO Q 112 38.78 -10.78 32.59
N MET Q 113 39.63 -11.78 32.34
CA MET Q 113 40.35 -12.41 33.44
C MET Q 113 41.41 -11.48 34.02
N ASP Q 114 42.07 -10.69 33.17
CA ASP Q 114 43.06 -9.74 33.66
C ASP Q 114 42.40 -8.54 34.32
N ILE Q 115 41.18 -8.18 33.89
CA ILE Q 115 40.46 -7.10 34.54
C ILE Q 115 40.14 -7.47 35.99
N LYS Q 116 39.72 -8.72 36.21
CA LYS Q 116 39.43 -9.17 37.56
C LYS Q 116 40.69 -9.15 38.42
N ARG Q 117 41.81 -9.65 37.89
CA ARG Q 117 43.05 -9.66 38.66
C ARG Q 117 43.42 -8.28 39.14
N GLY Q 118 43.16 -7.25 38.33
CA GLY Q 118 43.34 -5.89 38.80
C GLY Q 118 42.37 -5.52 39.90
N ILE Q 119 41.13 -6.04 39.83
CA ILE Q 119 40.10 -5.63 40.78
C ILE Q 119 40.43 -6.14 42.17
N ASP Q 120 40.73 -7.43 42.31
CA ASP Q 120 41.11 -7.94 43.63
C ASP Q 120 42.40 -7.33 44.13
N LYS Q 121 43.36 -7.10 43.23
CA LYS Q 121 44.60 -6.44 43.63
C LYS Q 121 44.33 -5.01 44.12
N ALA Q 122 43.47 -4.29 43.42
CA ALA Q 122 43.14 -2.92 43.85
C ALA Q 122 42.34 -2.91 45.13
N VAL Q 123 41.42 -3.87 45.29
CA VAL Q 123 40.61 -3.94 46.50
C VAL Q 123 41.49 -4.20 47.72
N GLU Q 124 42.50 -5.07 47.56
CA GLU Q 124 43.39 -5.36 48.68
C GLU Q 124 44.12 -4.11 49.15
N THR Q 125 44.59 -3.29 48.22
CA THR Q 125 45.24 -2.03 48.59
C THR Q 125 44.25 -1.09 49.27
N VAL Q 126 43.03 -1.02 48.76
CA VAL Q 126 42.01 -0.13 49.35
C VAL Q 126 41.70 -0.56 50.78
N VAL Q 127 41.54 -1.87 51.00
CA VAL Q 127 41.22 -2.36 52.33
C VAL Q 127 42.35 -2.06 53.31
N ASN Q 128 43.60 -2.21 52.87
CA ASN Q 128 44.73 -1.91 53.73
C ASN Q 128 44.76 -0.44 54.12
N GLU Q 129 44.47 0.45 53.17
CA GLU Q 129 44.44 1.88 53.49
C GLU Q 129 43.33 2.22 54.46
N ILE Q 130 42.20 1.51 54.37
CA ILE Q 130 41.09 1.75 55.28
C ILE Q 130 41.51 1.39 56.71
N LYS Q 131 42.22 0.28 56.88
CA LYS Q 131 42.68 -0.11 58.21
C LYS Q 131 43.63 0.93 58.79
N LYS Q 132 44.54 1.45 57.95
CA LYS Q 132 45.45 2.50 58.40
C LYS Q 132 44.70 3.77 58.75
N LEU Q 133 43.71 4.14 57.97
CA LEU Q 133 42.95 5.37 58.21
C LEU Q 133 42.05 5.29 59.43
N SER Q 134 41.64 4.08 59.82
CA SER Q 134 40.74 3.93 60.95
C SER Q 134 41.48 4.21 62.26
N ILE Q 135 40.70 4.62 63.27
CA ILE Q 135 41.24 4.87 64.61
C ILE Q 135 40.43 4.05 65.60
N PRO Q 136 41.02 3.57 66.68
CA PRO Q 136 40.25 2.82 67.68
C PRO Q 136 39.23 3.72 68.36
N VAL Q 137 38.09 3.13 68.73
CA VAL Q 137 37.04 3.88 69.42
C VAL Q 137 37.49 4.07 70.87
N SER Q 138 37.15 5.22 71.44
CA SER Q 138 37.67 5.58 72.76
C SER Q 138 36.64 5.54 73.88
N GLY Q 139 35.46 6.12 73.68
CA GLY Q 139 34.51 6.23 74.77
C GLY Q 139 33.12 6.54 74.28
N ARG Q 140 32.31 7.08 75.20
CA ARG Q 140 30.89 7.28 74.93
C ARG Q 140 30.66 8.26 73.80
N LYS Q 141 31.58 9.20 73.60
CA LYS Q 141 31.40 10.22 72.57
C LYS Q 141 31.27 9.59 71.19
N GLU Q 142 32.19 8.68 70.85
CA GLU Q 142 32.14 8.05 69.54
C GLU Q 142 31.06 6.97 69.47
N ILE Q 143 30.76 6.33 70.60
CA ILE Q 143 29.67 5.36 70.63
C ILE Q 143 28.35 6.05 70.28
N GLU Q 144 28.09 7.22 70.87
CA GLU Q 144 26.87 7.95 70.58
C GLU Q 144 26.84 8.44 69.14
N GLN Q 145 27.97 8.92 68.63
CA GLN Q 145 28.03 9.44 67.26
C GLN Q 145 27.78 8.33 66.25
N VAL Q 146 28.40 7.16 66.46
CA VAL Q 146 28.22 6.05 65.52
C VAL Q 146 26.77 5.59 65.52
N ALA Q 147 26.17 5.46 66.71
CA ALA Q 147 24.78 5.03 66.79
C ALA Q 147 23.84 6.05 66.15
N THR Q 148 24.15 7.34 66.30
CA THR Q 148 23.32 8.37 65.69
C THR Q 148 23.36 8.30 64.17
N ILE Q 149 24.56 8.14 63.60
CA ILE Q 149 24.68 8.02 62.15
C ILE Q 149 24.12 6.71 61.63
N SER Q 150 24.29 5.61 62.38
CA SER Q 150 23.69 4.34 61.96
C SER Q 150 22.18 4.44 61.93
N ALA Q 151 21.59 5.08 62.93
CA ALA Q 151 20.18 5.45 62.87
C ALA Q 151 20.00 6.59 61.87
N ASN Q 152 18.74 6.99 61.66
CA ASN Q 152 18.43 8.01 60.66
C ASN Q 152 18.73 9.40 61.21
N ASN Q 153 19.97 9.57 61.67
CA ASN Q 153 20.50 10.85 62.14
C ASN Q 153 19.61 11.49 63.20
N ASP Q 154 19.15 10.66 64.15
CA ASP Q 154 18.39 11.15 65.30
C ASP Q 154 19.17 10.81 66.57
N ALA Q 155 19.30 11.79 67.46
CA ALA Q 155 20.13 11.63 68.65
C ALA Q 155 19.41 10.84 69.75
N THR Q 156 18.10 10.66 69.65
CA THR Q 156 17.37 9.95 70.69
C THR Q 156 17.80 8.48 70.77
N ILE Q 157 17.81 7.79 69.63
CA ILE Q 157 18.24 6.40 69.63
C ILE Q 157 19.73 6.30 69.93
N GLY Q 158 20.51 7.27 69.48
CA GLY Q 158 21.93 7.27 69.78
C GLY Q 158 22.22 7.36 71.26
N LYS Q 159 21.47 8.21 71.96
CA LYS Q 159 21.67 8.35 73.40
C LYS Q 159 21.31 7.08 74.14
N ILE Q 160 20.20 6.44 73.77
CA ILE Q 160 19.76 5.23 74.46
C ILE Q 160 20.79 4.12 74.26
N ILE Q 161 21.27 3.95 73.03
CA ILE Q 161 22.28 2.92 72.76
C ILE Q 161 23.56 3.24 73.53
N ALA Q 162 23.97 4.51 73.54
CA ALA Q 162 25.17 4.88 74.29
C ALA Q 162 25.00 4.62 75.77
N ASP Q 163 23.83 4.96 76.33
CA ASP Q 163 23.57 4.67 77.74
C ASP Q 163 23.54 3.17 77.99
N ALA Q 164 22.90 2.42 77.09
CA ALA Q 164 22.84 0.96 77.25
C ALA Q 164 24.22 0.33 77.09
N MET Q 165 25.06 0.92 76.24
CA MET Q 165 26.40 0.37 76.02
C MET Q 165 27.25 0.50 77.26
N GLU Q 166 27.28 1.69 77.86
CA GLU Q 166 28.11 1.91 79.05
C GLU Q 166 27.57 1.20 80.28
N ALA Q 167 26.26 0.89 80.30
CA ALA Q 167 25.70 0.19 81.45
C ALA Q 167 26.24 -1.23 81.56
N VAL Q 168 26.24 -1.97 80.44
CA VAL Q 168 26.72 -3.34 80.45
C VAL Q 168 28.20 -3.40 80.05
N GLY Q 169 28.72 -2.35 79.43
CA GLY Q 169 30.06 -2.38 78.89
C GLY Q 169 30.04 -2.68 77.40
N LYS Q 170 31.04 -2.19 76.67
CA LYS Q 170 31.06 -2.36 75.23
C LYS Q 170 31.30 -3.80 74.80
N ASP Q 171 31.69 -4.68 75.72
CA ASP Q 171 31.96 -6.07 75.39
C ASP Q 171 30.75 -6.97 75.58
N GLY Q 172 29.62 -6.43 76.04
CA GLY Q 172 28.41 -7.20 76.20
C GLY Q 172 27.60 -7.24 74.92
N VAL Q 173 26.40 -7.84 75.04
CA VAL Q 173 25.46 -7.92 73.94
C VAL Q 173 24.10 -7.45 74.43
N ILE Q 174 23.35 -6.79 73.55
CA ILE Q 174 22.14 -6.09 73.92
C ILE Q 174 20.95 -6.74 73.22
N THR Q 175 19.79 -6.71 73.90
CA THR Q 175 18.57 -7.27 73.34
C THR Q 175 17.52 -6.17 73.26
N VAL Q 176 16.76 -6.17 72.17
CA VAL Q 176 15.77 -5.12 71.89
C VAL Q 176 14.38 -5.67 72.15
N GLU Q 177 13.56 -4.90 72.85
CA GLU Q 177 12.21 -5.32 73.21
C GLU Q 177 11.24 -4.18 72.95
N GLU Q 178 9.95 -4.50 73.06
CA GLU Q 178 8.89 -3.52 72.84
C GLU Q 178 7.74 -3.80 73.79
N SER Q 179 6.90 -2.79 74.00
CA SER Q 179 5.71 -2.92 74.82
C SER Q 179 4.75 -1.79 74.47
N LYS Q 180 3.58 -1.81 75.10
CA LYS Q 180 2.60 -0.75 74.90
C LYS Q 180 3.03 0.51 75.64
N SER Q 181 3.74 1.40 74.96
CA SER Q 181 4.20 2.65 75.55
C SER Q 181 4.57 3.61 74.43
N ALA Q 182 4.14 4.86 74.57
CA ALA Q 182 4.49 5.89 73.60
C ALA Q 182 5.98 6.18 73.61
N GLU Q 183 6.59 6.23 74.79
CA GLU Q 183 8.01 6.55 74.91
C GLU Q 183 8.86 5.29 74.82
N THR Q 184 10.11 5.47 74.42
CA THR Q 184 11.09 4.40 74.38
C THR Q 184 11.97 4.47 75.62
N THR Q 185 12.01 3.37 76.36
CA THR Q 185 12.70 3.34 77.64
C THR Q 185 13.83 2.31 77.58
N LEU Q 186 14.84 2.54 78.41
CA LEU Q 186 15.98 1.64 78.54
C LEU Q 186 16.01 1.10 79.96
N GLU Q 187 16.11 -0.23 80.07
CA GLU Q 187 16.20 -0.88 81.37
C GLU Q 187 17.31 -1.92 81.32
N THR Q 188 17.95 -2.13 82.47
CA THR Q 188 19.05 -3.09 82.58
C THR Q 188 18.65 -4.15 83.63
N VAL Q 189 17.95 -5.18 83.17
CA VAL Q 189 17.55 -6.26 84.05
C VAL Q 189 18.73 -7.20 84.28
N GLN Q 190 18.74 -7.82 85.46
CA GLN Q 190 19.86 -8.67 85.88
C GLN Q 190 19.80 -10.02 85.15
N GLY Q 191 20.13 -9.97 83.86
CA GLY Q 191 20.18 -11.16 83.05
C GLY Q 191 21.59 -11.70 82.91
N MET Q 192 21.69 -12.79 82.14
CA MET Q 192 22.98 -13.44 81.88
C MET Q 192 23.06 -13.86 80.43
N GLN Q 193 24.29 -13.97 79.93
CA GLN Q 193 24.53 -14.38 78.55
C GLN Q 193 25.92 -14.99 78.45
N PHE Q 194 26.00 -16.18 77.87
CA PHE Q 194 27.26 -16.90 77.78
C PHE Q 194 27.49 -17.34 76.34
N ASP Q 195 28.66 -17.93 76.11
CA ASP Q 195 29.03 -18.37 74.77
C ASP Q 195 28.70 -19.85 74.55
N ARG Q 196 27.42 -20.19 74.60
CA ARG Q 196 26.93 -21.53 74.28
C ARG Q 196 25.70 -21.41 73.39
N GLY Q 197 25.60 -22.32 72.42
CA GLY Q 197 24.55 -22.27 71.43
C GLY Q 197 23.59 -23.44 71.53
N TYR Q 198 22.93 -23.73 70.40
CA TYR Q 198 21.98 -24.83 70.34
C TYR Q 198 22.69 -26.17 70.50
N LEU Q 199 21.90 -27.20 70.78
CA LEU Q 199 22.37 -28.57 70.70
C LEU Q 199 22.08 -29.22 69.36
N SER Q 200 21.06 -28.75 68.66
CA SER Q 200 20.73 -29.23 67.33
C SER Q 200 20.08 -28.09 66.55
N PRO Q 201 20.21 -28.08 65.22
CA PRO Q 201 19.56 -27.02 64.43
C PRO Q 201 18.04 -27.05 64.49
N TYR Q 202 17.44 -28.16 64.91
CA TYR Q 202 15.99 -28.30 64.88
C TYR Q 202 15.28 -27.43 65.91
N PHE Q 203 16.02 -26.81 66.83
CA PHE Q 203 15.41 -25.99 67.87
C PHE Q 203 14.99 -24.61 67.38
N VAL Q 204 15.05 -24.35 66.08
CA VAL Q 204 14.63 -23.07 65.55
C VAL Q 204 13.13 -22.92 65.74
N THR Q 205 12.69 -21.76 66.23
CA THR Q 205 11.28 -21.56 66.53
C THR Q 205 10.55 -20.86 65.39
N ASN Q 206 11.02 -19.68 64.98
CA ASN Q 206 10.29 -18.86 64.03
C ASN Q 206 11.17 -18.03 63.10
N PRO Q 207 12.19 -17.31 63.60
CA PRO Q 207 12.98 -16.46 62.71
C PRO Q 207 13.63 -17.26 61.59
N ASP Q 208 13.67 -16.66 60.39
CA ASP Q 208 14.29 -17.32 59.25
C ASP Q 208 15.81 -17.23 59.31
N LYS Q 209 16.34 -16.40 60.21
CA LYS Q 209 17.77 -16.34 60.44
C LYS Q 209 18.26 -17.45 61.36
N MET Q 210 17.43 -18.47 61.61
CA MET Q 210 17.74 -19.58 62.49
C MET Q 210 18.05 -19.06 63.90
N GLU Q 211 17.01 -18.51 64.51
CA GLU Q 211 17.07 -18.01 65.88
C GLU Q 211 15.85 -18.50 66.64
N ALA Q 212 15.89 -18.36 67.96
CA ALA Q 212 14.82 -18.81 68.83
C ALA Q 212 14.45 -17.70 69.81
N VAL Q 213 13.15 -17.45 69.95
CA VAL Q 213 12.62 -16.48 70.90
C VAL Q 213 11.49 -17.14 71.69
N LEU Q 214 11.54 -16.97 73.01
CA LEU Q 214 10.54 -17.55 73.89
C LEU Q 214 10.06 -16.51 74.88
N GLU Q 215 8.84 -16.70 75.38
CA GLU Q 215 8.24 -15.82 76.37
C GLU Q 215 7.69 -16.64 77.53
N ASP Q 216 8.10 -16.26 78.75
CA ASP Q 216 7.74 -16.94 79.99
C ASP Q 216 7.91 -18.45 79.91
N PRO Q 217 9.13 -18.96 79.66
CA PRO Q 217 9.30 -20.40 79.59
C PRO Q 217 9.76 -20.98 80.92
N PHE Q 218 9.70 -22.31 81.01
CA PHE Q 218 10.30 -23.02 82.13
C PHE Q 218 11.69 -23.51 81.74
N ILE Q 219 12.50 -23.78 82.76
CA ILE Q 219 13.90 -24.16 82.56
C ILE Q 219 14.23 -25.36 83.45
N LEU Q 220 14.78 -26.41 82.84
CA LEU Q 220 15.31 -27.56 83.55
C LEU Q 220 16.82 -27.38 83.72
N ILE Q 221 17.33 -27.75 84.89
CA ILE Q 221 18.74 -27.61 85.21
C ILE Q 221 19.28 -28.99 85.62
N TYR Q 222 20.32 -29.44 84.94
CA TYR Q 222 20.94 -30.73 85.19
C TYR Q 222 22.44 -30.54 85.40
N GLU Q 223 23.02 -31.37 86.28
CA GLU Q 223 24.48 -31.38 86.45
C GLU Q 223 25.18 -32.31 85.49
N LYS Q 224 24.45 -33.15 84.76
CA LYS Q 224 25.05 -34.15 83.89
C LYS Q 224 24.24 -34.21 82.60
N LYS Q 225 24.44 -35.25 81.82
CA LYS Q 225 23.76 -35.39 80.53
C LYS Q 225 22.27 -35.67 80.74
N ILE Q 226 21.51 -35.46 79.67
CA ILE Q 226 20.07 -35.70 79.72
C ILE Q 226 19.82 -37.21 79.76
N SER Q 227 18.85 -37.62 80.57
CA SER Q 227 18.48 -39.03 80.67
C SER Q 227 17.52 -39.37 79.52
N ASN Q 228 16.94 -40.56 79.57
CA ASN Q 228 16.02 -40.99 78.52
C ASN Q 228 14.76 -40.13 78.48
N VAL Q 229 14.12 -40.09 77.31
CA VAL Q 229 12.93 -39.25 77.13
C VAL Q 229 11.78 -39.75 77.99
N LYS Q 230 11.78 -41.05 78.34
CA LYS Q 230 10.70 -41.59 79.16
C LYS Q 230 10.65 -40.94 80.54
N ASP Q 231 11.81 -40.50 81.05
CA ASP Q 231 11.80 -39.69 82.27
C ASP Q 231 11.41 -38.25 82.00
N LEU Q 232 11.69 -37.74 80.79
CA LEU Q 232 11.33 -36.38 80.43
C LEU Q 232 9.84 -36.25 80.14
N LEU Q 233 9.19 -37.34 79.73
CA LEU Q 233 7.78 -37.30 79.40
C LEU Q 233 6.89 -36.85 80.55
N PRO Q 234 7.03 -37.36 81.79
CA PRO Q 234 6.27 -36.76 82.89
C PRO Q 234 6.56 -35.29 83.08
N VAL Q 235 7.81 -34.86 82.85
CA VAL Q 235 8.14 -33.44 82.92
C VAL Q 235 7.43 -32.69 81.79
N LEU Q 236 7.55 -33.19 80.57
CA LEU Q 236 6.99 -32.48 79.42
C LEU Q 236 5.47 -32.42 79.49
N GLU Q 237 4.82 -33.54 79.86
CA GLU Q 237 3.38 -33.55 79.96
C GLU Q 237 2.89 -32.59 81.04
N ASN Q 238 3.55 -32.58 82.19
CA ASN Q 238 3.23 -31.59 83.22
C ASN Q 238 3.55 -30.18 82.75
N VAL Q 239 4.66 -30.00 82.03
CA VAL Q 239 4.95 -28.70 81.44
C VAL Q 239 3.90 -28.33 80.40
N VAL Q 240 3.49 -29.31 79.58
CA VAL Q 240 2.40 -29.06 78.63
C VAL Q 240 1.11 -28.71 79.38
N ARG Q 241 0.84 -29.43 80.47
CA ARG Q 241 -0.31 -29.08 81.31
C ARG Q 241 -0.19 -27.66 81.86
N ALA Q 242 1.05 -27.19 82.09
CA ALA Q 242 1.26 -25.82 82.53
C ALA Q 242 1.05 -24.81 81.42
N GLY Q 243 1.25 -25.20 80.16
CA GLY Q 243 1.01 -24.29 79.05
C GLY Q 243 2.14 -23.32 78.75
N LYS Q 244 3.37 -23.66 79.11
CA LYS Q 244 4.52 -22.82 78.84
C LYS Q 244 5.63 -23.67 78.25
N PRO Q 245 6.53 -23.08 77.47
CA PRO Q 245 7.65 -23.83 76.92
C PRO Q 245 8.69 -24.14 77.98
N LEU Q 246 9.59 -25.07 77.64
CA LEU Q 246 10.55 -25.61 78.57
C LEU Q 246 11.93 -25.66 77.92
N LEU Q 247 12.96 -25.31 78.69
CA LEU Q 247 14.34 -25.37 78.25
C LEU Q 247 15.14 -26.29 79.17
N ILE Q 248 16.08 -27.03 78.60
CA ILE Q 248 16.98 -27.91 79.36
C ILE Q 248 18.41 -27.47 79.11
N ILE Q 249 19.12 -27.20 80.20
CA ILE Q 249 20.55 -26.88 80.16
C ILE Q 249 21.29 -28.11 80.66
N ALA Q 250 22.09 -28.73 79.79
CA ALA Q 250 22.81 -29.94 80.12
C ALA Q 250 23.99 -30.10 79.19
N GLU Q 251 24.71 -31.21 79.35
CA GLU Q 251 25.99 -31.38 78.65
C GLU Q 251 25.82 -31.98 77.27
N ASP Q 252 25.09 -33.09 77.14
CA ASP Q 252 24.99 -33.77 75.85
C ASP Q 252 23.66 -34.48 75.75
N VAL Q 253 23.25 -34.74 74.51
CA VAL Q 253 22.03 -35.48 74.20
C VAL Q 253 22.39 -36.60 73.22
N GLU Q 254 21.88 -37.80 73.48
CA GLU Q 254 22.15 -38.93 72.60
C GLU Q 254 21.50 -38.69 71.24
N ALA Q 255 22.29 -38.92 70.18
CA ALA Q 255 21.84 -38.59 68.83
C ALA Q 255 21.08 -39.71 68.16
N GLU Q 256 21.03 -40.90 68.75
CA GLU Q 256 20.33 -42.02 68.11
C GLU Q 256 18.83 -41.80 68.01
N ALA Q 257 18.17 -41.44 69.11
CA ALA Q 257 16.73 -41.23 69.09
C ALA Q 257 16.37 -39.89 69.72
N LEU Q 258 17.11 -39.51 70.77
CA LEU Q 258 16.75 -38.31 71.53
C LEU Q 258 16.96 -37.04 70.70
N ALA Q 259 17.79 -37.12 69.66
CA ALA Q 259 18.06 -35.95 68.83
C ALA Q 259 16.82 -35.45 68.10
N THR Q 260 15.86 -36.32 67.82
CA THR Q 260 14.65 -35.95 67.11
C THR Q 260 13.37 -36.29 67.87
N LEU Q 261 13.34 -37.42 68.59
CA LEU Q 261 12.11 -37.84 69.25
C LEU Q 261 11.68 -36.85 70.33
N VAL Q 262 12.63 -36.14 70.94
CA VAL Q 262 12.28 -35.12 71.93
C VAL Q 262 11.45 -34.01 71.31
N VAL Q 263 11.84 -33.54 70.12
CA VAL Q 263 11.11 -32.46 69.45
C VAL Q 263 9.92 -32.99 68.67
N ASN Q 264 10.09 -34.14 68.00
CA ASN Q 264 9.04 -34.67 67.15
C ASN Q 264 7.79 -35.06 67.93
N HIS Q 265 7.97 -35.50 69.18
CA HIS Q 265 6.82 -35.91 69.99
C HIS Q 265 5.95 -34.74 70.42
N ILE Q 266 6.46 -33.51 70.33
CA ILE Q 266 5.71 -32.33 70.75
C ILE Q 266 5.76 -31.26 69.67
N LYS Q 267 6.12 -31.66 68.43
CA LYS Q 267 6.25 -30.68 67.35
C LYS Q 267 4.92 -30.02 67.02
N GLY Q 268 3.82 -30.77 67.09
CA GLY Q 268 2.51 -30.20 66.87
C GLY Q 268 1.93 -29.49 68.08
N VAL Q 269 2.72 -29.31 69.12
CA VAL Q 269 2.31 -28.69 70.37
C VAL Q 269 3.17 -27.44 70.50
N ILE Q 270 3.01 -26.67 71.59
CA ILE Q 270 3.74 -25.42 71.81
C ILE Q 270 5.24 -25.53 71.57
N ARG Q 271 5.80 -26.74 71.58
CA ARG Q 271 7.22 -27.01 71.31
C ARG Q 271 8.12 -26.51 72.42
N ALA Q 272 9.37 -26.97 72.42
CA ALA Q 272 10.34 -26.61 73.44
C ALA Q 272 11.72 -26.56 72.81
N CYS Q 273 12.70 -26.12 73.60
CA CYS Q 273 14.07 -25.97 73.15
C CYS Q 273 15.02 -26.52 74.20
N ALA Q 274 16.24 -26.84 73.76
CA ALA Q 274 17.31 -27.28 74.64
C ALA Q 274 18.63 -26.75 74.10
N VAL Q 275 19.49 -26.32 75.03
CA VAL Q 275 20.75 -25.67 74.67
C VAL Q 275 21.89 -26.30 75.48
N LYS Q 276 23.11 -25.97 75.08
CA LYS Q 276 24.29 -26.50 75.75
C LYS Q 276 24.46 -25.86 77.13
N ALA Q 277 25.18 -26.56 78.01
CA ALA Q 277 25.42 -26.07 79.35
C ALA Q 277 26.52 -25.02 79.35
N PRO Q 278 26.28 -23.82 79.90
CA PRO Q 278 27.36 -22.84 80.04
C PRO Q 278 28.41 -23.27 81.04
N GLY Q 279 29.43 -22.44 81.23
CA GLY Q 279 30.53 -22.79 82.11
C GLY Q 279 31.81 -23.08 81.33
N PHE Q 280 32.92 -22.95 82.04
CA PHE Q 280 34.24 -23.04 81.42
C PHE Q 280 35.17 -23.81 82.34
N GLY Q 281 36.12 -24.53 81.73
CA GLY Q 281 37.02 -25.35 82.51
C GLY Q 281 36.29 -26.52 83.16
N GLN Q 282 36.86 -27.00 84.27
CA GLN Q 282 36.20 -28.04 85.04
C GLN Q 282 35.22 -27.50 86.07
N ARG Q 283 35.32 -26.21 86.40
CA ARG Q 283 34.43 -25.59 87.38
C ARG Q 283 33.21 -24.99 86.69
N ARG Q 284 32.54 -25.78 85.86
CA ARG Q 284 31.33 -25.30 85.21
C ARG Q 284 30.14 -25.30 86.16
N LYS Q 285 30.22 -26.11 87.22
CA LYS Q 285 29.11 -26.21 88.16
C LYS Q 285 28.84 -24.87 88.85
N ASP Q 286 29.90 -24.13 89.17
CA ASP Q 286 29.72 -22.80 89.73
C ASP Q 286 28.92 -21.92 88.78
N TYR Q 287 29.23 -21.97 87.48
CA TYR Q 287 28.42 -21.25 86.50
C TYR Q 287 27.00 -21.81 86.41
N LEU Q 288 26.85 -23.14 86.40
CA LEU Q 288 25.54 -23.75 86.34
C LEU Q 288 24.71 -23.46 87.59
N GLN Q 289 25.33 -23.57 88.76
CA GLN Q 289 24.60 -23.29 90.00
C GLN Q 289 24.24 -21.82 90.12
N ASP Q 290 25.05 -20.93 89.54
CA ASP Q 290 24.65 -19.53 89.43
C ASP Q 290 23.41 -19.40 88.54
N ILE Q 291 23.41 -20.11 87.41
CA ILE Q 291 22.25 -20.11 86.53
C ILE Q 291 21.07 -20.80 87.20
N ALA Q 292 21.33 -21.87 87.95
CA ALA Q 292 20.25 -22.61 88.61
C ALA Q 292 19.54 -21.72 89.62
N ILE Q 293 20.28 -20.90 90.37
CA ILE Q 293 19.67 -20.00 91.33
C ILE Q 293 19.10 -18.77 90.63
N LEU Q 294 19.69 -18.40 89.49
CA LEU Q 294 19.12 -17.32 88.70
C LEU Q 294 17.76 -17.70 88.13
N THR Q 295 17.63 -18.95 87.69
CA THR Q 295 16.35 -19.49 87.25
C THR Q 295 15.47 -19.92 88.41
N GLY Q 296 15.99 -19.91 89.63
CA GLY Q 296 15.23 -20.37 90.78
C GLY Q 296 14.97 -21.86 90.82
N GLY Q 297 15.71 -22.64 90.05
CA GLY Q 297 15.47 -24.06 89.98
C GLY Q 297 16.48 -24.90 90.73
N THR Q 298 16.52 -26.20 90.45
CA THR Q 298 17.44 -27.12 91.08
C THR Q 298 18.17 -27.93 90.02
N ALA Q 299 19.46 -28.16 90.26
CA ALA Q 299 20.28 -28.99 89.40
C ALA Q 299 20.03 -30.45 89.74
N ILE Q 300 19.61 -31.23 88.74
CA ILE Q 300 19.05 -32.56 88.97
C ILE Q 300 19.83 -33.59 88.18
N THR Q 301 20.22 -34.67 88.86
CA THR Q 301 20.69 -35.89 88.22
C THR Q 301 19.99 -37.07 88.87
N GLU Q 302 19.81 -38.15 88.10
CA GLU Q 302 19.18 -39.34 88.65
C GLU Q 302 20.06 -40.02 89.71
N GLU Q 303 21.34 -39.66 89.78
CA GLU Q 303 22.20 -40.18 90.85
C GLU Q 303 21.89 -39.54 92.19
N LEU Q 304 21.26 -38.36 92.20
CA LEU Q 304 20.88 -37.69 93.44
C LEU Q 304 19.58 -38.24 94.02
N GLY Q 305 18.90 -39.15 93.33
CA GLY Q 305 17.62 -39.65 93.78
C GLY Q 305 16.43 -38.85 93.31
N ILE Q 306 16.64 -37.72 92.65
CA ILE Q 306 15.54 -36.92 92.10
C ILE Q 306 15.22 -37.43 90.71
N LYS Q 307 14.39 -38.46 90.62
CA LYS Q 307 14.07 -39.08 89.34
C LYS Q 307 13.21 -38.15 88.50
N LEU Q 308 13.59 -37.97 87.24
CA LEU Q 308 12.86 -37.08 86.35
C LEU Q 308 11.44 -37.55 86.07
N GLU Q 309 11.15 -38.83 86.32
CA GLU Q 309 9.78 -39.32 86.15
C GLU Q 309 8.83 -38.75 87.19
N SER Q 310 9.36 -38.12 88.24
CA SER Q 310 8.52 -37.59 89.32
C SER Q 310 8.82 -36.13 89.63
N VAL Q 311 9.65 -35.47 88.81
CA VAL Q 311 9.96 -34.06 89.07
C VAL Q 311 8.77 -33.20 88.63
N THR Q 312 8.50 -32.15 89.39
CA THR Q 312 7.31 -31.33 89.20
C THR Q 312 7.72 -29.92 88.76
N LEU Q 313 6.72 -29.05 88.67
CA LEU Q 313 6.89 -27.66 88.23
C LEU Q 313 7.29 -26.73 89.37
N ASP Q 314 7.33 -27.21 90.61
CA ASP Q 314 7.59 -26.34 91.76
C ASP Q 314 9.02 -25.82 91.78
N MET Q 315 10.00 -26.73 91.88
CA MET Q 315 11.39 -26.35 91.81
C MET Q 315 11.90 -26.24 90.38
N LEU Q 316 11.02 -26.30 89.39
CA LEU Q 316 11.40 -26.08 88.00
C LEU Q 316 11.73 -24.61 87.76
N GLY Q 317 12.81 -24.36 87.02
CA GLY Q 317 13.24 -23.00 86.78
C GLY Q 317 12.29 -22.23 85.87
N ARG Q 318 12.28 -20.91 86.04
CA ARG Q 318 11.42 -20.03 85.27
C ARG Q 318 12.22 -18.83 84.79
N ALA Q 319 11.85 -18.32 83.62
CA ALA Q 319 12.53 -17.17 83.01
C ALA Q 319 11.50 -16.30 82.31
N ASP Q 320 11.91 -15.07 81.99
CA ASP Q 320 11.04 -14.15 81.27
C ASP Q 320 11.08 -14.40 79.77
N LYS Q 321 12.25 -14.21 79.15
CA LYS Q 321 12.43 -14.43 77.73
C LYS Q 321 13.80 -15.03 77.48
N VAL Q 322 13.90 -15.83 76.41
CA VAL Q 322 15.15 -16.51 76.04
C VAL Q 322 15.40 -16.28 74.56
N ILE Q 323 16.66 -15.96 74.23
CA ILE Q 323 17.10 -15.81 72.84
C ILE Q 323 18.40 -16.58 72.68
N VAL Q 324 18.45 -17.45 71.67
CA VAL Q 324 19.60 -18.32 71.43
C VAL Q 324 19.96 -18.29 69.95
N ASP Q 325 21.25 -18.48 69.66
CA ASP Q 325 21.77 -18.55 68.30
C ASP Q 325 22.80 -19.68 68.25
N LYS Q 326 23.64 -19.66 67.20
CA LYS Q 326 24.67 -20.69 67.05
C LYS Q 326 25.55 -20.85 68.28
N ASP Q 327 25.94 -19.75 68.92
CA ASP Q 327 26.87 -19.85 70.04
C ASP Q 327 26.57 -18.92 71.19
N ASN Q 328 25.37 -18.33 71.29
CA ASN Q 328 25.04 -17.44 72.39
C ASN Q 328 23.68 -17.81 72.97
N THR Q 329 23.61 -17.82 74.30
CA THR Q 329 22.37 -18.03 75.03
C THR Q 329 22.12 -16.83 75.92
N THR Q 330 21.01 -16.14 75.67
CA THR Q 330 20.66 -14.95 76.43
C THR Q 330 19.28 -15.12 77.04
N ILE Q 331 19.16 -14.74 78.32
CA ILE Q 331 17.90 -14.77 79.04
C ILE Q 331 17.69 -13.40 79.67
N VAL Q 332 16.50 -12.83 79.46
CA VAL Q 332 16.23 -11.49 79.96
C VAL Q 332 16.30 -11.46 81.48
N GLY Q 333 15.67 -12.41 82.15
CA GLY Q 333 15.70 -12.44 83.60
C GLY Q 333 15.00 -13.68 84.12
N GLY Q 334 14.97 -13.79 85.44
CA GLY Q 334 14.33 -14.91 86.10
C GLY Q 334 13.50 -14.44 87.28
N LYS Q 335 12.85 -15.41 87.91
CA LYS Q 335 11.98 -15.13 89.05
C LYS Q 335 12.68 -15.30 90.39
N GLY Q 336 13.98 -15.57 90.40
CA GLY Q 336 14.70 -15.74 91.63
C GLY Q 336 14.80 -14.45 92.43
N SER Q 337 14.89 -14.61 93.75
CA SER Q 337 14.98 -13.46 94.64
C SER Q 337 16.30 -12.72 94.43
N LYS Q 338 16.22 -11.38 94.41
CA LYS Q 338 17.40 -10.57 94.10
C LYS Q 338 18.49 -10.73 95.16
N GLU Q 339 18.10 -10.74 96.43
CA GLU Q 339 19.09 -10.83 97.50
C GLU Q 339 19.87 -12.14 97.42
N ALA Q 340 19.18 -13.25 97.15
CA ALA Q 340 19.89 -14.51 96.91
C ALA Q 340 20.77 -14.42 95.67
N ILE Q 341 20.28 -13.78 94.62
CA ILE Q 341 21.11 -13.52 93.45
C ILE Q 341 22.25 -12.58 93.83
N GLN Q 342 21.95 -11.54 94.61
CA GLN Q 342 23.00 -10.66 95.10
C GLN Q 342 23.96 -11.39 96.03
N ALA Q 343 23.48 -12.42 96.72
CA ALA Q 343 24.37 -13.25 97.53
C ALA Q 343 25.36 -14.02 96.67
N ARG Q 344 25.00 -14.33 95.42
CA ARG Q 344 25.94 -14.96 94.51
C ARG Q 344 27.07 -14.03 94.12
N ILE Q 345 26.85 -12.71 94.18
CA ILE Q 345 27.89 -11.76 93.83
C ILE Q 345 29.06 -11.86 94.80
N GLU Q 346 28.77 -11.99 96.09
CA GLU Q 346 29.83 -12.01 97.09
C GLU Q 346 30.79 -13.17 96.89
N GLN Q 347 30.27 -14.37 96.61
CA GLN Q 347 31.15 -15.49 96.32
C GLN Q 347 31.94 -15.27 95.04
N ILE Q 348 31.29 -14.73 94.01
CA ILE Q 348 32.00 -14.38 92.78
C ILE Q 348 33.08 -13.34 93.07
N LYS Q 349 32.75 -12.35 93.91
CA LYS Q 349 33.76 -11.41 94.37
C LYS Q 349 34.87 -12.13 95.14
N ARG Q 350 34.50 -13.07 96.01
CA ARG Q 350 35.49 -13.87 96.70
C ARG Q 350 36.23 -14.79 95.73
N GLN Q 351 35.51 -15.41 94.79
CA GLN Q 351 36.14 -16.29 93.83
C GLN Q 351 37.15 -15.55 92.96
N ILE Q 352 36.91 -14.27 92.71
CA ILE Q 352 37.86 -13.48 91.92
C ILE Q 352 39.22 -13.46 92.61
N LEU Q 353 39.24 -13.25 93.93
CA LEU Q 353 40.50 -13.26 94.66
C LEU Q 353 40.99 -14.67 94.95
N GLU Q 354 40.06 -15.62 95.12
CA GLU Q 354 40.44 -16.94 95.62
C GLU Q 354 40.72 -17.96 94.51
N THR Q 355 40.36 -17.67 93.26
CA THR Q 355 40.59 -18.64 92.19
C THR Q 355 42.09 -18.81 91.96
N THR Q 356 42.48 -20.06 91.68
CA THR Q 356 43.89 -20.40 91.51
C THR Q 356 44.46 -19.96 90.17
N SER Q 357 43.63 -19.69 89.18
CA SER Q 357 44.11 -19.33 87.86
C SER Q 357 43.31 -18.16 87.31
N ASP Q 358 43.96 -17.38 86.43
CA ASP Q 358 43.29 -16.24 85.82
C ASP Q 358 42.30 -16.65 84.74
N TYR Q 359 42.38 -17.89 84.26
CA TYR Q 359 41.49 -18.33 83.18
C TYR Q 359 40.03 -18.31 83.60
N ASP Q 360 39.71 -18.74 84.82
CA ASP Q 360 38.36 -18.55 85.32
C ASP Q 360 38.06 -17.06 85.48
N ARG Q 361 39.00 -16.30 86.04
CA ARG Q 361 38.80 -14.86 86.19
C ARG Q 361 38.60 -14.19 84.84
N GLU Q 362 39.17 -14.76 83.78
CA GLU Q 362 38.95 -14.23 82.43
C GLU Q 362 37.46 -14.25 82.07
N LYS Q 363 36.69 -15.18 82.62
CA LYS Q 363 35.26 -15.27 82.37
C LYS Q 363 34.46 -15.21 83.67
N LEU Q 364 35.10 -14.78 84.75
CA LEU Q 364 34.43 -14.48 86.01
C LEU Q 364 34.39 -12.98 86.31
N GLN Q 365 35.41 -12.24 85.87
CA GLN Q 365 35.40 -10.79 86.05
C GLN Q 365 34.30 -10.14 85.23
N GLU Q 366 34.06 -10.63 84.01
CA GLU Q 366 33.00 -10.09 83.17
C GLU Q 366 31.62 -10.38 83.74
N ARG Q 367 31.52 -11.33 84.68
CA ARG Q 367 30.23 -11.64 85.28
C ARG Q 367 29.68 -10.45 86.05
N LEU Q 368 30.53 -9.76 86.82
CA LEU Q 368 30.06 -8.63 87.62
C LEU Q 368 29.53 -7.51 86.73
N ALA Q 369 30.23 -7.21 85.63
CA ALA Q 369 29.79 -6.15 84.74
C ALA Q 369 28.43 -6.49 84.12
N LYS Q 370 28.22 -7.76 83.78
CA LYS Q 370 26.97 -8.18 83.15
C LYS Q 370 25.91 -8.61 84.15
N LEU Q 371 26.23 -8.63 85.45
CA LEU Q 371 25.22 -8.91 86.47
C LEU Q 371 24.82 -7.64 87.21
N SER Q 372 25.79 -6.91 87.77
CA SER Q 372 25.48 -5.66 88.44
C SER Q 372 24.88 -4.64 87.47
N GLY Q 373 25.45 -4.53 86.28
CA GLY Q 373 24.85 -3.75 85.22
C GLY Q 373 23.79 -4.50 84.46
N GLY Q 374 23.64 -5.80 84.69
CA GLY Q 374 22.63 -6.59 84.02
C GLY Q 374 22.89 -6.71 82.53
N VAL Q 375 21.85 -7.08 81.80
CA VAL Q 375 21.84 -7.07 80.35
C VAL Q 375 20.89 -5.98 79.89
N ALA Q 376 21.36 -5.16 78.95
CA ALA Q 376 20.58 -4.00 78.51
C ALA Q 376 19.45 -4.44 77.60
N ILE Q 377 18.24 -4.04 77.95
CA ILE Q 377 17.06 -4.24 77.11
C ILE Q 377 16.53 -2.86 76.73
N ILE Q 378 16.46 -2.60 75.44
CA ILE Q 378 15.85 -1.37 74.95
C ILE Q 378 14.38 -1.64 74.68
N ARG Q 379 13.51 -0.86 75.32
CA ARG Q 379 12.06 -1.04 75.20
C ARG Q 379 11.56 -0.02 74.17
N VAL Q 380 11.57 -0.42 72.91
CA VAL Q 380 11.18 0.48 71.83
C VAL Q 380 9.68 0.78 71.93
N GLY Q 381 9.34 2.05 71.84
CA GLY Q 381 7.96 2.47 71.89
C GLY Q 381 7.63 3.41 70.75
N ALA Q 382 6.41 3.26 70.23
CA ALA Q 382 5.95 4.10 69.13
C ALA Q 382 4.45 4.26 69.24
N ALA Q 383 3.94 5.32 68.60
CA ALA Q 383 2.51 5.60 68.63
C ALA Q 383 1.70 4.64 67.77
N THR Q 384 2.33 3.87 66.90
CA THR Q 384 1.62 2.96 66.01
C THR Q 384 2.43 1.67 65.88
N GLU Q 385 1.72 0.54 65.90
CA GLU Q 385 2.39 -0.75 65.78
C GLU Q 385 3.16 -0.87 64.47
N ALA Q 386 2.63 -0.30 63.39
CA ALA Q 386 3.39 -0.24 62.15
C ALA Q 386 4.66 0.58 62.30
N GLU Q 387 4.59 1.71 63.00
CA GLU Q 387 5.78 2.50 63.28
C GLU Q 387 6.73 1.76 64.23
N LEU Q 388 6.21 0.82 65.00
CA LEU Q 388 7.07 0.00 65.84
C LEU Q 388 7.94 -0.93 65.00
N LYS Q 389 7.40 -1.40 63.87
CA LYS Q 389 8.10 -2.41 63.08
C LYS Q 389 9.43 -1.91 62.54
N GLU Q 390 9.42 -0.75 61.86
CA GLU Q 390 10.65 -0.28 61.24
C GLU Q 390 11.56 0.40 62.26
N LYS Q 391 10.98 0.94 63.33
CA LYS Q 391 11.80 1.48 64.41
C LYS Q 391 12.59 0.38 65.11
N LYS Q 392 11.96 -0.78 65.32
CA LYS Q 392 12.65 -1.88 65.97
C LYS Q 392 13.85 -2.36 65.14
N ALA Q 393 13.64 -2.55 63.84
CA ALA Q 393 14.75 -3.00 62.98
C ALA Q 393 15.84 -1.94 62.91
N ARG Q 394 15.46 -0.66 62.96
CA ARG Q 394 16.45 0.40 62.95
C ARG Q 394 17.33 0.35 64.20
N VAL Q 395 16.73 0.06 65.36
CA VAL Q 395 17.48 0.05 66.61
C VAL Q 395 18.49 -1.10 66.62
N GLU Q 396 18.05 -2.30 66.23
CA GLU Q 396 18.96 -3.44 66.23
C GLU Q 396 20.12 -3.23 65.27
N ASP Q 397 19.84 -2.70 64.08
CA ASP Q 397 20.91 -2.42 63.13
C ASP Q 397 21.88 -1.37 63.68
N ALA Q 398 21.34 -0.33 64.31
CA ALA Q 398 22.21 0.67 64.95
C ALA Q 398 23.01 0.05 66.08
N VAL Q 399 22.38 -0.82 66.87
CA VAL Q 399 23.10 -1.53 67.92
C VAL Q 399 24.16 -2.43 67.32
N HIS Q 400 23.79 -3.18 66.28
CA HIS Q 400 24.73 -4.09 65.63
C HIS Q 400 25.88 -3.32 64.99
N ALA Q 401 25.57 -2.19 64.35
CA ALA Q 401 26.62 -1.38 63.74
C ALA Q 401 27.55 -0.81 64.81
N THR Q 402 27.00 -0.43 65.96
CA THR Q 402 27.82 0.13 67.02
C THR Q 402 28.83 -0.90 67.54
N LYS Q 403 28.42 -2.15 67.66
CA LYS Q 403 29.37 -3.21 68.07
C LYS Q 403 30.50 -3.35 67.05
N ALA Q 404 30.18 -3.24 65.76
CA ALA Q 404 31.20 -3.33 64.73
C ALA Q 404 32.22 -2.20 64.86
N ALA Q 405 31.78 -1.02 65.31
CA ALA Q 405 32.72 0.09 65.50
C ALA Q 405 33.74 -0.24 66.58
N VAL Q 406 33.30 -0.85 67.67
CA VAL Q 406 34.22 -1.20 68.75
C VAL Q 406 35.19 -2.29 68.30
N GLU Q 407 34.70 -3.25 67.52
CA GLU Q 407 35.53 -4.38 67.13
C GLU Q 407 36.69 -3.97 66.24
N GLU Q 408 36.46 -3.04 65.32
CA GLU Q 408 37.45 -2.73 64.29
C GLU Q 408 37.83 -1.26 64.17
N GLY Q 409 37.03 -0.33 64.68
CA GLY Q 409 37.35 1.08 64.63
C GLY Q 409 36.31 1.87 63.86
N ILE Q 410 36.64 3.15 63.66
CA ILE Q 410 35.76 4.07 62.95
C ILE Q 410 36.57 4.86 61.93
N VAL Q 411 35.89 5.33 60.89
CA VAL Q 411 36.49 6.13 59.82
C VAL Q 411 35.59 7.31 59.53
N PRO Q 412 36.15 8.38 58.94
CA PRO Q 412 35.30 9.51 58.55
C PRO Q 412 34.22 9.07 57.56
N GLY Q 413 33.00 9.54 57.79
CA GLY Q 413 31.86 9.12 57.02
C GLY Q 413 31.65 9.97 55.77
N GLY Q 414 30.48 9.77 55.16
CA GLY Q 414 30.15 10.50 53.95
C GLY Q 414 30.93 10.07 52.73
N GLY Q 415 31.50 8.87 52.75
CA GLY Q 415 32.30 8.40 51.64
C GLY Q 415 33.71 8.93 51.60
N VAL Q 416 34.13 9.69 52.62
CA VAL Q 416 35.49 10.24 52.64
C VAL Q 416 36.51 9.12 52.78
N ALA Q 417 36.18 8.08 53.53
CA ALA Q 417 37.13 7.00 53.76
C ALA Q 417 37.53 6.32 52.46
N LEU Q 418 36.57 6.07 51.58
CA LEU Q 418 36.88 5.45 50.30
C LEU Q 418 37.66 6.40 49.40
N VAL Q 419 37.37 7.70 49.49
CA VAL Q 419 38.13 8.68 48.72
C VAL Q 419 39.59 8.69 49.16
N ARG Q 420 39.82 8.68 50.47
CA ARG Q 420 41.18 8.67 50.98
C ARG Q 420 41.90 7.39 50.60
N ALA Q 421 41.22 6.25 50.68
CA ALA Q 421 41.84 4.98 50.32
C ALA Q 421 42.14 4.89 48.83
N SER Q 422 41.28 5.49 47.99
CA SER Q 422 41.49 5.42 46.55
C SER Q 422 42.71 6.20 46.09
N GLU Q 423 43.21 7.12 46.91
CA GLU Q 423 44.40 7.88 46.53
C GLU Q 423 45.65 6.99 46.46
N ALA Q 424 45.67 5.88 47.20
CA ALA Q 424 46.80 4.97 47.12
C ALA Q 424 46.85 4.26 45.78
N LEU Q 425 45.72 4.11 45.11
CA LEU Q 425 45.70 3.49 43.79
C LEU Q 425 46.39 4.36 42.74
N ASP Q 426 46.58 5.65 43.01
CA ASP Q 426 47.26 6.53 42.07
C ASP Q 426 48.72 6.16 41.88
N ASN Q 427 49.35 5.48 42.84
CA ASN Q 427 50.72 5.05 42.72
C ASN Q 427 50.89 3.54 42.59
N LEU Q 428 49.85 2.76 42.85
CA LEU Q 428 49.94 1.32 42.61
C LEU Q 428 50.07 1.05 41.11
N LYS Q 429 51.05 0.23 40.74
CA LYS Q 429 51.36 0.01 39.35
C LYS Q 429 51.55 -1.48 39.08
N VAL Q 430 51.15 -1.91 37.88
CA VAL Q 430 51.28 -3.29 37.45
C VAL Q 430 51.84 -3.31 36.05
N ASP Q 431 52.37 -4.48 35.66
CA ASP Q 431 53.03 -4.61 34.37
C ASP Q 431 52.06 -4.92 33.23
N ASN Q 432 50.81 -5.26 33.54
CA ASN Q 432 49.82 -5.62 32.53
C ASN Q 432 48.87 -4.46 32.31
N ALA Q 433 48.63 -4.13 31.04
CA ALA Q 433 47.75 -3.01 30.71
C ALA Q 433 46.32 -3.26 31.15
N ASP Q 434 45.80 -4.47 30.93
CA ASP Q 434 44.43 -4.77 31.34
C ASP Q 434 44.28 -4.76 32.85
N GLN Q 435 45.26 -5.27 33.58
CA GLN Q 435 45.21 -5.22 35.04
C GLN Q 435 45.23 -3.77 35.53
N GLN Q 436 45.88 -2.88 34.78
CA GLN Q 436 45.84 -1.46 35.12
C GLN Q 436 44.43 -0.90 34.96
N LEU Q 437 43.69 -1.39 33.96
CA LEU Q 437 42.30 -0.99 33.80
C LEU Q 437 41.47 -1.41 35.00
N GLY Q 438 41.71 -2.61 35.52
CA GLY Q 438 40.98 -3.05 36.70
C GLY Q 438 41.25 -2.18 37.90
N ILE Q 439 42.49 -1.70 38.04
CA ILE Q 439 42.82 -0.81 39.15
C ILE Q 439 42.08 0.53 39.00
N ASP Q 440 42.02 1.05 37.78
CA ASP Q 440 41.34 2.33 37.57
C ASP Q 440 39.83 2.19 37.72
N ILE Q 441 39.29 0.99 37.52
CA ILE Q 441 37.87 0.76 37.73
C ILE Q 441 37.53 0.93 39.21
N ILE Q 442 38.37 0.37 40.09
CA ILE Q 442 38.13 0.48 41.52
C ILE Q 442 38.29 1.91 42.00
N LYS Q 443 39.24 2.65 41.43
CA LYS Q 443 39.44 4.03 41.84
C LYS Q 443 38.21 4.88 41.55
N LYS Q 444 37.61 4.69 40.38
CA LYS Q 444 36.38 5.41 40.06
C LYS Q 444 35.23 4.93 40.93
N ALA Q 445 35.20 3.64 41.25
CA ALA Q 445 34.12 3.10 42.07
C ALA Q 445 34.18 3.67 43.49
N CYS Q 446 35.38 3.80 44.04
CA CYS Q 446 35.52 4.27 45.42
C CYS Q 446 35.04 5.71 45.57
N ARG Q 447 35.11 6.48 44.48
CA ARG Q 447 34.72 7.89 44.52
C ARG Q 447 33.28 8.12 44.10
N THR Q 448 32.51 7.07 43.87
CA THR Q 448 31.11 7.19 43.49
C THR Q 448 30.19 7.48 44.69
N PRO Q 449 30.34 6.78 45.84
CA PRO Q 449 29.42 7.06 46.95
C PRO Q 449 29.40 8.51 47.41
N ILE Q 450 30.55 9.18 47.43
CA ILE Q 450 30.56 10.58 47.85
C ILE Q 450 29.83 11.46 46.85
N ARG Q 451 29.97 11.14 45.56
CA ARG Q 451 29.27 11.90 44.53
C ARG Q 451 27.76 11.71 44.62
N GLN Q 452 27.31 10.48 44.90
CA GLN Q 452 25.89 10.23 45.02
C GLN Q 452 25.29 10.95 46.21
N ILE Q 453 26.01 10.99 47.34
CA ILE Q 453 25.52 11.69 48.51
C ILE Q 453 25.38 13.18 48.23
N ALA Q 454 26.38 13.76 47.57
CA ALA Q 454 26.31 15.18 47.22
C ALA Q 454 25.18 15.45 46.24
N ALA Q 455 25.00 14.56 45.26
CA ALA Q 455 23.96 14.75 44.26
C ALA Q 455 22.57 14.69 44.89
N ASN Q 456 22.36 13.77 45.83
CA ASN Q 456 21.06 13.64 46.48
C ASN Q 456 20.71 14.89 47.26
N SER Q 457 21.70 15.48 47.95
CA SER Q 457 21.47 16.67 48.74
C SER Q 457 21.25 17.91 47.88
N GLY Q 458 21.58 17.87 46.61
CA GLY Q 458 21.38 18.98 45.71
C GLY Q 458 22.62 19.70 45.24
N PHE Q 459 23.79 19.06 45.28
CA PHE Q 459 25.04 19.67 44.85
C PHE Q 459 25.63 18.87 43.70
N GLU Q 460 26.56 19.50 42.98
CA GLU Q 460 27.25 18.83 41.89
C GLU Q 460 28.28 17.87 42.48
N GLY Q 461 28.16 16.58 42.11
CA GLY Q 461 29.03 15.58 42.71
C GLY Q 461 30.49 15.76 42.37
N TYR Q 462 30.80 16.09 41.12
CA TYR Q 462 32.19 16.22 40.72
C TYR Q 462 32.86 17.44 41.33
N VAL Q 463 32.10 18.53 41.52
CA VAL Q 463 32.65 19.70 42.20
C VAL Q 463 32.96 19.37 43.66
N VAL Q 464 32.06 18.65 44.32
CA VAL Q 464 32.28 18.27 45.71
C VAL Q 464 33.48 17.34 45.83
N LEU Q 465 33.58 16.37 44.91
CA LEU Q 465 34.69 15.41 44.97
C LEU Q 465 36.03 16.12 44.80
N GLU Q 466 36.10 17.08 43.88
CA GLU Q 466 37.36 17.80 43.65
C GLU Q 466 37.77 18.57 44.89
N LYS Q 467 36.82 19.24 45.54
CA LYS Q 467 37.15 20.02 46.73
C LYS Q 467 37.53 19.13 47.90
N VAL Q 468 36.91 17.95 48.00
CA VAL Q 468 37.29 17.01 49.05
C VAL Q 468 38.70 16.49 48.82
N LEU Q 469 39.07 16.26 47.56
CA LEU Q 469 40.43 15.84 47.25
C LEU Q 469 41.44 16.92 47.62
N GLN Q 470 41.13 18.17 47.33
CA GLN Q 470 42.03 19.26 47.65
C GLN Q 470 42.19 19.42 49.16
N LEU Q 471 41.09 19.29 49.90
CA LEU Q 471 41.15 19.43 51.35
C LEU Q 471 41.90 18.27 52.01
N GLY Q 472 42.11 17.17 51.29
CA GLY Q 472 42.83 16.04 51.87
C GLY Q 472 44.27 16.36 52.19
N LYS Q 473 44.95 17.10 51.31
CA LYS Q 473 46.34 17.48 51.50
C LYS Q 473 46.49 18.90 52.03
N GLU Q 474 45.48 19.74 51.89
CA GLU Q 474 45.59 21.14 52.28
C GLU Q 474 44.98 21.41 53.66
N LYS Q 475 44.05 20.58 54.11
CA LYS Q 475 43.45 20.76 55.44
C LYS Q 475 43.69 19.54 56.33
N GLY Q 476 43.53 18.35 55.77
CA GLY Q 476 43.68 17.12 56.53
C GLY Q 476 42.92 15.98 55.87
N LYS Q 477 43.25 14.76 56.31
CA LYS Q 477 42.67 13.58 55.70
C LYS Q 477 41.20 13.42 56.06
N ASN Q 478 40.79 13.87 57.24
CA ASN Q 478 39.43 13.66 57.70
C ASN Q 478 38.44 14.68 57.17
N TRP Q 479 38.88 15.66 56.39
CA TRP Q 479 37.99 16.68 55.90
C TRP Q 479 37.15 16.16 54.74
N GLY Q 480 35.85 16.45 54.79
CA GLY Q 480 34.92 16.01 53.77
C GLY Q 480 33.78 16.98 53.58
N PHE Q 481 32.68 16.53 52.98
CA PHE Q 481 31.53 17.37 52.70
C PHE Q 481 30.36 16.93 53.56
N ASP Q 482 29.85 17.85 54.38
CA ASP Q 482 28.70 17.59 55.25
C ASP Q 482 27.44 17.87 54.44
N ALA Q 483 26.81 16.81 53.92
CA ALA Q 483 25.61 16.96 53.12
C ALA Q 483 24.41 17.41 53.94
N GLY Q 484 24.45 17.26 55.26
CA GLY Q 484 23.34 17.71 56.09
C GLY Q 484 23.14 19.20 56.06
N VAL Q 485 24.23 19.97 56.03
CA VAL Q 485 24.15 21.42 55.99
C VAL Q 485 24.76 22.03 54.74
N GLY Q 486 25.65 21.34 54.03
CA GLY Q 486 26.15 21.83 52.77
C GLY Q 486 27.45 22.60 52.82
N ASP Q 487 28.38 22.21 53.71
CA ASP Q 487 29.68 22.84 53.76
C ASP Q 487 30.73 21.81 54.14
N TYR Q 488 31.99 22.14 53.86
CA TYR Q 488 33.09 21.23 54.11
C TYR Q 488 33.64 21.45 55.51
N LYS Q 489 33.86 20.34 56.22
CA LYS Q 489 34.32 20.39 57.60
C LYS Q 489 35.02 19.07 57.91
N ASP Q 490 35.70 19.06 59.07
CA ASP Q 490 36.35 17.85 59.55
C ASP Q 490 35.27 16.84 59.95
N MET Q 491 35.34 15.64 59.38
CA MET Q 491 34.29 14.65 59.58
C MET Q 491 34.33 14.05 60.98
N VAL Q 492 35.50 13.68 61.48
CA VAL Q 492 35.59 13.04 62.78
C VAL Q 492 35.16 13.99 63.89
N GLU Q 493 35.57 15.26 63.80
CA GLU Q 493 35.15 16.23 64.80
C GLU Q 493 33.65 16.45 64.76
N ALA Q 494 33.06 16.52 63.56
CA ALA Q 494 31.63 16.74 63.42
C ALA Q 494 30.79 15.54 63.83
N GLY Q 495 31.41 14.39 64.06
CA GLY Q 495 30.66 13.20 64.41
C GLY Q 495 30.12 12.43 63.24
N ILE Q 496 30.46 12.82 62.02
CA ILE Q 496 30.01 12.10 60.81
C ILE Q 496 31.06 11.01 60.56
N ILE Q 497 30.88 9.89 61.24
CA ILE Q 497 31.82 8.77 61.17
C ILE Q 497 31.04 7.49 60.93
N ASP Q 498 31.71 6.50 60.35
CA ASP Q 498 31.14 5.19 60.06
C ASP Q 498 32.02 4.10 60.65
N PRO Q 499 31.45 2.96 61.02
CA PRO Q 499 32.27 1.82 61.43
C PRO Q 499 33.17 1.40 60.28
N THR Q 500 34.42 1.10 60.60
CA THR Q 500 35.37 0.76 59.54
C THR Q 500 35.09 -0.63 58.96
N LYS Q 501 34.37 -1.47 59.70
CA LYS Q 501 33.91 -2.73 59.12
C LYS Q 501 32.91 -2.49 58.00
N VAL Q 502 32.03 -1.50 58.16
CA VAL Q 502 31.03 -1.22 57.13
C VAL Q 502 31.70 -0.85 55.83
N VAL Q 503 32.71 0.03 55.88
CA VAL Q 503 33.39 0.45 54.66
C VAL Q 503 34.18 -0.70 54.06
N ARG Q 504 34.84 -1.49 54.89
CA ARG Q 504 35.66 -2.60 54.39
C ARG Q 504 34.79 -3.68 53.75
N VAL Q 505 33.74 -4.09 54.44
CA VAL Q 505 32.92 -5.19 53.94
C VAL Q 505 32.17 -4.79 52.68
N ALA Q 506 31.71 -3.54 52.62
CA ALA Q 506 30.93 -3.09 51.46
C ALA Q 506 31.75 -3.16 50.17
N ILE Q 507 32.97 -2.65 50.19
CA ILE Q 507 33.80 -2.67 48.98
C ILE Q 507 34.23 -4.09 48.66
N GLN Q 508 34.52 -4.90 49.68
CA GLN Q 508 34.89 -6.30 49.43
C GLN Q 508 33.73 -7.08 48.84
N ASN Q 509 32.52 -6.91 49.40
CA ASN Q 509 31.36 -7.63 48.89
C ASN Q 509 30.98 -7.17 47.50
N ALA Q 510 30.99 -5.85 47.26
CA ALA Q 510 30.58 -5.32 45.97
C ALA Q 510 31.52 -5.80 44.85
N ALA Q 511 32.82 -5.83 45.12
CA ALA Q 511 33.77 -6.27 44.11
C ALA Q 511 33.63 -7.76 43.83
N SER Q 512 33.19 -8.54 44.81
CA SER Q 512 33.04 -9.98 44.59
C SER Q 512 31.89 -10.29 43.65
N VAL Q 513 30.72 -9.69 43.88
CA VAL Q 513 29.57 -9.94 43.03
C VAL Q 513 29.78 -9.33 41.65
N ALA Q 514 30.41 -8.16 41.58
CA ALA Q 514 30.67 -7.54 40.29
C ALA Q 514 31.63 -8.38 39.46
N GLY Q 515 32.68 -8.92 40.09
CA GLY Q 515 33.59 -9.79 39.37
C GLY Q 515 32.93 -11.08 38.92
N THR Q 516 32.00 -11.58 39.72
CA THR Q 516 31.28 -12.80 39.35
C THR Q 516 30.46 -12.58 38.08
N MET Q 517 29.75 -11.45 38.00
CA MET Q 517 28.91 -11.19 36.83
C MET Q 517 29.72 -10.78 35.62
N LEU Q 518 30.94 -10.26 35.82
CA LEU Q 518 31.76 -9.87 34.68
C LEU Q 518 32.23 -11.08 33.88
N THR Q 519 32.41 -12.22 34.54
CA THR Q 519 32.86 -13.44 33.88
C THR Q 519 31.73 -14.45 33.70
N ALA Q 520 30.50 -14.07 33.96
CA ALA Q 520 29.37 -14.96 33.74
C ALA Q 520 29.17 -15.18 32.25
N GLU Q 521 29.02 -16.43 31.83
CA GLU Q 521 28.93 -16.78 30.42
C GLU Q 521 27.59 -17.37 30.03
N ALA Q 522 26.76 -17.80 30.97
CA ALA Q 522 25.49 -18.41 30.62
C ALA Q 522 24.48 -18.17 31.74
N LEU Q 523 23.22 -18.00 31.35
CA LEU Q 523 22.11 -17.87 32.28
C LEU Q 523 21.07 -18.93 31.92
N VAL Q 524 20.66 -19.70 32.91
CA VAL Q 524 19.69 -20.78 32.73
C VAL Q 524 18.46 -20.45 33.55
N ALA Q 525 17.30 -20.38 32.89
CA ALA Q 525 16.04 -20.10 33.56
C ALA Q 525 14.91 -20.79 32.83
N GLU Q 526 13.86 -21.13 33.59
CA GLU Q 526 12.71 -21.80 33.00
C GLU Q 526 11.92 -20.83 32.13
N ILE Q 527 11.32 -21.36 31.07
CA ILE Q 527 10.47 -20.54 30.21
C ILE Q 527 9.17 -20.22 30.95
N PRO Q 528 8.80 -18.96 31.09
CA PRO Q 528 7.59 -18.62 31.85
C PRO Q 528 6.34 -19.20 31.22
N GLU Q 529 5.41 -19.59 32.08
CA GLU Q 529 4.14 -20.20 31.65
C GLU Q 529 4.38 -21.42 30.77
N ARG R 1 61.59 35.70 -76.80
CA ARG R 1 61.04 34.72 -77.72
C ARG R 1 59.68 35.19 -78.23
N LEU R 2 58.82 35.62 -77.31
CA LEU R 2 57.49 36.08 -77.68
C LEU R 2 57.53 37.50 -78.22
N ARG R 3 56.78 37.74 -79.31
CA ARG R 3 56.63 39.08 -79.83
C ARG R 3 55.21 39.56 -79.58
N PRO R 4 55.03 40.60 -78.78
CA PRO R 4 53.68 41.11 -78.53
C PRO R 4 53.08 41.77 -79.77
N LEU R 5 51.76 41.72 -79.85
CA LEU R 5 51.04 42.33 -80.95
C LEU R 5 50.39 43.64 -80.51
N TYR R 6 50.54 44.66 -81.36
CA TYR R 6 50.04 46.00 -81.08
C TYR R 6 50.50 46.53 -79.74
N ASP R 7 49.54 46.87 -78.86
CA ASP R 7 49.86 47.56 -77.62
C ASP R 7 50.36 46.64 -76.52
N LYS R 8 50.39 45.33 -76.76
CA LYS R 8 50.81 44.39 -75.72
C LYS R 8 52.28 44.57 -75.37
N ILE R 9 52.61 44.33 -74.10
CA ILE R 9 53.96 44.38 -73.59
C ILE R 9 54.18 43.16 -72.70
N VAL R 10 55.34 42.52 -72.87
CA VAL R 10 55.71 41.36 -72.06
C VAL R 10 56.77 41.80 -71.06
N VAL R 11 56.50 41.57 -69.78
CA VAL R 11 57.29 42.11 -68.68
C VAL R 11 57.70 40.99 -67.74
N LYS R 12 58.90 41.11 -67.18
CA LYS R 12 59.35 40.21 -66.12
C LYS R 12 59.20 40.92 -64.78
N ARG R 13 58.49 40.28 -63.85
CA ARG R 13 58.01 40.97 -62.65
C ARG R 13 59.02 41.03 -61.52
N MET R 14 60.26 41.43 -61.81
CA MET R 14 61.26 41.80 -60.80
C MET R 14 61.68 40.63 -59.92
N GLU R 15 61.12 39.44 -60.15
CA GLU R 15 61.44 38.23 -59.39
C GLU R 15 61.20 38.40 -57.90
N GLU R 16 61.50 37.36 -57.12
CA GLU R 16 61.20 37.36 -55.70
C GLU R 16 62.44 37.65 -54.87
N GLN R 17 62.27 38.46 -53.81
CA GLN R 17 63.30 38.68 -52.81
C GLN R 17 62.64 38.68 -51.44
N GLU R 18 63.47 38.50 -50.40
CA GLU R 18 63.00 38.72 -49.04
C GLU R 18 63.21 40.18 -48.67
N GLN R 19 62.11 40.87 -48.38
CA GLN R 19 62.11 42.30 -48.19
C GLN R 19 62.51 42.65 -46.77
N LYS R 20 63.42 43.61 -46.64
CA LYS R 20 63.86 44.13 -45.36
C LYS R 20 63.75 45.65 -45.36
N THR R 21 63.24 46.20 -44.27
CA THR R 21 63.17 47.65 -44.12
C THR R 21 64.59 48.21 -43.94
N PRO R 22 64.77 49.51 -44.21
CA PRO R 22 66.08 50.12 -43.95
C PRO R 22 66.52 49.99 -42.50
N SER R 23 65.57 49.90 -41.57
CA SER R 23 65.88 49.66 -40.17
C SER R 23 66.30 48.22 -39.90
N GLY R 24 66.15 47.32 -40.87
CA GLY R 24 66.54 45.94 -40.70
C GLY R 24 65.42 44.98 -40.36
N ILE R 25 64.17 45.42 -40.37
CA ILE R 25 63.05 44.54 -40.03
C ILE R 25 62.72 43.66 -41.23
N ILE R 26 62.66 42.35 -41.01
CA ILE R 26 62.38 41.39 -42.06
C ILE R 26 60.91 40.98 -41.96
N ILE R 27 60.23 40.94 -43.11
CA ILE R 27 58.82 40.57 -43.19
C ILE R 27 58.73 39.14 -43.68
N PRO R 28 57.97 38.26 -43.02
CA PRO R 28 57.85 36.88 -43.48
C PRO R 28 57.10 36.79 -44.81
N ASP R 29 57.40 35.71 -45.54
CA ASP R 29 56.85 35.54 -46.89
C ASP R 29 55.33 35.46 -46.89
N THR R 30 54.71 35.08 -45.77
CA THR R 30 53.26 35.02 -45.70
C THR R 30 52.60 36.40 -45.72
N ALA R 31 53.37 37.48 -45.57
CA ALA R 31 52.82 38.83 -45.53
C ALA R 31 53.42 39.73 -46.59
N LYS R 32 53.90 39.17 -47.70
CA LYS R 32 54.49 39.95 -48.78
C LYS R 32 53.60 39.89 -50.01
N GLU R 33 53.39 41.04 -50.63
CA GLU R 33 52.68 41.10 -51.90
C GLU R 33 53.67 40.88 -53.04
N LYS R 34 53.19 40.28 -54.12
CA LYS R 34 54.02 40.11 -55.30
C LYS R 34 54.46 41.48 -55.82
N PRO R 35 55.71 41.62 -56.25
CA PRO R 35 56.22 42.94 -56.66
C PRO R 35 55.44 43.50 -57.84
N GLN R 36 55.21 44.81 -57.81
CA GLN R 36 54.60 45.51 -58.93
C GLN R 36 55.64 46.04 -59.91
N ILE R 37 56.92 45.96 -59.58
CA ILE R 37 57.99 46.44 -60.44
C ILE R 37 58.26 45.38 -61.51
N GLY R 38 58.60 45.84 -62.71
CA GLY R 38 58.90 44.91 -63.79
C GLY R 38 59.78 45.54 -64.84
N GLU R 39 60.45 44.68 -65.59
CA GLU R 39 61.33 45.09 -66.68
C GLU R 39 60.81 44.49 -67.98
N VAL R 40 60.85 45.29 -69.04
CA VAL R 40 60.28 44.89 -70.33
C VAL R 40 61.31 44.05 -71.08
N ILE R 41 60.90 42.89 -71.56
CA ILE R 41 61.79 42.07 -72.37
C ILE R 41 61.50 42.23 -73.87
N ALA R 42 60.29 42.63 -74.23
CA ALA R 42 59.96 42.90 -75.63
C ALA R 42 58.73 43.80 -75.67
N VAL R 43 58.58 44.52 -76.79
CA VAL R 43 57.49 45.47 -76.97
C VAL R 43 56.76 45.12 -78.25
N GLY R 44 55.49 45.50 -78.32
CA GLY R 44 54.68 45.25 -79.49
C GLY R 44 54.89 46.30 -80.57
N ASP R 45 54.13 46.15 -81.66
CA ASP R 45 54.22 47.09 -82.77
C ASP R 45 53.68 48.47 -82.41
N GLY R 46 52.77 48.55 -81.44
CA GLY R 46 52.22 49.83 -81.05
C GLY R 46 50.71 49.86 -81.07
N LYS R 47 50.12 50.78 -80.30
CA LYS R 47 48.67 50.86 -80.22
C LYS R 47 48.08 51.18 -81.59
N LEU R 48 47.06 50.42 -81.98
CA LEU R 48 46.37 50.58 -83.25
C LEU R 48 45.21 51.53 -83.06
N LEU R 49 45.25 52.68 -83.72
CA LEU R 49 44.23 53.69 -83.57
C LEU R 49 42.98 53.33 -84.36
N SER R 50 41.91 54.11 -84.14
CA SER R 50 40.65 53.85 -84.84
C SER R 50 40.78 54.11 -86.33
N ASN R 51 41.70 54.98 -86.73
CA ASN R 51 41.93 55.28 -88.14
C ASN R 51 42.93 54.35 -88.80
N GLY R 52 43.42 53.34 -88.06
CA GLY R 52 44.41 52.42 -88.57
C GLY R 52 45.84 52.81 -88.34
N GLN R 53 46.10 54.01 -87.83
CA GLN R 53 47.47 54.42 -87.55
C GLN R 53 48.00 53.74 -86.30
N ILE R 54 49.32 53.58 -86.24
CA ILE R 54 49.99 52.90 -85.15
C ILE R 54 50.98 53.87 -84.52
N VAL R 55 50.90 54.02 -83.20
CA VAL R 55 51.76 54.91 -82.44
C VAL R 55 52.83 54.07 -81.75
N SER R 56 54.08 54.49 -81.85
CA SER R 56 55.18 53.74 -81.28
C SER R 56 55.09 53.74 -79.75
N PRO R 57 55.22 52.60 -79.10
CA PRO R 57 55.22 52.58 -77.63
C PRO R 57 56.40 53.36 -77.06
N LYS R 58 56.16 54.00 -75.91
CA LYS R 58 57.23 54.77 -75.27
C LYS R 58 58.13 53.90 -74.40
N VAL R 59 57.65 52.74 -73.98
CA VAL R 59 58.47 51.86 -73.15
C VAL R 59 59.56 51.22 -73.99
N LYS R 60 60.70 50.97 -73.36
CA LYS R 60 61.87 50.44 -74.05
C LYS R 60 62.33 49.14 -73.41
N LYS R 61 63.44 48.60 -73.90
CA LYS R 61 63.98 47.35 -73.42
C LYS R 61 64.47 47.46 -71.97
N GLY R 62 65.17 48.55 -71.64
CA GLY R 62 65.83 48.65 -70.36
C GLY R 62 65.12 49.44 -69.29
N ASP R 63 63.82 49.69 -69.43
CA ASP R 63 63.12 50.51 -68.45
C ASP R 63 62.61 49.66 -67.29
N LYS R 64 61.95 50.32 -66.35
CA LYS R 64 61.31 49.68 -65.19
C LYS R 64 59.88 50.20 -65.09
N VAL R 65 58.91 49.32 -65.35
CA VAL R 65 57.50 49.69 -65.27
C VAL R 65 56.91 49.18 -63.97
N VAL R 66 55.75 49.73 -63.62
CA VAL R 66 55.00 49.31 -62.44
C VAL R 66 53.58 48.97 -62.88
N PHE R 67 53.09 47.81 -62.43
CA PHE R 67 51.78 47.31 -62.83
C PHE R 67 50.69 47.85 -61.92
N ASN R 68 49.45 47.80 -62.39
CA ASN R 68 48.30 48.25 -61.60
C ASN R 68 47.73 47.08 -60.80
N LYS R 69 48.64 46.38 -60.12
CA LYS R 69 48.35 45.44 -59.04
C LYS R 69 47.72 44.14 -59.53
N TYR R 70 47.28 44.08 -60.79
CA TYR R 70 46.66 42.88 -61.33
C TYR R 70 47.00 42.55 -62.78
N ALA R 71 47.58 43.48 -63.54
CA ALA R 71 47.70 43.31 -64.98
C ALA R 71 48.64 42.16 -65.32
N GLY R 72 48.28 41.39 -66.33
CA GLY R 72 49.14 40.33 -66.82
C GLY R 72 48.37 39.06 -67.06
N THR R 73 49.04 38.11 -67.70
CA THR R 73 48.47 36.80 -67.98
C THR R 73 49.26 35.65 -67.36
N GLU R 74 50.42 35.94 -66.77
CA GLU R 74 51.29 34.92 -66.18
C GLU R 74 51.49 33.72 -67.10
N VAL R 75 52.08 33.97 -68.27
CA VAL R 75 52.36 32.90 -69.21
C VAL R 75 53.57 32.10 -68.74
N GLU R 76 53.65 30.85 -69.16
CA GLU R 76 54.79 29.99 -68.89
C GLU R 76 55.54 29.73 -70.19
N LEU R 77 56.88 29.79 -70.12
CA LEU R 77 57.72 29.52 -71.28
C LEU R 77 58.94 28.74 -70.79
N ASP R 78 58.99 27.45 -71.14
CA ASP R 78 60.03 26.51 -70.69
C ASP R 78 60.44 26.76 -69.24
N GLY R 79 59.46 26.89 -68.36
CA GLY R 79 59.70 27.13 -66.96
C GLY R 79 59.82 28.59 -66.57
N GLU R 80 59.95 29.49 -67.53
CA GLU R 80 60.06 30.90 -67.25
C GLU R 80 58.69 31.57 -67.37
N LYS R 81 58.39 32.47 -66.44
CA LYS R 81 57.10 33.13 -66.38
C LYS R 81 57.22 34.59 -66.79
N TYR R 82 56.38 34.99 -67.74
CA TYR R 82 56.38 36.36 -68.24
C TYR R 82 54.99 36.97 -68.04
N LEU R 83 54.93 38.29 -68.17
CA LEU R 83 53.70 39.04 -67.88
C LEU R 83 53.34 39.88 -69.10
N ILE R 84 52.57 39.31 -70.02
CA ILE R 84 52.05 40.09 -71.14
C ILE R 84 51.03 41.08 -70.64
N MET R 85 51.24 42.34 -70.96
CA MET R 85 50.54 43.45 -70.31
C MET R 85 50.42 44.58 -71.33
N SER R 86 49.58 45.58 -71.04
CA SER R 86 49.21 46.54 -72.07
C SER R 86 49.59 47.96 -71.63
N GLU R 87 49.69 48.84 -72.63
CA GLU R 87 50.06 50.24 -72.38
C GLU R 87 49.05 50.97 -71.52
N ASP R 88 47.76 50.82 -71.83
CA ASP R 88 46.75 51.59 -71.12
C ASP R 88 46.65 51.21 -69.65
N GLU R 89 47.21 50.07 -69.26
CA GLU R 89 47.26 49.67 -67.87
C GLU R 89 48.64 49.84 -67.25
N VAL R 90 49.59 50.44 -67.95
CA VAL R 90 50.89 50.76 -67.36
C VAL R 90 50.73 51.96 -66.44
N LEU R 91 51.17 51.82 -65.20
CA LEU R 91 51.04 52.92 -64.25
C LEU R 91 52.08 54.00 -64.50
N ALA R 92 53.35 53.66 -64.43
CA ALA R 92 54.43 54.62 -64.65
C ALA R 92 55.70 53.86 -65.01
N VAL R 93 56.77 54.60 -65.26
CA VAL R 93 58.06 54.02 -65.64
C VAL R 93 59.16 54.63 -64.78
N ILE R 94 60.12 53.79 -64.42
CA ILE R 94 61.27 54.13 -63.57
C ILE R 94 60.96 55.20 -62.51
N ALA S 2 17.32 16.17 7.39
CA ALA S 2 17.34 15.87 8.82
C ALA S 2 18.58 15.06 9.18
N LYS S 3 19.36 15.56 10.12
CA LYS S 3 20.59 14.92 10.57
C LYS S 3 20.38 14.29 11.94
N LYS S 4 21.24 13.32 12.25
CA LYS S 4 21.35 12.75 13.58
C LYS S 4 22.81 12.69 13.97
N VAL S 5 23.11 13.07 15.21
CA VAL S 5 24.47 13.16 15.72
C VAL S 5 24.62 12.15 16.84
N ILE S 6 25.66 11.33 16.76
CA ILE S 6 25.99 10.35 17.79
C ILE S 6 27.37 10.68 18.35
N TYR S 7 27.58 10.35 19.62
CA TYR S 7 28.73 10.84 20.37
C TYR S 7 29.47 9.71 21.05
N GLY S 8 30.74 9.95 21.33
CA GLY S 8 31.51 9.12 22.25
C GLY S 8 31.62 7.67 21.83
N GLU S 9 31.39 6.77 22.78
CA GLU S 9 31.58 5.35 22.54
C GLU S 9 30.67 4.82 21.45
N ASP S 10 29.44 5.33 21.36
CA ASP S 10 28.53 4.92 20.30
C ASP S 10 29.10 5.30 18.94
N ALA S 11 29.68 6.50 18.83
CA ALA S 11 30.27 6.92 17.57
C ALA S 11 31.45 6.05 17.17
N ARG S 12 32.32 5.74 18.14
CA ARG S 12 33.50 4.93 17.83
C ARG S 12 33.11 3.48 17.55
N ALA S 13 32.04 3.00 18.17
CA ALA S 13 31.58 1.65 17.88
C ALA S 13 31.13 1.51 16.43
N ARG S 14 30.43 2.53 15.92
CA ARG S 14 30.00 2.50 14.52
C ARG S 14 31.21 2.52 13.58
N LEU S 15 32.18 3.38 13.87
CA LEU S 15 33.35 3.47 13.01
C LEU S 15 34.14 2.17 13.01
N LYS S 16 34.31 1.56 14.18
CA LYS S 16 35.06 0.31 14.28
C LYS S 16 34.38 -0.79 13.47
N ALA S 17 33.05 -0.86 13.54
CA ALA S 17 32.33 -1.89 12.78
C ALA S 17 32.51 -1.68 11.28
N GLY S 18 32.46 -0.44 10.82
CA GLY S 18 32.65 -0.18 9.40
C GLY S 18 34.07 -0.49 8.95
N VAL S 19 35.05 -0.10 9.74
CA VAL S 19 36.45 -0.36 9.38
C VAL S 19 36.72 -1.86 9.37
N ASP S 20 36.22 -2.58 10.37
CA ASP S 20 36.48 -4.01 10.47
C ASP S 20 35.87 -4.77 9.30
N LYS S 21 34.64 -4.42 8.92
CA LYS S 21 33.96 -5.14 7.85
C LYS S 21 34.67 -4.92 6.51
N LEU S 22 35.20 -3.72 6.28
CA LEU S 22 35.98 -3.48 5.08
C LEU S 22 37.31 -4.22 5.13
N ALA S 23 37.99 -4.16 6.28
CA ALA S 23 39.32 -4.76 6.38
C ALA S 23 39.25 -6.28 6.33
N ASN S 24 38.19 -6.88 6.87
CA ASN S 24 38.09 -8.34 6.85
C ASN S 24 37.95 -8.87 5.43
N ALA S 25 37.32 -8.11 4.53
CA ALA S 25 37.19 -8.55 3.15
C ALA S 25 38.51 -8.45 2.40
N VAL S 26 39.33 -7.44 2.73
CA VAL S 26 40.57 -7.22 2.01
C VAL S 26 41.68 -8.13 2.51
N LYS S 27 41.74 -8.36 3.82
CA LYS S 27 42.88 -9.06 4.41
C LYS S 27 42.97 -10.51 4.00
N VAL S 28 41.90 -11.08 3.42
CA VAL S 28 41.96 -12.47 2.97
C VAL S 28 42.85 -12.62 1.75
N THR S 29 43.22 -11.52 1.10
CA THR S 29 44.06 -11.58 -0.08
C THR S 29 45.54 -11.36 0.22
N LEU S 30 45.91 -11.26 1.50
CA LEU S 30 47.28 -10.93 1.85
C LEU S 30 48.16 -12.17 1.89
N GLY S 31 49.37 -12.04 1.35
CA GLY S 31 50.36 -13.09 1.42
C GLY S 31 50.42 -13.95 0.17
N PRO S 32 51.37 -14.89 0.14
CA PRO S 32 51.48 -15.79 -1.01
C PRO S 32 50.38 -16.84 -1.03
N ARG S 33 49.83 -17.15 0.15
CA ARG S 33 48.71 -18.07 0.28
C ARG S 33 47.38 -17.36 0.46
N GLY S 34 47.35 -16.04 0.24
CA GLY S 34 46.08 -15.34 0.30
C GLY S 34 45.18 -15.78 -0.84
N ARG S 35 43.88 -15.68 -0.61
CA ARG S 35 42.88 -16.12 -1.56
C ARG S 35 42.20 -14.92 -2.22
N GLU S 36 41.45 -15.20 -3.27
CA GLU S 36 40.88 -14.16 -4.11
C GLU S 36 39.43 -13.87 -3.72
N VAL S 37 38.94 -12.75 -4.22
CA VAL S 37 37.57 -12.28 -3.96
C VAL S 37 36.87 -12.09 -5.28
N ILE S 38 35.65 -12.60 -5.39
CA ILE S 38 34.82 -12.43 -6.58
C ILE S 38 33.87 -11.27 -6.32
N ILE S 39 33.86 -10.30 -7.25
CA ILE S 39 33.08 -9.08 -7.12
C ILE S 39 31.97 -9.10 -8.16
N GLU S 40 30.73 -8.89 -7.71
CA GLU S 40 29.59 -8.90 -8.61
C GLU S 40 29.64 -7.67 -9.52
N LYS S 41 29.39 -7.89 -10.81
CA LYS S 41 29.24 -6.82 -11.78
C LYS S 41 27.81 -6.82 -12.30
N LYS S 42 27.20 -5.63 -12.36
CA LYS S 42 25.80 -5.54 -12.75
C LYS S 42 25.57 -5.97 -14.18
N TRP S 43 26.56 -5.80 -15.06
CA TRP S 43 26.56 -6.44 -16.37
C TRP S 43 27.80 -7.31 -16.52
N GLY S 44 27.60 -8.47 -17.16
CA GLY S 44 28.73 -9.30 -17.54
C GLY S 44 29.22 -10.23 -16.44
N THR S 45 30.39 -10.80 -16.69
CA THR S 45 30.95 -11.78 -15.78
C THR S 45 31.42 -11.10 -14.50
N PRO S 46 31.29 -11.77 -13.34
CA PRO S 46 31.88 -11.25 -12.11
C PRO S 46 33.41 -11.19 -12.21
N VAL S 47 34.02 -10.28 -11.46
CA VAL S 47 35.47 -10.09 -11.50
C VAL S 47 36.10 -10.84 -10.33
N VAL S 48 37.05 -11.72 -10.65
CA VAL S 48 37.84 -12.42 -9.65
C VAL S 48 39.18 -11.70 -9.53
N THR S 49 39.52 -11.28 -8.32
CA THR S 49 40.69 -10.45 -8.14
C THR S 49 41.36 -10.74 -6.80
N LYS S 50 42.66 -10.49 -6.74
CA LYS S 50 43.42 -10.50 -5.50
C LYS S 50 43.91 -9.12 -5.13
N ASP S 51 43.44 -8.08 -5.82
CA ASP S 51 43.92 -6.73 -5.60
C ASP S 51 43.22 -6.10 -4.41
N GLY S 52 43.99 -5.53 -3.49
CA GLY S 52 43.40 -4.96 -2.29
C GLY S 52 42.54 -3.74 -2.57
N VAL S 53 43.01 -2.84 -3.43
CA VAL S 53 42.26 -1.62 -3.69
C VAL S 53 41.01 -1.92 -4.51
N THR S 54 41.06 -2.94 -5.37
CA THR S 54 39.88 -3.28 -6.16
C THR S 54 38.74 -3.76 -5.27
N VAL S 55 39.05 -4.58 -4.27
CA VAL S 55 38.03 -5.05 -3.33
C VAL S 55 37.51 -3.90 -2.49
N ALA S 56 38.42 -3.04 -2.02
CA ALA S 56 38.04 -1.94 -1.14
C ALA S 56 37.13 -0.95 -1.86
N LYS S 57 37.41 -0.68 -3.14
CA LYS S 57 36.67 0.33 -3.88
C LYS S 57 35.19 -0.04 -4.00
N GLU S 58 34.87 -1.33 -3.90
CA GLU S 58 33.50 -1.77 -4.12
C GLU S 58 32.67 -1.82 -2.85
N ILE S 59 33.26 -1.55 -1.69
CA ILE S 59 32.58 -1.80 -0.42
C ILE S 59 31.87 -0.53 0.05
N GLU S 60 30.60 -0.68 0.42
CA GLU S 60 29.83 0.37 1.07
C GLU S 60 28.65 -0.28 1.77
N PHE S 61 28.25 0.30 2.90
CA PHE S 61 27.30 -0.35 3.80
C PHE S 61 26.05 0.50 3.96
N LYS S 62 24.99 -0.14 4.48
CA LYS S 62 23.70 0.51 4.64
C LYS S 62 23.71 1.50 5.79
N ASP S 63 24.33 1.13 6.91
CA ASP S 63 24.36 2.02 8.07
C ASP S 63 25.15 3.28 7.73
N PRO S 64 24.58 4.47 7.87
CA PRO S 64 25.32 5.67 7.48
C PRO S 64 26.57 5.90 8.30
N TYR S 65 26.59 5.48 9.56
CA TYR S 65 27.75 5.70 10.42
C TYR S 65 28.83 4.67 10.21
N GLU S 66 28.46 3.41 9.99
CA GLU S 66 29.44 2.39 9.63
C GLU S 66 30.04 2.67 8.25
N ASN S 67 29.26 3.28 7.37
CA ASN S 67 29.75 3.58 6.03
C ASN S 67 30.89 4.60 6.06
N MET S 68 30.81 5.59 6.94
CA MET S 68 31.88 6.58 7.02
C MET S 68 33.19 5.93 7.45
N GLY S 69 33.13 4.95 8.34
CA GLY S 69 34.34 4.21 8.68
C GLY S 69 34.94 3.50 7.49
N ALA S 70 34.09 2.87 6.68
CA ALA S 70 34.58 2.18 5.48
C ALA S 70 35.08 3.17 4.44
N GLN S 71 34.38 4.30 4.28
CA GLN S 71 34.76 5.26 3.26
C GLN S 71 36.10 5.92 3.58
N LEU S 72 36.41 6.12 4.87
CA LEU S 72 37.67 6.75 5.22
C LEU S 72 38.84 5.82 4.99
N VAL S 73 38.70 4.54 5.37
CA VAL S 73 39.76 3.58 5.17
C VAL S 73 39.97 3.26 3.70
N LYS S 74 38.91 3.36 2.88
CA LYS S 74 39.07 3.17 1.45
C LYS S 74 40.07 4.16 0.86
N GLU S 75 40.20 5.33 1.48
CA GLU S 75 41.17 6.31 1.01
C GLU S 75 42.60 5.83 1.20
N VAL S 76 42.83 4.98 2.21
CA VAL S 76 44.17 4.44 2.42
C VAL S 76 44.59 3.58 1.23
N ALA S 77 43.70 2.69 0.80
CA ALA S 77 44.01 1.84 -0.35
C ALA S 77 44.07 2.65 -1.64
N SER S 78 43.17 3.62 -1.80
CA SER S 78 43.15 4.43 -3.00
C SER S 78 44.42 5.25 -3.15
N LYS S 79 44.87 5.88 -2.07
CA LYS S 79 46.08 6.69 -2.14
C LYS S 79 47.32 5.85 -2.37
N THR S 80 47.39 4.67 -1.73
CA THR S 80 48.55 3.81 -1.92
C THR S 80 48.66 3.34 -3.36
N SER S 81 47.52 3.00 -3.98
CA SER S 81 47.54 2.57 -5.38
C SER S 81 47.98 3.72 -6.29
N ASP S 82 47.51 4.94 -6.00
CA ASP S 82 47.89 6.08 -6.82
C ASP S 82 49.38 6.37 -6.74
N VAL S 83 49.96 6.25 -5.55
CA VAL S 83 51.34 6.64 -5.36
C VAL S 83 52.32 5.51 -5.66
N ALA S 84 52.05 4.30 -5.17
CA ALA S 84 53.01 3.21 -5.31
C ALA S 84 52.52 2.14 -6.29
N GLY S 85 51.21 1.95 -6.36
CA GLY S 85 50.66 0.91 -7.22
C GLY S 85 50.69 -0.47 -6.64
N ASP S 86 51.18 -0.63 -5.42
CA ASP S 86 51.24 -1.93 -4.75
C ASP S 86 51.26 -1.68 -3.25
N GLY S 87 50.95 -2.72 -2.49
CA GLY S 87 50.88 -2.60 -1.05
C GLY S 87 49.56 -2.09 -0.52
N THR S 88 48.49 -2.16 -1.31
CA THR S 88 47.21 -1.63 -0.86
C THR S 88 46.59 -2.49 0.24
N THR S 89 46.81 -3.81 0.18
CA THR S 89 46.30 -4.68 1.24
C THR S 89 47.07 -4.46 2.53
N THR S 90 48.39 -4.28 2.45
CA THR S 90 49.18 -3.99 3.63
C THR S 90 48.75 -2.68 4.27
N ALA S 91 48.49 -1.66 3.45
CA ALA S 91 48.06 -0.38 3.98
C ALA S 91 46.72 -0.50 4.70
N THR S 92 45.79 -1.27 4.13
CA THR S 92 44.50 -1.46 4.78
C THR S 92 44.65 -2.22 6.10
N VAL S 93 45.52 -3.23 6.13
CA VAL S 93 45.74 -3.98 7.36
C VAL S 93 46.35 -3.08 8.43
N LEU S 94 47.32 -2.24 8.03
CA LEU S 94 47.94 -1.32 8.98
C LEU S 94 46.93 -0.32 9.52
N ALA S 95 46.06 0.20 8.66
CA ALA S 95 45.10 1.21 9.09
C ALA S 95 44.14 0.66 10.14
N GLN S 96 43.67 -0.58 9.95
CA GLN S 96 42.80 -1.19 10.95
C GLN S 96 43.52 -1.37 12.28
N ALA S 97 44.78 -1.78 12.24
CA ALA S 97 45.53 -2.01 13.46
C ALA S 97 45.71 -0.72 14.26
N ILE S 98 46.04 0.37 13.56
CA ILE S 98 46.21 1.65 14.26
C ILE S 98 44.90 2.12 14.85
N PHE S 99 43.81 2.01 14.10
CA PHE S 99 42.51 2.47 14.58
C PHE S 99 42.03 1.64 15.77
N ASN S 100 42.18 0.31 15.67
CA ASN S 100 41.72 -0.56 16.76
C ASN S 100 42.51 -0.31 18.04
N GLU S 101 43.82 -0.16 17.93
CA GLU S 101 44.63 0.09 19.12
C GLU S 101 44.41 1.50 19.65
N GLY S 102 44.15 2.45 18.75
CA GLY S 102 43.87 3.81 19.20
C GLY S 102 42.59 3.91 20.02
N LEU S 103 41.56 3.16 19.62
CA LEU S 103 40.31 3.17 20.38
C LEU S 103 40.50 2.63 21.78
N ARG S 104 41.34 1.61 21.94
CA ARG S 104 41.61 1.07 23.27
C ARG S 104 42.28 2.11 24.16
N ALA S 105 43.22 2.86 23.61
CA ALA S 105 43.90 3.90 24.39
C ALA S 105 42.93 5.02 24.76
N ILE S 106 42.07 5.42 23.82
CA ILE S 106 41.12 6.49 24.08
C ILE S 106 40.10 6.04 25.12
N ALA S 107 39.70 4.77 25.07
CA ALA S 107 38.75 4.25 26.06
C ALA S 107 39.33 4.28 27.47
N SER S 108 40.65 4.32 27.59
CA SER S 108 41.29 4.40 28.90
C SER S 108 41.46 5.84 29.38
N GLY S 109 41.03 6.82 28.61
CA GLY S 109 41.09 8.21 29.02
C GLY S 109 42.17 9.05 28.38
N ALA S 110 42.89 8.52 27.39
CA ALA S 110 43.95 9.28 26.75
C ALA S 110 43.36 10.38 25.87
N ASN S 111 44.13 11.44 25.68
CA ASN S 111 43.69 12.56 24.85
C ASN S 111 43.83 12.20 23.38
N PRO S 112 42.75 12.25 22.60
CA PRO S 112 42.86 11.87 21.17
C PRO S 112 43.85 12.72 20.39
N MET S 113 43.98 14.01 20.71
CA MET S 113 44.90 14.85 19.96
C MET S 113 46.36 14.49 20.24
N ASP S 114 46.67 14.12 21.49
CA ASP S 114 48.04 13.76 21.82
C ASP S 114 48.42 12.41 21.24
N ILE S 115 47.47 11.50 21.12
CA ILE S 115 47.74 10.20 20.50
C ILE S 115 48.15 10.40 19.04
N LYS S 116 47.43 11.27 18.33
CA LYS S 116 47.76 11.57 16.94
C LYS S 116 49.15 12.18 16.84
N ARG S 117 49.49 13.08 17.77
CA ARG S 117 50.83 13.66 17.78
C ARG S 117 51.90 12.61 18.05
N GLY S 118 51.61 11.68 18.96
CA GLY S 118 52.55 10.60 19.21
C GLY S 118 52.69 9.68 18.00
N ILE S 119 51.57 9.42 17.31
CA ILE S 119 51.60 8.57 16.12
C ILE S 119 52.46 9.20 15.04
N ASP S 120 52.33 10.52 14.87
CA ASP S 120 53.10 11.21 13.84
C ASP S 120 54.61 11.09 14.10
N LYS S 121 55.02 11.22 15.35
CA LYS S 121 56.44 11.09 15.68
C LYS S 121 56.95 9.69 15.40
N ALA S 122 56.15 8.67 15.73
CA ALA S 122 56.59 7.29 15.51
C ALA S 122 56.76 6.98 14.03
N VAL S 123 55.86 7.49 13.19
CA VAL S 123 55.93 7.21 11.76
C VAL S 123 57.18 7.85 11.16
N GLU S 124 57.54 9.04 11.66
CA GLU S 124 58.77 9.68 11.19
C GLU S 124 59.99 8.82 11.49
N THR S 125 60.04 8.24 12.69
CA THR S 125 61.14 7.34 13.05
C THR S 125 61.10 6.08 12.20
N VAL S 126 59.91 5.51 11.99
CA VAL S 126 59.80 4.25 11.26
C VAL S 126 60.24 4.43 9.81
N VAL S 127 59.82 5.54 9.18
CA VAL S 127 60.20 5.79 7.80
C VAL S 127 61.70 5.98 7.69
N ASN S 128 62.30 6.71 8.65
CA ASN S 128 63.75 6.87 8.66
C ASN S 128 64.46 5.54 8.82
N GLU S 129 63.93 4.67 9.69
CA GLU S 129 64.54 3.36 9.89
C GLU S 129 64.44 2.48 8.66
N ILE S 130 63.31 2.57 7.93
CA ILE S 130 63.14 1.77 6.73
C ILE S 130 64.17 2.14 5.68
N LYS S 131 64.41 3.43 5.50
CA LYS S 131 65.37 3.87 4.48
C LYS S 131 66.77 3.37 4.79
N LYS S 132 67.08 3.18 6.08
CA LYS S 132 68.37 2.59 6.44
C LYS S 132 68.45 1.14 5.98
N LEU S 133 67.36 0.39 6.09
CA LEU S 133 67.34 -0.99 5.62
C LEU S 133 67.31 -1.10 4.11
N SER S 134 67.03 -0.01 3.40
CA SER S 134 66.90 -0.06 1.95
C SER S 134 68.24 -0.37 1.30
N ILE S 135 68.22 -1.24 0.31
CA ILE S 135 69.40 -1.59 -0.48
C ILE S 135 69.11 -1.24 -1.93
N PRO S 136 70.00 -0.51 -2.61
CA PRO S 136 69.74 -0.14 -4.01
C PRO S 136 69.71 -1.37 -4.90
N VAL S 137 68.92 -1.27 -5.98
CA VAL S 137 68.82 -2.37 -6.94
C VAL S 137 70.12 -2.48 -7.71
N SER S 138 70.74 -3.66 -7.67
CA SER S 138 72.03 -3.84 -8.32
C SER S 138 71.89 -4.13 -9.81
N GLY S 139 70.80 -4.76 -10.22
CA GLY S 139 70.64 -5.09 -11.63
C GLY S 139 69.45 -6.02 -11.84
N ARG S 140 69.64 -6.97 -12.75
CA ARG S 140 68.53 -7.81 -13.20
C ARG S 140 68.08 -8.77 -12.10
N LYS S 141 68.99 -9.16 -11.20
CA LYS S 141 68.63 -10.15 -10.18
C LYS S 141 67.50 -9.65 -9.30
N GLU S 142 67.63 -8.43 -8.76
CA GLU S 142 66.58 -7.90 -7.91
C GLU S 142 65.34 -7.51 -8.72
N ILE S 143 65.52 -7.08 -9.96
CA ILE S 143 64.37 -6.73 -10.80
C ILE S 143 63.49 -7.95 -11.03
N GLU S 144 64.11 -9.08 -11.35
CA GLU S 144 63.36 -10.31 -11.55
C GLU S 144 62.72 -10.79 -10.26
N GLN S 145 63.42 -10.62 -9.13
CA GLN S 145 62.89 -11.08 -7.85
C GLN S 145 61.70 -10.23 -7.42
N VAL S 146 61.77 -8.92 -7.63
CA VAL S 146 60.66 -8.04 -7.26
C VAL S 146 59.43 -8.36 -8.09
N ALA S 147 59.61 -8.53 -9.40
CA ALA S 147 58.48 -8.83 -10.28
C ALA S 147 57.84 -10.16 -9.92
N THR S 148 58.66 -11.16 -9.58
CA THR S 148 58.13 -12.47 -9.23
C THR S 148 57.27 -12.41 -7.99
N ILE S 149 57.73 -11.68 -6.97
CA ILE S 149 56.99 -11.62 -5.71
C ILE S 149 55.70 -10.84 -5.87
N SER S 150 55.76 -9.70 -6.57
CA SER S 150 54.58 -8.87 -6.74
C SER S 150 53.54 -9.55 -7.63
N ALA S 151 53.97 -10.45 -8.50
CA ALA S 151 53.05 -11.23 -9.33
C ALA S 151 52.55 -12.49 -8.64
N ASN S 152 52.60 -12.54 -7.31
CA ASN S 152 52.16 -13.69 -6.52
C ASN S 152 52.98 -14.93 -6.87
N ASN S 153 54.31 -14.81 -6.74
CA ASN S 153 55.25 -15.92 -6.94
C ASN S 153 55.08 -16.56 -8.32
N ASP S 154 54.98 -15.73 -9.36
CA ASP S 154 54.85 -16.21 -10.73
C ASP S 154 56.16 -15.93 -11.46
N ALA S 155 56.96 -16.98 -11.66
CA ALA S 155 58.28 -16.81 -12.25
C ALA S 155 58.22 -16.40 -13.71
N THR S 156 57.24 -16.89 -14.47
CA THR S 156 57.14 -16.53 -15.89
C THR S 156 56.88 -15.04 -16.06
N ILE S 157 56.00 -14.47 -15.23
CA ILE S 157 55.74 -13.04 -15.30
C ILE S 157 56.97 -12.24 -14.91
N GLY S 158 57.72 -12.73 -13.92
CA GLY S 158 58.93 -12.04 -13.51
C GLY S 158 59.98 -11.99 -14.61
N LYS S 159 60.10 -13.08 -15.36
CA LYS S 159 61.07 -13.12 -16.46
C LYS S 159 60.72 -12.11 -17.54
N ILE S 160 59.44 -12.00 -17.88
CA ILE S 160 59.01 -11.10 -18.95
C ILE S 160 59.28 -9.65 -18.57
N ILE S 161 58.94 -9.28 -17.33
CA ILE S 161 59.11 -7.89 -16.91
C ILE S 161 60.59 -7.53 -16.80
N ALA S 162 61.42 -8.47 -16.35
CA ALA S 162 62.85 -8.23 -16.31
C ALA S 162 63.40 -7.97 -17.71
N ASP S 163 62.92 -8.71 -18.70
CA ASP S 163 63.32 -8.47 -20.08
C ASP S 163 62.84 -7.11 -20.57
N ALA S 164 61.62 -6.72 -20.15
CA ALA S 164 61.04 -5.47 -20.66
C ALA S 164 61.84 -4.25 -20.22
N MET S 165 62.29 -4.22 -18.97
CA MET S 165 63.08 -3.09 -18.50
C MET S 165 64.40 -2.99 -19.24
N GLU S 166 65.05 -4.13 -19.49
CA GLU S 166 66.32 -4.10 -20.22
C GLU S 166 66.13 -3.58 -21.65
N ALA S 167 65.01 -3.89 -22.28
CA ALA S 167 64.77 -3.43 -23.64
C ALA S 167 64.57 -1.92 -23.68
N VAL S 168 63.73 -1.38 -22.79
CA VAL S 168 63.44 0.05 -22.80
C VAL S 168 64.41 0.86 -21.95
N GLY S 169 65.21 0.21 -21.12
CA GLY S 169 66.21 0.93 -20.35
C GLY S 169 65.64 1.68 -19.16
N LYS S 170 66.48 2.56 -18.62
CA LYS S 170 66.12 3.33 -17.42
C LYS S 170 64.95 4.27 -17.68
N ASP S 171 64.94 4.92 -18.85
CA ASP S 171 63.97 5.97 -19.14
C ASP S 171 62.81 5.50 -20.01
N GLY S 172 62.67 4.20 -20.25
CA GLY S 172 61.57 3.69 -21.03
C GLY S 172 60.29 3.53 -20.23
N VAL S 173 59.24 3.10 -20.92
CA VAL S 173 57.92 2.89 -20.32
C VAL S 173 57.43 1.51 -20.73
N ILE S 174 56.69 0.87 -19.84
CA ILE S 174 56.12 -0.46 -20.06
C ILE S 174 54.61 -0.36 -19.98
N THR S 175 53.94 -0.94 -20.97
CA THR S 175 52.48 -0.90 -21.06
C THR S 175 51.93 -2.31 -21.07
N VAL S 176 50.86 -2.54 -20.31
CA VAL S 176 50.24 -3.86 -20.20
C VAL S 176 48.90 -3.82 -20.93
N GLU S 177 48.69 -4.79 -21.81
CA GLU S 177 47.47 -4.89 -22.59
C GLU S 177 46.98 -6.34 -22.60
N GLU S 178 45.79 -6.53 -23.13
CA GLU S 178 45.17 -7.85 -23.22
C GLU S 178 45.42 -8.42 -24.61
N SER S 179 46.03 -9.60 -24.66
CA SER S 179 46.28 -10.26 -25.94
C SER S 179 44.99 -10.88 -26.49
N LYS S 180 44.94 -10.99 -27.82
CA LYS S 180 43.79 -11.62 -28.48
C LYS S 180 43.88 -13.14 -28.47
N SER S 181 45.02 -13.71 -28.06
CA SER S 181 45.21 -15.14 -28.03
C SER S 181 45.52 -15.57 -26.61
N ALA S 182 45.75 -16.88 -26.45
CA ALA S 182 46.01 -17.43 -25.12
C ALA S 182 47.45 -17.18 -24.66
N GLU S 183 48.36 -16.85 -25.57
CA GLU S 183 49.75 -16.67 -25.19
C GLU S 183 49.99 -15.26 -24.66
N THR S 184 51.00 -15.15 -23.79
CA THR S 184 51.46 -13.86 -23.28
C THR S 184 52.78 -13.51 -23.96
N THR S 185 52.82 -12.36 -24.62
CA THR S 185 53.96 -11.97 -25.44
C THR S 185 54.45 -10.59 -25.03
N LEU S 186 55.71 -10.32 -25.33
CA LEU S 186 56.33 -9.02 -25.09
C LEU S 186 56.75 -8.42 -26.42
N GLU S 187 56.32 -7.19 -26.67
CA GLU S 187 56.66 -6.46 -27.88
C GLU S 187 57.41 -5.19 -27.50
N THR S 188 58.58 -4.98 -28.10
CA THR S 188 59.40 -3.80 -27.84
C THR S 188 59.71 -3.09 -29.15
N VAL S 189 59.66 -1.77 -29.12
CA VAL S 189 59.98 -0.94 -30.27
C VAL S 189 60.83 0.23 -29.80
N GLN S 190 61.85 0.57 -30.59
CA GLN S 190 62.77 1.65 -30.26
C GLN S 190 62.64 2.76 -31.29
N GLY S 191 62.87 4.00 -30.85
CA GLY S 191 62.71 5.13 -31.73
C GLY S 191 61.29 5.66 -31.73
N MET S 192 61.09 6.68 -32.56
CA MET S 192 59.79 7.36 -32.61
C MET S 192 58.78 6.52 -33.38
N GLN S 193 57.53 6.59 -32.93
CA GLN S 193 56.43 5.83 -33.52
C GLN S 193 55.12 6.53 -33.19
N PHE S 194 54.17 6.48 -34.12
CA PHE S 194 52.86 7.07 -33.87
C PHE S 194 51.82 6.37 -34.73
N ASP S 195 50.55 6.56 -34.35
CA ASP S 195 49.44 5.83 -34.93
C ASP S 195 48.90 6.50 -36.20
N ARG S 196 49.78 6.75 -37.17
CA ARG S 196 49.37 7.30 -38.45
C ARG S 196 50.12 6.55 -39.55
N GLY S 197 49.69 6.78 -40.79
CA GLY S 197 50.43 6.28 -41.92
C GLY S 197 49.60 5.73 -43.07
N TYR S 198 50.27 5.43 -44.18
CA TYR S 198 49.70 4.69 -45.30
C TYR S 198 48.51 5.45 -45.91
N LEU S 199 48.82 6.64 -46.42
CA LEU S 199 47.77 7.44 -47.06
C LEU S 199 47.24 6.79 -48.32
N SER S 200 48.06 5.98 -49.01
CA SER S 200 47.64 5.37 -50.25
C SER S 200 48.17 3.96 -50.33
N PRO S 201 47.37 3.00 -50.83
CA PRO S 201 47.87 1.62 -50.97
C PRO S 201 49.03 1.49 -51.94
N TYR S 202 49.23 2.44 -52.85
CA TYR S 202 50.26 2.29 -53.87
C TYR S 202 51.67 2.52 -53.32
N PHE S 203 51.80 3.02 -52.09
CA PHE S 203 53.11 3.17 -51.46
C PHE S 203 53.52 1.83 -50.88
N VAL S 204 53.94 0.93 -51.76
CA VAL S 204 54.30 -0.43 -51.37
C VAL S 204 55.73 -0.71 -51.82
N THR S 205 56.56 -1.16 -50.86
CA THR S 205 57.89 -1.67 -51.17
C THR S 205 58.05 -3.13 -50.80
N ASN S 206 57.06 -3.72 -50.12
CA ASN S 206 57.10 -5.13 -49.75
C ASN S 206 55.66 -5.64 -49.77
N PRO S 207 55.21 -6.21 -50.90
CA PRO S 207 53.82 -6.68 -50.99
C PRO S 207 53.53 -7.84 -50.05
N ASP S 208 54.57 -8.55 -49.60
CA ASP S 208 54.36 -9.63 -48.65
C ASP S 208 53.84 -9.11 -47.32
N LYS S 209 54.37 -7.98 -46.85
CA LYS S 209 54.04 -7.50 -45.51
C LYS S 209 53.14 -6.27 -45.50
N MET S 210 52.86 -5.68 -46.66
CA MET S 210 52.04 -4.47 -46.76
C MET S 210 52.60 -3.33 -45.91
N GLU S 211 53.80 -2.89 -46.28
CA GLU S 211 54.42 -1.74 -45.63
C GLU S 211 55.40 -1.09 -46.59
N ALA S 212 55.76 0.16 -46.29
CA ALA S 212 56.69 0.93 -47.10
C ALA S 212 57.92 1.26 -46.28
N VAL S 213 59.10 0.91 -46.80
CA VAL S 213 60.37 1.16 -46.13
C VAL S 213 61.22 2.05 -47.03
N LEU S 214 61.76 3.12 -46.46
CA LEU S 214 62.60 4.06 -47.20
C LEU S 214 63.99 4.09 -46.56
N GLU S 215 65.01 4.10 -47.42
CA GLU S 215 66.40 4.04 -46.98
C GLU S 215 66.99 5.44 -46.98
N ASP S 216 67.35 5.92 -45.79
CA ASP S 216 67.86 7.28 -45.57
C ASP S 216 66.95 8.33 -46.22
N PRO S 217 65.69 8.42 -45.81
CA PRO S 217 64.79 9.38 -46.46
C PRO S 217 64.87 10.77 -45.85
N PHE S 218 64.48 11.75 -46.64
CA PHE S 218 64.20 13.08 -46.12
C PHE S 218 62.76 13.15 -45.62
N ILE S 219 62.59 13.65 -44.40
CA ILE S 219 61.28 13.74 -43.76
C ILE S 219 60.78 15.17 -43.90
N LEU S 220 59.58 15.32 -44.44
CA LEU S 220 58.94 16.63 -44.60
C LEU S 220 57.94 16.83 -43.48
N ILE S 221 58.16 17.84 -42.67
CA ILE S 221 57.30 18.16 -41.54
C ILE S 221 56.54 19.43 -41.88
N TYR S 222 55.23 19.31 -42.05
CA TYR S 222 54.38 20.45 -42.37
C TYR S 222 53.14 20.40 -41.49
N GLU S 223 52.66 21.58 -41.08
CA GLU S 223 51.47 21.65 -40.23
C GLU S 223 50.20 21.59 -41.08
N LYS S 224 50.03 22.54 -41.99
CA LYS S 224 48.79 22.69 -42.74
C LYS S 224 48.68 21.61 -43.81
N LYS S 225 47.52 21.57 -44.46
CA LYS S 225 47.28 20.62 -45.53
C LYS S 225 48.07 21.00 -46.77
N ILE S 226 48.49 19.97 -47.52
CA ILE S 226 49.11 20.15 -48.82
C ILE S 226 48.08 19.79 -49.87
N SER S 227 47.51 20.80 -50.53
CA SER S 227 46.40 20.57 -51.44
C SER S 227 46.77 20.85 -52.89
N ASN S 228 47.23 22.06 -53.17
CA ASN S 228 47.53 22.43 -54.55
C ASN S 228 48.73 21.65 -55.06
N VAL S 229 48.70 21.32 -56.35
CA VAL S 229 49.82 20.62 -56.96
C VAL S 229 51.05 21.51 -57.04
N LYS S 230 50.84 22.82 -57.21
CA LYS S 230 51.94 23.72 -57.53
C LYS S 230 52.94 23.75 -56.39
N ASP S 231 52.50 24.11 -55.19
CA ASP S 231 53.41 24.31 -54.07
C ASP S 231 54.16 23.05 -53.66
N LEU S 232 53.61 21.87 -53.93
CA LEU S 232 54.32 20.63 -53.64
C LEU S 232 55.51 20.46 -54.58
N LEU S 233 55.42 21.02 -55.79
CA LEU S 233 56.46 20.79 -56.79
C LEU S 233 57.84 21.28 -56.37
N PRO S 234 58.01 22.50 -55.87
CA PRO S 234 59.38 22.96 -55.53
C PRO S 234 60.10 22.05 -54.55
N VAL S 235 59.40 21.51 -53.56
CA VAL S 235 60.04 20.54 -52.67
C VAL S 235 60.30 19.23 -53.42
N LEU S 236 59.34 18.82 -54.26
CA LEU S 236 59.56 17.64 -55.10
C LEU S 236 60.68 17.89 -56.10
N GLU S 237 60.74 19.10 -56.67
CA GLU S 237 61.84 19.45 -57.55
C GLU S 237 63.18 19.39 -56.83
N ASN S 238 63.17 19.71 -55.53
CA ASN S 238 64.41 19.72 -54.76
C ASN S 238 64.90 18.30 -54.48
N VAL S 239 64.00 17.35 -54.27
CA VAL S 239 64.43 16.00 -53.88
C VAL S 239 64.74 15.15 -55.11
N VAL S 240 64.12 15.44 -56.27
CA VAL S 240 64.49 14.70 -57.47
C VAL S 240 65.92 15.03 -57.89
N ARG S 241 66.37 16.25 -57.57
CA ARG S 241 67.77 16.59 -57.81
C ARG S 241 68.71 15.72 -56.98
N ALA S 242 68.36 15.48 -55.72
CA ALA S 242 69.18 14.61 -54.87
C ALA S 242 68.97 13.13 -55.19
N GLY S 243 67.80 12.77 -55.72
CA GLY S 243 67.51 11.38 -56.00
C GLY S 243 67.40 10.50 -54.77
N LYS S 244 66.71 10.97 -53.73
CA LYS S 244 66.60 10.26 -52.47
C LYS S 244 65.14 10.12 -52.08
N PRO S 245 64.80 9.14 -51.25
CA PRO S 245 63.41 8.97 -50.84
C PRO S 245 62.93 10.10 -49.96
N LEU S 246 61.61 10.28 -49.94
CA LEU S 246 60.97 11.41 -49.29
C LEU S 246 59.84 10.88 -48.41
N LEU S 247 59.62 11.54 -47.27
CA LEU S 247 58.52 11.23 -46.37
C LEU S 247 57.81 12.52 -46.02
N ILE S 248 56.49 12.53 -46.15
CA ILE S 248 55.67 13.71 -45.89
C ILE S 248 54.87 13.49 -44.62
N ILE S 249 54.95 14.46 -43.70
CA ILE S 249 54.10 14.51 -42.53
C ILE S 249 53.34 15.84 -42.59
N ALA S 250 52.02 15.74 -42.64
CA ALA S 250 51.18 16.93 -42.77
C ALA S 250 49.81 16.64 -42.20
N GLU S 251 48.96 17.67 -42.18
CA GLU S 251 47.59 17.50 -41.70
C GLU S 251 46.83 16.50 -42.56
N ASP S 252 46.96 16.61 -43.88
CA ASP S 252 46.32 15.69 -44.80
C ASP S 252 46.81 15.98 -46.21
N VAL S 253 46.89 14.94 -47.03
CA VAL S 253 47.16 15.06 -48.46
C VAL S 253 45.97 14.48 -49.20
N GLU S 254 45.26 15.33 -49.95
CA GLU S 254 44.02 14.93 -50.61
C GLU S 254 44.30 14.50 -52.04
N ALA S 255 43.22 14.22 -52.78
CA ALA S 255 43.33 13.53 -54.06
C ALA S 255 44.22 14.28 -55.05
N GLU S 256 44.04 15.59 -55.17
CA GLU S 256 44.82 16.35 -56.13
C GLU S 256 46.31 16.29 -55.82
N ALA S 257 46.67 16.44 -54.55
CA ALA S 257 48.08 16.45 -54.19
C ALA S 257 48.69 15.05 -54.22
N LEU S 258 47.99 14.06 -53.67
CA LEU S 258 48.57 12.73 -53.60
C LEU S 258 48.66 12.08 -54.98
N ALA S 259 47.78 12.46 -55.90
CA ALA S 259 47.83 11.90 -57.25
C ALA S 259 49.17 12.19 -57.92
N THR S 260 49.84 13.27 -57.53
CA THR S 260 51.14 13.59 -58.09
C THR S 260 52.18 12.53 -57.71
N LEU S 261 52.30 12.23 -56.41
CA LEU S 261 53.32 11.30 -55.96
C LEU S 261 53.01 9.87 -56.40
N VAL S 262 51.75 9.44 -56.25
CA VAL S 262 51.41 8.06 -56.56
C VAL S 262 51.64 7.77 -58.04
N VAL S 263 51.37 8.74 -58.91
CA VAL S 263 51.75 8.58 -60.31
C VAL S 263 53.26 8.58 -60.45
N ASN S 264 53.94 9.51 -59.76
CA ASN S 264 55.39 9.55 -59.79
C ASN S 264 56.01 8.33 -59.14
N HIS S 265 55.45 7.88 -58.01
CA HIS S 265 56.01 6.71 -57.32
C HIS S 265 55.88 5.46 -58.17
N ILE S 266 54.74 5.28 -58.83
CA ILE S 266 54.55 4.12 -59.72
C ILE S 266 55.55 4.19 -60.87
N LYS S 267 55.72 5.36 -61.46
CA LYS S 267 56.70 5.54 -62.52
C LYS S 267 58.14 5.43 -62.03
N GLY S 268 58.36 5.44 -60.71
CA GLY S 268 59.68 5.22 -60.17
C GLY S 268 60.61 6.41 -60.16
N VAL S 269 60.13 7.59 -60.56
CA VAL S 269 60.99 8.77 -60.51
C VAL S 269 61.33 9.15 -59.07
N ILE S 270 60.41 8.93 -58.12
CA ILE S 270 60.70 9.07 -56.71
C ILE S 270 60.07 7.91 -55.97
N ARG S 271 60.63 7.60 -54.80
CA ARG S 271 60.08 6.60 -53.90
C ARG S 271 59.75 7.28 -52.58
N ALA S 272 58.47 7.61 -52.40
CA ALA S 272 58.06 8.45 -51.29
C ALA S 272 56.73 7.97 -50.75
N CYS S 273 56.39 8.46 -49.55
CA CYS S 273 55.12 8.17 -48.93
C CYS S 273 54.71 9.36 -48.07
N ALA S 274 53.40 9.47 -47.82
CA ALA S 274 52.84 10.58 -47.06
C ALA S 274 51.97 10.01 -45.94
N VAL S 275 52.04 10.64 -44.76
CA VAL S 275 51.32 10.19 -43.59
C VAL S 275 50.65 11.39 -42.93
N LYS S 276 49.61 11.11 -42.15
CA LYS S 276 48.99 12.15 -41.34
C LYS S 276 49.89 12.52 -40.16
N ALA S 277 49.82 13.77 -39.75
CA ALA S 277 50.50 14.16 -38.52
C ALA S 277 49.73 13.62 -37.32
N PRO S 278 50.42 13.12 -36.30
CA PRO S 278 49.73 12.46 -35.19
C PRO S 278 49.01 13.44 -34.29
N GLY S 279 48.00 12.94 -33.58
CA GLY S 279 47.34 13.70 -32.53
C GLY S 279 46.28 14.67 -33.03
N PHE S 280 45.84 15.52 -32.09
CA PHE S 280 44.78 16.49 -32.37
C PHE S 280 45.00 17.74 -31.53
N GLY S 281 44.44 18.85 -32.01
CA GLY S 281 44.40 20.08 -31.24
C GLY S 281 45.76 20.70 -31.02
N GLN S 282 45.93 21.30 -29.83
CA GLN S 282 47.19 21.93 -29.46
C GLN S 282 48.34 20.94 -29.45
N ARG S 283 48.03 19.66 -29.24
CA ARG S 283 49.04 18.67 -28.93
C ARG S 283 49.98 18.39 -30.11
N ARG S 284 49.64 18.84 -31.33
CA ARG S 284 50.52 18.61 -32.48
C ARG S 284 51.88 19.27 -32.29
N LYS S 285 51.89 20.56 -31.94
CA LYS S 285 53.13 21.33 -31.86
C LYS S 285 54.18 20.64 -31.01
N ASP S 286 53.76 19.69 -30.18
CA ASP S 286 54.72 18.86 -29.45
C ASP S 286 55.33 17.79 -30.34
N TYR S 287 54.48 16.93 -30.94
CA TYR S 287 54.99 15.74 -31.63
C TYR S 287 55.88 16.09 -32.81
N LEU S 288 55.40 16.93 -33.73
CA LEU S 288 56.21 17.27 -34.89
C LEU S 288 57.50 18.00 -34.48
N GLN S 289 57.42 18.83 -33.45
CA GLN S 289 58.64 19.39 -32.88
C GLN S 289 59.54 18.32 -32.29
N ASP S 290 58.97 17.33 -31.61
CA ASP S 290 59.76 16.21 -31.10
C ASP S 290 60.34 15.39 -32.25
N ILE S 291 59.58 15.22 -33.33
CA ILE S 291 60.12 14.54 -34.51
C ILE S 291 61.20 15.40 -35.17
N ALA S 292 61.01 16.72 -35.17
CA ALA S 292 61.92 17.61 -35.87
C ALA S 292 63.31 17.61 -35.24
N ILE S 293 63.37 17.62 -33.90
CA ILE S 293 64.65 17.80 -33.22
C ILE S 293 65.58 16.62 -33.51
N LEU S 294 65.08 15.40 -33.37
CA LEU S 294 65.94 14.23 -33.53
C LEU S 294 66.31 13.96 -34.99
N THR S 295 65.49 14.42 -35.94
CA THR S 295 65.77 14.18 -37.35
C THR S 295 66.88 15.08 -37.90
N GLY S 296 67.31 16.08 -37.15
CA GLY S 296 68.37 16.96 -37.60
C GLY S 296 67.94 18.09 -38.50
N GLY S 297 66.67 18.15 -38.88
CA GLY S 297 66.18 19.23 -39.72
C GLY S 297 65.42 20.27 -38.92
N THR S 298 64.28 20.72 -39.45
CA THR S 298 63.44 21.68 -38.76
C THR S 298 61.99 21.48 -39.17
N ALA S 299 61.08 21.81 -38.26
CA ALA S 299 59.66 21.71 -38.54
C ALA S 299 59.16 23.01 -39.16
N ILE S 300 58.42 22.89 -40.26
CA ILE S 300 57.88 24.07 -40.93
C ILE S 300 56.59 24.47 -40.25
N THR S 301 56.70 25.30 -39.21
CA THR S 301 55.54 25.71 -38.44
C THR S 301 54.89 26.94 -39.05
N GLU S 302 53.62 27.16 -38.69
CA GLU S 302 52.90 28.33 -39.19
C GLU S 302 53.50 29.62 -38.67
N GLU S 303 53.93 29.63 -37.42
CA GLU S 303 54.54 30.84 -36.84
C GLU S 303 55.80 31.22 -37.58
N LEU S 304 56.67 30.25 -37.86
CA LEU S 304 57.91 30.52 -38.58
C LEU S 304 57.65 31.01 -39.99
N GLY S 305 56.49 30.72 -40.56
CA GLY S 305 56.22 31.06 -41.94
C GLY S 305 56.80 30.04 -42.88
N ILE S 306 57.78 30.44 -43.69
CA ILE S 306 58.46 29.58 -44.65
C ILE S 306 57.40 28.97 -45.54
N LYS S 307 57.01 29.71 -46.58
CA LYS S 307 55.99 29.23 -47.51
C LYS S 307 56.43 27.91 -48.12
N LEU S 308 55.45 27.04 -48.39
CA LEU S 308 55.74 25.67 -48.81
C LEU S 308 56.67 25.63 -50.01
N GLU S 309 56.54 26.60 -50.92
CA GLU S 309 57.43 26.65 -52.08
C GLU S 309 58.86 27.01 -51.68
N SER S 310 59.02 27.85 -50.66
CA SER S 310 60.34 28.36 -50.29
C SER S 310 61.21 27.33 -49.59
N VAL S 311 60.67 26.15 -49.26
CA VAL S 311 61.47 25.16 -48.54
C VAL S 311 62.63 24.68 -49.42
N THR S 312 63.61 24.08 -48.77
CA THR S 312 64.81 23.61 -49.45
C THR S 312 65.32 22.35 -48.78
N LEU S 313 66.33 21.75 -49.40
CA LEU S 313 66.90 20.51 -48.87
C LEU S 313 67.55 20.73 -47.51
N ASP S 314 68.18 21.89 -47.31
CA ASP S 314 68.90 22.17 -46.08
C ASP S 314 68.02 22.18 -44.84
N MET S 315 66.71 22.34 -44.99
CA MET S 315 65.80 22.37 -43.86
C MET S 315 65.00 21.09 -43.68
N LEU S 316 65.11 20.14 -44.61
CA LEU S 316 64.40 18.87 -44.46
C LEU S 316 65.05 18.01 -43.39
N GLY S 317 64.22 17.30 -42.64
CA GLY S 317 64.73 16.36 -41.66
C GLY S 317 65.29 15.11 -42.33
N ARG S 318 66.03 14.34 -41.55
CA ARG S 318 66.66 13.13 -42.06
C ARG S 318 66.56 12.01 -41.02
N ALA S 319 66.54 10.79 -41.54
CA ALA S 319 66.53 9.59 -40.70
C ALA S 319 67.18 8.46 -41.47
N ASP S 320 67.63 7.44 -40.75
CA ASP S 320 68.28 6.31 -41.39
C ASP S 320 67.28 5.42 -42.10
N LYS S 321 66.13 5.17 -41.50
CA LYS S 321 65.10 4.33 -42.09
C LYS S 321 63.76 4.64 -41.44
N VAL S 322 62.70 4.51 -42.24
CA VAL S 322 61.33 4.69 -41.77
C VAL S 322 60.49 3.50 -42.26
N ILE S 323 59.58 3.06 -41.42
CA ILE S 323 58.67 1.95 -41.74
C ILE S 323 57.25 2.48 -41.65
N VAL S 324 56.49 2.36 -42.74
CA VAL S 324 55.12 2.83 -42.82
C VAL S 324 54.23 1.65 -43.19
N ASP S 325 53.26 1.35 -42.33
CA ASP S 325 52.31 0.28 -42.58
C ASP S 325 50.91 0.85 -42.56
N LYS S 326 49.92 -0.04 -42.64
CA LYS S 326 48.53 0.37 -42.82
C LYS S 326 48.05 1.36 -41.77
N ASP S 327 48.41 1.14 -40.49
CA ASP S 327 47.95 2.05 -39.45
C ASP S 327 49.05 2.43 -38.46
N ASN S 328 50.32 2.40 -38.87
CA ASN S 328 51.42 2.67 -37.95
C ASN S 328 52.64 3.13 -38.73
N THR S 329 53.39 4.05 -38.14
CA THR S 329 54.63 4.56 -38.71
C THR S 329 55.70 4.58 -37.64
N THR S 330 56.91 4.16 -38.01
CA THR S 330 58.04 4.14 -37.11
C THR S 330 59.24 4.81 -37.78
N ILE S 331 60.02 5.53 -36.98
CA ILE S 331 61.26 6.16 -37.44
C ILE S 331 62.40 5.52 -36.65
N VAL S 332 63.37 4.95 -37.36
CA VAL S 332 64.42 4.18 -36.70
C VAL S 332 65.36 5.10 -35.93
N GLY S 333 65.99 6.06 -36.61
CA GLY S 333 66.94 6.92 -35.95
C GLY S 333 67.28 8.17 -36.75
N GLY S 334 67.31 9.33 -36.08
CA GLY S 334 67.60 10.57 -36.76
C GLY S 334 69.06 10.80 -37.07
N LYS S 335 69.95 9.99 -36.48
CA LYS S 335 71.39 10.08 -36.74
C LYS S 335 71.93 11.47 -36.43
N GLY S 336 71.45 12.09 -35.36
CA GLY S 336 71.94 13.40 -34.99
C GLY S 336 71.18 13.94 -33.80
N SER S 337 71.59 15.15 -33.39
CA SER S 337 70.98 15.90 -32.28
C SER S 337 71.02 15.14 -30.97
N LYS S 338 72.07 14.36 -30.72
CA LYS S 338 72.19 13.66 -29.45
C LYS S 338 72.41 14.62 -28.29
N GLU S 339 72.97 15.80 -28.56
CA GLU S 339 73.14 16.81 -27.50
C GLU S 339 71.86 17.63 -27.32
N ALA S 340 71.15 17.89 -28.41
CA ALA S 340 69.93 18.70 -28.34
C ALA S 340 68.87 18.02 -27.49
N ILE S 341 68.72 16.69 -27.66
CA ILE S 341 67.69 15.96 -26.92
C ILE S 341 67.95 15.97 -25.42
N GLN S 342 69.20 16.20 -25.00
CA GLN S 342 69.50 16.26 -23.57
C GLN S 342 68.74 17.40 -22.90
N ALA S 343 68.69 18.57 -23.53
CA ALA S 343 67.86 19.65 -23.01
C ALA S 343 66.39 19.29 -23.06
N ARG S 344 65.96 18.64 -24.15
CA ARG S 344 64.56 18.24 -24.28
C ARG S 344 64.17 17.25 -23.18
N ILE S 345 65.06 16.30 -22.87
CA ILE S 345 64.77 15.32 -21.82
C ILE S 345 64.53 16.03 -20.49
N GLU S 346 65.41 16.98 -20.16
CA GLU S 346 65.23 17.74 -18.92
C GLU S 346 63.96 18.59 -18.96
N GLN S 347 63.65 19.19 -20.11
CA GLN S 347 62.45 20.01 -20.22
C GLN S 347 61.19 19.18 -19.99
N ILE S 348 61.13 17.98 -20.59
CA ILE S 348 59.98 17.11 -20.38
C ILE S 348 59.94 16.63 -18.94
N LYS S 349 61.08 16.21 -18.40
CA LYS S 349 61.13 15.76 -17.02
C LYS S 349 60.73 16.88 -16.06
N ARG S 350 61.20 18.10 -16.31
CA ARG S 350 60.72 19.24 -15.54
C ARG S 350 59.23 19.46 -15.78
N GLN S 351 58.78 19.32 -17.03
CA GLN S 351 57.36 19.37 -17.30
C GLN S 351 56.62 18.20 -16.67
N ILE S 352 57.24 17.03 -16.60
CA ILE S 352 56.60 15.86 -16.01
C ILE S 352 56.29 16.13 -14.53
N LEU S 353 57.29 16.56 -13.77
CA LEU S 353 57.08 16.79 -12.35
C LEU S 353 56.07 17.91 -12.10
N GLU S 354 55.93 18.83 -13.07
CA GLU S 354 54.98 19.93 -12.93
C GLU S 354 53.60 19.53 -13.42
N THR S 355 53.52 18.85 -14.57
CA THR S 355 52.26 18.55 -15.21
C THR S 355 51.73 17.14 -14.88
N THR S 356 52.39 16.40 -14.00
CA THR S 356 51.77 15.15 -13.53
C THR S 356 50.54 15.40 -12.68
N SER S 357 50.35 16.62 -12.18
CA SER S 357 49.15 16.94 -11.43
C SER S 357 47.92 17.09 -12.32
N ASP S 358 48.11 17.16 -13.63
CA ASP S 358 47.01 17.43 -14.56
C ASP S 358 46.75 16.29 -15.54
N TYR S 359 47.77 15.55 -15.94
CA TYR S 359 47.61 14.59 -17.02
C TYR S 359 46.76 13.39 -16.57
N ASP S 360 46.09 12.78 -17.54
CA ASP S 360 45.32 11.56 -17.29
C ASP S 360 45.69 10.46 -18.28
N ARG S 361 46.70 10.69 -19.12
CA ARG S 361 47.16 9.70 -20.08
C ARG S 361 48.68 9.72 -20.09
N GLU S 362 49.28 8.56 -20.29
CA GLU S 362 50.73 8.42 -20.21
C GLU S 362 51.47 9.17 -21.32
N LYS S 363 50.76 9.92 -22.17
CA LYS S 363 51.42 10.65 -23.25
C LYS S 363 52.46 11.64 -22.72
N LEU S 364 52.29 12.12 -21.48
CA LEU S 364 53.32 12.95 -20.88
C LEU S 364 54.61 12.17 -20.67
N GLN S 365 54.51 10.95 -20.12
CA GLN S 365 55.69 10.10 -19.98
C GLN S 365 56.08 9.48 -21.31
N GLU S 366 55.09 9.12 -22.13
CA GLU S 366 55.37 8.51 -23.43
C GLU S 366 56.15 9.45 -24.33
N ARG S 367 55.89 10.76 -24.21
CA ARG S 367 56.62 11.74 -25.00
C ARG S 367 58.11 11.71 -24.67
N LEU S 368 58.44 11.65 -23.38
CA LEU S 368 59.83 11.50 -22.97
C LEU S 368 60.38 10.15 -23.39
N ALA S 369 59.58 9.10 -23.25
CA ALA S 369 60.06 7.75 -23.48
C ALA S 369 60.46 7.52 -24.93
N LYS S 370 59.67 8.04 -25.87
CA LYS S 370 59.88 7.70 -27.27
C LYS S 370 61.16 8.30 -27.83
N LEU S 371 61.40 9.58 -27.59
CA LEU S 371 62.59 10.23 -28.13
C LEU S 371 63.86 9.87 -27.37
N SER S 372 63.73 9.51 -26.09
CA SER S 372 64.89 9.24 -25.26
C SER S 372 65.15 7.75 -25.04
N GLY S 373 64.12 6.92 -25.12
CA GLY S 373 64.29 5.49 -24.95
C GLY S 373 63.39 4.68 -25.86
N GLY S 374 62.68 3.71 -25.29
CA GLY S 374 61.74 2.91 -26.05
C GLY S 374 60.56 2.55 -25.18
N VAL S 375 59.58 1.89 -25.80
CA VAL S 375 58.38 1.43 -25.11
C VAL S 375 58.26 -0.08 -25.31
N ALA S 376 57.69 -0.75 -24.32
CA ALA S 376 57.45 -2.19 -24.36
C ALA S 376 55.99 -2.45 -24.03
N ILE S 377 55.36 -3.35 -24.79
CA ILE S 377 53.97 -3.71 -24.58
C ILE S 377 53.91 -5.18 -24.19
N ILE S 378 53.38 -5.46 -23.01
CA ILE S 378 53.18 -6.82 -22.54
C ILE S 378 51.72 -7.17 -22.77
N ARG S 379 51.47 -8.11 -23.69
CA ARG S 379 50.12 -8.51 -24.03
C ARG S 379 49.78 -9.77 -23.24
N VAL S 380 49.06 -9.61 -22.15
CA VAL S 380 48.69 -10.73 -21.30
C VAL S 380 47.61 -11.55 -21.99
N GLY S 381 47.81 -12.86 -22.03
CA GLY S 381 46.87 -13.75 -22.69
C GLY S 381 46.50 -14.92 -21.81
N ALA S 382 45.25 -15.36 -21.96
CA ALA S 382 44.74 -16.49 -21.21
C ALA S 382 43.63 -17.15 -22.02
N ALA S 383 43.34 -18.40 -21.67
CA ALA S 383 42.31 -19.15 -22.39
C ALA S 383 40.91 -18.59 -22.16
N THR S 384 40.74 -17.71 -21.18
CA THR S 384 39.42 -17.22 -20.81
C THR S 384 39.53 -15.78 -20.35
N GLU S 385 38.48 -15.00 -20.67
CA GLU S 385 38.43 -13.60 -20.23
C GLU S 385 38.50 -13.50 -18.71
N ALA S 386 37.81 -14.40 -18.00
CA ALA S 386 37.83 -14.35 -16.54
C ALA S 386 39.23 -14.56 -15.98
N GLU S 387 39.99 -15.51 -16.56
CA GLU S 387 41.36 -15.71 -16.12
C GLU S 387 42.27 -14.58 -16.61
N LEU S 388 41.96 -14.01 -17.77
CA LEU S 388 42.78 -12.94 -18.32
C LEU S 388 42.78 -11.72 -17.41
N LYS S 389 41.60 -11.36 -16.88
CA LYS S 389 41.50 -10.17 -16.04
C LYS S 389 42.35 -10.29 -14.78
N GLU S 390 42.32 -11.44 -14.11
CA GLU S 390 43.13 -11.63 -12.92
C GLU S 390 44.61 -11.65 -13.25
N LYS S 391 44.98 -12.34 -14.33
CA LYS S 391 46.39 -12.39 -14.73
C LYS S 391 46.91 -11.01 -15.11
N LYS S 392 46.10 -10.22 -15.82
CA LYS S 392 46.52 -8.88 -16.22
C LYS S 392 46.75 -7.99 -15.01
N ALA S 393 45.93 -8.15 -13.97
CA ALA S 393 46.08 -7.33 -12.77
C ALA S 393 47.40 -7.62 -12.07
N ARG S 394 47.80 -8.89 -12.00
CA ARG S 394 49.05 -9.24 -11.35
C ARG S 394 50.24 -8.67 -12.13
N VAL S 395 50.18 -8.70 -13.46
CA VAL S 395 51.26 -8.14 -14.26
C VAL S 395 51.37 -6.64 -14.01
N GLU S 396 50.24 -5.94 -13.92
CA GLU S 396 50.27 -4.51 -13.66
C GLU S 396 50.86 -4.20 -12.29
N ASP S 397 50.53 -5.02 -11.29
CA ASP S 397 51.11 -4.82 -9.95
C ASP S 397 52.62 -5.00 -9.98
N ALA S 398 53.10 -6.03 -10.68
CA ALA S 398 54.53 -6.28 -10.72
C ALA S 398 55.26 -5.23 -11.53
N VAL S 399 54.63 -4.67 -12.55
CA VAL S 399 55.23 -3.57 -13.30
C VAL S 399 55.39 -2.35 -12.42
N HIS S 400 54.36 -2.01 -11.66
CA HIS S 400 54.43 -0.84 -10.77
C HIS S 400 55.44 -1.06 -9.66
N ALA S 401 55.44 -2.25 -9.06
CA ALA S 401 56.36 -2.54 -7.97
C ALA S 401 57.80 -2.56 -8.46
N THR S 402 58.04 -3.12 -9.65
CA THR S 402 59.40 -3.14 -10.19
C THR S 402 59.89 -1.72 -10.49
N LYS S 403 59.01 -0.86 -11.00
CA LYS S 403 59.37 0.53 -11.22
C LYS S 403 59.67 1.22 -9.90
N ALA S 404 58.88 0.94 -8.86
CA ALA S 404 59.11 1.58 -7.57
C ALA S 404 60.41 1.09 -6.93
N ALA S 405 60.80 -0.15 -7.23
CA ALA S 405 62.05 -0.68 -6.68
C ALA S 405 63.25 0.08 -7.21
N VAL S 406 63.23 0.48 -8.47
CA VAL S 406 64.35 1.20 -9.05
C VAL S 406 64.52 2.57 -8.39
N GLU S 407 63.41 3.22 -8.04
CA GLU S 407 63.47 4.58 -7.51
C GLU S 407 64.11 4.62 -6.12
N GLU S 408 63.67 3.72 -5.23
CA GLU S 408 64.08 3.81 -3.83
C GLU S 408 64.70 2.54 -3.27
N GLY S 409 65.06 1.58 -4.12
CA GLY S 409 65.68 0.36 -3.63
C GLY S 409 64.67 -0.67 -3.16
N ILE S 410 65.21 -1.74 -2.58
CA ILE S 410 64.41 -2.86 -2.12
C ILE S 410 64.66 -3.09 -0.64
N VAL S 411 63.73 -3.81 -0.01
CA VAL S 411 63.75 -4.02 1.43
C VAL S 411 63.33 -5.47 1.67
N PRO S 412 63.69 -6.10 2.78
CA PRO S 412 63.22 -7.47 3.03
C PRO S 412 61.70 -7.56 3.02
N GLY S 413 61.17 -8.61 2.41
CA GLY S 413 59.75 -8.78 2.26
C GLY S 413 59.14 -9.57 3.41
N GLY S 414 57.88 -9.94 3.21
CA GLY S 414 57.16 -10.70 4.21
C GLY S 414 56.84 -9.95 5.48
N GLY S 415 56.81 -8.62 5.41
CA GLY S 415 56.56 -7.82 6.58
C GLY S 415 57.73 -7.67 7.53
N VAL S 416 58.92 -8.15 7.14
CA VAL S 416 60.08 -8.09 8.01
C VAL S 416 60.53 -6.64 8.19
N ALA S 417 60.44 -5.84 7.13
CA ALA S 417 60.94 -4.47 7.19
C ALA S 417 60.22 -3.65 8.24
N LEU S 418 58.90 -3.80 8.35
CA LEU S 418 58.17 -3.09 9.39
C LEU S 418 58.51 -3.61 10.78
N VAL S 419 58.74 -4.93 10.90
CA VAL S 419 59.13 -5.50 12.19
C VAL S 419 60.49 -4.95 12.60
N ARG S 420 61.45 -4.92 11.67
CA ARG S 420 62.76 -4.37 11.97
C ARG S 420 62.69 -2.89 12.28
N ALA S 421 61.87 -2.14 11.54
CA ALA S 421 61.73 -0.72 11.78
C ALA S 421 61.08 -0.43 13.13
N SER S 422 60.13 -1.27 13.54
CA SER S 422 59.45 -1.06 14.81
C SER S 422 60.38 -1.22 16.01
N GLU S 423 61.53 -1.86 15.84
CA GLU S 423 62.47 -2.00 16.93
C GLU S 423 63.05 -0.67 17.38
N ALA S 424 63.20 0.29 16.46
CA ALA S 424 63.75 1.59 16.83
C ALA S 424 62.80 2.39 17.72
N LEU S 425 61.51 2.04 17.74
CA LEU S 425 60.55 2.77 18.56
C LEU S 425 60.76 2.54 20.05
N ASP S 426 61.48 1.47 20.43
CA ASP S 426 61.76 1.23 21.84
C ASP S 426 62.63 2.32 22.46
N ASN S 427 63.50 2.94 21.66
CA ASN S 427 64.37 3.99 22.17
C ASN S 427 63.74 5.38 22.08
N LEU S 428 62.56 5.50 21.47
CA LEU S 428 61.91 6.79 21.29
C LEU S 428 61.03 7.08 22.50
N LYS S 429 61.51 7.99 23.35
CA LYS S 429 60.74 8.43 24.48
C LYS S 429 60.27 9.87 24.29
N VAL S 430 59.06 10.16 24.78
CA VAL S 430 58.48 11.49 24.71
C VAL S 430 58.02 11.89 26.11
N ASP S 431 57.92 13.19 26.32
CA ASP S 431 57.60 13.71 27.65
C ASP S 431 56.13 13.54 28.02
N ASN S 432 55.23 13.46 27.04
CA ASN S 432 53.80 13.38 27.28
C ASN S 432 53.38 11.92 27.35
N ALA S 433 52.61 11.57 28.37
CA ALA S 433 52.20 10.18 28.56
C ALA S 433 51.30 9.71 27.42
N ASP S 434 50.36 10.55 27.00
CA ASP S 434 49.45 10.15 25.93
C ASP S 434 50.17 10.00 24.59
N GLN S 435 51.17 10.85 24.34
CA GLN S 435 51.95 10.71 23.12
C GLN S 435 52.76 9.41 23.11
N GLN S 436 53.13 8.92 24.30
CA GLN S 436 53.81 7.63 24.36
C GLN S 436 52.89 6.50 23.93
N LEU S 437 51.61 6.59 24.25
CA LEU S 437 50.65 5.58 23.80
C LEU S 437 50.56 5.54 22.28
N GLY S 438 50.64 6.72 21.64
CA GLY S 438 50.63 6.74 20.19
C GLY S 438 51.83 6.03 19.59
N ILE S 439 53.00 6.17 20.23
CA ILE S 439 54.18 5.45 19.76
C ILE S 439 53.98 3.95 19.92
N ASP S 440 53.42 3.54 21.06
CA ASP S 440 53.17 2.11 21.28
C ASP S 440 52.16 1.55 20.30
N ILE S 441 51.22 2.37 19.83
CA ILE S 441 50.25 1.92 18.85
C ILE S 441 50.94 1.58 17.53
N ILE S 442 51.87 2.43 17.10
CA ILE S 442 52.57 2.19 15.84
C ILE S 442 53.46 0.97 15.95
N LYS S 443 54.10 0.76 17.10
CA LYS S 443 54.94 -0.42 17.27
C LYS S 443 54.12 -1.71 17.13
N LYS S 444 52.93 -1.73 17.73
CA LYS S 444 52.07 -2.89 17.61
C LYS S 444 51.50 -3.02 16.20
N ALA S 445 51.19 -1.89 15.56
CA ALA S 445 50.62 -1.93 14.22
C ALA S 445 51.63 -2.44 13.20
N CYS S 446 52.89 -2.00 13.33
CA CYS S 446 53.90 -2.39 12.35
C CYS S 446 54.13 -3.89 12.33
N ARG S 447 53.80 -4.58 13.42
CA ARG S 447 54.00 -6.02 13.51
C ARG S 447 52.76 -6.82 13.16
N THR S 448 51.70 -6.17 12.68
CA THR S 448 50.47 -6.85 12.30
C THR S 448 50.55 -7.50 10.92
N PRO S 449 51.12 -6.85 9.89
CA PRO S 449 51.16 -7.51 8.56
C PRO S 449 51.85 -8.86 8.56
N ILE S 450 52.93 -9.03 9.33
CA ILE S 450 53.61 -10.33 9.37
C ILE S 450 52.72 -11.38 10.02
N ARG S 451 51.93 -10.98 11.01
CA ARG S 451 51.03 -11.94 11.66
C ARG S 451 49.88 -12.35 10.74
N GLN S 452 49.41 -11.43 9.90
CA GLN S 452 48.34 -11.76 8.98
C GLN S 452 48.82 -12.67 7.87
N ILE S 453 50.06 -12.48 7.40
CA ILE S 453 50.61 -13.37 6.39
C ILE S 453 50.75 -14.78 6.94
N ALA S 454 51.21 -14.91 8.19
CA ALA S 454 51.28 -16.21 8.83
C ALA S 454 49.90 -16.82 9.00
N ALA S 455 48.92 -16.00 9.40
CA ALA S 455 47.57 -16.50 9.61
C ALA S 455 46.96 -17.01 8.31
N ASN S 456 47.19 -16.31 7.20
CA ASN S 456 46.66 -16.75 5.92
C ASN S 456 47.30 -18.07 5.48
N SER S 457 48.52 -18.34 5.93
CA SER S 457 49.24 -19.55 5.55
C SER S 457 48.99 -20.72 6.50
N GLY S 458 48.14 -20.53 7.50
CA GLY S 458 47.82 -21.61 8.42
C GLY S 458 48.73 -21.71 9.63
N PHE S 459 49.54 -20.69 9.90
CA PHE S 459 50.41 -20.67 11.06
C PHE S 459 49.92 -19.66 12.08
N GLU S 460 50.36 -19.81 13.33
CA GLU S 460 50.01 -18.87 14.37
C GLU S 460 50.83 -17.59 14.21
N GLY S 461 50.15 -16.45 14.18
CA GLY S 461 50.85 -15.20 13.94
C GLY S 461 51.80 -14.82 15.05
N TYR S 462 51.37 -15.00 16.31
CA TYR S 462 52.23 -14.60 17.43
C TYR S 462 53.45 -15.49 17.54
N VAL S 463 53.29 -16.80 17.28
CA VAL S 463 54.43 -17.70 17.34
C VAL S 463 55.47 -17.32 16.30
N VAL S 464 55.02 -17.01 15.08
CA VAL S 464 55.94 -16.59 14.02
C VAL S 464 56.63 -15.28 14.39
N LEU S 465 55.86 -14.35 14.97
CA LEU S 465 56.43 -13.04 15.28
C LEU S 465 57.56 -13.13 16.29
N GLU S 466 57.39 -13.96 17.33
CA GLU S 466 58.44 -14.10 18.33
C GLU S 466 59.72 -14.65 17.73
N LYS S 467 59.60 -15.67 16.87
CA LYS S 467 60.78 -16.23 16.23
C LYS S 467 61.46 -15.20 15.33
N VAL S 468 60.69 -14.44 14.57
CA VAL S 468 61.27 -13.44 13.68
C VAL S 468 61.95 -12.34 14.48
N LEU S 469 61.38 -11.96 15.63
CA LEU S 469 62.00 -10.94 16.47
C LEU S 469 63.35 -11.42 17.00
N GLN S 470 63.43 -12.67 17.46
CA GLN S 470 64.68 -13.17 18.02
C GLN S 470 65.68 -13.52 16.93
N LEU S 471 65.23 -13.91 15.74
CA LEU S 471 66.14 -14.20 14.65
C LEU S 471 66.87 -12.95 14.18
N GLY S 472 66.34 -11.76 14.51
CA GLY S 472 67.01 -10.54 14.13
C GLY S 472 68.32 -10.31 14.83
N LYS S 473 68.50 -10.88 16.02
CA LYS S 473 69.74 -10.81 16.77
C LYS S 473 70.63 -12.02 16.54
N GLU S 474 70.05 -13.20 16.42
CA GLU S 474 70.83 -14.43 16.26
C GLU S 474 71.39 -14.57 14.86
N LYS S 475 70.63 -14.20 13.82
CA LYS S 475 71.04 -14.45 12.45
C LYS S 475 71.32 -13.15 11.71
N GLY S 476 70.37 -12.23 11.72
CA GLY S 476 70.52 -10.98 11.02
C GLY S 476 69.19 -10.28 10.85
N LYS S 477 69.28 -9.03 10.39
CA LYS S 477 68.07 -8.22 10.21
C LYS S 477 67.22 -8.72 9.05
N ASN S 478 67.84 -9.35 8.05
CA ASN S 478 67.12 -9.78 6.86
C ASN S 478 66.42 -11.11 7.02
N TRP S 479 66.56 -11.78 8.16
CA TRP S 479 65.93 -13.07 8.37
C TRP S 479 64.46 -12.91 8.70
N GLY S 480 63.63 -13.74 8.09
CA GLY S 480 62.21 -13.68 8.31
C GLY S 480 61.55 -15.03 8.15
N PHE S 481 60.25 -15.01 7.87
CA PHE S 481 59.45 -16.22 7.73
C PHE S 481 58.98 -16.33 6.28
N ASP S 482 59.28 -17.45 5.64
CA ASP S 482 58.85 -17.73 4.27
C ASP S 482 57.52 -18.46 4.35
N ALA S 483 56.43 -17.70 4.21
CA ALA S 483 55.09 -18.28 4.31
C ALA S 483 54.76 -19.20 3.14
N GLY S 484 55.49 -19.10 2.03
CA GLY S 484 55.23 -19.98 0.91
C GLY S 484 55.47 -21.44 1.24
N VAL S 485 56.57 -21.73 1.93
CA VAL S 485 56.92 -23.10 2.30
C VAL S 485 56.91 -23.33 3.80
N GLY S 486 56.79 -22.27 4.61
CA GLY S 486 56.61 -22.44 6.04
C GLY S 486 57.87 -22.65 6.85
N ASP S 487 58.97 -22.01 6.47
CA ASP S 487 60.20 -22.07 7.26
C ASP S 487 60.86 -20.71 7.27
N TYR S 488 61.79 -20.54 8.20
CA TYR S 488 62.50 -19.28 8.38
C TYR S 488 63.81 -19.29 7.61
N LYS S 489 64.14 -18.17 6.97
CA LYS S 489 65.35 -18.06 6.19
C LYS S 489 65.66 -16.58 5.98
N ASP S 490 66.75 -16.33 5.26
CA ASP S 490 67.12 -14.97 4.89
C ASP S 490 66.23 -14.52 3.74
N MET S 491 65.46 -13.45 3.97
CA MET S 491 64.50 -13.00 2.97
C MET S 491 65.19 -12.40 1.74
N VAL S 492 66.26 -11.64 1.94
CA VAL S 492 66.94 -11.02 0.81
C VAL S 492 67.62 -12.07 -0.08
N GLU S 493 68.23 -13.09 0.53
CA GLU S 493 68.87 -14.13 -0.26
C GLU S 493 67.84 -14.99 -0.98
N ALA S 494 66.71 -15.27 -0.32
CA ALA S 494 65.67 -16.08 -0.95
C ALA S 494 64.92 -15.34 -2.03
N GLY S 495 65.12 -14.03 -2.17
CA GLY S 495 64.41 -13.26 -3.16
C GLY S 495 63.07 -12.75 -2.73
N ILE S 496 62.70 -12.94 -1.47
CA ILE S 496 61.43 -12.43 -0.94
C ILE S 496 61.70 -11.01 -0.47
N ILE S 497 61.62 -10.07 -1.41
CA ILE S 497 61.95 -8.67 -1.14
C ILE S 497 60.80 -7.80 -1.62
N ASP S 498 60.69 -6.61 -1.03
CA ASP S 498 59.68 -5.62 -1.36
C ASP S 498 60.34 -4.29 -1.68
N PRO S 499 59.73 -3.48 -2.55
CA PRO S 499 60.26 -2.14 -2.80
C PRO S 499 60.17 -1.29 -1.53
N THR S 500 61.19 -0.43 -1.35
CA THR S 500 61.19 0.45 -0.19
C THR S 500 60.05 1.46 -0.27
N LYS S 501 59.74 1.94 -1.46
CA LYS S 501 58.68 2.93 -1.62
C LYS S 501 57.33 2.36 -1.20
N VAL S 502 57.05 1.10 -1.55
CA VAL S 502 55.77 0.50 -1.21
C VAL S 502 55.59 0.43 0.30
N VAL S 503 56.64 -0.01 1.00
CA VAL S 503 56.56 -0.11 2.46
C VAL S 503 56.42 1.27 3.09
N ARG S 504 57.18 2.24 2.58
CA ARG S 504 57.12 3.60 3.13
C ARG S 504 55.75 4.22 2.94
N VAL S 505 55.19 4.09 1.72
CA VAL S 505 53.92 4.73 1.41
C VAL S 505 52.79 4.08 2.21
N ALA S 506 52.85 2.76 2.38
CA ALA S 506 51.76 2.05 3.06
C ALA S 506 51.60 2.51 4.50
N ILE S 507 52.71 2.63 5.22
CA ILE S 507 52.63 3.03 6.63
C ILE S 507 52.25 4.50 6.75
N GLN S 508 52.74 5.35 5.83
CA GLN S 508 52.43 6.77 5.90
C GLN S 508 50.96 7.03 5.63
N ASN S 509 50.40 6.38 4.60
CA ASN S 509 48.98 6.55 4.31
C ASN S 509 48.10 5.99 5.41
N ALA S 510 48.46 4.82 5.95
CA ALA S 510 47.64 4.20 6.98
C ALA S 510 47.59 5.05 8.23
N ALA S 511 48.72 5.60 8.65
CA ALA S 511 48.75 6.42 9.86
C ALA S 511 48.07 7.77 9.64
N SER S 512 48.12 8.27 8.40
CA SER S 512 47.52 9.57 8.12
C SER S 512 46.01 9.54 8.32
N VAL S 513 45.36 8.45 7.88
CA VAL S 513 43.91 8.37 7.98
C VAL S 513 43.49 7.89 9.37
N ALA S 514 44.15 6.84 9.86
CA ALA S 514 43.78 6.29 11.16
C ALA S 514 44.01 7.30 12.27
N GLY S 515 45.10 8.05 12.19
CA GLY S 515 45.34 9.09 13.18
C GLY S 515 44.29 10.17 13.17
N THR S 516 43.87 10.58 11.97
CA THR S 516 42.83 11.60 11.85
C THR S 516 41.51 11.10 12.41
N MET S 517 41.17 9.84 12.15
CA MET S 517 39.89 9.29 12.59
C MET S 517 39.82 9.19 14.11
N LEU S 518 40.97 8.98 14.76
CA LEU S 518 40.96 8.78 16.21
C LEU S 518 40.57 10.05 16.96
N THR S 519 40.76 11.22 16.33
CA THR S 519 40.43 12.48 16.99
C THR S 519 38.94 12.79 16.94
N ALA S 520 38.13 11.96 16.27
CA ALA S 520 36.72 12.22 16.13
C ALA S 520 35.99 11.97 17.46
N GLU S 521 34.95 12.78 17.70
CA GLU S 521 34.09 12.62 18.86
C GLU S 521 32.62 12.51 18.51
N ALA S 522 32.18 13.14 17.42
CA ALA S 522 30.79 13.09 17.00
C ALA S 522 30.72 12.79 15.51
N LEU S 523 29.64 12.13 15.11
CA LEU S 523 29.39 11.80 13.72
C LEU S 523 28.04 12.39 13.29
N VAL S 524 28.04 13.10 12.18
CA VAL S 524 26.84 13.73 11.65
C VAL S 524 26.48 13.05 10.33
N ALA S 525 25.27 12.52 10.24
CA ALA S 525 24.81 11.85 9.04
C ALA S 525 23.30 12.02 8.92
N GLU S 526 22.81 11.92 7.69
CA GLU S 526 21.38 12.05 7.45
C GLU S 526 20.63 10.83 7.96
N ILE S 527 19.37 11.05 8.35
CA ILE S 527 18.48 9.96 8.71
C ILE S 527 17.96 9.35 7.41
N PRO S 528 18.15 8.05 7.18
CA PRO S 528 17.74 7.37 5.95
C PRO S 528 16.24 7.47 5.68
N ALA T 1 -0.46 -41.28 20.11
CA ALA T 1 -0.93 -39.98 19.64
C ALA T 1 -0.30 -39.63 18.30
N ALA T 2 -0.78 -38.54 17.70
CA ALA T 2 -0.23 -38.08 16.44
C ALA T 2 1.22 -37.64 16.61
N LYS T 3 2.06 -38.01 15.65
CA LYS T 3 3.48 -37.73 15.72
C LYS T 3 3.95 -37.06 14.45
N LYS T 4 4.99 -36.24 14.59
CA LYS T 4 5.62 -35.54 13.47
C LYS T 4 7.02 -36.12 13.27
N VAL T 5 7.33 -36.48 12.03
CA VAL T 5 8.58 -37.14 11.69
C VAL T 5 9.42 -36.19 10.84
N ILE T 6 10.72 -36.12 11.14
CA ILE T 6 11.66 -35.28 10.41
C ILE T 6 12.72 -36.18 9.79
N TYR T 7 13.03 -35.94 8.51
CA TYR T 7 13.87 -36.84 7.74
C TYR T 7 15.15 -36.15 7.28
N GLY T 8 16.20 -36.96 7.15
CA GLY T 8 17.38 -36.53 6.40
C GLY T 8 18.14 -35.39 7.03
N GLU T 9 18.58 -34.46 6.18
CA GLU T 9 19.43 -33.35 6.65
C GLU T 9 18.71 -32.50 7.68
N ASP T 10 17.38 -32.39 7.56
CA ASP T 10 16.62 -31.62 8.54
C ASP T 10 16.72 -32.25 9.92
N ALA T 11 16.68 -33.59 9.99
CA ALA T 11 16.76 -34.26 11.27
C ALA T 11 18.08 -33.99 11.97
N ARG T 12 19.19 -34.07 11.24
CA ARG T 12 20.49 -33.82 11.83
C ARG T 12 20.68 -32.34 12.15
N ALA T 13 19.99 -31.45 11.41
CA ALA T 13 20.05 -30.03 11.73
C ALA T 13 19.43 -29.75 13.10
N ARG T 14 18.33 -30.43 13.43
CA ARG T 14 17.74 -30.30 14.75
C ARG T 14 18.70 -30.78 15.83
N LEU T 15 19.34 -31.92 15.59
CA LEU T 15 20.25 -32.48 16.59
C LEU T 15 21.44 -31.56 16.83
N LYS T 16 22.00 -30.99 15.75
CA LYS T 16 23.16 -30.13 15.89
C LYS T 16 22.84 -28.91 16.73
N ALA T 17 21.66 -28.32 16.53
CA ALA T 17 21.25 -27.17 17.33
C ALA T 17 21.12 -27.53 18.80
N GLY T 18 20.51 -28.69 19.08
CA GLY T 18 20.34 -29.10 20.47
C GLY T 18 21.66 -29.42 21.16
N VAL T 19 22.56 -30.10 20.45
CA VAL T 19 23.86 -30.43 21.02
C VAL T 19 24.67 -29.16 21.26
N ASP T 20 24.64 -28.23 20.31
CA ASP T 20 25.40 -26.99 20.47
C ASP T 20 24.93 -26.20 21.68
N LYS T 21 23.61 -26.10 21.87
CA LYS T 21 23.10 -25.34 23.00
C LYS T 21 23.47 -25.99 24.33
N LEU T 22 23.52 -27.32 24.37
CA LEU T 22 23.99 -28.00 25.57
C LEU T 22 25.48 -27.78 25.79
N ALA T 23 26.28 -27.99 24.73
CA ALA T 23 27.73 -27.93 24.87
C ALA T 23 28.21 -26.50 25.15
N ASN T 24 27.60 -25.51 24.50
CA ASN T 24 28.04 -24.13 24.71
C ASN T 24 27.83 -23.68 26.14
N ALA T 25 26.80 -24.20 26.82
CA ALA T 25 26.58 -23.85 28.21
C ALA T 25 27.55 -24.57 29.14
N VAL T 26 27.96 -25.78 28.78
CA VAL T 26 28.76 -26.59 29.69
C VAL T 26 30.24 -26.38 29.46
N LYS T 27 30.66 -26.19 28.21
CA LYS T 27 32.09 -26.15 27.90
C LYS T 27 32.77 -24.92 28.50
N VAL T 28 32.00 -23.89 28.85
CA VAL T 28 32.60 -22.70 29.44
C VAL T 28 33.07 -22.95 30.86
N THR T 29 32.62 -24.05 31.48
CA THR T 29 33.05 -24.39 32.83
C THR T 29 34.19 -25.39 32.86
N LEU T 30 34.72 -25.78 31.70
CA LEU T 30 35.78 -26.78 31.66
C LEU T 30 37.08 -26.21 32.20
N GLY T 31 37.81 -27.03 32.95
CA GLY T 31 39.10 -26.65 33.47
C GLY T 31 39.03 -26.15 34.90
N PRO T 32 40.19 -25.80 35.46
CA PRO T 32 40.19 -25.28 36.84
C PRO T 32 39.70 -23.86 36.96
N ARG T 33 39.70 -23.11 35.85
CA ARG T 33 39.27 -21.72 35.88
C ARG T 33 38.11 -21.49 34.93
N GLY T 34 37.12 -22.37 34.97
CA GLY T 34 35.96 -22.21 34.11
C GLY T 34 35.15 -20.97 34.48
N ARG T 35 34.38 -20.49 33.53
CA ARG T 35 33.56 -19.31 33.73
C ARG T 35 32.32 -19.65 34.55
N GLU T 36 31.62 -18.61 34.98
CA GLU T 36 30.44 -18.78 35.83
C GLU T 36 29.20 -19.06 34.98
N VAL T 37 28.33 -19.93 35.48
CA VAL T 37 27.00 -20.15 34.93
C VAL T 37 25.99 -19.91 36.05
N ILE T 38 25.00 -19.07 35.77
CA ILE T 38 24.02 -18.67 36.76
C ILE T 38 22.71 -19.38 36.46
N ILE T 39 22.19 -20.12 37.44
CA ILE T 39 21.01 -20.94 37.28
C ILE T 39 19.90 -20.36 38.16
N GLU T 40 18.73 -20.14 37.57
CA GLU T 40 17.60 -19.60 38.30
C GLU T 40 17.07 -20.62 39.29
N LYS T 41 16.82 -20.17 40.52
CA LYS T 41 16.09 -20.94 41.52
C LYS T 41 14.85 -20.14 41.90
N LYS T 42 13.68 -20.71 41.65
CA LYS T 42 12.44 -19.99 41.89
C LYS T 42 12.25 -19.71 43.36
N TRP T 43 11.83 -18.47 43.66
CA TRP T 43 11.65 -17.96 45.01
C TRP T 43 12.94 -17.99 45.84
N GLY T 44 14.09 -18.05 45.17
CA GLY T 44 15.37 -18.03 45.83
C GLY T 44 16.41 -17.26 45.02
N THR T 45 17.58 -17.11 45.62
CA THR T 45 18.67 -16.43 44.92
C THR T 45 19.27 -17.36 43.86
N PRO T 46 19.56 -16.85 42.67
CA PRO T 46 20.13 -17.70 41.61
C PRO T 46 21.43 -18.35 42.05
N VAL T 47 21.62 -19.58 41.61
CA VAL T 47 22.82 -20.35 41.96
C VAL T 47 23.92 -20.05 40.94
N VAL T 48 25.08 -19.66 41.44
CA VAL T 48 26.27 -19.44 40.61
C VAL T 48 27.16 -20.66 40.72
N THR T 49 27.45 -21.30 39.59
CA THR T 49 28.19 -22.55 39.59
C THR T 49 29.25 -22.55 38.49
N LYS T 50 30.31 -23.31 38.74
CA LYS T 50 31.35 -23.58 37.76
C LYS T 50 31.59 -25.07 37.60
N ASP T 51 30.57 -25.89 37.84
CA ASP T 51 30.73 -27.33 37.96
C ASP T 51 30.64 -28.05 36.62
N GLY T 52 29.66 -27.70 35.79
CA GLY T 52 29.46 -28.42 34.54
C GLY T 52 28.50 -29.57 34.68
N VAL T 53 28.74 -30.45 35.64
CA VAL T 53 27.78 -31.50 35.96
C VAL T 53 26.47 -30.88 36.45
N THR T 54 26.58 -29.88 37.33
CA THR T 54 25.38 -29.19 37.79
C THR T 54 24.66 -28.49 36.66
N VAL T 55 25.41 -27.86 35.74
CA VAL T 55 24.77 -27.19 34.61
C VAL T 55 24.06 -28.20 33.71
N ALA T 56 24.69 -29.34 33.46
CA ALA T 56 24.10 -30.33 32.56
C ALA T 56 22.81 -30.91 33.14
N LYS T 57 22.73 -30.99 34.47
CA LYS T 57 21.53 -31.54 35.10
C LYS T 57 20.31 -30.68 34.84
N GLU T 58 20.50 -29.39 34.59
CA GLU T 58 19.39 -28.46 34.42
C GLU T 58 19.02 -28.22 32.97
N ILE T 59 19.75 -28.81 32.02
CA ILE T 59 19.54 -28.49 30.62
C ILE T 59 18.38 -29.29 30.08
N GLU T 60 17.34 -28.60 29.62
CA GLU T 60 16.20 -29.21 28.95
C GLU T 60 15.54 -28.16 28.09
N PHE T 61 15.17 -28.53 26.86
CA PHE T 61 14.71 -27.58 25.87
C PHE T 61 13.25 -27.85 25.49
N LYS T 62 12.58 -26.80 25.01
CA LYS T 62 11.18 -26.93 24.64
C LYS T 62 11.01 -27.72 23.36
N ASP T 63 11.86 -27.50 22.37
CA ASP T 63 11.74 -28.18 21.10
C ASP T 63 12.06 -29.66 21.28
N PRO T 64 11.13 -30.57 20.95
CA PRO T 64 11.39 -31.99 21.20
C PRO T 64 12.56 -32.54 20.40
N TYR T 65 12.78 -32.06 19.18
CA TYR T 65 13.86 -32.57 18.35
C TYR T 65 15.22 -32.05 18.80
N GLU T 66 15.28 -30.78 19.19
CA GLU T 66 16.52 -30.26 19.76
C GLU T 66 16.79 -30.88 21.11
N ASN T 67 15.75 -31.17 21.88
CA ASN T 67 15.91 -31.85 23.16
C ASN T 67 16.44 -33.27 22.96
N MET T 68 16.16 -33.87 21.80
CA MET T 68 16.67 -35.21 21.52
C MET T 68 18.19 -35.23 21.50
N GLY T 69 18.80 -34.23 20.86
CA GLY T 69 20.25 -34.18 20.82
C GLY T 69 20.87 -33.92 22.18
N ALA T 70 20.26 -33.04 22.96
CA ALA T 70 20.80 -32.72 24.28
C ALA T 70 20.77 -33.93 25.21
N GLN T 71 19.65 -34.67 25.21
CA GLN T 71 19.52 -35.80 26.12
C GLN T 71 20.43 -36.94 25.72
N LEU T 72 20.62 -37.16 24.42
CA LEU T 72 21.50 -38.24 23.97
C LEU T 72 22.93 -37.99 24.41
N VAL T 73 23.41 -36.76 24.26
CA VAL T 73 24.76 -36.43 24.70
C VAL T 73 24.85 -36.46 26.22
N LYS T 74 23.80 -36.02 26.91
CA LYS T 74 23.82 -35.98 28.37
C LYS T 74 23.96 -37.39 28.95
N GLU T 75 23.23 -38.36 28.41
CA GLU T 75 23.31 -39.72 28.93
C GLU T 75 24.69 -40.31 28.71
N VAL T 76 25.22 -40.17 27.49
CA VAL T 76 26.52 -40.74 27.17
C VAL T 76 27.61 -40.07 27.99
N ALA T 77 27.55 -38.75 28.17
CA ALA T 77 28.49 -38.08 29.04
C ALA T 77 28.30 -38.47 30.50
N SER T 78 27.06 -38.75 30.92
CA SER T 78 26.82 -39.15 32.30
C SER T 78 27.37 -40.55 32.57
N LYS T 79 27.34 -41.43 31.57
CA LYS T 79 27.89 -42.77 31.75
C LYS T 79 29.40 -42.72 31.97
N THR T 80 30.07 -41.69 31.47
CA THR T 80 31.49 -41.54 31.73
C THR T 80 31.78 -41.37 33.21
N SER T 81 30.97 -40.56 33.90
CA SER T 81 31.14 -40.38 35.33
C SER T 81 30.70 -41.61 36.10
N ASP T 82 29.72 -42.35 35.56
CA ASP T 82 29.26 -43.55 36.25
C ASP T 82 30.34 -44.63 36.27
N VAL T 83 31.17 -44.67 35.22
CA VAL T 83 32.20 -45.71 35.14
C VAL T 83 33.52 -45.21 35.73
N ALA T 84 33.88 -43.96 35.46
CA ALA T 84 35.21 -43.47 35.82
C ALA T 84 35.19 -42.34 36.85
N GLY T 85 34.02 -41.81 37.21
CA GLY T 85 33.93 -40.79 38.24
C GLY T 85 34.23 -39.37 37.78
N ASP T 86 34.67 -39.19 36.54
CA ASP T 86 35.02 -37.86 36.04
C ASP T 86 34.93 -37.87 34.52
N GLY T 87 34.91 -36.68 33.94
CA GLY T 87 34.96 -36.55 32.50
C GLY T 87 33.63 -36.23 31.85
N THR T 88 32.63 -35.86 32.64
CA THR T 88 31.32 -35.55 32.09
C THR T 88 31.39 -34.35 31.14
N THR T 89 32.08 -33.29 31.55
CA THR T 89 32.20 -32.12 30.69
C THR T 89 33.12 -32.39 29.51
N THR T 90 34.21 -33.13 29.75
CA THR T 90 35.15 -33.44 28.67
C THR T 90 34.48 -34.27 27.58
N ALA T 91 33.66 -35.24 27.98
CA ALA T 91 32.94 -36.05 27.00
C ALA T 91 31.97 -35.22 26.18
N THR T 92 31.29 -34.26 26.81
CA THR T 92 30.38 -33.39 26.08
C THR T 92 31.13 -32.51 25.08
N VAL T 93 32.30 -31.99 25.49
CA VAL T 93 33.09 -31.16 24.59
C VAL T 93 33.57 -31.99 23.40
N LEU T 94 34.03 -33.20 23.66
CA LEU T 94 34.46 -34.08 22.57
C LEU T 94 33.31 -34.44 21.65
N ALA T 95 32.13 -34.68 22.21
CA ALA T 95 30.98 -35.07 21.39
C ALA T 95 30.60 -33.96 20.42
N GLN T 96 30.60 -32.71 20.89
CA GLN T 96 30.27 -31.59 20.00
C GLN T 96 31.30 -31.46 18.88
N ALA T 97 32.59 -31.63 19.21
CA ALA T 97 33.63 -31.45 18.21
C ALA T 97 33.53 -32.50 17.10
N ILE T 98 33.30 -33.76 17.48
CA ILE T 98 33.19 -34.82 16.48
C ILE T 98 31.94 -34.64 15.64
N PHE T 99 30.82 -34.33 16.28
CA PHE T 99 29.56 -34.21 15.56
C PHE T 99 29.58 -33.03 14.59
N ASN T 100 30.11 -31.89 15.04
CA ASN T 100 30.13 -30.70 14.18
C ASN T 100 31.05 -30.92 12.98
N GLU T 101 32.24 -31.48 13.20
CA GLU T 101 33.14 -31.75 12.08
C GLU T 101 32.61 -32.87 11.19
N GLY T 102 31.96 -33.87 11.78
CA GLY T 102 31.38 -34.93 10.97
C GLY T 102 30.29 -34.42 10.04
N LEU T 103 29.42 -33.55 10.54
CA LEU T 103 28.40 -32.96 9.68
C LEU T 103 29.02 -32.11 8.59
N ARG T 104 30.11 -31.41 8.91
CA ARG T 104 30.78 -30.58 7.91
C ARG T 104 31.33 -31.42 6.77
N ALA T 105 31.91 -32.58 7.09
CA ALA T 105 32.45 -33.45 6.04
C ALA T 105 31.33 -34.01 5.18
N ILE T 106 30.21 -34.39 5.79
CA ILE T 106 29.09 -34.94 5.03
C ILE T 106 28.52 -33.88 4.09
N ALA T 107 28.46 -32.63 4.56
CA ALA T 107 27.96 -31.55 3.70
C ALA T 107 28.83 -31.33 2.48
N SER T 108 30.11 -31.72 2.54
CA SER T 108 30.99 -31.60 1.39
C SER T 108 30.86 -32.76 0.42
N GLY T 109 30.03 -33.76 0.72
CA GLY T 109 29.82 -34.89 -0.15
C GLY T 109 30.47 -36.18 0.27
N ALA T 110 31.11 -36.22 1.43
CA ALA T 110 31.76 -37.44 1.89
C ALA T 110 30.72 -38.47 2.30
N ASN T 111 31.11 -39.74 2.19
CA ASN T 111 30.20 -40.83 2.53
C ASN T 111 30.08 -40.95 4.05
N PRO T 112 28.90 -40.83 4.63
CA PRO T 112 28.77 -40.96 6.09
C PRO T 112 29.20 -42.31 6.63
N MET T 113 29.01 -43.39 5.87
CA MET T 113 29.41 -44.70 6.36
C MET T 113 30.92 -44.85 6.45
N ASP T 114 31.64 -44.26 5.49
CA ASP T 114 33.09 -44.31 5.52
C ASP T 114 33.68 -43.39 6.59
N ILE T 115 32.98 -42.29 6.89
CA ILE T 115 33.44 -41.41 7.96
C ILE T 115 33.40 -42.12 9.30
N LYS T 116 32.33 -42.86 9.56
CA LYS T 116 32.23 -43.62 10.81
C LYS T 116 33.32 -44.68 10.91
N ARG T 117 33.63 -45.34 9.79
CA ARG T 117 34.72 -46.31 9.80
C ARG T 117 36.06 -45.64 10.08
N GLY T 118 36.26 -44.45 9.51
CA GLY T 118 37.46 -43.69 9.85
C GLY T 118 37.49 -43.26 11.30
N ILE T 119 36.34 -42.83 11.83
CA ILE T 119 36.27 -42.43 13.23
C ILE T 119 36.55 -43.61 14.14
N ASP T 120 35.93 -44.76 13.84
CA ASP T 120 36.12 -45.95 14.66
C ASP T 120 37.58 -46.40 14.64
N LYS T 121 38.21 -46.36 13.47
CA LYS T 121 39.60 -46.75 13.37
C LYS T 121 40.51 -45.78 14.11
N ALA T 122 40.22 -44.48 14.00
CA ALA T 122 41.06 -43.47 14.65
C ALA T 122 40.96 -43.56 16.17
N VAL T 123 39.76 -43.83 16.68
CA VAL T 123 39.58 -43.93 18.13
C VAL T 123 40.38 -45.10 18.67
N GLU T 124 40.42 -46.21 17.95
CA GLU T 124 41.19 -47.37 18.39
C GLU T 124 42.66 -47.03 18.55
N THR T 125 43.23 -46.29 17.60
CA THR T 125 44.62 -45.88 17.70
C THR T 125 44.83 -44.96 18.90
N VAL T 126 43.89 -44.02 19.12
CA VAL T 126 44.02 -43.08 20.22
C VAL T 126 43.99 -43.82 21.56
N VAL T 127 43.08 -44.79 21.69
CA VAL T 127 42.97 -45.54 22.94
C VAL T 127 44.26 -46.31 23.22
N ASN T 128 44.84 -46.92 22.18
CA ASN T 128 46.09 -47.65 22.36
C ASN T 128 47.21 -46.75 22.82
N GLU T 129 47.29 -45.54 22.25
CA GLU T 129 48.31 -44.58 22.68
C GLU T 129 48.10 -44.16 24.13
N ILE T 130 46.85 -44.00 24.54
CA ILE T 130 46.56 -43.60 25.92
C ILE T 130 47.03 -44.68 26.89
N LYS T 131 46.76 -45.95 26.55
CA LYS T 131 47.23 -47.05 27.39
C LYS T 131 48.76 -47.09 27.44
N LYS T 132 49.42 -46.84 26.30
CA LYS T 132 50.87 -46.81 26.28
C LYS T 132 51.42 -45.65 27.11
N LEU T 133 50.75 -44.50 27.07
CA LEU T 133 51.24 -43.31 27.75
C LEU T 133 51.04 -43.39 29.26
N SER T 134 50.05 -44.16 29.72
CA SER T 134 49.72 -44.20 31.13
C SER T 134 50.81 -44.91 31.93
N ILE T 135 50.90 -44.56 33.21
CA ILE T 135 51.83 -45.21 34.14
C ILE T 135 51.03 -45.66 35.35
N PRO T 136 51.42 -46.76 36.01
CA PRO T 136 50.67 -47.22 37.18
C PRO T 136 50.83 -46.28 38.35
N VAL T 137 49.81 -46.24 39.20
CA VAL T 137 49.90 -45.51 40.46
C VAL T 137 50.84 -46.25 41.39
N SER T 138 51.64 -45.51 42.16
CA SER T 138 52.68 -46.12 42.97
C SER T 138 52.44 -45.99 44.47
N GLY T 139 51.90 -44.87 44.93
CA GLY T 139 51.77 -44.68 46.36
C GLY T 139 50.87 -43.49 46.67
N ARG T 140 51.02 -42.99 47.91
CA ARG T 140 50.14 -41.94 48.42
C ARG T 140 50.30 -40.65 47.64
N LYS T 141 51.47 -40.42 47.04
CA LYS T 141 51.72 -39.17 46.34
C LYS T 141 50.76 -39.00 45.16
N GLU T 142 50.69 -40.01 44.29
CA GLU T 142 49.79 -39.92 43.15
C GLU T 142 48.34 -40.08 43.56
N ILE T 143 48.07 -40.89 44.58
CA ILE T 143 46.69 -41.07 45.03
C ILE T 143 46.13 -39.75 45.54
N GLU T 144 46.92 -39.02 46.34
CA GLU T 144 46.48 -37.72 46.82
C GLU T 144 46.30 -36.74 45.67
N GLN T 145 47.22 -36.75 44.70
CA GLN T 145 47.14 -35.82 43.58
C GLN T 145 45.91 -36.08 42.73
N VAL T 146 45.59 -37.35 42.47
CA VAL T 146 44.42 -37.68 41.66
C VAL T 146 43.15 -37.23 42.36
N ALA T 147 43.06 -37.49 43.67
CA ALA T 147 41.87 -37.10 44.42
C ALA T 147 41.71 -35.58 44.44
N THR T 148 42.83 -34.85 44.55
CA THR T 148 42.76 -33.39 44.54
C THR T 148 42.26 -32.87 43.20
N ILE T 149 42.83 -33.37 42.10
CA ILE T 149 42.41 -32.92 40.78
C ILE T 149 41.00 -33.39 40.46
N SER T 150 40.63 -34.61 40.89
CA SER T 150 39.26 -35.07 40.70
C SER T 150 38.28 -34.19 41.45
N ALA T 151 38.62 -33.78 42.67
CA ALA T 151 37.86 -32.77 43.38
C ALA T 151 38.12 -31.41 42.76
N ASN T 152 37.52 -30.36 43.30
CA ASN T 152 37.72 -29.03 42.72
C ASN T 152 39.03 -28.43 43.17
N ASN T 153 40.14 -29.16 42.94
CA ASN T 153 41.47 -28.71 43.31
C ASN T 153 41.55 -28.32 44.78
N ASP T 154 40.92 -29.13 45.63
CA ASP T 154 40.91 -28.92 47.07
C ASP T 154 41.75 -30.01 47.73
N ALA T 155 42.83 -29.60 48.40
CA ALA T 155 43.74 -30.56 49.03
C ALA T 155 43.13 -31.22 50.27
N THR T 156 42.11 -30.61 50.86
CA THR T 156 41.51 -31.19 52.07
C THR T 156 40.83 -32.52 51.75
N ILE T 157 39.98 -32.54 50.72
CA ILE T 157 39.35 -33.80 50.33
C ILE T 157 40.38 -34.78 49.79
N GLY T 158 41.39 -34.27 49.07
CA GLY T 158 42.43 -35.14 48.55
C GLY T 158 43.22 -35.82 49.66
N LYS T 159 43.55 -35.07 50.71
CA LYS T 159 44.29 -35.64 51.84
C LYS T 159 43.46 -36.70 52.55
N ILE T 160 42.17 -36.41 52.77
CA ILE T 160 41.32 -37.36 53.50
C ILE T 160 41.17 -38.65 52.71
N ILE T 161 40.93 -38.56 51.40
CA ILE T 161 40.79 -39.75 50.58
C ILE T 161 42.09 -40.54 50.56
N ALA T 162 43.22 -39.85 50.42
CA ALA T 162 44.51 -40.53 50.43
C ALA T 162 44.75 -41.23 51.76
N ASP T 163 44.41 -40.57 52.87
CA ASP T 163 44.53 -41.23 54.18
C ASP T 163 43.56 -42.40 54.30
N ALA T 164 42.34 -42.24 53.79
CA ALA T 164 41.36 -43.32 53.86
C ALA T 164 41.81 -44.51 53.01
N MET T 165 42.38 -44.26 51.85
CA MET T 165 42.84 -45.35 50.99
C MET T 165 43.99 -46.11 51.64
N GLU T 166 45.01 -45.41 52.14
CA GLU T 166 46.15 -46.08 52.74
C GLU T 166 45.81 -46.74 54.06
N ALA T 167 44.74 -46.30 54.74
CA ALA T 167 44.36 -46.92 56.00
C ALA T 167 43.62 -48.23 55.76
N VAL T 168 42.59 -48.21 54.93
CA VAL T 168 41.82 -49.42 54.65
C VAL T 168 42.53 -50.34 53.67
N GLY T 169 43.22 -49.79 52.68
CA GLY T 169 43.96 -50.59 51.72
C GLY T 169 43.63 -50.21 50.29
N LYS T 170 44.24 -50.96 49.37
CA LYS T 170 44.08 -50.70 47.94
C LYS T 170 42.64 -50.91 47.48
N ASP T 171 42.00 -51.99 47.95
CA ASP T 171 40.69 -52.38 47.44
C ASP T 171 39.59 -52.38 48.49
N GLY T 172 39.85 -51.93 49.71
CA GLY T 172 38.81 -51.85 50.70
C GLY T 172 37.75 -50.83 50.34
N VAL T 173 36.52 -51.12 50.75
CA VAL T 173 35.39 -50.27 50.38
C VAL T 173 35.47 -48.96 51.17
N ILE T 174 35.03 -47.88 50.53
CA ILE T 174 34.96 -46.56 51.14
C ILE T 174 33.54 -46.03 50.97
N THR T 175 33.03 -45.39 52.03
CA THR T 175 31.68 -44.87 52.01
C THR T 175 31.68 -43.45 52.58
N VAL T 176 30.69 -42.68 52.18
CA VAL T 176 30.56 -41.27 52.56
C VAL T 176 29.30 -41.10 53.39
N GLU T 177 29.43 -40.38 54.51
CA GLU T 177 28.31 -40.18 55.42
C GLU T 177 28.31 -38.73 55.88
N GLU T 178 27.13 -38.26 56.28
CA GLU T 178 26.96 -36.88 56.74
C GLU T 178 27.52 -36.73 58.15
N SER T 179 27.59 -35.49 58.62
CA SER T 179 28.16 -35.21 59.93
C SER T 179 27.39 -34.08 60.60
N LYS T 180 27.38 -34.10 61.93
CA LYS T 180 26.90 -32.96 62.70
C LYS T 180 27.93 -31.83 62.72
N SER T 181 29.21 -32.19 62.79
CA SER T 181 30.27 -31.19 62.83
C SER T 181 30.35 -30.43 61.51
N ALA T 182 30.73 -29.16 61.59
CA ALA T 182 30.89 -28.35 60.39
C ALA T 182 32.04 -28.82 59.52
N GLU T 183 33.10 -29.34 60.12
CA GLU T 183 34.25 -29.82 59.37
C GLU T 183 34.11 -31.31 59.06
N THR T 184 34.58 -31.69 57.88
CA THR T 184 34.57 -33.09 57.47
C THR T 184 35.60 -33.88 58.27
N THR T 185 35.21 -35.11 58.65
CA THR T 185 36.06 -35.96 59.46
C THR T 185 36.16 -37.33 58.82
N LEU T 186 37.22 -38.05 59.17
CA LEU T 186 37.46 -39.40 58.68
C LEU T 186 37.50 -40.38 59.84
N GLU T 187 36.84 -41.51 59.68
CA GLU T 187 36.85 -42.56 60.69
C GLU T 187 36.73 -43.91 59.99
N THR T 188 37.23 -44.95 60.66
CA THR T 188 37.13 -46.32 60.19
C THR T 188 36.33 -47.13 61.19
N VAL T 189 35.45 -48.00 60.68
CA VAL T 189 34.59 -48.82 61.51
C VAL T 189 34.80 -50.28 61.11
N GLN T 190 34.53 -51.19 62.05
CA GLN T 190 34.73 -52.61 61.81
C GLN T 190 33.64 -53.13 60.88
N GLY T 191 33.77 -52.83 59.58
CA GLY T 191 32.78 -53.23 58.61
C GLY T 191 33.08 -54.56 57.94
N MET T 192 32.06 -55.09 57.29
CA MET T 192 32.15 -56.37 56.58
C MET T 192 31.87 -56.16 55.10
N GLN T 193 32.68 -56.82 54.26
CA GLN T 193 32.54 -56.71 52.81
C GLN T 193 32.37 -58.11 52.24
N PHE T 194 31.41 -58.26 51.33
CA PHE T 194 31.08 -59.56 50.76
C PHE T 194 30.98 -59.45 49.24
N ASP T 195 31.00 -60.61 48.58
CA ASP T 195 31.18 -60.67 47.14
C ASP T 195 29.88 -60.81 46.36
N ARG T 196 28.73 -60.88 47.01
CA ARG T 196 27.47 -61.05 46.30
C ARG T 196 26.44 -60.06 46.82
N GLY T 197 25.57 -59.61 45.93
CA GLY T 197 24.62 -58.54 46.19
C GLY T 197 23.23 -59.04 46.47
N TYR T 198 22.24 -58.26 46.01
CA TYR T 198 20.84 -58.54 46.32
C TYR T 198 20.37 -59.82 45.64
N LEU T 199 19.43 -60.50 46.30
CA LEU T 199 18.80 -61.69 45.74
C LEU T 199 17.55 -61.38 44.95
N SER T 200 17.01 -60.17 45.03
CA SER T 200 15.83 -59.77 44.29
C SER T 200 16.00 -58.34 43.84
N PRO T 201 15.39 -57.95 42.71
CA PRO T 201 15.53 -56.58 42.23
C PRO T 201 14.61 -55.57 42.92
N TYR T 202 13.70 -56.03 43.77
CA TYR T 202 12.73 -55.14 44.41
C TYR T 202 13.27 -54.44 45.64
N PHE T 203 14.49 -54.77 46.08
CA PHE T 203 15.04 -54.22 47.31
C PHE T 203 15.64 -52.83 47.15
N VAL T 204 15.38 -52.14 46.04
CA VAL T 204 15.94 -50.80 45.84
C VAL T 204 15.23 -49.82 46.75
N THR T 205 16.02 -49.05 47.51
CA THR T 205 15.51 -48.09 48.46
C THR T 205 15.40 -46.70 47.81
N ASN T 206 15.22 -45.67 48.65
CA ASN T 206 14.96 -44.33 48.14
C ASN T 206 16.03 -43.75 47.21
N PRO T 207 17.34 -43.89 47.47
CA PRO T 207 18.33 -43.20 46.62
C PRO T 207 18.17 -43.53 45.15
N ASP T 208 18.32 -42.49 44.32
CA ASP T 208 18.05 -42.62 42.89
C ASP T 208 19.15 -43.35 42.14
N LYS T 209 20.30 -43.54 42.76
CA LYS T 209 21.42 -44.23 42.12
C LYS T 209 21.25 -45.75 42.10
N MET T 210 20.03 -46.23 42.35
CA MET T 210 19.58 -47.63 42.24
C MET T 210 20.38 -48.57 43.14
N GLU T 211 21.35 -48.02 43.88
CA GLU T 211 22.04 -48.79 44.90
C GLU T 211 21.43 -48.48 46.26
N ALA T 212 20.95 -49.52 46.94
CA ALA T 212 20.12 -49.37 48.11
C ALA T 212 20.98 -49.31 49.37
N VAL T 213 20.54 -48.48 50.31
CA VAL T 213 21.19 -48.33 51.62
C VAL T 213 20.14 -48.54 52.70
N LEU T 214 20.47 -49.34 53.70
CA LEU T 214 19.56 -49.66 54.79
C LEU T 214 20.06 -49.03 56.08
N GLU T 215 19.13 -48.57 56.92
CA GLU T 215 19.44 -47.90 58.16
C GLU T 215 18.90 -48.71 59.34
N ASP T 216 19.77 -48.98 60.31
CA ASP T 216 19.47 -49.76 61.52
C ASP T 216 18.77 -51.08 61.20
N PRO T 217 19.38 -51.97 60.42
CA PRO T 217 18.73 -53.25 60.13
C PRO T 217 19.17 -54.35 61.07
N PHE T 218 18.31 -55.36 61.24
CA PHE T 218 18.72 -56.59 61.89
C PHE T 218 19.36 -57.52 60.88
N ILE T 219 20.12 -58.49 61.38
CA ILE T 219 20.85 -59.43 60.55
C ILE T 219 20.43 -60.85 60.89
N LEU T 220 20.04 -61.61 59.87
CA LEU T 220 19.83 -63.04 59.97
C LEU T 220 20.77 -63.74 58.99
N ILE T 221 21.25 -64.92 59.36
CA ILE T 221 22.14 -65.69 58.50
C ILE T 221 21.73 -67.16 58.57
N TYR T 222 21.70 -67.82 57.41
CA TYR T 222 21.30 -69.21 57.29
C TYR T 222 22.38 -70.01 56.57
N GLU T 223 22.50 -71.28 56.93
CA GLU T 223 23.40 -72.18 56.23
C GLU T 223 22.80 -72.73 54.94
N LYS T 224 21.50 -72.55 54.73
CA LYS T 224 20.82 -73.11 53.57
C LYS T 224 19.82 -72.08 53.07
N LYS T 225 18.89 -72.51 52.22
CA LYS T 225 17.92 -71.61 51.62
C LYS T 225 16.99 -71.04 52.68
N ILE T 226 16.36 -69.91 52.32
CA ILE T 226 15.40 -69.26 53.21
C ILE T 226 14.18 -70.16 53.37
N SER T 227 13.72 -70.32 54.61
CA SER T 227 12.58 -71.17 54.88
C SER T 227 11.28 -70.47 54.46
N ASN T 228 10.16 -71.09 54.82
CA ASN T 228 8.86 -70.55 54.47
C ASN T 228 8.57 -69.27 55.24
N VAL T 229 7.65 -68.47 54.71
CA VAL T 229 7.27 -67.23 55.37
C VAL T 229 6.60 -67.51 56.70
N LYS T 230 5.85 -68.61 56.79
CA LYS T 230 5.18 -68.97 58.04
C LYS T 230 6.19 -69.17 59.17
N ASP T 231 7.37 -69.71 58.87
CA ASP T 231 8.42 -69.81 59.86
C ASP T 231 8.98 -68.45 60.25
N LEU T 232 9.09 -67.54 59.28
CA LEU T 232 9.65 -66.22 59.56
C LEU T 232 8.63 -65.33 60.26
N LEU T 233 7.34 -65.62 60.09
CA LEU T 233 6.30 -64.75 60.64
C LEU T 233 6.40 -64.52 62.15
N PRO T 234 6.68 -65.51 63.00
CA PRO T 234 6.91 -65.18 64.42
C PRO T 234 8.04 -64.19 64.64
N VAL T 235 9.07 -64.22 63.79
CA VAL T 235 10.14 -63.23 63.87
C VAL T 235 9.75 -61.93 63.17
N LEU T 236 9.13 -62.03 61.98
CA LEU T 236 8.78 -60.84 61.22
C LEU T 236 7.79 -59.97 61.97
N GLU T 237 6.78 -60.58 62.59
CA GLU T 237 5.81 -59.79 63.36
C GLU T 237 6.48 -59.12 64.55
N ASN T 238 7.38 -59.82 65.23
CA ASN T 238 8.17 -59.20 66.27
C ASN T 238 9.11 -58.15 65.70
N VAL T 239 9.66 -58.39 64.50
CA VAL T 239 10.48 -57.39 63.84
C VAL T 239 9.67 -56.15 63.52
N VAL T 240 8.44 -56.33 63.03
CA VAL T 240 7.55 -55.21 62.79
C VAL T 240 7.26 -54.48 64.09
N ARG T 241 7.03 -55.23 65.17
CA ARG T 241 6.87 -54.61 66.48
C ARG T 241 8.12 -53.87 66.90
N ALA T 242 9.30 -54.43 66.59
CA ALA T 242 10.56 -53.74 66.88
C ALA T 242 10.73 -52.48 66.03
N GLY T 243 10.22 -52.47 64.81
CA GLY T 243 10.28 -51.28 63.98
C GLY T 243 11.58 -51.05 63.25
N LYS T 244 12.35 -52.10 62.98
CA LYS T 244 13.59 -51.98 62.23
C LYS T 244 13.64 -53.01 61.12
N PRO T 245 14.35 -52.72 60.03
CA PRO T 245 14.44 -53.69 58.93
C PRO T 245 15.30 -54.89 59.32
N LEU T 246 15.21 -55.93 58.48
CA LEU T 246 15.87 -57.19 58.70
C LEU T 246 16.63 -57.61 57.46
N LEU T 247 17.83 -58.17 57.64
CA LEU T 247 18.68 -58.61 56.56
C LEU T 247 18.96 -60.10 56.71
N ILE T 248 18.96 -60.84 55.60
CA ILE T 248 19.17 -62.28 55.60
C ILE T 248 20.40 -62.60 54.77
N ILE T 249 21.31 -63.39 55.33
CA ILE T 249 22.45 -63.94 54.61
C ILE T 249 22.19 -65.42 54.41
N ALA T 250 21.76 -65.80 53.20
CA ALA T 250 21.35 -67.17 52.94
C ALA T 250 21.92 -67.61 51.60
N GLU T 251 21.99 -68.93 51.41
CA GLU T 251 22.59 -69.46 50.19
C GLU T 251 21.71 -69.21 48.97
N ASP T 252 20.39 -69.38 49.11
CA ASP T 252 19.50 -69.25 47.97
C ASP T 252 18.09 -68.97 48.47
N VAL T 253 17.25 -68.50 47.55
CA VAL T 253 15.82 -68.33 47.79
C VAL T 253 15.07 -69.04 46.68
N GLU T 254 14.02 -69.79 47.03
CA GLU T 254 13.27 -70.54 46.04
C GLU T 254 12.61 -69.59 45.05
N ALA T 255 12.77 -69.91 43.76
CA ALA T 255 12.33 -69.00 42.70
C ALA T 255 10.83 -69.09 42.43
N GLU T 256 10.19 -70.23 42.75
CA GLU T 256 8.80 -70.41 42.42
C GLU T 256 7.88 -69.42 43.14
N ALA T 257 7.97 -69.33 44.46
CA ALA T 257 7.13 -68.41 45.21
C ALA T 257 7.95 -67.53 46.14
N LEU T 258 9.00 -68.11 46.73
CA LEU T 258 9.78 -67.38 47.72
C LEU T 258 10.56 -66.22 47.08
N ALA T 259 10.84 -66.31 45.78
CA ALA T 259 11.45 -65.19 45.09
C ALA T 259 10.52 -63.97 45.06
N THR T 260 9.22 -64.17 45.12
CA THR T 260 8.23 -63.10 45.10
C THR T 260 7.46 -62.94 46.39
N LEU T 261 7.04 -64.05 47.02
CA LEU T 261 6.23 -63.94 48.23
C LEU T 261 7.03 -63.36 49.39
N VAL T 262 8.31 -63.71 49.49
CA VAL T 262 9.12 -63.22 50.60
C VAL T 262 9.24 -61.70 50.58
N VAL T 263 9.37 -61.12 49.39
CA VAL T 263 9.46 -59.66 49.29
C VAL T 263 8.07 -59.02 49.27
N ASN T 264 7.11 -59.63 48.57
CA ASN T 264 5.78 -59.04 48.46
C ASN T 264 5.07 -58.99 49.81
N HIS T 265 5.17 -60.06 50.61
CA HIS T 265 4.55 -60.05 51.94
C HIS T 265 5.19 -59.03 52.86
N ILE T 266 6.42 -58.61 52.58
CA ILE T 266 7.09 -57.59 53.37
C ILE T 266 7.24 -56.26 52.64
N LYS T 267 6.75 -56.15 51.40
CA LYS T 267 6.88 -54.90 50.66
C LYS T 267 5.99 -53.80 51.24
N GLY T 268 4.83 -54.15 51.78
CA GLY T 268 3.92 -53.17 52.33
C GLY T 268 4.25 -52.69 53.73
N VAL T 269 5.35 -53.17 54.29
CA VAL T 269 5.81 -52.82 55.63
C VAL T 269 7.26 -52.38 55.53
N ILE T 270 7.92 -52.21 56.67
CA ILE T 270 9.28 -51.66 56.75
C ILE T 270 10.28 -52.42 55.87
N ARG T 271 9.86 -53.55 55.31
CA ARG T 271 10.62 -54.32 54.31
C ARG T 271 11.85 -55.01 54.90
N ALA T 272 12.30 -56.05 54.21
CA ALA T 272 13.49 -56.80 54.60
C ALA T 272 14.23 -57.19 53.33
N CYS T 273 15.52 -57.51 53.48
CA CYS T 273 16.36 -57.85 52.35
C CYS T 273 17.11 -59.15 52.64
N ALA T 274 17.56 -59.79 51.56
CA ALA T 274 18.31 -61.03 51.65
C ALA T 274 19.48 -60.97 50.68
N VAL T 275 20.62 -61.54 51.10
CA VAL T 275 21.84 -61.54 50.30
C VAL T 275 22.40 -62.95 50.25
N LYS T 276 23.26 -63.19 49.26
CA LYS T 276 23.83 -64.51 49.05
C LYS T 276 24.89 -64.83 50.10
N ALA T 277 25.18 -66.11 50.25
CA ALA T 277 26.23 -66.52 51.17
C ALA T 277 27.60 -66.18 50.59
N PRO T 278 28.44 -65.47 51.33
CA PRO T 278 29.77 -65.11 50.81
C PRO T 278 30.64 -66.34 50.63
N GLY T 279 31.50 -66.30 49.62
CA GLY T 279 32.38 -67.43 49.36
C GLY T 279 31.63 -68.60 48.74
N PHE T 280 32.28 -69.76 48.76
CA PHE T 280 31.72 -70.98 48.21
C PHE T 280 32.17 -72.18 49.04
N GLY T 281 31.38 -73.25 48.99
CA GLY T 281 31.74 -74.46 49.70
C GLY T 281 31.61 -74.31 51.21
N GLN T 282 32.38 -75.14 51.92
CA GLN T 282 32.38 -75.08 53.38
C GLN T 282 32.98 -73.78 53.90
N ARG T 283 33.72 -73.06 53.04
CA ARG T 283 34.18 -71.73 53.40
C ARG T 283 33.02 -70.83 53.81
N ARG T 284 31.85 -71.03 53.19
CA ARG T 284 30.67 -70.27 53.56
C ARG T 284 30.35 -70.40 55.03
N LYS T 285 30.35 -71.63 55.55
CA LYS T 285 30.15 -71.84 56.98
C LYS T 285 31.26 -71.21 57.80
N ASP T 286 32.51 -71.36 57.36
CA ASP T 286 33.61 -70.68 58.04
C ASP T 286 33.47 -69.17 57.94
N TYR T 287 33.06 -68.66 56.77
CA TYR T 287 32.73 -67.25 56.64
C TYR T 287 31.47 -66.89 57.40
N LEU T 288 30.51 -67.81 57.50
CA LEU T 288 29.39 -67.62 58.42
C LEU T 288 29.90 -67.54 59.86
N GLN T 289 30.84 -68.40 60.22
CA GLN T 289 31.48 -68.29 61.53
C GLN T 289 32.21 -66.97 61.65
N ASP T 290 32.86 -66.52 60.57
CA ASP T 290 33.45 -65.19 60.57
C ASP T 290 32.38 -64.13 60.75
N ILE T 291 31.26 -64.25 60.05
CA ILE T 291 30.17 -63.29 60.20
C ILE T 291 29.62 -63.33 61.61
N ALA T 292 29.41 -64.53 62.14
CA ALA T 292 28.81 -64.65 63.47
C ALA T 292 29.69 -64.01 64.54
N ILE T 293 31.00 -64.23 64.47
CA ILE T 293 31.88 -63.74 65.54
C ILE T 293 32.27 -62.28 65.31
N LEU T 294 32.20 -61.80 64.07
CA LEU T 294 32.55 -60.40 63.81
C LEU T 294 31.34 -59.47 63.79
N THR T 295 30.21 -59.91 63.23
CA THR T 295 29.01 -59.08 63.27
C THR T 295 28.29 -59.19 64.60
N GLY T 296 28.64 -60.17 65.43
CA GLY T 296 27.97 -60.40 66.68
C GLY T 296 26.82 -61.37 66.63
N GLY T 297 26.52 -61.94 65.46
CA GLY T 297 25.42 -62.85 65.31
C GLY T 297 25.80 -64.28 65.67
N THR T 298 24.90 -65.20 65.31
CA THR T 298 25.10 -66.62 65.58
C THR T 298 24.76 -67.42 64.33
N ALA T 299 25.28 -68.65 64.28
CA ALA T 299 25.03 -69.56 63.17
C ALA T 299 23.59 -70.10 63.23
N ILE T 300 22.66 -69.25 62.82
CA ILE T 300 21.24 -69.59 62.91
C ILE T 300 20.87 -70.56 61.81
N THR T 301 20.31 -71.70 62.20
CA THR T 301 19.92 -72.74 61.25
C THR T 301 18.91 -73.66 61.92
N GLU T 302 17.80 -73.93 61.23
CA GLU T 302 16.76 -74.78 61.80
C GLU T 302 17.26 -76.20 62.02
N GLU T 303 18.19 -76.67 61.18
CA GLU T 303 18.74 -78.01 61.34
C GLU T 303 19.55 -78.15 62.62
N LEU T 304 20.07 -77.04 63.16
CA LEU T 304 20.83 -77.08 64.40
C LEU T 304 19.95 -76.96 65.64
N GLY T 305 18.64 -76.84 65.48
CA GLY T 305 17.73 -76.75 66.60
C GLY T 305 17.24 -75.36 66.93
N ILE T 306 17.70 -74.33 66.23
CA ILE T 306 17.21 -72.97 66.45
C ILE T 306 16.03 -72.74 65.53
N LYS T 307 14.83 -73.11 66.00
CA LYS T 307 13.64 -72.97 65.18
C LYS T 307 13.31 -71.51 64.94
N LEU T 308 13.02 -71.17 63.68
CA LEU T 308 12.61 -69.81 63.34
C LEU T 308 11.24 -69.47 63.92
N GLU T 309 10.46 -70.47 64.34
CA GLU T 309 9.20 -70.20 65.01
C GLU T 309 9.41 -69.54 66.37
N SER T 310 10.61 -69.68 66.96
CA SER T 310 10.88 -69.10 68.27
C SER T 310 12.17 -68.27 68.28
N VAL T 311 12.68 -67.88 67.11
CA VAL T 311 13.89 -67.08 67.07
C VAL T 311 13.60 -65.71 67.65
N THR T 312 14.36 -65.31 68.66
CA THR T 312 14.18 -64.05 69.33
C THR T 312 15.02 -62.96 68.66
N LEU T 313 14.58 -61.71 68.80
CA LEU T 313 15.28 -60.58 68.24
C LEU T 313 16.62 -60.31 68.93
N ASP T 314 16.85 -60.90 70.11
CA ASP T 314 18.08 -60.67 70.85
C ASP T 314 19.22 -61.60 70.44
N MET T 315 18.92 -62.77 69.87
CA MET T 315 19.95 -63.74 69.54
C MET T 315 20.48 -63.55 68.13
N LEU T 316 19.69 -63.00 67.22
CA LEU T 316 20.13 -62.78 65.86
C LEU T 316 21.09 -61.60 65.78
N GLY T 317 21.79 -61.49 64.65
CA GLY T 317 22.77 -60.44 64.47
C GLY T 317 22.13 -59.07 64.28
N ARG T 318 22.88 -58.04 64.68
CA ARG T 318 22.46 -56.65 64.54
C ARG T 318 23.61 -55.83 64.00
N ALA T 319 23.28 -54.78 63.24
CA ALA T 319 24.28 -53.94 62.60
C ALA T 319 23.79 -52.51 62.53
N ASP T 320 24.74 -51.59 62.34
CA ASP T 320 24.39 -50.18 62.19
C ASP T 320 23.69 -49.93 60.86
N LYS T 321 24.37 -50.20 59.76
CA LYS T 321 23.79 -50.05 58.43
C LYS T 321 24.33 -51.15 57.52
N VAL T 322 23.55 -51.48 56.50
CA VAL T 322 23.92 -52.47 55.50
C VAL T 322 23.76 -51.85 54.11
N ILE T 323 24.78 -51.98 53.28
CA ILE T 323 24.79 -51.42 51.93
C ILE T 323 25.01 -52.54 50.94
N VAL T 324 24.15 -52.62 49.93
CA VAL T 324 24.20 -53.67 48.92
C VAL T 324 24.37 -53.01 47.56
N ASP T 325 25.39 -53.45 46.82
CA ASP T 325 25.65 -52.93 45.49
C ASP T 325 24.95 -53.82 44.44
N LYS T 326 25.31 -53.59 43.17
CA LYS T 326 24.76 -54.42 42.10
C LYS T 326 25.16 -55.88 42.26
N ASP T 327 26.43 -56.14 42.58
CA ASP T 327 26.93 -57.49 42.69
C ASP T 327 27.58 -57.79 44.04
N ASN T 328 27.52 -56.88 45.00
CA ASN T 328 28.16 -57.06 46.29
C ASN T 328 27.25 -56.51 47.39
N THR T 329 27.52 -56.94 48.62
CA THR T 329 26.86 -56.41 49.81
C THR T 329 27.91 -56.09 50.86
N THR T 330 27.65 -55.04 51.64
CA THR T 330 28.55 -54.61 52.70
C THR T 330 27.76 -54.27 53.95
N ILE T 331 28.42 -54.38 55.10
CA ILE T 331 27.85 -54.01 56.38
C ILE T 331 28.74 -52.94 56.99
N VAL T 332 28.12 -51.84 57.44
CA VAL T 332 28.89 -50.73 57.99
C VAL T 332 29.57 -51.14 59.30
N GLY T 333 28.84 -51.80 60.19
CA GLY T 333 29.43 -52.23 61.45
C GLY T 333 28.44 -52.86 62.41
N GLY T 334 28.91 -53.84 63.18
CA GLY T 334 28.06 -54.49 64.15
C GLY T 334 27.94 -53.71 65.45
N LYS T 335 26.98 -54.13 66.26
CA LYS T 335 26.72 -53.51 67.55
C LYS T 335 27.33 -54.28 68.73
N GLY T 336 28.09 -55.35 68.45
CA GLY T 336 28.64 -56.17 69.50
C GLY T 336 29.88 -55.57 70.13
N SER T 337 30.45 -56.32 71.06
CA SER T 337 31.66 -55.88 71.76
C SER T 337 32.86 -55.96 70.81
N LYS T 338 33.47 -54.80 70.54
CA LYS T 338 34.59 -54.75 69.61
C LYS T 338 35.80 -55.49 70.16
N GLU T 339 36.01 -55.44 71.47
CA GLU T 339 37.18 -56.11 72.06
C GLU T 339 37.15 -57.61 71.82
N ALA T 340 35.98 -58.23 72.03
CA ALA T 340 35.84 -59.65 71.72
C ALA T 340 35.96 -59.89 70.22
N ILE T 341 35.36 -59.01 69.42
CA ILE T 341 35.46 -59.14 67.96
C ILE T 341 36.91 -59.01 67.51
N GLN T 342 37.64 -58.04 68.07
CA GLN T 342 39.06 -57.90 67.75
C GLN T 342 39.84 -59.13 68.22
N ALA T 343 39.47 -59.69 69.37
CA ALA T 343 40.06 -60.95 69.80
C ALA T 343 39.70 -62.08 68.85
N ARG T 344 38.45 -62.08 68.36
CA ARG T 344 38.01 -63.10 67.41
C ARG T 344 38.69 -62.97 66.06
N ILE T 345 39.35 -61.85 65.77
CA ILE T 345 40.17 -61.74 64.56
C ILE T 345 41.32 -62.73 64.60
N GLU T 346 41.80 -63.08 65.80
CA GLU T 346 42.88 -64.04 65.92
C GLU T 346 42.49 -65.40 65.31
N GLN T 347 41.21 -65.72 65.31
CA GLN T 347 40.76 -66.93 64.61
C GLN T 347 41.07 -66.84 63.13
N ILE T 348 40.76 -65.69 62.51
CA ILE T 348 41.14 -65.48 61.12
C ILE T 348 42.65 -65.39 60.99
N LYS T 349 43.32 -64.80 62.00
CA LYS T 349 44.77 -64.80 62.02
C LYS T 349 45.31 -66.22 62.09
N ARG T 350 44.69 -67.07 62.90
CA ARG T 350 45.07 -68.48 62.95
C ARG T 350 44.53 -69.24 61.73
N GLN T 351 43.52 -68.68 61.05
CA GLN T 351 43.03 -69.31 59.83
C GLN T 351 44.07 -69.27 58.71
N ILE T 352 45.12 -68.47 58.86
CA ILE T 352 46.20 -68.46 57.88
C ILE T 352 46.84 -69.84 57.79
N LEU T 353 47.06 -70.48 58.92
CA LEU T 353 47.72 -71.78 58.94
C LEU T 353 46.70 -72.92 58.89
N GLU T 354 45.44 -72.65 59.25
CA GLU T 354 44.45 -73.72 59.30
C GLU T 354 43.77 -73.98 57.97
N THR T 355 43.53 -72.96 57.16
CA THR T 355 42.85 -73.16 55.88
C THR T 355 43.79 -73.84 54.89
N THR T 356 43.21 -74.73 54.08
CA THR T 356 43.97 -75.53 53.13
C THR T 356 43.44 -75.38 51.70
N SER T 357 42.83 -74.25 51.37
CA SER T 357 42.31 -74.01 50.04
C SER T 357 42.77 -72.65 49.55
N ASP T 358 43.00 -72.55 48.23
CA ASP T 358 43.41 -71.28 47.65
C ASP T 358 42.31 -70.23 47.76
N TYR T 359 41.05 -70.62 47.56
CA TYR T 359 39.94 -69.67 47.63
C TYR T 359 39.80 -69.06 49.01
N ASP T 360 40.35 -69.70 50.04
CA ASP T 360 40.41 -69.09 51.36
C ASP T 360 41.64 -68.20 51.51
N ARG T 361 42.82 -68.76 51.25
CA ARG T 361 44.07 -68.02 51.43
C ARG T 361 44.15 -66.81 50.53
N GLU T 362 43.52 -66.84 49.36
CA GLU T 362 43.43 -65.65 48.52
C GLU T 362 42.52 -64.59 49.12
N LYS T 363 41.38 -64.98 49.66
CA LYS T 363 40.49 -64.06 50.36
C LYS T 363 40.97 -63.71 51.75
N LEU T 364 41.60 -64.65 52.45
CA LEU T 364 42.28 -64.31 53.69
C LEU T 364 43.55 -63.51 53.38
N GLN T 365 44.03 -62.79 54.40
CA GLN T 365 45.14 -61.85 54.29
C GLN T 365 44.72 -60.61 53.50
N GLU T 366 43.50 -60.66 52.94
CA GLU T 366 42.87 -59.46 52.41
C GLU T 366 41.68 -59.07 53.29
N ARG T 367 40.96 -60.06 53.80
CA ARG T 367 39.95 -59.81 54.82
C ARG T 367 40.57 -59.22 56.07
N LEU T 368 41.74 -59.72 56.47
CA LEU T 368 42.44 -59.17 57.64
C LEU T 368 42.72 -57.68 57.47
N ALA T 369 43.21 -57.29 56.28
CA ALA T 369 43.37 -55.87 55.99
C ALA T 369 42.03 -55.15 56.00
N LYS T 370 40.99 -55.80 55.47
CA LYS T 370 39.66 -55.21 55.50
C LYS T 370 39.06 -55.23 56.90
N LEU T 371 39.52 -56.13 57.76
CA LEU T 371 39.03 -56.16 59.13
C LEU T 371 39.85 -55.24 60.04
N SER T 372 41.19 -55.39 60.02
CA SER T 372 42.03 -54.55 60.85
C SER T 372 41.91 -53.08 60.46
N GLY T 373 41.91 -52.78 59.16
CA GLY T 373 41.67 -51.42 58.71
C GLY T 373 40.21 -51.01 58.71
N GLY T 374 39.30 -51.98 58.80
CA GLY T 374 37.89 -51.65 58.80
C GLY T 374 37.43 -51.16 57.43
N VAL T 375 36.35 -50.41 57.46
CA VAL T 375 35.81 -49.75 56.26
C VAL T 375 35.82 -48.25 56.51
N ALA T 376 36.34 -47.51 55.53
CA ALA T 376 36.45 -46.06 55.67
C ALA T 376 35.08 -45.41 55.55
N ILE T 377 34.81 -44.46 56.45
CA ILE T 377 33.59 -43.67 56.43
C ILE T 377 34.00 -42.21 56.41
N ILE T 378 33.95 -41.60 55.23
CA ILE T 378 34.28 -40.18 55.10
C ILE T 378 33.09 -39.39 55.64
N ARG T 379 33.19 -38.96 56.90
CA ARG T 379 32.11 -38.27 57.58
C ARG T 379 32.18 -36.79 57.20
N VAL T 380 31.64 -36.49 56.02
CA VAL T 380 31.71 -35.13 55.49
C VAL T 380 30.75 -34.22 56.24
N GLY T 381 31.24 -33.02 56.55
CA GLY T 381 30.40 -32.02 57.19
C GLY T 381 30.54 -30.68 56.49
N ALA T 382 29.52 -29.84 56.67
CA ALA T 382 29.50 -28.53 56.06
C ALA T 382 28.66 -27.59 56.92
N ALA T 383 28.85 -26.30 56.70
CA ALA T 383 28.15 -25.29 57.47
C ALA T 383 26.65 -25.21 57.15
N THR T 384 26.21 -25.82 56.05
CA THR T 384 24.82 -25.79 55.67
C THR T 384 24.48 -27.07 54.93
N GLU T 385 23.30 -27.62 55.21
CA GLU T 385 22.88 -28.86 54.55
C GLU T 385 22.82 -28.71 53.04
N ALA T 386 22.55 -27.50 52.54
CA ALA T 386 22.57 -27.27 51.11
C ALA T 386 23.97 -27.48 50.52
N GLU T 387 25.01 -26.99 51.19
CA GLU T 387 26.38 -27.25 50.73
C GLU T 387 26.74 -28.73 50.89
N LEU T 388 26.11 -29.41 51.86
CA LEU T 388 26.39 -30.82 52.08
C LEU T 388 26.00 -31.66 50.87
N LYS T 389 24.85 -31.34 50.27
CA LYS T 389 24.39 -32.11 49.12
C LYS T 389 25.35 -32.00 47.94
N GLU T 390 26.00 -30.85 47.79
CA GLU T 390 26.98 -30.67 46.72
C GLU T 390 28.33 -31.27 47.10
N LYS T 391 28.74 -31.08 48.36
CA LYS T 391 30.02 -31.62 48.81
C LYS T 391 30.01 -33.13 48.83
N LYS T 392 28.89 -33.74 49.23
CA LYS T 392 28.84 -35.20 49.34
C LYS T 392 29.04 -35.86 47.99
N ALA T 393 28.35 -35.38 46.95
CA ALA T 393 28.53 -35.95 45.62
C ALA T 393 29.95 -35.70 45.10
N ARG T 394 30.55 -34.58 45.52
CA ARG T 394 31.94 -34.30 45.14
C ARG T 394 32.89 -35.34 45.72
N VAL T 395 32.66 -35.76 46.97
CA VAL T 395 33.57 -36.70 47.62
C VAL T 395 33.46 -38.07 46.98
N GLU T 396 32.24 -38.57 46.75
CA GLU T 396 32.08 -39.90 46.19
C GLU T 396 32.69 -40.00 44.81
N ASP T 397 32.49 -38.98 43.97
CA ASP T 397 33.08 -38.99 42.64
C ASP T 397 34.60 -38.98 42.71
N ALA T 398 35.16 -38.19 43.63
CA ALA T 398 36.61 -38.18 43.81
C ALA T 398 37.10 -39.54 44.29
N VAL T 399 36.36 -40.18 45.20
CA VAL T 399 36.71 -41.53 45.64
C VAL T 399 36.62 -42.50 44.46
N HIS T 400 35.54 -42.41 43.69
CA HIS T 400 35.36 -43.30 42.56
C HIS T 400 36.45 -43.07 41.50
N ALA T 401 36.78 -41.81 41.24
CA ALA T 401 37.84 -41.52 40.27
C ALA T 401 39.18 -42.03 40.76
N THR T 402 39.46 -41.89 42.06
CA THR T 402 40.71 -42.38 42.60
C THR T 402 40.82 -43.90 42.45
N LYS T 403 39.73 -44.62 42.70
CA LYS T 403 39.73 -46.06 42.49
C LYS T 403 39.97 -46.41 41.03
N ALA T 404 39.45 -45.59 40.11
CA ALA T 404 39.69 -45.83 38.69
C ALA T 404 41.15 -45.65 38.34
N ALA T 405 41.85 -44.72 38.99
CA ALA T 405 43.26 -44.51 38.73
C ALA T 405 44.08 -45.74 39.11
N VAL T 406 43.76 -46.39 40.23
CA VAL T 406 44.49 -47.57 40.64
C VAL T 406 44.28 -48.71 39.64
N GLU T 407 43.06 -48.84 39.12
CA GLU T 407 42.74 -49.96 38.24
C GLU T 407 43.52 -49.91 36.94
N GLU T 408 43.70 -48.72 36.34
CA GLU T 408 44.24 -48.62 35.00
C GLU T 408 45.43 -47.67 34.87
N GLY T 409 45.67 -46.78 35.82
CA GLY T 409 46.81 -45.88 35.75
C GLY T 409 46.40 -44.43 35.66
N ILE T 410 47.41 -43.58 35.45
CA ILE T 410 47.20 -42.14 35.38
C ILE T 410 47.94 -41.59 34.16
N VAL T 411 47.46 -40.45 33.68
CA VAL T 411 48.06 -39.76 32.53
C VAL T 411 48.15 -38.28 32.85
N PRO T 412 49.04 -37.56 32.18
CA PRO T 412 49.10 -36.10 32.38
C PRO T 412 47.77 -35.44 32.05
N GLY T 413 47.34 -34.54 32.93
CA GLY T 413 46.04 -33.91 32.82
C GLY T 413 46.06 -32.68 31.95
N GLY T 414 44.96 -31.93 32.00
CA GLY T 414 44.84 -30.73 31.21
C GLY T 414 44.66 -30.95 29.73
N GLY T 415 44.24 -32.15 29.34
CA GLY T 415 44.09 -32.48 27.94
C GLY T 415 45.37 -32.85 27.22
N VAL T 416 46.49 -32.94 27.94
CA VAL T 416 47.77 -33.28 27.31
C VAL T 416 47.74 -34.71 26.81
N ALA T 417 47.06 -35.61 27.53
CA ALA T 417 47.03 -37.01 27.13
C ALA T 417 46.40 -37.18 25.76
N LEU T 418 45.31 -36.48 25.49
CA LEU T 418 44.68 -36.58 24.17
C LEU T 418 45.54 -35.93 23.09
N VAL T 419 46.26 -34.86 23.43
CA VAL T 419 47.16 -34.24 22.47
C VAL T 419 48.28 -35.19 22.10
N ARG T 420 48.87 -35.85 23.09
CA ARG T 420 49.94 -36.81 22.82
C ARG T 420 49.43 -37.99 22.01
N ALA T 421 48.23 -38.49 22.34
CA ALA T 421 47.67 -39.62 21.61
C ALA T 421 47.32 -39.24 20.18
N SER T 422 46.87 -38.02 19.95
CA SER T 422 46.47 -37.59 18.61
C SER T 422 47.65 -37.49 17.66
N GLU T 423 48.88 -37.40 18.19
CA GLU T 423 50.04 -37.33 17.31
C GLU T 423 50.27 -38.62 16.53
N ALA T 424 49.78 -39.75 17.04
CA ALA T 424 49.92 -41.01 16.30
C ALA T 424 49.04 -41.02 15.07
N LEU T 425 47.95 -40.25 15.07
CA LEU T 425 47.09 -40.18 13.89
C LEU T 425 47.78 -39.48 12.72
N ASP T 426 48.84 -38.73 12.97
CA ASP T 426 49.58 -38.07 11.91
C ASP T 426 50.23 -39.04 10.94
N ASN T 427 50.52 -40.27 11.39
CA ASN T 427 51.10 -41.28 10.52
C ASN T 427 50.16 -42.43 10.21
N LEU T 428 49.02 -42.54 10.87
CA LEU T 428 48.03 -43.54 10.49
C LEU T 428 47.46 -43.21 9.12
N LYS T 429 47.41 -44.22 8.26
CA LYS T 429 47.01 -43.99 6.88
C LYS T 429 46.03 -45.06 6.45
N VAL T 430 45.08 -44.66 5.59
CA VAL T 430 44.09 -45.55 5.02
C VAL T 430 44.00 -45.29 3.52
N ASP T 431 43.46 -46.27 2.80
CA ASP T 431 43.38 -46.19 1.35
C ASP T 431 42.15 -45.43 0.85
N ASN T 432 41.19 -45.13 1.73
CA ASN T 432 39.96 -44.46 1.35
C ASN T 432 40.04 -43.00 1.75
N ALA T 433 39.68 -42.11 0.82
CA ALA T 433 39.75 -40.68 1.09
C ALA T 433 38.78 -40.26 2.18
N ASP T 434 37.55 -40.78 2.15
CA ASP T 434 36.57 -40.43 3.17
C ASP T 434 36.97 -40.94 4.55
N GLN T 435 37.52 -42.15 4.62
CA GLN T 435 38.00 -42.66 5.91
C GLN T 435 39.14 -41.80 6.45
N GLN T 436 39.93 -41.19 5.55
CA GLN T 436 40.96 -40.27 5.99
C GLN T 436 40.35 -39.03 6.64
N LEU T 437 39.20 -38.57 6.13
CA LEU T 437 38.50 -37.46 6.75
C LEU T 437 38.05 -37.83 8.17
N GLY T 438 37.57 -39.05 8.36
CA GLY T 438 37.20 -39.49 9.69
C GLY T 438 38.36 -39.50 10.67
N ILE T 439 39.55 -39.86 10.18
CA ILE T 439 40.74 -39.83 11.03
C ILE T 439 41.09 -38.40 11.41
N ASP T 440 41.01 -37.48 10.45
CA ASP T 440 41.33 -36.09 10.75
C ASP T 440 40.29 -35.43 11.64
N ILE T 441 39.06 -35.94 11.63
CA ILE T 441 38.04 -35.43 12.53
C ILE T 441 38.41 -35.72 13.97
N ILE T 442 38.88 -36.95 14.24
CA ILE T 442 39.26 -37.33 15.59
C ILE T 442 40.48 -36.54 16.05
N LYS T 443 41.42 -36.29 15.15
CA LYS T 443 42.63 -35.56 15.52
C LYS T 443 42.29 -34.15 15.98
N LYS T 444 41.38 -33.47 15.27
CA LYS T 444 40.95 -32.15 15.71
C LYS T 444 40.17 -32.22 17.02
N ALA T 445 39.35 -33.26 17.18
CA ALA T 445 38.55 -33.40 18.39
C ALA T 445 39.43 -33.61 19.62
N CYS T 446 40.48 -34.42 19.48
CA CYS T 446 41.35 -34.72 20.61
C CYS T 446 42.07 -33.47 21.11
N ARG T 447 42.27 -32.49 20.24
CA ARG T 447 42.98 -31.27 20.60
C ARG T 447 42.05 -30.13 21.01
N THR T 448 40.74 -30.40 21.12
CA THR T 448 39.77 -29.38 21.52
C THR T 448 39.76 -29.16 23.03
N PRO T 449 39.72 -30.22 23.88
CA PRO T 449 39.65 -29.96 25.33
C PRO T 449 40.78 -29.10 25.87
N ILE T 450 41.99 -29.24 25.35
CA ILE T 450 43.09 -28.42 25.84
C ILE T 450 42.88 -26.95 25.44
N ARG T 451 42.34 -26.72 24.25
CA ARG T 451 42.07 -25.35 23.82
C ARG T 451 40.97 -24.72 24.66
N GLN T 452 39.94 -25.49 25.01
CA GLN T 452 38.87 -24.96 25.84
C GLN T 452 39.36 -24.59 27.23
N ILE T 453 40.23 -25.42 27.81
CA ILE T 453 40.78 -25.12 29.13
C ILE T 453 41.60 -23.84 29.09
N ALA T 454 42.44 -23.69 28.06
CA ALA T 454 43.24 -22.48 27.92
C ALA T 454 42.36 -21.26 27.68
N ALA T 455 41.31 -21.41 26.86
CA ALA T 455 40.42 -20.30 26.56
C ALA T 455 39.67 -19.84 27.81
N ASN T 456 39.23 -20.79 28.64
CA ASN T 456 38.48 -20.43 29.84
C ASN T 456 39.34 -19.64 30.81
N SER T 457 40.64 -19.94 30.87
CA SER T 457 41.55 -19.25 31.77
C SER T 457 41.93 -17.87 31.27
N GLY T 458 41.71 -17.57 30.01
CA GLY T 458 42.05 -16.27 29.44
C GLY T 458 43.22 -16.27 28.47
N PHE T 459 43.56 -17.41 27.87
CA PHE T 459 44.66 -17.49 26.92
C PHE T 459 44.13 -17.94 25.57
N GLU T 460 44.88 -17.62 24.52
CA GLU T 460 44.52 -18.07 23.17
C GLU T 460 44.74 -19.57 23.07
N GLY T 461 43.69 -20.30 22.68
CA GLY T 461 43.77 -21.75 22.66
C GLY T 461 44.77 -22.30 21.66
N TYR T 462 44.82 -21.70 20.46
CA TYR T 462 45.71 -22.22 19.43
C TYR T 462 47.17 -21.93 19.73
N VAL T 463 47.45 -20.80 20.38
CA VAL T 463 48.82 -20.51 20.80
C VAL T 463 49.29 -21.53 21.83
N VAL T 464 48.42 -21.84 22.80
CA VAL T 464 48.78 -22.82 23.83
C VAL T 464 48.98 -24.19 23.20
N LEU T 465 48.09 -24.58 22.28
CA LEU T 465 48.19 -25.89 21.66
C LEU T 465 49.49 -26.04 20.89
N GLU T 466 49.88 -24.99 20.16
CA GLU T 466 51.12 -25.05 19.38
C GLU T 466 52.34 -25.23 20.29
N LYS T 467 52.37 -24.49 21.40
CA LYS T 467 53.51 -24.59 22.30
C LYS T 467 53.52 -25.94 23.03
N VAL T 468 52.34 -26.46 23.37
CA VAL T 468 52.28 -27.79 23.97
C VAL T 468 52.75 -28.85 23.00
N LEU T 469 52.43 -28.69 21.71
CA LEU T 469 52.95 -29.62 20.72
C LEU T 469 54.47 -29.54 20.62
N GLN T 470 55.03 -28.33 20.67
CA GLN T 470 56.48 -28.18 20.61
C GLN T 470 57.15 -28.81 21.83
N LEU T 471 56.60 -28.55 23.02
CA LEU T 471 57.23 -29.06 24.24
C LEU T 471 57.21 -30.58 24.30
N GLY T 472 56.41 -31.22 23.44
CA GLY T 472 56.39 -32.67 23.39
C GLY T 472 57.71 -33.29 22.98
N LYS T 473 58.55 -32.56 22.25
CA LYS T 473 59.82 -33.07 21.79
C LYS T 473 61.04 -32.33 22.32
N GLU T 474 60.95 -31.02 22.57
CA GLU T 474 62.03 -30.35 23.30
C GLU T 474 62.13 -30.81 24.74
N LYS T 475 61.01 -31.01 25.43
CA LYS T 475 61.06 -31.33 26.84
C LYS T 475 60.64 -32.78 27.12
N GLY T 476 59.45 -33.15 26.67
CA GLY T 476 58.98 -34.51 26.91
C GLY T 476 57.48 -34.60 26.71
N LYS T 477 56.99 -35.83 26.78
CA LYS T 477 55.57 -36.09 26.55
C LYS T 477 54.70 -35.44 27.62
N ASN T 478 55.14 -35.46 28.87
CA ASN T 478 54.32 -35.02 29.99
C ASN T 478 54.23 -33.50 30.11
N TRP T 479 54.95 -32.75 29.28
CA TRP T 479 54.91 -31.30 29.38
C TRP T 479 53.63 -30.75 28.77
N GLY T 480 52.97 -29.86 29.49
CA GLY T 480 51.74 -29.26 29.03
C GLY T 480 51.56 -27.84 29.55
N PHE T 481 50.31 -27.39 29.64
CA PHE T 481 49.99 -26.05 30.10
C PHE T 481 49.25 -26.13 31.43
N ASP T 482 49.74 -25.37 32.41
CA ASP T 482 49.10 -25.31 33.73
C ASP T 482 48.19 -24.09 33.74
N ALA T 483 46.89 -24.33 33.55
CA ALA T 483 45.91 -23.26 33.48
C ALA T 483 45.67 -22.60 34.83
N GLY T 484 46.05 -23.25 35.93
CA GLY T 484 45.85 -22.64 37.24
C GLY T 484 46.68 -21.40 37.46
N VAL T 485 47.91 -21.40 36.95
CA VAL T 485 48.80 -20.24 37.09
C VAL T 485 49.23 -19.64 35.76
N GLY T 486 49.15 -20.37 34.65
CA GLY T 486 49.41 -19.80 33.35
C GLY T 486 50.80 -19.97 32.79
N ASP T 487 51.46 -21.10 33.06
CA ASP T 487 52.77 -21.36 32.49
C ASP T 487 52.90 -22.84 32.17
N TYR T 488 53.87 -23.15 31.32
CA TYR T 488 54.09 -24.52 30.85
C TYR T 488 55.06 -25.23 31.77
N LYS T 489 54.69 -26.46 32.16
CA LYS T 489 55.51 -27.25 33.06
C LYS T 489 55.20 -28.72 32.84
N ASP T 490 55.96 -29.58 33.50
CA ASP T 490 55.71 -31.01 33.48
C ASP T 490 54.44 -31.29 34.29
N MET T 491 53.39 -31.78 33.61
CA MET T 491 52.11 -31.97 34.26
C MET T 491 52.16 -33.08 35.30
N VAL T 492 52.87 -34.17 35.02
CA VAL T 492 52.93 -35.28 35.97
C VAL T 492 53.66 -34.87 37.24
N GLU T 493 54.78 -34.16 37.11
CA GLU T 493 55.50 -33.70 38.30
C GLU T 493 54.68 -32.70 39.10
N ALA T 494 53.96 -31.81 38.40
CA ALA T 494 53.15 -30.80 39.09
C ALA T 494 51.95 -31.41 39.79
N GLY T 495 51.64 -32.67 39.53
CA GLY T 495 50.47 -33.30 40.14
C GLY T 495 49.19 -33.08 39.38
N ILE T 496 49.25 -32.47 38.20
CA ILE T 496 48.06 -32.26 37.38
C ILE T 496 47.93 -33.50 36.49
N ILE T 497 47.29 -34.53 37.04
CA ILE T 497 47.16 -35.81 36.37
C ILE T 497 45.70 -36.25 36.44
N ASP T 498 45.30 -37.10 35.50
CA ASP T 498 43.95 -37.63 35.42
C ASP T 498 43.98 -39.14 35.38
N PRO T 499 42.97 -39.82 35.90
CA PRO T 499 42.88 -41.27 35.71
C PRO T 499 42.81 -41.60 34.22
N THR T 500 43.54 -42.63 33.82
CA THR T 500 43.61 -42.95 32.39
C THR T 500 42.30 -43.58 31.90
N LYS T 501 41.49 -44.09 32.82
CA LYS T 501 40.17 -44.56 32.42
C LYS T 501 39.27 -43.40 32.01
N VAL T 502 39.40 -42.26 32.69
CA VAL T 502 38.57 -41.09 32.37
C VAL T 502 38.82 -40.65 30.94
N VAL T 503 40.09 -40.54 30.55
CA VAL T 503 40.43 -40.13 29.18
C VAL T 503 39.99 -41.20 28.19
N ARG T 504 40.19 -42.47 28.52
CA ARG T 504 39.83 -43.55 27.62
C ARG T 504 38.33 -43.62 27.40
N VAL T 505 37.55 -43.59 28.48
CA VAL T 505 36.11 -43.75 28.35
C VAL T 505 35.49 -42.54 27.67
N ALA T 506 35.98 -41.33 27.98
CA ALA T 506 35.38 -40.12 27.44
C ALA T 506 35.46 -40.08 25.92
N ILE T 507 36.63 -40.39 25.36
CA ILE T 507 36.78 -40.36 23.92
C ILE T 507 35.99 -41.49 23.26
N GLN T 508 35.95 -42.66 23.90
CA GLN T 508 35.18 -43.77 23.36
C GLN T 508 33.68 -43.48 23.39
N ASN T 509 33.21 -42.93 24.51
CA ASN T 509 31.78 -42.62 24.63
C ASN T 509 31.38 -41.49 23.67
N ALA T 510 32.19 -40.44 23.59
CA ALA T 510 31.84 -39.31 22.74
C ALA T 510 31.78 -39.72 21.27
N ALA T 511 32.71 -40.56 20.82
CA ALA T 511 32.72 -40.99 19.43
C ALA T 511 31.53 -41.88 19.12
N SER T 512 31.04 -42.63 20.10
CA SER T 512 29.91 -43.51 19.87
C SER T 512 28.63 -42.72 19.63
N VAL T 513 28.34 -41.74 20.51
CA VAL T 513 27.12 -40.95 20.35
C VAL T 513 27.22 -40.05 19.13
N ALA T 514 28.42 -39.51 18.86
CA ALA T 514 28.58 -38.65 17.70
C ALA T 514 28.36 -39.42 16.41
N GLY T 515 28.89 -40.64 16.33
CA GLY T 515 28.66 -41.47 15.16
C GLY T 515 27.24 -41.95 15.02
N THR T 516 26.50 -42.09 16.12
CA THR T 516 25.09 -42.44 16.04
C THR T 516 24.27 -41.33 15.41
N MET T 517 24.52 -40.07 15.81
CA MET T 517 23.74 -38.97 15.27
C MET T 517 24.17 -38.61 13.85
N LEU T 518 25.38 -38.99 13.44
CA LEU T 518 25.84 -38.67 12.10
C LEU T 518 25.08 -39.47 11.05
N THR T 519 24.53 -40.63 11.42
CA THR T 519 23.77 -41.46 10.50
C THR T 519 22.30 -41.56 10.89
N ALA T 520 21.84 -40.71 11.81
CA ALA T 520 20.42 -40.67 12.14
C ALA T 520 19.63 -40.12 10.95
N GLU T 521 18.62 -40.85 10.50
CA GLU T 521 17.87 -40.47 9.32
C GLU T 521 16.46 -40.01 9.62
N ALA T 522 15.93 -40.26 10.81
CA ALA T 522 14.57 -39.87 11.14
C ALA T 522 14.45 -39.61 12.63
N LEU T 523 13.62 -38.63 12.97
CA LEU T 523 13.27 -38.32 14.35
C LEU T 523 11.77 -38.39 14.49
N VAL T 524 11.29 -39.19 15.44
CA VAL T 524 9.87 -39.39 15.67
C VAL T 524 9.54 -38.85 17.05
N ALA T 525 8.65 -37.85 17.10
CA ALA T 525 8.24 -37.24 18.36
C ALA T 525 6.79 -36.81 18.26
N GLU T 526 6.13 -36.78 19.41
CA GLU T 526 4.73 -36.39 19.47
C GLU T 526 4.57 -34.90 19.18
N ILE T 527 3.43 -34.55 18.60
CA ILE T 527 3.12 -33.14 18.36
C ILE T 527 2.77 -32.49 19.69
N PRO T 528 3.44 -31.39 20.07
CA PRO T 528 3.16 -30.78 21.37
C PRO T 528 1.74 -30.22 21.45
N GLU T 529 1.21 -30.23 22.66
CA GLU T 529 -0.15 -29.77 22.97
C GLU T 529 -1.18 -30.26 21.96
N ARG U 1 39.54 23.74 -94.14
CA ARG U 1 38.23 23.72 -94.79
C ARG U 1 37.49 25.03 -94.55
N LEU U 2 37.16 25.32 -93.30
CA LEU U 2 36.45 26.53 -92.96
C LEU U 2 37.39 27.73 -92.98
N ARG U 3 36.82 28.90 -93.26
CA ARG U 3 37.58 30.14 -93.28
C ARG U 3 36.87 31.19 -92.44
N PRO U 4 37.62 32.03 -91.74
CA PRO U 4 36.99 33.04 -90.88
C PRO U 4 36.63 34.31 -91.64
N LEU U 5 35.85 35.16 -90.97
CA LEU U 5 35.40 36.42 -91.52
C LEU U 5 35.98 37.58 -90.72
N TYR U 6 36.39 38.63 -91.43
CA TYR U 6 37.00 39.81 -90.83
C TYR U 6 38.14 39.47 -89.87
N ASP U 7 37.98 39.85 -88.60
CA ASP U 7 39.05 39.71 -87.62
C ASP U 7 39.13 38.33 -86.98
N LYS U 8 38.24 37.42 -87.33
CA LYS U 8 38.28 36.09 -86.76
C LYS U 8 39.50 35.32 -87.27
N ILE U 9 40.05 34.46 -86.41
CA ILE U 9 41.17 33.60 -86.74
C ILE U 9 40.80 32.17 -86.36
N VAL U 10 41.38 31.21 -87.07
CA VAL U 10 41.15 29.79 -86.78
C VAL U 10 42.44 29.21 -86.22
N VAL U 11 42.39 28.73 -84.98
CA VAL U 11 43.56 28.25 -84.27
C VAL U 11 43.27 26.87 -83.72
N LYS U 12 44.31 26.04 -83.61
CA LYS U 12 44.23 24.73 -82.97
C LYS U 12 45.19 24.73 -81.79
N ARG U 13 44.70 24.32 -80.62
CA ARG U 13 45.54 24.29 -79.43
C ARG U 13 46.54 23.14 -79.51
N MET U 14 47.55 23.21 -78.64
CA MET U 14 48.66 22.27 -78.72
C MET U 14 48.27 20.90 -78.16
N GLU U 15 47.12 20.81 -77.49
CA GLU U 15 46.52 19.58 -76.95
C GLU U 15 47.45 18.84 -75.99
N GLU U 16 46.98 17.75 -75.42
CA GLU U 16 47.69 17.10 -74.33
C GLU U 16 48.57 15.96 -74.84
N GLN U 17 49.87 16.06 -74.53
CA GLN U 17 50.85 15.05 -74.95
C GLN U 17 51.58 14.49 -73.74
N GLU U 18 50.85 14.31 -72.64
CA GLU U 18 51.39 13.76 -71.39
C GLU U 18 52.57 14.62 -70.94
N GLN U 19 52.26 15.86 -70.58
CA GLN U 19 53.29 16.84 -70.24
C GLN U 19 54.01 16.42 -68.96
N LYS U 20 55.29 16.80 -68.87
CA LYS U 20 56.13 16.45 -67.73
C LYS U 20 57.01 17.64 -67.37
N THR U 21 57.36 17.72 -66.08
CA THR U 21 58.35 18.68 -65.63
C THR U 21 59.70 18.37 -66.28
N PRO U 22 60.46 19.38 -66.69
CA PRO U 22 61.76 19.11 -67.33
C PRO U 22 62.72 18.34 -66.45
N SER U 23 62.55 18.34 -65.14
CA SER U 23 63.41 17.54 -64.27
C SER U 23 62.98 16.07 -64.22
N GLY U 24 61.87 15.71 -64.84
CA GLY U 24 61.39 14.34 -64.88
C GLY U 24 60.13 14.09 -64.09
N ILE U 25 59.61 15.07 -63.36
CA ILE U 25 58.41 14.87 -62.57
C ILE U 25 57.20 14.85 -63.48
N ILE U 26 56.38 13.82 -63.33
CA ILE U 26 55.20 13.62 -64.18
C ILE U 26 53.97 14.15 -63.46
N ILE U 27 53.17 14.92 -64.18
CA ILE U 27 51.96 15.54 -63.64
C ILE U 27 50.75 14.79 -64.19
N PRO U 28 49.81 14.36 -63.36
CA PRO U 28 48.63 13.66 -63.87
C PRO U 28 47.72 14.60 -64.65
N ASP U 29 46.95 14.01 -65.58
CA ASP U 29 46.05 14.80 -66.40
C ASP U 29 44.90 15.42 -65.61
N THR U 30 44.63 14.93 -64.40
CA THR U 30 43.58 15.50 -63.57
C THR U 30 43.97 16.83 -62.94
N ALA U 31 45.23 17.24 -63.05
CA ALA U 31 45.71 18.47 -62.43
C ALA U 31 46.48 19.33 -63.42
N LYS U 32 46.02 19.39 -64.68
CA LYS U 32 46.64 20.22 -65.70
C LYS U 32 45.57 20.96 -66.47
N GLU U 33 45.93 22.15 -66.96
CA GLU U 33 45.03 22.95 -67.78
C GLU U 33 45.32 22.72 -69.26
N LYS U 34 44.29 22.89 -70.09
CA LYS U 34 44.47 22.75 -71.53
C LYS U 34 45.53 23.73 -72.01
N PRO U 35 46.41 23.32 -72.92
CA PRO U 35 47.52 24.20 -73.33
C PRO U 35 47.01 25.51 -73.93
N GLN U 36 47.71 26.59 -73.59
CA GLN U 36 47.33 27.92 -74.06
C GLN U 36 48.08 28.34 -75.30
N ILE U 37 48.98 27.50 -75.82
CA ILE U 37 49.76 27.79 -77.01
C ILE U 37 49.18 26.99 -78.16
N GLY U 38 48.99 27.65 -79.30
CA GLY U 38 48.46 26.96 -80.47
C GLY U 38 48.94 27.54 -81.78
N GLU U 39 48.59 26.88 -82.89
CA GLU U 39 48.99 27.32 -84.22
C GLU U 39 47.74 27.62 -85.05
N VAL U 40 47.90 28.51 -86.02
CA VAL U 40 46.76 29.02 -86.79
C VAL U 40 46.52 28.14 -88.01
N ILE U 41 45.25 27.82 -88.25
CA ILE U 41 44.87 27.10 -89.47
C ILE U 41 44.58 28.07 -90.61
N ALA U 42 43.80 29.10 -90.35
CA ALA U 42 43.46 30.10 -91.36
C ALA U 42 43.25 31.44 -90.70
N VAL U 43 43.42 32.51 -91.48
CA VAL U 43 43.24 33.86 -91.01
C VAL U 43 42.20 34.55 -91.90
N GLY U 44 41.51 35.53 -91.32
CA GLY U 44 40.50 36.27 -92.04
C GLY U 44 41.10 37.41 -92.85
N ASP U 45 40.20 38.21 -93.43
CA ASP U 45 40.64 39.37 -94.20
C ASP U 45 41.33 40.40 -93.31
N GLY U 46 40.93 40.49 -92.04
CA GLY U 46 41.53 41.43 -91.12
C GLY U 46 40.50 42.23 -90.35
N LYS U 47 40.97 43.00 -89.36
CA LYS U 47 40.05 43.82 -88.58
C LYS U 47 39.37 44.86 -89.46
N LEU U 48 38.05 44.95 -89.32
CA LEU U 48 37.25 45.91 -90.06
C LEU U 48 37.10 47.17 -89.23
N LEU U 49 37.70 48.26 -89.69
CA LEU U 49 37.67 49.51 -88.96
C LEU U 49 36.30 50.17 -89.09
N SER U 50 36.08 51.18 -88.23
CA SER U 50 34.83 51.92 -88.28
C SER U 50 34.68 52.72 -89.58
N ASN U 51 35.78 53.11 -90.20
CA ASN U 51 35.75 53.86 -91.45
C ASN U 51 35.78 52.96 -92.68
N GLY U 52 35.76 51.64 -92.50
CA GLY U 52 35.74 50.70 -93.60
C GLY U 52 37.07 50.15 -94.02
N GLN U 53 38.18 50.74 -93.58
CA GLN U 53 39.49 50.23 -93.95
C GLN U 53 39.76 48.89 -93.28
N ILE U 54 40.46 48.02 -94.00
CA ILE U 54 40.78 46.67 -93.54
C ILE U 54 42.29 46.58 -93.36
N VAL U 55 42.72 46.20 -92.16
CA VAL U 55 44.13 46.04 -91.85
C VAL U 55 44.47 44.56 -91.94
N SER U 56 45.56 44.25 -92.64
CA SER U 56 45.97 42.86 -92.81
C SER U 56 46.31 42.25 -91.45
N PRO U 57 45.86 41.03 -91.17
CA PRO U 57 46.17 40.41 -89.86
C PRO U 57 47.67 40.28 -89.64
N LYS U 58 48.09 40.59 -88.41
CA LYS U 58 49.50 40.45 -88.07
C LYS U 58 49.91 38.99 -87.97
N VAL U 59 49.00 38.13 -87.50
CA VAL U 59 49.32 36.72 -87.33
C VAL U 59 49.38 36.04 -88.68
N LYS U 60 50.31 35.09 -88.82
CA LYS U 60 50.50 34.34 -90.06
C LYS U 60 50.14 32.88 -89.86
N LYS U 61 50.15 32.14 -90.96
CA LYS U 61 49.76 30.73 -90.94
C LYS U 61 50.68 29.88 -90.05
N GLY U 62 51.99 30.07 -90.16
CA GLY U 62 52.92 29.23 -89.45
C GLY U 62 53.29 29.69 -88.05
N ASP U 63 52.66 30.73 -87.55
CA ASP U 63 53.00 31.25 -86.23
C ASP U 63 52.41 30.39 -85.12
N LYS U 64 53.07 30.42 -83.97
CA LYS U 64 52.56 29.80 -82.75
C LYS U 64 52.06 30.92 -81.83
N VAL U 65 50.78 30.87 -81.49
CA VAL U 65 50.10 31.97 -80.81
C VAL U 65 49.58 31.47 -79.47
N VAL U 66 49.74 32.29 -78.43
CA VAL U 66 49.23 32.02 -77.09
C VAL U 66 47.98 32.86 -76.88
N PHE U 67 47.03 32.32 -76.11
CA PHE U 67 45.75 32.99 -75.88
C PHE U 67 45.44 33.01 -74.40
N ASN U 68 44.47 33.85 -74.02
CA ASN U 68 44.22 34.22 -72.64
C ASN U 68 43.16 33.32 -72.00
N LYS U 69 43.41 32.01 -72.04
CA LYS U 69 42.75 31.03 -71.18
C LYS U 69 41.29 30.78 -71.54
N TYR U 70 40.72 31.61 -72.42
CA TYR U 70 39.33 31.46 -72.82
C TYR U 70 39.17 31.82 -74.29
N ALA U 71 40.05 31.27 -75.13
CA ALA U 71 40.27 31.78 -76.49
C ALA U 71 39.03 31.82 -77.36
N GLY U 72 38.28 30.72 -77.50
CA GLY U 72 37.23 30.72 -78.48
C GLY U 72 36.12 29.74 -78.14
N THR U 73 35.22 29.56 -79.11
CA THR U 73 34.07 28.70 -78.91
C THR U 73 34.41 27.22 -78.97
N GLU U 74 35.59 26.89 -79.50
CA GLU U 74 36.03 25.50 -79.61
C GLU U 74 35.02 24.71 -80.46
N VAL U 75 35.05 24.99 -81.76
CA VAL U 75 34.09 24.40 -82.69
C VAL U 75 34.64 23.07 -83.22
N GLU U 76 33.73 22.26 -83.76
CA GLU U 76 34.08 20.95 -84.29
C GLU U 76 33.89 20.91 -85.80
N LEU U 77 34.80 20.23 -86.49
CA LEU U 77 34.70 20.03 -87.93
C LEU U 77 35.20 18.64 -88.27
N ASP U 78 34.42 17.92 -89.10
CA ASP U 78 34.70 16.57 -89.61
C ASP U 78 35.37 15.67 -88.58
N GLY U 79 34.95 15.78 -87.32
CA GLY U 79 35.53 15.00 -86.25
C GLY U 79 36.79 15.59 -85.64
N GLU U 80 37.39 16.58 -86.28
CA GLU U 80 38.55 17.27 -85.72
C GLU U 80 38.08 18.52 -84.99
N LYS U 81 38.93 19.03 -84.11
CA LYS U 81 38.52 20.09 -83.18
C LYS U 81 39.37 21.34 -83.42
N TYR U 82 38.71 22.46 -83.71
CA TYR U 82 39.38 23.72 -83.94
C TYR U 82 38.89 24.75 -82.92
N LEU U 83 39.78 25.67 -82.57
CA LEU U 83 39.50 26.73 -81.59
C LEU U 83 39.70 28.07 -82.28
N ILE U 84 38.62 28.63 -82.82
CA ILE U 84 38.69 29.91 -83.51
C ILE U 84 39.09 31.00 -82.53
N MET U 85 39.67 32.08 -83.04
CA MET U 85 40.20 33.13 -82.18
C MET U 85 40.12 34.46 -82.92
N SER U 86 40.64 35.52 -82.29
CA SER U 86 40.71 36.84 -82.89
C SER U 86 41.91 37.58 -82.32
N GLU U 87 42.38 38.60 -83.05
CA GLU U 87 43.64 39.26 -82.71
C GLU U 87 43.55 40.06 -81.42
N ASP U 88 42.39 40.61 -81.08
CA ASP U 88 42.29 41.38 -79.85
C ASP U 88 42.53 40.52 -78.62
N GLU U 89 42.07 39.27 -78.64
CA GLU U 89 42.37 38.35 -77.55
C GLU U 89 43.68 37.61 -77.75
N VAL U 90 44.36 37.81 -78.88
CA VAL U 90 45.71 37.28 -79.04
C VAL U 90 46.64 38.00 -78.06
N LEU U 91 47.47 37.23 -77.37
CA LEU U 91 48.44 37.79 -76.44
C LEU U 91 49.82 37.99 -77.06
N ALA U 92 50.42 36.92 -77.61
CA ALA U 92 51.74 37.02 -78.21
C ALA U 92 51.92 35.85 -79.18
N VAL U 93 52.96 35.94 -79.99
CA VAL U 93 53.27 34.92 -80.97
C VAL U 93 54.71 34.44 -80.77
N ILE U 94 54.93 33.16 -81.05
CA ILE U 94 56.23 32.48 -80.94
C ILE U 94 57.13 33.03 -79.84
MG MG V . 28.22 -31.03 -30.68
PG ANP W . 26.74 -28.88 -28.45
O1G ANP W . 27.45 -27.54 -28.46
O2G ANP W . 25.28 -28.82 -27.98
O3G ANP W . 26.95 -29.73 -29.70
PB ANP W . 28.63 -31.00 -27.21
O1B ANP W . 29.16 -31.12 -28.61
O2B ANP W . 29.58 -31.00 -26.05
N3B ANP W . 27.46 -29.83 -27.11
PA ANP W . 26.66 -33.04 -28.06
O1A ANP W . 25.26 -33.00 -27.55
O2A ANP W . 26.98 -32.56 -29.46
O3A ANP W . 27.72 -32.42 -27.01
O5' ANP W . 27.15 -34.60 -27.90
C5' ANP W . 28.33 -35.02 -28.54
C4' ANP W . 29.18 -35.94 -27.67
O4' ANP W . 28.63 -37.27 -27.66
C3' ANP W . 30.62 -36.14 -28.12
O3' ANP W . 31.52 -36.39 -27.09
C2' ANP W . 30.45 -37.25 -29.14
O2' ANP W . 31.68 -37.88 -29.33
C1' ANP W . 29.48 -38.13 -28.34
N9 ANP W . 28.69 -39.00 -29.21
C8 ANP W . 28.01 -38.67 -30.35
N7 ANP W . 27.40 -39.68 -30.90
C5 ANP W . 27.68 -40.74 -30.08
C6 ANP W . 27.34 -42.10 -30.09
N6 ANP W . 26.57 -42.63 -31.06
N1 ANP W . 27.78 -42.88 -29.12
C2 ANP W . 28.55 -42.36 -28.16
N3 ANP W . 28.95 -41.10 -28.03
C4 ANP W . 28.48 -40.33 -29.01
MG MG X . 13.98 -59.17 9.65
K K Y . 17.39 -53.64 10.27
PG ANP Z . 11.68 -56.82 10.35
O1G ANP Z . 12.69 -57.94 10.58
O2G ANP Z . 10.22 -57.27 10.24
O3G ANP Z . 11.89 -55.60 11.25
PB ANP Z . 12.42 -57.09 7.36
O1B ANP Z . 12.73 -58.51 7.74
O2B ANP Z . 11.58 -56.79 6.15
N3B ANP Z . 11.98 -56.20 8.69
PA ANP Z . 15.16 -56.36 8.08
O1A ANP Z . 15.51 -54.97 8.48
O2A ANP Z . 15.01 -57.45 9.12
O3A ANP Z . 13.95 -56.44 7.04
O5' ANP Z . 16.35 -56.83 7.02
C5' ANP Z . 16.31 -58.11 6.44
C4' ANP Z . 16.61 -58.09 4.96
O4' ANP Z . 18.00 -57.87 4.72
C3' ANP Z . 16.30 -59.40 4.21
O3' ANP Z . 15.92 -59.22 2.89
C2' ANP Z . 17.60 -60.16 4.42
O2' ANP Z . 17.72 -61.15 3.44
C1' ANP Z . 18.58 -59.00 4.15
N9 ANP Z . 19.89 -59.24 4.75
C8 ANP Z . 20.18 -59.67 6.01
N7 ANP Z . 21.46 -59.78 6.23
C5 ANP Z . 22.05 -59.38 5.06
C6 ANP Z . 23.38 -59.27 4.64
N6 ANP Z . 24.41 -59.56 5.44
N1 ANP Z . 23.61 -58.85 3.40
C2 ANP Z . 22.59 -58.56 2.61
N3 ANP Z . 21.30 -58.62 2.88
C4 ANP Z . 21.08 -59.05 4.13
MG MG AA . -12.47 -25.59 -43.55
PG ANP BA . -11.13 -24.02 -40.67
O1G ANP BA . -9.73 -23.52 -41.01
O2G ANP BA . -11.79 -23.30 -39.49
O3G ANP BA . -12.03 -24.22 -41.88
PB ANP BA . -10.87 -27.10 -40.79
O1B ANP BA . -11.00 -26.89 -42.27
O2B ANP BA . -9.83 -28.05 -40.25
N3B ANP BA . -10.92 -25.66 -39.97
PA ANP BA . -13.80 -27.24 -40.76
O1A ANP BA . -14.54 -26.64 -39.60
O2A ANP BA . -13.74 -26.52 -42.08
O3A ANP BA . -12.35 -27.80 -40.35
O5' ANP BA . -14.50 -28.73 -41.00
C5' ANP BA . -14.24 -29.42 -42.19
C4' ANP BA . -14.00 -30.90 -41.95
O4' ANP BA . -15.23 -31.60 -41.79
C3' ANP BA . -13.32 -31.64 -43.11
O3' ANP BA . -12.55 -32.74 -42.73
C2' ANP BA . -14.51 -31.95 -43.99
O2' ANP BA . -14.19 -33.00 -44.85
C1' ANP BA . -15.49 -32.42 -42.89
N9 ANP BA . -16.88 -32.25 -43.30
C8 ANP BA . -17.48 -31.17 -43.88
N7 ANP BA . -18.74 -31.35 -44.12
C5 ANP BA . -19.01 -32.61 -43.68
C6 ANP BA . -20.16 -33.41 -43.64
N6 ANP BA . -21.34 -32.98 -44.12
N1 ANP BA . -20.07 -34.64 -43.14
C2 ANP BA . -18.90 -35.07 -42.68
N3 ANP BA . -17.75 -34.41 -42.66
C4 ANP BA . -17.86 -33.20 -43.16
MG MG CA . -27.38 -54.89 -4.40
K K DA . -21.15 -53.02 -5.20
PG ANP EA . -26.99 -52.20 -2.46
O1G ANP EA . -26.84 -53.67 -2.84
O2G ANP EA . -28.35 -51.80 -1.88
O3G ANP EA . -25.78 -51.65 -1.70
PB ANP EA . -27.77 -51.70 -5.42
O1B ANP EA . -28.35 -53.09 -5.32
O2B ANP EA . -28.57 -50.58 -6.01
N3B ANP EA . -27.00 -51.28 -4.00
PA ANP EA . -25.22 -52.93 -6.19
O1A ANP EA . -23.94 -52.24 -5.87
O2A ANP EA . -25.70 -54.09 -5.34
O3A ANP EA . -26.44 -51.92 -6.45
O5' ANP EA . -25.08 -53.45 -7.76
C5' ANP EA . -26.13 -54.17 -8.35
C4' ANP EA . -26.43 -53.70 -9.76
O4' ANP EA . -25.45 -54.19 -10.68
C3' ANP EA . -27.76 -54.18 -10.35
O3' ANP EA . -28.34 -53.29 -11.24
C2' ANP EA . -27.36 -55.52 -10.91
O2' ANP EA . -28.28 -55.89 -11.90
C1' ANP EA . -26.03 -55.10 -11.55
N9 ANP EA . -25.13 -56.23 -11.74
C8 ANP EA . -24.84 -57.24 -10.86
N7 ANP EA . -23.99 -58.11 -11.33
C5 ANP EA . -23.71 -57.65 -12.60
C6 ANP EA . -22.88 -58.13 -13.62
N6 ANP EA . -22.15 -59.24 -13.51
N1 ANP EA . -22.84 -57.43 -14.76
C2 ANP EA . -23.56 -56.33 -14.88
N3 ANP EA . -24.37 -55.79 -13.99
C4 ANP EA . -24.41 -56.49 -12.86
MG MG FA . -39.83 5.71 -32.93
PG ANP GA . -36.87 4.78 -31.32
O1G ANP GA . -36.49 4.46 -32.77
O2G ANP GA . -35.71 4.69 -30.34
O3G ANP GA . -37.74 6.03 -31.18
PB ANP GA . -39.04 2.61 -31.63
O1B ANP GA . -39.46 3.41 -32.82
O2B ANP GA . -38.75 1.14 -31.75
N3B ANP GA . -37.90 3.43 -30.76
PA ANP GA . -41.00 4.09 -30.03
O1A ANP GA . -40.67 4.30 -28.59
O2A ANP GA . -40.77 5.19 -31.04
O3A ANP GA . -40.38 2.72 -30.61
O5' ANP GA . -42.58 3.63 -30.08
C5' ANP GA . -43.20 3.38 -31.32
C4' ANP GA . -43.93 2.06 -31.35
O4' ANP GA . -45.16 2.13 -30.60
C3' ANP GA . -44.37 1.59 -32.73
O3' ANP GA . -44.48 0.20 -32.87
C2' ANP GA . -45.67 2.35 -32.89
O2' ANP GA . -46.46 1.74 -33.86
C1' ANP GA . -46.25 2.12 -31.47
N9 ANP GA . -47.19 3.17 -31.08
C8 ANP GA . -47.03 4.52 -31.16
N7 ANP GA . -48.06 5.19 -30.72
C5 ANP GA . -48.95 4.22 -30.34
C6 ANP GA . -50.24 4.26 -29.78
N6 ANP GA . -50.87 5.41 -29.52
N1 ANP GA . -50.84 3.11 -29.49
C2 ANP GA . -50.21 1.97 -29.75
N3 ANP GA . -49.01 1.80 -30.27
C4 ANP GA . -48.42 2.96 -30.55
MG MG HA . -56.62 -23.78 5.28
K K IA . -51.47 -25.35 1.63
PG ANP JA . -53.92 -22.75 7.05
O1G ANP JA . -55.06 -23.65 6.58
O2G ANP JA . -54.24 -21.89 8.28
O3G ANP JA . -52.58 -23.46 7.12
PB ANP JA . -54.91 -20.72 4.96
O1B ANP JA . -56.25 -21.36 5.20
O2B ANP JA . -54.78 -19.22 4.97
N3B ANP JA . -53.71 -21.50 5.80
PA ANP JA . -54.36 -22.72 2.89
O1A ANP JA . -52.95 -23.06 2.54
O2A ANP JA . -55.16 -23.63 3.80
O3A ANP JA . -54.54 -21.20 3.38
O5' ANP JA . -55.16 -22.57 1.45
C5' ANP JA . -56.52 -22.24 1.44
C4' ANP JA . -56.86 -21.17 0.43
O4' ANP JA . -56.85 -21.69 -0.90
C3' ANP JA . -58.26 -20.54 0.57
O3' ANP JA . -58.34 -19.22 0.19
C2' ANP JA . -59.09 -21.52 -0.25
O2' ANP JA . -60.28 -20.89 -0.63
C1' ANP JA . -58.13 -21.67 -1.43
N9 ANP JA . -58.36 -22.91 -2.17
C8 ANP JA . -58.56 -24.17 -1.69
N7 ANP JA . -58.75 -25.06 -2.61
C5 ANP JA . -58.66 -24.35 -3.78
C6 ANP JA . -58.77 -24.71 -5.14
N6 ANP JA . -58.99 -25.97 -5.54
N1 ANP JA . -58.63 -23.76 -6.06
C2 ANP JA . -58.41 -22.51 -5.66
N3 ANP JA . -58.29 -22.05 -4.43
C4 ANP JA . -58.43 -23.01 -3.53
MG MG KA . -33.45 39.28 -7.02
PG ANP LA . -31.45 36.45 -6.85
O1G ANP LA . -31.01 36.00 -8.24
O2G ANP LA . -30.49 36.05 -5.73
O3G ANP LA . -31.93 37.90 -6.78
PB ANP LA . -34.48 35.92 -6.45
O1B ANP LA . -34.66 37.26 -7.08
O2B ANP LA . -35.40 34.78 -6.83
N3B ANP LA . -32.87 35.46 -6.43
PA ANP LA . -34.26 37.46 -3.95
O1A ANP LA . -33.38 37.04 -2.82
O2A ANP LA . -33.86 38.60 -4.85
O3A ANP LA . -34.79 36.20 -4.81
O5' ANP LA . -35.71 37.83 -3.25
C5' ANP LA . -36.68 38.51 -4.01
C4' ANP LA . -38.09 38.05 -3.72
O4' ANP LA . -38.53 38.53 -2.45
C3' ANP LA . -39.16 38.55 -4.70
O3' ANP LA . -40.20 37.68 -4.90
C2' ANP LA . -39.52 39.89 -4.07
O2' ANP LA . -40.79 40.27 -4.52
C1' ANP LA . -39.57 39.44 -2.60
N9 ANP LA . -39.38 40.56 -1.69
C8 ANP LA . -38.41 41.52 -1.71
N7 ANP LA . -38.53 42.39 -0.75
C5 ANP LA . -39.64 41.98 -0.05
C6 ANP LA . -40.29 42.48 1.08
N6 ANP LA . -39.88 43.58 1.73
N1 ANP LA . -41.38 41.84 1.51
C2 ANP LA . -41.79 40.75 0.86
N3 ANP LA . -41.26 40.19 -0.21
C4 ANP LA . -40.18 40.84 -0.62
MG MG MA . -51.69 11.03 31.63
K K NA . -50.59 8.54 25.68
PG ANP OA . -48.65 9.55 31.78
O1G ANP OA . -50.18 9.67 31.87
O2G ANP OA . -47.91 9.90 33.08
O3G ANP OA . -48.16 8.28 31.09
PB ANP OA . -48.62 12.46 30.74
O1B ANP OA . -49.83 12.62 31.62
O2B ANP OA . -47.50 13.46 30.80
N3B ANP OA . -48.11 10.88 30.70
PA ANP OA . -50.33 11.59 28.53
O1A ANP OA . -49.73 10.71 27.47
O2A ANP OA . -51.19 10.99 29.62
O3A ANP OA . -49.27 12.61 29.18
O5' ANP OA . -51.22 12.72 27.72
C5' ANP OA . -51.92 13.71 28.44
C4' ANP OA . -51.77 15.08 27.84
O4' ANP OA . -52.55 15.21 26.65
C3' ANP OA . -52.26 16.24 28.73
O3' ANP OA . -51.55 17.42 28.56
C2' ANP OA . -53.72 16.29 28.37
O2' ANP OA . -54.23 17.55 28.69
C1' ANP OA . -53.58 16.13 26.85
N9 ANP OA . -54.80 15.63 26.22
C8 ANP OA . -55.60 14.60 26.63
N7 ANP OA . -56.63 14.41 25.85
C5 ANP OA . -56.51 15.37 24.89
C6 ANP OA . -57.29 15.72 23.77
N6 ANP OA . -58.40 15.06 23.44
N1 ANP OA . -56.88 16.74 23.02
C2 ANP OA . -55.78 17.39 23.34
N3 ANP OA . -54.96 17.17 24.36
C4 ANP OA . -55.38 16.15 25.11
MG MG PA . 2.03 49.81 14.95
PG ANP QA . 1.42 46.60 13.77
O1G ANP QA . 0.85 46.67 12.36
O2G ANP QA . 2.20 45.33 14.08
O3G ANP QA . 2.12 47.89 14.22
PB ANP QA . -0.83 47.63 15.64
O1B ANP QA . -0.31 48.98 15.28
O2B ANP QA . -2.32 47.37 15.64
N3B ANP QA . 0.02 46.42 14.88
PA ANP QA . 1.14 47.69 17.81
O1A ANP QA . 1.82 46.43 18.23
O2A ANP QA . 1.87 48.69 16.94
O3A ANP QA . -0.34 47.43 17.25
O5' ANP QA . 0.69 48.44 19.22
C5' ANP QA . 0.32 49.80 19.18
C4' ANP QA . -0.88 50.11 20.04
O4' ANP QA . -0.50 50.19 21.43
C3' ANP QA . -1.56 51.45 19.77
O3' ANP QA . -2.91 51.48 20.04
C2' ANP QA . -0.70 52.38 20.60
O2' ANP QA . -1.41 53.55 20.85
C1' ANP QA . -0.58 51.51 21.87
N9 ANP QA . 0.62 51.83 22.65
C8 ANP QA . 1.90 52.00 22.20
N7 ANP QA . 2.73 52.28 23.15
C5 ANP QA . 1.97 52.31 24.28
C6 ANP QA . 2.26 52.56 25.64
N6 ANP QA . 3.50 52.84 26.06
N1 ANP QA . 1.26 52.50 26.51
C2 ANP QA . 0.03 52.23 26.09
N3 ANP QA . -0.36 51.98 24.85
C4 ANP QA . 0.65 52.03 23.99
MG MG RA . -16.34 23.06 54.60
K K SA . -19.26 23.19 48.80
PG ANP TA . -15.30 20.30 53.01
O1G ANP TA . -16.30 21.15 53.80
O2G ANP TA . -14.20 19.65 53.86
O3G ANP TA . -15.95 19.38 51.99
PB ANP TA . -13.69 22.90 52.53
O1B ANP TA . -14.21 23.28 53.88
O2B ANP TA . -12.23 23.05 52.19
N3B ANP TA . -14.34 21.45 52.03
PA ANP TA . -16.11 24.05 51.34
O1A ANP TA . -16.60 23.51 50.04
O2A ANP TA . -16.76 23.64 52.64
O3A ANP TA . -14.51 23.97 51.49
O5' ANP TA . -16.21 25.70 51.20
C5' ANP TA . -15.80 26.51 52.27
C4' ANP TA . -14.94 27.68 51.83
O4' ANP TA . -15.75 28.70 51.23
C3' ANP TA . -14.18 28.40 52.94
O3' ANP TA . -12.97 28.95 52.54
C2' ANP TA . -15.23 29.40 53.40
O2' ANP TA . -14.60 30.45 54.07
C1' ANP TA . -15.74 29.85 52.02
N9 ANP TA . -17.08 30.40 52.09
C8 ANP TA . -18.18 29.91 52.75
N7 ANP TA . -19.24 30.65 52.61
C5 ANP TA . -18.82 31.68 51.82
C6 ANP TA . -19.47 32.81 51.30
N6 ANP TA . -20.76 33.09 51.53
N1 ANP TA . -18.77 33.64 50.53
C2 ANP TA . -17.48 33.38 50.29
N3 ANP TA . -16.77 32.37 50.72
C4 ANP TA . -17.49 31.55 51.48
MG MG UA . 39.73 29.25 16.28
PG ANP VA . 36.74 27.75 15.24
O1G ANP VA . 35.97 28.71 14.35
O2G ANP VA . 36.40 26.27 15.03
O3G ANP VA . 38.24 28.04 15.33
PB ANP VA . 36.72 29.04 18.05
O1B ANP VA . 37.88 29.83 17.52
O2B ANP VA . 35.64 29.72 18.85
N3B ANP VA . 36.13 27.99 16.90
PA ANP VA . 38.74 27.05 18.86
O1A ANP VA . 38.40 25.60 18.80
O2A ANP VA . 39.61 27.70 17.80
O3A ANP VA . 37.45 27.97 19.15
O5' ANP VA . 39.46 27.27 20.33
C5' ANP VA . 40.05 28.52 20.63
C4' ANP VA . 39.74 28.98 22.04
O4' ANP VA . 40.51 28.25 23.00
C3' ANP VA . 40.08 30.45 22.34
O3' ANP VA . 39.25 31.05 23.26
C2' ANP VA . 41.54 30.33 22.73
O2' ANP VA . 41.91 31.44 23.49
C1' ANP VA . 41.45 29.08 23.60
N9 ANP VA . 42.73 28.37 23.69
C8 ANP VA . 43.56 27.99 22.68
N7 ANP VA . 44.62 27.39 23.10
C5 ANP VA . 44.50 27.37 24.47
C6 ANP VA . 45.31 26.87 25.50
N6 ANP VA . 46.47 26.25 25.27
N1 ANP VA . 44.88 27.02 26.75
C2 ANP VA . 43.72 27.63 26.98
N3 ANP VA . 42.88 28.14 26.10
C4 ANP VA . 43.32 27.98 24.86
MG MG WA . 22.70 3.49 57.10
K K XA . 18.93 7.44 53.58
PG ANP YA . 21.06 1.48 54.93
O1G ANP YA . 21.33 2.25 56.21
O2G ANP YA . 21.63 0.05 54.91
O3G ANP YA . 19.62 1.59 54.44
PB ANP YA . 23.63 2.73 53.76
O1B ANP YA . 24.11 2.69 55.18
O2B ANP YA . 24.50 2.19 52.65
N3B ANP YA . 22.04 2.25 53.64
PA ANP YA . 22.45 5.37 54.22
O1A ANP YA . 21.31 5.79 53.36
O2A ANP YA . 22.22 4.85 55.62
O3A ANP YA . 23.48 4.38 53.45
O5' ANP YA . 23.46 6.67 54.29
C5' ANP YA . 24.63 6.60 55.06
C4' ANP YA . 25.83 7.19 54.36
O4' ANP YA . 25.79 8.62 54.36
C3' ANP YA . 27.20 6.86 54.98
O3' ANP YA . 28.23 6.77 54.06
C2' ANP YA . 27.32 7.97 55.99
O2' ANP YA . 28.66 8.14 56.33
C1' ANP YA . 26.81 9.14 55.13
N9 ANP YA . 26.33 10.25 55.93
C8 ANP YA . 25.50 10.21 57.02
N7 ANP YA . 25.25 11.39 57.52
C5 ANP YA . 25.95 12.25 56.71
C6 ANP YA . 26.10 13.64 56.70
N6 ANP YA . 25.50 14.45 57.59
N1 ANP YA . 26.87 14.19 55.76
C2 ANP YA . 27.46 13.39 54.87
N3 ANP YA . 27.39 12.08 54.78
C4 ANP YA . 26.63 11.56 55.72
MG MG ZA . 51.31 -6.73 -4.06
PG ANP AB . 48.02 -5.81 -3.55
O1G ANP AB . 47.88 -4.32 -3.85
O2G ANP AB . 46.73 -6.60 -3.68
O3G ANP AB . 49.24 -6.46 -4.21
PB ANP AB . 49.78 -5.96 -1.00
O1B ANP AB . 50.91 -5.79 -1.97
O2B ANP AB . 49.76 -5.22 0.30
N3B ANP AB . 48.31 -5.94 -1.79
PA ANP AB . 50.08 -8.84 -1.54
O1A ANP AB . 48.87 -9.71 -1.61
O2A ANP AB . 50.79 -8.40 -2.81
O3A ANP AB . 49.89 -7.59 -0.55
O5' ANP AB . 51.16 -9.67 -0.61
C5' ANP AB . 52.50 -9.23 -0.56
C4' ANP AB . 53.10 -9.29 0.83
O4' ANP AB . 53.42 -10.64 1.18
C3' ANP AB . 54.41 -8.52 1.02
O3' ANP AB . 54.60 -8.01 2.29
C2' ANP AB . 55.42 -9.57 0.57
O2' ANP AB . 56.67 -9.25 1.12
C1' ANP AB . 54.80 -10.79 1.27
N9 ANP AB . 55.20 -12.04 0.62
C8 ANP AB . 55.16 -12.36 -0.71
N7 ANP AB . 55.59 -13.55 -0.97
C5 ANP AB . 55.95 -14.05 0.26
C6 ANP AB . 56.48 -15.29 0.67
N6 ANP AB . 56.75 -16.28 -0.18
N1 ANP AB . 56.71 -15.46 1.97
C2 ANP AB . 56.45 -14.48 2.82
N3 ANP AB . 55.94 -13.28 2.56
C4 ANP AB . 55.71 -13.13 1.26
MG MG BB . 36.25 -33.13 37.04
K K CB . 35.19 -26.70 36.45
PG ANP DB . 33.09 -32.86 35.90
O1G ANP DB . 34.22 -32.97 36.92
O2G ANP DB . 32.47 -34.20 35.48
O3G ANP DB . 32.07 -31.77 36.21
PB ANP DB . 35.31 -32.86 33.75
O1B ANP DB . 36.07 -33.66 34.76
O2B ANP DB . 35.22 -33.31 32.31
N3B ANP DB . 33.85 -32.34 34.36
PA ANP DB . 36.38 -30.41 34.96
O1A ANP DB . 35.64 -29.12 34.82
O2A ANP DB . 36.29 -31.21 36.23
O3A ANP DB . 36.17 -31.40 33.69
O5' ANP DB . 37.96 -30.06 34.66
C5' ANP DB . 38.92 -31.09 34.66
C4' ANP DB . 39.88 -31.00 33.49
O4' ANP DB . 40.80 -29.92 33.66
C3' ANP DB . 40.77 -32.23 33.27
O3' ANP DB . 41.10 -32.47 31.95
C2' ANP DB . 41.94 -31.89 34.19
O2' ANP DB . 43.07 -32.62 33.78
C1' ANP DB . 42.09 -30.41 33.82
N9 ANP DB . 42.77 -29.65 34.86
C8 ANP DB . 42.57 -29.68 36.21
N7 ANP DB . 43.36 -28.88 36.86
C5 ANP DB . 44.13 -28.29 35.90
C6 ANP DB . 45.16 -27.35 35.94
N6 ANP DB . 45.61 -26.80 37.08
N1 ANP DB . 45.73 -26.98 34.79
C2 ANP DB . 45.29 -27.52 33.65
N3 ANP DB . 44.33 -28.41 33.49
C4 ANP DB . 43.78 -28.77 34.64
#